data_6VXC
#
_entry.id   6VXC
#
_cell.length_a   100.346
_cell.length_b   341.655
_cell.length_c   122.605
_cell.angle_alpha   90.000
_cell.angle_beta   107.140
_cell.angle_gamma   90.000
#
_symmetry.space_group_name_H-M   'P 1 21 1'
#
loop_
_entity.id
_entity.type
_entity.pdbx_description
1 polymer 'Trans-4-hydroxy-L-proline dehydratase'
2 non-polymer GLYCEROL
3 water water
#
_entity_poly.entity_id   1
_entity_poly.type   'polypeptide(L)'
_entity_poly.pdbx_seq_one_letter_code
;MGSSHHHHHHSSGLVPRGSHMARGTFERTKKLREESINAEPHISIERAVLMTEAYKKYEGSVEIPVLRALSFKHYIENRT
LSINDGELIVGEKGDSPNGAPTYPEICCHTMEDLEVMHNRDIINFSVSEEARKIHKEEIIPFWKKRQTRDKIINAMTPEW
LAAYEAGMFTEFMEQRAPGHTVCGDTIYKKGFLDLKKDIEARLKELDFLNDLDAYNKKADLEAMAIACDAMVILGKRYAE
KARQMAEEETDEAKKKDLLLIAETCDVVPAHKPETYHQAIQMYWFVHIGVTTELNIWDAFTPGRLDQHLNPFYERDVENG
ILDRDRAQELLECLWVKFNNQPAPPKVGITLKESSTYTDFANINTGGINPDGQDGVNEVSYIILDVMDEMKLIQPSSNVQ
ISKKTPQKFLKRACEISRKGWGQPAFYNTEAIVQELMEAGKTIEDARLGGTSGCVETGCFGKEAYVLTGYMNIPKILELT
LNNGYDPISKKQIGIETGDPRNFQSYEELFEAFKKQLHYMIDIKIEGNAVIENICAKHMPCPLMSTIVDDCIEKGKDYQR
GGARYNTRYIQGVGIGTITDSLTAIKYNVFDKKKFDMDTLLKALDANFEGYEAILNLVSNKTPKYGNDDDYADEIMQEIF
NAYYNEVTGRPTVCGGEYRVDMLPTTCHIYFGEIMGASPNGRLCAKPVSEGISPEKGGDTNGPTAVIKSCAKMDHIKTGG
TLLNQRFAPSVVQGEKGLDNMANLVRAYFNMDGHHIQFNVFDKNVLLEAQKNPQDYKDLIVRVAGYSDHFNNLSRTLQDE
IIGRTEQTF
;
_entity_poly.pdbx_strand_id   A,B,C,D,E,F,G,H
#
# COMPACT_ATOMS: atom_id res chain seq x y z
N MET A 21 -68.22 64.48 9.11
CA MET A 21 -69.49 63.79 9.40
C MET A 21 -69.22 62.27 9.56
N ALA A 22 -70.12 61.52 9.00
CA ALA A 22 -70.17 60.10 8.82
C ALA A 22 -69.37 59.78 7.56
N ARG A 23 -68.73 58.63 7.56
CA ARG A 23 -67.95 58.22 6.41
C ARG A 23 -68.83 57.81 5.25
N GLY A 24 -68.35 58.09 4.05
CA GLY A 24 -69.14 57.89 2.83
C GLY A 24 -69.20 59.25 2.16
N THR A 25 -68.95 59.26 0.85
CA THR A 25 -68.92 60.53 0.11
C THR A 25 -70.32 61.08 -0.12
N PHE A 26 -71.32 60.21 -0.20
CA PHE A 26 -72.69 60.61 -0.50
C PHE A 26 -73.63 60.12 0.59
N GLU A 27 -74.78 60.77 0.66
CA GLU A 27 -75.77 60.37 1.65
C GLU A 27 -76.11 58.89 1.50
N ARG A 28 -76.23 58.40 0.27
CA ARG A 28 -76.51 56.98 0.07
C ARG A 28 -75.46 56.09 0.74
N THR A 29 -74.18 56.34 0.45
CA THR A 29 -73.14 55.43 0.90
C THR A 29 -72.83 55.61 2.39
N LYS A 30 -73.10 56.80 2.94
CA LYS A 30 -73.04 56.96 4.39
C LYS A 30 -74.04 56.04 5.10
N LYS A 31 -75.25 55.95 4.56
CA LYS A 31 -76.30 55.08 5.12
C LYS A 31 -75.94 53.60 4.96
N LEU A 32 -75.48 53.22 3.76
CA LEU A 32 -75.08 51.84 3.54
C LEU A 32 -73.92 51.45 4.44
N ARG A 33 -72.96 52.36 4.66
CA ARG A 33 -71.84 52.03 5.52
C ARG A 33 -72.29 51.84 6.96
N GLU A 34 -73.19 52.69 7.45
CA GLU A 34 -73.65 52.58 8.83
C GLU A 34 -74.42 51.29 9.06
N GLU A 35 -75.22 50.85 8.08
CA GLU A 35 -75.85 49.53 8.18
C GLU A 35 -74.80 48.44 8.30
N SER A 36 -73.74 48.54 7.48
CA SER A 36 -72.71 47.51 7.43
C SER A 36 -71.98 47.38 8.76
N ILE A 37 -71.53 48.50 9.32
CA ILE A 37 -70.70 48.40 10.52
C ILE A 37 -71.54 48.04 11.74
N ASN A 38 -72.85 48.19 11.67
CA ASN A 38 -73.71 47.82 12.80
C ASN A 38 -74.28 46.41 12.70
N ALA A 39 -74.06 45.70 11.59
CA ALA A 39 -74.60 44.35 11.46
C ALA A 39 -73.92 43.39 12.42
N GLU A 40 -74.69 42.56 13.05
CA GLU A 40 -74.13 41.61 14.01
C GLU A 40 -73.73 40.30 13.32
N PRO A 41 -72.54 39.78 13.60
CA PRO A 41 -72.14 38.50 13.01
C PRO A 41 -73.01 37.35 13.52
N HIS A 42 -73.52 36.56 12.57
CA HIS A 42 -74.42 35.45 12.86
C HIS A 42 -74.35 34.45 11.72
N ILE A 43 -74.87 33.25 11.96
CA ILE A 43 -74.89 32.23 10.93
C ILE A 43 -76.29 32.16 10.30
N SER A 44 -76.31 31.86 9.01
CA SER A 44 -77.50 31.67 8.21
C SER A 44 -77.55 30.22 7.78
N ILE A 45 -78.59 29.49 8.21
CA ILE A 45 -78.68 28.05 7.99
C ILE A 45 -79.38 27.69 6.68
N GLU A 46 -79.87 28.68 5.93
CA GLU A 46 -80.67 28.35 4.75
C GLU A 46 -79.86 27.58 3.71
N ARG A 47 -78.62 27.99 3.48
CA ARG A 47 -77.81 27.30 2.48
C ARG A 47 -77.72 25.81 2.80
N ALA A 48 -77.39 25.47 4.05
CA ALA A 48 -77.26 24.07 4.42
C ALA A 48 -78.55 23.30 4.19
N VAL A 49 -79.69 23.91 4.51
CA VAL A 49 -80.97 23.24 4.27
C VAL A 49 -81.13 22.94 2.78
N LEU A 50 -80.90 23.93 1.94
CA LEU A 50 -81.15 23.74 0.50
C LEU A 50 -80.19 22.73 -0.11
N MET A 51 -78.93 22.71 0.34
CA MET A 51 -78.01 21.69 -0.16
C MET A 51 -78.43 20.30 0.30
N THR A 52 -78.94 20.18 1.53
CA THR A 52 -79.43 18.89 1.98
C THR A 52 -80.55 18.39 1.08
N GLU A 53 -81.51 19.27 0.76
CA GLU A 53 -82.60 18.90 -0.15
C GLU A 53 -82.07 18.40 -1.49
N ALA A 54 -81.06 19.08 -2.03
CA ALA A 54 -80.56 18.69 -3.34
C ALA A 54 -79.88 17.33 -3.31
N TYR A 55 -79.08 17.07 -2.28
CA TYR A 55 -78.40 15.77 -2.20
C TYR A 55 -79.39 14.63 -2.03
N LYS A 56 -80.37 14.81 -1.15
CA LYS A 56 -81.40 13.80 -0.98
C LYS A 56 -82.14 13.53 -2.29
N LYS A 57 -82.23 14.53 -3.15
CA LYS A 57 -82.86 14.36 -4.45
C LYS A 57 -81.93 13.67 -5.44
N TYR A 58 -80.64 14.06 -5.49
CA TYR A 58 -79.79 13.69 -6.60
C TYR A 58 -78.61 12.78 -6.27
N GLU A 59 -78.17 12.70 -5.02
CA GLU A 59 -76.98 11.91 -4.72
C GLU A 59 -77.20 10.46 -5.13
N GLY A 60 -76.22 9.91 -5.85
CA GLY A 60 -76.31 8.55 -6.32
C GLY A 60 -76.91 8.39 -7.70
N SER A 61 -77.46 9.45 -8.27
CA SER A 61 -78.06 9.40 -9.59
C SER A 61 -77.23 10.09 -10.66
N VAL A 62 -76.20 10.85 -10.27
CA VAL A 62 -75.34 11.59 -11.19
C VAL A 62 -73.91 11.58 -10.67
N GLU A 63 -72.97 11.90 -11.55
CA GLU A 63 -71.58 12.06 -11.14
C GLU A 63 -71.44 13.29 -10.24
N ILE A 64 -70.41 13.29 -9.41
CA ILE A 64 -70.29 14.33 -8.37
C ILE A 64 -70.23 15.74 -8.95
N PRO A 65 -69.51 16.00 -10.03
CA PRO A 65 -69.56 17.38 -10.57
C PRO A 65 -70.97 17.84 -10.90
N VAL A 66 -71.78 16.97 -11.52
CA VAL A 66 -73.17 17.34 -11.80
C VAL A 66 -73.95 17.51 -10.51
N LEU A 67 -73.70 16.66 -9.52
CA LEU A 67 -74.36 16.81 -8.23
C LEU A 67 -74.09 18.18 -7.60
N ARG A 68 -72.84 18.62 -7.62
CA ARG A 68 -72.53 19.95 -7.08
C ARG A 68 -73.25 21.04 -7.87
N ALA A 69 -73.23 20.95 -9.20
CA ALA A 69 -73.88 21.98 -10.02
C ALA A 69 -75.39 21.99 -9.79
N LEU A 70 -76.02 20.82 -9.77
CA LEU A 70 -77.46 20.73 -9.50
C LEU A 70 -77.78 21.24 -8.10
N SER A 71 -76.90 20.97 -7.13
CA SER A 71 -77.14 21.48 -5.78
C SER A 71 -77.03 22.99 -5.73
N PHE A 72 -76.01 23.55 -6.39
CA PHE A 72 -75.89 25.01 -6.46
C PHE A 72 -77.11 25.62 -7.13
N LYS A 73 -77.55 25.04 -8.25
CA LYS A 73 -78.71 25.57 -8.95
C LYS A 73 -79.94 25.51 -8.08
N HIS A 74 -80.15 24.40 -7.39
CA HIS A 74 -81.28 24.31 -6.47
C HIS A 74 -81.20 25.40 -5.41
N TYR A 75 -80.00 25.62 -4.86
CA TYR A 75 -79.83 26.67 -3.87
C TYR A 75 -80.15 28.03 -4.47
N ILE A 76 -79.65 28.32 -5.67
CA ILE A 76 -79.91 29.63 -6.29
C ILE A 76 -81.40 29.80 -6.57
N GLU A 77 -82.07 28.74 -7.05
CA GLU A 77 -83.48 28.83 -7.38
C GLU A 77 -84.35 29.14 -6.15
N ASN A 78 -83.97 28.67 -4.98
CA ASN A 78 -84.87 28.71 -3.83
C ASN A 78 -84.43 29.55 -2.66
N ARG A 79 -83.21 30.07 -2.64
CA ARG A 79 -82.79 30.88 -1.49
C ARG A 79 -83.57 32.19 -1.45
N THR A 80 -83.71 32.72 -0.24
CA THR A 80 -84.34 34.02 -0.07
C THR A 80 -83.36 35.11 -0.48
N LEU A 81 -83.86 36.09 -1.23
CA LEU A 81 -83.08 37.22 -1.72
C LEU A 81 -83.45 38.47 -0.95
N SER A 82 -82.51 39.40 -0.82
CA SER A 82 -82.78 40.65 -0.13
C SER A 82 -82.10 41.80 -0.84
N ILE A 83 -82.72 42.96 -0.77
CA ILE A 83 -82.19 44.23 -1.28
C ILE A 83 -82.20 45.21 -0.13
N ASN A 84 -81.04 45.73 0.23
CA ASN A 84 -80.96 46.62 1.38
C ASN A 84 -81.29 48.05 0.97
N ASP A 85 -81.77 48.83 1.92
CA ASP A 85 -82.23 50.18 1.64
C ASP A 85 -81.10 51.05 1.11
N GLY A 86 -81.28 51.56 -0.11
CA GLY A 86 -80.33 52.44 -0.72
C GLY A 86 -79.33 51.78 -1.64
N GLU A 87 -79.36 50.45 -1.75
CA GLU A 87 -78.37 49.76 -2.57
C GLU A 87 -78.49 50.14 -4.04
N LEU A 88 -77.33 50.19 -4.70
CA LEU A 88 -77.22 50.18 -6.14
C LEU A 88 -76.68 48.86 -6.67
N ILE A 89 -75.83 48.19 -5.88
CA ILE A 89 -75.33 46.84 -6.18
C ILE A 89 -75.98 45.89 -5.19
N VAL A 90 -76.52 44.77 -5.69
CA VAL A 90 -77.30 43.86 -4.86
C VAL A 90 -76.66 42.48 -4.83
N GLY A 91 -76.94 41.75 -3.75
CA GLY A 91 -76.43 40.41 -3.52
C GLY A 91 -75.79 40.26 -2.15
N GLU A 92 -76.26 39.27 -1.39
CA GLU A 92 -75.71 38.93 -0.09
C GLU A 92 -75.46 37.42 -0.04
N LYS A 93 -74.36 37.00 0.59
CA LYS A 93 -74.12 35.57 0.74
C LYS A 93 -75.19 34.93 1.61
N GLY A 94 -75.50 35.53 2.76
CA GLY A 94 -76.46 35.00 3.72
C GLY A 94 -77.79 35.72 3.68
N ASP A 95 -78.54 35.60 4.79
CA ASP A 95 -79.87 36.19 4.85
C ASP A 95 -79.83 37.70 4.98
N SER A 96 -78.76 38.23 5.57
CA SER A 96 -78.65 39.66 5.83
C SER A 96 -77.18 40.00 5.99
N PRO A 97 -76.84 41.29 6.06
CA PRO A 97 -75.44 41.68 6.23
C PRO A 97 -74.83 40.99 7.45
N ASN A 98 -73.59 40.52 7.28
CA ASN A 98 -72.82 39.83 8.32
C ASN A 98 -73.45 38.48 8.70
N GLY A 99 -74.24 37.92 7.87
CA GLY A 99 -74.76 36.57 8.04
C GLY A 99 -73.98 35.60 7.20
N ALA A 100 -73.27 34.70 7.88
CA ALA A 100 -72.45 33.73 7.15
C ALA A 100 -73.25 32.45 6.87
N PRO A 101 -73.28 31.98 5.63
CA PRO A 101 -73.80 30.64 5.38
C PRO A 101 -72.91 29.60 6.03
N THR A 102 -73.41 28.36 6.11
CA THR A 102 -72.61 27.22 6.56
C THR A 102 -72.43 26.24 5.43
N TYR A 103 -71.40 25.42 5.57
CA TYR A 103 -70.92 24.54 4.50
C TYR A 103 -70.68 23.14 5.05
N PRO A 104 -71.76 22.42 5.40
CA PRO A 104 -71.60 21.10 6.04
C PRO A 104 -71.02 20.03 5.12
N GLU A 105 -70.98 20.25 3.80
CA GLU A 105 -70.28 19.31 2.93
C GLU A 105 -68.77 19.33 3.17
N ILE A 106 -68.27 20.41 3.77
CA ILE A 106 -66.86 20.56 4.09
C ILE A 106 -66.64 20.29 5.56
N CYS A 107 -67.32 21.05 6.41
CA CYS A 107 -67.24 20.89 7.87
C CYS A 107 -68.65 20.98 8.43
N CYS A 108 -69.14 19.86 8.92
CA CYS A 108 -70.44 19.79 9.57
C CYS A 108 -70.20 20.00 11.06
N HIS A 109 -70.54 21.18 11.56
CA HIS A 109 -70.18 21.51 12.94
C HIS A 109 -70.88 20.58 13.93
N THR A 110 -70.22 20.34 15.06
CA THR A 110 -70.86 19.73 16.21
C THR A 110 -71.70 20.78 16.95
N MET A 111 -72.62 20.30 17.78
CA MET A 111 -73.38 21.23 18.61
C MET A 111 -72.45 21.99 19.56
N GLU A 112 -71.36 21.37 19.99
CA GLU A 112 -70.39 22.11 20.79
C GLU A 112 -69.72 23.21 19.97
N ASP A 113 -69.41 22.95 18.70
CA ASP A 113 -68.88 23.98 17.83
C ASP A 113 -69.79 25.20 17.83
N LEU A 114 -71.09 24.98 17.66
CA LEU A 114 -72.03 26.09 17.64
C LEU A 114 -72.02 26.84 18.95
N GLU A 115 -71.95 26.11 20.07
CA GLU A 115 -71.88 26.74 21.38
C GLU A 115 -70.62 27.59 21.51
N VAL A 116 -69.49 27.07 21.05
CA VAL A 116 -68.23 27.78 21.19
C VAL A 116 -68.25 29.08 20.37
N MET A 117 -68.70 29.01 19.12
CA MET A 117 -68.66 30.21 18.28
C MET A 117 -69.65 31.25 18.76
N HIS A 118 -70.76 30.83 19.34
CA HIS A 118 -71.72 31.80 19.86
C HIS A 118 -71.17 32.49 21.10
N ASN A 119 -70.44 31.77 21.94
CA ASN A 119 -70.05 32.28 23.24
C ASN A 119 -68.60 32.70 23.35
N ARG A 120 -67.77 32.42 22.34
CA ARG A 120 -66.35 32.74 22.40
C ARG A 120 -66.12 34.24 22.57
N ASP A 121 -64.92 34.56 23.04
CA ASP A 121 -64.52 35.90 23.44
C ASP A 121 -64.33 36.81 22.23
N ILE A 122 -63.66 36.33 21.19
CA ILE A 122 -63.43 37.10 19.98
C ILE A 122 -63.85 36.29 18.76
N ILE A 123 -64.21 37.00 17.70
CA ILE A 123 -64.65 36.42 16.45
C ILE A 123 -65.85 35.51 16.70
N ASN A 124 -66.78 35.97 17.52
CA ASN A 124 -68.00 35.22 17.80
C ASN A 124 -69.00 35.40 16.68
N PHE A 125 -69.82 34.38 16.48
CA PHE A 125 -70.97 34.40 15.58
C PHE A 125 -72.21 33.98 16.36
N SER A 126 -73.28 34.77 16.27
CA SER A 126 -74.51 34.41 16.96
C SER A 126 -75.20 33.27 16.22
N VAL A 127 -75.66 32.28 16.97
CA VAL A 127 -76.41 31.14 16.43
C VAL A 127 -77.80 31.20 17.04
N SER A 128 -78.78 31.59 16.24
CA SER A 128 -80.15 31.65 16.72
C SER A 128 -80.63 30.25 17.10
N GLU A 129 -81.64 30.21 17.97
CA GLU A 129 -82.10 28.89 18.40
C GLU A 129 -82.74 28.15 17.24
N GLU A 130 -83.34 28.86 16.29
CA GLU A 130 -83.88 28.18 15.13
C GLU A 130 -82.76 27.58 14.29
N ALA A 131 -81.63 28.28 14.18
CA ALA A 131 -80.50 27.72 13.45
C ALA A 131 -79.94 26.49 14.16
N ARG A 132 -79.90 26.52 15.50
CA ARG A 132 -79.39 25.37 16.24
C ARG A 132 -80.27 24.15 16.08
N LYS A 133 -81.59 24.34 16.20
CA LYS A 133 -82.51 23.21 16.04
C LYS A 133 -82.37 22.58 14.67
N ILE A 134 -82.42 23.39 13.62
CA ILE A 134 -82.35 22.87 12.25
C ILE A 134 -81.02 22.14 12.03
N HIS A 135 -79.92 22.75 12.47
CA HIS A 135 -78.62 22.09 12.33
C HIS A 135 -78.61 20.76 13.06
N LYS A 136 -79.17 20.73 14.27
CA LYS A 136 -79.17 19.50 15.05
C LYS A 136 -80.04 18.44 14.42
N GLU A 137 -81.21 18.82 13.90
CA GLU A 137 -82.21 17.85 13.46
C GLU A 137 -82.13 17.51 11.98
N GLU A 138 -81.76 18.46 11.14
CA GLU A 138 -81.72 18.20 9.70
C GLU A 138 -80.32 18.04 9.14
N ILE A 139 -79.35 18.83 9.62
CA ILE A 139 -78.03 18.91 9.00
C ILE A 139 -77.09 17.81 9.50
N ILE A 140 -76.88 17.74 10.82
CA ILE A 140 -75.95 16.76 11.38
C ILE A 140 -76.31 15.34 10.97
N PRO A 141 -77.57 14.88 11.08
CA PRO A 141 -77.88 13.50 10.72
C PRO A 141 -77.52 13.17 9.28
N PHE A 142 -77.59 14.15 8.37
CA PHE A 142 -77.27 13.87 6.97
C PHE A 142 -75.78 14.07 6.65
N TRP A 143 -75.16 15.13 7.17
CA TRP A 143 -73.84 15.55 6.71
C TRP A 143 -72.69 15.08 7.58
N LYS A 144 -72.94 14.67 8.83
CA LYS A 144 -71.82 14.30 9.69
C LYS A 144 -70.96 13.20 9.06
N LYS A 145 -71.57 12.22 8.40
CA LYS A 145 -70.78 11.17 7.77
C LYS A 145 -70.31 11.57 6.38
N ARG A 146 -70.82 12.66 5.81
CA ARG A 146 -70.46 13.06 4.46
C ARG A 146 -69.39 14.14 4.39
N GLN A 147 -69.21 14.92 5.45
CA GLN A 147 -68.30 16.07 5.42
C GLN A 147 -66.89 15.67 5.01
N THR A 148 -66.25 16.51 4.19
CA THR A 148 -64.89 16.20 3.77
C THR A 148 -63.89 16.22 4.92
N ARG A 149 -64.18 16.94 6.01
CA ARG A 149 -63.21 16.99 7.08
C ARG A 149 -62.95 15.60 7.66
N ASP A 150 -63.99 14.77 7.76
CA ASP A 150 -63.80 13.42 8.27
C ASP A 150 -63.09 12.53 7.25
N LYS A 151 -63.39 12.70 5.96
CA LYS A 151 -62.63 12.01 4.93
C LYS A 151 -61.14 12.31 5.05
N ILE A 152 -60.79 13.57 5.33
CA ILE A 152 -59.38 13.94 5.44
C ILE A 152 -58.76 13.34 6.70
N ILE A 153 -59.36 13.64 7.86
CA ILE A 153 -58.75 13.23 9.12
C ILE A 153 -58.60 11.71 9.17
N ASN A 154 -59.61 10.98 8.71
CA ASN A 154 -59.53 9.52 8.75
C ASN A 154 -58.49 8.96 7.79
N ALA A 155 -58.04 9.74 6.81
CA ALA A 155 -57.05 9.24 5.87
C ALA A 155 -55.62 9.63 6.23
N MET A 156 -55.40 10.42 7.27
CA MET A 156 -54.06 10.89 7.60
C MET A 156 -53.31 9.82 8.40
N THR A 157 -51.98 9.78 8.22
CA THR A 157 -51.16 8.85 8.98
C THR A 157 -51.07 9.28 10.44
N PRO A 158 -50.70 8.36 11.32
CA PRO A 158 -50.47 8.76 12.72
C PRO A 158 -49.33 9.76 12.87
N GLU A 159 -48.33 9.71 12.01
CA GLU A 159 -47.25 10.70 12.06
C GLU A 159 -47.77 12.10 11.72
N TRP A 160 -48.63 12.22 10.72
CA TRP A 160 -49.28 13.48 10.36
C TRP A 160 -50.14 14.00 11.52
N LEU A 161 -50.96 13.12 12.09
CA LEU A 161 -51.85 13.52 13.18
C LEU A 161 -51.06 13.99 14.39
N ALA A 162 -49.95 13.32 14.69
CA ALA A 162 -49.13 13.75 15.83
C ALA A 162 -48.51 15.12 15.55
N ALA A 163 -47.97 15.31 14.35
CA ALA A 163 -47.35 16.58 14.00
C ALA A 163 -48.39 17.70 13.98
N TYR A 164 -49.54 17.44 13.35
CA TYR A 164 -50.62 18.42 13.33
C TYR A 164 -51.04 18.81 14.74
N GLU A 165 -51.27 17.82 15.60
CA GLU A 165 -51.73 18.09 16.96
C GLU A 165 -50.68 18.84 17.76
N ALA A 166 -49.40 18.64 17.46
CA ALA A 166 -48.30 19.30 18.18
C ALA A 166 -48.01 20.71 17.69
N GLY A 167 -48.66 21.18 16.63
CA GLY A 167 -48.38 22.49 16.11
C GLY A 167 -47.18 22.60 15.21
N MET A 168 -46.74 21.48 14.59
CA MET A 168 -45.67 21.55 13.61
C MET A 168 -46.14 22.24 12.32
N PHE A 169 -47.41 22.11 11.99
CA PHE A 169 -47.93 22.71 10.78
C PHE A 169 -49.45 22.76 10.90
N THR A 170 -50.09 23.46 9.98
CA THR A 170 -51.55 23.52 9.93
C THR A 170 -52.03 22.90 8.62
N GLU A 171 -53.35 22.81 8.47
CA GLU A 171 -53.98 22.18 7.31
C GLU A 171 -55.11 23.06 6.80
N PHE A 172 -54.91 23.66 5.62
CA PHE A 172 -55.86 24.66 5.14
C PHE A 172 -57.19 24.06 4.71
N MET A 173 -57.23 22.78 4.32
CA MET A 173 -58.46 22.25 3.74
C MET A 173 -59.31 21.49 4.76
N GLU A 174 -59.05 21.65 6.06
CA GLU A 174 -59.86 20.93 7.04
C GLU A 174 -61.25 21.52 7.21
N GLN A 175 -61.40 22.84 7.05
CA GLN A 175 -62.69 23.49 7.23
C GLN A 175 -63.08 24.38 6.07
N ARG A 176 -62.28 24.46 5.03
CA ARG A 176 -62.54 25.33 3.89
C ARG A 176 -62.04 24.64 2.64
N ALA A 177 -62.57 25.10 1.50
CA ALA A 177 -62.15 24.63 0.20
C ALA A 177 -60.90 25.38 -0.27
N PRO A 178 -60.14 24.78 -1.20
CA PRO A 178 -58.87 25.39 -1.61
C PRO A 178 -58.98 26.87 -1.96
N GLY A 179 -59.90 27.23 -2.84
CA GLY A 179 -60.13 28.63 -3.13
C GLY A 179 -58.84 29.35 -3.46
N HIS A 180 -58.62 30.47 -2.79
CA HIS A 180 -57.41 31.25 -2.94
C HIS A 180 -57.19 31.67 -4.40
N THR A 181 -58.20 32.26 -5.01
CA THR A 181 -58.12 32.58 -6.44
C THR A 181 -58.73 33.95 -6.73
N VAL A 182 -58.49 34.45 -7.95
CA VAL A 182 -58.76 35.84 -8.33
C VAL A 182 -59.42 35.85 -9.71
N CYS A 183 -60.40 36.72 -9.87
CA CYS A 183 -61.12 36.81 -11.13
C CYS A 183 -60.23 37.38 -12.23
N GLY A 184 -60.36 36.84 -13.43
CA GLY A 184 -59.73 37.40 -14.62
C GLY A 184 -60.66 38.39 -15.31
N ASP A 185 -60.55 38.45 -16.64
CA ASP A 185 -61.35 39.39 -17.42
C ASP A 185 -62.49 38.71 -18.18
N THR A 186 -62.67 37.41 -18.02
CA THR A 186 -63.68 36.72 -18.81
C THR A 186 -65.07 37.29 -18.60
N ILE A 187 -65.45 37.56 -17.34
CA ILE A 187 -66.80 38.03 -17.05
C ILE A 187 -67.10 39.44 -17.59
N TYR A 188 -66.09 40.19 -18.05
CA TYR A 188 -66.37 41.48 -18.67
C TYR A 188 -66.51 41.38 -20.19
N LYS A 189 -66.12 40.25 -20.77
CA LYS A 189 -66.24 40.02 -22.20
C LYS A 189 -67.32 39.03 -22.58
N LYS A 190 -67.82 38.24 -21.62
CA LYS A 190 -68.82 37.22 -21.88
C LYS A 190 -69.79 37.17 -20.71
N GLY A 191 -71.06 36.90 -21.03
CA GLY A 191 -72.03 36.52 -20.02
C GLY A 191 -72.06 35.01 -19.87
N PHE A 192 -72.87 34.53 -18.94
CA PHE A 192 -72.94 33.09 -18.72
C PHE A 192 -73.74 32.36 -19.78
N LEU A 193 -74.59 33.06 -20.53
CA LEU A 193 -75.18 32.46 -21.72
C LEU A 193 -74.13 32.23 -22.79
N ASP A 194 -73.17 33.16 -22.93
CA ASP A 194 -72.05 32.97 -23.86
C ASP A 194 -71.20 31.76 -23.45
N LEU A 195 -70.85 31.69 -22.16
CA LEU A 195 -70.01 30.59 -21.71
C LEU A 195 -70.73 29.27 -21.91
N LYS A 196 -72.05 29.25 -21.68
CA LYS A 196 -72.80 28.02 -21.91
C LYS A 196 -72.71 27.59 -23.38
N LYS A 197 -72.80 28.54 -24.31
CA LYS A 197 -72.62 28.18 -25.72
C LYS A 197 -71.23 27.62 -25.98
N ASP A 198 -70.23 28.21 -25.36
CA ASP A 198 -68.88 27.66 -25.44
C ASP A 198 -68.83 26.23 -24.93
N ILE A 199 -69.51 25.97 -23.81
CA ILE A 199 -69.49 24.64 -23.21
C ILE A 199 -70.21 23.64 -24.11
N GLU A 200 -71.37 24.03 -24.65
CA GLU A 200 -72.11 23.14 -25.54
C GLU A 200 -71.30 22.83 -26.78
N ALA A 201 -70.54 23.80 -27.28
CA ALA A 201 -69.66 23.53 -28.42
C ALA A 201 -68.60 22.49 -28.07
N ARG A 202 -68.01 22.60 -26.87
CA ARG A 202 -67.03 21.60 -26.44
C ARG A 202 -67.67 20.22 -26.32
N LEU A 203 -68.87 20.15 -25.73
CA LEU A 203 -69.54 18.87 -25.57
C LEU A 203 -69.77 18.19 -26.93
N LYS A 204 -70.10 18.96 -27.96
CA LYS A 204 -70.39 18.38 -29.26
C LYS A 204 -69.14 17.84 -29.93
N GLU A 205 -67.96 18.27 -29.53
CA GLU A 205 -66.75 17.82 -30.22
C GLU A 205 -65.99 16.74 -29.47
N LEU A 206 -66.50 16.28 -28.32
CA LEU A 206 -65.86 15.18 -27.61
C LEU A 206 -65.85 13.92 -28.49
N ASP A 207 -64.70 13.25 -28.52
CA ASP A 207 -64.43 12.08 -29.34
C ASP A 207 -64.35 10.85 -28.43
N PHE A 208 -65.46 10.17 -28.27
CA PHE A 208 -65.47 8.99 -27.42
C PHE A 208 -64.82 7.77 -28.07
N LEU A 209 -64.39 7.86 -29.32
CA LEU A 209 -63.69 6.75 -29.95
C LEU A 209 -62.20 6.77 -29.61
N ASN A 210 -61.58 7.95 -29.69
CA ASN A 210 -60.14 8.08 -29.57
C ASN A 210 -59.67 8.85 -28.34
N ASP A 211 -60.51 9.65 -27.73
CA ASP A 211 -60.13 10.36 -26.50
C ASP A 211 -60.63 9.54 -25.32
N LEU A 212 -59.71 8.79 -24.70
CA LEU A 212 -60.10 7.93 -23.60
C LEU A 212 -60.50 8.70 -22.36
N ASP A 213 -60.28 10.02 -22.35
CA ASP A 213 -60.68 10.86 -21.25
C ASP A 213 -62.03 11.54 -21.50
N ALA A 214 -62.70 11.21 -22.62
CA ALA A 214 -63.88 11.95 -23.03
C ALA A 214 -64.99 11.93 -21.98
N TYR A 215 -65.16 10.80 -21.30
CA TYR A 215 -66.23 10.70 -20.31
C TYR A 215 -66.03 11.67 -19.15
N ASN A 216 -64.80 11.77 -18.65
CA ASN A 216 -64.52 12.71 -17.57
C ASN A 216 -64.72 14.15 -18.04
N LYS A 217 -64.34 14.45 -19.27
CA LYS A 217 -64.57 15.79 -19.79
C LYS A 217 -66.06 16.10 -19.84
N LYS A 218 -66.87 15.14 -20.30
CA LYS A 218 -68.31 15.35 -20.42
C LYS A 218 -68.95 15.64 -19.08
N ALA A 219 -68.58 14.89 -18.04
CA ALA A 219 -69.15 15.10 -16.72
C ALA A 219 -68.82 16.50 -16.20
N ASP A 220 -67.57 16.95 -16.36
CA ASP A 220 -67.20 18.30 -15.91
C ASP A 220 -67.90 19.38 -16.76
N LEU A 221 -67.95 19.20 -18.08
CA LEU A 221 -68.58 20.20 -18.95
C LEU A 221 -70.09 20.27 -18.71
N GLU A 222 -70.74 19.12 -18.53
CA GLU A 222 -72.17 19.12 -18.18
C GLU A 222 -72.41 19.90 -16.89
N ALA A 223 -71.55 19.71 -15.88
CA ALA A 223 -71.71 20.46 -14.65
C ALA A 223 -71.54 21.96 -14.88
N MET A 224 -70.56 22.34 -15.70
CA MET A 224 -70.35 23.76 -15.97
C MET A 224 -71.57 24.39 -16.63
N ALA A 225 -72.22 23.64 -17.53
CA ALA A 225 -73.42 24.15 -18.20
C ALA A 225 -74.56 24.40 -17.20
N ILE A 226 -74.72 23.48 -16.25
CA ILE A 226 -75.72 23.68 -15.21
C ILE A 226 -75.39 24.89 -14.35
N ALA A 227 -74.10 25.09 -14.04
CA ALA A 227 -73.70 26.26 -13.28
C ALA A 227 -74.04 27.56 -14.03
N CYS A 228 -73.87 27.57 -15.35
CA CYS A 228 -74.25 28.75 -16.15
C CYS A 228 -75.74 29.04 -16.00
N ASP A 229 -76.57 28.00 -16.13
CA ASP A 229 -78.01 28.19 -15.95
C ASP A 229 -78.33 28.78 -14.58
N ALA A 230 -77.60 28.35 -13.55
CA ALA A 230 -77.84 28.89 -12.22
C ALA A 230 -77.56 30.40 -12.19
N MET A 231 -76.47 30.84 -12.83
CA MET A 231 -76.19 32.27 -12.82
C MET A 231 -77.28 33.05 -13.55
N VAL A 232 -77.78 32.49 -14.66
CA VAL A 232 -78.87 33.15 -15.37
C VAL A 232 -80.09 33.32 -14.47
N ILE A 233 -80.40 32.28 -13.68
CA ILE A 233 -81.54 32.35 -12.76
C ILE A 233 -81.28 33.38 -11.67
N LEU A 234 -80.03 33.51 -11.21
CA LEU A 234 -79.72 34.51 -10.19
C LEU A 234 -80.10 35.90 -10.67
N GLY A 235 -79.70 36.24 -11.90
CA GLY A 235 -80.06 37.54 -12.43
C GLY A 235 -81.56 37.67 -12.62
N LYS A 236 -82.19 36.63 -13.15
CA LYS A 236 -83.63 36.67 -13.38
C LYS A 236 -84.38 36.94 -12.08
N ARG A 237 -84.00 36.27 -11.00
CA ARG A 237 -84.74 36.39 -9.74
C ARG A 237 -84.54 37.75 -9.11
N TYR A 238 -83.32 38.31 -9.20
CA TYR A 238 -83.09 39.64 -8.63
C TYR A 238 -83.84 40.71 -9.42
N ALA A 239 -83.92 40.59 -10.74
CA ALA A 239 -84.70 41.56 -11.49
C ALA A 239 -86.17 41.52 -11.07
N GLU A 240 -86.74 40.32 -10.97
CA GLU A 240 -88.10 40.18 -10.47
C GLU A 240 -88.25 40.78 -9.08
N LYS A 241 -87.35 40.41 -8.17
CA LYS A 241 -87.41 40.95 -6.81
C LYS A 241 -87.42 42.47 -6.85
N ALA A 242 -86.54 43.05 -7.67
CA ALA A 242 -86.45 44.51 -7.72
C ALA A 242 -87.76 45.12 -8.21
N ARG A 243 -88.36 44.55 -9.26
CA ARG A 243 -89.60 45.11 -9.81
C ARG A 243 -90.78 44.93 -8.86
N GLN A 244 -90.84 43.78 -8.19
CA GLN A 244 -91.88 43.56 -7.20
C GLN A 244 -91.78 44.57 -6.07
N MET A 245 -90.55 44.93 -5.67
CA MET A 245 -90.36 45.97 -4.66
C MET A 245 -90.67 47.35 -5.22
N ALA A 246 -90.40 47.58 -6.51
CA ALA A 246 -90.67 48.88 -7.10
C ALA A 246 -92.17 49.18 -7.11
N GLU A 247 -93.00 48.18 -7.44
CA GLU A 247 -94.44 48.41 -7.42
C GLU A 247 -94.94 48.77 -6.03
N GLU A 248 -94.23 48.37 -4.99
CA GLU A 248 -94.67 48.59 -3.62
C GLU A 248 -94.04 49.84 -2.99
N GLU A 249 -93.01 50.41 -3.59
CA GLU A 249 -92.31 51.54 -2.97
C GLU A 249 -92.98 52.85 -3.39
N THR A 250 -93.27 53.70 -2.41
CA THR A 250 -93.91 54.98 -2.68
C THR A 250 -92.92 56.10 -2.95
N ASP A 251 -91.75 56.06 -2.33
CA ASP A 251 -90.76 57.10 -2.55
C ASP A 251 -90.26 57.04 -3.99
N GLU A 252 -90.40 58.16 -4.71
CA GLU A 252 -90.07 58.16 -6.13
C GLU A 252 -88.59 57.86 -6.37
N ALA A 253 -87.71 58.41 -5.53
CA ALA A 253 -86.28 58.20 -5.73
C ALA A 253 -85.92 56.73 -5.56
N LYS A 254 -86.49 56.07 -4.56
CA LYS A 254 -86.18 54.66 -4.35
C LYS A 254 -86.69 53.79 -5.49
N LYS A 255 -87.91 54.06 -5.96
CA LYS A 255 -88.48 53.27 -7.04
C LYS A 255 -87.57 53.32 -8.27
N LYS A 256 -87.05 54.51 -8.59
CA LYS A 256 -86.16 54.61 -9.73
C LYS A 256 -84.90 53.80 -9.49
N ASP A 257 -84.38 53.80 -8.27
CA ASP A 257 -83.22 52.97 -7.96
C ASP A 257 -83.55 51.49 -8.16
N LEU A 258 -84.71 51.05 -7.67
CA LEU A 258 -85.14 49.67 -7.85
C LEU A 258 -85.30 49.33 -9.33
N LEU A 259 -85.83 50.27 -10.11
CA LEU A 259 -85.97 50.02 -11.54
C LEU A 259 -84.61 49.95 -12.22
N LEU A 260 -83.65 50.74 -11.73
CA LEU A 260 -82.30 50.64 -12.26
C LEU A 260 -81.67 49.29 -11.92
N ILE A 261 -81.89 48.81 -10.70
CA ILE A 261 -81.39 47.49 -10.33
C ILE A 261 -81.95 46.43 -11.27
N ALA A 262 -83.26 46.46 -11.49
CA ALA A 262 -83.90 45.47 -12.36
C ALA A 262 -83.33 45.52 -13.76
N GLU A 263 -83.15 46.72 -14.32
CA GLU A 263 -82.53 46.86 -15.65
C GLU A 263 -81.12 46.30 -15.69
N THR A 264 -80.35 46.51 -14.63
CA THR A 264 -78.99 45.99 -14.60
C THR A 264 -79.00 44.47 -14.59
N CYS A 265 -79.88 43.88 -13.79
CA CYS A 265 -80.00 42.42 -13.68
C CYS A 265 -80.66 41.79 -14.90
N ASP A 266 -81.39 42.55 -15.72
CA ASP A 266 -81.83 42.05 -17.02
C ASP A 266 -80.65 41.72 -17.90
N VAL A 267 -79.51 42.37 -17.68
CA VAL A 267 -78.34 42.16 -18.52
C VAL A 267 -77.43 41.12 -17.89
N VAL A 268 -76.99 41.37 -16.66
CA VAL A 268 -76.01 40.51 -16.01
C VAL A 268 -76.67 39.70 -14.89
N PRO A 269 -76.19 38.48 -14.66
CA PRO A 269 -75.01 37.86 -15.30
C PRO A 269 -75.25 37.08 -16.60
N ALA A 270 -76.49 37.07 -17.10
CA ALA A 270 -76.79 36.29 -18.30
C ALA A 270 -76.00 36.76 -19.50
N HIS A 271 -75.84 38.08 -19.65
CA HIS A 271 -75.13 38.68 -20.77
C HIS A 271 -73.91 39.44 -20.29
N LYS A 272 -72.98 39.70 -21.21
CA LYS A 272 -71.80 40.45 -20.85
C LYS A 272 -72.19 41.86 -20.41
N PRO A 273 -71.46 42.44 -19.47
CA PRO A 273 -71.79 43.81 -19.03
C PRO A 273 -71.55 44.81 -20.15
N GLU A 274 -72.44 45.80 -20.23
CA GLU A 274 -72.31 46.86 -21.23
C GLU A 274 -71.89 48.19 -20.63
N THR A 275 -72.08 48.40 -19.33
CA THR A 275 -71.77 49.64 -18.65
C THR A 275 -70.92 49.38 -17.42
N TYR A 276 -70.28 50.44 -16.92
CA TYR A 276 -69.48 50.38 -15.70
C TYR A 276 -70.30 49.85 -14.53
N HIS A 277 -71.53 50.36 -14.39
CA HIS A 277 -72.44 49.87 -13.37
C HIS A 277 -72.67 48.36 -13.54
N GLN A 278 -72.96 47.93 -14.77
CA GLN A 278 -73.21 46.50 -15.02
C GLN A 278 -71.96 45.67 -14.78
N ALA A 279 -70.78 46.22 -15.07
CA ALA A 279 -69.53 45.49 -14.83
C ALA A 279 -69.35 45.21 -13.35
N ILE A 280 -69.67 46.18 -12.50
CA ILE A 280 -69.53 45.97 -11.05
C ILE A 280 -70.56 44.96 -10.56
N GLN A 281 -71.80 45.07 -11.04
CA GLN A 281 -72.82 44.12 -10.61
C GLN A 281 -72.52 42.71 -11.11
N MET A 282 -71.99 42.58 -12.33
CA MET A 282 -71.57 41.27 -12.80
C MET A 282 -70.49 40.67 -11.90
N TYR A 283 -69.47 41.46 -11.56
CA TYR A 283 -68.45 40.94 -10.66
C TYR A 283 -69.07 40.47 -9.35
N TRP A 284 -69.96 41.29 -8.76
CA TRP A 284 -70.48 40.97 -7.44
C TRP A 284 -71.35 39.72 -7.46
N PHE A 285 -72.14 39.53 -8.52
CA PHE A 285 -72.92 38.30 -8.65
C PHE A 285 -72.01 37.08 -8.73
N VAL A 286 -70.95 37.17 -9.54
CA VAL A 286 -69.97 36.08 -9.61
C VAL A 286 -69.35 35.84 -8.24
N HIS A 287 -69.03 36.92 -7.52
CA HIS A 287 -68.49 36.79 -6.17
C HIS A 287 -69.44 36.03 -5.25
N ILE A 288 -70.72 36.45 -5.20
CA ILE A 288 -71.72 35.73 -4.41
C ILE A 288 -71.78 34.28 -4.84
N GLY A 289 -71.71 34.03 -6.14
CA GLY A 289 -71.77 32.69 -6.67
C GLY A 289 -70.65 31.79 -6.20
N VAL A 290 -69.39 32.19 -6.42
CA VAL A 290 -68.29 31.26 -6.12
C VAL A 290 -68.12 31.08 -4.63
N THR A 291 -68.46 32.09 -3.83
CA THR A 291 -68.30 31.93 -2.39
C THR A 291 -69.50 31.26 -1.73
N THR A 292 -70.60 31.04 -2.44
CA THR A 292 -71.63 30.16 -1.93
C THR A 292 -71.61 28.77 -2.56
N GLU A 293 -70.96 28.62 -3.71
CA GLU A 293 -70.66 27.29 -4.24
C GLU A 293 -69.84 26.48 -3.23
N LEU A 294 -68.77 27.09 -2.68
CA LEU A 294 -67.93 26.47 -1.67
C LEU A 294 -67.40 27.55 -0.75
N ASN A 295 -66.99 27.15 0.46
CA ASN A 295 -66.37 28.06 1.43
C ASN A 295 -64.88 28.20 1.10
N ILE A 296 -64.58 29.01 0.06
CA ILE A 296 -63.23 29.08 -0.48
C ILE A 296 -62.37 30.07 0.33
N TRP A 297 -61.10 29.71 0.52
CA TRP A 297 -60.14 30.60 1.16
C TRP A 297 -60.07 31.93 0.42
N ASP A 298 -60.04 33.03 1.18
CA ASP A 298 -59.86 34.38 0.64
C ASP A 298 -61.00 34.80 -0.28
N ALA A 299 -62.21 34.31 0.02
CA ALA A 299 -63.43 34.71 -0.69
C ALA A 299 -63.22 34.80 -2.19
N PHE A 300 -63.41 35.98 -2.78
CA PHE A 300 -63.13 36.23 -4.18
C PHE A 300 -62.70 37.68 -4.31
N THR A 301 -62.11 38.03 -5.43
CA THR A 301 -61.69 39.42 -5.64
C THR A 301 -61.63 39.70 -7.13
N PRO A 302 -61.98 40.91 -7.56
CA PRO A 302 -61.81 41.27 -8.97
C PRO A 302 -60.35 41.41 -9.37
N GLY A 303 -59.41 41.40 -8.42
CA GLY A 303 -58.01 41.50 -8.77
C GLY A 303 -57.65 42.87 -9.28
N ARG A 304 -57.33 42.98 -10.58
CA ARG A 304 -56.88 44.24 -11.17
C ARG A 304 -58.10 45.08 -11.59
N LEU A 305 -58.84 45.49 -10.56
CA LEU A 305 -60.14 46.15 -10.76
C LEU A 305 -60.00 47.41 -11.61
N ASP A 306 -58.96 48.23 -11.38
CA ASP A 306 -58.84 49.47 -12.15
C ASP A 306 -58.58 49.18 -13.62
N GLN A 307 -57.94 48.06 -13.96
CA GLN A 307 -57.75 47.71 -15.37
C GLN A 307 -59.06 47.27 -16.01
N HIS A 308 -59.89 46.52 -15.29
CA HIS A 308 -61.12 46.01 -15.90
C HIS A 308 -62.15 47.12 -16.06
N LEU A 309 -62.23 48.04 -15.10
CA LEU A 309 -63.27 49.06 -15.13
C LEU A 309 -62.93 50.24 -16.03
N ASN A 310 -61.65 50.53 -16.25
CA ASN A 310 -61.31 51.76 -16.96
C ASN A 310 -61.91 51.86 -18.36
N PRO A 311 -61.94 50.80 -19.18
CA PRO A 311 -62.62 50.91 -20.48
C PRO A 311 -64.09 51.29 -20.34
N PHE A 312 -64.79 50.70 -19.36
CA PHE A 312 -66.18 51.06 -19.11
C PHE A 312 -66.29 52.51 -18.66
N TYR A 313 -65.41 52.93 -17.76
CA TYR A 313 -65.44 54.30 -17.26
C TYR A 313 -65.31 55.29 -18.41
N GLU A 314 -64.27 55.11 -19.22
CA GLU A 314 -64.02 56.03 -20.33
C GLU A 314 -65.18 56.04 -21.31
N ARG A 315 -65.68 54.86 -21.67
CA ARG A 315 -66.82 54.77 -22.58
C ARG A 315 -68.04 55.44 -21.98
N ASP A 316 -68.34 55.17 -20.70
CA ASP A 316 -69.56 55.68 -20.10
C ASP A 316 -69.54 57.19 -19.92
N VAL A 317 -68.40 57.76 -19.52
CA VAL A 317 -68.37 59.22 -19.36
C VAL A 317 -68.48 59.90 -20.72
N GLU A 318 -67.80 59.35 -21.73
CA GLU A 318 -67.89 59.90 -23.08
C GLU A 318 -69.33 59.89 -23.61
N ASN A 319 -70.10 58.85 -23.29
CA ASN A 319 -71.49 58.79 -23.70
C ASN A 319 -72.43 59.54 -22.76
N GLY A 320 -71.90 60.17 -21.72
CA GLY A 320 -72.72 60.99 -20.84
C GLY A 320 -73.60 60.26 -19.85
N ILE A 321 -73.34 58.97 -19.61
CA ILE A 321 -74.15 58.22 -18.64
C ILE A 321 -73.43 58.02 -17.31
N LEU A 322 -72.23 58.56 -17.16
CA LEU A 322 -71.45 58.37 -15.94
C LEU A 322 -70.57 59.58 -15.75
N ASP A 323 -70.30 59.91 -14.49
CA ASP A 323 -69.26 60.87 -14.14
C ASP A 323 -68.43 60.31 -12.99
N ARG A 324 -67.39 61.06 -12.59
CA ARG A 324 -66.50 60.56 -11.55
C ARG A 324 -67.25 60.29 -10.25
N ASP A 325 -68.20 61.16 -9.91
CA ASP A 325 -68.92 61.00 -8.65
C ASP A 325 -69.73 59.71 -8.63
N ARG A 326 -70.45 59.42 -9.73
CA ARG A 326 -71.26 58.20 -9.75
C ARG A 326 -70.37 56.96 -9.80
N ALA A 327 -69.26 57.03 -10.54
CA ALA A 327 -68.28 55.94 -10.53
C ALA A 327 -67.73 55.71 -9.12
N GLN A 328 -67.44 56.78 -8.38
CA GLN A 328 -66.99 56.61 -7.00
C GLN A 328 -68.10 56.07 -6.13
N GLU A 329 -69.34 56.58 -6.32
CA GLU A 329 -70.47 56.13 -5.53
C GLU A 329 -70.69 54.63 -5.71
N LEU A 330 -70.57 54.14 -6.93
CA LEU A 330 -70.77 52.71 -7.18
C LEU A 330 -69.68 51.88 -6.49
N LEU A 331 -68.44 52.37 -6.49
CA LEU A 331 -67.37 51.65 -5.81
C LEU A 331 -67.52 51.69 -4.31
N GLU A 332 -68.02 52.80 -3.75
CA GLU A 332 -68.30 52.82 -2.32
C GLU A 332 -69.38 51.82 -1.98
N CYS A 333 -70.37 51.67 -2.86
CA CYS A 333 -71.35 50.61 -2.67
C CYS A 333 -70.69 49.23 -2.68
N LEU A 334 -69.82 48.99 -3.66
CA LEU A 334 -69.08 47.73 -3.73
C LEU A 334 -68.29 47.46 -2.46
N TRP A 335 -67.56 48.49 -1.96
CA TRP A 335 -66.79 48.33 -0.74
C TRP A 335 -67.66 47.84 0.41
N VAL A 336 -68.83 48.45 0.56
CA VAL A 336 -69.74 48.04 1.62
C VAL A 336 -70.18 46.59 1.42
N LYS A 337 -70.41 46.17 0.16
CA LYS A 337 -70.82 44.79 -0.08
C LYS A 337 -69.77 43.80 0.42
N PHE A 338 -68.50 44.04 0.11
CA PHE A 338 -67.43 43.23 0.68
C PHE A 338 -67.52 43.19 2.20
N ASN A 339 -67.69 44.37 2.82
CA ASN A 339 -67.71 44.46 4.28
C ASN A 339 -68.91 43.78 4.90
N ASN A 340 -69.96 43.50 4.12
CA ASN A 340 -71.11 42.76 4.60
C ASN A 340 -70.91 41.23 4.62
N GLN A 341 -69.81 40.71 4.09
CA GLN A 341 -69.56 39.26 4.00
C GLN A 341 -68.40 38.82 4.88
N PRO A 342 -68.65 38.34 6.10
CA PRO A 342 -67.55 37.78 6.89
C PRO A 342 -67.08 36.46 6.30
N ALA A 343 -65.85 36.11 6.66
CA ALA A 343 -65.40 34.73 6.46
C ALA A 343 -66.26 33.82 7.33
N PRO A 344 -66.83 32.74 6.78
CA PRO A 344 -67.69 31.90 7.59
C PRO A 344 -66.97 31.36 8.80
N PRO A 345 -67.70 31.00 9.85
CA PRO A 345 -67.06 30.75 11.15
C PRO A 345 -66.05 29.62 11.13
N LYS A 346 -64.95 29.84 11.83
CA LYS A 346 -63.88 28.88 12.02
C LYS A 346 -63.82 28.42 13.48
N VAL A 347 -63.34 27.19 13.67
CA VAL A 347 -63.09 26.66 15.01
C VAL A 347 -61.72 26.02 15.02
N GLY A 348 -61.29 25.65 16.22
CA GLY A 348 -60.05 24.89 16.35
C GLY A 348 -58.86 25.61 15.75
N ILE A 349 -58.00 24.84 15.07
CA ILE A 349 -56.75 25.38 14.55
C ILE A 349 -57.00 26.40 13.44
N THR A 350 -58.02 26.17 12.61
CA THR A 350 -58.31 27.11 11.53
C THR A 350 -58.53 28.52 12.07
N LEU A 351 -59.25 28.64 13.19
CA LEU A 351 -59.43 29.95 13.81
C LEU A 351 -58.10 30.51 14.31
N LYS A 352 -57.30 29.68 14.98
CA LYS A 352 -56.03 30.15 15.54
C LYS A 352 -55.12 30.70 14.45
N GLU A 353 -55.16 30.09 13.25
CA GLU A 353 -54.28 30.53 12.20
C GLU A 353 -54.87 31.67 11.38
N SER A 354 -56.17 31.92 11.49
CA SER A 354 -56.82 33.00 10.74
C SER A 354 -57.90 33.63 11.63
N SER A 355 -57.47 34.30 12.70
CA SER A 355 -58.39 34.71 13.76
C SER A 355 -58.97 36.10 13.44
N THR A 356 -59.93 36.11 12.51
CA THR A 356 -60.49 37.36 11.99
C THR A 356 -61.84 37.08 11.37
N TYR A 357 -62.69 38.12 11.33
CA TYR A 357 -63.90 38.09 10.50
C TYR A 357 -63.60 38.35 9.03
N THR A 358 -62.47 38.97 8.71
CA THR A 358 -62.20 39.35 7.32
C THR A 358 -61.88 38.10 6.48
N ASP A 359 -62.11 38.22 5.16
CA ASP A 359 -61.93 37.09 4.24
C ASP A 359 -60.92 37.41 3.14
N PHE A 360 -60.07 38.43 3.35
CA PHE A 360 -58.86 38.60 2.56
C PHE A 360 -59.14 38.72 1.06
N ALA A 361 -60.12 39.57 0.73
CA ALA A 361 -60.42 39.87 -0.68
C ALA A 361 -59.50 41.01 -1.08
N ASN A 362 -58.43 40.67 -1.79
CA ASN A 362 -57.31 41.57 -2.02
C ASN A 362 -57.43 42.23 -3.40
N ILE A 363 -57.54 43.56 -3.41
CA ILE A 363 -57.62 44.34 -4.64
C ILE A 363 -56.27 45.01 -4.89
N ASN A 364 -55.74 44.86 -6.11
CA ASN A 364 -54.46 45.40 -6.55
C ASN A 364 -54.73 46.60 -7.47
N THR A 365 -54.36 47.80 -7.03
CA THR A 365 -54.57 49.03 -7.78
C THR A 365 -53.22 49.61 -8.20
N GLY A 366 -53.15 50.10 -9.43
CA GLY A 366 -51.89 50.63 -9.94
C GLY A 366 -51.25 49.72 -10.96
N GLY A 367 -50.04 49.25 -10.66
CA GLY A 367 -49.39 48.21 -11.44
C GLY A 367 -49.19 48.60 -12.89
N ILE A 368 -49.31 47.58 -13.75
CA ILE A 368 -49.12 47.71 -15.19
C ILE A 368 -50.37 47.21 -15.89
N ASN A 369 -50.58 47.71 -17.11
CA ASN A 369 -51.70 47.24 -17.92
C ASN A 369 -51.33 45.96 -18.66
N PRO A 370 -52.29 45.35 -19.35
CA PRO A 370 -51.99 44.10 -20.05
C PRO A 370 -50.86 44.21 -21.06
N ASP A 371 -50.55 45.41 -21.55
CA ASP A 371 -49.41 45.59 -22.46
C ASP A 371 -48.09 45.75 -21.71
N GLY A 372 -48.11 45.81 -20.38
CA GLY A 372 -46.89 45.95 -19.62
C GLY A 372 -46.43 47.37 -19.32
N GLN A 373 -47.22 48.38 -19.65
CA GLN A 373 -46.86 49.77 -19.36
C GLN A 373 -47.66 50.27 -18.14
N ASP A 374 -47.29 51.45 -17.65
CA ASP A 374 -47.91 52.05 -16.48
C ASP A 374 -49.43 51.93 -16.51
N GLY A 375 -49.99 51.33 -15.45
CA GLY A 375 -51.42 51.05 -15.37
C GLY A 375 -52.25 52.02 -14.58
N VAL A 376 -51.62 53.01 -13.93
CA VAL A 376 -52.39 54.01 -13.20
C VAL A 376 -53.30 54.74 -14.17
N ASN A 377 -54.59 54.79 -13.84
CA ASN A 377 -55.59 55.46 -14.66
C ASN A 377 -56.55 56.16 -13.71
N GLU A 378 -57.59 56.78 -14.27
CA GLU A 378 -58.50 57.56 -13.44
C GLU A 378 -59.20 56.69 -12.42
N VAL A 379 -59.55 55.45 -12.79
CA VAL A 379 -60.22 54.58 -11.83
C VAL A 379 -59.29 54.27 -10.67
N SER A 380 -57.98 54.16 -10.93
CA SER A 380 -57.01 53.92 -9.86
C SER A 380 -57.13 54.97 -8.78
N TYR A 381 -57.23 56.24 -9.19
CA TYR A 381 -57.34 57.31 -8.21
C TYR A 381 -58.69 57.32 -7.53
N ILE A 382 -59.76 56.94 -8.26
CA ILE A 382 -61.06 56.80 -7.63
C ILE A 382 -61.01 55.73 -6.52
N ILE A 383 -60.37 54.59 -6.79
CA ILE A 383 -60.27 53.53 -5.78
C ILE A 383 -59.54 54.03 -4.53
N LEU A 384 -58.43 54.75 -4.73
CA LEU A 384 -57.73 55.32 -3.58
C LEU A 384 -58.64 56.28 -2.79
N ASP A 385 -59.44 57.09 -3.49
CA ASP A 385 -60.37 57.96 -2.79
C ASP A 385 -61.42 57.16 -2.00
N VAL A 386 -61.97 56.09 -2.59
CA VAL A 386 -63.02 55.39 -1.85
C VAL A 386 -62.42 54.60 -0.68
N MET A 387 -61.23 54.00 -0.83
CA MET A 387 -60.70 53.26 0.32
C MET A 387 -60.36 54.21 1.46
N ASP A 388 -59.83 55.40 1.11
CA ASP A 388 -59.55 56.44 2.09
C ASP A 388 -60.83 56.88 2.82
N GLU A 389 -61.87 57.22 2.06
CA GLU A 389 -63.12 57.68 2.68
C GLU A 389 -63.78 56.57 3.50
N MET A 390 -63.91 55.37 2.93
CA MET A 390 -64.73 54.35 3.58
C MET A 390 -64.09 53.76 4.85
N LYS A 391 -62.76 53.66 4.89
CA LYS A 391 -62.02 53.10 6.01
C LYS A 391 -62.66 51.79 6.53
N LEU A 392 -62.81 50.84 5.60
CA LEU A 392 -63.35 49.52 5.89
C LEU A 392 -62.26 48.46 5.75
N ILE A 393 -62.23 47.49 6.67
CA ILE A 393 -61.18 46.48 6.63
C ILE A 393 -61.42 45.40 5.58
N GLN A 394 -62.61 45.35 5.01
CA GLN A 394 -62.86 44.59 3.79
C GLN A 394 -63.44 45.56 2.77
N PRO A 395 -63.01 45.48 1.50
CA PRO A 395 -61.97 44.60 0.98
C PRO A 395 -60.59 45.04 1.46
N SER A 396 -59.59 44.24 1.13
CA SER A 396 -58.19 44.55 1.41
C SER A 396 -57.66 45.30 0.20
N SER A 397 -57.66 46.65 0.28
CA SER A 397 -57.40 47.52 -0.85
C SER A 397 -55.92 47.93 -0.85
N ASN A 398 -55.16 47.43 -1.82
CA ASN A 398 -53.72 47.58 -1.84
C ASN A 398 -53.27 48.14 -3.19
N VAL A 399 -51.98 48.46 -3.29
CA VAL A 399 -51.42 49.06 -4.49
C VAL A 399 -50.24 48.22 -4.98
N GLN A 400 -50.14 48.11 -6.31
CA GLN A 400 -48.95 47.62 -6.99
C GLN A 400 -48.13 48.83 -7.44
N ILE A 401 -46.88 48.85 -7.02
CA ILE A 401 -45.96 49.92 -7.36
C ILE A 401 -44.93 49.35 -8.31
N SER A 402 -44.85 49.96 -9.49
CA SER A 402 -43.88 49.64 -10.53
C SER A 402 -42.85 50.76 -10.64
N LYS A 403 -41.69 50.43 -11.20
CA LYS A 403 -40.76 51.47 -11.61
C LYS A 403 -41.39 52.45 -12.60
N LYS A 404 -42.47 52.04 -13.25
CA LYS A 404 -43.22 52.86 -14.20
C LYS A 404 -44.34 53.67 -13.55
N THR A 405 -44.59 53.49 -12.26
CA THR A 405 -45.69 54.13 -11.55
C THR A 405 -45.36 55.60 -11.27
N PRO A 406 -46.27 56.52 -11.54
CA PRO A 406 -46.01 57.93 -11.23
C PRO A 406 -45.82 58.14 -9.73
N GLN A 407 -44.87 59.01 -9.38
CA GLN A 407 -44.63 59.28 -7.97
C GLN A 407 -45.87 59.82 -7.27
N LYS A 408 -46.71 60.57 -7.99
CA LYS A 408 -47.93 61.08 -7.39
C LYS A 408 -48.83 59.95 -6.87
N PHE A 409 -48.92 58.85 -7.62
CA PHE A 409 -49.74 57.74 -7.18
C PHE A 409 -49.16 57.10 -5.92
N LEU A 410 -47.86 56.84 -5.92
CA LEU A 410 -47.23 56.27 -4.74
C LEU A 410 -47.44 57.16 -3.51
N LYS A 411 -47.28 58.48 -3.67
CA LYS A 411 -47.38 59.36 -2.50
C LYS A 411 -48.82 59.42 -1.98
N ARG A 412 -49.81 59.38 -2.87
CA ARG A 412 -51.19 59.30 -2.42
C ARG A 412 -51.43 58.03 -1.61
N ALA A 413 -50.86 56.90 -2.05
CA ALA A 413 -50.95 55.67 -1.26
C ALA A 413 -50.26 55.83 0.08
N CYS A 414 -49.08 56.46 0.11
CA CYS A 414 -48.43 56.70 1.39
C CYS A 414 -49.25 57.63 2.28
N GLU A 415 -49.93 58.63 1.70
CA GLU A 415 -50.81 59.47 2.49
C GLU A 415 -51.83 58.65 3.26
N ILE A 416 -52.42 57.66 2.60
CA ILE A 416 -53.44 56.86 3.24
C ILE A 416 -52.80 55.95 4.30
N SER A 417 -51.69 55.31 3.94
CA SER A 417 -51.00 54.42 4.89
C SER A 417 -50.62 55.17 6.17
N ARG A 418 -50.15 56.42 6.00
CA ARG A 418 -49.72 57.19 7.15
C ARG A 418 -50.86 57.46 8.11
N LYS A 419 -52.11 57.37 7.66
CA LYS A 419 -53.21 57.57 8.60
C LYS A 419 -53.33 56.45 9.63
N GLY A 420 -52.60 55.35 9.46
CA GLY A 420 -52.42 54.42 10.56
C GLY A 420 -53.43 53.31 10.71
N TRP A 421 -54.24 53.01 9.69
CA TRP A 421 -55.11 51.86 9.77
C TRP A 421 -54.65 50.71 8.87
N GLY A 422 -53.42 50.74 8.43
CA GLY A 422 -52.77 49.61 7.78
C GLY A 422 -52.83 49.57 6.27
N GLN A 423 -54.01 49.81 5.69
CA GLN A 423 -54.17 49.81 4.24
C GLN A 423 -53.65 51.13 3.67
N PRO A 424 -53.10 51.13 2.45
CA PRO A 424 -52.82 49.96 1.61
C PRO A 424 -51.45 49.36 1.93
N ALA A 425 -51.30 48.06 1.67
CA ALA A 425 -49.98 47.48 1.56
C ALA A 425 -49.42 47.79 0.18
N PHE A 426 -48.11 47.65 0.04
CA PHE A 426 -47.40 47.95 -1.20
C PHE A 426 -46.77 46.67 -1.74
N TYR A 427 -46.98 46.40 -3.04
CA TYR A 427 -46.42 45.24 -3.73
C TYR A 427 -45.57 45.69 -4.91
N ASN A 428 -44.47 44.97 -5.14
CA ASN A 428 -43.49 45.31 -6.17
C ASN A 428 -43.89 44.64 -7.49
N THR A 429 -44.40 45.44 -8.43
CA THR A 429 -44.85 44.89 -9.71
C THR A 429 -43.75 44.12 -10.42
N GLU A 430 -42.54 44.66 -10.43
CA GLU A 430 -41.46 43.96 -11.14
C GLU A 430 -41.12 42.63 -10.46
N ALA A 431 -41.21 42.56 -9.14
CA ALA A 431 -40.99 41.29 -8.47
C ALA A 431 -42.09 40.29 -8.81
N ILE A 432 -43.34 40.74 -8.75
CA ILE A 432 -44.47 39.87 -9.10
C ILE A 432 -44.29 39.25 -10.48
N VAL A 433 -43.98 40.09 -11.47
CA VAL A 433 -43.87 39.57 -12.83
C VAL A 433 -42.76 38.54 -12.93
N GLN A 434 -41.60 38.83 -12.33
CA GLN A 434 -40.48 37.90 -12.39
C GLN A 434 -40.76 36.63 -11.58
N GLU A 435 -41.43 36.75 -10.43
CA GLU A 435 -41.84 35.57 -9.69
C GLU A 435 -42.71 34.67 -10.56
N LEU A 436 -43.67 35.26 -11.26
CA LEU A 436 -44.55 34.48 -12.13
C LEU A 436 -43.76 33.81 -13.25
N MET A 437 -42.85 34.56 -13.88
CA MET A 437 -42.09 33.98 -14.98
C MET A 437 -41.13 32.91 -14.48
N GLU A 438 -40.55 33.09 -13.30
CA GLU A 438 -39.71 32.02 -12.74
C GLU A 438 -40.50 30.73 -12.56
N ALA A 439 -41.79 30.84 -12.24
CA ALA A 439 -42.66 29.68 -12.07
C ALA A 439 -43.22 29.13 -13.38
N GLY A 440 -42.91 29.74 -14.52
CA GLY A 440 -43.33 29.23 -15.81
C GLY A 440 -44.42 30.00 -16.53
N LYS A 441 -44.90 31.11 -15.98
CA LYS A 441 -45.88 31.94 -16.69
C LYS A 441 -45.22 32.67 -17.84
N THR A 442 -45.94 32.77 -18.97
CA THR A 442 -45.46 33.61 -20.06
C THR A 442 -45.53 35.10 -19.64
N ILE A 443 -44.72 35.94 -20.31
CA ILE A 443 -44.76 37.36 -19.98
C ILE A 443 -46.16 37.93 -20.26
N GLU A 444 -46.81 37.43 -21.31
CA GLU A 444 -48.16 37.90 -21.60
C GLU A 444 -49.10 37.62 -20.44
N ASP A 445 -49.03 36.41 -19.87
CA ASP A 445 -49.89 36.06 -18.75
C ASP A 445 -49.43 36.74 -17.46
N ALA A 446 -48.12 36.87 -17.26
CA ALA A 446 -47.65 37.47 -16.02
C ALA A 446 -48.11 38.91 -15.87
N ARG A 447 -48.22 39.66 -16.98
CA ARG A 447 -48.69 41.04 -16.94
C ARG A 447 -50.13 41.16 -16.46
N LEU A 448 -50.88 40.06 -16.41
CA LEU A 448 -52.23 40.10 -15.88
C LEU A 448 -52.27 39.74 -14.40
N GLY A 449 -51.12 39.48 -13.79
CA GLY A 449 -51.07 38.91 -12.45
C GLY A 449 -50.92 39.94 -11.33
N GLY A 450 -50.80 39.41 -10.13
CA GLY A 450 -50.69 40.26 -8.96
C GLY A 450 -50.62 39.40 -7.72
N THR A 451 -50.98 39.99 -6.60
CA THR A 451 -51.02 39.28 -5.32
C THR A 451 -52.46 39.23 -4.84
N SER A 452 -52.80 38.16 -4.14
CA SER A 452 -54.09 38.03 -3.50
C SER A 452 -53.87 37.53 -2.08
N GLY A 453 -54.96 37.34 -1.37
CA GLY A 453 -54.86 36.95 0.03
C GLY A 453 -54.05 38.00 0.78
N CYS A 454 -52.96 37.56 1.41
CA CYS A 454 -52.07 38.48 2.10
C CYS A 454 -50.99 39.06 1.19
N VAL A 455 -50.16 38.20 0.59
CA VAL A 455 -49.06 38.64 -0.26
C VAL A 455 -48.85 37.68 -1.41
N GLU A 456 -49.82 36.80 -1.68
CA GLU A 456 -49.56 35.62 -2.51
C GLU A 456 -49.65 35.94 -4.01
N THR A 457 -48.57 35.64 -4.74
CA THR A 457 -48.44 35.92 -6.15
C THR A 457 -49.17 34.89 -7.00
N GLY A 458 -49.93 35.36 -7.98
CA GLY A 458 -50.66 34.45 -8.85
C GLY A 458 -51.02 35.09 -10.17
N CYS A 459 -51.35 34.24 -11.12
CA CYS A 459 -51.77 34.69 -12.44
C CYS A 459 -53.31 34.71 -12.48
N PHE A 460 -53.87 35.90 -12.26
CA PHE A 460 -55.31 36.09 -12.02
C PHE A 460 -56.17 35.51 -13.13
N GLY A 461 -57.13 34.68 -12.78
CA GLY A 461 -58.02 34.08 -13.75
C GLY A 461 -57.43 32.95 -14.57
N LYS A 462 -56.19 32.55 -14.34
CA LYS A 462 -55.57 31.50 -15.14
C LYS A 462 -54.83 30.46 -14.29
N GLU A 463 -54.94 30.51 -12.97
CA GLU A 463 -54.10 29.70 -12.11
C GLU A 463 -54.89 29.21 -10.92
N ALA A 464 -54.66 27.96 -10.54
CA ALA A 464 -54.96 27.48 -9.22
C ALA A 464 -53.66 27.51 -8.44
N TYR A 465 -53.57 28.38 -7.44
CA TYR A 465 -52.38 28.50 -6.60
C TYR A 465 -52.87 28.36 -5.17
N VAL A 466 -52.73 27.13 -4.64
CA VAL A 466 -53.38 26.69 -3.42
C VAL A 466 -52.38 26.72 -2.27
N LEU A 467 -52.74 27.40 -1.18
CA LEU A 467 -51.99 27.34 0.06
C LEU A 467 -52.46 26.12 0.84
N THR A 468 -51.52 25.33 1.38
CA THR A 468 -51.92 24.11 2.07
C THR A 468 -51.75 24.18 3.59
N GLY A 469 -51.04 25.16 4.12
CA GLY A 469 -50.90 25.34 5.55
C GLY A 469 -49.54 25.93 5.90
N TYR A 470 -49.45 26.48 7.12
CA TYR A 470 -48.22 27.06 7.65
C TYR A 470 -47.29 25.99 8.20
N MET A 471 -45.98 26.24 8.13
CA MET A 471 -44.96 25.31 8.60
C MET A 471 -44.16 26.02 9.70
N ASN A 472 -44.07 25.38 10.87
CA ASN A 472 -43.48 25.96 12.07
C ASN A 472 -41.97 25.73 12.04
N ILE A 473 -41.26 26.58 11.27
CA ILE A 473 -39.83 26.36 11.09
C ILE A 473 -39.08 26.43 12.41
N PRO A 474 -39.35 27.39 13.30
CA PRO A 474 -38.64 27.39 14.60
C PRO A 474 -38.85 26.12 15.40
N LYS A 475 -40.04 25.55 15.40
CA LYS A 475 -40.23 24.31 16.15
C LYS A 475 -39.52 23.13 15.50
N ILE A 476 -39.24 23.19 14.20
CA ILE A 476 -38.39 22.18 13.60
C ILE A 476 -36.99 22.24 14.19
N LEU A 477 -36.46 23.45 14.45
CA LEU A 477 -35.20 23.53 15.17
C LEU A 477 -35.36 22.98 16.58
N GLU A 478 -36.49 23.27 17.24
CA GLU A 478 -36.69 22.72 18.57
C GLU A 478 -36.63 21.21 18.57
N LEU A 479 -37.29 20.57 17.60
CA LEU A 479 -37.19 19.11 17.48
C LEU A 479 -35.75 18.67 17.27
N THR A 480 -35.02 19.39 16.41
CA THR A 480 -33.61 19.09 16.18
C THR A 480 -32.82 19.11 17.48
N LEU A 481 -33.02 20.15 18.30
CA LEU A 481 -32.29 20.27 19.55
C LEU A 481 -32.72 19.26 20.60
N ASN A 482 -33.81 18.52 20.36
CA ASN A 482 -34.32 17.51 21.27
C ASN A 482 -34.36 16.12 20.63
N ASN A 483 -33.59 15.90 19.56
CA ASN A 483 -33.47 14.58 18.93
C ASN A 483 -34.83 14.04 18.51
N GLY A 484 -35.66 14.92 17.95
CA GLY A 484 -36.97 14.55 17.46
C GLY A 484 -38.07 14.59 18.49
N TYR A 485 -37.72 14.77 19.75
CA TYR A 485 -38.70 14.82 20.83
C TYR A 485 -39.23 16.23 20.96
N ASP A 486 -40.54 16.34 21.15
CA ASP A 486 -41.16 17.64 21.34
C ASP A 486 -41.31 17.91 22.83
N PRO A 487 -40.59 18.88 23.40
CA PRO A 487 -40.66 19.11 24.85
C PRO A 487 -42.02 19.56 25.32
N ILE A 488 -42.88 20.07 24.43
CA ILE A 488 -44.18 20.59 24.81
C ILE A 488 -45.24 19.48 24.79
N SER A 489 -45.44 18.84 23.64
CA SER A 489 -46.39 17.74 23.63
C SER A 489 -45.83 16.50 24.31
N LYS A 490 -44.55 16.48 24.67
CA LYS A 490 -43.92 15.35 25.35
C LYS A 490 -44.09 14.06 24.56
N LYS A 491 -44.00 14.18 23.23
CA LYS A 491 -44.08 13.05 22.32
C LYS A 491 -42.93 13.11 21.34
N GLN A 492 -42.61 11.94 20.78
CA GLN A 492 -41.65 11.83 19.69
C GLN A 492 -42.37 12.23 18.39
N ILE A 493 -42.10 13.45 17.92
CA ILE A 493 -42.78 14.00 16.75
C ILE A 493 -41.91 13.91 15.51
N GLY A 494 -40.61 14.14 15.65
CA GLY A 494 -39.66 14.07 14.56
C GLY A 494 -38.87 12.77 14.55
N ILE A 495 -37.71 12.82 13.90
CA ILE A 495 -36.82 11.67 13.75
C ILE A 495 -35.60 11.86 14.65
N GLU A 496 -34.82 10.78 14.83
CA GLU A 496 -33.61 10.82 15.66
C GLU A 496 -32.43 11.29 14.84
N THR A 497 -32.13 12.58 14.89
CA THR A 497 -30.98 13.10 14.16
C THR A 497 -29.72 13.18 15.02
N GLY A 498 -29.80 12.81 16.29
CA GLY A 498 -28.63 12.77 17.15
C GLY A 498 -28.79 13.64 18.38
N ASP A 499 -28.07 13.31 19.43
CA ASP A 499 -27.97 14.16 20.61
C ASP A 499 -27.19 15.41 20.25
N PRO A 500 -27.77 16.61 20.36
CA PRO A 500 -27.05 17.82 19.93
C PRO A 500 -25.75 18.06 20.68
N ARG A 501 -25.60 17.55 21.90
CA ARG A 501 -24.35 17.70 22.62
C ARG A 501 -23.18 17.00 21.91
N ASN A 502 -23.46 16.06 21.02
CA ASN A 502 -22.40 15.40 20.28
C ASN A 502 -22.07 16.08 18.97
N PHE A 503 -22.82 17.10 18.57
CA PHE A 503 -22.49 17.82 17.35
C PHE A 503 -21.18 18.57 17.56
N GLN A 504 -20.20 18.29 16.72
CA GLN A 504 -18.89 18.91 16.88
C GLN A 504 -18.77 20.22 16.13
N SER A 505 -19.73 20.53 15.26
CA SER A 505 -19.61 21.71 14.42
C SER A 505 -21.01 22.28 14.16
N TYR A 506 -21.03 23.57 13.80
CA TYR A 506 -22.28 24.18 13.37
C TYR A 506 -22.83 23.45 12.14
N GLU A 507 -21.96 23.09 11.20
CA GLU A 507 -22.42 22.37 10.00
C GLU A 507 -23.12 21.07 10.36
N GLU A 508 -22.64 20.38 11.39
CA GLU A 508 -23.30 19.17 11.82
C GLU A 508 -24.68 19.46 12.37
N LEU A 509 -24.83 20.53 13.17
CA LEU A 509 -26.16 20.90 13.65
C LEU A 509 -27.09 21.29 12.51
N PHE A 510 -26.61 22.08 11.55
CA PHE A 510 -27.47 22.53 10.47
C PHE A 510 -27.91 21.38 9.58
N GLU A 511 -27.04 20.38 9.38
CA GLU A 511 -27.43 19.18 8.64
C GLU A 511 -28.53 18.42 9.37
N ALA A 512 -28.43 18.30 10.70
CA ALA A 512 -29.50 17.66 11.47
C ALA A 512 -30.83 18.43 11.33
N PHE A 513 -30.76 19.76 11.38
CA PHE A 513 -31.97 20.55 11.15
C PHE A 513 -32.57 20.29 9.79
N LYS A 514 -31.73 20.23 8.75
CA LYS A 514 -32.22 19.98 7.40
C LYS A 514 -32.86 18.60 7.30
N LYS A 515 -32.35 17.61 8.05
CA LYS A 515 -33.00 16.30 8.06
C LYS A 515 -34.34 16.35 8.76
N GLN A 516 -34.46 17.08 9.87
CA GLN A 516 -35.77 17.23 10.48
C GLN A 516 -36.74 17.93 9.54
N LEU A 517 -36.25 18.96 8.84
CA LEU A 517 -37.08 19.67 7.87
C LEU A 517 -37.58 18.74 6.77
N HIS A 518 -36.67 17.95 6.19
CA HIS A 518 -37.03 17.02 5.13
C HIS A 518 -38.13 16.08 5.59
N TYR A 519 -37.99 15.54 6.81
CA TYR A 519 -38.99 14.62 7.33
C TYR A 519 -40.33 15.32 7.49
N MET A 520 -40.33 16.52 8.07
CA MET A 520 -41.60 17.20 8.33
C MET A 520 -42.28 17.62 7.03
N ILE A 521 -41.50 18.05 6.04
CA ILE A 521 -42.06 18.36 4.73
C ILE A 521 -42.61 17.09 4.07
N ASP A 522 -41.87 15.99 4.14
CA ASP A 522 -42.38 14.74 3.61
C ASP A 522 -43.74 14.39 4.23
N ILE A 523 -43.87 14.53 5.55
CA ILE A 523 -45.13 14.23 6.22
C ILE A 523 -46.25 15.12 5.68
N LYS A 524 -45.98 16.43 5.61
CA LYS A 524 -46.98 17.39 5.16
C LYS A 524 -47.41 17.11 3.72
N ILE A 525 -46.44 16.86 2.84
CA ILE A 525 -46.73 16.66 1.42
C ILE A 525 -47.56 15.41 1.21
N GLU A 526 -47.25 14.33 1.92
CA GLU A 526 -48.04 13.10 1.79
C GLU A 526 -49.50 13.34 2.16
N GLY A 527 -49.74 14.02 3.28
CA GLY A 527 -51.10 14.41 3.61
C GLY A 527 -51.71 15.33 2.58
N ASN A 528 -50.94 16.32 2.11
CA ASN A 528 -51.43 17.21 1.06
C ASN A 528 -51.91 16.44 -0.17
N ALA A 529 -51.15 15.41 -0.59
CA ALA A 529 -51.52 14.68 -1.80
C ALA A 529 -52.85 13.98 -1.62
N VAL A 530 -53.04 13.30 -0.48
CA VAL A 530 -54.34 12.73 -0.15
C VAL A 530 -55.42 13.79 -0.21
N ILE A 531 -55.15 14.96 0.40
CA ILE A 531 -56.16 16.02 0.48
C ILE A 531 -56.47 16.57 -0.91
N GLU A 532 -55.45 16.71 -1.75
CA GLU A 532 -55.67 17.18 -3.11
C GLU A 532 -56.63 16.25 -3.85
N ASN A 533 -56.47 14.92 -3.69
CA ASN A 533 -57.40 13.97 -4.29
C ASN A 533 -58.81 14.16 -3.78
N ILE A 534 -58.95 14.28 -2.46
CA ILE A 534 -60.27 14.40 -1.85
C ILE A 534 -60.99 15.64 -2.36
N CYS A 535 -60.28 16.78 -2.43
CA CYS A 535 -60.93 18.00 -2.92
C CYS A 535 -61.32 17.89 -4.38
N ALA A 536 -60.46 17.28 -5.20
CA ALA A 536 -60.76 17.13 -6.62
C ALA A 536 -62.00 16.26 -6.85
N LYS A 537 -62.15 15.19 -6.06
CA LYS A 537 -63.25 14.26 -6.27
C LYS A 537 -64.54 14.75 -5.61
N HIS A 538 -64.44 15.35 -4.42
CA HIS A 538 -65.63 15.68 -3.65
C HIS A 538 -65.92 17.16 -3.54
N MET A 539 -65.00 18.03 -3.97
CA MET A 539 -65.27 19.47 -4.00
C MET A 539 -65.11 20.05 -5.39
N PRO A 540 -65.57 19.40 -6.45
CA PRO A 540 -65.48 20.04 -7.76
C PRO A 540 -66.27 21.33 -7.73
N CYS A 541 -65.82 22.31 -8.49
CA CYS A 541 -66.44 23.64 -8.48
C CYS A 541 -66.76 24.04 -9.90
N PRO A 542 -67.86 23.52 -10.47
CA PRO A 542 -68.20 23.85 -11.87
C PRO A 542 -68.39 25.34 -12.09
N LEU A 543 -68.94 26.10 -11.14
CA LEU A 543 -69.09 27.52 -11.39
C LEU A 543 -67.73 28.18 -11.54
N MET A 544 -66.83 27.99 -10.58
CA MET A 544 -65.50 28.60 -10.72
C MET A 544 -64.84 28.18 -12.04
N SER A 545 -65.02 26.93 -12.45
CA SER A 545 -64.37 26.45 -13.67
C SER A 545 -64.80 27.24 -14.89
N THR A 546 -66.04 27.76 -14.92
CA THR A 546 -66.51 28.44 -16.12
C THR A 546 -65.74 29.72 -16.41
N ILE A 547 -65.09 30.32 -15.41
CA ILE A 547 -64.46 31.62 -15.59
C ILE A 547 -62.95 31.58 -15.42
N VAL A 548 -62.38 30.40 -15.36
CA VAL A 548 -60.97 30.26 -15.21
C VAL A 548 -60.32 29.61 -16.41
N ASP A 549 -59.39 30.32 -17.00
CA ASP A 549 -58.64 29.80 -18.10
C ASP A 549 -57.92 28.49 -17.85
N ASP A 550 -58.38 27.81 -18.87
CA ASP A 550 -58.40 26.60 -19.57
C ASP A 550 -59.43 25.57 -19.19
N CYS A 551 -60.31 25.84 -18.21
CA CYS A 551 -61.13 24.70 -17.79
C CYS A 551 -62.07 24.26 -18.89
N ILE A 552 -62.75 25.20 -19.55
CA ILE A 552 -63.70 24.83 -20.62
C ILE A 552 -62.97 24.16 -21.77
N GLU A 553 -61.89 24.78 -22.25
CA GLU A 553 -61.12 24.22 -23.35
C GLU A 553 -60.58 22.83 -23.03
N LYS A 554 -60.07 22.64 -21.81
CA LYS A 554 -59.55 21.34 -21.40
C LYS A 554 -60.66 20.34 -21.09
N GLY A 555 -61.88 20.80 -20.86
CA GLY A 555 -62.91 19.98 -20.30
C GLY A 555 -62.53 19.39 -18.96
N LYS A 556 -62.01 20.24 -18.07
CA LYS A 556 -61.45 19.81 -16.81
C LYS A 556 -61.76 20.82 -15.72
N ASP A 557 -62.32 20.33 -14.62
CA ASP A 557 -62.74 21.18 -13.53
C ASP A 557 -61.54 21.88 -12.88
N TYR A 558 -61.78 23.11 -12.40
CA TYR A 558 -60.72 23.89 -11.74
C TYR A 558 -60.13 23.13 -10.56
N GLN A 559 -60.94 22.38 -9.82
CA GLN A 559 -60.45 21.68 -8.64
C GLN A 559 -59.61 20.45 -8.99
N ARG A 560 -59.45 20.08 -10.25
CA ARG A 560 -58.59 18.95 -10.54
C ARG A 560 -57.59 19.26 -11.66
N GLY A 561 -57.25 20.54 -11.85
CA GLY A 561 -56.18 20.92 -12.74
C GLY A 561 -56.57 21.61 -14.02
N GLY A 562 -57.83 22.05 -14.16
CA GLY A 562 -58.25 22.73 -15.38
C GLY A 562 -57.59 24.08 -15.62
N ALA A 563 -57.09 24.74 -14.57
CA ALA A 563 -56.43 26.02 -14.75
C ALA A 563 -55.19 25.88 -15.64
N ARG A 564 -54.85 26.97 -16.35
CA ARG A 564 -53.66 26.94 -17.18
C ARG A 564 -52.41 26.66 -16.35
N TYR A 565 -52.33 27.23 -15.17
CA TYR A 565 -51.20 27.05 -14.27
C TYR A 565 -51.67 26.45 -12.96
N ASN A 566 -50.84 25.59 -12.39
CA ASN A 566 -51.19 24.91 -11.14
C ASN A 566 -49.97 24.87 -10.24
N THR A 567 -50.11 25.49 -9.09
CA THR A 567 -49.08 25.50 -8.07
C THR A 567 -49.73 25.27 -6.71
N ARG A 568 -48.93 24.79 -5.76
CA ARG A 568 -49.31 24.59 -4.38
C ARG A 568 -48.19 25.13 -3.49
N TYR A 569 -48.57 25.68 -2.34
CA TYR A 569 -47.63 26.34 -1.46
C TYR A 569 -47.71 25.76 -0.05
N ILE A 570 -46.56 25.76 0.62
CA ILE A 570 -46.47 25.62 2.07
C ILE A 570 -45.88 26.92 2.61
N GLN A 571 -46.56 27.53 3.58
CA GLN A 571 -46.21 28.86 4.05
C GLN A 571 -45.19 28.81 5.19
N GLY A 572 -44.01 29.36 4.96
CA GLY A 572 -42.96 29.32 5.98
C GLY A 572 -43.16 30.41 7.02
N VAL A 573 -43.17 30.01 8.30
CA VAL A 573 -43.37 30.95 9.39
C VAL A 573 -42.13 30.96 10.27
N GLY A 574 -41.71 32.17 10.66
CA GLY A 574 -40.72 32.32 11.70
C GLY A 574 -39.29 32.43 11.26
N ILE A 575 -39.02 32.91 10.05
CA ILE A 575 -37.64 32.96 9.56
C ILE A 575 -36.76 33.82 10.48
N GLY A 576 -37.30 34.91 11.03
CA GLY A 576 -36.50 35.73 11.94
C GLY A 576 -36.14 34.98 13.21
N THR A 577 -37.12 34.36 13.84
CA THR A 577 -36.88 33.61 15.07
C THR A 577 -35.81 32.53 14.84
N ILE A 578 -35.96 31.75 13.77
CA ILE A 578 -35.02 30.63 13.61
C ILE A 578 -33.65 31.13 13.17
N THR A 579 -33.62 32.17 12.33
CA THR A 579 -32.33 32.78 11.97
C THR A 579 -31.58 33.22 13.22
N ASP A 580 -32.23 33.99 14.08
CA ASP A 580 -31.55 34.45 15.29
C ASP A 580 -31.18 33.29 16.21
N SER A 581 -31.99 32.23 16.24
CA SER A 581 -31.67 31.08 17.09
C SER A 581 -30.42 30.36 16.60
N LEU A 582 -30.36 30.03 15.30
CA LEU A 582 -29.18 29.37 14.76
C LEU A 582 -27.97 30.29 14.80
N THR A 583 -28.19 31.59 14.57
CA THR A 583 -27.11 32.55 14.72
C THR A 583 -26.57 32.56 16.14
N ALA A 584 -27.48 32.53 17.12
CA ALA A 584 -27.04 32.51 18.52
C ALA A 584 -26.18 31.28 18.82
N ILE A 585 -26.57 30.13 18.27
CA ILE A 585 -25.82 28.91 18.52
C ILE A 585 -24.45 28.98 17.85
N LYS A 586 -24.40 29.36 16.58
CA LYS A 586 -23.12 29.43 15.88
C LYS A 586 -22.17 30.39 16.58
N TYR A 587 -22.67 31.58 16.95
CA TYR A 587 -21.82 32.61 17.54
C TYR A 587 -21.33 32.21 18.92
N ASN A 588 -22.24 31.75 19.79
CA ASN A 588 -21.91 31.52 21.18
C ASN A 588 -21.34 30.13 21.45
N VAL A 589 -21.86 29.09 20.78
CA VAL A 589 -21.41 27.73 21.07
C VAL A 589 -20.17 27.38 20.25
N PHE A 590 -20.17 27.65 18.95
CA PHE A 590 -19.12 27.14 18.08
C PHE A 590 -18.03 28.16 17.74
N ASP A 591 -18.36 29.44 17.60
CA ASP A 591 -17.35 30.44 17.20
C ASP A 591 -16.66 31.01 18.44
N LYS A 592 -17.39 31.78 19.26
CA LYS A 592 -16.79 32.39 20.44
C LYS A 592 -16.69 31.44 21.62
N LYS A 593 -17.44 30.33 21.61
CA LYS A 593 -17.34 29.31 22.63
C LYS A 593 -17.53 29.91 24.03
N LYS A 594 -18.59 30.68 24.19
CA LYS A 594 -18.87 31.25 25.51
C LYS A 594 -19.61 30.27 26.40
N PHE A 595 -20.31 29.30 25.81
CA PHE A 595 -20.94 28.23 26.56
C PHE A 595 -21.14 27.06 25.61
N ASP A 596 -21.42 25.89 26.17
CA ASP A 596 -21.55 24.69 25.35
C ASP A 596 -23.02 24.35 25.11
N MET A 597 -23.23 23.35 24.25
CA MET A 597 -24.59 22.95 23.89
C MET A 597 -25.37 22.47 25.11
N ASP A 598 -24.71 21.69 25.98
CA ASP A 598 -25.39 21.18 27.15
C ASP A 598 -25.92 22.31 28.03
N THR A 599 -25.12 23.36 28.21
CA THR A 599 -25.58 24.49 28.98
C THR A 599 -26.76 25.19 28.30
N LEU A 600 -26.68 25.40 26.99
CA LEU A 600 -27.79 26.03 26.29
C LEU A 600 -29.06 25.24 26.46
N LEU A 601 -28.97 23.92 26.30
CA LEU A 601 -30.17 23.10 26.40
C LEU A 601 -30.77 23.16 27.81
N LYS A 602 -29.91 23.18 28.84
CA LYS A 602 -30.42 23.36 30.20
C LYS A 602 -31.11 24.72 30.34
N ALA A 603 -30.51 25.76 29.78
CA ALA A 603 -31.11 27.10 29.86
C ALA A 603 -32.48 27.12 29.19
N LEU A 604 -32.60 26.53 28.00
CA LEU A 604 -33.89 26.51 27.32
C LEU A 604 -34.92 25.75 28.16
N ASP A 605 -34.55 24.59 28.69
CA ASP A 605 -35.49 23.80 29.48
C ASP A 605 -35.96 24.56 30.72
N ALA A 606 -35.12 25.41 31.28
CA ALA A 606 -35.48 26.21 32.44
C ALA A 606 -36.12 27.54 32.07
N ASN A 607 -36.45 27.74 30.79
CA ASN A 607 -36.96 29.03 30.33
C ASN A 607 -36.04 30.16 30.77
N PHE A 608 -34.74 29.88 30.79
CA PHE A 608 -33.65 30.78 31.18
C PHE A 608 -33.65 31.11 32.67
N GLU A 609 -34.55 30.53 33.44
CA GLU A 609 -34.55 30.69 34.88
C GLU A 609 -33.27 30.11 35.46
N GLY A 610 -32.50 30.95 36.16
CA GLY A 610 -31.21 30.53 36.63
C GLY A 610 -30.13 30.61 35.58
N TYR A 611 -30.45 31.06 34.36
CA TYR A 611 -29.44 31.23 33.35
C TYR A 611 -29.52 32.63 32.75
N GLU A 612 -29.67 33.64 33.61
CA GLU A 612 -29.83 35.01 33.13
C GLU A 612 -28.64 35.47 32.32
N ALA A 613 -27.42 35.05 32.69
CA ALA A 613 -26.25 35.46 31.92
C ALA A 613 -26.31 34.94 30.49
N ILE A 614 -26.73 33.69 30.30
CA ILE A 614 -26.91 33.16 28.94
C ILE A 614 -27.95 33.97 28.20
N LEU A 615 -29.09 34.24 28.86
CA LEU A 615 -30.13 35.04 28.24
C LEU A 615 -29.60 36.40 27.79
N ASN A 616 -28.78 37.05 28.61
CA ASN A 616 -28.23 38.34 28.23
C ASN A 616 -27.35 38.21 26.98
N LEU A 617 -26.54 37.14 26.93
CA LEU A 617 -25.64 36.96 25.79
C LEU A 617 -26.42 36.80 24.49
N VAL A 618 -27.40 35.88 24.48
CA VAL A 618 -28.07 35.58 23.21
C VAL A 618 -29.00 36.70 22.82
N SER A 619 -29.52 37.44 23.80
CA SER A 619 -30.45 38.52 23.48
C SER A 619 -29.72 39.80 23.10
N ASN A 620 -28.62 40.11 23.78
CA ASN A 620 -28.03 41.44 23.72
C ASN A 620 -26.59 41.48 23.24
N LYS A 621 -25.88 40.36 23.17
CA LYS A 621 -24.50 40.39 22.73
C LYS A 621 -24.25 39.47 21.53
N THR A 622 -25.27 39.27 20.70
CA THR A 622 -25.21 38.33 19.59
C THR A 622 -25.77 38.97 18.33
N PRO A 623 -25.16 38.70 17.17
CA PRO A 623 -25.67 39.28 15.93
C PRO A 623 -27.13 38.89 15.69
N LYS A 624 -27.86 39.78 14.99
CA LYS A 624 -29.29 39.62 14.77
C LYS A 624 -29.68 39.93 13.33
N TYR A 625 -30.62 39.16 12.81
CA TYR A 625 -31.21 39.43 11.51
C TYR A 625 -31.94 40.77 11.50
N GLY A 626 -31.84 41.49 10.40
CA GLY A 626 -32.48 42.79 10.26
C GLY A 626 -31.59 43.98 10.56
N ASN A 627 -30.28 43.79 10.62
CA ASN A 627 -29.36 44.89 10.88
C ASN A 627 -28.37 45.05 9.75
N ASP A 628 -28.65 44.46 8.59
CA ASP A 628 -27.69 44.42 7.49
C ASP A 628 -26.37 43.83 7.96
N ASP A 629 -26.46 42.85 8.88
CA ASP A 629 -25.30 42.18 9.45
C ASP A 629 -25.18 40.79 8.81
N ASP A 630 -24.16 40.61 7.96
CA ASP A 630 -24.02 39.38 7.18
C ASP A 630 -23.78 38.14 8.05
N TYR A 631 -23.26 38.29 9.26
CA TYR A 631 -23.13 37.12 10.13
C TYR A 631 -24.49 36.48 10.38
N ALA A 632 -25.50 37.30 10.66
CA ALA A 632 -26.85 36.76 10.83
C ALA A 632 -27.54 36.55 9.49
N ASP A 633 -27.35 37.48 8.54
CA ASP A 633 -28.12 37.42 7.31
C ASP A 633 -27.71 36.26 6.41
N GLU A 634 -26.44 35.85 6.46
CA GLU A 634 -26.04 34.67 5.69
C GLU A 634 -26.70 33.41 6.22
N ILE A 635 -26.95 33.37 7.54
CA ILE A 635 -27.67 32.25 8.11
C ILE A 635 -29.12 32.29 7.67
N MET A 636 -29.72 33.49 7.64
CA MET A 636 -31.05 33.61 7.08
C MET A 636 -31.09 33.03 5.67
N GLN A 637 -30.12 33.38 4.83
CA GLN A 637 -30.10 32.88 3.47
C GLN A 637 -30.00 31.36 3.43
N GLU A 638 -29.16 30.78 4.30
CA GLU A 638 -29.01 29.33 4.32
C GLU A 638 -30.30 28.65 4.71
N ILE A 639 -30.97 29.19 5.74
CA ILE A 639 -32.25 28.63 6.16
C ILE A 639 -33.27 28.77 5.03
N PHE A 640 -33.36 29.97 4.43
CA PHE A 640 -34.30 30.19 3.35
C PHE A 640 -34.05 29.24 2.20
N ASN A 641 -32.79 29.08 1.80
CA ASN A 641 -32.45 28.18 0.70
C ASN A 641 -32.80 26.74 1.02
N ALA A 642 -32.57 26.31 2.25
CA ALA A 642 -32.92 24.94 2.63
C ALA A 642 -34.41 24.71 2.50
N TYR A 643 -35.21 25.70 2.95
CA TYR A 643 -36.66 25.60 2.85
C TYR A 643 -37.11 25.60 1.40
N TYR A 644 -36.61 26.56 0.62
CA TYR A 644 -36.89 26.60 -0.81
C TYR A 644 -36.53 25.27 -1.47
N ASN A 645 -35.33 24.75 -1.17
CA ASN A 645 -34.85 23.53 -1.82
C ASN A 645 -35.66 22.31 -1.42
N GLU A 646 -36.10 22.25 -0.17
CA GLU A 646 -36.82 21.08 0.31
C GLU A 646 -38.22 20.98 -0.29
N VAL A 647 -38.85 22.12 -0.58
CA VAL A 647 -40.24 22.15 -1.00
C VAL A 647 -40.40 22.27 -2.52
N THR A 648 -39.63 23.16 -3.15
CA THR A 648 -39.93 23.60 -4.52
C THR A 648 -39.68 22.51 -5.56
N GLY A 649 -40.64 22.34 -6.48
CA GLY A 649 -40.48 21.39 -7.56
C GLY A 649 -41.05 20.02 -7.27
N ARG A 650 -41.46 19.75 -6.04
CA ARG A 650 -42.18 18.52 -5.79
C ARG A 650 -43.48 18.55 -6.60
N PRO A 651 -43.88 17.43 -7.21
CA PRO A 651 -45.09 17.42 -8.03
C PRO A 651 -46.36 17.49 -7.19
N THR A 652 -47.39 18.12 -7.75
CA THR A 652 -48.74 18.03 -7.23
C THR A 652 -49.51 16.95 -7.97
N VAL A 653 -50.63 16.51 -7.37
CA VAL A 653 -51.38 15.40 -7.95
C VAL A 653 -51.93 15.78 -9.32
N CYS A 654 -52.37 17.03 -9.46
CA CYS A 654 -53.09 17.45 -10.66
C CYS A 654 -52.20 18.16 -11.66
N GLY A 655 -50.90 17.89 -11.66
CA GLY A 655 -50.02 18.28 -12.74
C GLY A 655 -49.23 19.57 -12.58
N GLY A 656 -49.19 20.16 -11.39
CA GLY A 656 -48.37 21.31 -11.11
C GLY A 656 -47.17 20.95 -10.25
N GLU A 657 -46.66 21.95 -9.52
CA GLU A 657 -45.54 21.73 -8.62
C GLU A 657 -45.70 22.58 -7.37
N TYR A 658 -44.96 22.19 -6.33
CA TYR A 658 -44.92 22.93 -5.08
C TYR A 658 -43.93 24.09 -5.18
N ARG A 659 -44.28 25.17 -4.51
CA ARG A 659 -43.42 26.34 -4.38
C ARG A 659 -43.56 26.89 -2.96
N VAL A 660 -42.86 27.97 -2.69
CA VAL A 660 -42.65 28.43 -1.33
C VAL A 660 -43.10 29.89 -1.21
N ASP A 661 -43.73 30.24 -0.08
CA ASP A 661 -44.00 31.62 0.29
C ASP A 661 -43.83 31.78 1.81
N MET A 662 -43.86 33.03 2.28
CA MET A 662 -43.50 33.36 3.66
C MET A 662 -44.50 34.37 4.21
N LEU A 663 -45.51 33.88 4.94
CA LEU A 663 -46.48 34.73 5.61
C LEU A 663 -47.09 33.97 6.78
N PRO A 664 -47.60 34.68 7.80
CA PRO A 664 -48.09 33.99 9.00
C PRO A 664 -49.59 34.14 9.28
N THR A 665 -50.24 35.16 8.72
CA THR A 665 -51.55 35.63 9.21
C THR A 665 -51.50 35.72 10.74
N THR A 666 -52.29 34.93 11.48
CA THR A 666 -52.15 34.92 12.94
C THR A 666 -51.47 33.63 13.43
N CYS A 667 -50.92 32.83 12.52
CA CYS A 667 -50.35 31.55 12.93
C CYS A 667 -49.03 31.71 13.67
N HIS A 668 -48.35 32.86 13.57
CA HIS A 668 -47.13 33.07 14.34
C HIS A 668 -47.41 33.15 15.84
N ILE A 669 -48.63 33.52 16.23
CA ILE A 669 -49.03 33.47 17.63
C ILE A 669 -49.14 32.00 18.09
N TYR A 670 -49.95 31.22 17.38
CA TYR A 670 -50.15 29.80 17.70
C TYR A 670 -48.83 29.04 17.70
N PHE A 671 -48.01 29.22 16.66
CA PHE A 671 -46.76 28.48 16.53
C PHE A 671 -45.80 28.79 17.69
N GLY A 672 -45.82 30.02 18.20
CA GLY A 672 -45.02 30.34 19.38
C GLY A 672 -45.62 29.83 20.67
N GLU A 673 -46.96 29.81 20.76
CA GLU A 673 -47.62 29.36 21.98
C GLU A 673 -47.32 27.89 22.31
N ILE A 674 -47.13 27.04 21.31
CA ILE A 674 -46.88 25.64 21.61
C ILE A 674 -45.41 25.28 21.42
N MET A 675 -44.53 26.26 21.59
CA MET A 675 -43.09 26.07 21.51
C MET A 675 -42.43 26.53 22.79
N GLY A 676 -41.36 25.85 23.19
CA GLY A 676 -40.59 26.26 24.35
C GLY A 676 -39.72 27.45 24.01
N ALA A 677 -38.86 27.79 24.97
CA ALA A 677 -37.89 28.84 24.75
C ALA A 677 -36.97 28.45 23.60
N SER A 678 -36.49 29.45 22.89
CA SER A 678 -35.59 29.21 21.76
C SER A 678 -34.25 29.87 22.00
N PRO A 679 -33.20 29.40 21.29
CA PRO A 679 -31.83 29.87 21.57
C PRO A 679 -31.60 31.37 21.39
N ASN A 680 -32.47 32.07 20.65
CA ASN A 680 -32.24 33.50 20.45
C ASN A 680 -32.61 34.32 21.67
N GLY A 681 -33.20 33.71 22.70
CA GLY A 681 -33.64 34.43 23.88
C GLY A 681 -35.14 34.61 23.98
N ARG A 682 -35.90 34.23 22.94
CA ARG A 682 -37.36 34.24 23.04
C ARG A 682 -37.80 33.26 24.10
N LEU A 683 -38.73 33.67 24.96
CA LEU A 683 -39.13 32.80 26.04
C LEU A 683 -40.26 31.86 25.64
N CYS A 684 -40.49 30.87 26.51
CA CYS A 684 -41.47 29.82 26.29
C CYS A 684 -42.86 30.39 26.02
N ALA A 685 -43.52 29.84 25.00
CA ALA A 685 -44.89 30.16 24.63
C ALA A 685 -45.06 31.59 24.08
N LYS A 686 -43.98 32.35 23.89
CA LYS A 686 -44.09 33.64 23.21
C LYS A 686 -44.25 33.44 21.70
N PRO A 687 -44.90 34.39 21.01
CA PRO A 687 -44.99 34.30 19.54
C PRO A 687 -43.62 34.18 18.86
N VAL A 688 -43.61 33.55 17.69
CA VAL A 688 -42.43 33.64 16.82
C VAL A 688 -42.56 34.88 15.95
N SER A 689 -41.51 35.21 15.20
CA SER A 689 -41.52 36.41 14.37
C SER A 689 -42.59 36.29 13.28
N GLU A 690 -43.11 37.44 12.85
CA GLU A 690 -44.15 37.52 11.82
C GLU A 690 -43.56 37.83 10.44
N GLY A 691 -44.10 37.16 9.43
CA GLY A 691 -43.60 37.34 8.06
C GLY A 691 -42.11 37.10 7.98
N ILE A 692 -41.42 37.92 7.19
CA ILE A 692 -39.96 37.95 7.17
C ILE A 692 -39.42 39.10 8.01
N SER A 693 -40.23 39.63 8.92
CA SER A 693 -39.84 40.74 9.75
C SER A 693 -38.79 40.29 10.77
N PRO A 694 -38.05 41.23 11.35
CA PRO A 694 -37.11 40.88 12.43
C PRO A 694 -37.82 40.39 13.68
N GLU A 695 -37.06 39.65 14.49
CA GLU A 695 -37.52 39.23 15.81
C GLU A 695 -37.71 40.46 16.71
N LYS A 696 -38.44 40.25 17.81
CA LYS A 696 -38.70 41.31 18.77
C LYS A 696 -37.39 41.84 19.33
N GLY A 697 -37.18 43.15 19.20
CA GLY A 697 -35.96 43.77 19.64
C GLY A 697 -34.73 43.45 18.82
N GLY A 698 -34.89 42.76 17.68
CA GLY A 698 -33.74 42.33 16.92
C GLY A 698 -33.08 43.41 16.08
N ASP A 699 -33.86 44.28 15.48
CA ASP A 699 -33.36 45.30 14.58
C ASP A 699 -33.12 46.59 15.36
N THR A 700 -31.86 46.99 15.47
CA THR A 700 -31.52 48.18 16.24
C THR A 700 -30.81 49.22 15.38
N ASN A 701 -30.89 49.09 14.07
CA ASN A 701 -30.13 49.96 13.18
C ASN A 701 -31.00 50.71 12.19
N GLY A 702 -32.31 50.77 12.41
CA GLY A 702 -33.20 51.56 11.58
C GLY A 702 -33.80 50.79 10.43
N PRO A 703 -34.77 51.41 9.74
CA PRO A 703 -35.53 50.66 8.70
C PRO A 703 -34.75 50.41 7.43
N THR A 704 -33.79 51.27 7.09
CA THR A 704 -32.98 50.97 5.90
C THR A 704 -32.17 49.70 6.11
N ALA A 705 -31.64 49.49 7.32
CA ALA A 705 -30.90 48.26 7.57
C ALA A 705 -31.80 47.04 7.44
N VAL A 706 -33.06 47.13 7.87
CA VAL A 706 -33.89 45.92 7.76
C VAL A 706 -34.28 45.64 6.32
N ILE A 707 -34.59 46.66 5.51
CA ILE A 707 -34.94 46.34 4.12
C ILE A 707 -33.72 45.80 3.38
N LYS A 708 -32.52 46.21 3.78
CA LYS A 708 -31.32 45.61 3.21
C LYS A 708 -31.17 44.14 3.63
N SER A 709 -31.47 43.82 4.89
CA SER A 709 -31.47 42.41 5.31
C SER A 709 -32.52 41.61 4.54
N CYS A 710 -33.75 42.13 4.46
CA CYS A 710 -34.83 41.39 3.78
C CYS A 710 -34.55 41.20 2.30
N ALA A 711 -33.83 42.14 1.67
CA ALA A 711 -33.54 42.00 0.25
C ALA A 711 -32.54 40.89 -0.06
N LYS A 712 -31.82 40.38 0.95
CA LYS A 712 -30.87 39.30 0.76
C LYS A 712 -31.57 37.95 0.60
N MET A 713 -32.85 37.88 0.93
CA MET A 713 -33.71 36.76 0.57
C MET A 713 -34.10 36.89 -0.90
N ASP A 714 -34.08 35.77 -1.64
CA ASP A 714 -34.37 35.84 -3.06
C ASP A 714 -35.88 35.78 -3.27
N HIS A 715 -36.51 36.96 -3.26
CA HIS A 715 -37.96 37.04 -3.40
C HIS A 715 -38.44 36.45 -4.73
N ILE A 716 -37.62 36.53 -5.78
CA ILE A 716 -38.08 36.11 -7.09
C ILE A 716 -38.38 34.61 -7.11
N LYS A 717 -37.72 33.83 -6.27
CA LYS A 717 -37.90 32.38 -6.18
C LYS A 717 -39.06 31.97 -5.30
N THR A 718 -39.86 32.91 -4.80
CA THR A 718 -41.01 32.62 -3.95
C THR A 718 -42.31 33.00 -4.66
N GLY A 719 -43.42 32.64 -4.04
CA GLY A 719 -44.71 33.16 -4.41
C GLY A 719 -45.15 34.28 -3.48
N GLY A 720 -44.18 35.00 -2.90
CA GLY A 720 -44.48 36.14 -2.07
C GLY A 720 -43.94 36.07 -0.64
N THR A 721 -43.54 37.22 -0.09
CA THR A 721 -43.05 37.33 1.28
C THR A 721 -43.72 38.54 1.92
N LEU A 722 -43.85 38.50 3.26
CA LEU A 722 -44.60 39.52 3.99
C LEU A 722 -43.66 40.28 4.92
N LEU A 723 -43.59 41.60 4.76
CA LEU A 723 -42.77 42.44 5.64
C LEU A 723 -43.62 43.52 6.29
N ASN A 724 -43.72 43.46 7.63
CA ASN A 724 -44.30 44.53 8.45
C ASN A 724 -43.21 45.51 8.89
N GLN A 725 -43.49 46.80 8.79
CA GLN A 725 -42.68 47.83 9.41
C GLN A 725 -43.60 48.83 10.10
N ARG A 726 -43.05 49.50 11.11
CA ARG A 726 -43.82 50.40 11.97
C ARG A 726 -43.02 51.68 12.18
N PHE A 727 -43.69 52.83 12.10
CA PHE A 727 -43.06 54.12 12.25
C PHE A 727 -43.67 54.91 13.40
N ALA A 728 -42.82 55.62 14.12
CA ALA A 728 -43.31 56.60 15.06
C ALA A 728 -44.14 57.64 14.32
N PRO A 729 -45.31 58.01 14.83
CA PRO A 729 -46.12 59.02 14.11
C PRO A 729 -45.38 60.33 13.91
N SER A 730 -44.49 60.73 14.81
CA SER A 730 -43.85 62.02 14.65
C SER A 730 -42.86 62.05 13.49
N VAL A 731 -42.33 60.88 13.08
CA VAL A 731 -41.28 60.87 12.06
C VAL A 731 -41.81 60.75 10.65
N VAL A 732 -43.11 60.61 10.46
CA VAL A 732 -43.71 60.62 9.13
C VAL A 732 -44.55 61.88 8.92
N GLN A 733 -44.30 62.95 9.66
CA GLN A 733 -45.14 64.14 9.52
C GLN A 733 -44.67 64.98 8.35
N GLY A 734 -45.61 65.74 7.79
CA GLY A 734 -45.33 66.68 6.72
C GLY A 734 -45.00 66.02 5.39
N GLU A 735 -44.59 66.86 4.45
CA GLU A 735 -44.19 66.37 3.13
C GLU A 735 -42.92 65.53 3.20
N LYS A 736 -41.98 65.90 4.08
CA LYS A 736 -40.78 65.08 4.24
C LYS A 736 -41.12 63.68 4.72
N GLY A 737 -42.11 63.58 5.60
CA GLY A 737 -42.54 62.27 6.06
C GLY A 737 -43.08 61.42 4.93
N LEU A 738 -43.95 62.00 4.09
CA LEU A 738 -44.45 61.26 2.94
C LEU A 738 -43.30 60.80 2.06
N ASP A 739 -42.36 61.71 1.79
CA ASP A 739 -41.24 61.36 0.92
C ASP A 739 -40.40 60.25 1.54
N ASN A 740 -40.22 60.29 2.86
CA ASN A 740 -39.43 59.25 3.49
C ASN A 740 -40.10 57.88 3.36
N MET A 741 -41.42 57.81 3.54
CA MET A 741 -42.13 56.56 3.32
C MET A 741 -42.00 56.10 1.86
N ALA A 742 -42.32 56.99 0.94
CA ALA A 742 -42.24 56.69 -0.48
C ALA A 742 -40.85 56.22 -0.88
N ASN A 743 -39.82 56.87 -0.35
CA ASN A 743 -38.46 56.51 -0.69
C ASN A 743 -38.10 55.13 -0.14
N LEU A 744 -38.59 54.80 1.06
CA LEU A 744 -38.29 53.48 1.62
C LEU A 744 -38.92 52.39 0.75
N VAL A 745 -40.15 52.59 0.31
CA VAL A 745 -40.80 51.63 -0.58
C VAL A 745 -39.99 51.44 -1.85
N ARG A 746 -39.61 52.56 -2.50
CA ARG A 746 -38.82 52.51 -3.72
C ARG A 746 -37.46 51.85 -3.51
N ALA A 747 -36.81 52.16 -2.39
CA ALA A 747 -35.51 51.56 -2.12
C ALA A 747 -35.63 50.06 -2.00
N TYR A 748 -36.59 49.60 -1.20
CA TYR A 748 -36.78 48.17 -1.02
C TYR A 748 -37.08 47.52 -2.36
N PHE A 749 -37.99 48.11 -3.14
CA PHE A 749 -38.40 47.50 -4.39
C PHE A 749 -37.29 47.58 -5.43
N ASN A 750 -36.44 48.60 -5.35
CA ASN A 750 -35.30 48.64 -6.26
C ASN A 750 -34.34 47.50 -6.01
N MET A 751 -34.34 46.93 -4.79
CA MET A 751 -33.56 45.72 -4.49
C MET A 751 -34.36 44.45 -4.69
N ASP A 752 -35.54 44.54 -5.31
CA ASP A 752 -36.42 43.41 -5.64
C ASP A 752 -37.13 42.81 -4.43
N GLY A 753 -37.31 43.58 -3.37
CA GLY A 753 -38.20 43.17 -2.31
C GLY A 753 -39.63 43.05 -2.83
N HIS A 754 -40.40 42.15 -2.23
CA HIS A 754 -41.72 41.79 -2.73
C HIS A 754 -42.83 42.70 -2.19
N HIS A 755 -42.80 43.02 -0.90
CA HIS A 755 -43.95 43.59 -0.22
C HIS A 755 -43.50 44.35 1.01
N ILE A 756 -44.19 45.43 1.33
CA ILE A 756 -44.04 46.10 2.61
C ILE A 756 -45.36 46.79 2.97
N GLN A 757 -45.65 46.83 4.27
CA GLN A 757 -46.85 47.49 4.77
C GLN A 757 -46.53 48.09 6.14
N PHE A 758 -47.25 49.14 6.52
CA PHE A 758 -46.86 49.98 7.65
C PHE A 758 -47.94 50.07 8.73
N ASN A 759 -47.51 50.00 9.98
CA ASN A 759 -48.24 50.52 11.12
C ASN A 759 -47.71 51.92 11.46
N VAL A 760 -48.63 52.83 11.79
CA VAL A 760 -48.26 54.15 12.31
C VAL A 760 -49.22 54.47 13.45
N PHE A 761 -48.86 54.10 14.67
CA PHE A 761 -49.77 54.30 15.78
C PHE A 761 -49.03 54.86 16.97
N ASP A 762 -49.78 55.52 17.84
CA ASP A 762 -49.27 55.95 19.13
C ASP A 762 -49.39 54.81 20.11
N LYS A 763 -48.24 54.34 20.62
CA LYS A 763 -48.24 53.23 21.56
C LYS A 763 -49.23 53.45 22.71
N ASN A 764 -49.30 54.68 23.23
CA ASN A 764 -50.14 54.92 24.39
C ASN A 764 -51.61 54.72 24.09
N VAL A 765 -52.02 55.03 22.85
CA VAL A 765 -53.41 54.76 22.46
C VAL A 765 -53.70 53.26 22.52
N LEU A 766 -52.78 52.44 22.04
CA LEU A 766 -53.03 50.99 22.07
C LEU A 766 -53.09 50.51 23.51
N LEU A 767 -52.19 51.02 24.36
CA LEU A 767 -52.20 50.62 25.77
C LEU A 767 -53.49 51.04 26.45
N GLU A 768 -53.97 52.25 26.16
CA GLU A 768 -55.27 52.68 26.67
C GLU A 768 -56.39 51.79 26.16
N ALA A 769 -56.32 51.40 24.89
CA ALA A 769 -57.36 50.55 24.34
C ALA A 769 -57.43 49.20 25.05
N GLN A 770 -56.28 48.70 25.52
CA GLN A 770 -56.29 47.46 26.29
C GLN A 770 -56.99 47.63 27.63
N LYS A 771 -56.82 48.79 28.27
CA LYS A 771 -57.46 49.03 29.57
C LYS A 771 -58.94 49.30 29.43
N ASN A 772 -59.35 50.00 28.37
CA ASN A 772 -60.74 50.43 28.20
C ASN A 772 -61.15 50.19 26.75
N PRO A 773 -61.37 48.94 26.38
CA PRO A 773 -61.68 48.63 24.98
C PRO A 773 -62.91 49.36 24.45
N GLN A 774 -63.89 49.63 25.31
CA GLN A 774 -65.13 50.23 24.83
C GLN A 774 -64.93 51.67 24.33
N ASP A 775 -63.84 52.33 24.72
CA ASP A 775 -63.57 53.67 24.21
C ASP A 775 -62.80 53.67 22.89
N TYR A 776 -62.44 52.50 22.38
CA TYR A 776 -61.58 52.36 21.22
C TYR A 776 -62.15 51.33 20.25
N LYS A 777 -63.47 51.31 20.12
CA LYS A 777 -64.13 50.37 19.23
C LYS A 777 -63.77 50.60 17.77
N ASP A 778 -63.29 51.81 17.43
CA ASP A 778 -62.93 52.18 16.07
C ASP A 778 -61.46 51.96 15.74
N LEU A 779 -60.64 51.58 16.71
CA LEU A 779 -59.20 51.52 16.51
C LEU A 779 -58.85 50.33 15.63
N ILE A 780 -58.18 50.59 14.51
CA ILE A 780 -57.78 49.57 13.54
C ILE A 780 -56.26 49.60 13.40
N VAL A 781 -55.64 48.41 13.37
CA VAL A 781 -54.20 48.30 13.19
C VAL A 781 -53.90 47.26 12.11
N ARG A 782 -52.64 47.27 11.65
CA ARG A 782 -52.16 46.28 10.69
C ARG A 782 -51.66 45.05 11.45
N VAL A 783 -52.16 43.88 11.05
CA VAL A 783 -51.77 42.62 11.68
C VAL A 783 -50.69 41.98 10.81
N ALA A 784 -51.07 41.22 9.79
CA ALA A 784 -50.08 40.66 8.87
C ALA A 784 -50.76 40.36 7.55
N GLY A 785 -50.62 41.26 6.59
CA GLY A 785 -51.30 41.12 5.32
C GLY A 785 -52.75 41.56 5.31
N TYR A 786 -53.22 42.15 6.41
CA TYR A 786 -54.59 42.66 6.53
C TYR A 786 -54.67 43.56 7.75
N SER A 787 -55.72 44.37 7.78
CA SER A 787 -56.03 45.24 8.91
C SER A 787 -57.24 44.71 9.65
N ASP A 788 -57.30 44.99 10.95
CA ASP A 788 -58.40 44.52 11.77
C ASP A 788 -58.57 45.47 12.95
N HIS A 789 -59.75 45.40 13.56
CA HIS A 789 -59.95 46.13 14.81
C HIS A 789 -59.06 45.57 15.91
N PHE A 790 -58.36 46.47 16.61
CA PHE A 790 -57.52 46.09 17.73
C PHE A 790 -58.27 45.25 18.75
N ASN A 791 -59.54 45.58 19.00
CA ASN A 791 -60.37 44.85 19.96
C ASN A 791 -60.72 43.43 19.50
N ASN A 792 -60.51 43.09 18.22
CA ASN A 792 -60.72 41.72 17.76
C ASN A 792 -59.52 40.82 18.01
N LEU A 793 -58.45 41.34 18.56
CA LEU A 793 -57.21 40.59 18.72
C LEU A 793 -57.06 40.09 20.15
N SER A 794 -56.49 38.90 20.30
CA SER A 794 -56.16 38.41 21.62
C SER A 794 -55.12 39.33 22.26
N ARG A 795 -55.04 39.27 23.59
CA ARG A 795 -54.03 40.04 24.30
C ARG A 795 -52.63 39.71 23.80
N THR A 796 -52.37 38.43 23.52
CA THR A 796 -51.05 38.04 23.02
C THR A 796 -50.76 38.69 21.67
N LEU A 797 -51.73 38.68 20.75
CA LEU A 797 -51.50 39.31 19.45
C LEU A 797 -51.38 40.81 19.57
N GLN A 798 -52.23 41.44 20.39
CA GLN A 798 -52.08 42.86 20.67
C GLN A 798 -50.68 43.18 21.14
N ASP A 799 -50.16 42.41 22.11
CA ASP A 799 -48.83 42.66 22.62
C ASP A 799 -47.74 42.39 21.58
N GLU A 800 -47.98 41.45 20.66
CA GLU A 800 -47.01 41.23 19.59
C GLU A 800 -46.89 42.50 18.74
N ILE A 801 -48.03 43.08 18.36
CA ILE A 801 -48.03 44.28 17.52
C ILE A 801 -47.37 45.45 18.24
N ILE A 802 -47.68 45.63 19.53
CA ILE A 802 -47.10 46.71 20.31
C ILE A 802 -45.59 46.56 20.44
N GLY A 803 -45.09 45.32 20.47
CA GLY A 803 -43.68 45.06 20.60
C GLY A 803 -42.88 45.22 19.32
N ARG A 804 -43.55 45.42 18.18
CA ARG A 804 -42.81 45.60 16.94
C ARG A 804 -41.98 46.89 17.01
N THR A 805 -40.85 46.89 16.33
CA THR A 805 -39.89 47.99 16.47
C THR A 805 -40.47 49.30 15.96
N GLU A 806 -40.42 50.35 16.78
CA GLU A 806 -40.89 51.66 16.33
C GLU A 806 -39.75 52.34 15.58
N GLN A 807 -39.84 52.40 14.26
CA GLN A 807 -38.74 52.92 13.45
C GLN A 807 -38.76 54.44 13.38
N THR A 808 -37.58 55.02 13.22
CA THR A 808 -37.44 56.42 12.87
C THR A 808 -36.62 56.55 11.58
N PHE A 809 -36.85 57.63 10.86
CA PHE A 809 -35.97 57.97 9.75
C PHE A 809 -34.82 58.86 10.26
N MET B 21 -82.10 -46.53 -12.79
CA MET B 21 -81.72 -45.28 -13.48
C MET B 21 -82.12 -44.02 -12.75
N ALA B 22 -81.67 -43.86 -11.53
CA ALA B 22 -81.74 -42.60 -10.87
C ALA B 22 -80.27 -42.23 -11.06
N ARG B 23 -80.00 -41.16 -11.79
CA ARG B 23 -78.65 -40.67 -12.07
C ARG B 23 -77.91 -40.26 -10.81
N GLY B 24 -76.64 -40.51 -10.78
CA GLY B 24 -75.80 -40.30 -9.62
C GLY B 24 -75.16 -41.61 -9.23
N THR B 25 -73.85 -41.57 -9.01
CA THR B 25 -73.11 -42.79 -8.69
C THR B 25 -73.32 -43.25 -7.27
N PHE B 26 -73.68 -42.34 -6.36
CA PHE B 26 -73.85 -42.69 -4.97
C PHE B 26 -75.23 -42.24 -4.52
N GLU B 27 -75.71 -42.87 -3.44
CA GLU B 27 -77.03 -42.54 -2.93
C GLU B 27 -77.10 -41.07 -2.53
N ARG B 28 -76.01 -40.55 -1.98
CA ARG B 28 -75.93 -39.12 -1.67
C ARG B 28 -76.16 -38.27 -2.92
N THR B 29 -75.44 -38.55 -4.00
CA THR B 29 -75.54 -37.67 -5.16
C THR B 29 -76.79 -37.94 -5.97
N LYS B 30 -77.34 -39.16 -5.90
CA LYS B 30 -78.67 -39.38 -6.47
C LYS B 30 -79.70 -38.51 -5.76
N LYS B 31 -79.61 -38.44 -4.43
CA LYS B 31 -80.54 -37.61 -3.67
C LYS B 31 -80.30 -36.12 -3.95
N LEU B 32 -79.04 -35.69 -3.94
CA LEU B 32 -78.75 -34.29 -4.22
C LEU B 32 -79.20 -33.89 -5.62
N ARG B 33 -79.02 -34.79 -6.59
CA ARG B 33 -79.42 -34.48 -7.97
C ARG B 33 -80.92 -34.35 -8.08
N GLU B 34 -81.68 -35.21 -7.40
CA GLU B 34 -83.13 -35.13 -7.51
C GLU B 34 -83.64 -33.83 -6.93
N GLU B 35 -83.07 -33.39 -5.81
CA GLU B 35 -83.43 -32.08 -5.27
C GLU B 35 -83.18 -30.97 -6.27
N SER B 36 -82.04 -31.01 -6.96
CA SER B 36 -81.66 -29.94 -7.89
C SER B 36 -82.64 -29.84 -9.06
N ILE B 37 -82.96 -30.97 -9.70
CA ILE B 37 -83.81 -30.90 -10.90
C ILE B 37 -85.28 -30.65 -10.57
N ASN B 38 -85.70 -30.82 -9.32
CA ASN B 38 -87.07 -30.54 -8.93
C ASN B 38 -87.27 -29.14 -8.36
N ALA B 39 -86.20 -28.38 -8.10
CA ALA B 39 -86.32 -27.05 -7.53
C ALA B 39 -86.94 -26.08 -8.52
N GLU B 40 -87.89 -25.25 -8.04
CA GLU B 40 -88.53 -24.38 -9.02
C GLU B 40 -87.81 -23.04 -9.10
N PRO B 41 -87.70 -22.46 -10.30
CA PRO B 41 -87.01 -21.17 -10.43
C PRO B 41 -87.81 -20.07 -9.75
N HIS B 42 -87.12 -19.27 -8.94
CA HIS B 42 -87.77 -18.19 -8.22
C HIS B 42 -86.71 -17.15 -7.88
N ILE B 43 -87.16 -15.97 -7.49
CA ILE B 43 -86.23 -14.90 -7.13
C ILE B 43 -86.12 -14.84 -5.62
N SER B 44 -84.92 -14.54 -5.15
CA SER B 44 -84.61 -14.40 -3.73
C SER B 44 -84.31 -12.94 -3.47
N ILE B 45 -85.15 -12.28 -2.66
CA ILE B 45 -85.06 -10.83 -2.49
C ILE B 45 -84.07 -10.43 -1.40
N GLU B 46 -83.49 -11.38 -0.67
CA GLU B 46 -82.71 -11.02 0.51
C GLU B 46 -81.50 -10.16 0.14
N ARG B 47 -80.80 -10.52 -0.93
CA ARG B 47 -79.61 -9.76 -1.30
C ARG B 47 -79.92 -8.28 -1.52
N ALA B 48 -81.01 -8.01 -2.26
CA ALA B 48 -81.37 -6.62 -2.53
C ALA B 48 -81.64 -5.85 -1.24
N VAL B 49 -82.32 -6.50 -0.28
CA VAL B 49 -82.60 -5.83 0.99
C VAL B 49 -81.30 -5.48 1.72
N LEU B 50 -80.37 -6.43 1.79
CA LEU B 50 -79.15 -6.18 2.54
C LEU B 50 -78.29 -5.12 1.86
N MET B 51 -78.22 -5.13 0.52
CA MET B 51 -77.45 -4.11 -0.17
C MET B 51 -78.06 -2.74 0.06
N THR B 52 -79.39 -2.66 0.12
CA THR B 52 -80.04 -1.39 0.44
C THR B 52 -79.64 -0.91 1.83
N GLU B 53 -79.64 -1.80 2.83
CA GLU B 53 -79.18 -1.43 4.17
C GLU B 53 -77.76 -0.89 4.13
N ALA B 54 -76.88 -1.54 3.36
CA ALA B 54 -75.48 -1.13 3.34
C ALA B 54 -75.32 0.25 2.72
N TYR B 55 -76.00 0.51 1.60
CA TYR B 55 -75.89 1.82 0.97
C TYR B 55 -76.45 2.91 1.88
N LYS B 56 -77.63 2.67 2.48
CA LYS B 56 -78.18 3.66 3.41
C LYS B 56 -77.21 3.95 4.53
N LYS B 57 -76.38 2.96 4.88
CA LYS B 57 -75.42 3.11 5.96
C LYS B 57 -74.18 3.88 5.52
N TYR B 58 -73.63 3.52 4.35
CA TYR B 58 -72.29 3.94 3.97
C TYR B 58 -72.20 4.91 2.80
N GLU B 59 -73.22 4.96 1.94
CA GLU B 59 -73.11 5.78 0.73
C GLU B 59 -72.86 7.25 1.08
N GLY B 60 -71.87 7.85 0.42
CA GLY B 60 -71.50 9.23 0.69
C GLY B 60 -70.41 9.40 1.71
N SER B 61 -70.03 8.33 2.41
CA SER B 61 -68.99 8.40 3.43
C SER B 61 -67.69 7.72 3.03
N VAL B 62 -67.68 6.97 1.93
CA VAL B 62 -66.49 6.26 1.48
C VAL B 62 -66.44 6.32 -0.04
N GLU B 63 -65.27 6.05 -0.60
CA GLU B 63 -65.14 5.93 -2.04
C GLU B 63 -65.91 4.69 -2.52
N ILE B 64 -66.28 4.70 -3.80
CA ILE B 64 -67.20 3.68 -4.31
C ILE B 64 -66.65 2.27 -4.17
N PRO B 65 -65.37 1.97 -4.45
CA PRO B 65 -64.89 0.60 -4.25
C PRO B 65 -65.09 0.12 -2.83
N VAL B 66 -64.80 0.99 -1.85
CA VAL B 66 -65.02 0.63 -0.46
C VAL B 66 -66.50 0.44 -0.17
N LEU B 67 -67.35 1.27 -0.78
CA LEU B 67 -68.80 1.10 -0.61
C LEU B 67 -69.24 -0.28 -1.07
N ARG B 68 -68.76 -0.71 -2.24
CA ARG B 68 -69.09 -2.04 -2.75
C ARG B 68 -68.56 -3.12 -1.83
N ALA B 69 -67.31 -3.00 -1.38
CA ALA B 69 -66.73 -3.99 -0.49
C ALA B 69 -67.46 -4.04 0.85
N LEU B 70 -67.76 -2.88 1.43
CA LEU B 70 -68.49 -2.85 2.70
C LEU B 70 -69.90 -3.44 2.54
N SER B 71 -70.55 -3.15 1.42
CA SER B 71 -71.88 -3.70 1.19
C SER B 71 -71.83 -5.21 1.03
N PHE B 72 -70.85 -5.71 0.28
CA PHE B 72 -70.66 -7.15 0.16
C PHE B 72 -70.47 -7.79 1.53
N LYS B 73 -69.60 -7.19 2.35
CA LYS B 73 -69.34 -7.72 3.69
C LYS B 73 -70.62 -7.71 4.55
N HIS B 74 -71.37 -6.62 4.50
CA HIS B 74 -72.66 -6.59 5.20
C HIS B 74 -73.56 -7.71 4.72
N TYR B 75 -73.58 -7.97 3.41
CA TYR B 75 -74.38 -9.06 2.86
C TYR B 75 -73.91 -10.41 3.37
N ILE B 76 -72.60 -10.66 3.32
CA ILE B 76 -72.07 -11.93 3.78
C ILE B 76 -72.34 -12.14 5.27
N GLU B 77 -72.21 -11.08 6.07
CA GLU B 77 -72.43 -11.19 7.51
C GLU B 77 -73.86 -11.55 7.85
N ASN B 78 -74.83 -11.07 7.08
CA ASN B 78 -76.22 -11.10 7.52
C ASN B 78 -77.16 -11.95 6.68
N ARG B 79 -76.71 -12.51 5.57
CA ARG B 79 -77.59 -13.34 4.75
C ARG B 79 -77.86 -14.68 5.42
N THR B 80 -78.99 -15.27 5.08
CA THR B 80 -79.32 -16.60 5.55
C THR B 80 -78.50 -17.64 4.80
N LEU B 81 -77.96 -18.61 5.54
CA LEU B 81 -77.19 -19.68 4.97
C LEU B 81 -78.01 -20.97 5.03
N SER B 82 -77.76 -21.87 4.09
CA SER B 82 -78.47 -23.14 4.08
C SER B 82 -77.51 -24.25 3.72
N ILE B 83 -77.74 -25.42 4.30
CA ILE B 83 -77.02 -26.64 3.98
C ILE B 83 -78.05 -27.67 3.59
N ASN B 84 -77.96 -28.17 2.36
CA ASN B 84 -78.97 -29.10 1.88
C ASN B 84 -78.66 -30.52 2.34
N ASP B 85 -79.72 -31.31 2.46
CA ASP B 85 -79.63 -32.64 3.04
C ASP B 85 -78.65 -33.49 2.25
N GLY B 86 -77.59 -33.96 2.90
CA GLY B 86 -76.61 -34.82 2.28
C GLY B 86 -75.41 -34.14 1.65
N GLU B 87 -75.36 -32.80 1.69
CA GLU B 87 -74.27 -32.08 1.02
C GLU B 87 -72.92 -32.37 1.66
N LEU B 88 -71.90 -32.42 0.82
CA LEU B 88 -70.51 -32.33 1.25
C LEU B 88 -69.87 -31.00 0.86
N ILE B 89 -70.33 -30.40 -0.23
CA ILE B 89 -69.93 -29.06 -0.67
C ILE B 89 -71.08 -28.12 -0.37
N VAL B 90 -70.78 -26.98 0.24
CA VAL B 90 -71.83 -26.12 0.77
C VAL B 90 -71.76 -24.71 0.19
N GLY B 91 -72.92 -24.06 0.10
CA GLY B 91 -73.03 -22.71 -0.43
C GLY B 91 -74.06 -22.52 -1.52
N GLU B 92 -74.98 -21.56 -1.35
CA GLU B 92 -76.00 -21.24 -2.33
C GLU B 92 -76.02 -19.74 -2.59
N LYS B 93 -76.27 -19.35 -3.84
CA LYS B 93 -76.42 -17.92 -4.14
C LYS B 93 -77.66 -17.34 -3.48
N GLY B 94 -78.79 -18.03 -3.60
CA GLY B 94 -80.05 -17.56 -3.06
C GLY B 94 -80.46 -18.24 -1.78
N ASP B 95 -81.76 -18.21 -1.52
CA ASP B 95 -82.28 -18.81 -0.29
C ASP B 95 -82.34 -20.33 -0.38
N SER B 96 -82.46 -20.88 -1.58
CA SER B 96 -82.60 -22.30 -1.78
C SER B 96 -82.17 -22.62 -3.20
N PRO B 97 -82.04 -23.90 -3.56
CA PRO B 97 -81.65 -24.24 -4.93
C PRO B 97 -82.59 -23.59 -5.93
N ASN B 98 -82.02 -23.12 -7.04
CA ASN B 98 -82.73 -22.44 -8.12
C ASN B 98 -83.39 -21.14 -7.67
N GLY B 99 -82.91 -20.55 -6.58
CA GLY B 99 -83.35 -19.22 -6.18
C GLY B 99 -82.34 -18.17 -6.62
N ALA B 100 -82.76 -17.28 -7.53
CA ALA B 100 -81.85 -16.29 -8.08
C ALA B 100 -81.92 -15.01 -7.26
N PRO B 101 -80.77 -14.51 -6.79
CA PRO B 101 -80.75 -13.15 -6.22
C PRO B 101 -81.05 -12.12 -7.29
N THR B 102 -81.34 -10.90 -6.83
CA THR B 102 -81.50 -9.73 -7.68
C THR B 102 -80.40 -8.70 -7.41
N TYR B 103 -80.20 -7.82 -8.39
CA TYR B 103 -79.06 -6.91 -8.43
C TYR B 103 -79.55 -5.54 -8.84
N PRO B 104 -80.29 -4.86 -7.96
CA PRO B 104 -80.88 -3.56 -8.31
C PRO B 104 -79.86 -2.43 -8.47
N GLU B 105 -78.61 -2.61 -8.05
CA GLU B 105 -77.58 -1.64 -8.39
C GLU B 105 -77.29 -1.63 -9.89
N ILE B 106 -77.65 -2.73 -10.59
CA ILE B 106 -77.45 -2.84 -12.04
C ILE B 106 -78.76 -2.60 -12.75
N CYS B 107 -79.78 -3.38 -12.41
CA CYS B 107 -81.10 -3.25 -13.03
C CYS B 107 -82.14 -3.39 -11.93
N CYS B 108 -82.81 -2.29 -11.63
CA CYS B 108 -83.90 -2.29 -10.65
C CYS B 108 -85.18 -2.54 -11.44
N HIS B 109 -85.71 -3.76 -11.33
CA HIS B 109 -86.83 -4.14 -12.17
C HIS B 109 -88.05 -3.29 -11.87
N THR B 110 -88.84 -3.05 -12.91
CA THR B 110 -90.16 -2.49 -12.74
C THR B 110 -91.11 -3.56 -12.22
N MET B 111 -92.25 -3.13 -11.68
CA MET B 111 -93.24 -4.12 -11.26
C MET B 111 -93.76 -4.92 -12.44
N GLU B 112 -93.82 -4.31 -13.63
CA GLU B 112 -94.17 -5.07 -14.82
C GLU B 112 -93.10 -6.11 -15.13
N ASP B 113 -91.83 -5.76 -14.94
CA ASP B 113 -90.77 -6.75 -15.10
C ASP B 113 -91.06 -8.00 -14.28
N LEU B 114 -91.43 -7.82 -13.00
CA LEU B 114 -91.74 -8.96 -12.14
C LEU B 114 -92.94 -9.73 -12.68
N GLU B 115 -93.95 -9.03 -13.19
CA GLU B 115 -95.11 -9.68 -13.77
C GLU B 115 -94.72 -10.55 -14.95
N VAL B 116 -93.92 -9.98 -15.86
CA VAL B 116 -93.54 -10.67 -17.08
C VAL B 116 -92.73 -11.91 -16.75
N MET B 117 -91.74 -11.79 -15.86
CA MET B 117 -90.91 -12.95 -15.59
C MET B 117 -91.69 -14.05 -14.86
N HIS B 118 -92.72 -13.67 -14.10
CA HIS B 118 -93.51 -14.67 -13.39
C HIS B 118 -94.42 -15.45 -14.34
N ASN B 119 -95.01 -14.78 -15.32
CA ASN B 119 -96.07 -15.34 -16.16
C ASN B 119 -95.58 -15.73 -17.55
N ARG B 120 -94.31 -15.47 -17.85
CA ARG B 120 -93.68 -15.79 -19.12
C ARG B 120 -93.78 -17.28 -19.44
N ASP B 121 -93.81 -17.62 -20.73
CA ASP B 121 -94.02 -19.02 -21.10
C ASP B 121 -92.77 -19.87 -20.88
N ILE B 122 -91.60 -19.33 -21.20
CA ILE B 122 -90.34 -20.05 -21.01
C ILE B 122 -89.39 -19.16 -20.22
N ILE B 123 -88.48 -19.79 -19.48
CA ILE B 123 -87.49 -19.14 -18.63
C ILE B 123 -88.21 -18.23 -17.66
N ASN B 124 -89.29 -18.73 -17.07
CA ASN B 124 -90.02 -17.98 -16.05
C ASN B 124 -89.33 -18.13 -14.71
N PHE B 125 -89.50 -17.11 -13.87
CA PHE B 125 -89.07 -17.14 -12.47
C PHE B 125 -90.27 -16.79 -11.61
N SER B 126 -90.51 -17.58 -10.57
CA SER B 126 -91.60 -17.29 -9.66
C SER B 126 -91.24 -16.11 -8.77
N VAL B 127 -92.18 -15.18 -8.61
CA VAL B 127 -92.02 -14.04 -7.73
C VAL B 127 -93.08 -14.15 -6.64
N SER B 128 -92.65 -14.51 -5.44
CA SER B 128 -93.57 -14.64 -4.32
C SER B 128 -94.18 -13.30 -3.97
N GLU B 129 -95.37 -13.35 -3.36
CA GLU B 129 -96.00 -12.10 -2.92
C GLU B 129 -95.10 -11.36 -1.93
N GLU B 130 -94.42 -12.11 -1.08
CA GLU B 130 -93.45 -11.53 -0.15
C GLU B 130 -92.40 -10.73 -0.90
N ALA B 131 -91.97 -11.20 -2.07
CA ALA B 131 -90.88 -10.57 -2.78
C ALA B 131 -91.36 -9.35 -3.57
N ARG B 132 -92.56 -9.41 -4.15
CA ARG B 132 -93.08 -8.26 -4.88
C ARG B 132 -93.31 -7.08 -3.96
N LYS B 133 -93.80 -7.34 -2.75
CA LYS B 133 -94.07 -6.26 -1.82
C LYS B 133 -92.77 -5.57 -1.39
N ILE B 134 -91.77 -6.35 -0.97
CA ILE B 134 -90.51 -5.77 -0.55
C ILE B 134 -89.86 -5.01 -1.70
N HIS B 135 -89.83 -5.60 -2.90
CA HIS B 135 -89.28 -4.89 -4.04
C HIS B 135 -90.03 -3.59 -4.28
N LYS B 136 -91.36 -3.64 -4.21
CA LYS B 136 -92.18 -2.47 -4.47
C LYS B 136 -91.94 -1.37 -3.46
N GLU B 137 -91.84 -1.73 -2.18
CA GLU B 137 -91.80 -0.75 -1.11
C GLU B 137 -90.40 -0.36 -0.68
N GLU B 138 -89.44 -1.27 -0.73
CA GLU B 138 -88.09 -1.01 -0.25
C GLU B 138 -87.07 -0.83 -1.36
N ILE B 139 -87.15 -1.60 -2.43
CA ILE B 139 -86.09 -1.64 -3.43
C ILE B 139 -86.25 -0.54 -4.45
N ILE B 140 -87.41 -0.50 -5.13
CA ILE B 140 -87.62 0.49 -6.18
C ILE B 140 -87.42 1.91 -5.69
N PRO B 141 -87.97 2.33 -4.54
CA PRO B 141 -87.78 3.73 -4.12
C PRO B 141 -86.32 4.15 -3.97
N PHE B 142 -85.45 3.22 -3.58
CA PHE B 142 -84.03 3.56 -3.38
C PHE B 142 -83.19 3.38 -4.64
N TRP B 143 -83.42 2.31 -5.41
CA TRP B 143 -82.50 1.94 -6.47
C TRP B 143 -82.90 2.43 -7.84
N LYS B 144 -84.15 2.86 -8.03
CA LYS B 144 -84.60 3.25 -9.36
C LYS B 144 -83.70 4.33 -9.96
N LYS B 145 -83.35 5.35 -9.15
CA LYS B 145 -82.50 6.43 -9.64
C LYS B 145 -81.01 6.10 -9.57
N ARG B 146 -80.63 5.03 -8.89
CA ARG B 146 -79.22 4.66 -8.75
C ARG B 146 -78.77 3.58 -9.74
N GLN B 147 -79.68 2.78 -10.29
CA GLN B 147 -79.31 1.64 -11.12
C GLN B 147 -78.46 2.06 -12.31
N THR B 148 -77.44 1.25 -12.64
CA THR B 148 -76.56 1.61 -13.76
C THR B 148 -77.29 1.57 -15.10
N ARG B 149 -78.35 0.78 -15.25
CA ARG B 149 -79.01 0.69 -16.55
C ARG B 149 -79.54 2.06 -16.99
N ASP B 150 -80.10 2.84 -16.07
CA ASP B 150 -80.57 4.17 -16.44
C ASP B 150 -79.39 5.10 -16.73
N LYS B 151 -78.31 4.98 -15.97
CA LYS B 151 -77.10 5.72 -16.28
C LYS B 151 -76.64 5.44 -17.71
N ILE B 152 -76.72 4.18 -18.13
CA ILE B 152 -76.31 3.84 -19.49
C ILE B 152 -77.30 4.43 -20.50
N ILE B 153 -78.59 4.09 -20.35
CA ILE B 153 -79.57 4.47 -21.36
C ILE B 153 -79.62 5.98 -21.54
N ASN B 154 -79.60 6.73 -20.43
CA ASN B 154 -79.68 8.19 -20.49
C ASN B 154 -78.45 8.82 -21.12
N ALA B 155 -77.34 8.07 -21.20
CA ALA B 155 -76.11 8.58 -21.76
C ALA B 155 -75.90 8.21 -23.23
N MET B 156 -76.76 7.39 -23.82
CA MET B 156 -76.56 6.95 -25.19
C MET B 156 -77.07 8.02 -26.17
N THR B 157 -76.42 8.10 -27.34
CA THR B 157 -76.83 9.03 -28.37
C THR B 157 -78.14 8.58 -29.01
N PRO B 158 -78.87 9.48 -29.67
CA PRO B 158 -80.08 9.04 -30.39
C PRO B 158 -79.78 8.02 -31.49
N GLU B 159 -78.60 8.10 -32.13
CA GLU B 159 -78.22 7.10 -33.12
C GLU B 159 -78.00 5.73 -32.48
N TRP B 160 -77.36 5.68 -31.31
CA TRP B 160 -77.21 4.41 -30.59
C TRP B 160 -78.56 3.82 -30.26
N LEU B 161 -79.45 4.63 -29.68
CA LEU B 161 -80.75 4.13 -29.24
C LEU B 161 -81.59 3.63 -30.41
N ALA B 162 -81.55 4.32 -31.55
CA ALA B 162 -82.30 3.86 -32.71
C ALA B 162 -81.79 2.53 -33.23
N ALA B 163 -80.47 2.38 -33.34
CA ALA B 163 -79.89 1.13 -33.83
C ALA B 163 -80.17 -0.01 -32.86
N TYR B 164 -80.02 0.25 -31.57
CA TYR B 164 -80.35 -0.76 -30.56
C TYR B 164 -81.81 -1.19 -30.68
N GLU B 165 -82.73 -0.21 -30.78
CA GLU B 165 -84.14 -0.55 -30.86
C GLU B 165 -84.47 -1.30 -32.15
N ALA B 166 -83.77 -1.01 -33.23
CA ALA B 166 -83.98 -1.67 -34.52
C ALA B 166 -83.30 -3.03 -34.60
N GLY B 167 -82.53 -3.43 -33.59
CA GLY B 167 -81.89 -4.72 -33.61
C GLY B 167 -80.59 -4.81 -34.37
N MET B 168 -79.89 -3.70 -34.57
CA MET B 168 -78.58 -3.77 -35.23
C MET B 168 -77.54 -4.42 -34.33
N PHE B 169 -77.68 -4.28 -33.01
CA PHE B 169 -76.71 -4.85 -32.08
C PHE B 169 -77.39 -4.96 -30.73
N THR B 170 -76.71 -5.61 -29.80
CA THR B 170 -77.18 -5.73 -28.42
C THR B 170 -76.19 -5.03 -27.49
N GLU B 171 -76.55 -4.97 -26.22
CA GLU B 171 -75.72 -4.31 -25.20
C GLU B 171 -75.63 -5.22 -23.99
N PHE B 172 -74.45 -5.80 -23.78
CA PHE B 172 -74.28 -6.79 -22.73
C PHE B 172 -74.38 -6.19 -21.33
N MET B 173 -74.11 -4.90 -21.17
CA MET B 173 -74.03 -4.35 -19.82
C MET B 173 -75.30 -3.66 -19.35
N GLU B 174 -76.44 -3.87 -20.03
CA GLU B 174 -77.67 -3.23 -19.60
C GLU B 174 -78.28 -3.90 -18.37
N GLN B 175 -78.11 -5.20 -18.20
CA GLN B 175 -78.71 -5.90 -17.08
C GLN B 175 -77.72 -6.74 -16.29
N ARG B 176 -76.46 -6.77 -16.69
CA ARG B 176 -75.46 -7.60 -16.05
C ARG B 176 -74.14 -6.86 -16.00
N ALA B 177 -73.27 -7.31 -15.11
CA ALA B 177 -71.92 -6.78 -15.02
C ALA B 177 -71.02 -7.45 -16.03
N PRO B 178 -69.92 -6.79 -16.41
CA PRO B 178 -69.05 -7.35 -17.47
C PRO B 178 -68.66 -8.80 -17.25
N GLY B 179 -68.07 -9.11 -16.10
CA GLY B 179 -67.79 -10.49 -15.74
C GLY B 179 -67.02 -11.23 -16.81
N HIS B 180 -67.54 -12.41 -17.16
CA HIS B 180 -66.98 -13.17 -18.27
C HIS B 180 -65.51 -13.52 -18.04
N THR B 181 -65.22 -14.12 -16.87
CA THR B 181 -63.84 -14.40 -16.49
C THR B 181 -63.77 -15.78 -15.80
N VAL B 182 -62.54 -16.26 -15.60
CA VAL B 182 -62.26 -17.63 -15.20
C VAL B 182 -61.24 -17.62 -14.09
N CYS B 183 -61.41 -18.53 -13.12
CA CYS B 183 -60.50 -18.60 -12.00
C CYS B 183 -59.15 -19.14 -12.45
N GLY B 184 -58.09 -18.57 -11.89
CA GLY B 184 -56.75 -19.08 -12.04
C GLY B 184 -56.42 -20.04 -10.92
N ASP B 185 -55.15 -20.07 -10.52
CA ASP B 185 -54.68 -21.02 -9.52
C ASP B 185 -54.38 -20.38 -8.17
N THR B 186 -54.61 -19.08 -8.03
CA THR B 186 -54.27 -18.37 -6.80
C THR B 186 -54.98 -18.95 -5.58
N ILE B 187 -56.27 -19.31 -5.72
CA ILE B 187 -57.03 -19.79 -4.58
C ILE B 187 -56.59 -21.16 -4.09
N TYR B 188 -55.77 -21.87 -4.86
CA TYR B 188 -55.23 -23.15 -4.43
C TYR B 188 -53.87 -23.02 -3.77
N LYS B 189 -53.25 -21.84 -3.87
CA LYS B 189 -51.97 -21.57 -3.22
C LYS B 189 -52.06 -20.60 -2.06
N LYS B 190 -53.17 -19.86 -1.93
CA LYS B 190 -53.31 -18.85 -0.89
C LYS B 190 -54.75 -18.83 -0.40
N GLY B 191 -54.92 -18.56 0.90
CA GLY B 191 -56.21 -18.22 1.43
C GLY B 191 -56.42 -16.71 1.41
N PHE B 192 -57.62 -16.30 1.80
CA PHE B 192 -57.91 -14.88 1.75
C PHE B 192 -57.21 -14.11 2.86
N LEU B 193 -56.78 -14.79 3.93
CA LEU B 193 -55.90 -14.15 4.91
C LEU B 193 -54.51 -13.90 4.32
N ASP B 194 -54.00 -14.82 3.49
CA ASP B 194 -52.75 -14.58 2.80
C ASP B 194 -52.87 -13.39 1.86
N LEU B 195 -53.95 -13.35 1.05
CA LEU B 195 -54.11 -12.23 0.12
C LEU B 195 -54.26 -10.92 0.86
N LYS B 196 -54.96 -10.93 2.00
CA LYS B 196 -55.11 -9.69 2.76
C LYS B 196 -53.75 -9.17 3.21
N LYS B 197 -52.86 -10.07 3.65
CA LYS B 197 -51.51 -9.63 3.99
C LYS B 197 -50.77 -9.09 2.77
N ASP B 198 -50.93 -9.73 1.61
CA ASP B 198 -50.35 -9.17 0.39
C ASP B 198 -50.86 -7.76 0.14
N ILE B 199 -52.15 -7.55 0.36
CA ILE B 199 -52.77 -6.25 0.13
C ILE B 199 -52.25 -5.22 1.12
N GLU B 200 -52.12 -5.61 2.39
CA GLU B 200 -51.57 -4.69 3.39
C GLU B 200 -50.11 -4.36 3.09
N ALA B 201 -49.34 -5.33 2.58
CA ALA B 201 -47.98 -5.03 2.17
C ALA B 201 -47.95 -4.00 1.03
N ARG B 202 -48.85 -4.12 0.06
CA ARG B 202 -48.94 -3.11 -1.00
C ARG B 202 -49.33 -1.76 -0.45
N LEU B 203 -50.30 -1.72 0.46
CA LEU B 203 -50.70 -0.45 1.07
C LEU B 203 -49.52 0.24 1.77
N LYS B 204 -48.66 -0.52 2.44
CA LYS B 204 -47.56 0.09 3.17
C LYS B 204 -46.49 0.67 2.25
N GLU B 205 -46.42 0.22 1.00
CA GLU B 205 -45.39 0.75 0.11
C GLU B 205 -45.92 1.79 -0.88
N LEU B 206 -47.18 2.21 -0.78
CA LEU B 206 -47.65 3.28 -1.65
C LEU B 206 -46.83 4.54 -1.39
N ASP B 207 -46.43 5.20 -2.48
CA ASP B 207 -45.58 6.38 -2.43
C ASP B 207 -46.41 7.61 -2.80
N PHE B 208 -46.97 8.26 -1.79
CA PHE B 208 -47.80 9.44 -1.98
C PHE B 208 -46.99 10.69 -2.29
N LEU B 209 -45.67 10.62 -2.30
CA LEU B 209 -44.84 11.75 -2.70
C LEU B 209 -44.65 11.83 -4.22
N ASN B 210 -44.34 10.68 -4.86
CA ASN B 210 -43.98 10.65 -6.27
C ASN B 210 -44.94 9.89 -7.15
N ASP B 211 -45.75 8.99 -6.60
CA ASP B 211 -46.75 8.26 -7.36
C ASP B 211 -48.05 9.05 -7.29
N LEU B 212 -48.36 9.77 -8.36
CA LEU B 212 -49.54 10.63 -8.33
C LEU B 212 -50.84 9.84 -8.36
N ASP B 213 -50.76 8.54 -8.63
CA ASP B 213 -51.91 7.63 -8.65
C ASP B 213 -52.13 6.92 -7.32
N ALA B 214 -51.36 7.28 -6.29
CA ALA B 214 -51.35 6.53 -5.05
C ALA B 214 -52.72 6.50 -4.38
N TYR B 215 -53.45 7.62 -4.42
CA TYR B 215 -54.74 7.67 -3.77
C TYR B 215 -55.71 6.67 -4.38
N ASN B 216 -55.73 6.58 -5.71
CA ASN B 216 -56.62 5.63 -6.37
C ASN B 216 -56.24 4.20 -6.03
N LYS B 217 -54.93 3.92 -5.94
CA LYS B 217 -54.47 2.59 -5.54
C LYS B 217 -54.93 2.27 -4.13
N LYS B 218 -54.80 3.25 -3.23
CA LYS B 218 -55.22 3.03 -1.85
C LYS B 218 -56.70 2.71 -1.76
N ALA B 219 -57.54 3.42 -2.51
CA ALA B 219 -58.98 3.17 -2.48
C ALA B 219 -59.29 1.74 -2.94
N ASP B 220 -58.66 1.31 -4.04
CA ASP B 220 -58.92 -0.05 -4.54
C ASP B 220 -58.37 -1.10 -3.59
N LEU B 221 -57.17 -0.88 -3.05
CA LEU B 221 -56.56 -1.88 -2.19
C LEU B 221 -57.33 -2.02 -0.88
N GLU B 222 -57.77 -0.90 -0.31
CA GLU B 222 -58.59 -0.97 0.90
C GLU B 222 -59.86 -1.78 0.66
N ALA B 223 -60.50 -1.59 -0.50
CA ALA B 223 -61.70 -2.35 -0.82
C ALA B 223 -61.38 -3.84 -0.92
N MET B 224 -60.25 -4.18 -1.56
CA MET B 224 -59.85 -5.57 -1.67
C MET B 224 -59.65 -6.20 -0.29
N ALA B 225 -59.04 -5.47 0.64
CA ALA B 225 -58.84 -6.00 1.98
C ALA B 225 -60.17 -6.24 2.68
N ILE B 226 -61.15 -5.35 2.51
CA ILE B 226 -62.46 -5.57 3.09
C ILE B 226 -63.10 -6.81 2.46
N ALA B 227 -62.91 -7.00 1.16
CA ALA B 227 -63.43 -8.19 0.52
C ALA B 227 -62.86 -9.46 1.12
N CYS B 228 -61.56 -9.45 1.46
CA CYS B 228 -60.92 -10.58 2.12
C CYS B 228 -61.59 -10.91 3.44
N ASP B 229 -61.84 -9.87 4.25
CA ASP B 229 -62.52 -10.07 5.52
C ASP B 229 -63.86 -10.74 5.33
N ALA B 230 -64.59 -10.36 4.28
CA ALA B 230 -65.88 -10.97 4.02
C ALA B 230 -65.77 -12.47 3.76
N MET B 231 -64.77 -12.88 2.96
CA MET B 231 -64.61 -14.29 2.66
C MET B 231 -64.27 -15.10 3.90
N VAL B 232 -63.44 -14.54 4.78
CA VAL B 232 -63.15 -15.17 6.07
C VAL B 232 -64.44 -15.34 6.86
N ILE B 233 -65.31 -14.33 6.83
CA ILE B 233 -66.58 -14.41 7.56
C ILE B 233 -67.46 -15.50 6.97
N LEU B 234 -67.43 -15.65 5.65
CA LEU B 234 -68.27 -16.67 5.00
C LEU B 234 -67.96 -18.06 5.53
N GLY B 235 -66.68 -18.42 5.56
CA GLY B 235 -66.30 -19.73 6.07
C GLY B 235 -66.59 -19.89 7.55
N LYS B 236 -66.37 -18.84 8.34
CA LYS B 236 -66.66 -18.91 9.76
C LYS B 236 -68.13 -19.17 10.00
N ARG B 237 -69.01 -18.41 9.34
CA ARG B 237 -70.43 -18.57 9.55
C ARG B 237 -70.88 -19.97 9.15
N TYR B 238 -70.31 -20.54 8.08
CA TYR B 238 -70.72 -21.88 7.66
C TYR B 238 -70.24 -22.93 8.64
N ALA B 239 -69.02 -22.80 9.15
CA ALA B 239 -68.56 -23.71 10.19
C ALA B 239 -69.45 -23.63 11.42
N GLU B 240 -69.92 -22.43 11.75
CA GLU B 240 -70.91 -22.29 12.82
C GLU B 240 -72.19 -23.02 12.45
N LYS B 241 -72.71 -22.75 11.25
CA LYS B 241 -73.96 -23.36 10.83
C LYS B 241 -73.87 -24.88 10.90
N ALA B 242 -72.77 -25.44 10.42
CA ALA B 242 -72.65 -26.90 10.40
C ALA B 242 -72.65 -27.48 11.81
N ARG B 243 -71.90 -26.86 12.72
CA ARG B 243 -71.84 -27.38 14.08
C ARG B 243 -73.17 -27.19 14.80
N GLN B 244 -73.84 -26.06 14.57
CA GLN B 244 -75.16 -25.86 15.16
C GLN B 244 -76.14 -26.94 14.70
N MET B 245 -76.03 -27.36 13.44
CA MET B 245 -76.92 -28.41 12.93
C MET B 245 -76.54 -29.78 13.44
N ALA B 246 -75.24 -30.05 13.63
CA ALA B 246 -74.80 -31.37 14.07
C ALA B 246 -75.36 -31.70 15.46
N GLU B 247 -75.28 -30.75 16.38
CA GLU B 247 -75.82 -30.97 17.71
C GLU B 247 -77.33 -31.17 17.69
N GLU B 248 -78.00 -30.75 16.62
CA GLU B 248 -79.45 -30.91 16.48
C GLU B 248 -79.84 -32.17 15.70
N GLU B 249 -78.90 -32.80 15.01
CA GLU B 249 -79.17 -33.97 14.19
C GLU B 249 -78.89 -35.28 14.93
N THR B 250 -79.83 -36.21 14.84
CA THR B 250 -79.75 -37.52 15.51
C THR B 250 -79.07 -38.61 14.69
N ASP B 251 -79.17 -38.56 13.37
CA ASP B 251 -78.52 -39.53 12.49
C ASP B 251 -77.00 -39.41 12.55
N GLU B 252 -76.34 -40.49 13.00
CA GLU B 252 -74.89 -40.43 13.17
C GLU B 252 -74.18 -40.16 11.85
N ALA B 253 -74.71 -40.68 10.75
CA ALA B 253 -74.05 -40.50 9.46
C ALA B 253 -74.10 -39.03 9.03
N LYS B 254 -75.25 -38.39 9.23
CA LYS B 254 -75.38 -36.98 8.89
C LYS B 254 -74.50 -36.13 9.79
N LYS B 255 -74.47 -36.46 11.08
CA LYS B 255 -73.60 -35.75 12.01
C LYS B 255 -72.13 -35.81 11.58
N LYS B 256 -71.68 -36.97 11.09
CA LYS B 256 -70.31 -37.07 10.62
C LYS B 256 -70.07 -36.15 9.42
N ASP B 257 -71.04 -36.08 8.51
CA ASP B 257 -70.91 -35.19 7.36
C ASP B 257 -70.90 -33.72 7.79
N LEU B 258 -71.79 -33.32 8.70
CA LEU B 258 -71.80 -31.94 9.16
C LEU B 258 -70.48 -31.56 9.84
N LEU B 259 -69.89 -32.48 10.61
CA LEU B 259 -68.60 -32.17 11.23
C LEU B 259 -67.49 -32.07 10.19
N LEU B 260 -67.57 -32.85 9.10
CA LEU B 260 -66.59 -32.71 8.03
C LEU B 260 -66.72 -31.36 7.33
N ILE B 261 -67.97 -30.90 7.11
CA ILE B 261 -68.19 -29.57 6.53
C ILE B 261 -67.55 -28.49 7.40
N ALA B 262 -67.80 -28.56 8.71
CA ALA B 262 -67.27 -27.57 9.64
C ALA B 262 -65.74 -27.59 9.64
N GLU B 263 -65.14 -28.77 9.66
CA GLU B 263 -63.68 -28.88 9.58
C GLU B 263 -63.17 -28.30 8.28
N THR B 264 -63.88 -28.51 7.18
CA THR B 264 -63.45 -27.98 5.89
C THR B 264 -63.51 -26.45 5.90
N CYS B 265 -64.61 -25.89 6.41
CA CYS B 265 -64.79 -24.45 6.43
C CYS B 265 -63.92 -23.78 7.47
N ASP B 266 -63.42 -24.53 8.45
CA ASP B 266 -62.39 -24.01 9.34
C ASP B 266 -61.13 -23.68 8.58
N VAL B 267 -60.93 -24.29 7.42
CA VAL B 267 -59.74 -24.07 6.61
C VAL B 267 -60.04 -23.05 5.53
N VAL B 268 -61.05 -23.32 4.69
CA VAL B 268 -61.34 -22.45 3.56
C VAL B 268 -62.59 -21.62 3.79
N PRO B 269 -62.63 -20.41 3.22
CA PRO B 269 -61.58 -19.84 2.37
C PRO B 269 -60.53 -19.00 3.11
N ALA B 270 -60.57 -18.96 4.43
CA ALA B 270 -59.62 -18.13 5.17
C ALA B 270 -58.17 -18.54 4.92
N HIS B 271 -57.92 -19.85 4.83
CA HIS B 271 -56.59 -20.41 4.62
C HIS B 271 -56.56 -21.19 3.30
N LYS B 272 -55.35 -21.43 2.78
CA LYS B 272 -55.25 -22.18 1.55
C LYS B 272 -55.72 -23.61 1.78
N PRO B 273 -56.35 -24.22 0.78
CA PRO B 273 -56.80 -25.60 0.95
C PRO B 273 -55.62 -26.55 1.09
N GLU B 274 -55.78 -27.55 1.95
CA GLU B 274 -54.76 -28.58 2.10
C GLU B 274 -55.13 -29.90 1.44
N THR B 275 -56.42 -30.12 1.18
CA THR B 275 -56.91 -31.37 0.64
C THR B 275 -57.73 -31.11 -0.63
N TYR B 276 -57.91 -32.19 -1.40
CA TYR B 276 -58.77 -32.17 -2.58
C TYR B 276 -60.18 -31.70 -2.21
N HIS B 277 -60.73 -32.24 -1.13
CA HIS B 277 -62.03 -31.81 -0.64
C HIS B 277 -62.05 -30.31 -0.37
N GLN B 278 -61.02 -29.81 0.31
CA GLN B 278 -60.97 -28.39 0.63
C GLN B 278 -60.80 -27.52 -0.62
N ALA B 279 -60.06 -28.01 -1.61
CA ALA B 279 -59.88 -27.24 -2.83
C ALA B 279 -61.20 -27.01 -3.54
N ILE B 280 -62.06 -28.02 -3.59
CA ILE B 280 -63.36 -27.86 -4.22
C ILE B 280 -64.24 -26.91 -3.41
N GLN B 281 -64.24 -27.04 -2.09
CA GLN B 281 -65.02 -26.14 -1.28
C GLN B 281 -64.49 -24.71 -1.36
N MET B 282 -63.17 -24.56 -1.44
CA MET B 282 -62.59 -23.23 -1.65
C MET B 282 -63.09 -22.62 -2.96
N TYR B 283 -62.96 -23.36 -4.07
CA TYR B 283 -63.45 -22.83 -5.33
C TYR B 283 -64.91 -22.46 -5.23
N TRP B 284 -65.74 -23.31 -4.62
CA TRP B 284 -67.17 -23.04 -4.62
C TRP B 284 -67.50 -21.80 -3.77
N PHE B 285 -66.78 -21.59 -2.68
CA PHE B 285 -66.99 -20.37 -1.88
C PHE B 285 -66.64 -19.12 -2.68
N VAL B 286 -65.52 -19.14 -3.41
CA VAL B 286 -65.15 -18.03 -4.27
C VAL B 286 -66.21 -17.83 -5.35
N HIS B 287 -66.71 -18.92 -5.93
CA HIS B 287 -67.76 -18.85 -6.94
C HIS B 287 -69.00 -18.13 -6.40
N ILE B 288 -69.46 -18.54 -5.22
CA ILE B 288 -70.60 -17.88 -4.60
C ILE B 288 -70.28 -16.41 -4.35
N GLY B 289 -69.07 -16.12 -3.88
CA GLY B 289 -68.71 -14.74 -3.56
C GLY B 289 -68.77 -13.83 -4.78
N VAL B 290 -68.06 -14.20 -5.85
CA VAL B 290 -67.98 -13.32 -7.00
C VAL B 290 -69.31 -13.21 -7.73
N THR B 291 -70.16 -14.26 -7.70
CA THR B 291 -71.43 -14.16 -8.42
C THR B 291 -72.54 -13.52 -7.60
N THR B 292 -72.32 -13.29 -6.31
CA THR B 292 -73.22 -12.45 -5.53
C THR B 292 -72.67 -11.04 -5.31
N GLU B 293 -71.35 -10.84 -5.48
CA GLU B 293 -70.81 -9.48 -5.54
C GLU B 293 -71.47 -8.68 -6.65
N LEU B 294 -71.56 -9.26 -7.84
CA LEU B 294 -72.22 -8.65 -9.00
C LEU B 294 -72.85 -9.76 -9.84
N ASN B 295 -73.83 -9.37 -10.66
CA ASN B 295 -74.48 -10.30 -11.59
C ASN B 295 -73.62 -10.40 -12.85
N ILE B 296 -72.55 -11.18 -12.76
CA ILE B 296 -71.54 -11.21 -13.82
C ILE B 296 -71.91 -12.22 -14.90
N TRP B 297 -71.71 -11.82 -16.16
CA TRP B 297 -71.88 -12.72 -17.29
C TRP B 297 -71.09 -13.99 -17.08
N ASP B 298 -71.74 -15.13 -17.38
CA ASP B 298 -71.11 -16.44 -17.37
C ASP B 298 -70.67 -16.86 -15.98
N ALA B 299 -71.39 -16.41 -14.95
CA ALA B 299 -71.13 -16.82 -13.57
C ALA B 299 -69.63 -16.81 -13.23
N PHE B 300 -69.12 -17.98 -12.86
CA PHE B 300 -67.70 -18.18 -12.63
C PHE B 300 -67.40 -19.63 -13.00
N THR B 301 -66.12 -19.95 -13.12
CA THR B 301 -65.73 -21.33 -13.43
C THR B 301 -64.31 -21.57 -12.94
N PRO B 302 -64.00 -22.79 -12.48
CA PRO B 302 -62.61 -23.09 -12.12
C PRO B 302 -61.68 -23.20 -13.32
N GLY B 303 -62.20 -23.19 -14.55
CA GLY B 303 -61.35 -23.23 -15.73
C GLY B 303 -60.69 -24.58 -15.94
N ARG B 304 -59.37 -24.64 -15.77
CA ARG B 304 -58.61 -25.87 -15.98
C ARG B 304 -58.65 -26.71 -14.70
N LEU B 305 -59.87 -27.15 -14.37
CA LEU B 305 -60.13 -27.81 -13.10
C LEU B 305 -59.26 -29.06 -12.89
N ASP B 306 -59.04 -29.84 -13.95
CA ASP B 306 -58.25 -31.05 -13.74
C ASP B 306 -56.79 -30.73 -13.43
N GLN B 307 -56.28 -29.60 -13.93
CA GLN B 307 -54.90 -29.24 -13.61
C GLN B 307 -54.77 -28.84 -12.15
N HIS B 308 -55.78 -28.16 -11.60
CA HIS B 308 -55.72 -27.67 -10.23
C HIS B 308 -55.96 -28.78 -9.20
N LEU B 309 -56.89 -29.70 -9.48
CA LEU B 309 -57.22 -30.71 -8.48
C LEU B 309 -56.25 -31.88 -8.48
N ASN B 310 -55.57 -32.15 -9.60
CA ASN B 310 -54.74 -33.35 -9.67
C ASN B 310 -53.64 -33.38 -8.63
N PRO B 311 -52.91 -32.29 -8.36
CA PRO B 311 -51.91 -32.35 -7.28
C PRO B 311 -52.55 -32.72 -5.96
N PHE B 312 -53.74 -32.19 -5.66
CA PHE B 312 -54.42 -32.58 -4.43
C PHE B 312 -54.84 -34.05 -4.47
N TYR B 313 -55.32 -34.51 -5.63
CA TYR B 313 -55.76 -35.90 -5.76
C TYR B 313 -54.62 -36.86 -5.48
N GLU B 314 -53.49 -36.69 -6.17
CA GLU B 314 -52.38 -37.62 -5.99
C GLU B 314 -51.89 -37.63 -4.56
N ARG B 315 -51.77 -36.45 -3.95
CA ARG B 315 -51.31 -36.36 -2.57
C ARG B 315 -52.28 -37.06 -1.63
N ASP B 316 -53.59 -36.82 -1.82
CA ASP B 316 -54.60 -37.36 -0.91
C ASP B 316 -54.75 -38.87 -1.05
N VAL B 317 -54.68 -39.42 -2.27
CA VAL B 317 -54.76 -40.87 -2.39
C VAL B 317 -53.52 -41.51 -1.80
N GLU B 318 -52.36 -40.88 -1.98
CA GLU B 318 -51.14 -41.46 -1.43
C GLU B 318 -51.12 -41.40 0.09
N ASN B 319 -51.65 -40.33 0.67
CA ASN B 319 -51.75 -40.25 2.14
C ASN B 319 -52.92 -41.06 2.69
N GLY B 320 -53.69 -41.74 1.83
CA GLY B 320 -54.74 -42.61 2.30
C GLY B 320 -56.01 -41.95 2.78
N ILE B 321 -56.26 -40.68 2.43
CA ILE B 321 -57.49 -40.02 2.85
C ILE B 321 -58.50 -39.90 1.73
N LEU B 322 -58.17 -40.37 0.53
CA LEU B 322 -59.06 -40.25 -0.61
C LEU B 322 -58.84 -41.44 -1.53
N ASP B 323 -59.90 -41.82 -2.23
CA ASP B 323 -59.80 -42.77 -3.32
C ASP B 323 -60.59 -42.23 -4.52
N ARG B 324 -60.50 -42.94 -5.64
CA ARG B 324 -61.14 -42.46 -6.85
C ARG B 324 -62.64 -42.28 -6.64
N ASP B 325 -63.26 -43.19 -5.88
CA ASP B 325 -64.70 -43.10 -5.68
C ASP B 325 -65.10 -41.81 -4.98
N ARG B 326 -64.42 -41.47 -3.88
CA ARG B 326 -64.81 -40.26 -3.17
C ARG B 326 -64.45 -39.02 -3.95
N ALA B 327 -63.34 -39.05 -4.70
CA ALA B 327 -63.01 -37.95 -5.59
C ALA B 327 -64.13 -37.71 -6.59
N GLN B 328 -64.69 -38.79 -7.15
CA GLN B 328 -65.83 -38.64 -8.04
C GLN B 328 -67.07 -38.18 -7.29
N GLU B 329 -67.28 -38.68 -6.07
CA GLU B 329 -68.45 -38.26 -5.32
C GLU B 329 -68.43 -36.75 -5.07
N LEU B 330 -67.26 -36.21 -4.69
CA LEU B 330 -67.17 -34.78 -4.40
C LEU B 330 -67.45 -33.96 -5.65
N LEU B 331 -66.94 -34.40 -6.80
CA LEU B 331 -67.18 -33.69 -8.04
C LEU B 331 -68.64 -33.80 -8.47
N GLU B 332 -69.30 -34.94 -8.20
CA GLU B 332 -70.72 -35.02 -8.50
C GLU B 332 -71.50 -34.04 -7.65
N CYS B 333 -71.07 -33.83 -6.40
CA CYS B 333 -71.66 -32.78 -5.57
C CYS B 333 -71.43 -31.39 -6.16
N LEU B 334 -70.20 -31.09 -6.58
CA LEU B 334 -69.92 -29.82 -7.23
C LEU B 334 -70.84 -29.61 -8.43
N TRP B 335 -70.96 -30.63 -9.30
CA TRP B 335 -71.84 -30.50 -10.46
C TRP B 335 -73.25 -30.09 -10.05
N VAL B 336 -73.78 -30.69 -8.99
CA VAL B 336 -75.10 -30.29 -8.50
C VAL B 336 -75.08 -28.85 -8.01
N LYS B 337 -74.00 -28.42 -7.37
CA LYS B 337 -73.98 -27.03 -6.90
C LYS B 337 -74.12 -26.07 -8.08
N PHE B 338 -73.37 -26.31 -9.16
CA PHE B 338 -73.54 -25.50 -10.36
C PHE B 338 -74.99 -25.50 -10.83
N ASN B 339 -75.61 -26.68 -10.92
CA ASN B 339 -76.95 -26.76 -11.48
C ASN B 339 -78.00 -26.12 -10.59
N ASN B 340 -77.68 -25.86 -9.32
CA ASN B 340 -78.61 -25.16 -8.43
C ASN B 340 -78.59 -23.64 -8.61
N GLN B 341 -77.72 -23.09 -9.45
CA GLN B 341 -77.58 -21.64 -9.60
C GLN B 341 -78.02 -21.22 -10.99
N PRO B 342 -79.24 -20.75 -11.18
CA PRO B 342 -79.62 -20.19 -12.48
C PRO B 342 -78.94 -18.85 -12.74
N ALA B 343 -78.86 -18.51 -14.01
CA ALA B 343 -78.59 -17.13 -14.38
C ALA B 343 -79.74 -16.27 -13.86
N PRO B 344 -79.47 -15.20 -13.13
CA PRO B 344 -80.55 -14.38 -12.58
C PRO B 344 -81.45 -13.86 -13.69
N PRO B 345 -82.69 -13.50 -13.36
CA PRO B 345 -83.69 -13.26 -14.41
C PRO B 345 -83.30 -12.16 -15.38
N LYS B 346 -83.56 -12.40 -16.65
CA LYS B 346 -83.35 -11.44 -17.72
C LYS B 346 -84.70 -11.01 -18.28
N VAL B 347 -84.75 -9.80 -18.84
CA VAL B 347 -85.93 -9.30 -19.53
C VAL B 347 -85.47 -8.58 -20.81
N GLY B 348 -86.45 -8.21 -21.64
CA GLY B 348 -86.16 -7.42 -22.82
C GLY B 348 -85.14 -8.08 -23.73
N ILE B 349 -84.24 -7.26 -24.29
CA ILE B 349 -83.30 -7.77 -25.28
C ILE B 349 -82.33 -8.77 -24.66
N THR B 350 -81.95 -8.55 -23.40
CA THR B 350 -81.04 -9.48 -22.73
C THR B 350 -81.57 -10.91 -22.74
N LEU B 351 -82.87 -11.08 -22.46
CA LEU B 351 -83.47 -12.42 -22.56
C LEU B 351 -83.40 -12.96 -23.99
N LYS B 352 -83.74 -12.13 -24.98
CA LYS B 352 -83.76 -12.61 -26.35
C LYS B 352 -82.39 -13.13 -26.78
N GLU B 353 -81.31 -12.50 -26.30
CA GLU B 353 -79.98 -12.91 -26.72
C GLU B 353 -79.41 -14.03 -25.87
N SER B 354 -79.98 -14.29 -24.70
CA SER B 354 -79.48 -15.32 -23.82
C SER B 354 -80.69 -15.97 -23.14
N SER B 355 -81.52 -16.65 -23.93
CA SER B 355 -82.83 -17.11 -23.47
C SER B 355 -82.68 -18.50 -22.84
N THR B 356 -82.18 -18.51 -21.59
CA THR B 356 -81.85 -19.76 -20.93
C THR B 356 -81.71 -19.53 -19.43
N TYR B 357 -81.94 -20.59 -18.65
CA TYR B 357 -81.60 -20.57 -17.23
C TYR B 357 -80.12 -20.77 -16.96
N THR B 358 -79.38 -21.34 -17.90
CA THR B 358 -77.99 -21.66 -17.64
C THR B 358 -77.13 -20.39 -17.60
N ASP B 359 -76.00 -20.49 -16.91
CA ASP B 359 -75.12 -19.33 -16.75
C ASP B 359 -73.72 -19.59 -17.29
N PHE B 360 -73.55 -20.57 -18.17
CA PHE B 360 -72.37 -20.70 -19.01
C PHE B 360 -71.08 -20.78 -18.19
N ALA B 361 -71.10 -21.64 -17.17
CA ALA B 361 -69.92 -21.96 -16.38
C ALA B 361 -69.16 -23.06 -17.11
N ASN B 362 -68.12 -22.67 -17.84
CA ASN B 362 -67.44 -23.52 -18.82
C ASN B 362 -66.18 -24.13 -18.20
N ILE B 363 -66.14 -25.46 -18.14
CA ILE B 363 -64.98 -26.19 -17.62
C ILE B 363 -64.22 -26.78 -18.79
N ASN B 364 -62.90 -26.60 -18.80
CA ASN B 364 -62.00 -27.11 -19.84
C ASN B 364 -61.22 -28.28 -19.26
N THR B 365 -61.48 -29.49 -19.76
CA THR B 365 -60.80 -30.69 -19.29
C THR B 365 -59.90 -31.23 -20.40
N GLY B 366 -58.69 -31.65 -20.03
CA GLY B 366 -57.73 -32.15 -21.00
C GLY B 366 -56.60 -31.18 -21.25
N GLY B 367 -56.43 -30.74 -22.49
CA GLY B 367 -55.52 -29.67 -22.82
C GLY B 367 -54.07 -29.97 -22.40
N ILE B 368 -53.36 -28.90 -22.03
CA ILE B 368 -51.95 -28.97 -21.66
C ILE B 368 -51.80 -28.46 -20.24
N ASN B 369 -50.73 -28.91 -19.59
CA ASN B 369 -50.37 -28.45 -18.26
C ASN B 369 -49.58 -27.14 -18.37
N PRO B 370 -49.27 -26.51 -17.24
CA PRO B 370 -48.57 -25.21 -17.29
C PRO B 370 -47.23 -25.26 -18.00
N ASP B 371 -46.61 -26.42 -18.13
CA ASP B 371 -45.37 -26.53 -18.88
C ASP B 371 -45.58 -26.72 -20.36
N GLY B 372 -46.82 -26.78 -20.83
CA GLY B 372 -47.09 -26.95 -22.24
C GLY B 372 -47.18 -28.38 -22.72
N GLN B 373 -47.09 -29.37 -21.85
CA GLN B 373 -47.18 -30.77 -22.26
C GLN B 373 -48.57 -31.34 -21.96
N ASP B 374 -48.83 -32.54 -22.49
CA ASP B 374 -50.10 -33.23 -22.34
C ASP B 374 -50.63 -33.13 -20.92
N GLY B 375 -51.82 -32.57 -20.77
CA GLY B 375 -52.41 -32.34 -19.48
C GLY B 375 -53.41 -33.38 -19.02
N VAL B 376 -53.77 -34.35 -19.86
CA VAL B 376 -54.72 -35.37 -19.42
C VAL B 376 -54.15 -36.11 -18.23
N ASN B 377 -54.93 -36.19 -17.16
CA ASN B 377 -54.51 -36.88 -15.95
C ASN B 377 -55.71 -37.63 -15.40
N GLU B 378 -55.53 -38.27 -14.24
CA GLU B 378 -56.59 -39.11 -13.71
C GLU B 378 -57.84 -38.28 -13.42
N VAL B 379 -57.65 -37.06 -12.94
CA VAL B 379 -58.80 -36.23 -12.64
C VAL B 379 -59.58 -35.90 -13.92
N SER B 380 -58.89 -35.76 -15.05
CA SER B 380 -59.57 -35.53 -16.31
C SER B 380 -60.60 -36.64 -16.58
N TYR B 381 -60.22 -37.89 -16.37
CA TYR B 381 -61.16 -38.98 -16.62
C TYR B 381 -62.26 -39.02 -15.56
N ILE B 382 -61.94 -38.66 -14.32
CA ILE B 382 -63.01 -38.59 -13.32
C ILE B 382 -64.06 -37.59 -13.75
N ILE B 383 -63.63 -36.42 -14.22
CA ILE B 383 -64.58 -35.40 -14.67
C ILE B 383 -65.42 -35.92 -15.82
N LEU B 384 -64.81 -36.59 -16.79
CA LEU B 384 -65.60 -37.20 -17.86
C LEU B 384 -66.62 -38.17 -17.29
N ASP B 385 -66.23 -38.97 -16.29
CA ASP B 385 -67.19 -39.88 -15.67
C ASP B 385 -68.34 -39.13 -15.01
N VAL B 386 -68.04 -38.05 -14.29
CA VAL B 386 -69.12 -37.41 -13.54
C VAL B 386 -70.08 -36.68 -14.48
N MET B 387 -69.55 -36.07 -15.55
CA MET B 387 -70.43 -35.38 -16.48
C MET B 387 -71.29 -36.36 -17.24
N ASP B 388 -70.73 -37.52 -17.59
CA ASP B 388 -71.51 -38.58 -18.22
C ASP B 388 -72.64 -39.03 -17.30
N GLU B 389 -72.32 -39.35 -16.05
CA GLU B 389 -73.35 -39.84 -15.14
C GLU B 389 -74.40 -38.77 -14.84
N MET B 390 -73.97 -37.57 -14.47
CA MET B 390 -74.93 -36.59 -13.94
C MET B 390 -75.85 -36.03 -15.00
N LYS B 391 -75.38 -35.91 -16.23
CA LYS B 391 -76.15 -35.34 -17.36
C LYS B 391 -76.92 -34.09 -16.93
N LEU B 392 -76.16 -33.12 -16.41
CA LEU B 392 -76.71 -31.83 -16.02
C LEU B 392 -76.21 -30.76 -16.96
N ILE B 393 -77.11 -29.85 -17.37
CA ILE B 393 -76.71 -28.84 -18.36
C ILE B 393 -75.89 -27.72 -17.73
N GLN B 394 -75.77 -27.67 -16.42
CA GLN B 394 -74.74 -26.88 -15.72
C GLN B 394 -73.94 -27.84 -14.84
N PRO B 395 -72.61 -27.68 -14.81
CA PRO B 395 -71.84 -26.73 -15.60
C PRO B 395 -71.73 -27.17 -17.04
N SER B 396 -71.16 -26.33 -17.88
CA SER B 396 -70.91 -26.64 -19.29
C SER B 396 -69.56 -27.35 -19.33
N SER B 397 -69.59 -28.69 -19.40
CA SER B 397 -68.40 -29.52 -19.22
C SER B 397 -67.81 -29.89 -20.58
N ASN B 398 -66.63 -29.33 -20.89
CA ASN B 398 -66.05 -29.45 -22.22
C ASN B 398 -64.63 -29.95 -22.12
N VAL B 399 -64.05 -30.22 -23.28
CA VAL B 399 -62.70 -30.79 -23.36
C VAL B 399 -61.84 -29.96 -24.31
N GLN B 400 -60.57 -29.79 -23.93
CA GLN B 400 -59.54 -29.28 -24.80
C GLN B 400 -58.76 -30.43 -25.42
N ILE B 401 -58.65 -30.41 -26.74
CA ILE B 401 -57.93 -31.42 -27.50
C ILE B 401 -56.69 -30.78 -28.10
N SER B 402 -55.54 -31.33 -27.76
CA SER B 402 -54.26 -30.94 -28.33
C SER B 402 -53.75 -32.05 -29.24
N LYS B 403 -52.83 -31.68 -30.14
CA LYS B 403 -52.04 -32.68 -30.83
C LYS B 403 -51.29 -33.60 -29.86
N LYS B 404 -51.12 -33.16 -28.61
CA LYS B 404 -50.48 -33.94 -27.57
C LYS B 404 -51.46 -34.81 -26.77
N THR B 405 -52.75 -34.72 -27.04
CA THR B 405 -53.76 -35.44 -26.26
C THR B 405 -53.82 -36.90 -26.69
N PRO B 406 -53.85 -37.84 -25.74
CA PRO B 406 -53.99 -39.26 -26.10
C PRO B 406 -55.34 -39.53 -26.77
N GLN B 407 -55.31 -40.36 -27.81
CA GLN B 407 -56.53 -40.67 -28.55
C GLN B 407 -57.61 -41.27 -27.67
N LYS B 408 -57.22 -42.03 -26.64
CA LYS B 408 -58.21 -42.60 -25.74
C LYS B 408 -59.04 -41.51 -25.07
N PHE B 409 -58.41 -40.39 -24.72
CA PHE B 409 -59.19 -39.31 -24.12
C PHE B 409 -60.18 -38.73 -25.12
N LEU B 410 -59.72 -38.47 -26.34
CA LEU B 410 -60.64 -37.92 -27.33
C LEU B 410 -61.82 -38.85 -27.56
N LYS B 411 -61.56 -40.15 -27.67
CA LYS B 411 -62.63 -41.09 -28.00
C LYS B 411 -63.62 -41.20 -26.84
N ARG B 412 -63.13 -41.16 -25.60
CA ARG B 412 -64.03 -41.13 -24.47
C ARG B 412 -64.94 -39.91 -24.52
N ALA B 413 -64.37 -38.75 -24.88
CA ALA B 413 -65.18 -37.55 -25.05
C ALA B 413 -66.23 -37.75 -26.13
N CYS B 414 -65.84 -38.37 -27.25
CA CYS B 414 -66.81 -38.63 -28.31
C CYS B 414 -67.90 -39.60 -27.83
N GLU B 415 -67.54 -40.56 -26.96
CA GLU B 415 -68.54 -41.47 -26.41
C GLU B 415 -69.67 -40.71 -25.76
N ILE B 416 -69.33 -39.65 -25.02
CA ILE B 416 -70.35 -38.87 -24.34
C ILE B 416 -71.10 -38.00 -25.34
N SER B 417 -70.37 -37.37 -26.26
CA SER B 417 -70.99 -36.49 -27.25
C SER B 417 -72.03 -37.23 -28.09
N ARG B 418 -71.74 -38.46 -28.51
CA ARG B 418 -72.68 -39.17 -29.37
C ARG B 418 -73.97 -39.55 -28.66
N LYS B 419 -74.00 -39.53 -27.33
CA LYS B 419 -75.25 -39.78 -26.62
C LYS B 419 -76.29 -38.68 -26.84
N GLY B 420 -75.92 -37.58 -27.48
CA GLY B 420 -76.88 -36.66 -28.06
C GLY B 420 -77.42 -35.56 -27.17
N TRP B 421 -76.80 -35.28 -26.02
CA TRP B 421 -77.21 -34.15 -25.21
C TRP B 421 -76.23 -32.99 -25.29
N GLY B 422 -75.34 -33.01 -26.28
CA GLY B 422 -74.55 -31.83 -26.62
C GLY B 422 -73.18 -31.75 -25.98
N GLN B 423 -73.08 -32.01 -24.69
CA GLN B 423 -71.77 -31.99 -24.03
C GLN B 423 -70.99 -33.27 -24.27
N PRO B 424 -69.66 -33.17 -24.35
CA PRO B 424 -68.84 -31.96 -24.31
C PRO B 424 -68.63 -31.32 -25.68
N ALA B 425 -68.38 -30.01 -25.68
CA ALA B 425 -67.83 -29.39 -26.86
C ALA B 425 -66.32 -29.66 -26.95
N PHE B 426 -65.77 -29.49 -28.14
CA PHE B 426 -64.35 -29.73 -28.38
C PHE B 426 -63.66 -28.42 -28.76
N TYR B 427 -62.54 -28.12 -28.09
CA TYR B 427 -61.75 -26.92 -28.37
C TYR B 427 -60.32 -27.30 -28.71
N ASN B 428 -59.75 -26.59 -29.69
CA ASN B 428 -58.42 -26.87 -30.20
C ASN B 428 -57.38 -26.13 -29.36
N THR B 429 -56.64 -26.87 -28.53
CA THR B 429 -55.62 -26.27 -27.66
C THR B 429 -54.62 -25.46 -28.46
N GLU B 430 -54.19 -25.98 -29.61
CA GLU B 430 -53.20 -25.26 -30.39
C GLU B 430 -53.75 -23.96 -30.94
N ALA B 431 -55.03 -23.93 -31.31
CA ALA B 431 -55.64 -22.68 -31.76
C ALA B 431 -55.74 -21.68 -30.63
N ILE B 432 -56.19 -22.15 -29.46
CA ILE B 432 -56.29 -21.31 -28.28
C ILE B 432 -54.95 -20.65 -27.98
N VAL B 433 -53.88 -21.45 -27.93
CA VAL B 433 -52.58 -20.89 -27.54
C VAL B 433 -52.13 -19.82 -28.53
N GLN B 434 -52.29 -20.08 -29.83
CA GLN B 434 -51.90 -19.11 -30.84
C GLN B 434 -52.80 -17.88 -30.86
N GLU B 435 -54.12 -18.07 -30.66
CA GLU B 435 -55.00 -16.91 -30.53
C GLU B 435 -54.54 -15.98 -29.41
N LEU B 436 -54.22 -16.57 -28.26
CA LEU B 436 -53.77 -15.77 -27.12
C LEU B 436 -52.47 -15.03 -27.44
N MET B 437 -51.52 -15.73 -28.06
CA MET B 437 -50.24 -15.10 -28.35
C MET B 437 -50.39 -13.99 -29.38
N GLU B 438 -51.25 -14.18 -30.37
CA GLU B 438 -51.54 -13.13 -31.34
C GLU B 438 -52.07 -11.88 -30.66
N ALA B 439 -52.84 -12.05 -29.58
CA ALA B 439 -53.36 -10.92 -28.82
C ALA B 439 -52.37 -10.38 -27.80
N GLY B 440 -51.17 -10.93 -27.70
CA GLY B 440 -50.13 -10.38 -26.84
C GLY B 440 -49.81 -11.18 -25.59
N LYS B 441 -50.46 -12.33 -25.37
CA LYS B 441 -50.12 -13.15 -24.22
C LYS B 441 -48.75 -13.81 -24.42
N THR B 442 -47.95 -13.86 -23.35
CA THR B 442 -46.73 -14.64 -23.44
C THR B 442 -47.07 -16.13 -23.49
N ILE B 443 -46.13 -16.94 -24.00
CA ILE B 443 -46.37 -18.38 -24.09
C ILE B 443 -46.60 -18.96 -22.69
N GLU B 444 -45.88 -18.45 -21.70
CA GLU B 444 -46.06 -18.89 -20.33
C GLU B 444 -47.49 -18.68 -19.85
N ASP B 445 -48.07 -17.52 -20.13
CA ASP B 445 -49.43 -17.24 -19.71
C ASP B 445 -50.46 -17.97 -20.58
N ALA B 446 -50.19 -18.10 -21.88
CA ALA B 446 -51.17 -18.74 -22.77
C ALA B 446 -51.37 -20.22 -22.43
N ARG B 447 -50.32 -20.91 -21.99
CA ARG B 447 -50.44 -22.30 -21.58
C ARG B 447 -51.40 -22.48 -20.41
N LEU B 448 -51.79 -21.39 -19.76
CA LEU B 448 -52.75 -21.46 -18.68
C LEU B 448 -54.17 -21.17 -19.15
N GLY B 449 -54.35 -20.89 -20.45
CA GLY B 449 -55.61 -20.37 -20.94
C GLY B 449 -56.55 -21.46 -21.46
N GLY B 450 -57.67 -20.98 -22.00
CA GLY B 450 -58.67 -21.87 -22.53
C GLY B 450 -59.85 -21.07 -23.02
N THR B 451 -61.00 -21.73 -23.10
CA THR B 451 -62.24 -21.06 -23.49
C THR B 451 -63.21 -21.05 -22.31
N SER B 452 -64.04 -20.00 -22.28
CA SER B 452 -65.10 -19.88 -21.30
C SER B 452 -66.36 -19.43 -22.01
N GLY B 453 -67.41 -19.21 -21.25
CA GLY B 453 -68.67 -18.80 -21.85
C GLY B 453 -69.09 -19.86 -22.85
N CYS B 454 -69.25 -19.45 -24.10
CA CYS B 454 -69.56 -20.39 -25.18
C CYS B 454 -68.30 -20.94 -25.83
N VAL B 455 -67.47 -20.05 -26.39
CA VAL B 455 -66.28 -20.45 -27.13
C VAL B 455 -65.14 -19.44 -26.92
N GLU B 456 -65.27 -18.56 -25.93
CA GLU B 456 -64.44 -17.36 -25.89
C GLU B 456 -63.06 -17.64 -25.33
N THR B 457 -62.02 -17.32 -26.11
CA THR B 457 -60.64 -17.56 -25.71
C THR B 457 -60.16 -16.52 -24.69
N GLY B 458 -59.49 -16.97 -23.62
CA GLY B 458 -58.99 -16.05 -22.62
C GLY B 458 -57.86 -16.63 -21.82
N CYS B 459 -57.11 -15.75 -21.15
CA CYS B 459 -56.00 -16.16 -20.29
C CYS B 459 -56.49 -16.21 -18.84
N PHE B 460 -56.84 -17.41 -18.38
CA PHE B 460 -57.56 -17.61 -17.12
C PHE B 460 -56.84 -17.03 -15.90
N GLY B 461 -57.55 -16.24 -15.12
CA GLY B 461 -57.01 -15.64 -13.92
C GLY B 461 -56.09 -14.47 -14.15
N LYS B 462 -55.91 -14.05 -15.40
CA LYS B 462 -55.00 -12.98 -15.75
C LYS B 462 -55.58 -11.99 -16.75
N GLU B 463 -56.86 -12.10 -17.07
CA GLU B 463 -57.41 -11.29 -18.16
C GLU B 463 -58.83 -10.85 -17.82
N ALA B 464 -59.13 -9.59 -18.16
CA ALA B 464 -60.50 -9.14 -18.33
C ALA B 464 -60.77 -9.15 -19.83
N TYR B 465 -61.64 -10.05 -20.27
CA TYR B 465 -61.99 -10.15 -21.70
C TYR B 465 -63.51 -10.09 -21.76
N VAL B 466 -64.01 -8.89 -22.06
CA VAL B 466 -65.40 -8.52 -21.87
C VAL B 466 -66.12 -8.53 -23.22
N LEU B 467 -67.24 -9.25 -23.28
CA LEU B 467 -68.13 -9.20 -24.44
C LEU B 467 -69.08 -8.03 -24.29
N THR B 468 -69.24 -7.23 -25.34
CA THR B 468 -70.09 -6.05 -25.25
C THR B 468 -71.43 -6.18 -25.97
N GLY B 469 -71.60 -7.17 -26.84
CA GLY B 469 -72.87 -7.37 -27.50
C GLY B 469 -72.69 -7.94 -28.88
N TYR B 470 -73.78 -8.52 -29.41
CA TYR B 470 -73.78 -9.11 -30.74
C TYR B 470 -73.98 -8.03 -31.81
N MET B 471 -73.41 -8.28 -32.99
CA MET B 471 -73.53 -7.37 -34.12
C MET B 471 -74.26 -8.06 -35.28
N ASN B 472 -75.34 -7.43 -35.76
CA ASN B 472 -76.22 -8.03 -36.76
C ASN B 472 -75.65 -7.77 -38.14
N ILE B 473 -74.66 -8.58 -38.52
CA ILE B 473 -73.95 -8.36 -39.78
C ILE B 473 -74.90 -8.45 -40.97
N PRO B 474 -75.82 -9.42 -41.05
CA PRO B 474 -76.76 -9.46 -42.20
C PRO B 474 -77.62 -8.22 -42.33
N LYS B 475 -78.11 -7.67 -41.22
CA LYS B 475 -78.92 -6.47 -41.29
C LYS B 475 -78.12 -5.23 -41.68
N ILE B 476 -76.80 -5.25 -41.48
CA ILE B 476 -75.98 -4.17 -42.02
C ILE B 476 -75.99 -4.20 -43.54
N LEU B 477 -75.99 -5.40 -44.14
CA LEU B 477 -76.19 -5.49 -45.57
C LEU B 477 -77.60 -5.02 -45.96
N GLU B 478 -78.60 -5.37 -45.15
CA GLU B 478 -79.95 -4.90 -45.43
C GLU B 478 -80.01 -3.38 -45.46
N LEU B 479 -79.33 -2.72 -44.52
CA LEU B 479 -79.23 -1.26 -44.56
C LEU B 479 -78.55 -0.81 -45.84
N THR B 480 -77.46 -1.46 -46.21
CA THR B 480 -76.74 -1.11 -47.43
C THR B 480 -77.67 -1.17 -48.64
N LEU B 481 -78.40 -2.28 -48.78
CA LEU B 481 -79.26 -2.44 -49.93
C LEU B 481 -80.42 -1.46 -49.93
N ASN B 482 -80.64 -0.74 -48.83
CA ASN B 482 -81.72 0.23 -48.70
C ASN B 482 -81.22 1.64 -48.42
N ASN B 483 -79.96 1.92 -48.72
CA ASN B 483 -79.40 3.26 -48.59
C ASN B 483 -79.57 3.80 -47.17
N GLY B 484 -79.33 2.95 -46.18
CA GLY B 484 -79.40 3.32 -44.78
C GLY B 484 -80.77 3.19 -44.16
N TYR B 485 -81.79 2.94 -44.95
CA TYR B 485 -83.14 2.81 -44.45
C TYR B 485 -83.37 1.39 -43.94
N ASP B 486 -84.06 1.27 -42.80
CA ASP B 486 -84.41 -0.02 -42.24
C ASP B 486 -85.83 -0.36 -42.65
N PRO B 487 -86.05 -1.37 -43.51
CA PRO B 487 -87.42 -1.67 -43.94
C PRO B 487 -88.31 -2.17 -42.83
N ILE B 488 -87.75 -2.66 -41.72
CA ILE B 488 -88.57 -3.25 -40.66
C ILE B 488 -89.06 -2.17 -39.69
N SER B 489 -88.13 -1.44 -39.11
CA SER B 489 -88.51 -0.34 -38.23
C SER B 489 -89.05 0.85 -39.01
N LYS B 490 -88.73 0.95 -40.30
CA LYS B 490 -89.20 2.06 -41.12
C LYS B 490 -88.60 3.38 -40.64
N LYS B 491 -87.32 3.35 -40.33
CA LYS B 491 -86.56 4.49 -39.85
C LYS B 491 -85.23 4.52 -40.59
N GLN B 492 -84.63 5.70 -40.66
CA GLN B 492 -83.28 5.82 -41.18
C GLN B 492 -82.30 5.43 -40.07
N ILE B 493 -81.72 4.23 -40.17
CA ILE B 493 -80.85 3.71 -39.12
C ILE B 493 -79.38 3.86 -39.50
N GLY B 494 -79.03 3.64 -40.76
CA GLY B 494 -77.68 3.74 -41.24
C GLY B 494 -77.40 5.06 -41.95
N ILE B 495 -76.38 5.04 -42.80
CA ILE B 495 -75.97 6.20 -43.56
C ILE B 495 -76.38 6.01 -45.02
N GLU B 496 -76.33 7.09 -45.78
CA GLU B 496 -76.69 7.07 -47.20
C GLU B 496 -75.47 6.68 -48.00
N THR B 497 -75.34 5.40 -48.31
CA THR B 497 -74.21 4.94 -49.10
C THR B 497 -74.53 4.87 -50.58
N GLY B 498 -75.76 5.15 -50.98
CA GLY B 498 -76.10 5.20 -52.39
C GLY B 498 -77.19 4.24 -52.79
N ASP B 499 -77.91 4.54 -53.87
CA ASP B 499 -78.89 3.61 -54.41
C ASP B 499 -78.17 2.39 -54.99
N PRO B 500 -78.44 1.18 -54.50
CA PRO B 500 -77.73 0.01 -55.02
C PRO B 500 -77.96 -0.23 -56.49
N ARG B 501 -79.08 0.23 -57.04
CA ARG B 501 -79.33 0.07 -58.46
C ARG B 501 -78.26 0.78 -59.30
N ASN B 502 -77.58 1.77 -58.73
CA ASN B 502 -76.56 2.50 -59.46
C ASN B 502 -75.17 1.91 -59.33
N PHE B 503 -75.00 0.87 -58.51
CA PHE B 503 -73.68 0.25 -58.35
C PHE B 503 -73.33 -0.54 -59.61
N GLN B 504 -72.21 -0.20 -60.23
CA GLN B 504 -71.83 -0.81 -61.50
C GLN B 504 -70.90 -2.01 -61.35
N SER B 505 -70.57 -2.42 -60.12
CA SER B 505 -69.75 -3.60 -59.90
C SER B 505 -70.01 -4.14 -58.51
N TYR B 506 -69.66 -5.41 -58.31
CA TYR B 506 -69.74 -5.97 -56.98
C TYR B 506 -68.82 -5.22 -56.02
N GLU B 507 -67.65 -4.80 -56.49
CA GLU B 507 -66.72 -4.09 -55.63
C GLU B 507 -67.36 -2.82 -55.07
N GLU B 508 -68.11 -2.08 -55.89
CA GLU B 508 -68.79 -0.90 -55.40
C GLU B 508 -69.80 -1.24 -54.31
N LEU B 509 -70.58 -2.31 -54.51
CA LEU B 509 -71.53 -2.71 -53.48
C LEU B 509 -70.81 -3.07 -52.19
N PHE B 510 -69.73 -3.83 -52.29
CA PHE B 510 -69.04 -4.25 -51.09
C PHE B 510 -68.41 -3.05 -50.39
N GLU B 511 -67.92 -2.08 -51.16
CA GLU B 511 -67.43 -0.85 -50.54
C GLU B 511 -68.54 -0.14 -49.79
N ALA B 512 -69.75 -0.10 -50.36
CA ALA B 512 -70.88 0.47 -49.65
C ALA B 512 -71.17 -0.30 -48.37
N PHE B 513 -71.08 -1.63 -48.41
CA PHE B 513 -71.31 -2.41 -47.20
C PHE B 513 -70.30 -2.07 -46.12
N LYS B 514 -69.02 -1.93 -46.49
CA LYS B 514 -67.99 -1.61 -45.51
C LYS B 514 -68.21 -0.24 -44.88
N LYS B 515 -68.75 0.72 -45.63
CA LYS B 515 -69.06 2.01 -45.02
C LYS B 515 -70.21 1.89 -44.03
N GLN B 516 -71.23 1.10 -44.36
CA GLN B 516 -72.30 0.86 -43.39
C GLN B 516 -71.76 0.17 -42.14
N LEU B 517 -70.89 -0.82 -42.33
CA LEU B 517 -70.25 -1.50 -41.21
C LEU B 517 -69.46 -0.52 -40.34
N HIS B 518 -68.61 0.29 -40.98
CA HIS B 518 -67.82 1.28 -40.25
C HIS B 518 -68.70 2.17 -39.40
N TYR B 519 -69.81 2.65 -39.97
CA TYR B 519 -70.71 3.53 -39.23
C TYR B 519 -71.30 2.82 -38.03
N MET B 520 -71.76 1.58 -38.21
CA MET B 520 -72.43 0.88 -37.12
C MET B 520 -71.45 0.52 -36.02
N ILE B 521 -70.23 0.10 -36.37
CA ILE B 521 -69.23 -0.18 -35.36
C ILE B 521 -68.89 1.07 -34.58
N ASP B 522 -68.76 2.21 -35.28
CA ASP B 522 -68.49 3.48 -34.59
C ASP B 522 -69.56 3.79 -33.56
N ILE B 523 -70.83 3.60 -33.94
CA ILE B 523 -71.93 3.85 -33.02
C ILE B 523 -71.80 2.96 -31.80
N LYS B 524 -71.55 1.67 -32.04
CA LYS B 524 -71.45 0.69 -30.96
C LYS B 524 -70.28 0.99 -30.04
N ILE B 525 -69.11 1.27 -30.62
CA ILE B 525 -67.91 1.51 -29.81
C ILE B 525 -68.08 2.77 -28.98
N GLU B 526 -68.71 3.80 -29.54
CA GLU B 526 -68.92 5.04 -28.79
C GLU B 526 -69.78 4.77 -27.56
N GLY B 527 -70.86 3.99 -27.72
CA GLY B 527 -71.63 3.57 -26.56
C GLY B 527 -70.84 2.73 -25.58
N ASN B 528 -70.04 1.78 -26.10
CA ASN B 528 -69.19 0.94 -25.25
C ASN B 528 -68.25 1.76 -24.38
N ALA B 529 -67.65 2.83 -24.93
CA ALA B 529 -66.70 3.62 -24.16
C ALA B 529 -67.38 4.27 -22.96
N VAL B 530 -68.56 4.86 -23.17
CA VAL B 530 -69.33 5.38 -22.05
C VAL B 530 -69.62 4.28 -21.03
N ILE B 531 -70.09 3.12 -21.51
CA ILE B 531 -70.48 2.04 -20.60
C ILE B 531 -69.28 1.53 -19.82
N GLU B 532 -68.12 1.45 -20.47
CA GLU B 532 -66.91 1.02 -19.79
C GLU B 532 -66.57 1.94 -18.62
N ASN B 533 -66.73 3.26 -18.80
CA ASN B 533 -66.55 4.21 -17.70
C ASN B 533 -67.54 3.95 -16.58
N ILE B 534 -68.81 3.78 -16.92
CA ILE B 534 -69.85 3.57 -15.92
C ILE B 534 -69.57 2.31 -15.11
N CYS B 535 -69.20 1.22 -15.79
CA CYS B 535 -68.89 0.01 -15.03
C CYS B 535 -67.64 0.21 -14.16
N ALA B 536 -66.61 0.87 -14.70
CA ALA B 536 -65.40 1.07 -13.93
C ALA B 536 -65.66 1.90 -12.68
N LYS B 537 -66.51 2.92 -12.78
CA LYS B 537 -66.73 3.83 -11.66
C LYS B 537 -67.79 3.31 -10.69
N HIS B 538 -68.83 2.67 -11.20
CA HIS B 538 -69.96 2.27 -10.37
C HIS B 538 -70.09 0.77 -10.17
N MET B 539 -69.32 -0.04 -10.89
CA MET B 539 -69.34 -1.48 -10.64
C MET B 539 -67.96 -2.04 -10.30
N PRO B 540 -67.15 -1.36 -9.49
CA PRO B 540 -65.87 -1.96 -9.11
C PRO B 540 -66.16 -3.27 -8.39
N CYS B 541 -65.27 -4.23 -8.56
CA CYS B 541 -65.48 -5.58 -8.03
C CYS B 541 -64.26 -5.97 -7.19
N PRO B 542 -64.18 -5.44 -5.97
CA PRO B 542 -63.00 -5.70 -5.12
C PRO B 542 -62.75 -7.18 -4.82
N LEU B 543 -63.79 -8.01 -4.68
CA LEU B 543 -63.54 -9.44 -4.45
C LEU B 543 -62.85 -10.07 -5.66
N MET B 544 -63.43 -9.90 -6.85
CA MET B 544 -62.80 -10.48 -8.03
C MET B 544 -61.36 -10.01 -8.19
N SER B 545 -61.09 -8.74 -7.85
CA SER B 545 -59.75 -8.21 -8.02
C SER B 545 -58.71 -8.97 -7.20
N THR B 546 -59.07 -9.47 -6.01
CA THR B 546 -58.07 -10.12 -5.17
C THR B 546 -57.51 -11.38 -5.80
N ILE B 547 -58.21 -11.98 -6.76
CA ILE B 547 -57.78 -13.27 -7.29
C ILE B 547 -57.39 -13.19 -8.77
N VAL B 548 -57.33 -12.00 -9.30
CA VAL B 548 -56.96 -11.84 -10.66
C VAL B 548 -55.60 -11.17 -10.83
N ASP B 549 -54.73 -11.88 -11.51
CA ASP B 549 -53.44 -11.35 -11.79
C ASP B 549 -53.41 -10.06 -12.44
N ASP B 550 -52.67 -9.36 -11.61
CA ASP B 550 -52.14 -8.09 -11.41
C ASP B 550 -52.91 -7.06 -10.64
N CYS B 551 -54.11 -7.36 -10.18
CA CYS B 551 -54.83 -6.25 -9.57
C CYS B 551 -54.14 -5.76 -8.28
N ILE B 552 -53.72 -6.67 -7.41
CA ILE B 552 -53.07 -6.26 -6.16
C ILE B 552 -51.74 -5.56 -6.45
N GLU B 553 -50.91 -6.15 -7.32
CA GLU B 553 -49.62 -5.55 -7.65
C GLU B 553 -49.80 -4.15 -8.25
N LYS B 554 -50.78 -3.98 -9.12
CA LYS B 554 -51.03 -2.68 -9.72
C LYS B 554 -51.75 -1.74 -8.77
N GLY B 555 -52.36 -2.26 -7.71
CA GLY B 555 -53.30 -1.48 -6.91
C GLY B 555 -54.44 -0.96 -7.77
N LYS B 556 -55.06 -1.85 -8.55
CA LYS B 556 -56.04 -1.42 -9.55
C LYS B 556 -57.15 -2.44 -9.71
N ASP B 557 -58.38 -1.99 -9.58
CA ASP B 557 -59.54 -2.89 -9.63
C ASP B 557 -59.65 -3.58 -10.99
N TYR B 558 -60.15 -4.82 -10.96
CA TYR B 558 -60.39 -5.59 -12.18
C TYR B 558 -61.30 -4.85 -13.14
N GLN B 559 -62.28 -4.11 -12.63
CA GLN B 559 -63.23 -3.42 -13.48
C GLN B 559 -62.65 -2.18 -14.14
N ARG B 560 -61.42 -1.80 -13.84
CA ARG B 560 -60.87 -0.64 -14.53
C ARG B 560 -59.47 -0.91 -15.06
N GLY B 561 -59.14 -2.17 -15.31
CA GLY B 561 -57.90 -2.52 -15.98
C GLY B 561 -56.84 -3.19 -15.12
N GLY B 562 -57.16 -3.62 -13.91
CA GLY B 562 -56.16 -4.24 -13.06
C GLY B 562 -55.60 -5.54 -13.60
N ALA B 563 -56.36 -6.24 -14.45
CA ALA B 563 -55.90 -7.52 -14.99
C ALA B 563 -54.65 -7.32 -15.84
N ARG B 564 -53.82 -8.37 -15.89
CA ARG B 564 -52.60 -8.30 -16.69
C ARG B 564 -52.92 -8.02 -18.15
N TYR B 565 -53.97 -8.64 -18.67
CA TYR B 565 -54.39 -8.49 -20.06
C TYR B 565 -55.80 -7.93 -20.09
N ASN B 566 -56.08 -7.09 -21.08
CA ASN B 566 -57.39 -6.44 -21.18
C ASN B 566 -57.83 -6.41 -22.64
N THR B 567 -58.94 -7.07 -22.93
CA THR B 567 -59.50 -7.08 -24.27
C THR B 567 -61.01 -6.87 -24.15
N ARG B 568 -61.59 -6.39 -25.25
CA ARG B 568 -63.03 -6.20 -25.38
C ARG B 568 -63.46 -6.73 -26.73
N TYR B 569 -64.66 -7.31 -26.78
CA TYR B 569 -65.14 -8.00 -27.97
C TYR B 569 -66.50 -7.49 -28.41
N ILE B 570 -66.71 -7.50 -29.72
CA ILE B 570 -68.03 -7.43 -30.33
C ILE B 570 -68.23 -8.75 -31.08
N GLN B 571 -69.35 -9.43 -30.80
CA GLN B 571 -69.57 -10.77 -31.32
C GLN B 571 -70.30 -10.71 -32.65
N GLY B 572 -69.64 -11.20 -33.71
CA GLY B 572 -70.24 -11.17 -35.05
C GLY B 572 -71.20 -12.32 -35.27
N VAL B 573 -72.41 -12.01 -35.74
CA VAL B 573 -73.48 -12.97 -35.94
C VAL B 573 -73.90 -12.99 -37.40
N GLY B 574 -74.09 -14.20 -37.93
CA GLY B 574 -74.71 -14.38 -39.24
C GLY B 574 -73.78 -14.47 -40.41
N ILE B 575 -72.53 -14.92 -40.21
CA ILE B 575 -71.56 -14.91 -41.29
C ILE B 575 -72.02 -15.76 -42.47
N GLY B 576 -72.67 -16.89 -42.19
CA GLY B 576 -73.20 -17.70 -43.28
C GLY B 576 -74.28 -16.97 -44.07
N THR B 577 -75.25 -16.41 -43.38
CA THR B 577 -76.34 -15.70 -44.03
C THR B 577 -75.83 -14.58 -44.93
N ILE B 578 -74.93 -13.73 -44.41
CA ILE B 578 -74.48 -12.60 -45.23
C ILE B 578 -73.54 -13.09 -46.33
N THR B 579 -72.76 -14.14 -46.05
CA THR B 579 -71.90 -14.72 -47.08
C THR B 579 -72.71 -15.21 -48.27
N ASP B 580 -73.74 -16.02 -48.01
CA ASP B 580 -74.57 -16.52 -49.11
C ASP B 580 -75.31 -15.39 -49.79
N SER B 581 -75.69 -14.36 -49.03
CA SER B 581 -76.39 -13.22 -49.62
C SER B 581 -75.48 -12.45 -50.57
N LEU B 582 -74.27 -12.09 -50.13
CA LEU B 582 -73.38 -11.38 -51.05
C LEU B 582 -72.95 -12.28 -52.21
N THR B 583 -72.76 -13.58 -51.95
CA THR B 583 -72.47 -14.51 -53.02
C THR B 583 -73.60 -14.54 -54.04
N ALA B 584 -74.85 -14.52 -53.57
CA ALA B 584 -76.00 -14.50 -54.48
C ALA B 584 -75.99 -13.25 -55.36
N ILE B 585 -75.65 -12.10 -54.78
CA ILE B 585 -75.64 -10.86 -55.56
C ILE B 585 -74.50 -10.88 -56.58
N LYS B 586 -73.31 -11.29 -56.15
CA LYS B 586 -72.17 -11.33 -57.07
C LYS B 586 -72.43 -12.31 -58.21
N TYR B 587 -72.95 -13.50 -57.89
CA TYR B 587 -73.15 -14.53 -58.90
C TYR B 587 -74.30 -14.17 -59.84
N ASN B 588 -75.44 -13.77 -59.29
CA ASN B 588 -76.62 -13.59 -60.12
C ASN B 588 -76.71 -12.20 -60.74
N VAL B 589 -76.34 -11.16 -60.00
CA VAL B 589 -76.48 -9.81 -60.53
C VAL B 589 -75.27 -9.41 -61.37
N PHE B 590 -74.06 -9.66 -60.88
CA PHE B 590 -72.89 -9.09 -61.53
C PHE B 590 -72.13 -10.07 -62.42
N ASP B 591 -72.08 -11.35 -62.09
CA ASP B 591 -71.31 -12.30 -62.90
C ASP B 591 -72.18 -12.87 -64.03
N LYS B 592 -73.18 -13.67 -63.68
CA LYS B 592 -74.03 -14.31 -64.67
C LYS B 592 -75.13 -13.38 -65.20
N LYS B 593 -75.43 -12.29 -64.49
CA LYS B 593 -76.38 -11.29 -64.93
C LYS B 593 -77.74 -11.90 -65.24
N LYS B 594 -78.25 -12.69 -64.30
CA LYS B 594 -79.56 -13.30 -64.50
C LYS B 594 -80.71 -12.37 -64.14
N PHE B 595 -80.47 -11.38 -63.28
CA PHE B 595 -81.45 -10.34 -62.98
C PHE B 595 -80.69 -9.14 -62.44
N ASP B 596 -81.37 -8.01 -62.38
CA ASP B 596 -80.72 -6.78 -61.95
C ASP B 596 -81.02 -6.47 -60.49
N MET B 597 -80.35 -5.44 -59.96
CA MET B 597 -80.52 -5.11 -58.56
C MET B 597 -81.95 -4.69 -58.25
N ASP B 598 -82.56 -3.89 -59.13
CA ASP B 598 -83.92 -3.43 -58.88
C ASP B 598 -84.89 -4.62 -58.76
N THR B 599 -84.71 -5.63 -59.60
CA THR B 599 -85.56 -6.82 -59.51
C THR B 599 -85.35 -7.55 -58.20
N LEU B 600 -84.08 -7.73 -57.79
CA LEU B 600 -83.79 -8.38 -56.52
C LEU B 600 -84.46 -7.65 -55.37
N LEU B 601 -84.36 -6.33 -55.35
CA LEU B 601 -84.94 -5.56 -54.25
C LEU B 601 -86.45 -5.72 -54.22
N LYS B 602 -87.09 -5.74 -55.39
CA LYS B 602 -88.52 -6.01 -55.43
C LYS B 602 -88.84 -7.38 -54.86
N ALA B 603 -88.08 -8.40 -55.23
CA ALA B 603 -88.31 -9.73 -54.68
C ALA B 603 -88.16 -9.73 -53.15
N LEU B 604 -87.09 -9.10 -52.65
CA LEU B 604 -86.90 -9.01 -51.21
C LEU B 604 -88.09 -8.32 -50.54
N ASP B 605 -88.52 -7.19 -51.11
CA ASP B 605 -89.65 -6.46 -50.52
C ASP B 605 -90.93 -7.29 -50.53
N ALA B 606 -91.09 -8.17 -51.51
CA ALA B 606 -92.27 -9.01 -51.61
C ALA B 606 -92.11 -10.34 -50.88
N ASN B 607 -91.05 -10.51 -50.10
CA ASN B 607 -90.77 -11.78 -49.44
C ASN B 607 -90.80 -12.92 -50.45
N PHE B 608 -90.35 -12.63 -51.67
CA PHE B 608 -90.26 -13.53 -52.82
C PHE B 608 -91.63 -13.97 -53.33
N GLU B 609 -92.72 -13.49 -52.76
CA GLU B 609 -94.04 -13.74 -53.31
C GLU B 609 -94.17 -13.15 -54.70
N GLY B 610 -94.49 -14.00 -55.68
CA GLY B 610 -94.53 -13.60 -57.06
C GLY B 610 -93.19 -13.58 -57.76
N TYR B 611 -92.11 -13.94 -57.08
CA TYR B 611 -90.79 -14.00 -57.68
C TYR B 611 -90.17 -15.37 -57.45
N GLU B 612 -90.98 -16.42 -57.62
CA GLU B 612 -90.52 -17.77 -57.30
C GLU B 612 -89.32 -18.17 -58.15
N ALA B 613 -89.21 -17.65 -59.36
CA ALA B 613 -88.03 -17.95 -60.16
C ALA B 613 -86.76 -17.40 -59.53
N ILE B 614 -86.81 -16.16 -59.06
CA ILE B 614 -85.65 -15.58 -58.37
C ILE B 614 -85.33 -16.40 -57.13
N LEU B 615 -86.35 -16.71 -56.33
CA LEU B 615 -86.11 -17.52 -55.13
C LEU B 615 -85.40 -18.82 -55.47
N ASN B 616 -85.80 -19.46 -56.57
CA ASN B 616 -85.17 -20.71 -56.97
C ASN B 616 -83.71 -20.52 -57.32
N LEU B 617 -83.39 -19.43 -58.02
CA LEU B 617 -82.00 -19.20 -58.43
C LEU B 617 -81.08 -19.01 -57.22
N VAL B 618 -81.48 -18.14 -56.28
CA VAL B 618 -80.57 -17.83 -55.19
C VAL B 618 -80.49 -18.99 -54.20
N SER B 619 -81.56 -19.77 -54.07
CA SER B 619 -81.55 -20.89 -53.12
C SER B 619 -80.90 -22.13 -53.69
N ASN B 620 -81.13 -22.43 -54.96
CA ASN B 620 -80.80 -23.74 -55.52
C ASN B 620 -79.82 -23.72 -56.66
N LYS B 621 -79.54 -22.58 -57.27
CA LYS B 621 -78.62 -22.56 -58.39
C LYS B 621 -77.47 -21.57 -58.17
N THR B 622 -77.10 -21.36 -56.91
CA THR B 622 -76.06 -20.38 -56.56
C THR B 622 -75.08 -20.97 -55.57
N PRO B 623 -73.78 -20.68 -55.71
CA PRO B 623 -72.79 -21.23 -54.78
C PRO B 623 -73.15 -20.88 -53.34
N LYS B 624 -72.75 -21.76 -52.43
CA LYS B 624 -73.13 -21.63 -51.02
C LYS B 624 -71.93 -21.87 -50.14
N TYR B 625 -71.85 -21.11 -49.05
CA TYR B 625 -70.83 -21.32 -48.03
C TYR B 625 -70.99 -22.69 -47.38
N GLY B 626 -69.87 -23.32 -47.07
CA GLY B 626 -69.88 -24.61 -46.41
C GLY B 626 -69.79 -25.83 -47.30
N ASN B 627 -69.38 -25.65 -48.56
CA ASN B 627 -69.22 -26.75 -49.51
C ASN B 627 -67.80 -26.82 -50.04
N ASP B 628 -66.85 -26.19 -49.36
CA ASP B 628 -65.48 -26.09 -49.85
C ASP B 628 -65.45 -25.48 -51.25
N ASP B 629 -66.36 -24.55 -51.51
CA ASP B 629 -66.49 -23.86 -52.79
C ASP B 629 -65.87 -22.47 -52.64
N ASP B 630 -64.72 -22.26 -53.29
CA ASP B 630 -63.99 -21.01 -53.08
C ASP B 630 -64.73 -19.77 -53.61
N TYR B 631 -65.68 -19.95 -54.55
CA TYR B 631 -66.45 -18.78 -54.99
C TYR B 631 -67.20 -18.17 -53.82
N ALA B 632 -67.84 -19.00 -53.00
CA ALA B 632 -68.51 -18.48 -51.82
C ALA B 632 -67.53 -18.25 -50.68
N ASP B 633 -66.56 -19.16 -50.53
CA ASP B 633 -65.69 -19.09 -49.36
C ASP B 633 -64.76 -17.88 -49.41
N GLU B 634 -64.39 -17.42 -50.61
CA GLU B 634 -63.60 -16.20 -50.71
C GLU B 634 -64.40 -14.98 -50.29
N ILE B 635 -65.71 -15.00 -50.54
CA ILE B 635 -66.56 -13.91 -50.09
C ILE B 635 -66.69 -13.94 -48.57
N MET B 636 -66.85 -15.14 -48.00
CA MET B 636 -66.80 -15.29 -46.55
C MET B 636 -65.53 -14.66 -45.98
N GLN B 637 -64.37 -15.00 -46.56
CA GLN B 637 -63.11 -14.47 -46.05
C GLN B 637 -63.07 -12.95 -46.14
N GLU B 638 -63.57 -12.39 -47.25
CA GLU B 638 -63.59 -10.94 -47.42
C GLU B 638 -64.49 -10.29 -46.37
N ILE B 639 -65.67 -10.87 -46.13
CA ILE B 639 -66.55 -10.35 -45.09
C ILE B 639 -65.89 -10.45 -43.73
N PHE B 640 -65.32 -11.62 -43.41
CA PHE B 640 -64.65 -11.78 -42.14
C PHE B 640 -63.52 -10.77 -41.98
N ASN B 641 -62.72 -10.58 -43.02
CA ASN B 641 -61.59 -9.64 -42.94
C ASN B 641 -62.07 -8.21 -42.74
N ALA B 642 -63.16 -7.83 -43.38
CA ALA B 642 -63.70 -6.49 -43.17
C ALA B 642 -64.16 -6.32 -41.73
N TYR B 643 -64.84 -7.33 -41.19
CA TYR B 643 -65.28 -7.28 -39.80
C TYR B 643 -64.08 -7.21 -38.86
N TYR B 644 -63.11 -8.10 -39.05
CA TYR B 644 -61.89 -8.09 -38.24
C TYR B 644 -61.18 -6.74 -38.34
N ASN B 645 -61.04 -6.20 -39.56
CA ASN B 645 -60.32 -4.96 -39.75
C ASN B 645 -61.03 -3.77 -39.13
N GLU B 646 -62.36 -3.76 -39.16
CA GLU B 646 -63.09 -2.62 -38.65
C GLU B 646 -63.02 -2.53 -37.14
N VAL B 647 -62.93 -3.67 -36.45
CA VAL B 647 -63.03 -3.73 -35.00
C VAL B 647 -61.66 -3.80 -34.33
N THR B 648 -60.76 -4.64 -34.84
CA THR B 648 -59.58 -5.01 -34.07
C THR B 648 -58.59 -3.84 -33.95
N GLY B 649 -58.05 -3.67 -32.75
CA GLY B 649 -57.04 -2.65 -32.48
C GLY B 649 -57.59 -1.33 -32.00
N ARG B 650 -58.90 -1.13 -32.01
CA ARG B 650 -59.47 0.06 -31.42
C ARG B 650 -59.21 0.06 -29.92
N PRO B 651 -58.87 1.20 -29.33
CA PRO B 651 -58.54 1.24 -27.90
C PRO B 651 -59.76 1.07 -27.03
N THR B 652 -59.56 0.43 -25.88
CA THR B 652 -60.54 0.45 -24.81
C THR B 652 -60.16 1.55 -23.82
N VAL B 653 -61.13 1.94 -23.00
CA VAL B 653 -60.90 3.08 -22.11
C VAL B 653 -59.80 2.75 -21.10
N CYS B 654 -59.77 1.50 -20.62
CA CYS B 654 -58.89 1.14 -19.52
C CYS B 654 -57.60 0.47 -19.98
N GLY B 655 -57.18 0.72 -21.20
CA GLY B 655 -55.83 0.37 -21.63
C GLY B 655 -55.67 -0.92 -22.40
N GLY B 656 -56.76 -1.50 -22.90
CA GLY B 656 -56.70 -2.66 -23.75
C GLY B 656 -57.02 -2.32 -25.20
N GLU B 657 -57.46 -3.35 -25.93
CA GLU B 657 -57.85 -3.15 -27.31
C GLU B 657 -59.05 -4.02 -27.64
N TYR B 658 -59.78 -3.64 -28.69
CA TYR B 658 -60.89 -4.43 -29.16
C TYR B 658 -60.43 -5.58 -30.06
N ARG B 659 -61.13 -6.69 -29.96
CA ARG B 659 -60.91 -7.83 -30.83
C ARG B 659 -62.26 -8.42 -31.21
N VAL B 660 -62.22 -9.50 -31.96
CA VAL B 660 -63.40 -10.01 -32.64
C VAL B 660 -63.55 -11.50 -32.33
N ASP B 661 -64.80 -11.94 -32.13
CA ASP B 661 -65.16 -13.36 -32.06
C ASP B 661 -66.49 -13.57 -32.78
N MET B 662 -66.89 -14.83 -32.94
CA MET B 662 -68.07 -15.18 -33.76
C MET B 662 -68.89 -16.24 -33.04
N LEU B 663 -69.95 -15.83 -32.34
CA LEU B 663 -70.86 -16.74 -31.67
C LEU B 663 -72.20 -16.03 -31.51
N PRO B 664 -73.32 -16.78 -31.40
CA PRO B 664 -74.63 -16.13 -31.37
C PRO B 664 -75.43 -16.32 -30.09
N THR B 665 -75.12 -17.35 -29.31
CA THR B 665 -76.04 -17.86 -28.30
C THR B 665 -77.44 -18.00 -28.91
N THR B 666 -78.45 -17.28 -28.43
CA THR B 666 -79.76 -17.30 -29.09
C THR B 666 -80.03 -16.03 -29.87
N CYS B 667 -79.02 -15.16 -30.04
CA CYS B 667 -79.24 -13.88 -30.69
C CYS B 667 -79.49 -14.03 -32.20
N HIS B 668 -79.09 -15.15 -32.81
CA HIS B 668 -79.37 -15.33 -34.23
C HIS B 668 -80.87 -15.46 -34.50
N ILE B 669 -81.63 -15.89 -33.49
CA ILE B 669 -83.09 -15.87 -33.60
C ILE B 669 -83.59 -14.44 -33.65
N TYR B 670 -83.21 -13.64 -32.65
CA TYR B 670 -83.63 -12.24 -32.57
C TYR B 670 -83.22 -11.45 -33.81
N PHE B 671 -81.94 -11.58 -34.21
CA PHE B 671 -81.45 -10.81 -35.35
C PHE B 671 -82.17 -11.15 -36.64
N GLY B 672 -82.61 -12.40 -36.80
CA GLY B 672 -83.39 -12.75 -37.97
C GLY B 672 -84.83 -12.31 -37.88
N GLU B 673 -85.41 -12.33 -36.68
CA GLU B 673 -86.81 -11.95 -36.52
C GLU B 673 -87.07 -10.51 -36.93
N ILE B 674 -86.12 -9.59 -36.70
CA ILE B 674 -86.37 -8.18 -37.00
C ILE B 674 -85.69 -7.81 -38.31
N MET B 675 -85.51 -8.79 -39.19
CA MET B 675 -84.93 -8.57 -40.50
C MET B 675 -85.88 -9.08 -41.58
N GLY B 676 -85.90 -8.38 -42.71
CA GLY B 676 -86.66 -8.83 -43.86
C GLY B 676 -85.94 -9.95 -44.59
N ALA B 677 -86.48 -10.32 -45.75
CA ALA B 677 -85.85 -11.33 -46.57
C ALA B 677 -84.46 -10.87 -46.99
N SER B 678 -83.57 -11.85 -47.21
CA SER B 678 -82.21 -11.57 -47.63
C SER B 678 -81.89 -12.21 -48.97
N PRO B 679 -80.87 -11.71 -49.68
CA PRO B 679 -80.63 -12.16 -51.04
C PRO B 679 -80.31 -13.65 -51.18
N ASN B 680 -79.94 -14.35 -50.11
CA ASN B 680 -79.63 -15.77 -50.25
C ASN B 680 -80.87 -16.64 -50.39
N GLY B 681 -82.05 -16.08 -50.22
CA GLY B 681 -83.29 -16.84 -50.23
C GLY B 681 -83.90 -17.03 -48.86
N ARG B 682 -83.22 -16.61 -47.80
CA ARG B 682 -83.82 -16.64 -46.47
C ARG B 682 -85.00 -15.70 -46.41
N LEU B 683 -86.12 -16.17 -45.89
CA LEU B 683 -87.34 -15.39 -45.93
C LEU B 683 -87.44 -14.45 -44.74
N CYS B 684 -88.40 -13.52 -44.84
CA CYS B 684 -88.59 -12.51 -43.82
C CYS B 684 -88.80 -13.14 -42.46
N ALA B 685 -88.14 -12.57 -41.45
CA ALA B 685 -88.26 -12.92 -40.03
C ALA B 685 -87.74 -14.29 -39.66
N LYS B 686 -87.10 -15.00 -40.59
CA LYS B 686 -86.45 -16.25 -40.22
C LYS B 686 -85.12 -15.98 -39.50
N PRO B 687 -84.67 -16.91 -38.65
CA PRO B 687 -83.37 -16.76 -38.01
C PRO B 687 -82.25 -16.56 -39.03
N VAL B 688 -81.18 -15.89 -38.60
CA VAL B 688 -79.94 -15.89 -39.38
C VAL B 688 -79.13 -17.10 -38.95
N SER B 689 -78.04 -17.39 -39.67
CA SER B 689 -77.23 -18.55 -39.35
C SER B 689 -76.54 -18.41 -37.99
N GLU B 690 -76.31 -19.55 -37.35
CA GLU B 690 -75.70 -19.62 -36.02
C GLU B 690 -74.21 -19.91 -36.10
N GLY B 691 -73.46 -19.23 -35.24
CA GLY B 691 -72.01 -19.36 -35.24
C GLY B 691 -71.44 -19.09 -36.61
N ILE B 692 -70.45 -19.87 -37.00
CA ILE B 692 -69.92 -19.84 -38.36
C ILE B 692 -70.45 -21.02 -39.17
N SER B 693 -71.55 -21.63 -38.74
CA SER B 693 -72.12 -22.77 -39.42
C SER B 693 -72.75 -22.34 -40.75
N PRO B 694 -72.93 -23.26 -41.67
CA PRO B 694 -73.59 -22.92 -42.94
C PRO B 694 -75.03 -22.52 -42.72
N GLU B 695 -75.56 -21.82 -43.73
CA GLU B 695 -76.95 -21.45 -43.77
C GLU B 695 -77.85 -22.68 -43.84
N LYS B 696 -79.13 -22.49 -43.56
CA LYS B 696 -80.09 -23.57 -43.66
C LYS B 696 -80.11 -24.12 -45.09
N GLY B 697 -79.91 -25.42 -45.21
CA GLY B 697 -79.86 -26.05 -46.51
C GLY B 697 -78.65 -25.71 -47.35
N GLY B 698 -77.69 -24.99 -46.80
CA GLY B 698 -76.57 -24.51 -47.58
C GLY B 698 -75.51 -25.52 -47.88
N ASP B 699 -75.21 -26.40 -46.92
CA ASP B 699 -74.15 -27.39 -47.06
C ASP B 699 -74.74 -28.70 -47.57
N THR B 700 -74.36 -29.07 -48.80
CA THR B 700 -74.89 -30.27 -49.43
C THR B 700 -73.79 -31.26 -49.81
N ASN B 701 -72.58 -31.10 -49.26
CA ASN B 701 -71.46 -31.94 -49.64
C ASN B 701 -70.85 -32.68 -48.47
N GLY B 702 -71.53 -32.75 -47.33
CA GLY B 702 -71.03 -33.51 -46.21
C GLY B 702 -70.21 -32.71 -45.22
N PRO B 703 -69.86 -33.35 -44.10
CA PRO B 703 -69.21 -32.62 -43.00
C PRO B 703 -67.74 -32.31 -43.25
N THR B 704 -67.04 -33.12 -44.04
CA THR B 704 -65.66 -32.81 -44.37
C THR B 704 -65.59 -31.53 -45.21
N ALA B 705 -66.56 -31.32 -46.09
CA ALA B 705 -66.59 -30.09 -46.87
C ALA B 705 -66.85 -28.86 -46.01
N VAL B 706 -67.70 -28.96 -44.98
CA VAL B 706 -67.98 -27.75 -44.21
C VAL B 706 -66.79 -27.38 -43.33
N ILE B 707 -66.11 -28.37 -42.74
CA ILE B 707 -64.97 -27.98 -41.93
C ILE B 707 -63.87 -27.40 -42.80
N LYS B 708 -63.78 -27.83 -44.06
CA LYS B 708 -62.81 -27.22 -44.96
C LYS B 708 -63.16 -25.77 -45.25
N SER B 709 -64.45 -25.47 -45.45
CA SER B 709 -64.85 -24.07 -45.58
C SER B 709 -64.58 -23.29 -44.31
N CYS B 710 -64.98 -23.85 -43.15
CA CYS B 710 -64.81 -23.13 -41.90
C CYS B 710 -63.33 -22.91 -41.59
N ALA B 711 -62.46 -23.80 -42.03
CA ALA B 711 -61.02 -23.64 -41.78
C ALA B 711 -60.42 -22.49 -42.58
N LYS B 712 -61.13 -21.97 -43.59
CA LYS B 712 -60.63 -20.83 -44.36
C LYS B 712 -60.78 -19.51 -43.63
N MET B 713 -61.58 -19.46 -42.57
CA MET B 713 -61.61 -18.33 -41.66
C MET B 713 -60.37 -18.41 -40.76
N ASP B 714 -59.73 -17.27 -40.54
CA ASP B 714 -58.49 -17.27 -39.76
C ASP B 714 -58.84 -17.22 -38.28
N HIS B 715 -59.04 -18.38 -37.69
CA HIS B 715 -59.42 -18.45 -36.28
C HIS B 715 -58.38 -17.82 -35.37
N ILE B 716 -57.11 -17.84 -35.77
CA ILE B 716 -56.05 -17.31 -34.91
C ILE B 716 -56.24 -15.82 -34.66
N LYS B 717 -56.86 -15.10 -35.59
CA LYS B 717 -57.11 -13.67 -35.44
C LYS B 717 -58.35 -13.35 -34.63
N THR B 718 -59.02 -14.34 -34.04
CA THR B 718 -60.24 -14.13 -33.27
C THR B 718 -60.02 -14.51 -31.82
N GLY B 719 -61.01 -14.18 -31.00
CA GLY B 719 -61.11 -14.72 -29.68
C GLY B 719 -62.09 -15.89 -29.62
N GLY B 720 -62.24 -16.60 -30.74
CA GLY B 720 -63.06 -17.79 -30.80
C GLY B 720 -64.19 -17.78 -31.83
N THR B 721 -64.47 -18.95 -32.40
CA THR B 721 -65.56 -19.14 -33.35
C THR B 721 -66.34 -20.39 -32.96
N LEU B 722 -67.62 -20.42 -33.31
CA LEU B 722 -68.54 -21.47 -32.88
C LEU B 722 -69.07 -22.23 -34.08
N LEU B 723 -68.87 -23.55 -34.10
CA LEU B 723 -69.35 -24.38 -35.18
C LEU B 723 -70.23 -25.50 -34.64
N ASN B 724 -71.50 -25.49 -35.04
CA ASN B 724 -72.42 -26.60 -34.81
C ASN B 724 -72.38 -27.55 -36.00
N GLN B 725 -72.32 -28.84 -35.71
CA GLN B 725 -72.54 -29.89 -36.70
C GLN B 725 -73.48 -30.91 -36.09
N ARG B 726 -74.21 -31.61 -36.97
CA ARG B 726 -75.25 -32.53 -36.54
C ARG B 726 -75.13 -33.82 -37.36
N PHE B 727 -75.26 -34.96 -36.68
CA PHE B 727 -75.12 -36.27 -37.32
C PHE B 727 -76.37 -37.11 -37.13
N ALA B 728 -76.71 -37.86 -38.17
CA ALA B 728 -77.71 -38.90 -38.06
C ALA B 728 -77.26 -39.91 -37.00
N PRO B 729 -78.13 -40.32 -36.09
CA PRO B 729 -77.68 -41.27 -35.05
C PRO B 729 -77.09 -42.55 -35.59
N SER B 730 -77.50 -43.00 -36.79
CA SER B 730 -77.03 -44.30 -37.25
C SER B 730 -75.56 -44.28 -37.65
N VAL B 731 -75.03 -43.12 -38.04
CA VAL B 731 -73.68 -43.09 -38.57
C VAL B 731 -72.63 -42.90 -37.51
N VAL B 732 -73.01 -42.73 -36.25
CA VAL B 732 -72.05 -42.61 -35.17
C VAL B 732 -72.04 -43.84 -34.28
N GLN B 733 -72.73 -44.91 -34.67
CA GLN B 733 -72.82 -46.11 -33.86
C GLN B 733 -71.53 -46.92 -33.89
N GLY B 734 -71.30 -47.64 -32.80
CA GLY B 734 -70.20 -48.59 -32.75
C GLY B 734 -68.82 -47.93 -32.79
N GLU B 735 -67.81 -48.79 -32.86
CA GLU B 735 -66.44 -48.31 -32.90
C GLU B 735 -66.16 -47.47 -34.14
N LYS B 736 -66.72 -47.86 -35.28
CA LYS B 736 -66.53 -47.09 -36.49
C LYS B 736 -67.08 -45.67 -36.32
N GLY B 737 -68.20 -45.53 -35.62
CA GLY B 737 -68.74 -44.21 -35.39
C GLY B 737 -67.84 -43.33 -34.53
N LEU B 738 -67.31 -43.89 -33.44
CA LEU B 738 -66.39 -43.14 -32.60
C LEU B 738 -65.17 -42.67 -33.38
N ASP B 739 -64.58 -43.54 -34.20
CA ASP B 739 -63.41 -43.14 -34.96
C ASP B 739 -63.74 -42.04 -35.97
N ASN B 740 -64.92 -42.11 -36.59
CA ASN B 740 -65.30 -41.08 -37.56
C ASN B 740 -65.48 -39.73 -36.88
N MET B 741 -66.13 -39.70 -35.71
CA MET B 741 -66.23 -38.45 -34.95
C MET B 741 -64.86 -37.96 -34.52
N ALA B 742 -64.08 -38.85 -33.90
CA ALA B 742 -62.75 -38.48 -33.46
C ALA B 742 -61.93 -37.96 -34.62
N ASN B 743 -62.02 -38.63 -35.78
CA ASN B 743 -61.26 -38.18 -36.95
C ASN B 743 -61.76 -36.84 -37.47
N LEU B 744 -63.06 -36.58 -37.40
CA LEU B 744 -63.53 -35.28 -37.85
C LEU B 744 -62.96 -34.16 -36.96
N VAL B 745 -62.95 -34.37 -35.65
CA VAL B 745 -62.39 -33.39 -34.73
C VAL B 745 -60.92 -33.15 -35.05
N ARG B 746 -60.13 -34.22 -35.16
CA ARG B 746 -58.71 -34.08 -35.46
C ARG B 746 -58.47 -33.35 -36.78
N ALA B 747 -59.28 -33.68 -37.79
CA ALA B 747 -59.11 -33.08 -39.11
C ALA B 747 -59.33 -31.58 -39.06
N TYR B 748 -60.42 -31.14 -38.44
CA TYR B 748 -60.71 -29.71 -38.31
C TYR B 748 -59.61 -29.00 -37.52
N PHE B 749 -59.17 -29.60 -36.41
CA PHE B 749 -58.18 -28.95 -35.56
C PHE B 749 -56.80 -28.97 -36.19
N ASN B 750 -56.51 -29.96 -37.05
CA ASN B 750 -55.24 -29.94 -37.78
C ASN B 750 -55.20 -28.78 -38.77
N MET B 751 -56.34 -28.28 -39.19
CA MET B 751 -56.40 -27.08 -40.03
C MET B 751 -56.54 -25.82 -39.18
N ASP B 752 -56.38 -25.94 -37.86
CA ASP B 752 -56.42 -24.83 -36.92
C ASP B 752 -57.84 -24.31 -36.69
N GLY B 753 -58.86 -25.13 -36.94
CA GLY B 753 -60.19 -24.77 -36.49
C GLY B 753 -60.25 -24.66 -34.98
N HIS B 754 -61.14 -23.78 -34.50
CA HIS B 754 -61.18 -23.40 -33.08
C HIS B 754 -62.03 -24.34 -32.24
N HIS B 755 -63.20 -24.73 -32.73
CA HIS B 755 -64.22 -25.36 -31.91
C HIS B 755 -65.18 -26.14 -32.79
N ILE B 756 -65.67 -27.26 -32.27
CA ILE B 756 -66.77 -27.97 -32.89
C ILE B 756 -67.56 -28.69 -31.81
N GLN B 757 -68.88 -28.78 -32.02
CA GLN B 757 -69.76 -29.46 -31.08
C GLN B 757 -70.91 -30.09 -31.87
N PHE B 758 -71.48 -31.17 -31.33
CA PHE B 758 -72.36 -32.04 -32.11
C PHE B 758 -73.74 -32.17 -31.50
N ASN B 759 -74.75 -32.15 -32.37
CA ASN B 759 -76.05 -32.73 -32.08
C ASN B 759 -76.14 -34.13 -32.69
N VAL B 760 -76.73 -35.06 -31.95
CA VAL B 760 -77.03 -36.39 -32.48
C VAL B 760 -78.43 -36.78 -32.00
N PHE B 761 -79.45 -36.46 -32.80
CA PHE B 761 -80.82 -36.75 -32.38
C PHE B 761 -81.63 -37.30 -33.56
N ASP B 762 -82.71 -38.00 -33.22
CA ASP B 762 -83.71 -38.43 -34.20
C ASP B 762 -84.74 -37.32 -34.39
N LYS B 763 -84.82 -36.80 -35.62
CA LYS B 763 -85.74 -35.71 -35.91
C LYS B 763 -87.16 -36.00 -35.43
N ASN B 764 -87.62 -37.25 -35.60
CA ASN B 764 -89.00 -37.56 -35.22
C ASN B 764 -89.22 -37.43 -33.73
N VAL B 765 -88.17 -37.68 -32.93
CA VAL B 765 -88.26 -37.47 -31.48
C VAL B 765 -88.51 -36.01 -31.18
N LEU B 766 -87.74 -35.12 -31.80
CA LEU B 766 -87.95 -33.69 -31.55
C LEU B 766 -89.32 -33.27 -32.04
N LEU B 767 -89.74 -33.76 -33.20
CA LEU B 767 -91.08 -33.42 -33.71
C LEU B 767 -92.16 -33.89 -32.74
N GLU B 768 -91.98 -35.09 -32.17
CA GLU B 768 -92.90 -35.57 -31.15
C GLU B 768 -92.89 -34.67 -29.92
N ALA B 769 -91.71 -34.20 -29.51
CA ALA B 769 -91.65 -33.33 -28.34
C ALA B 769 -92.41 -32.04 -28.55
N GLN B 770 -92.45 -31.53 -29.79
CA GLN B 770 -93.26 -30.35 -30.06
C GLN B 770 -94.73 -30.65 -29.90
N LYS B 771 -95.15 -31.87 -30.27
CA LYS B 771 -96.56 -32.22 -30.15
C LYS B 771 -96.98 -32.47 -28.70
N ASN B 772 -96.11 -33.08 -27.91
CA ASN B 772 -96.43 -33.48 -26.55
C ASN B 772 -95.26 -33.18 -25.62
N PRO B 773 -95.05 -31.89 -25.30
CA PRO B 773 -93.90 -31.53 -24.46
C PRO B 773 -93.86 -32.24 -23.13
N GLN B 774 -95.02 -32.54 -22.54
CA GLN B 774 -95.02 -33.16 -21.21
C GLN B 774 -94.49 -34.58 -21.23
N ASP B 775 -94.32 -35.19 -22.40
CA ASP B 775 -93.72 -36.52 -22.48
C ASP B 775 -92.22 -36.49 -22.70
N TYR B 776 -91.62 -35.32 -22.89
CA TYR B 776 -90.20 -35.20 -23.23
C TYR B 776 -89.52 -34.15 -22.37
N LYS B 777 -89.89 -34.07 -21.10
CA LYS B 777 -89.29 -33.09 -20.21
C LYS B 777 -87.79 -33.34 -20.00
N ASP B 778 -87.29 -34.53 -20.33
CA ASP B 778 -85.89 -34.85 -20.18
C ASP B 778 -85.07 -34.60 -21.43
N LEU B 779 -85.70 -34.18 -22.52
CA LEU B 779 -84.99 -34.07 -23.79
C LEU B 779 -84.08 -32.85 -23.78
N ILE B 780 -82.78 -33.07 -24.01
CA ILE B 780 -81.77 -32.02 -24.01
C ILE B 780 -81.09 -32.01 -25.37
N VAL B 781 -80.89 -30.82 -25.92
CA VAL B 781 -80.21 -30.67 -27.20
C VAL B 781 -79.13 -29.60 -27.06
N ARG B 782 -78.23 -29.57 -28.04
CA ARG B 782 -77.20 -28.55 -28.16
C ARG B 782 -77.77 -27.34 -28.91
N VAL B 783 -77.64 -26.16 -28.31
CA VAL B 783 -78.13 -24.93 -28.92
C VAL B 783 -76.97 -24.25 -29.65
N ALA B 784 -76.18 -23.45 -28.94
CA ALA B 784 -75.02 -22.82 -29.56
C ALA B 784 -74.04 -22.49 -28.44
N GLY B 785 -73.05 -23.35 -28.26
CA GLY B 785 -72.11 -23.18 -27.17
C GLY B 785 -72.61 -23.64 -25.82
N TYR B 786 -73.79 -24.28 -25.77
CA TYR B 786 -74.34 -24.80 -24.53
C TYR B 786 -75.48 -25.76 -24.87
N SER B 787 -75.86 -26.57 -23.87
CA SER B 787 -77.00 -27.48 -23.97
C SER B 787 -78.15 -26.97 -23.10
N ASP B 788 -79.37 -27.26 -23.54
CA ASP B 788 -80.57 -26.85 -22.83
C ASP B 788 -81.69 -27.84 -23.12
N HIS B 789 -82.69 -27.82 -22.25
CA HIS B 789 -83.89 -28.62 -22.51
C HIS B 789 -84.63 -28.10 -23.74
N PHE B 790 -84.95 -29.02 -24.65
CA PHE B 790 -85.73 -28.68 -25.83
C PHE B 790 -86.99 -27.91 -25.48
N ASN B 791 -87.64 -28.27 -24.36
CA ASN B 791 -88.86 -27.57 -23.96
C ASN B 791 -88.63 -26.14 -23.49
N ASN B 792 -87.38 -25.77 -23.15
CA ASN B 792 -87.09 -24.39 -22.76
C ASN B 792 -86.89 -23.48 -23.96
N LEU B 793 -86.98 -24.01 -25.18
CA LEU B 793 -86.72 -23.25 -26.39
C LEU B 793 -88.02 -22.82 -27.05
N SER B 794 -88.01 -21.63 -27.63
CA SER B 794 -89.17 -21.17 -28.40
C SER B 794 -89.37 -22.07 -29.62
N ARG B 795 -90.59 -22.04 -30.16
CA ARG B 795 -90.86 -22.81 -31.37
C ARG B 795 -89.89 -22.46 -32.48
N THR B 796 -89.59 -21.17 -32.64
CA THR B 796 -88.68 -20.77 -33.71
C THR B 796 -87.30 -21.38 -33.54
N LEU B 797 -86.78 -21.36 -32.31
CA LEU B 797 -85.45 -21.93 -32.05
C LEU B 797 -85.46 -23.45 -32.21
N GLN B 798 -86.52 -24.10 -31.74
CA GLN B 798 -86.68 -25.53 -31.98
C GLN B 798 -86.60 -25.85 -33.46
N ASP B 799 -87.33 -25.09 -34.28
CA ASP B 799 -87.32 -25.33 -35.72
C ASP B 799 -85.96 -25.03 -36.32
N GLU B 800 -85.22 -24.07 -35.76
CA GLU B 800 -83.87 -23.81 -36.24
C GLU B 800 -82.99 -25.03 -36.03
N ILE B 801 -83.04 -25.61 -34.84
CA ILE B 801 -82.22 -26.79 -34.55
C ILE B 801 -82.64 -27.96 -35.44
N ILE B 802 -83.95 -28.16 -35.60
CA ILE B 802 -84.43 -29.24 -36.45
C ILE B 802 -83.98 -29.05 -37.89
N GLY B 803 -83.86 -27.80 -38.35
CA GLY B 803 -83.43 -27.52 -39.71
C GLY B 803 -81.94 -27.65 -39.98
N ARG B 804 -81.11 -27.85 -38.97
CA ARG B 804 -79.68 -28.02 -39.23
C ARG B 804 -79.43 -29.30 -40.02
N THR B 805 -78.42 -29.25 -40.88
CA THR B 805 -78.18 -30.34 -41.81
C THR B 805 -77.77 -31.61 -41.06
N GLU B 806 -78.46 -32.72 -41.35
CA GLU B 806 -78.14 -34.00 -40.73
C GLU B 806 -77.03 -34.66 -41.56
N GLN B 807 -75.82 -34.68 -41.00
CA GLN B 807 -74.66 -35.16 -41.73
C GLN B 807 -74.55 -36.68 -41.68
N THR B 808 -73.96 -37.23 -42.72
CA THR B 808 -73.51 -38.62 -42.73
C THR B 808 -72.02 -38.66 -43.04
N PHE B 809 -71.37 -39.71 -42.60
CA PHE B 809 -69.98 -39.93 -43.01
C PHE B 809 -69.94 -40.69 -44.32
N MET C 21 0.42 62.50 -26.42
CA MET C 21 -0.26 62.48 -27.74
C MET C 21 -0.59 61.14 -28.45
N ALA C 22 0.17 60.10 -28.28
CA ALA C 22 -0.19 58.84 -28.87
C ALA C 22 -1.13 58.13 -27.89
N ARG C 23 -2.12 57.43 -28.39
CA ARG C 23 -3.06 56.72 -27.48
C ARG C 23 -2.40 55.55 -26.78
N GLY C 24 -2.80 55.34 -25.54
CA GLY C 24 -2.17 54.34 -24.68
C GLY C 24 -1.67 55.04 -23.44
N THR C 25 -2.01 54.47 -22.29
CA THR C 25 -1.65 55.10 -21.02
C THR C 25 -0.19 54.88 -20.65
N PHE C 26 0.45 53.84 -21.16
CA PHE C 26 1.82 53.50 -20.82
C PHE C 26 2.63 53.36 -22.11
N GLU C 27 3.95 53.52 -21.99
CA GLU C 27 4.78 53.42 -23.18
C GLU C 27 4.61 52.07 -23.85
N ARG C 28 4.49 51.01 -23.06
CA ARG C 28 4.23 49.67 -23.60
C ARG C 28 2.99 49.64 -24.49
N THR C 29 1.87 50.16 -23.98
CA THR C 29 0.63 50.04 -24.71
C THR C 29 0.54 51.05 -25.84
N LYS C 30 1.24 52.18 -25.73
CA LYS C 30 1.36 53.06 -26.90
C LYS C 30 2.03 52.35 -28.05
N LYS C 31 3.09 51.58 -27.76
CA LYS C 31 3.81 50.85 -28.78
C LYS C 31 2.95 49.74 -29.38
N LEU C 32 2.31 48.95 -28.52
CA LEU C 32 1.49 47.85 -28.98
C LEU C 32 0.33 48.34 -29.85
N ARG C 33 -0.29 49.45 -29.46
CA ARG C 33 -1.41 50.00 -30.23
C ARG C 33 -0.94 50.47 -31.60
N GLU C 34 0.22 51.11 -31.69
CA GLU C 34 0.68 51.60 -32.99
C GLU C 34 0.95 50.44 -33.94
N GLU C 35 1.52 49.35 -33.42
CA GLU C 35 1.68 48.14 -34.22
C GLU C 35 0.32 47.65 -34.73
N SER C 36 -0.67 47.63 -33.84
CA SER C 36 -1.99 47.11 -34.20
C SER C 36 -2.63 47.94 -35.32
N ILE C 37 -2.61 49.27 -35.19
CA ILE C 37 -3.32 50.08 -36.17
C ILE C 37 -2.59 50.17 -37.50
N ASN C 38 -1.31 49.82 -37.53
CA ASN C 38 -0.58 49.80 -38.78
C ASN C 38 -0.54 48.43 -39.45
N ALA C 39 -1.02 47.38 -38.79
CA ALA C 39 -0.96 46.05 -39.37
C ALA C 39 -1.85 45.96 -40.60
N GLU C 40 -1.32 45.37 -41.70
CA GLU C 40 -2.18 45.34 -42.87
C GLU C 40 -2.97 44.03 -42.95
N PRO C 41 -4.23 44.07 -43.34
CA PRO C 41 -5.05 42.85 -43.38
C PRO C 41 -4.53 41.90 -44.45
N HIS C 42 -4.35 40.64 -44.08
CA HIS C 42 -3.85 39.64 -45.00
C HIS C 42 -4.32 38.28 -44.51
N ILE C 43 -4.20 37.29 -45.37
CA ILE C 43 -4.59 35.94 -44.99
C ILE C 43 -3.33 35.18 -44.62
N SER C 44 -3.51 34.29 -43.66
CA SER C 44 -2.48 33.40 -43.14
C SER C 44 -2.87 31.98 -43.55
N ILE C 45 -2.05 31.37 -44.41
CA ILE C 45 -2.45 30.09 -44.99
C ILE C 45 -2.06 28.89 -44.14
N GLU C 46 -1.31 29.10 -43.05
CA GLU C 46 -0.74 27.97 -42.31
C GLU C 46 -1.82 27.06 -41.73
N ARG C 47 -2.89 27.65 -41.16
CA ARG C 47 -3.93 26.85 -40.53
C ARG C 47 -4.54 25.85 -41.51
N ALA C 48 -4.86 26.32 -42.73
CA ALA C 48 -5.43 25.42 -43.71
C ALA C 48 -4.46 24.29 -44.03
N VAL C 49 -3.17 24.59 -44.12
CA VAL C 49 -2.19 23.55 -44.41
C VAL C 49 -2.21 22.48 -43.32
N LEU C 50 -2.18 22.91 -42.05
CA LEU C 50 -2.12 21.97 -40.94
C LEU C 50 -3.40 21.15 -40.80
N MET C 51 -4.57 21.77 -41.05
CA MET C 51 -5.81 21.01 -41.00
C MET C 51 -5.85 19.97 -42.13
N THR C 52 -5.32 20.31 -43.30
CA THR C 52 -5.21 19.35 -44.39
C THR C 52 -4.35 18.16 -44.00
N GLU C 53 -3.17 18.43 -43.41
CA GLU C 53 -2.31 17.35 -42.93
C GLU C 53 -3.05 16.43 -41.97
N ALA C 54 -3.83 17.03 -41.04
CA ALA C 54 -4.51 16.24 -40.02
C ALA C 54 -5.59 15.35 -40.61
N TYR C 55 -6.38 15.87 -41.55
CA TYR C 55 -7.41 15.06 -42.18
C TYR C 55 -6.79 13.91 -42.96
N LYS C 56 -5.76 14.21 -43.77
CA LYS C 56 -5.06 13.15 -44.50
C LYS C 56 -4.49 12.12 -43.55
N LYS C 57 -4.25 12.52 -42.31
CA LYS C 57 -3.75 11.59 -41.31
C LYS C 57 -4.89 10.76 -40.73
N TYR C 58 -6.00 11.40 -40.37
CA TYR C 58 -6.98 10.78 -39.49
C TYR C 58 -8.35 10.53 -40.11
N GLU C 59 -8.71 11.24 -41.19
CA GLU C 59 -10.06 11.09 -41.72
C GLU C 59 -10.34 9.64 -42.12
N GLY C 60 -11.50 9.14 -41.69
CA GLY C 60 -11.88 7.78 -41.94
C GLY C 60 -11.48 6.82 -40.84
N SER C 61 -10.67 7.25 -39.88
CA SER C 61 -10.26 6.36 -38.82
C SER C 61 -10.93 6.65 -37.48
N VAL C 62 -11.63 7.78 -37.36
CA VAL C 62 -12.24 8.18 -36.11
C VAL C 62 -13.59 8.83 -36.41
N GLU C 63 -14.43 8.91 -35.40
CA GLU C 63 -15.67 9.64 -35.57
C GLU C 63 -15.36 11.12 -35.74
N ILE C 64 -16.27 11.84 -36.40
CA ILE C 64 -15.95 13.20 -36.82
C ILE C 64 -15.61 14.10 -35.64
N PRO C 65 -16.32 14.06 -34.50
CA PRO C 65 -15.89 14.92 -33.39
C PRO C 65 -14.45 14.68 -32.96
N VAL C 66 -14.03 13.42 -32.88
CA VAL C 66 -12.64 13.13 -32.56
C VAL C 66 -11.72 13.65 -33.65
N LEU C 67 -12.14 13.51 -34.92
CA LEU C 67 -11.35 14.05 -36.03
C LEU C 67 -11.11 15.55 -35.86
N ARG C 68 -12.17 16.29 -35.52
CA ARG C 68 -12.01 17.73 -35.32
C ARG C 68 -11.05 18.03 -34.16
N ALA C 69 -11.18 17.28 -33.06
CA ALA C 69 -10.30 17.51 -31.91
C ALA C 69 -8.85 17.19 -32.27
N LEU C 70 -8.63 16.06 -32.92
CA LEU C 70 -7.28 15.68 -33.31
C LEU C 70 -6.67 16.68 -34.29
N SER C 71 -7.48 17.22 -35.19
CA SER C 71 -6.98 18.21 -36.13
C SER C 71 -6.62 19.50 -35.43
N PHE C 72 -7.46 19.95 -34.49
CA PHE C 72 -7.15 21.12 -33.69
C PHE C 72 -5.86 20.91 -32.91
N LYS C 73 -5.71 19.74 -32.29
CA LYS C 73 -4.50 19.42 -31.56
C LYS C 73 -3.29 19.44 -32.48
N HIS C 74 -3.41 18.82 -33.65
CA HIS C 74 -2.31 18.84 -34.61
C HIS C 74 -1.94 20.27 -34.97
N TYR C 75 -2.96 21.12 -35.20
CA TYR C 75 -2.74 22.53 -35.52
C TYR C 75 -2.01 23.26 -34.39
N ILE C 76 -2.46 23.06 -33.14
CA ILE C 76 -1.84 23.72 -31.99
C ILE C 76 -0.40 23.26 -31.80
N GLU C 77 -0.17 21.96 -31.96
CA GLU C 77 1.17 21.40 -31.78
C GLU C 77 2.17 21.97 -32.77
N ASN C 78 1.71 22.29 -33.98
CA ASN C 78 2.63 22.53 -35.09
C ASN C 78 2.61 23.93 -35.67
N ARG C 79 1.68 24.80 -35.27
CA ARG C 79 1.61 26.15 -35.82
C ARG C 79 2.78 26.99 -35.34
N THR C 80 3.13 28.00 -36.14
CA THR C 80 4.14 28.96 -35.71
C THR C 80 3.54 29.93 -34.69
N LEU C 81 4.30 30.21 -33.64
CA LEU C 81 3.89 31.11 -32.57
C LEU C 81 4.69 32.41 -32.66
N SER C 82 4.08 33.50 -32.22
CA SER C 82 4.77 34.79 -32.21
C SER C 82 4.44 35.53 -30.93
N ILE C 83 5.41 36.28 -30.44
CA ILE C 83 5.24 37.20 -29.31
C ILE C 83 5.69 38.56 -29.80
N ASN C 84 4.79 39.53 -29.76
CA ASN C 84 5.07 40.86 -30.27
C ASN C 84 5.83 41.69 -29.25
N ASP C 85 6.55 42.70 -29.74
CA ASP C 85 7.41 43.53 -28.90
C ASP C 85 6.60 44.25 -27.83
N GLY C 86 6.90 43.95 -26.58
CA GLY C 86 6.25 44.59 -25.45
C GLY C 86 5.04 43.90 -24.90
N GLU C 87 4.61 42.77 -25.48
CA GLU C 87 3.39 42.13 -25.01
C GLU C 87 3.51 41.67 -23.56
N LEU C 88 2.39 41.74 -22.85
CA LEU C 88 2.21 41.01 -21.60
C LEU C 88 1.21 39.86 -21.74
N ILE C 89 0.26 39.98 -22.66
CA ILE C 89 -0.69 38.92 -23.02
C ILE C 89 -0.33 38.43 -24.40
N VAL C 90 -0.24 37.10 -24.60
CA VAL C 90 0.26 36.57 -25.86
C VAL C 90 -0.80 35.70 -26.53
N GLY C 91 -0.69 35.59 -27.85
CA GLY C 91 -1.57 34.78 -28.66
C GLY C 91 -2.13 35.56 -29.85
N GLU C 92 -1.93 35.02 -31.05
CA GLU C 92 -2.45 35.57 -32.30
C GLU C 92 -3.13 34.43 -33.06
N LYS C 93 -4.27 34.74 -33.69
CA LYS C 93 -4.94 33.72 -34.52
C LYS C 93 -4.07 33.34 -35.71
N GLY C 94 -3.55 34.33 -36.40
CA GLY C 94 -2.75 34.10 -37.60
C GLY C 94 -1.26 34.20 -37.34
N ASP C 95 -0.51 34.46 -38.41
CA ASP C 95 0.94 34.52 -38.36
C ASP C 95 1.45 35.80 -37.71
N SER C 96 0.67 36.88 -37.81
CA SER C 96 1.04 38.19 -37.28
C SER C 96 -0.24 38.99 -37.11
N PRO C 97 -0.16 40.17 -36.49
CA PRO C 97 -1.37 40.98 -36.31
C PRO C 97 -2.09 41.23 -37.61
N ASN C 98 -3.40 41.17 -37.56
CA ASN C 98 -4.26 41.37 -38.73
C ASN C 98 -4.07 40.30 -39.78
N GLY C 99 -3.53 39.15 -39.39
CA GLY C 99 -3.50 38.02 -40.30
C GLY C 99 -4.60 37.03 -40.00
N ALA C 100 -5.55 36.88 -40.92
CA ALA C 100 -6.70 36.00 -40.72
C ALA C 100 -6.39 34.60 -41.24
N PRO C 101 -6.61 33.57 -40.43
CA PRO C 101 -6.58 32.20 -40.95
C PRO C 101 -7.73 31.99 -41.93
N THR C 102 -7.64 30.88 -42.66
CA THR C 102 -8.73 30.43 -43.51
C THR C 102 -9.28 29.11 -42.99
N TYR C 103 -10.51 28.81 -43.41
CA TYR C 103 -11.29 27.72 -42.85
C TYR C 103 -11.90 26.93 -44.01
N PRO C 104 -11.06 26.20 -44.75
CA PRO C 104 -11.56 25.51 -45.95
C PRO C 104 -12.50 24.36 -45.65
N GLU C 105 -12.60 23.90 -44.40
CA GLU C 105 -13.64 22.94 -44.05
C GLU C 105 -15.03 23.57 -44.12
N ILE C 106 -15.14 24.88 -44.03
CA ILE C 106 -16.43 25.57 -44.09
C ILE C 106 -16.60 26.16 -45.48
N CYS C 107 -15.65 26.99 -45.90
CA CYS C 107 -15.67 27.62 -47.21
C CYS C 107 -14.28 27.52 -47.80
N CYS C 108 -14.14 26.70 -48.84
CA CYS C 108 -12.89 26.59 -49.59
C CYS C 108 -12.94 27.60 -50.73
N HIS C 109 -12.19 28.69 -50.61
CA HIS C 109 -12.29 29.76 -51.59
C HIS C 109 -11.83 29.29 -52.96
N THR C 110 -12.46 29.86 -53.99
CA THR C 110 -11.96 29.76 -55.35
C THR C 110 -10.81 30.73 -55.57
N MET C 111 -10.04 30.49 -56.63
CA MET C 111 -9.01 31.46 -56.96
C MET C 111 -9.60 32.82 -57.29
N GLU C 112 -10.81 32.86 -57.85
CA GLU C 112 -11.45 34.15 -58.07
C GLU C 112 -11.79 34.84 -56.76
N ASP C 113 -12.23 34.08 -55.74
CA ASP C 113 -12.45 34.66 -54.41
C ASP C 113 -11.20 35.38 -53.92
N LEU C 114 -10.04 34.71 -54.04
CA LEU C 114 -8.80 35.32 -53.58
C LEU C 114 -8.51 36.60 -54.35
N GLU C 115 -8.77 36.59 -55.67
CA GLU C 115 -8.61 37.78 -56.47
C GLU C 115 -9.49 38.91 -55.96
N VAL C 116 -10.76 38.61 -55.68
CA VAL C 116 -11.70 39.64 -55.27
C VAL C 116 -11.28 40.24 -53.93
N MET C 117 -10.97 39.40 -52.95
CA MET C 117 -10.65 39.95 -51.63
C MET C 117 -9.35 40.75 -51.66
N HIS C 118 -8.42 40.38 -52.54
CA HIS C 118 -7.18 41.12 -52.64
C HIS C 118 -7.41 42.49 -53.28
N ASN C 119 -8.26 42.55 -54.31
CA ASN C 119 -8.39 43.74 -55.13
C ASN C 119 -9.63 44.57 -54.86
N ARG C 120 -10.56 44.11 -54.02
CA ARG C 120 -11.75 44.91 -53.71
C ARG C 120 -11.37 46.25 -53.07
N ASP C 121 -12.27 47.21 -53.20
CA ASP C 121 -11.99 48.56 -52.74
C ASP C 121 -12.08 48.68 -51.22
N ILE C 122 -13.04 47.99 -50.59
CA ILE C 122 -13.20 48.06 -49.14
C ILE C 122 -13.17 46.67 -48.54
N ILE C 123 -12.67 46.59 -47.31
CA ILE C 123 -12.52 45.34 -46.59
C ILE C 123 -11.69 44.35 -47.40
N ASN C 124 -10.60 44.82 -47.97
CA ASN C 124 -9.67 43.96 -48.69
C ASN C 124 -8.75 43.23 -47.71
N PHE C 125 -8.31 42.05 -48.13
CA PHE C 125 -7.29 41.27 -47.47
C PHE C 125 -6.23 40.97 -48.51
N SER C 126 -4.97 41.23 -48.19
CA SER C 126 -3.91 40.91 -49.11
C SER C 126 -3.63 39.41 -49.09
N VAL C 127 -3.44 38.85 -50.29
CA VAL C 127 -3.12 37.44 -50.48
C VAL C 127 -1.73 37.37 -51.10
N SER C 128 -0.75 36.93 -50.33
CA SER C 128 0.59 36.83 -50.88
C SER C 128 0.61 35.78 -52.00
N GLU C 129 1.58 35.90 -52.90
CA GLU C 129 1.70 34.89 -53.94
C GLU C 129 1.95 33.51 -53.35
N GLU C 130 2.70 33.44 -52.24
CA GLU C 130 2.91 32.17 -51.56
C GLU C 130 1.60 31.58 -51.07
N ALA C 131 0.71 32.40 -50.51
CA ALA C 131 -0.57 31.90 -50.06
C ALA C 131 -1.44 31.46 -51.22
N ARG C 132 -1.39 32.19 -52.34
CA ARG C 132 -2.16 31.79 -53.51
C ARG C 132 -1.69 30.46 -54.05
N LYS C 133 -0.37 30.25 -54.08
CA LYS C 133 0.16 28.99 -54.59
C LYS C 133 -0.28 27.83 -53.71
N ILE C 134 -0.10 27.96 -52.41
CA ILE C 134 -0.49 26.89 -51.50
C ILE C 134 -1.98 26.63 -51.59
N HIS C 135 -2.79 27.69 -51.61
CA HIS C 135 -4.22 27.46 -51.67
C HIS C 135 -4.62 26.70 -52.93
N LYS C 136 -4.05 27.09 -54.08
CA LYS C 136 -4.43 26.45 -55.33
C LYS C 136 -3.96 25.00 -55.41
N GLU C 137 -2.76 24.71 -54.92
CA GLU C 137 -2.15 23.40 -55.13
C GLU C 137 -2.40 22.41 -53.99
N GLU C 138 -2.55 22.88 -52.76
CA GLU C 138 -2.74 22.01 -51.61
C GLU C 138 -4.16 22.02 -51.05
N ILE C 139 -4.80 23.18 -50.99
CA ILE C 139 -6.06 23.31 -50.26
C ILE C 139 -7.23 22.94 -51.16
N ILE C 140 -7.36 23.62 -52.31
CA ILE C 140 -8.50 23.38 -53.20
C ILE C 140 -8.64 21.91 -53.57
N PRO C 141 -7.58 21.20 -53.99
CA PRO C 141 -7.76 19.79 -54.37
C PRO C 141 -8.31 18.93 -53.24
N PHE C 142 -8.03 19.27 -51.98
CA PHE C 142 -8.50 18.44 -50.88
C PHE C 142 -9.88 18.87 -50.36
N TRP C 143 -10.15 20.17 -50.24
CA TRP C 143 -11.32 20.68 -49.53
C TRP C 143 -12.50 21.07 -50.41
N LYS C 144 -12.31 21.25 -51.72
CA LYS C 144 -13.42 21.72 -52.54
C LYS C 144 -14.62 20.77 -52.45
N LYS C 145 -14.36 19.48 -52.43
CA LYS C 145 -15.47 18.53 -52.32
C LYS C 145 -15.90 18.30 -50.88
N ARG C 146 -15.11 18.75 -49.90
CA ARG C 146 -15.40 18.51 -48.49
C ARG C 146 -16.06 19.69 -47.79
N GLN C 147 -15.91 20.91 -48.30
CA GLN C 147 -16.39 22.10 -47.60
C GLN C 147 -17.89 22.02 -47.34
N THR C 148 -18.32 22.47 -46.15
CA THR C 148 -19.74 22.42 -45.84
C THR C 148 -20.55 23.37 -46.72
N ARG C 149 -19.96 24.42 -47.28
CA ARG C 149 -20.77 25.34 -48.07
C ARG C 149 -21.44 24.62 -49.24
N ASP C 150 -20.72 23.69 -49.89
CA ASP C 150 -21.32 22.94 -51.00
C ASP C 150 -22.33 21.91 -50.50
N LYS C 151 -22.05 21.27 -49.37
CA LYS C 151 -23.07 20.40 -48.77
C LYS C 151 -24.35 21.17 -48.56
N ILE C 152 -24.24 22.42 -48.11
CA ILE C 152 -25.43 23.23 -47.86
C ILE C 152 -26.12 23.59 -49.18
N ILE C 153 -25.39 24.24 -50.10
CA ILE C 153 -26.02 24.74 -51.32
C ILE C 153 -26.66 23.61 -52.13
N ASN C 154 -25.96 22.48 -52.24
CA ASN C 154 -26.48 21.35 -53.01
C ASN C 154 -27.72 20.74 -52.38
N ALA C 155 -27.98 21.02 -51.11
CA ALA C 155 -29.13 20.45 -50.41
C ALA C 155 -30.34 21.38 -50.37
N MET C 156 -30.21 22.61 -50.85
CA MET C 156 -31.29 23.59 -50.77
C MET C 156 -32.29 23.40 -51.91
N THR C 157 -33.55 23.72 -51.64
CA THR C 157 -34.58 23.61 -52.67
C THR C 157 -34.43 24.71 -53.71
N PRO C 158 -35.02 24.53 -54.90
CA PRO C 158 -35.04 25.63 -55.86
C PRO C 158 -35.81 26.84 -55.38
N GLU C 159 -36.84 26.65 -54.54
CA GLU C 159 -37.51 27.81 -53.97
C GLU C 159 -36.59 28.58 -53.04
N TRP C 160 -35.82 27.86 -52.22
CA TRP C 160 -34.84 28.50 -51.34
C TRP C 160 -33.81 29.26 -52.16
N LEU C 161 -33.24 28.61 -53.18
CA LEU C 161 -32.18 29.24 -53.96
C LEU C 161 -32.67 30.49 -54.68
N ALA C 162 -33.87 30.45 -55.24
CA ALA C 162 -34.41 31.63 -55.90
C ALA C 162 -34.60 32.78 -54.92
N ALA C 163 -35.16 32.48 -53.74
CA ALA C 163 -35.38 33.53 -52.75
C ALA C 163 -34.06 34.09 -52.23
N TYR C 164 -33.10 33.20 -51.96
CA TYR C 164 -31.78 33.65 -51.53
C TYR C 164 -31.13 34.53 -52.59
N GLU C 165 -31.17 34.11 -53.85
CA GLU C 165 -30.58 34.90 -54.92
C GLU C 165 -31.32 36.22 -55.11
N ALA C 166 -32.63 36.24 -54.83
CA ALA C 166 -33.39 37.47 -54.98
C ALA C 166 -33.23 38.42 -53.79
N GLY C 167 -32.54 38.01 -52.72
CA GLY C 167 -32.39 38.87 -51.56
C GLY C 167 -33.53 38.84 -50.58
N MET C 168 -34.32 37.76 -50.54
CA MET C 168 -35.38 37.65 -49.54
C MET C 168 -34.83 37.41 -48.14
N PHE C 169 -33.67 36.77 -48.05
CA PHE C 169 -33.02 36.49 -46.77
C PHE C 169 -31.57 36.15 -47.06
N THR C 170 -30.78 36.05 -45.99
CA THR C 170 -29.41 35.60 -46.08
C THR C 170 -29.25 34.29 -45.31
N GLU C 171 -28.05 33.73 -45.37
CA GLU C 171 -27.77 32.44 -44.76
C GLU C 171 -26.47 32.55 -43.98
N PHE C 172 -26.58 32.49 -42.64
CA PHE C 172 -25.42 32.73 -41.81
C PHE C 172 -24.39 31.62 -41.89
N MET C 173 -24.79 30.41 -42.25
CA MET C 173 -23.84 29.30 -42.15
C MET C 173 -23.17 28.94 -43.49
N GLU C 174 -23.26 29.80 -44.50
CA GLU C 174 -22.61 29.48 -45.77
C GLU C 174 -21.09 29.65 -45.72
N GLN C 175 -20.58 30.60 -44.96
CA GLN C 175 -19.15 30.84 -44.89
C GLN C 175 -18.57 30.87 -43.48
N ARG C 176 -19.39 30.67 -42.44
CA ARG C 176 -18.92 30.71 -41.07
C ARG C 176 -19.65 29.66 -40.25
N ALA C 177 -19.07 29.30 -39.12
CA ALA C 177 -19.72 28.35 -38.22
C ALA C 177 -20.71 29.06 -37.31
N PRO C 178 -21.69 28.33 -36.77
CA PRO C 178 -22.76 28.99 -35.98
C PRO C 178 -22.24 29.96 -34.92
N GLY C 179 -21.35 29.50 -34.03
CA GLY C 179 -20.73 30.41 -33.06
C GLY C 179 -21.73 31.23 -32.28
N HIS C 180 -21.49 32.54 -32.24
CA HIS C 180 -22.41 33.49 -31.61
C HIS C 180 -22.62 33.17 -30.13
N THR C 181 -21.52 33.05 -29.39
CA THR C 181 -21.64 32.63 -28.01
C THR C 181 -20.63 33.39 -27.17
N VAL C 182 -20.77 33.27 -25.85
CA VAL C 182 -20.07 34.10 -24.88
C VAL C 182 -19.54 33.23 -23.77
N CYS C 183 -18.36 33.54 -23.29
CA CYS C 183 -17.75 32.78 -22.21
C CYS C 183 -18.48 33.01 -20.89
N GLY C 184 -18.65 31.93 -20.13
CA GLY C 184 -19.13 31.98 -18.77
C GLY C 184 -17.97 32.11 -17.79
N ASP C 185 -18.12 31.53 -16.60
CA ASP C 185 -17.10 31.66 -15.57
C ASP C 185 -16.27 30.40 -15.35
N THR C 186 -16.49 29.37 -16.15
CA THR C 186 -15.81 28.09 -15.93
C THR C 186 -14.29 28.24 -15.96
N ILE C 187 -13.75 28.98 -16.94
CA ILE C 187 -12.30 29.09 -17.12
C ILE C 187 -11.61 29.86 -16.01
N TYR C 188 -12.35 30.53 -15.15
CA TYR C 188 -11.73 31.18 -14.00
C TYR C 188 -11.75 30.28 -12.77
N LYS C 189 -12.50 29.18 -12.80
CA LYS C 189 -12.57 28.26 -11.67
C LYS C 189 -11.87 26.93 -11.92
N LYS C 190 -11.56 26.61 -13.17
CA LYS C 190 -10.98 25.34 -13.56
C LYS C 190 -9.98 25.57 -14.68
N GLY C 191 -8.92 24.77 -14.68
CA GLY C 191 -8.06 24.66 -15.83
C GLY C 191 -8.52 23.52 -16.73
N PHE C 192 -7.84 23.39 -17.86
CA PHE C 192 -8.24 22.34 -18.79
C PHE C 192 -7.82 20.96 -18.34
N LEU C 193 -6.84 20.84 -17.44
CA LEU C 193 -6.57 19.56 -16.79
C LEU C 193 -7.70 19.17 -15.85
N ASP C 194 -8.29 20.15 -15.14
CA ASP C 194 -9.46 19.88 -14.31
C ASP C 194 -10.63 19.41 -15.16
N LEU C 195 -10.88 20.12 -16.26
CA LEU C 195 -11.98 19.74 -17.14
C LEU C 195 -11.75 18.36 -17.73
N LYS C 196 -10.50 18.03 -18.06
CA LYS C 196 -10.20 16.69 -18.56
C LYS C 196 -10.56 15.62 -17.55
N LYS C 197 -10.24 15.86 -16.27
CA LYS C 197 -10.66 14.93 -15.21
C LYS C 197 -12.16 14.82 -15.13
N ASP C 198 -12.88 15.94 -15.24
CA ASP C 198 -14.35 15.87 -15.28
C ASP C 198 -14.82 14.99 -16.43
N ILE C 199 -14.21 15.16 -17.60
CA ILE C 199 -14.60 14.39 -18.77
C ILE C 199 -14.27 12.91 -18.59
N GLU C 200 -13.10 12.61 -18.04
CA GLU C 200 -12.74 11.21 -17.79
C GLU C 200 -13.69 10.56 -16.78
N ALA C 201 -14.10 11.30 -15.76
CA ALA C 201 -15.10 10.75 -14.84
C ALA C 201 -16.42 10.47 -15.55
N ARG C 202 -16.84 11.37 -16.46
CA ARG C 202 -18.06 11.13 -17.23
C ARG C 202 -17.93 9.87 -18.08
N LEU C 203 -16.78 9.72 -18.75
CA LEU C 203 -16.57 8.55 -19.59
C LEU C 203 -16.71 7.25 -18.80
N LYS C 204 -16.22 7.23 -17.56
CA LYS C 204 -16.26 6.02 -16.74
C LYS C 204 -17.67 5.67 -16.29
N GLU C 205 -18.59 6.62 -16.24
CA GLU C 205 -19.92 6.29 -15.75
C GLU C 205 -20.94 6.11 -16.85
N LEU C 206 -20.54 6.15 -18.12
CA LEU C 206 -21.47 5.86 -19.20
C LEU C 206 -22.02 4.45 -19.04
N ASP C 207 -23.32 4.30 -19.28
CA ASP C 207 -24.02 3.02 -19.09
C ASP C 207 -24.36 2.45 -20.46
N PHE C 208 -23.46 1.64 -21.00
CA PHE C 208 -23.69 1.06 -22.32
C PHE C 208 -24.72 -0.06 -22.30
N LEU C 209 -25.25 -0.41 -21.13
CA LEU C 209 -26.30 -1.41 -21.05
C LEU C 209 -27.69 -0.81 -21.28
N ASN C 210 -28.00 0.32 -20.65
CA ASN C 210 -29.34 0.87 -20.66
C ASN C 210 -29.45 2.23 -21.33
N ASP C 211 -28.36 2.96 -21.50
CA ASP C 211 -28.38 4.26 -22.18
C ASP C 211 -28.00 4.03 -23.65
N LEU C 212 -29.01 4.00 -24.51
CA LEU C 212 -28.79 3.69 -25.92
C LEU C 212 -28.05 4.80 -26.64
N ASP C 213 -27.89 5.96 -26.01
CA ASP C 213 -27.15 7.08 -26.55
C ASP C 213 -25.70 7.08 -26.07
N ALA C 214 -25.26 6.03 -25.36
CA ALA C 214 -23.94 6.05 -24.73
C ALA C 214 -22.83 6.18 -25.75
N TYR C 215 -22.96 5.55 -26.92
CA TYR C 215 -21.88 5.63 -27.89
C TYR C 215 -21.68 7.07 -28.38
N ASN C 216 -22.76 7.78 -28.67
CA ASN C 216 -22.65 9.17 -29.11
C ASN C 216 -22.02 10.03 -28.02
N LYS C 217 -22.36 9.78 -26.76
CA LYS C 217 -21.73 10.49 -25.66
C LYS C 217 -20.24 10.20 -25.60
N LYS C 218 -19.85 8.94 -25.77
CA LYS C 218 -18.44 8.59 -25.70
C LYS C 218 -17.65 9.33 -26.78
N ALA C 219 -18.16 9.37 -28.01
CA ALA C 219 -17.43 10.06 -29.08
C ALA C 219 -17.25 11.53 -28.76
N ASP C 220 -18.31 12.20 -28.29
CA ASP C 220 -18.19 13.62 -27.98
C ASP C 220 -17.25 13.86 -26.79
N LEU C 221 -17.35 13.02 -25.75
CA LEU C 221 -16.51 13.20 -24.58
C LEU C 221 -15.05 12.93 -24.88
N GLU C 222 -14.76 11.89 -25.66
CA GLU C 222 -13.37 11.66 -26.06
C GLU C 222 -12.82 12.85 -26.84
N ALA C 223 -13.63 13.43 -27.73
CA ALA C 223 -13.16 14.59 -28.48
C ALA C 223 -12.87 15.76 -27.54
N MET C 224 -13.76 15.99 -26.56
CA MET C 224 -13.55 17.05 -25.59
C MET C 224 -12.24 16.86 -24.82
N ALA C 225 -11.93 15.61 -24.43
CA ALA C 225 -10.69 15.35 -23.71
C ALA C 225 -9.46 15.71 -24.54
N ILE C 226 -9.49 15.39 -25.84
CA ILE C 226 -8.41 15.74 -26.75
C ILE C 226 -8.28 17.26 -26.87
N ALA C 227 -9.42 17.96 -26.92
CA ALA C 227 -9.36 19.41 -26.93
C ALA C 227 -8.66 19.93 -25.68
N CYS C 228 -8.91 19.30 -24.52
CA CYS C 228 -8.20 19.67 -23.30
C CYS C 228 -6.69 19.51 -23.47
N ASP C 229 -6.25 18.36 -23.98
CA ASP C 229 -4.82 18.17 -24.22
C ASP C 229 -4.27 19.25 -25.12
N ALA C 230 -5.04 19.65 -26.14
CA ALA C 230 -4.56 20.70 -27.03
C ALA C 230 -4.30 21.99 -26.27
N MET C 231 -5.21 22.35 -25.37
CA MET C 231 -5.04 23.60 -24.62
C MET C 231 -3.83 23.53 -23.70
N VAL C 232 -3.57 22.38 -23.09
CA VAL C 232 -2.35 22.23 -22.30
C VAL C 232 -1.13 22.46 -23.18
N ILE C 233 -1.15 21.93 -24.41
CA ILE C 233 -0.02 22.12 -25.30
C ILE C 233 0.14 23.60 -25.67
N LEU C 234 -0.98 24.31 -25.83
CA LEU C 234 -0.89 25.74 -26.16
C LEU C 234 -0.10 26.50 -25.11
N GLY C 235 -0.43 26.27 -23.83
CA GLY C 235 0.32 26.93 -22.77
C GLY C 235 1.77 26.53 -22.76
N LYS C 236 2.05 25.22 -22.87
CA LYS C 236 3.43 24.72 -22.88
C LYS C 236 4.25 25.37 -23.97
N ARG C 237 3.70 25.44 -25.19
CA ARG C 237 4.47 25.96 -26.31
C ARG C 237 4.72 27.47 -26.16
N TYR C 238 3.75 28.22 -25.64
CA TYR C 238 3.99 29.65 -25.45
C TYR C 238 4.99 29.90 -24.33
N ALA C 239 4.91 29.15 -23.24
CA ALA C 239 5.90 29.31 -22.16
C ALA C 239 7.31 29.04 -22.66
N GLU C 240 7.49 27.98 -23.44
CA GLU C 240 8.81 27.66 -23.99
C GLU C 240 9.24 28.70 -25.02
N LYS C 241 8.32 29.16 -25.86
CA LYS C 241 8.68 30.22 -26.79
C LYS C 241 9.19 31.45 -26.04
N ALA C 242 8.51 31.83 -24.96
CA ALA C 242 8.92 32.99 -24.19
C ALA C 242 10.30 32.77 -23.58
N ARG C 243 10.57 31.57 -23.08
CA ARG C 243 11.88 31.28 -22.47
C ARG C 243 12.97 31.28 -23.53
N GLN C 244 12.70 30.72 -24.71
CA GLN C 244 13.71 30.76 -25.76
C GLN C 244 14.00 32.20 -26.17
N MET C 245 12.97 33.03 -26.31
CA MET C 245 13.19 34.42 -26.65
C MET C 245 13.94 35.15 -25.54
N ALA C 246 13.67 34.81 -24.29
CA ALA C 246 14.36 35.46 -23.18
C ALA C 246 15.85 35.17 -23.22
N GLU C 247 16.24 33.93 -23.55
CA GLU C 247 17.65 33.59 -23.59
C GLU C 247 18.41 34.42 -24.61
N GLU C 248 17.74 34.87 -25.67
CA GLU C 248 18.40 35.67 -26.68
C GLU C 248 18.19 37.16 -26.55
N GLU C 249 17.31 37.62 -25.67
CA GLU C 249 17.08 39.04 -25.52
C GLU C 249 18.12 39.64 -24.57
N THR C 250 18.79 40.71 -25.02
CA THR C 250 19.82 41.37 -24.22
C THR C 250 19.25 42.48 -23.35
N ASP C 251 18.15 43.10 -23.76
CA ASP C 251 17.47 44.10 -22.94
C ASP C 251 16.91 43.44 -21.68
N GLU C 252 17.33 43.93 -20.51
CA GLU C 252 16.94 43.29 -19.25
C GLU C 252 15.46 43.47 -18.95
N ALA C 253 14.90 44.63 -19.31
CA ALA C 253 13.47 44.83 -19.10
C ALA C 253 12.63 43.86 -19.94
N LYS C 254 13.01 43.65 -21.20
CA LYS C 254 12.27 42.71 -22.03
C LYS C 254 12.46 41.27 -21.54
N LYS C 255 13.68 40.92 -21.13
CA LYS C 255 13.92 39.58 -20.60
C LYS C 255 12.98 39.29 -19.43
N LYS C 256 12.81 40.25 -18.52
CA LYS C 256 11.91 40.07 -17.37
C LYS C 256 10.46 39.93 -17.82
N ASP C 257 10.04 40.69 -18.83
CA ASP C 257 8.67 40.53 -19.32
C ASP C 257 8.46 39.15 -19.93
N LEU C 258 9.41 38.66 -20.73
CA LEU C 258 9.28 37.32 -21.29
C LEU C 258 9.21 36.26 -20.19
N LEU C 259 10.00 36.43 -19.12
CA LEU C 259 9.97 35.46 -18.02
C LEU C 259 8.66 35.52 -17.27
N LEU C 260 8.04 36.69 -17.19
CA LEU C 260 6.70 36.77 -16.63
C LEU C 260 5.69 36.06 -17.53
N ILE C 261 5.82 36.24 -18.85
CA ILE C 261 4.96 35.51 -19.77
C ILE C 261 5.09 34.01 -19.55
N ALA C 262 6.34 33.52 -19.43
CA ALA C 262 6.56 32.09 -19.22
C ALA C 262 5.91 31.61 -17.92
N GLU C 263 6.08 32.40 -16.85
CA GLU C 263 5.44 32.06 -15.58
C GLU C 263 3.94 31.98 -15.72
N THR C 264 3.34 32.90 -16.48
CA THR C 264 1.90 32.92 -16.62
C THR C 264 1.41 31.70 -17.38
N CYS C 265 2.09 31.37 -18.49
CA CYS C 265 1.73 30.25 -19.34
C CYS C 265 2.07 28.92 -18.71
N ASP C 266 2.97 28.89 -17.71
CA ASP C 266 3.11 27.68 -16.90
C ASP C 266 1.86 27.35 -16.12
N VAL C 267 1.04 28.36 -15.82
CA VAL C 267 -0.18 28.14 -15.04
C VAL C 267 -1.35 27.91 -15.98
N VAL C 268 -1.61 28.84 -16.88
CA VAL C 268 -2.77 28.75 -17.76
C VAL C 268 -2.34 28.43 -19.19
N PRO C 269 -3.20 27.73 -19.95
CA PRO C 269 -4.55 27.31 -19.56
C PRO C 269 -4.63 25.93 -18.88
N ALA C 270 -3.50 25.28 -18.61
CA ALA C 270 -3.54 23.95 -18.02
C ALA C 270 -4.21 23.95 -16.66
N HIS C 271 -3.95 24.97 -15.85
CA HIS C 271 -4.46 25.08 -14.49
C HIS C 271 -5.31 26.34 -14.38
N LYS C 272 -6.16 26.37 -13.36
CA LYS C 272 -7.01 27.52 -13.18
C LYS C 272 -6.17 28.76 -12.86
N PRO C 273 -6.57 29.92 -13.36
CA PRO C 273 -5.82 31.14 -13.05
C PRO C 273 -5.86 31.42 -11.57
N GLU C 274 -4.73 31.88 -11.06
CA GLU C 274 -4.56 32.28 -9.68
C GLU C 274 -4.47 33.79 -9.50
N THR C 275 -4.19 34.54 -10.56
CA THR C 275 -4.02 35.99 -10.50
C THR C 275 -4.84 36.69 -11.57
N TYR C 276 -4.99 38.00 -11.39
CA TYR C 276 -5.64 38.84 -12.38
C TYR C 276 -4.96 38.72 -13.76
N HIS C 277 -3.63 38.78 -13.78
CA HIS C 277 -2.87 38.61 -15.01
C HIS C 277 -3.17 37.26 -15.66
N GLN C 278 -3.14 36.20 -14.86
CA GLN C 278 -3.38 34.87 -15.42
C GLN C 278 -4.81 34.71 -15.90
N ALA C 279 -5.77 35.35 -15.21
CA ALA C 279 -7.16 35.28 -15.65
C ALA C 279 -7.33 35.87 -17.05
N ILE C 280 -6.67 36.99 -17.32
CA ILE C 280 -6.75 37.59 -18.65
C ILE C 280 -6.07 36.71 -19.69
N GLN C 281 -4.89 36.16 -19.37
CA GLN C 281 -4.21 35.29 -20.32
C GLN C 281 -5.00 34.00 -20.54
N MET C 282 -5.65 33.50 -19.50
CA MET C 282 -6.52 32.33 -19.65
C MET C 282 -7.64 32.62 -20.64
N TYR C 283 -8.35 33.75 -20.45
CA TYR C 283 -9.40 34.08 -21.41
C TYR C 283 -8.83 34.16 -22.83
N TRP C 284 -7.70 34.85 -23.00
CA TRP C 284 -7.24 35.11 -24.36
C TRP C 284 -6.83 33.82 -25.06
N PHE C 285 -6.21 32.89 -24.32
CA PHE C 285 -5.88 31.57 -24.89
C PHE C 285 -7.14 30.85 -25.34
N VAL C 286 -8.19 30.86 -24.49
CA VAL C 286 -9.47 30.26 -24.86
C VAL C 286 -10.04 30.93 -26.10
N HIS C 287 -9.96 32.26 -26.15
CA HIS C 287 -10.42 33.00 -27.32
C HIS C 287 -9.69 32.55 -28.58
N ILE C 288 -8.35 32.49 -28.51
CA ILE C 288 -7.58 32.01 -29.66
C ILE C 288 -8.01 30.60 -30.04
N GLY C 289 -8.19 29.74 -29.05
CA GLY C 289 -8.56 28.37 -29.29
C GLY C 289 -9.89 28.24 -30.02
N VAL C 290 -10.95 28.83 -29.48
CA VAL C 290 -12.26 28.61 -30.07
C VAL C 290 -12.41 29.30 -31.42
N THR C 291 -11.72 30.42 -31.65
CA THR C 291 -11.84 31.09 -32.94
C THR C 291 -10.89 30.52 -34.00
N THR C 292 -9.95 29.64 -33.63
CA THR C 292 -9.21 28.88 -34.63
C THR C 292 -9.71 27.43 -34.78
N GLU C 293 -10.46 26.92 -33.81
CA GLU C 293 -11.20 25.68 -33.99
C GLU C 293 -12.15 25.79 -35.18
N LEU C 294 -12.94 26.86 -35.22
CA LEU C 294 -13.86 27.11 -36.31
C LEU C 294 -13.95 28.62 -36.53
N ASN C 295 -14.40 29.02 -37.71
CA ASN C 295 -14.64 30.43 -38.02
C ASN C 295 -16.03 30.83 -37.52
N ILE C 296 -16.14 31.04 -36.20
CA ILE C 296 -17.44 31.25 -35.54
C ILE C 296 -17.89 32.71 -35.66
N TRP C 297 -19.18 32.91 -35.89
CA TRP C 297 -19.76 34.25 -35.87
C TRP C 297 -19.44 34.96 -34.56
N ASP C 298 -19.06 36.22 -34.65
CA ASP C 298 -18.83 37.09 -33.50
C ASP C 298 -17.69 36.59 -32.62
N ALA C 299 -16.66 35.99 -33.22
CA ALA C 299 -15.45 35.64 -32.49
C ALA C 299 -15.72 35.00 -31.12
N PHE C 300 -15.20 35.62 -30.07
CA PHE C 300 -15.50 35.20 -28.71
C PHE C 300 -15.44 36.44 -27.83
N THR C 301 -15.95 36.32 -26.61
CA THR C 301 -15.92 37.45 -25.69
C THR C 301 -15.97 36.93 -24.26
N PRO C 302 -15.27 37.58 -23.32
CA PRO C 302 -15.41 37.21 -21.92
C PRO C 302 -16.76 37.60 -21.34
N GLY C 303 -17.60 38.33 -22.07
CA GLY C 303 -18.91 38.67 -21.56
C GLY C 303 -18.90 39.64 -20.40
N ARG C 304 -19.25 39.19 -19.20
CA ARG C 304 -19.32 40.06 -18.03
C ARG C 304 -17.93 40.18 -17.39
N LEU C 305 -17.02 40.79 -18.14
CA LEU C 305 -15.60 40.79 -17.78
C LEU C 305 -15.36 41.41 -16.40
N ASP C 306 -16.04 42.51 -16.07
CA ASP C 306 -15.79 43.11 -14.77
C ASP C 306 -16.23 42.20 -13.63
N GLN C 307 -17.23 41.36 -13.84
CA GLN C 307 -17.64 40.41 -12.80
C GLN C 307 -16.59 39.32 -12.63
N HIS C 308 -15.99 38.85 -13.73
CA HIS C 308 -15.03 37.76 -13.61
C HIS C 308 -13.71 38.25 -13.04
N LEU C 309 -13.26 39.46 -13.42
CA LEU C 309 -11.93 39.89 -13.00
C LEU C 309 -11.90 40.50 -11.60
N ASN C 310 -13.01 41.04 -11.11
CA ASN C 310 -12.98 41.77 -9.84
C ASN C 310 -12.51 40.92 -8.67
N PRO C 311 -12.89 39.65 -8.52
CA PRO C 311 -12.32 38.86 -7.41
C PRO C 311 -10.83 38.77 -7.48
N PHE C 312 -10.26 38.58 -8.68
CA PHE C 312 -8.82 38.55 -8.84
C PHE C 312 -8.22 39.93 -8.54
N TYR C 313 -8.88 40.98 -9.00
CA TYR C 313 -8.37 42.33 -8.78
C TYR C 313 -8.22 42.62 -7.29
N GLU C 314 -9.29 42.42 -6.53
CA GLU C 314 -9.28 42.71 -5.11
C GLU C 314 -8.24 41.87 -4.38
N ARG C 315 -8.19 40.58 -4.68
CA ARG C 315 -7.24 39.69 -4.03
C ARG C 315 -5.80 40.12 -4.32
N ASP C 316 -5.51 40.41 -5.60
CA ASP C 316 -4.14 40.73 -5.98
C ASP C 316 -3.71 42.07 -5.38
N VAL C 317 -4.61 43.04 -5.31
CA VAL C 317 -4.25 44.32 -4.72
C VAL C 317 -3.98 44.17 -3.23
N GLU C 318 -4.85 43.45 -2.52
CA GLU C 318 -4.61 43.24 -1.10
C GLU C 318 -3.31 42.47 -0.84
N ASN C 319 -2.89 41.62 -1.78
CA ASN C 319 -1.63 40.88 -1.65
C ASN C 319 -0.42 41.64 -2.16
N GLY C 320 -0.59 42.85 -2.68
CA GLY C 320 0.53 43.65 -3.11
C GLY C 320 1.18 43.27 -4.42
N ILE C 321 0.52 42.49 -5.27
CA ILE C 321 1.11 42.11 -6.55
C ILE C 321 0.49 42.87 -7.72
N LEU C 322 -0.46 43.77 -7.46
CA LEU C 322 -1.17 44.49 -8.50
C LEU C 322 -1.58 45.84 -7.95
N ASP C 323 -1.62 46.85 -8.81
CA ASP C 323 -2.27 48.11 -8.48
C ASP C 323 -3.15 48.51 -9.65
N ARG C 324 -3.90 49.59 -9.49
CA ARG C 324 -4.86 49.98 -10.51
C ARG C 324 -4.17 50.24 -11.85
N ASP C 325 -2.99 50.87 -11.82
CA ASP C 325 -2.29 51.17 -13.06
C ASP C 325 -1.94 49.88 -13.81
N ARG C 326 -1.42 48.88 -13.10
CA ARG C 326 -1.04 47.63 -13.76
C ARG C 326 -2.28 46.87 -14.23
N ALA C 327 -3.36 46.93 -13.46
CA ALA C 327 -4.63 46.37 -13.91
C ALA C 327 -5.07 47.01 -15.20
N GLN C 328 -4.94 48.33 -15.30
CA GLN C 328 -5.33 49.01 -16.53
C GLN C 328 -4.36 48.69 -17.66
N GLU C 329 -3.07 48.60 -17.37
CA GLU C 329 -2.09 48.28 -18.41
C GLU C 329 -2.41 46.94 -19.06
N LEU C 330 -2.77 45.94 -18.24
CA LEU C 330 -3.09 44.61 -18.76
C LEU C 330 -4.35 44.62 -19.62
N LEU C 331 -5.37 45.37 -19.22
CA LEU C 331 -6.57 45.46 -20.05
C LEU C 331 -6.31 46.23 -21.35
N GLU C 332 -5.43 47.24 -21.32
CA GLU C 332 -5.07 47.90 -22.58
C GLU C 332 -4.35 46.94 -23.52
N CYS C 333 -3.51 46.06 -22.98
CA CYS C 333 -2.90 45.01 -23.78
C CYS C 333 -3.97 44.09 -24.35
N LEU C 334 -4.94 43.68 -23.52
CA LEU C 334 -6.07 42.86 -23.99
C LEU C 334 -6.82 43.54 -25.12
N TRP C 335 -7.14 44.82 -24.97
CA TRP C 335 -7.86 45.54 -26.02
C TRP C 335 -7.11 45.45 -27.35
N VAL C 336 -5.79 45.65 -27.32
CA VAL C 336 -5.01 45.56 -28.54
C VAL C 336 -5.10 44.15 -29.13
N LYS C 337 -5.08 43.13 -28.27
CA LYS C 337 -5.16 41.76 -28.78
C LYS C 337 -6.44 41.53 -29.58
N PHE C 338 -7.58 41.99 -29.07
CA PHE C 338 -8.82 41.94 -29.85
C PHE C 338 -8.64 42.63 -31.20
N ASN C 339 -8.04 43.82 -31.19
CA ASN C 339 -7.92 44.63 -32.40
C ASN C 339 -6.95 44.03 -33.41
N ASN C 340 -6.09 43.09 -32.99
CA ASN C 340 -5.20 42.39 -33.91
C ASN C 340 -5.88 41.22 -34.64
N GLN C 341 -7.14 40.91 -34.33
CA GLN C 341 -7.84 39.76 -34.93
C GLN C 341 -9.04 40.21 -35.76
N PRO C 342 -8.91 40.35 -37.07
CA PRO C 342 -10.09 40.64 -37.90
C PRO C 342 -11.00 39.43 -38.05
N ALA C 343 -12.24 39.72 -38.40
CA ALA C 343 -13.11 38.68 -38.90
C ALA C 343 -12.50 38.11 -40.17
N PRO C 344 -12.40 36.80 -40.31
CA PRO C 344 -11.79 36.21 -41.52
C PRO C 344 -12.53 36.66 -42.76
N PRO C 345 -11.87 36.63 -43.92
CA PRO C 345 -12.45 37.26 -45.11
C PRO C 345 -13.78 36.66 -45.51
N LYS C 346 -14.71 37.54 -45.86
CA LYS C 346 -16.02 37.18 -46.36
C LYS C 346 -16.10 37.56 -47.83
N VAL C 347 -16.92 36.83 -48.58
CA VAL C 347 -17.18 37.17 -49.97
C VAL C 347 -18.68 37.06 -50.22
N GLY C 348 -19.10 37.53 -51.38
CA GLY C 348 -20.50 37.40 -51.76
C GLY C 348 -21.44 38.02 -50.75
N ILE C 349 -22.55 37.32 -50.48
CA ILE C 349 -23.61 37.87 -49.63
C ILE C 349 -23.12 38.05 -48.20
N THR C 350 -22.28 37.13 -47.72
CA THR C 350 -21.77 37.24 -46.35
C THR C 350 -21.09 38.59 -46.14
N LEU C 351 -20.28 39.03 -47.10
CA LEU C 351 -19.68 40.37 -47.01
C LEU C 351 -20.76 41.44 -46.99
N LYS C 352 -21.75 41.32 -47.87
CA LYS C 352 -22.78 42.36 -47.94
C LYS C 352 -23.52 42.53 -46.62
N GLU C 353 -23.75 41.44 -45.90
CA GLU C 353 -24.52 41.52 -44.66
C GLU C 353 -23.64 41.86 -43.47
N SER C 354 -22.31 41.77 -43.59
CA SER C 354 -21.41 42.04 -42.49
C SER C 354 -20.14 42.68 -43.07
N SER C 355 -20.26 43.90 -43.58
CA SER C 355 -19.21 44.48 -44.42
C SER C 355 -18.20 45.23 -43.53
N THR C 356 -17.35 44.46 -42.86
CA THR C 356 -16.46 45.04 -41.88
C THR C 356 -15.33 44.07 -41.58
N TYR C 357 -14.19 44.63 -41.15
CA TYR C 357 -13.13 43.81 -40.59
C TYR C 357 -13.41 43.38 -39.16
N THR C 358 -14.30 44.06 -38.44
CA THR C 358 -14.51 43.76 -37.03
C THR C 358 -15.28 42.44 -36.87
N ASP C 359 -15.12 41.83 -35.70
CA ASP C 359 -15.70 40.51 -35.45
C ASP C 359 -16.61 40.52 -34.22
N PHE C 360 -17.09 41.69 -33.81
CA PHE C 360 -18.25 41.81 -32.89
C PHE C 360 -18.02 41.07 -31.57
N ALA C 361 -16.86 41.29 -30.97
CA ALA C 361 -16.55 40.73 -29.64
C ALA C 361 -17.08 41.71 -28.61
N ASN C 362 -18.27 41.42 -28.07
CA ASN C 362 -19.08 42.38 -27.32
C ASN C 362 -18.88 42.18 -25.82
N ILE C 363 -18.35 43.20 -25.14
CA ILE C 363 -18.13 43.15 -23.70
C ILE C 363 -19.21 43.96 -23.00
N ASN C 364 -19.83 43.35 -21.98
CA ASN C 364 -20.90 43.95 -21.20
C ASN C 364 -20.32 44.37 -19.84
N THR C 365 -20.22 45.67 -19.61
CA THR C 365 -19.69 46.18 -18.35
C THR C 365 -20.80 46.87 -17.55
N GLY C 366 -20.81 46.64 -16.24
CA GLY C 366 -21.83 47.21 -15.38
C GLY C 366 -22.85 46.18 -14.90
N GLY C 367 -24.12 46.38 -15.22
CA GLY C 367 -25.13 45.38 -15.00
C GLY C 367 -25.25 44.97 -13.54
N ILE C 368 -25.55 43.69 -13.34
CA ILE C 368 -25.76 43.10 -12.03
C ILE C 368 -24.79 41.94 -11.85
N ASN C 369 -24.54 41.61 -10.58
CA ASN C 369 -23.72 40.45 -10.23
C ASN C 369 -24.58 39.20 -10.21
N PRO C 370 -23.97 38.03 -10.01
CA PRO C 370 -24.76 36.78 -10.03
C PRO C 370 -25.87 36.75 -8.99
N ASP C 371 -25.78 37.55 -7.93
CA ASP C 371 -26.85 37.62 -6.94
C ASP C 371 -27.96 38.57 -7.35
N GLY C 372 -27.85 39.22 -8.51
CA GLY C 372 -28.89 40.11 -8.95
C GLY C 372 -28.78 41.54 -8.45
N GLN C 373 -27.72 41.88 -7.74
CA GLN C 373 -27.59 43.25 -7.25
C GLN C 373 -26.62 44.02 -8.14
N ASP C 374 -26.54 45.34 -7.90
CA ASP C 374 -25.67 46.24 -8.64
C ASP C 374 -24.30 45.64 -8.84
N GLY C 375 -23.88 45.51 -10.10
CA GLY C 375 -22.61 44.88 -10.42
C GLY C 375 -21.45 45.82 -10.68
N VAL C 376 -21.69 47.13 -10.72
CA VAL C 376 -20.62 48.08 -10.96
C VAL C 376 -19.57 47.95 -9.87
N ASN C 377 -18.32 47.76 -10.26
CA ASN C 377 -17.23 47.60 -9.30
C ASN C 377 -16.01 48.34 -9.86
N GLU C 378 -14.89 48.21 -9.16
CA GLU C 378 -13.70 48.97 -9.54
C GLU C 378 -13.21 48.60 -10.94
N VAL C 379 -13.30 47.32 -11.31
CA VAL C 379 -12.89 46.92 -12.65
C VAL C 379 -13.78 47.52 -13.73
N SER C 380 -15.08 47.69 -13.44
CA SER C 380 -15.96 48.35 -14.39
C SER C 380 -15.40 49.71 -14.79
N TYR C 381 -14.96 50.49 -13.80
CA TYR C 381 -14.41 51.82 -14.09
C TYR C 381 -13.07 51.73 -14.78
N ILE C 382 -12.25 50.72 -14.46
CA ILE C 382 -11.01 50.54 -15.21
C ILE C 382 -11.31 50.29 -16.68
N ILE C 383 -12.29 49.42 -16.98
CA ILE C 383 -12.63 49.12 -18.36
C ILE C 383 -13.09 50.37 -19.10
N LEU C 384 -13.93 51.19 -18.46
CA LEU C 384 -14.31 52.46 -19.09
C LEU C 384 -13.09 53.31 -19.39
N ASP C 385 -12.12 53.36 -18.46
CA ASP C 385 -10.91 54.12 -18.71
C ASP C 385 -10.11 53.56 -19.90
N VAL C 386 -10.01 52.23 -20.02
CA VAL C 386 -9.18 51.72 -21.12
C VAL C 386 -9.88 51.90 -22.47
N MET C 387 -11.19 51.72 -22.52
CA MET C 387 -11.86 51.88 -23.82
C MET C 387 -11.81 53.33 -24.28
N ASP C 388 -11.95 54.26 -23.32
CA ASP C 388 -11.82 55.68 -23.64
C ASP C 388 -10.44 55.99 -24.21
N GLU C 389 -9.39 55.56 -23.51
CA GLU C 389 -8.03 55.86 -23.97
C GLU C 389 -7.70 55.19 -25.30
N MET C 390 -7.95 53.89 -25.41
CA MET C 390 -7.46 53.14 -26.55
C MET C 390 -8.21 53.48 -27.83
N LYS C 391 -9.48 53.82 -27.73
CA LYS C 391 -10.32 54.17 -28.88
C LYS C 391 -10.11 53.21 -30.05
N LEU C 392 -10.33 51.92 -29.76
CA LEU C 392 -10.22 50.87 -30.76
C LEU C 392 -11.61 50.31 -31.04
N ILE C 393 -11.90 50.01 -32.32
CA ILE C 393 -13.24 49.53 -32.65
C ILE C 393 -13.41 48.04 -32.34
N GLN C 394 -12.35 47.34 -31.99
CA GLN C 394 -12.43 46.03 -31.35
C GLN C 394 -11.62 46.13 -30.06
N PRO C 395 -12.14 45.55 -28.96
CA PRO C 395 -13.44 44.90 -28.88
C PRO C 395 -14.58 45.90 -28.92
N SER C 396 -15.82 45.39 -28.94
CA SER C 396 -17.01 46.24 -28.86
C SER C 396 -17.35 46.39 -27.38
N SER C 397 -16.91 47.50 -26.78
CA SER C 397 -16.95 47.68 -25.34
C SER C 397 -18.21 48.47 -24.96
N ASN C 398 -19.15 47.82 -24.30
CA ASN C 398 -20.49 48.38 -24.06
C ASN C 398 -20.86 48.30 -22.58
N VAL C 399 -22.00 48.89 -22.24
CA VAL C 399 -22.44 48.95 -20.86
C VAL C 399 -23.86 48.40 -20.72
N GLN C 400 -24.09 47.67 -19.64
CA GLN C 400 -25.41 47.31 -19.18
C GLN C 400 -25.84 48.28 -18.10
N ILE C 401 -27.02 48.87 -18.27
CA ILE C 401 -27.56 49.82 -17.30
C ILE C 401 -28.75 49.18 -16.62
N SER C 402 -28.70 49.09 -15.31
CA SER C 402 -29.81 48.58 -14.51
C SER C 402 -30.46 49.73 -13.76
N LYS C 403 -31.71 49.51 -13.35
CA LYS C 403 -32.31 50.41 -12.38
C LYS C 403 -31.47 50.48 -11.11
N LYS C 404 -30.61 49.49 -10.88
CA LYS C 404 -29.72 49.46 -9.71
C LYS C 404 -28.38 50.12 -9.97
N THR C 405 -28.11 50.57 -11.18
CA THR C 405 -26.80 51.08 -11.55
C THR C 405 -26.61 52.49 -10.99
N PRO C 406 -25.47 52.80 -10.36
CA PRO C 406 -25.22 54.19 -9.93
C PRO C 406 -25.22 55.17 -11.10
N GLN C 407 -25.84 56.34 -10.89
CA GLN C 407 -25.85 57.36 -11.94
C GLN C 407 -24.43 57.77 -12.35
N LYS C 408 -23.48 57.74 -11.43
CA LYS C 408 -22.11 58.10 -11.79
C LYS C 408 -21.58 57.23 -12.92
N PHE C 409 -21.88 55.93 -12.89
CA PHE C 409 -21.42 55.03 -13.94
C PHE C 409 -22.12 55.34 -15.26
N LEU C 410 -23.43 55.53 -15.23
CA LEU C 410 -24.13 55.83 -16.47
C LEU C 410 -23.56 57.10 -17.12
N LYS C 411 -23.35 58.14 -16.32
CA LYS C 411 -22.87 59.41 -16.88
C LYS C 411 -21.45 59.27 -17.41
N ARG C 412 -20.61 58.46 -16.76
CA ARG C 412 -19.28 58.20 -17.28
C ARG C 412 -19.35 57.54 -18.66
N ALA C 413 -20.25 56.57 -18.83
CA ALA C 413 -20.44 55.97 -20.14
C ALA C 413 -20.90 57.00 -21.16
N CYS C 414 -21.80 57.90 -20.75
CA CYS C 414 -22.26 58.96 -21.64
C CYS C 414 -21.12 59.93 -22.01
N GLU C 415 -20.20 60.19 -21.09
CA GLU C 415 -19.04 61.02 -21.41
C GLU C 415 -18.26 60.44 -22.58
N ILE C 416 -18.10 59.12 -22.60
CA ILE C 416 -17.38 58.48 -23.69
C ILE C 416 -18.22 58.49 -24.96
N SER C 417 -19.51 58.19 -24.85
CA SER C 417 -20.40 58.13 -26.01
C SER C 417 -20.43 59.48 -26.74
N ARG C 418 -20.49 60.58 -26.00
CA ARG C 418 -20.61 61.86 -26.67
C ARG C 418 -19.34 62.24 -27.43
N LYS C 419 -18.20 61.58 -27.18
CA LYS C 419 -17.03 61.86 -28.00
C LYS C 419 -17.22 61.43 -29.45
N GLY C 420 -18.28 60.71 -29.75
CA GLY C 420 -18.72 60.56 -31.13
C GLY C 420 -18.10 59.41 -31.90
N TRP C 421 -17.47 58.43 -31.26
CA TRP C 421 -17.03 57.27 -32.00
C TRP C 421 -17.91 56.05 -31.75
N GLY C 422 -19.10 56.24 -31.20
CA GLY C 422 -20.11 55.19 -31.19
C GLY C 422 -20.17 54.34 -29.93
N GLN C 423 -19.01 53.93 -29.42
CA GLN C 423 -18.96 53.16 -28.18
C GLN C 423 -19.07 54.08 -26.96
N PRO C 424 -19.65 53.57 -25.85
CA PRO C 424 -20.31 52.27 -25.69
C PRO C 424 -21.77 52.34 -26.12
N ALA C 425 -22.33 51.21 -26.56
CA ALA C 425 -23.77 51.09 -26.62
C ALA C 425 -24.33 50.86 -25.22
N PHE C 426 -25.62 51.08 -25.06
CA PHE C 426 -26.31 50.94 -23.78
C PHE C 426 -27.35 49.82 -23.88
N TYR C 427 -27.31 48.91 -22.92
CA TYR C 427 -28.25 47.80 -22.86
C TYR C 427 -28.97 47.83 -21.52
N ASN C 428 -30.26 47.46 -21.54
CA ASN C 428 -31.14 47.48 -20.39
C ASN C 428 -31.07 46.15 -19.66
N THR C 429 -30.42 46.13 -18.49
CA THR C 429 -30.28 44.89 -17.74
C THR C 429 -31.64 44.25 -17.46
N GLU C 430 -32.63 45.06 -17.08
CA GLU C 430 -33.91 44.49 -16.71
C GLU C 430 -34.62 43.87 -17.91
N ALA C 431 -34.50 44.47 -19.10
CA ALA C 431 -35.06 43.87 -20.31
C ALA C 431 -34.35 42.56 -20.65
N ILE C 432 -33.02 42.56 -20.55
CA ILE C 432 -32.25 41.35 -20.80
C ILE C 432 -32.75 40.20 -19.92
N VAL C 433 -32.86 40.46 -18.61
CA VAL C 433 -33.24 39.40 -17.69
C VAL C 433 -34.63 38.88 -18.01
N GLN C 434 -35.57 39.77 -18.30
CA GLN C 434 -36.93 39.34 -18.63
C GLN C 434 -37.01 38.63 -19.98
N GLU C 435 -36.25 39.11 -20.97
CA GLU C 435 -36.17 38.40 -22.24
C GLU C 435 -35.71 36.96 -22.03
N LEU C 436 -34.64 36.77 -21.25
CA LEU C 436 -34.13 35.43 -20.99
C LEU C 436 -35.17 34.58 -20.28
N MET C 437 -35.85 35.14 -19.27
CA MET C 437 -36.84 34.37 -18.53
C MET C 437 -38.05 34.03 -19.40
N GLU C 438 -38.46 34.95 -20.28
CA GLU C 438 -39.52 34.62 -21.24
C GLU C 438 -39.13 33.44 -22.11
N ALA C 439 -37.85 33.29 -22.43
CA ALA C 439 -37.40 32.16 -23.24
C ALA C 439 -37.14 30.89 -22.45
N GLY C 440 -37.39 30.89 -21.13
CA GLY C 440 -37.25 29.69 -20.33
C GLY C 440 -36.03 29.63 -19.41
N LYS C 441 -35.21 30.67 -19.36
CA LYS C 441 -34.09 30.66 -18.43
C LYS C 441 -34.59 30.86 -17.00
N THR C 442 -33.97 30.16 -16.06
CA THR C 442 -34.22 30.43 -14.66
C THR C 442 -33.66 31.80 -14.27
N ILE C 443 -34.19 32.38 -13.19
CA ILE C 443 -33.66 33.67 -12.76
C ILE C 443 -32.19 33.53 -12.36
N GLU C 444 -31.81 32.39 -11.77
CA GLU C 444 -30.41 32.24 -11.41
C GLU C 444 -29.50 32.31 -12.64
N ASP C 445 -29.90 31.67 -13.74
CA ASP C 445 -29.09 31.73 -14.96
C ASP C 445 -29.23 33.08 -15.68
N ALA C 446 -30.42 33.67 -15.65
CA ALA C 446 -30.64 34.92 -16.37
C ALA C 446 -29.78 36.04 -15.82
N ARG C 447 -29.51 36.04 -14.51
CA ARG C 447 -28.64 36.99 -13.86
C ARG C 447 -27.21 36.91 -14.35
N LEU C 448 -26.85 35.85 -15.06
CA LEU C 448 -25.53 35.70 -15.65
C LEU C 448 -25.49 36.16 -17.10
N GLY C 449 -26.61 36.66 -17.63
CA GLY C 449 -26.71 36.90 -19.05
C GLY C 449 -26.37 38.32 -19.46
N GLY C 450 -26.55 38.56 -20.76
CA GLY C 450 -26.23 39.86 -21.33
C GLY C 450 -26.48 39.84 -22.81
N THR C 451 -25.85 40.78 -23.51
CA THR C 451 -25.96 40.84 -24.96
C THR C 451 -24.61 40.56 -25.59
N SER C 452 -24.65 39.99 -26.78
CA SER C 452 -23.43 39.76 -27.54
C SER C 452 -23.67 40.19 -28.98
N GLY C 453 -22.65 40.01 -29.81
CA GLY C 453 -22.78 40.42 -31.19
C GLY C 453 -23.15 41.89 -31.25
N CYS C 454 -24.29 42.18 -31.86
CA CYS C 454 -24.80 43.55 -31.92
C CYS C 454 -25.69 43.87 -30.71
N VAL C 455 -26.77 43.13 -30.52
CA VAL C 455 -27.72 43.39 -29.45
C VAL C 455 -28.31 42.08 -28.91
N GLU C 456 -27.69 40.96 -29.24
CA GLU C 456 -28.37 39.66 -29.11
C GLU C 456 -28.29 39.14 -27.68
N THR C 457 -29.45 38.88 -27.10
CA THR C 457 -29.53 38.43 -25.72
C THR C 457 -29.22 36.94 -25.61
N GLY C 458 -28.40 36.59 -24.62
CA GLY C 458 -28.07 35.20 -24.40
C GLY C 458 -27.66 34.95 -22.97
N CYS C 459 -27.71 33.67 -22.57
CA CYS C 459 -27.30 33.26 -21.24
C CYS C 459 -25.87 32.77 -21.33
N PHE C 460 -24.94 33.66 -20.97
CA PHE C 460 -23.52 33.48 -21.20
C PHE C 460 -23.02 32.19 -20.57
N GLY C 461 -22.31 31.41 -21.38
CA GLY C 461 -21.72 30.17 -20.93
C GLY C 461 -22.67 29.00 -20.80
N LYS C 462 -23.96 29.19 -21.13
CA LYS C 462 -24.96 28.15 -20.93
C LYS C 462 -25.92 28.02 -22.11
N GLU C 463 -25.68 28.72 -23.21
CA GLU C 463 -26.67 28.77 -24.28
C GLU C 463 -25.99 28.75 -25.63
N ALA C 464 -26.58 28.00 -26.55
CA ALA C 464 -26.35 28.16 -27.97
C ALA C 464 -27.51 28.98 -28.50
N TYR C 465 -27.23 30.22 -28.90
CA TYR C 465 -28.27 31.09 -29.45
C TYR C 465 -27.78 31.56 -30.81
N VAL C 466 -28.25 30.86 -31.85
CA VAL C 466 -27.65 30.89 -33.17
C VAL C 466 -28.48 31.78 -34.08
N LEU C 467 -27.83 32.73 -34.74
CA LEU C 467 -28.45 33.54 -35.78
C LEU C 467 -28.35 32.80 -37.11
N THR C 468 -29.45 32.74 -37.87
CA THR C 468 -29.45 32.00 -39.11
C THR C 468 -29.50 32.87 -40.36
N GLY C 469 -29.81 34.14 -40.23
CA GLY C 469 -29.83 35.03 -41.39
C GLY C 469 -30.87 36.12 -41.24
N TYR C 470 -30.68 37.19 -42.02
CA TYR C 470 -31.63 38.30 -42.00
C TYR C 470 -32.82 38.00 -42.90
N MET C 471 -33.96 38.58 -42.54
CA MET C 471 -35.20 38.45 -43.29
C MET C 471 -35.62 39.81 -43.81
N ASN C 472 -35.83 39.90 -45.13
CA ASN C 472 -36.11 41.17 -45.81
C ASN C 472 -37.61 41.42 -45.74
N ILE C 473 -38.05 41.93 -44.60
CA ILE C 473 -39.49 42.10 -44.37
C ILE C 473 -40.10 43.06 -45.38
N PRO C 474 -39.51 44.22 -45.68
CA PRO C 474 -40.12 45.10 -46.70
C PRO C 474 -40.29 44.42 -48.05
N LYS C 475 -39.32 43.62 -48.49
CA LYS C 475 -39.50 42.97 -49.77
C LYS C 475 -40.61 41.94 -49.72
N ILE C 476 -40.93 41.41 -48.54
CA ILE C 476 -42.09 40.54 -48.44
C ILE C 476 -43.35 41.32 -48.77
N LEU C 477 -43.40 42.58 -48.35
CA LEU C 477 -44.52 43.40 -48.79
C LEU C 477 -44.49 43.62 -50.30
N GLU C 478 -43.30 43.84 -50.88
CA GLU C 478 -43.19 43.99 -52.33
C GLU C 478 -43.75 42.78 -53.05
N LEU C 479 -43.43 41.57 -52.60
CA LEU C 479 -44.02 40.38 -53.21
C LEU C 479 -45.54 40.39 -53.06
N THR C 480 -46.04 40.77 -51.88
CA THR C 480 -47.47 40.84 -51.67
C THR C 480 -48.12 41.73 -52.72
N LEU C 481 -47.55 42.93 -52.92
CA LEU C 481 -48.09 43.90 -53.84
C LEU C 481 -47.94 43.48 -55.31
N ASN C 482 -47.18 42.41 -55.58
CA ASN C 482 -46.99 41.93 -56.95
C ASN C 482 -47.47 40.49 -57.11
N ASN C 483 -48.34 40.03 -56.22
CA ASN C 483 -48.94 38.70 -56.30
C ASN C 483 -47.86 37.63 -56.37
N GLY C 484 -46.79 37.80 -55.58
CA GLY C 484 -45.72 36.83 -55.48
C GLY C 484 -44.58 37.01 -56.47
N TYR C 485 -44.74 37.88 -57.45
CA TYR C 485 -43.71 38.14 -58.45
C TYR C 485 -42.71 39.16 -57.92
N ASP C 486 -41.43 38.91 -58.17
CA ASP C 486 -40.39 39.85 -57.77
C ASP C 486 -40.07 40.76 -58.94
N PRO C 487 -40.41 42.06 -58.87
CA PRO C 487 -40.13 42.95 -60.01
C PRO C 487 -38.65 43.18 -60.27
N ILE C 488 -37.77 42.88 -59.32
CA ILE C 488 -36.34 43.14 -59.51
C ILE C 488 -35.68 41.96 -60.20
N SER C 489 -35.74 40.77 -59.60
CA SER C 489 -35.20 39.59 -60.27
C SER C 489 -36.12 39.12 -61.39
N LYS C 490 -37.33 39.67 -61.50
CA LYS C 490 -38.29 39.30 -62.55
C LYS C 490 -38.55 37.80 -62.58
N LYS C 491 -38.72 37.22 -61.39
CA LYS C 491 -39.10 35.83 -61.22
C LYS C 491 -40.23 35.74 -60.22
N GLN C 492 -40.97 34.63 -60.26
CA GLN C 492 -42.00 34.35 -59.26
C GLN C 492 -41.30 33.82 -58.01
N ILE C 493 -41.19 34.65 -56.98
CA ILE C 493 -40.46 34.30 -55.76
C ILE C 493 -41.40 33.88 -54.64
N GLY C 494 -42.55 34.52 -54.53
CA GLY C 494 -43.53 34.22 -53.53
C GLY C 494 -44.67 33.38 -54.06
N ILE C 495 -45.80 33.45 -53.36
CA ILE C 495 -46.99 32.72 -53.72
C ILE C 495 -48.01 33.71 -54.27
N GLU C 496 -49.05 33.17 -54.88
CA GLU C 496 -50.14 33.96 -55.44
C GLU C 496 -51.17 34.25 -54.36
N THR C 497 -51.07 35.41 -53.74
CA THR C 497 -52.04 35.83 -52.74
C THR C 497 -53.14 36.71 -53.31
N GLY C 498 -53.06 37.08 -54.58
CA GLY C 498 -54.11 37.84 -55.23
C GLY C 498 -53.66 39.17 -55.80
N ASP C 499 -54.39 39.66 -56.78
CA ASP C 499 -54.15 41.01 -57.30
C ASP C 499 -54.55 42.02 -56.24
N PRO C 500 -53.63 42.85 -55.74
CA PRO C 500 -54.00 43.79 -54.68
C PRO C 500 -55.06 44.79 -55.10
N ARG C 501 -55.21 45.06 -56.40
CA ARG C 501 -56.27 45.95 -56.85
C ARG C 501 -57.65 45.42 -56.46
N ASN C 502 -57.79 44.12 -56.19
CA ASN C 502 -59.07 43.55 -55.78
C ASN C 502 -59.26 43.52 -54.28
N PHE C 503 -58.25 43.91 -53.49
CA PHE C 503 -58.40 43.93 -52.05
C PHE C 503 -59.34 45.06 -51.65
N GLN C 504 -60.40 44.73 -50.93
CA GLN C 504 -61.42 45.72 -50.58
C GLN C 504 -61.15 46.41 -49.25
N SER C 505 -60.11 46.00 -48.53
CA SER C 505 -59.87 46.58 -47.22
C SER C 505 -58.41 46.37 -46.86
N TYR C 506 -57.94 47.18 -45.90
CA TYR C 506 -56.60 47.02 -45.39
C TYR C 506 -56.41 45.63 -44.78
N GLU C 507 -57.39 45.18 -43.99
CA GLU C 507 -57.30 43.85 -43.39
C GLU C 507 -57.04 42.77 -44.43
N GLU C 508 -57.71 42.87 -45.58
CA GLU C 508 -57.48 41.89 -46.64
C GLU C 508 -56.05 41.94 -47.15
N LEU C 509 -55.51 43.16 -47.32
CA LEU C 509 -54.12 43.32 -47.73
C LEU C 509 -53.18 42.73 -46.71
N PHE C 510 -53.42 43.02 -45.43
CA PHE C 510 -52.51 42.54 -44.40
C PHE C 510 -52.56 41.02 -44.29
N GLU C 511 -53.72 40.42 -44.55
CA GLU C 511 -53.81 38.96 -44.58
C GLU C 511 -52.98 38.40 -45.72
N ALA C 512 -52.98 39.06 -46.87
CA ALA C 512 -52.13 38.60 -47.96
C ALA C 512 -50.66 38.69 -47.59
N PHE C 513 -50.26 39.77 -46.94
CA PHE C 513 -48.89 39.91 -46.48
C PHE C 513 -48.51 38.80 -45.51
N LYS C 514 -49.41 38.48 -44.57
CA LYS C 514 -49.12 37.40 -43.61
C LYS C 514 -48.97 36.06 -44.32
N LYS C 515 -49.72 35.83 -45.40
CA LYS C 515 -49.55 34.59 -46.15
C LYS C 515 -48.19 34.57 -46.86
N GLN C 516 -47.78 35.70 -47.43
CA GLN C 516 -46.44 35.75 -48.03
C GLN C 516 -45.37 35.55 -46.96
N LEU C 517 -45.56 36.15 -45.78
CA LEU C 517 -44.61 35.97 -44.68
C LEU C 517 -44.50 34.50 -44.30
N HIS C 518 -45.64 33.84 -44.11
CA HIS C 518 -45.64 32.42 -43.75
C HIS C 518 -44.88 31.60 -44.78
N TYR C 519 -45.11 31.87 -46.06
CA TYR C 519 -44.43 31.10 -47.09
C TYR C 519 -42.92 31.31 -47.05
N MET C 520 -42.49 32.57 -46.94
CA MET C 520 -41.05 32.86 -46.93
C MET C 520 -40.38 32.33 -45.66
N ILE C 521 -41.04 32.43 -44.52
CA ILE C 521 -40.48 31.84 -43.30
C ILE C 521 -40.39 30.33 -43.44
N ASP C 522 -41.42 29.69 -44.02
CA ASP C 522 -41.35 28.24 -44.24
C ASP C 522 -40.13 27.85 -45.08
N ILE C 523 -39.86 28.60 -46.15
CA ILE C 523 -38.70 28.30 -46.98
C ILE C 523 -37.42 28.42 -46.17
N LYS C 524 -37.27 29.53 -45.44
CA LYS C 524 -36.06 29.76 -44.66
C LYS C 524 -35.87 28.68 -43.60
N ILE C 525 -36.93 28.35 -42.86
CA ILE C 525 -36.81 27.35 -41.79
C ILE C 525 -36.47 25.97 -42.36
N GLU C 526 -37.06 25.61 -43.50
CA GLU C 526 -36.73 24.33 -44.11
C GLU C 526 -35.25 24.24 -44.44
N GLY C 527 -34.71 25.30 -45.05
CA GLY C 527 -33.27 25.34 -45.26
C GLY C 527 -32.49 25.29 -43.97
N ASN C 528 -32.93 26.04 -42.96
CA ASN C 528 -32.27 26.05 -41.65
C ASN C 528 -32.16 24.65 -41.06
N ALA C 529 -33.22 23.86 -41.16
CA ALA C 529 -33.21 22.51 -40.57
C ALA C 529 -32.13 21.64 -41.21
N VAL C 530 -32.05 21.66 -42.54
CA VAL C 530 -30.97 20.98 -43.25
C VAL C 530 -29.61 21.46 -42.75
N ILE C 531 -29.45 22.78 -42.64
CA ILE C 531 -28.16 23.36 -42.27
C ILE C 531 -27.79 23.00 -40.84
N GLU C 532 -28.78 22.99 -39.93
CA GLU C 532 -28.50 22.63 -38.54
C GLU C 532 -27.95 21.22 -38.46
N ASN C 533 -28.51 20.28 -39.25
CA ASN C 533 -27.97 18.93 -39.29
C ASN C 533 -26.53 18.92 -39.77
N ILE C 534 -26.26 19.64 -40.86
CA ILE C 534 -24.92 19.64 -41.45
C ILE C 534 -23.89 20.21 -40.46
N CYS C 535 -24.24 21.27 -39.74
CA CYS C 535 -23.30 21.83 -38.76
C CYS C 535 -23.07 20.87 -37.59
N ALA C 536 -24.13 20.23 -37.10
CA ALA C 536 -23.99 19.28 -35.99
C ALA C 536 -23.10 18.10 -36.36
N LYS C 537 -23.22 17.62 -37.60
CA LYS C 537 -22.53 16.41 -38.03
C LYS C 537 -21.11 16.69 -38.50
N HIS C 538 -20.90 17.82 -39.19
CA HIS C 538 -19.60 18.09 -39.81
C HIS C 538 -18.85 19.24 -39.14
N MET C 539 -19.49 20.02 -38.29
CA MET C 539 -18.77 21.07 -37.57
C MET C 539 -18.87 20.91 -36.06
N PRO C 540 -18.72 19.72 -35.50
CA PRO C 540 -18.68 19.63 -34.04
C PRO C 540 -17.52 20.46 -33.53
N CYS C 541 -17.69 21.02 -32.35
CA CYS C 541 -16.70 21.91 -31.76
C CYS C 541 -16.39 21.41 -30.35
N PRO C 542 -15.56 20.37 -30.24
CA PRO C 542 -15.27 19.83 -28.90
C PRO C 542 -14.59 20.83 -27.95
N LEU C 543 -13.77 21.77 -28.44
CA LEU C 543 -13.16 22.74 -27.52
C LEU C 543 -14.23 23.64 -26.89
N MET C 544 -15.09 24.24 -27.71
CA MET C 544 -16.15 25.07 -27.14
C MET C 544 -17.00 24.28 -26.15
N SER C 545 -17.25 22.99 -26.45
CA SER C 545 -18.10 22.17 -25.58
C SER C 545 -17.55 22.07 -24.18
N THR C 546 -16.21 22.06 -24.01
CA THR C 546 -15.65 21.89 -22.68
C THR C 546 -16.00 23.03 -21.74
N ILE C 547 -16.34 24.21 -22.27
CA ILE C 547 -16.55 25.38 -21.42
C ILE C 547 -18.00 25.88 -21.46
N VAL C 548 -18.89 25.15 -22.07
CA VAL C 548 -20.25 25.54 -22.10
C VAL C 548 -21.12 24.59 -21.33
N ASP C 549 -21.84 25.12 -20.39
CA ASP C 549 -22.72 24.38 -19.59
C ASP C 549 -23.82 23.68 -20.32
N ASP C 550 -23.66 22.47 -19.85
CA ASP C 550 -24.08 21.15 -19.85
C ASP C 550 -23.41 20.22 -20.83
N CYS C 551 -22.42 20.69 -21.61
CA CYS C 551 -21.96 19.74 -22.63
C CYS C 551 -21.28 18.52 -22.02
N ILE C 552 -20.42 18.73 -21.02
CA ILE C 552 -19.76 17.57 -20.40
C ILE C 552 -20.77 16.70 -19.68
N GLU C 553 -21.64 17.32 -18.87
CA GLU C 553 -22.61 16.55 -18.11
C GLU C 553 -23.53 15.74 -19.01
N LYS C 554 -24.01 16.32 -20.10
CA LYS C 554 -24.87 15.63 -21.05
C LYS C 554 -24.11 14.66 -21.94
N GLY C 555 -22.80 14.78 -22.01
CA GLY C 555 -22.02 14.08 -23.02
C GLY C 555 -22.50 14.43 -24.42
N LYS C 556 -22.66 15.72 -24.69
CA LYS C 556 -23.25 16.16 -25.93
C LYS C 556 -22.58 17.44 -26.43
N ASP C 557 -22.13 17.40 -27.68
CA ASP C 557 -21.39 18.51 -28.26
C ASP C 557 -22.27 19.76 -28.33
N TYR C 558 -21.62 20.92 -28.16
CA TYR C 558 -22.30 22.21 -28.27
C TYR C 558 -23.01 22.37 -29.60
N GLN C 559 -22.44 21.86 -30.68
CA GLN C 559 -23.05 22.07 -31.99
C GLN C 559 -24.29 21.21 -32.23
N ARG C 560 -24.68 20.33 -31.30
CA ARG C 560 -25.89 19.53 -31.50
C ARG C 560 -26.78 19.52 -30.26
N GLY C 561 -26.68 20.54 -29.43
CA GLY C 561 -27.63 20.73 -28.34
C GLY C 561 -27.13 20.48 -26.94
N GLY C 562 -25.82 20.34 -26.74
CA GLY C 562 -25.28 20.12 -25.40
C GLY C 562 -25.50 21.28 -24.45
N ALA C 563 -25.67 22.49 -24.97
CA ALA C 563 -25.88 23.65 -24.11
C ALA C 563 -27.16 23.49 -23.31
N ARG C 564 -27.17 24.11 -22.13
CA ARG C 564 -28.36 24.04 -21.29
C ARG C 564 -29.57 24.63 -22.00
N TYR C 565 -29.39 25.74 -22.70
CA TYR C 565 -30.46 26.41 -23.43
C TYR C 565 -30.07 26.42 -24.90
N ASN C 566 -31.07 26.28 -25.77
CA ASN C 566 -30.85 26.23 -27.21
C ASN C 566 -31.94 27.04 -27.90
N THR C 567 -31.53 28.10 -28.59
CA THR C 567 -32.44 28.93 -29.35
C THR C 567 -31.82 29.23 -30.70
N ARG C 568 -32.68 29.56 -31.65
CA ARG C 568 -32.27 29.96 -33.00
C ARG C 568 -33.08 31.17 -33.42
N TYR C 569 -32.45 32.05 -34.18
CA TYR C 569 -33.05 33.32 -34.52
C TYR C 569 -33.07 33.53 -36.03
N ILE C 570 -34.10 34.24 -36.47
CA ILE C 570 -34.14 34.90 -37.77
C ILE C 570 -34.21 36.39 -37.50
N GLN C 571 -33.32 37.16 -38.11
CA GLN C 571 -33.22 38.59 -37.80
C GLN C 571 -34.10 39.44 -38.72
N GLY C 572 -35.05 40.16 -38.12
CA GLY C 572 -35.95 41.00 -38.90
C GLY C 572 -35.33 42.35 -39.23
N VAL C 573 -35.37 42.71 -40.51
CA VAL C 573 -34.79 43.95 -41.00
C VAL C 573 -35.89 44.79 -41.62
N GLY C 574 -35.88 46.10 -41.32
CA GLY C 574 -36.70 47.05 -42.04
C GLY C 574 -38.07 47.34 -41.48
N ILE C 575 -38.27 47.20 -40.17
CA ILE C 575 -39.58 47.38 -39.57
C ILE C 575 -40.10 48.79 -39.83
N GLY C 576 -39.21 49.78 -39.78
CA GLY C 576 -39.63 51.14 -40.07
C GLY C 576 -40.10 51.29 -41.51
N THR C 577 -39.31 50.80 -42.46
CA THR C 577 -39.69 50.90 -43.86
C THR C 577 -41.05 50.24 -44.11
N ILE C 578 -41.26 49.03 -43.61
CA ILE C 578 -42.53 48.39 -43.93
C ILE C 578 -43.67 49.01 -43.13
N THR C 579 -43.42 49.46 -41.89
CA THR C 579 -44.45 50.16 -41.13
C THR C 579 -44.94 51.40 -41.86
N ASP C 580 -44.02 52.26 -42.27
CA ASP C 580 -44.43 53.47 -42.99
C ASP C 580 -45.08 53.13 -44.33
N SER C 581 -44.65 52.03 -44.97
CA SER C 581 -45.26 51.64 -46.23
C SER C 581 -46.70 51.19 -46.03
N LEU C 582 -46.93 50.26 -45.09
CA LEU C 582 -48.30 49.83 -44.82
C LEU C 582 -49.14 50.97 -44.26
N THR C 583 -48.53 51.85 -43.46
CA THR C 583 -49.26 53.01 -43.00
C THR C 583 -49.70 53.89 -44.17
N ALA C 584 -48.79 54.08 -45.14
CA ALA C 584 -49.12 54.89 -46.30
C ALA C 584 -50.28 54.29 -47.09
N ILE C 585 -50.30 52.97 -47.23
CA ILE C 585 -51.38 52.34 -47.98
C ILE C 585 -52.69 52.49 -47.23
N LYS C 586 -52.68 52.20 -45.92
CA LYS C 586 -53.91 52.32 -45.13
C LYS C 586 -54.42 53.75 -45.12
N TYR C 587 -53.53 54.71 -44.92
CA TYR C 587 -53.95 56.10 -44.82
C TYR C 587 -54.43 56.62 -46.17
N ASN C 588 -53.67 56.38 -47.23
CA ASN C 588 -53.95 57.02 -48.51
C ASN C 588 -54.92 56.23 -49.38
N VAL C 589 -54.85 54.91 -49.39
CA VAL C 589 -55.71 54.12 -50.26
C VAL C 589 -57.04 53.80 -49.60
N PHE C 590 -57.04 53.38 -48.33
CA PHE C 590 -58.25 52.85 -47.73
C PHE C 590 -58.99 53.84 -46.83
N ASP C 591 -58.30 54.73 -46.12
CA ASP C 591 -58.96 55.64 -45.18
C ASP C 591 -59.37 56.95 -45.85
N LYS C 592 -58.38 57.75 -46.25
CA LYS C 592 -58.65 59.02 -46.88
C LYS C 592 -58.99 58.87 -48.36
N LYS C 593 -58.65 57.74 -48.97
CA LYS C 593 -59.01 57.44 -50.36
C LYS C 593 -58.53 58.54 -51.31
N LYS C 594 -57.26 58.91 -51.18
CA LYS C 594 -56.68 59.94 -52.05
C LYS C 594 -56.24 59.36 -53.39
N PHE C 595 -55.93 58.07 -53.45
CA PHE C 595 -55.63 57.40 -54.70
C PHE C 595 -55.87 55.92 -54.48
N ASP C 596 -55.97 55.16 -55.58
CA ASP C 596 -56.29 53.75 -55.48
C ASP C 596 -55.04 52.89 -55.62
N MET C 597 -55.22 51.58 -55.43
CA MET C 597 -54.08 50.67 -55.46
C MET C 597 -53.42 50.66 -56.84
N ASP C 598 -54.23 50.69 -57.91
CA ASP C 598 -53.67 50.67 -59.25
C ASP C 598 -52.73 51.85 -59.48
N THR C 599 -53.14 53.03 -59.02
CA THR C 599 -52.30 54.21 -59.17
C THR C 599 -51.02 54.10 -58.34
N LEU C 600 -51.15 53.64 -57.09
CA LEU C 600 -49.96 53.48 -56.25
C LEU C 600 -48.96 52.55 -56.90
N LEU C 601 -49.41 51.41 -57.43
CA LEU C 601 -48.49 50.47 -58.05
C LEU C 601 -47.84 51.07 -59.29
N LYS C 602 -48.61 51.81 -60.10
CA LYS C 602 -47.99 52.50 -61.23
C LYS C 602 -46.90 53.44 -60.75
N ALA C 603 -47.16 54.19 -59.68
CA ALA C 603 -46.15 55.09 -59.13
C ALA C 603 -44.89 54.33 -58.70
N LEU C 604 -45.06 53.21 -57.97
CA LEU C 604 -43.91 52.42 -57.56
C LEU C 604 -43.14 51.88 -58.76
N ASP C 605 -43.87 51.34 -59.74
CA ASP C 605 -43.23 50.79 -60.93
C ASP C 605 -42.41 51.85 -61.66
N ALA C 606 -42.81 53.12 -61.58
CA ALA C 606 -42.12 54.23 -62.22
C ALA C 606 -41.10 54.93 -61.32
N ASN C 607 -40.80 54.37 -60.15
CA ASN C 607 -39.94 55.05 -59.17
C ASN C 607 -40.46 56.46 -58.87
N PHE C 608 -41.77 56.63 -58.90
CA PHE C 608 -42.46 57.88 -58.66
C PHE C 608 -42.21 58.94 -59.73
N GLU C 609 -41.44 58.63 -60.77
CA GLU C 609 -41.27 59.56 -61.89
C GLU C 609 -42.61 59.80 -62.56
N GLY C 610 -43.03 61.06 -62.62
CA GLY C 610 -44.34 61.39 -63.14
C GLY C 610 -45.47 61.24 -62.14
N TYR C 611 -45.15 60.87 -60.90
CA TYR C 611 -46.13 60.75 -59.83
C TYR C 611 -45.68 61.54 -58.62
N GLU C 612 -45.28 62.80 -58.88
CA GLU C 612 -44.70 63.62 -57.82
C GLU C 612 -45.71 63.98 -56.74
N ALA C 613 -46.99 64.10 -57.11
CA ALA C 613 -47.97 64.41 -56.07
C ALA C 613 -48.15 63.24 -55.12
N ILE C 614 -48.23 62.02 -55.66
CA ILE C 614 -48.29 60.85 -54.80
C ILE C 614 -47.05 60.76 -53.91
N LEU C 615 -45.87 60.94 -54.49
CA LEU C 615 -44.65 60.95 -53.68
C LEU C 615 -44.74 61.95 -52.55
N ASN C 616 -45.28 63.14 -52.82
CA ASN C 616 -45.41 64.15 -51.77
C ASN C 616 -46.38 63.69 -50.68
N LEU C 617 -47.50 63.08 -51.07
CA LEU C 617 -48.51 62.66 -50.09
C LEU C 617 -47.94 61.62 -49.13
N VAL C 618 -47.31 60.57 -49.67
CA VAL C 618 -46.85 59.48 -48.83
C VAL C 618 -45.62 59.89 -48.03
N SER C 619 -44.82 60.82 -48.54
CA SER C 619 -43.61 61.23 -47.83
C SER C 619 -43.88 62.26 -46.75
N ASN C 620 -44.80 63.19 -47.01
CA ASN C 620 -44.95 64.38 -46.18
C ASN C 620 -46.34 64.59 -45.59
N LYS C 621 -47.36 63.88 -46.06
CA LYS C 621 -48.72 64.12 -45.59
C LYS C 621 -49.33 62.84 -45.01
N THR C 622 -48.49 61.94 -44.50
CA THR C 622 -48.89 60.63 -44.02
C THR C 622 -48.26 60.36 -42.67
N PRO C 623 -48.99 59.76 -41.72
CA PRO C 623 -48.37 59.46 -40.43
C PRO C 623 -47.15 58.57 -40.60
N LYS C 624 -46.21 58.72 -39.67
CA LYS C 624 -44.90 58.07 -39.76
C LYS C 624 -44.53 57.44 -38.43
N TYR C 625 -43.92 56.26 -38.50
CA TYR C 625 -43.36 55.62 -37.32
C TYR C 625 -42.25 56.47 -36.71
N GLY C 626 -42.19 56.49 -35.38
CA GLY C 626 -41.18 57.24 -34.68
C GLY C 626 -41.58 58.62 -34.19
N ASN C 627 -42.88 58.93 -34.17
CA ASN C 627 -43.38 60.22 -33.71
C ASN C 627 -44.36 60.07 -32.56
N ASP C 628 -44.37 58.90 -31.91
CA ASP C 628 -45.37 58.59 -30.89
C ASP C 628 -46.78 58.73 -31.45
N ASP C 629 -46.96 58.41 -32.72
CA ASP C 629 -48.25 58.50 -33.40
C ASP C 629 -48.83 57.09 -33.53
N ASP C 630 -49.90 56.83 -32.78
CA ASP C 630 -50.47 55.48 -32.72
C ASP C 630 -51.04 55.01 -34.05
N TYR C 631 -51.41 55.92 -34.96
CA TYR C 631 -51.89 55.46 -36.25
C TYR C 631 -50.83 54.62 -36.96
N ALA C 632 -49.57 55.07 -36.92
CA ALA C 632 -48.47 54.32 -37.48
C ALA C 632 -47.92 53.28 -36.52
N ASP C 633 -47.85 53.61 -35.22
CA ASP C 633 -47.20 52.71 -34.27
C ASP C 633 -48.00 51.44 -34.05
N GLU C 634 -49.32 51.52 -34.14
CA GLU C 634 -50.14 50.31 -34.06
C GLU C 634 -49.92 49.40 -35.25
N ILE C 635 -49.66 49.97 -36.43
CA ILE C 635 -49.33 49.14 -37.57
C ILE C 635 -47.95 48.49 -37.38
N MET C 636 -46.99 49.23 -36.82
CA MET C 636 -45.73 48.61 -36.43
C MET C 636 -45.96 47.41 -35.53
N GLN C 637 -46.81 47.56 -34.51
CA GLN C 637 -47.08 46.46 -33.59
C GLN C 637 -47.70 45.26 -34.32
N GLU C 638 -48.63 45.52 -35.24
CA GLU C 638 -49.25 44.41 -35.99
C GLU C 638 -48.21 43.69 -36.82
N ILE C 639 -47.32 44.43 -37.48
CA ILE C 639 -46.25 43.81 -38.26
C ILE C 639 -45.34 42.99 -37.35
N PHE C 640 -44.90 43.60 -36.25
CA PHE C 640 -44.05 42.90 -35.31
C PHE C 640 -44.71 41.64 -34.77
N ASN C 641 -46.00 41.72 -34.40
CA ASN C 641 -46.71 40.56 -33.88
C ASN C 641 -46.80 39.45 -34.90
N ALA C 642 -47.05 39.79 -36.17
CA ALA C 642 -47.12 38.79 -37.21
C ALA C 642 -45.78 38.08 -37.38
N TYR C 643 -44.68 38.85 -37.38
CA TYR C 643 -43.35 38.27 -37.48
C TYR C 643 -43.04 37.40 -36.26
N TYR C 644 -43.28 37.94 -35.06
CA TYR C 644 -43.08 37.18 -33.83
C TYR C 644 -43.86 35.87 -33.87
N ASN C 645 -45.14 35.94 -34.25
CA ASN C 645 -45.99 34.75 -34.28
C ASN C 645 -45.59 33.77 -35.36
N GLU C 646 -45.11 34.25 -36.50
CA GLU C 646 -44.78 33.32 -37.57
C GLU C 646 -43.54 32.51 -37.24
N VAL C 647 -42.59 33.10 -36.51
CA VAL C 647 -41.30 32.47 -36.27
C VAL C 647 -41.26 31.76 -34.92
N THR C 648 -41.76 32.38 -33.85
CA THR C 648 -41.46 31.95 -32.49
C THR C 648 -42.11 30.62 -32.15
N GLY C 649 -41.34 29.72 -31.53
CA GLY C 649 -41.86 28.44 -31.10
C GLY C 649 -41.71 27.30 -32.09
N ARG C 650 -41.27 27.58 -33.31
CA ARG C 650 -40.93 26.50 -34.22
C ARG C 650 -39.79 25.68 -33.62
N PRO C 651 -39.84 24.36 -33.72
CA PRO C 651 -38.78 23.55 -33.13
C PRO C 651 -37.52 23.60 -33.97
N THR C 652 -36.38 23.52 -33.29
CA THR C 652 -35.12 23.29 -33.95
C THR C 652 -34.80 21.80 -33.92
N VAL C 653 -33.86 21.39 -34.77
CA VAL C 653 -33.53 19.98 -34.90
C VAL C 653 -32.97 19.43 -33.60
N CYS C 654 -32.14 20.21 -32.90
CA CYS C 654 -31.43 19.66 -31.75
C CYS C 654 -32.10 20.01 -30.42
N GLY C 655 -33.41 20.26 -30.43
CA GLY C 655 -34.19 20.32 -29.22
C GLY C 655 -34.45 21.70 -28.64
N GLY C 656 -34.21 22.77 -29.41
CA GLY C 656 -34.53 24.11 -28.99
C GLY C 656 -35.74 24.64 -29.72
N GLU C 657 -35.84 25.98 -29.75
CA GLU C 657 -36.93 26.61 -30.48
C GLU C 657 -36.44 27.89 -31.15
N TYR C 658 -37.21 28.32 -32.16
CA TYR C 658 -36.93 29.56 -32.86
C TYR C 658 -37.49 30.75 -32.10
N ARG C 659 -36.75 31.85 -32.17
CA ARG C 659 -37.17 33.13 -31.62
C ARG C 659 -36.75 34.23 -32.58
N VAL C 660 -37.04 35.46 -32.20
CA VAL C 660 -37.02 36.59 -33.10
C VAL C 660 -36.15 37.69 -32.48
N ASP C 661 -35.39 38.39 -33.31
CA ASP C 661 -34.68 39.61 -32.92
C ASP C 661 -34.71 40.58 -34.11
N MET C 662 -34.25 41.82 -33.90
CA MET C 662 -34.38 42.88 -34.90
C MET C 662 -33.08 43.68 -34.95
N LEU C 663 -32.22 43.35 -35.92
CA LEU C 663 -30.97 44.06 -36.14
C LEU C 663 -30.53 43.82 -37.57
N PRO C 664 -29.73 44.72 -38.16
CA PRO C 664 -29.40 44.59 -39.58
C PRO C 664 -27.94 44.40 -39.93
N THR C 665 -27.03 44.77 -39.03
CA THR C 665 -25.63 45.04 -39.36
C THR C 665 -25.55 45.91 -40.62
N THR C 666 -24.97 45.43 -41.74
CA THR C 666 -25.00 46.21 -42.98
C THR C 666 -26.01 45.67 -43.98
N CYS C 667 -26.85 44.72 -43.55
CA CYS C 667 -27.78 44.08 -44.45
C CYS C 667 -28.94 44.99 -44.86
N HIS C 668 -29.18 46.09 -44.14
CA HIS C 668 -30.23 47.00 -44.57
C HIS C 668 -29.85 47.73 -45.86
N ILE C 669 -28.55 47.86 -46.12
CA ILE C 669 -28.11 48.41 -47.40
C ILE C 669 -28.45 47.43 -48.53
N TYR C 670 -27.99 46.18 -48.37
CA TYR C 670 -28.22 45.15 -49.38
C TYR C 670 -29.71 44.92 -49.62
N PHE C 671 -30.50 44.78 -48.56
CA PHE C 671 -31.94 44.51 -48.73
C PHE C 671 -32.66 45.65 -49.44
N GLY C 672 -32.20 46.89 -49.28
CA GLY C 672 -32.78 47.99 -50.04
C GLY C 672 -32.30 48.03 -51.47
N GLU C 673 -31.05 47.64 -51.72
CA GLU C 673 -30.49 47.67 -53.05
C GLU C 673 -31.24 46.77 -54.02
N ILE C 674 -31.72 45.62 -53.56
CA ILE C 674 -32.38 44.69 -54.47
C ILE C 674 -33.89 44.80 -54.32
N MET C 675 -34.36 45.96 -53.88
CA MET C 675 -35.78 46.22 -53.76
C MET C 675 -36.16 47.48 -54.55
N GLY C 676 -37.34 47.46 -55.15
CA GLY C 676 -37.85 48.62 -55.84
C GLY C 676 -38.36 49.66 -54.87
N ALA C 677 -38.98 50.69 -55.43
CA ALA C 677 -39.58 51.74 -54.60
C ALA C 677 -40.66 51.14 -53.71
N SER C 678 -40.84 51.73 -52.53
CA SER C 678 -41.83 51.26 -51.59
C SER C 678 -42.88 52.33 -51.28
N PRO C 679 -44.06 51.93 -50.81
CA PRO C 679 -45.19 52.87 -50.69
C PRO C 679 -44.95 54.06 -49.78
N ASN C 680 -43.97 54.00 -48.88
CA ASN C 680 -43.74 55.12 -47.97
C ASN C 680 -43.03 56.29 -48.63
N GLY C 681 -42.58 56.15 -49.87
CA GLY C 681 -41.82 57.18 -50.55
C GLY C 681 -40.35 56.87 -50.71
N ARG C 682 -39.85 55.79 -50.13
CA ARG C 682 -38.49 55.36 -50.36
C ARG C 682 -38.31 54.91 -51.82
N LEU C 683 -37.23 55.36 -52.46
CA LEU C 683 -37.02 55.12 -53.87
C LEU C 683 -36.31 53.80 -54.13
N CYS C 684 -36.34 53.38 -55.40
CA CYS C 684 -35.76 52.11 -55.80
C CYS C 684 -34.30 52.02 -55.42
N ALA C 685 -33.90 50.87 -54.88
CA ALA C 685 -32.52 50.54 -54.53
C ALA C 685 -31.95 51.38 -53.39
N LYS C 686 -32.76 52.20 -52.74
CA LYS C 686 -32.30 52.90 -51.54
C LYS C 686 -32.29 51.93 -50.35
N PRO C 687 -31.44 52.17 -49.37
CA PRO C 687 -31.46 51.32 -48.16
C PRO C 687 -32.84 51.29 -47.52
N VAL C 688 -33.12 50.18 -46.83
CA VAL C 688 -34.27 50.12 -45.93
C VAL C 688 -33.80 50.64 -44.58
N SER C 689 -34.74 50.84 -43.65
CA SER C 689 -34.40 51.37 -42.34
C SER C 689 -33.54 50.40 -41.54
N GLU C 690 -32.73 50.95 -40.65
CA GLU C 690 -31.80 50.16 -39.83
C GLU C 690 -32.37 49.90 -38.43
N GLY C 691 -32.17 48.68 -37.94
CA GLY C 691 -32.72 48.31 -36.64
C GLY C 691 -34.21 48.53 -36.53
N ILE C 692 -34.64 49.04 -35.39
CA ILE C 692 -36.01 49.50 -35.20
C ILE C 692 -36.11 51.03 -35.28
N SER C 693 -35.10 51.67 -35.85
CA SER C 693 -35.06 53.13 -35.99
C SER C 693 -36.07 53.62 -37.01
N PRO C 694 -36.44 54.89 -36.94
CA PRO C 694 -37.38 55.44 -37.93
C PRO C 694 -36.79 55.44 -39.34
N GLU C 695 -37.69 55.52 -40.32
CA GLU C 695 -37.26 55.70 -41.71
C GLU C 695 -36.56 57.05 -41.89
N LYS C 696 -35.88 57.19 -43.02
CA LYS C 696 -35.23 58.44 -43.35
C LYS C 696 -36.26 59.56 -43.41
N GLY C 697 -36.02 60.63 -42.66
CA GLY C 697 -36.93 61.75 -42.58
C GLY C 697 -38.24 61.49 -41.87
N GLY C 698 -38.41 60.32 -41.27
CA GLY C 698 -39.69 59.97 -40.69
C GLY C 698 -40.00 60.61 -39.36
N ASP C 699 -39.01 60.73 -38.49
CA ASP C 699 -39.22 61.23 -37.13
C ASP C 699 -38.96 62.72 -37.11
N THR C 700 -40.01 63.51 -36.89
CA THR C 700 -39.91 64.96 -36.90
C THR C 700 -40.34 65.58 -35.58
N ASN C 701 -40.43 64.78 -34.51
CA ASN C 701 -40.89 65.28 -33.22
C ASN C 701 -39.89 65.07 -32.10
N GLY C 702 -38.63 64.80 -32.44
CA GLY C 702 -37.59 64.71 -31.44
C GLY C 702 -37.31 63.32 -30.91
N PRO C 703 -36.29 63.20 -30.08
CA PRO C 703 -35.84 61.88 -29.60
C PRO C 703 -36.74 61.24 -28.56
N THR C 704 -37.45 62.04 -27.75
CA THR C 704 -38.38 61.45 -26.79
C THR C 704 -39.55 60.78 -27.52
N ALA C 705 -40.03 61.38 -28.60
CA ALA C 705 -41.10 60.75 -29.37
C ALA C 705 -40.64 59.44 -30.00
N VAL C 706 -39.38 59.33 -30.40
CA VAL C 706 -38.95 58.08 -31.03
C VAL C 706 -38.81 56.98 -29.98
N ILE C 707 -38.29 57.29 -28.79
CA ILE C 707 -38.18 56.22 -27.81
C ILE C 707 -39.55 55.75 -27.34
N LYS C 708 -40.53 56.66 -27.32
CA LYS C 708 -41.90 56.23 -27.01
C LYS C 708 -42.45 55.34 -28.11
N SER C 709 -42.17 55.66 -29.37
CA SER C 709 -42.58 54.76 -30.45
C SER C 709 -41.91 53.40 -30.29
N CYS C 710 -40.59 53.42 -30.09
CA CYS C 710 -39.84 52.17 -30.00
C CYS C 710 -40.27 51.33 -28.81
N ALA C 711 -40.70 51.97 -27.72
CA ALA C 711 -41.13 51.24 -26.53
C ALA C 711 -42.44 50.49 -26.73
N LYS C 712 -43.20 50.80 -27.79
CA LYS C 712 -44.42 50.07 -28.08
C LYS C 712 -44.17 48.70 -28.71
N MET C 713 -42.97 48.44 -29.20
CA MET C 713 -42.59 47.09 -29.60
C MET C 713 -42.28 46.31 -28.34
N ASP C 714 -42.71 45.05 -28.29
CA ASP C 714 -42.55 44.27 -27.06
C ASP C 714 -41.17 43.62 -27.04
N HIS C 715 -40.19 44.37 -26.52
CA HIS C 715 -38.80 43.88 -26.51
C HIS C 715 -38.65 42.60 -25.70
N ILE C 716 -39.48 42.40 -24.68
CA ILE C 716 -39.34 41.22 -23.83
C ILE C 716 -39.55 39.94 -24.64
N LYS C 717 -40.36 39.99 -25.69
CA LYS C 717 -40.65 38.81 -26.49
C LYS C 717 -39.60 38.52 -27.54
N THR C 718 -38.50 39.27 -27.58
CA THR C 718 -37.41 39.09 -28.54
C THR C 718 -36.14 38.69 -27.83
N GLY C 719 -35.13 38.36 -28.62
CA GLY C 719 -33.77 38.24 -28.14
C GLY C 719 -32.96 39.49 -28.44
N GLY C 720 -33.60 40.65 -28.50
CA GLY C 720 -32.87 41.90 -28.66
C GLY C 720 -33.30 42.72 -29.87
N THR C 721 -33.27 44.05 -29.72
CA THR C 721 -33.60 45.01 -30.78
C THR C 721 -32.56 46.13 -30.79
N LEU C 722 -32.36 46.73 -31.96
CA LEU C 722 -31.28 47.70 -32.17
C LEU C 722 -31.85 49.07 -32.51
N LEU C 723 -31.51 50.08 -31.70
CA LEU C 723 -31.94 51.46 -31.95
C LEU C 723 -30.73 52.37 -32.05
N ASN C 724 -30.56 52.99 -33.22
CA ASN C 724 -29.62 54.09 -33.44
C ASN C 724 -30.30 55.45 -33.23
N GLN C 725 -29.62 56.33 -32.53
CA GLN C 725 -30.00 57.74 -32.45
C GLN C 725 -28.75 58.59 -32.64
N ARG C 726 -28.94 59.80 -33.12
CA ARG C 726 -27.86 60.72 -33.46
C ARG C 726 -28.21 62.10 -32.91
N PHE C 727 -27.23 62.77 -32.32
CA PHE C 727 -27.43 64.09 -31.72
C PHE C 727 -26.50 65.12 -32.33
N ALA C 728 -27.00 66.33 -32.45
CA ALA C 728 -26.14 67.46 -32.79
C ALA C 728 -25.04 67.62 -31.74
N PRO C 729 -23.78 67.80 -32.15
CA PRO C 729 -22.70 67.93 -31.16
C PRO C 729 -22.91 69.07 -30.17
N SER C 730 -23.62 70.14 -30.56
CA SER C 730 -23.76 71.27 -29.65
C SER C 730 -24.69 70.96 -28.49
N VAL C 731 -25.64 70.03 -28.65
CA VAL C 731 -26.65 69.81 -27.61
C VAL C 731 -26.23 68.77 -26.58
N VAL C 732 -25.06 68.15 -26.74
CA VAL C 732 -24.58 67.20 -25.75
C VAL C 732 -23.44 67.77 -24.94
N GLN C 733 -23.13 69.05 -25.12
CA GLN C 733 -22.03 69.67 -24.41
C GLN C 733 -22.38 69.90 -22.94
N GLY C 734 -21.34 69.93 -22.12
CA GLY C 734 -21.45 70.29 -20.72
C GLY C 734 -22.14 69.26 -19.84
N GLU C 735 -22.30 69.65 -18.57
CA GLU C 735 -23.01 68.80 -17.62
C GLU C 735 -24.48 68.64 -18.00
N LYS C 736 -25.10 69.68 -18.56
CA LYS C 736 -26.48 69.56 -19.00
C LYS C 736 -26.60 68.54 -20.12
N GLY C 737 -25.60 68.48 -21.00
CA GLY C 737 -25.60 67.48 -22.06
C GLY C 737 -25.52 66.07 -21.52
N LEU C 738 -24.62 65.85 -20.56
CA LEU C 738 -24.53 64.53 -19.94
C LEU C 738 -25.85 64.13 -19.32
N ASP C 739 -26.49 65.05 -18.60
CA ASP C 739 -27.75 64.75 -17.93
C ASP C 739 -28.85 64.46 -18.94
N ASN C 740 -28.89 65.20 -20.05
CA ASN C 740 -29.89 64.93 -21.07
C ASN C 740 -29.69 63.55 -21.71
N MET C 741 -28.44 63.18 -22.00
CA MET C 741 -28.17 61.84 -22.53
C MET C 741 -28.58 60.77 -21.53
N ALA C 742 -28.10 60.89 -20.29
CA ALA C 742 -28.44 59.90 -19.26
C ALA C 742 -29.94 59.78 -19.09
N ASN C 743 -30.66 60.91 -19.10
CA ASN C 743 -32.09 60.88 -18.87
C ASN C 743 -32.82 60.17 -20.00
N LEU C 744 -32.36 60.33 -21.24
CA LEU C 744 -33.01 59.65 -22.36
C LEU C 744 -32.84 58.13 -22.24
N VAL C 745 -31.63 57.68 -21.89
CA VAL C 745 -31.38 56.25 -21.71
C VAL C 745 -32.28 55.69 -20.61
N ARG C 746 -32.29 56.36 -19.45
CA ARG C 746 -33.15 55.92 -18.35
C ARG C 746 -34.62 55.92 -18.75
N ALA C 747 -35.06 56.96 -19.47
CA ALA C 747 -36.46 57.03 -19.89
C ALA C 747 -36.83 55.85 -20.78
N TYR C 748 -36.02 55.58 -21.80
CA TYR C 748 -36.28 54.46 -22.69
C TYR C 748 -36.26 53.14 -21.94
N PHE C 749 -35.27 52.94 -21.07
CA PHE C 749 -35.16 51.67 -20.36
C PHE C 749 -36.26 51.51 -19.32
N ASN C 750 -36.76 52.62 -18.76
CA ASN C 750 -37.87 52.52 -17.82
C ASN C 750 -39.14 52.02 -18.50
N MET C 751 -39.24 52.17 -19.81
CA MET C 751 -40.33 51.60 -20.58
C MET C 751 -39.98 50.23 -21.15
N ASP C 752 -38.86 49.66 -20.72
CA ASP C 752 -38.37 48.34 -21.13
C ASP C 752 -37.85 48.29 -22.56
N GLY C 753 -37.38 49.43 -23.08
CA GLY C 753 -36.58 49.39 -24.29
C GLY C 753 -35.30 48.60 -24.05
N HIS C 754 -34.83 47.94 -25.12
CA HIS C 754 -33.73 46.99 -24.99
C HIS C 754 -32.35 47.65 -25.09
N HIS C 755 -32.17 48.58 -26.02
CA HIS C 755 -30.84 49.02 -26.43
C HIS C 755 -30.93 50.39 -27.07
N ILE C 756 -29.90 51.20 -26.87
CA ILE C 756 -29.75 52.46 -27.59
C ILE C 756 -28.27 52.79 -27.71
N GLN C 757 -27.88 53.41 -28.82
CA GLN C 757 -26.51 53.84 -29.06
C GLN C 757 -26.51 55.12 -29.90
N PHE C 758 -25.47 55.93 -29.75
CA PHE C 758 -25.48 57.29 -30.26
C PHE C 758 -24.34 57.57 -31.24
N ASN C 759 -24.68 58.25 -32.33
CA ASN C 759 -23.72 59.01 -33.13
C ASN C 759 -23.76 60.47 -32.68
N VAL C 760 -22.60 61.09 -32.63
CA VAL C 760 -22.48 62.52 -32.38
C VAL C 760 -21.40 63.09 -33.30
N PHE C 761 -21.78 63.54 -34.49
CA PHE C 761 -20.78 64.03 -35.41
C PHE C 761 -21.21 65.32 -36.10
N ASP C 762 -20.20 66.02 -36.61
CA ASP C 762 -20.41 67.15 -37.50
C ASP C 762 -20.66 66.64 -38.92
N LYS C 763 -21.85 66.92 -39.45
CA LYS C 763 -22.18 66.47 -40.80
C LYS C 763 -21.11 66.90 -41.80
N ASN C 764 -20.60 68.12 -41.67
CA ASN C 764 -19.63 68.64 -42.62
C ASN C 764 -18.31 67.90 -42.56
N VAL C 765 -17.93 67.39 -41.39
CA VAL C 765 -16.72 66.57 -41.31
C VAL C 765 -16.89 65.32 -42.16
N LEU C 766 -18.07 64.67 -42.06
CA LEU C 766 -18.31 63.45 -42.83
C LEU C 766 -18.29 63.76 -44.34
N LEU C 767 -18.93 64.86 -44.73
CA LEU C 767 -18.96 65.25 -46.14
C LEU C 767 -17.56 65.54 -46.65
N GLU C 768 -16.72 66.19 -45.84
CA GLU C 768 -15.34 66.41 -46.23
C GLU C 768 -14.58 65.09 -46.38
N ALA C 769 -14.84 64.13 -45.49
CA ALA C 769 -14.17 62.84 -45.57
C ALA C 769 -14.53 62.11 -46.86
N GLN C 770 -15.73 62.30 -47.37
CA GLN C 770 -16.09 61.70 -48.65
C GLN C 770 -15.25 62.31 -49.78
N LYS C 771 -14.96 63.61 -49.70
CA LYS C 771 -14.18 64.29 -50.74
C LYS C 771 -12.68 64.00 -50.62
N ASN C 772 -12.13 63.89 -49.40
CA ASN C 772 -10.70 63.68 -49.18
C ASN C 772 -10.51 62.60 -48.13
N PRO C 773 -10.76 61.34 -48.48
CA PRO C 773 -10.68 60.27 -47.47
C PRO C 773 -9.33 60.20 -46.78
N GLN C 774 -8.25 60.50 -47.49
CA GLN C 774 -6.91 60.36 -46.93
C GLN C 774 -6.62 61.33 -45.81
N ASP C 775 -7.47 62.34 -45.59
CA ASP C 775 -7.29 63.28 -44.49
C ASP C 775 -8.13 62.91 -43.27
N TYR C 776 -8.96 61.88 -43.35
CA TYR C 776 -9.88 61.50 -42.30
C TYR C 776 -9.79 60.01 -42.05
N LYS C 777 -8.57 59.47 -42.15
CA LYS C 777 -8.36 58.04 -41.96
C LYS C 777 -8.68 57.59 -40.55
N ASP C 778 -8.73 58.53 -39.61
CA ASP C 778 -9.02 58.27 -38.20
C ASP C 778 -10.50 58.39 -37.87
N LEU C 779 -11.33 58.78 -38.84
CA LEU C 779 -12.73 59.08 -38.55
C LEU C 779 -13.51 57.79 -38.33
N ILE C 780 -14.14 57.67 -37.15
CA ILE C 780 -14.91 56.51 -36.74
C ILE C 780 -16.34 56.96 -36.45
N VAL C 781 -17.32 56.22 -36.94
CA VAL C 781 -18.74 56.49 -36.71
C VAL C 781 -19.43 55.20 -36.28
N ARG C 782 -20.62 55.34 -35.71
CA ARG C 782 -21.43 54.19 -35.33
C ARG C 782 -22.25 53.73 -36.53
N VAL C 783 -22.21 52.43 -36.82
CA VAL C 783 -22.96 51.85 -37.92
C VAL C 783 -24.25 51.26 -37.38
N ALA C 784 -24.22 50.01 -36.93
CA ALA C 784 -25.42 49.42 -36.34
C ALA C 784 -24.98 48.27 -35.45
N GLY C 785 -24.86 48.54 -34.15
CA GLY C 785 -24.35 47.56 -33.22
C GLY C 785 -22.85 47.46 -33.16
N TYR C 786 -22.12 48.36 -33.83
CA TYR C 786 -20.67 48.41 -33.79
C TYR C 786 -20.20 49.72 -34.39
N SER C 787 -18.94 50.07 -34.13
CA SER C 787 -18.28 51.25 -34.71
C SER C 787 -17.28 50.82 -35.76
N ASP C 788 -17.07 51.69 -36.76
CA ASP C 788 -16.12 51.38 -37.83
C ASP C 788 -15.54 52.69 -38.39
N HIS C 789 -14.41 52.55 -39.07
CA HIS C 789 -13.86 53.68 -39.80
C HIS C 789 -14.80 54.08 -40.95
N PHE C 790 -15.10 55.38 -41.01
CA PHE C 790 -15.93 55.91 -42.09
C PHE C 790 -15.38 55.51 -43.46
N ASN C 791 -14.06 55.50 -43.61
CA ASN C 791 -13.48 55.14 -44.89
C ASN C 791 -13.68 53.67 -45.26
N ASN C 792 -14.06 52.81 -44.31
CA ASN C 792 -14.33 51.42 -44.63
C ASN C 792 -15.72 51.19 -45.19
N LEU C 793 -16.54 52.22 -45.26
CA LEU C 793 -17.94 52.09 -45.61
C LEU C 793 -18.16 52.49 -47.07
N SER C 794 -19.05 51.77 -47.74
CA SER C 794 -19.45 52.12 -49.08
C SER C 794 -20.11 53.49 -49.09
N ARG C 795 -20.13 54.11 -50.28
CA ARG C 795 -20.78 55.40 -50.42
C ARG C 795 -22.23 55.36 -49.96
N THR C 796 -22.95 54.30 -50.31
CA THR C 796 -24.35 54.19 -49.92
C THR C 796 -24.50 54.14 -48.41
N LEU C 797 -23.65 53.37 -47.73
CA LEU C 797 -23.76 53.27 -46.28
C LEU C 797 -23.37 54.59 -45.60
N GLN C 798 -22.31 55.24 -46.08
CA GLN C 798 -21.96 56.57 -45.59
C GLN C 798 -23.16 57.52 -45.65
N ASP C 799 -23.81 57.57 -46.81
CA ASP C 799 -24.96 58.46 -46.99
C ASP C 799 -26.13 58.08 -46.11
N GLU C 800 -26.30 56.78 -45.81
CA GLU C 800 -27.34 56.35 -44.89
C GLU C 800 -27.10 56.93 -43.50
N ILE C 801 -25.86 56.82 -43.01
CA ILE C 801 -25.53 57.37 -41.71
C ILE C 801 -25.74 58.88 -41.69
N ILE C 802 -25.28 59.58 -42.73
CA ILE C 802 -25.44 61.02 -42.80
C ILE C 802 -26.91 61.42 -42.85
N GLY C 803 -27.75 60.56 -43.44
CA GLY C 803 -29.17 60.83 -43.54
C GLY C 803 -29.98 60.56 -42.28
N ARG C 804 -29.37 60.00 -41.25
CA ARG C 804 -30.08 59.76 -40.00
C ARG C 804 -30.43 61.09 -39.32
N THR C 805 -31.56 61.11 -38.62
CA THR C 805 -32.07 62.36 -38.05
C THR C 805 -31.10 62.91 -37.01
N GLU C 806 -30.73 64.18 -37.15
CA GLU C 806 -29.90 64.85 -36.15
C GLU C 806 -30.81 65.42 -35.06
N GLN C 807 -30.83 64.78 -33.91
CA GLN C 807 -31.75 65.13 -32.84
C GLN C 807 -31.19 66.26 -31.97
N THR C 808 -32.10 67.02 -31.39
CA THR C 808 -31.80 67.98 -30.35
C THR C 808 -32.68 67.66 -29.15
N PHE C 809 -32.25 68.10 -27.99
CA PHE C 809 -33.13 68.02 -26.84
C PHE C 809 -34.02 69.25 -26.78
N MET D 21 -22.83 -41.94 -64.08
CA MET D 21 -22.09 -42.03 -62.87
C MET D 21 -21.67 -40.63 -62.34
N ALA D 22 -21.76 -39.61 -63.17
CA ALA D 22 -21.46 -38.29 -62.69
C ALA D 22 -22.75 -37.64 -62.24
N ARG D 23 -22.67 -36.94 -61.13
CA ARG D 23 -23.81 -36.26 -60.57
C ARG D 23 -24.30 -35.11 -61.45
N GLY D 24 -25.62 -34.95 -61.52
CA GLY D 24 -26.27 -33.98 -62.38
C GLY D 24 -27.25 -34.73 -63.26
N THR D 25 -28.48 -34.21 -63.34
CA THR D 25 -29.53 -34.87 -64.11
C THR D 25 -29.36 -34.66 -65.61
N PHE D 26 -28.72 -33.57 -66.04
CA PHE D 26 -28.58 -33.24 -67.44
C PHE D 26 -27.11 -33.04 -67.78
N GLU D 27 -26.79 -33.17 -69.07
CA GLU D 27 -25.40 -32.99 -69.49
C GLU D 27 -24.90 -31.60 -69.11
N ARG D 28 -25.77 -30.60 -69.22
CA ARG D 28 -25.42 -29.24 -68.79
C ARG D 28 -24.99 -29.21 -67.33
N THR D 29 -25.81 -29.79 -66.44
CA THR D 29 -25.53 -29.66 -65.02
C THR D 29 -24.43 -30.60 -64.57
N LYS D 30 -24.21 -31.73 -65.25
CA LYS D 30 -23.04 -32.54 -64.95
C LYS D 30 -21.77 -31.76 -65.20
N LYS D 31 -21.72 -31.03 -66.33
CA LYS D 31 -20.55 -30.23 -66.65
C LYS D 31 -20.38 -29.10 -65.65
N LEU D 32 -21.47 -28.40 -65.33
CA LEU D 32 -21.41 -27.31 -64.36
C LEU D 32 -20.97 -27.81 -62.99
N ARG D 33 -21.46 -28.98 -62.57
CA ARG D 33 -21.08 -29.49 -61.26
C ARG D 33 -19.61 -29.86 -61.21
N GLU D 34 -19.08 -30.45 -62.28
CA GLU D 34 -17.67 -30.85 -62.28
C GLU D 34 -16.75 -29.63 -62.21
N GLU D 35 -17.11 -28.54 -62.90
CA GLU D 35 -16.35 -27.30 -62.76
C GLU D 35 -16.36 -26.81 -61.32
N SER D 36 -17.54 -26.84 -60.68
CA SER D 36 -17.66 -26.29 -59.33
C SER D 36 -16.77 -27.04 -58.33
N ILE D 37 -16.83 -28.37 -58.34
CA ILE D 37 -16.08 -29.11 -57.31
C ILE D 37 -14.60 -29.14 -57.60
N ASN D 38 -14.16 -28.79 -58.81
CA ASN D 38 -12.74 -28.73 -59.12
C ASN D 38 -12.14 -27.35 -58.96
N ALA D 39 -12.97 -26.31 -58.75
CA ALA D 39 -12.46 -24.95 -58.63
C ALA D 39 -11.67 -24.79 -57.34
N GLU D 40 -10.48 -24.19 -57.47
CA GLU D 40 -9.60 -24.02 -56.33
C GLU D 40 -10.02 -22.80 -55.53
N PRO D 41 -9.99 -22.87 -54.19
CA PRO D 41 -10.31 -21.69 -53.37
C PRO D 41 -9.20 -20.66 -53.44
N HIS D 42 -9.59 -19.43 -53.73
CA HIS D 42 -8.61 -18.35 -53.90
C HIS D 42 -9.32 -17.03 -53.66
N ILE D 43 -8.54 -15.98 -53.50
CA ILE D 43 -9.12 -14.66 -53.27
C ILE D 43 -9.07 -13.86 -54.56
N SER D 44 -10.10 -13.02 -54.72
CA SER D 44 -10.23 -12.11 -55.85
C SER D 44 -10.05 -10.69 -55.32
N ILE D 45 -9.00 -10.00 -55.80
CA ILE D 45 -8.62 -8.70 -55.27
C ILE D 45 -9.35 -7.54 -55.95
N GLU D 46 -10.14 -7.82 -56.99
CA GLU D 46 -10.76 -6.77 -57.79
C GLU D 46 -11.71 -5.90 -56.96
N ARG D 47 -12.57 -6.52 -56.13
CA ARG D 47 -13.52 -5.73 -55.36
C ARG D 47 -12.82 -4.68 -54.51
N ALA D 48 -11.75 -5.10 -53.82
CA ALA D 48 -11.00 -4.20 -52.95
C ALA D 48 -10.42 -3.03 -53.73
N VAL D 49 -9.90 -3.29 -54.94
CA VAL D 49 -9.38 -2.20 -55.76
C VAL D 49 -10.50 -1.21 -56.09
N LEU D 50 -11.65 -1.72 -56.51
CA LEU D 50 -12.74 -0.84 -56.94
C LEU D 50 -13.33 -0.05 -55.78
N MET D 51 -13.46 -0.66 -54.60
CA MET D 51 -13.95 0.09 -53.44
C MET D 51 -12.96 1.17 -53.06
N THR D 52 -11.66 0.88 -53.18
CA THR D 52 -10.63 1.89 -52.92
C THR D 52 -10.79 3.08 -53.87
N GLU D 53 -10.99 2.80 -55.16
CA GLU D 53 -11.21 3.87 -56.12
C GLU D 53 -12.41 4.72 -55.73
N ALA D 54 -13.48 4.08 -55.28
CA ALA D 54 -14.70 4.82 -54.96
C ALA D 54 -14.52 5.71 -53.75
N TYR D 55 -13.89 5.20 -52.69
CA TYR D 55 -13.69 6.02 -51.51
C TYR D 55 -12.77 7.20 -51.80
N LYS D 56 -11.70 6.98 -52.57
CA LYS D 56 -10.82 8.09 -52.94
C LYS D 56 -11.58 9.16 -53.71
N LYS D 57 -12.58 8.76 -54.48
CA LYS D 57 -13.36 9.74 -55.22
C LYS D 57 -14.38 10.46 -54.34
N TYR D 58 -15.03 9.75 -53.41
CA TYR D 58 -16.21 10.26 -52.75
C TYR D 58 -16.10 10.48 -51.24
N GLU D 59 -15.18 9.81 -50.55
CA GLU D 59 -15.15 9.94 -49.10
C GLU D 59 -14.95 11.40 -48.69
N GLY D 60 -15.76 11.86 -47.73
CA GLY D 60 -15.73 13.23 -47.27
C GLY D 60 -16.65 14.17 -48.00
N SER D 61 -17.27 13.75 -49.11
CA SER D 61 -18.15 14.62 -49.87
C SER D 61 -19.63 14.26 -49.74
N VAL D 62 -19.94 13.11 -49.15
CA VAL D 62 -21.31 12.63 -49.00
C VAL D 62 -21.43 11.95 -47.64
N GLU D 63 -22.68 11.79 -47.19
CA GLU D 63 -22.93 11.02 -45.99
C GLU D 63 -22.61 9.54 -46.25
N ILE D 64 -22.34 8.81 -45.16
CA ILE D 64 -21.82 7.45 -45.30
C ILE D 64 -22.77 6.52 -46.02
N PRO D 65 -24.08 6.54 -45.79
CA PRO D 65 -24.97 5.67 -46.58
C PRO D 65 -24.81 5.91 -48.07
N VAL D 66 -24.75 7.17 -48.49
CA VAL D 66 -24.54 7.50 -49.90
C VAL D 66 -23.16 7.07 -50.35
N LEU D 67 -22.14 7.24 -49.50
CA LEU D 67 -20.80 6.74 -49.82
C LEU D 67 -20.82 5.25 -50.11
N ARG D 68 -21.51 4.47 -49.28
CA ARG D 68 -21.58 3.03 -49.51
C ARG D 68 -22.32 2.69 -50.80
N ALA D 69 -23.45 3.36 -51.06
CA ALA D 69 -24.23 3.08 -52.27
C ALA D 69 -23.44 3.45 -53.52
N LEU D 70 -22.77 4.61 -53.52
CA LEU D 70 -21.95 5.00 -54.66
C LEU D 70 -20.79 4.03 -54.86
N SER D 71 -20.21 3.53 -53.78
CA SER D 71 -19.13 2.59 -53.92
C SER D 71 -19.62 1.27 -54.51
N PHE D 72 -20.77 0.78 -54.06
CA PHE D 72 -21.34 -0.41 -54.65
C PHE D 72 -21.60 -0.21 -56.15
N LYS D 73 -22.21 0.93 -56.51
CA LYS D 73 -22.47 1.21 -57.92
C LYS D 73 -21.18 1.27 -58.73
N HIS D 74 -20.16 1.94 -58.20
CA HIS D 74 -18.88 1.97 -58.89
C HIS D 74 -18.35 0.55 -59.09
N TYR D 75 -18.46 -0.30 -58.07
CA TYR D 75 -18.02 -1.68 -58.17
C TYR D 75 -18.79 -2.44 -59.25
N ILE D 76 -20.12 -2.31 -59.26
CA ILE D 76 -20.95 -2.98 -60.25
C ILE D 76 -20.63 -2.52 -61.67
N GLU D 77 -20.43 -1.21 -61.85
CA GLU D 77 -20.19 -0.66 -63.19
C GLU D 77 -18.90 -1.17 -63.80
N ASN D 78 -17.88 -1.43 -62.98
CA ASN D 78 -16.53 -1.64 -63.48
C ASN D 78 -15.94 -3.02 -63.22
N ARG D 79 -16.60 -3.88 -62.43
CA ARG D 79 -16.05 -5.19 -62.17
C ARG D 79 -16.09 -6.06 -63.42
N THR D 80 -15.17 -7.01 -63.50
CA THR D 80 -15.17 -7.97 -64.59
C THR D 80 -16.28 -9.00 -64.37
N LEU D 81 -16.99 -9.30 -65.45
CA LEU D 81 -18.09 -10.26 -65.44
C LEU D 81 -17.66 -11.52 -66.18
N SER D 82 -18.21 -12.66 -65.76
CA SER D 82 -17.87 -13.93 -66.39
C SER D 82 -19.11 -14.78 -66.52
N ILE D 83 -19.15 -15.57 -67.60
CA ILE D 83 -20.20 -16.55 -67.84
C ILE D 83 -19.53 -17.89 -68.05
N ASN D 84 -19.86 -18.86 -67.21
CA ASN D 84 -19.23 -20.17 -67.28
C ASN D 84 -19.89 -21.05 -68.34
N ASP D 85 -19.11 -21.97 -68.87
CA ASP D 85 -19.55 -22.80 -69.97
C ASP D 85 -20.80 -23.61 -69.58
N GLY D 86 -21.91 -23.36 -70.27
CA GLY D 86 -23.14 -24.07 -70.07
C GLY D 86 -24.13 -23.43 -69.11
N GLU D 87 -23.79 -22.30 -68.51
CA GLU D 87 -24.68 -21.72 -67.52
C GLU D 87 -26.02 -21.31 -68.13
N LEU D 88 -27.07 -21.44 -67.33
CA LEU D 88 -28.33 -20.76 -67.57
C LEU D 88 -28.60 -19.63 -66.59
N ILE D 89 -28.07 -19.72 -65.38
CA ILE D 89 -28.13 -18.66 -64.37
C ILE D 89 -26.73 -18.08 -64.23
N VAL D 90 -26.65 -16.76 -64.22
CA VAL D 90 -25.37 -16.08 -64.37
C VAL D 90 -25.08 -15.20 -63.16
N GLY D 91 -23.78 -15.04 -62.86
CA GLY D 91 -23.35 -14.24 -61.74
C GLY D 91 -22.37 -14.94 -60.81
N GLU D 92 -21.21 -14.32 -60.59
CA GLU D 92 -20.19 -14.81 -59.68
C GLU D 92 -19.78 -13.67 -58.76
N LYS D 93 -19.56 -13.99 -57.47
CA LYS D 93 -19.06 -12.99 -56.53
C LYS D 93 -17.66 -12.54 -56.90
N GLY D 94 -16.77 -13.48 -57.19
CA GLY D 94 -15.39 -13.21 -57.53
C GLY D 94 -15.13 -13.28 -59.02
N ASP D 95 -13.85 -13.47 -59.36
CA ASP D 95 -13.43 -13.52 -60.76
C ASP D 95 -13.79 -14.83 -61.44
N SER D 96 -13.89 -15.90 -60.66
CA SER D 96 -14.15 -17.24 -61.18
C SER D 96 -14.74 -18.07 -60.06
N PRO D 97 -15.21 -19.28 -60.36
CA PRO D 97 -15.78 -20.12 -59.30
C PRO D 97 -14.78 -20.33 -58.17
N ASN D 98 -15.31 -20.29 -56.94
CA ASN D 98 -14.54 -20.45 -55.71
C ASN D 98 -13.53 -19.31 -55.51
N GLY D 99 -13.74 -18.17 -56.16
CA GLY D 99 -12.94 -17.00 -55.89
C GLY D 99 -13.64 -16.01 -54.98
N ALA D 100 -13.12 -15.81 -53.78
CA ALA D 100 -13.77 -14.96 -52.79
C ALA D 100 -13.24 -13.53 -52.87
N PRO D 101 -14.10 -12.51 -52.94
CA PRO D 101 -13.63 -11.13 -52.80
C PRO D 101 -13.08 -10.88 -51.40
N THR D 102 -12.40 -9.75 -51.24
CA THR D 102 -12.00 -9.27 -49.94
C THR D 102 -12.77 -8.00 -49.58
N TYR D 103 -12.85 -7.72 -48.29
CA TYR D 103 -13.71 -6.66 -47.76
C TYR D 103 -12.90 -5.84 -46.77
N PRO D 104 -11.95 -5.06 -47.28
CA PRO D 104 -11.03 -4.33 -46.39
C PRO D 104 -11.71 -3.19 -45.63
N GLU D 105 -12.93 -2.78 -46.01
CA GLU D 105 -13.67 -1.86 -45.15
C GLU D 105 -14.06 -2.51 -43.82
N ILE D 106 -14.08 -3.84 -43.75
CA ILE D 106 -14.42 -4.58 -42.54
C ILE D 106 -13.16 -5.14 -41.88
N CYS D 107 -12.40 -5.91 -42.65
CA CYS D 107 -11.15 -6.48 -42.17
C CYS D 107 -10.10 -6.35 -43.26
N CYS D 108 -9.13 -5.46 -43.04
CA CYS D 108 -8.02 -5.27 -43.95
C CYS D 108 -6.90 -6.19 -43.48
N HIS D 109 -6.71 -7.30 -44.19
CA HIS D 109 -5.78 -8.34 -43.75
C HIS D 109 -4.36 -7.83 -43.76
N THR D 110 -3.55 -8.33 -42.84
CA THR D 110 -2.11 -8.15 -42.86
C THR D 110 -1.49 -9.10 -43.87
N MET D 111 -0.24 -8.80 -44.26
CA MET D 111 0.47 -9.73 -45.13
C MET D 111 0.65 -11.09 -44.47
N GLU D 112 0.78 -11.14 -43.15
CA GLU D 112 0.82 -12.42 -42.46
C GLU D 112 -0.50 -13.17 -42.58
N ASP D 113 -1.63 -12.46 -42.47
CA ASP D 113 -2.92 -13.10 -42.71
C ASP D 113 -2.93 -13.79 -44.06
N LEU D 114 -2.47 -13.10 -45.10
CA LEU D 114 -2.45 -13.68 -46.43
C LEU D 114 -1.56 -14.91 -46.50
N GLU D 115 -0.39 -14.86 -45.85
CA GLU D 115 0.49 -16.03 -45.83
C GLU D 115 -0.19 -17.19 -45.11
N VAL D 116 -0.79 -16.90 -43.96
CA VAL D 116 -1.42 -17.96 -43.16
C VAL D 116 -2.57 -18.59 -43.95
N MET D 117 -3.41 -17.78 -44.57
CA MET D 117 -4.55 -18.37 -45.26
C MET D 117 -4.10 -19.18 -46.48
N HIS D 118 -2.99 -18.80 -47.10
CA HIS D 118 -2.51 -19.55 -48.26
C HIS D 118 -1.93 -20.90 -47.85
N ASN D 119 -1.22 -20.95 -46.73
CA ASN D 119 -0.43 -22.12 -46.37
C ASN D 119 -1.04 -23.00 -45.28
N ARG D 120 -2.11 -22.58 -44.63
CA ARG D 120 -2.70 -23.38 -43.56
C ARG D 120 -3.24 -24.71 -44.09
N ASP D 121 -3.36 -25.68 -43.19
CA ASP D 121 -3.69 -27.04 -43.59
C ASP D 121 -5.14 -27.19 -44.00
N ILE D 122 -6.06 -26.51 -43.32
CA ILE D 122 -7.46 -26.63 -43.70
C ILE D 122 -8.06 -25.26 -43.96
N ILE D 123 -9.08 -25.23 -44.81
CA ILE D 123 -9.78 -24.01 -45.20
C ILE D 123 -8.76 -23.01 -45.72
N ASN D 124 -7.84 -23.48 -46.56
CA ASN D 124 -6.88 -22.59 -47.17
C ASN D 124 -7.48 -21.88 -48.38
N PHE D 125 -6.99 -20.68 -48.63
CA PHE D 125 -7.31 -19.92 -49.83
C PHE D 125 -6.01 -19.54 -50.51
N SER D 126 -5.90 -19.82 -51.80
CA SER D 126 -4.69 -19.46 -52.52
C SER D 126 -4.69 -17.96 -52.79
N VAL D 127 -3.54 -17.34 -52.54
CA VAL D 127 -3.36 -15.91 -52.77
C VAL D 127 -2.31 -15.75 -53.87
N SER D 128 -2.75 -15.36 -55.05
CA SER D 128 -1.83 -15.18 -56.18
C SER D 128 -0.82 -14.06 -55.89
N GLU D 129 0.34 -14.15 -56.55
CA GLU D 129 1.34 -13.11 -56.40
C GLU D 129 0.79 -11.74 -56.78
N GLU D 130 -0.08 -11.69 -57.78
CA GLU D 130 -0.69 -10.42 -58.16
C GLU D 130 -1.58 -9.89 -57.03
N ALA D 131 -2.36 -10.76 -56.41
CA ALA D 131 -3.20 -10.33 -55.30
C ALA D 131 -2.37 -9.78 -54.15
N ARG D 132 -1.28 -10.47 -53.80
CA ARG D 132 -0.46 -10.02 -52.68
C ARG D 132 0.10 -8.63 -52.95
N LYS D 133 0.66 -8.42 -54.15
CA LYS D 133 1.25 -7.13 -54.48
C LYS D 133 0.23 -6.01 -54.38
N ILE D 134 -0.94 -6.21 -55.00
CA ILE D 134 -1.98 -5.19 -54.96
C ILE D 134 -2.44 -4.93 -53.54
N HIS D 135 -2.68 -6.00 -52.77
CA HIS D 135 -3.09 -5.82 -51.39
C HIS D 135 -2.05 -5.05 -50.59
N LYS D 136 -0.76 -5.38 -50.78
CA LYS D 136 0.29 -4.72 -50.02
C LYS D 136 0.46 -3.25 -50.42
N GLU D 137 0.39 -2.95 -51.72
CA GLU D 137 0.72 -1.62 -52.22
C GLU D 137 -0.47 -0.68 -52.35
N GLU D 138 -1.65 -1.20 -52.66
CA GLU D 138 -2.84 -0.38 -52.86
C GLU D 138 -3.84 -0.46 -51.71
N ILE D 139 -4.07 -1.64 -51.14
CA ILE D 139 -5.17 -1.84 -50.21
C ILE D 139 -4.76 -1.47 -48.79
N ILE D 140 -3.68 -2.08 -48.27
CA ILE D 140 -3.26 -1.80 -46.89
C ILE D 140 -3.03 -0.31 -46.65
N PRO D 141 -2.32 0.42 -47.52
CA PRO D 141 -2.07 1.84 -47.20
C PRO D 141 -3.33 2.65 -47.02
N PHE D 142 -4.42 2.30 -47.73
CA PHE D 142 -5.66 3.07 -47.60
C PHE D 142 -6.57 2.57 -46.50
N TRP D 143 -6.71 1.25 -46.35
CA TRP D 143 -7.77 0.67 -45.51
C TRP D 143 -7.32 0.26 -44.12
N LYS D 144 -6.01 0.15 -43.86
CA LYS D 144 -5.60 -0.34 -42.55
C LYS D 144 -6.18 0.53 -41.43
N LYS D 145 -6.18 1.84 -41.61
CA LYS D 145 -6.73 2.73 -40.58
C LYS D 145 -8.23 2.90 -40.67
N ARG D 146 -8.86 2.48 -41.77
CA ARG D 146 -10.29 2.65 -41.96
C ARG D 146 -11.13 1.44 -41.60
N GLN D 147 -10.53 0.25 -41.55
CA GLN D 147 -11.27 -0.99 -41.33
C GLN D 147 -12.07 -0.93 -40.02
N THR D 148 -13.31 -1.45 -40.07
CA THR D 148 -14.16 -1.44 -38.88
C THR D 148 -13.60 -2.33 -37.78
N ARG D 149 -12.78 -3.33 -38.10
CA ARG D 149 -12.25 -4.19 -37.05
C ARG D 149 -11.40 -3.39 -36.06
N ASP D 150 -10.62 -2.43 -36.55
CA ASP D 150 -9.83 -1.63 -35.61
C ASP D 150 -10.70 -0.67 -34.82
N LYS D 151 -11.73 -0.11 -35.44
CA LYS D 151 -12.69 0.70 -34.70
C LYS D 151 -13.25 -0.09 -33.52
N ILE D 152 -13.60 -1.35 -33.76
CA ILE D 152 -14.19 -2.18 -32.73
C ILE D 152 -13.17 -2.52 -31.65
N ILE D 153 -12.02 -3.09 -32.03
CA ILE D 153 -11.05 -3.53 -31.03
C ILE D 153 -10.58 -2.37 -30.16
N ASN D 154 -10.30 -1.21 -30.78
CA ASN D 154 -9.79 -0.08 -30.03
C ASN D 154 -10.81 0.52 -29.08
N ALA D 155 -12.09 0.23 -29.26
CA ALA D 155 -13.13 0.75 -28.40
C ALA D 155 -13.53 -0.23 -27.29
N MET D 156 -12.99 -1.43 -27.28
CA MET D 156 -13.39 -2.43 -26.28
C MET D 156 -12.66 -2.18 -24.96
N THR D 157 -13.33 -2.54 -23.87
CA THR D 157 -12.73 -2.36 -22.56
C THR D 157 -11.65 -3.42 -22.33
N PRO D 158 -10.77 -3.18 -21.34
CA PRO D 158 -9.79 -4.21 -20.98
C PRO D 158 -10.42 -5.50 -20.49
N GLU D 159 -11.56 -5.43 -19.79
CA GLU D 159 -12.26 -6.63 -19.34
C GLU D 159 -12.80 -7.43 -20.53
N TRP D 160 -13.35 -6.73 -21.53
CA TRP D 160 -13.80 -7.39 -22.75
C TRP D 160 -12.65 -8.07 -23.47
N LEU D 161 -11.53 -7.34 -23.64
CA LEU D 161 -10.41 -7.89 -24.38
C LEU D 161 -9.83 -9.13 -23.69
N ALA D 162 -9.75 -9.10 -22.35
CA ALA D 162 -9.23 -10.27 -21.63
C ALA D 162 -10.16 -11.45 -21.78
N ALA D 163 -11.47 -11.22 -21.65
CA ALA D 163 -12.43 -12.32 -21.78
C ALA D 163 -12.44 -12.88 -23.19
N TYR D 164 -12.44 -12.01 -24.20
CA TYR D 164 -12.35 -12.45 -25.58
C TYR D 164 -11.09 -13.28 -25.82
N GLU D 165 -9.95 -12.77 -25.35
CA GLU D 165 -8.69 -13.49 -25.54
C GLU D 165 -8.69 -14.81 -24.80
N ALA D 166 -9.37 -14.89 -23.67
CA ALA D 166 -9.42 -16.11 -22.89
C ALA D 166 -10.45 -17.10 -23.42
N GLY D 167 -11.25 -16.72 -24.41
CA GLY D 167 -12.25 -17.64 -24.94
C GLY D 167 -13.53 -17.72 -24.13
N MET D 168 -13.90 -16.67 -23.38
CA MET D 168 -15.21 -16.66 -22.72
C MET D 168 -16.34 -16.51 -23.71
N PHE D 169 -16.10 -15.81 -24.82
CA PHE D 169 -17.12 -15.61 -25.85
C PHE D 169 -16.39 -15.21 -27.12
N THR D 170 -17.13 -15.13 -28.23
CA THR D 170 -16.58 -14.67 -29.49
C THR D 170 -17.31 -13.39 -29.93
N GLU D 171 -16.87 -12.83 -31.05
CA GLU D 171 -17.41 -11.58 -31.56
C GLU D 171 -17.67 -11.72 -33.05
N PHE D 172 -18.94 -11.73 -33.43
CA PHE D 172 -19.29 -11.99 -34.81
C PHE D 172 -18.91 -10.88 -35.76
N MET D 173 -18.81 -9.64 -35.29
CA MET D 173 -18.63 -8.52 -36.21
C MET D 173 -17.17 -8.06 -36.33
N GLU D 174 -16.20 -8.87 -35.89
CA GLU D 174 -14.80 -8.46 -36.04
C GLU D 174 -14.32 -8.60 -37.48
N GLN D 175 -14.80 -9.59 -38.22
CA GLN D 175 -14.34 -9.81 -39.58
C GLN D 175 -15.47 -9.88 -40.60
N ARG D 176 -16.72 -9.72 -40.17
CA ARG D 176 -17.85 -9.79 -41.07
C ARG D 176 -18.92 -8.81 -40.61
N ALA D 177 -19.81 -8.47 -41.55
CA ALA D 177 -20.95 -7.62 -41.29
C ALA D 177 -22.10 -8.42 -40.68
N PRO D 178 -23.01 -7.74 -39.98
CA PRO D 178 -24.08 -8.47 -39.26
C PRO D 178 -24.84 -9.48 -40.11
N GLY D 179 -25.39 -9.06 -41.24
CA GLY D 179 -26.02 -10.00 -42.15
C GLY D 179 -27.04 -10.90 -41.47
N HIS D 180 -26.91 -12.20 -41.70
CA HIS D 180 -27.76 -13.20 -41.06
C HIS D 180 -29.23 -12.96 -41.40
N THR D 181 -29.52 -12.84 -42.69
CA THR D 181 -30.87 -12.47 -43.08
C THR D 181 -31.27 -13.22 -44.35
N VAL D 182 -32.57 -13.13 -44.65
CA VAL D 182 -33.20 -13.99 -45.66
C VAL D 182 -34.12 -13.15 -46.53
N CYS D 183 -34.15 -13.46 -47.81
CA CYS D 183 -35.02 -12.75 -48.74
C CYS D 183 -36.49 -13.05 -48.48
N GLY D 184 -37.31 -12.02 -48.63
CA GLY D 184 -38.76 -12.14 -48.64
C GLY D 184 -39.29 -12.36 -50.04
N ASP D 185 -40.47 -11.80 -50.30
CA ASP D 185 -41.11 -11.94 -51.60
C ASP D 185 -41.06 -10.68 -52.45
N THR D 186 -40.42 -9.60 -51.97
CA THR D 186 -40.46 -8.33 -52.67
C THR D 186 -39.89 -8.44 -54.08
N ILE D 187 -38.76 -9.12 -54.25
CA ILE D 187 -38.10 -9.19 -55.54
C ILE D 187 -38.88 -10.01 -56.57
N TYR D 188 -39.92 -10.73 -56.16
CA TYR D 188 -40.76 -11.43 -57.11
C TYR D 188 -41.97 -10.62 -57.53
N LYS D 189 -42.26 -9.51 -56.85
CA LYS D 189 -43.36 -8.63 -57.19
C LYS D 189 -42.91 -7.29 -57.73
N LYS D 190 -41.65 -6.91 -57.53
CA LYS D 190 -41.16 -5.61 -57.96
C LYS D 190 -39.74 -5.76 -58.50
N GLY D 191 -39.43 -4.96 -59.51
CA GLY D 191 -38.06 -4.77 -59.92
C GLY D 191 -37.44 -3.57 -59.21
N PHE D 192 -36.16 -3.36 -59.46
CA PHE D 192 -35.48 -2.26 -58.81
C PHE D 192 -35.85 -0.90 -59.41
N LEU D 193 -36.38 -0.86 -60.64
CA LEU D 193 -36.98 0.38 -61.13
C LEU D 193 -38.25 0.71 -60.35
N ASP D 194 -39.04 -0.31 -60.02
CA ASP D 194 -40.22 -0.11 -59.19
C ASP D 194 -39.82 0.37 -57.80
N LEU D 195 -38.82 -0.27 -57.21
CA LEU D 195 -38.39 0.13 -55.87
C LEU D 195 -37.85 1.55 -55.88
N LYS D 196 -37.15 1.93 -56.94
CA LYS D 196 -36.65 3.30 -57.03
C LYS D 196 -37.78 4.31 -57.02
N LYS D 197 -38.89 4.01 -57.72
CA LYS D 197 -40.04 4.90 -57.70
C LYS D 197 -40.65 4.99 -56.30
N ASP D 198 -40.74 3.87 -55.59
CA ASP D 198 -41.21 3.90 -54.22
C ASP D 198 -40.32 4.83 -53.39
N ILE D 199 -39.01 4.73 -53.58
CA ILE D 199 -38.08 5.55 -52.80
C ILE D 199 -38.24 7.02 -53.16
N GLU D 200 -38.34 7.31 -54.46
CA GLU D 200 -38.52 8.70 -54.90
C GLU D 200 -39.82 9.28 -54.37
N ALA D 201 -40.88 8.47 -54.29
CA ALA D 201 -42.11 8.93 -53.67
C ALA D 201 -41.88 9.27 -52.19
N ARG D 202 -41.10 8.44 -51.49
CA ARG D 202 -40.79 8.72 -50.09
C ARG D 202 -40.02 10.01 -49.94
N LEU D 203 -39.00 10.20 -50.78
CA LEU D 203 -38.20 11.41 -50.69
C LEU D 203 -39.06 12.66 -50.81
N LYS D 204 -40.05 12.62 -51.71
CA LYS D 204 -40.92 13.78 -51.96
C LYS D 204 -41.84 14.06 -50.78
N GLU D 205 -41.98 13.11 -49.86
CA GLU D 205 -42.88 13.23 -48.73
C GLU D 205 -42.22 13.75 -47.46
N LEU D 206 -40.90 13.91 -47.44
CA LEU D 206 -40.21 14.36 -46.23
C LEU D 206 -40.65 15.75 -45.82
N ASP D 207 -40.88 15.92 -44.53
CA ASP D 207 -41.33 17.18 -43.93
C ASP D 207 -40.19 17.74 -43.10
N PHE D 208 -39.39 18.59 -43.71
CA PHE D 208 -38.27 19.16 -42.97
C PHE D 208 -38.70 20.24 -41.99
N LEU D 209 -39.97 20.62 -41.93
CA LEU D 209 -40.39 21.57 -40.91
C LEU D 209 -40.72 20.88 -39.58
N ASN D 210 -41.44 19.75 -39.64
CA ASN D 210 -41.97 19.13 -38.44
C ASN D 210 -41.35 17.78 -38.11
N ASP D 211 -40.72 17.11 -39.07
CA ASP D 211 -40.04 15.85 -38.82
C ASP D 211 -38.57 16.17 -38.58
N LEU D 212 -38.15 16.21 -37.32
CA LEU D 212 -36.78 16.57 -37.00
C LEU D 212 -35.78 15.50 -37.39
N ASP D 213 -36.26 14.32 -37.78
CA ASP D 213 -35.47 13.21 -38.30
C ASP D 213 -35.41 13.18 -39.83
N ALA D 214 -35.95 14.19 -40.51
CA ALA D 214 -36.09 14.12 -41.96
C ALA D 214 -34.74 14.03 -42.65
N TYR D 215 -33.72 14.69 -42.11
CA TYR D 215 -32.41 14.69 -42.77
C TYR D 215 -31.82 13.29 -42.82
N ASN D 216 -31.90 12.54 -41.70
CA ASN D 216 -31.38 11.19 -41.69
C ASN D 216 -32.14 10.29 -42.67
N LYS D 217 -33.46 10.47 -42.78
CA LYS D 217 -34.26 9.71 -43.74
C LYS D 217 -33.84 9.99 -45.17
N LYS D 218 -33.60 11.25 -45.50
CA LYS D 218 -33.18 11.61 -46.85
C LYS D 218 -31.87 10.94 -47.21
N ALA D 219 -30.89 10.97 -46.30
CA ALA D 219 -29.60 10.36 -46.58
C ALA D 219 -29.75 8.86 -46.84
N ASP D 220 -30.53 8.16 -46.00
CA ASP D 220 -30.71 6.73 -46.23
C ASP D 220 -31.49 6.45 -47.50
N LEU D 221 -32.53 7.24 -47.78
CA LEU D 221 -33.34 7.00 -48.97
C LEU D 221 -32.55 7.28 -50.23
N GLU D 222 -31.75 8.35 -50.24
CA GLU D 222 -30.91 8.63 -51.40
C GLU D 222 -29.97 7.47 -51.70
N ALA D 223 -29.35 6.88 -50.66
CA ALA D 223 -28.47 5.74 -50.89
C ALA D 223 -29.24 4.55 -51.46
N MET D 224 -30.46 4.32 -50.97
CA MET D 224 -31.28 3.24 -51.50
C MET D 224 -31.59 3.45 -52.98
N ALA D 225 -31.90 4.69 -53.38
CA ALA D 225 -32.15 4.95 -54.79
C ALA D 225 -30.92 4.63 -55.63
N ILE D 226 -29.74 5.02 -55.14
CA ILE D 226 -28.51 4.71 -55.87
C ILE D 226 -28.28 3.21 -55.95
N ALA D 227 -28.59 2.45 -54.89
CA ALA D 227 -28.43 1.01 -54.96
C ALA D 227 -29.30 0.40 -56.04
N CYS D 228 -30.51 0.91 -56.22
CA CYS D 228 -31.39 0.44 -57.29
C CYS D 228 -30.75 0.64 -58.65
N ASP D 229 -30.19 1.84 -58.91
CA ASP D 229 -29.51 2.09 -60.18
C ASP D 229 -28.41 1.07 -60.43
N ALA D 230 -27.69 0.71 -59.38
CA ALA D 230 -26.61 -0.27 -59.51
C ALA D 230 -27.15 -1.62 -59.98
N MET D 231 -28.27 -2.06 -59.43
CA MET D 231 -28.85 -3.35 -59.83
C MET D 231 -29.30 -3.31 -61.29
N VAL D 232 -29.87 -2.18 -61.73
CA VAL D 232 -30.23 -2.01 -63.13
C VAL D 232 -28.99 -2.15 -64.00
N ILE D 233 -27.88 -1.55 -63.58
CA ILE D 233 -26.64 -1.66 -64.34
C ILE D 233 -26.16 -3.11 -64.37
N LEU D 234 -26.34 -3.83 -63.25
CA LEU D 234 -25.90 -5.22 -63.20
C LEU D 234 -26.56 -6.04 -64.31
N GLY D 235 -27.87 -5.90 -64.46
CA GLY D 235 -28.56 -6.62 -65.51
C GLY D 235 -28.13 -6.19 -66.89
N LYS D 236 -28.09 -4.88 -67.13
CA LYS D 236 -27.65 -4.37 -68.43
C LYS D 236 -26.31 -4.97 -68.82
N ARG D 237 -25.36 -4.96 -67.89
CA ARG D 237 -24.01 -5.40 -68.24
C ARG D 237 -23.98 -6.89 -68.56
N TYR D 238 -24.73 -7.70 -67.81
CA TYR D 238 -24.75 -9.14 -68.12
C TYR D 238 -25.45 -9.41 -69.43
N ALA D 239 -26.53 -8.69 -69.73
CA ALA D 239 -27.15 -8.83 -71.04
C ALA D 239 -26.13 -8.48 -72.13
N GLU D 240 -25.39 -7.39 -71.96
CA GLU D 240 -24.37 -7.02 -72.93
C GLU D 240 -23.31 -8.11 -73.06
N LYS D 241 -22.86 -8.63 -71.93
CA LYS D 241 -21.82 -9.66 -71.93
C LYS D 241 -22.28 -10.91 -72.68
N ALA D 242 -23.52 -11.33 -72.45
CA ALA D 242 -24.04 -12.53 -73.11
C ALA D 242 -24.12 -12.36 -74.62
N ARG D 243 -24.60 -11.21 -75.09
CA ARG D 243 -24.72 -10.96 -76.53
C ARG D 243 -23.36 -10.87 -77.18
N GLN D 244 -22.42 -10.19 -76.53
CA GLN D 244 -21.07 -10.09 -77.07
C GLN D 244 -20.44 -11.47 -77.20
N MET D 245 -20.71 -12.36 -76.26
CA MET D 245 -20.23 -13.73 -76.37
C MET D 245 -20.99 -14.52 -77.42
N ALA D 246 -22.28 -14.22 -77.63
CA ALA D 246 -23.10 -14.98 -78.55
C ALA D 246 -22.61 -14.86 -79.99
N GLU D 247 -22.39 -13.63 -80.46
CA GLU D 247 -21.93 -13.46 -81.84
C GLU D 247 -20.55 -14.05 -82.06
N GLU D 248 -19.77 -14.24 -81.01
CA GLU D 248 -18.45 -14.85 -81.15
C GLU D 248 -18.50 -16.37 -81.04
N GLU D 249 -19.62 -16.93 -80.61
CA GLU D 249 -19.75 -18.37 -80.39
C GLU D 249 -20.20 -19.07 -81.66
N THR D 250 -19.50 -20.14 -82.03
CA THR D 250 -19.86 -20.93 -83.21
C THR D 250 -20.79 -22.08 -82.88
N ASP D 251 -20.68 -22.65 -81.68
CA ASP D 251 -21.58 -23.73 -81.28
C ASP D 251 -23.01 -23.23 -81.20
N GLU D 252 -23.91 -23.86 -81.96
CA GLU D 252 -25.24 -23.31 -82.11
C GLU D 252 -26.03 -23.36 -80.81
N ALA D 253 -25.84 -24.43 -80.03
CA ALA D 253 -26.60 -24.58 -78.79
C ALA D 253 -26.18 -23.53 -77.76
N LYS D 254 -24.88 -23.30 -77.64
CA LYS D 254 -24.41 -22.31 -76.68
C LYS D 254 -24.86 -20.91 -77.07
N LYS D 255 -24.83 -20.57 -78.37
CA LYS D 255 -25.38 -19.29 -78.79
C LYS D 255 -26.82 -19.13 -78.35
N LYS D 256 -27.61 -20.19 -78.48
CA LYS D 256 -29.02 -20.13 -78.09
C LYS D 256 -29.16 -19.89 -76.58
N ASP D 257 -28.30 -20.54 -75.79
CA ASP D 257 -28.30 -20.31 -74.35
C ASP D 257 -27.85 -18.88 -74.02
N LEU D 258 -26.78 -18.43 -74.68
CA LEU D 258 -26.30 -17.07 -74.45
C LEU D 258 -27.38 -16.05 -74.77
N LEU D 259 -28.17 -16.29 -75.82
CA LEU D 259 -29.27 -15.38 -76.15
C LEU D 259 -30.39 -15.42 -75.12
N LEU D 260 -30.65 -16.59 -74.53
CA LEU D 260 -31.68 -16.66 -73.49
C LEU D 260 -31.24 -15.92 -72.23
N ILE D 261 -29.97 -16.04 -71.85
CA ILE D 261 -29.45 -15.29 -70.72
C ILE D 261 -29.67 -13.80 -70.96
N ALA D 262 -29.33 -13.32 -72.15
CA ALA D 262 -29.50 -11.90 -72.47
C ALA D 262 -30.96 -11.49 -72.36
N GLU D 263 -31.86 -12.30 -72.90
CA GLU D 263 -33.29 -12.02 -72.77
C GLU D 263 -33.72 -11.98 -71.32
N THR D 264 -33.15 -12.86 -70.50
CA THR D 264 -33.51 -12.87 -69.08
C THR D 264 -33.04 -11.60 -68.39
N CYS D 265 -31.80 -11.19 -68.66
CA CYS D 265 -31.23 -10.01 -68.03
C CYS D 265 -31.84 -8.71 -68.57
N ASP D 266 -32.46 -8.75 -69.76
CA ASP D 266 -33.25 -7.63 -70.21
C ASP D 266 -34.44 -7.37 -69.29
N VAL D 267 -34.88 -8.37 -68.54
CA VAL D 267 -36.01 -8.20 -67.63
C VAL D 267 -35.52 -7.92 -66.21
N VAL D 268 -34.72 -8.83 -65.66
CA VAL D 268 -34.30 -8.72 -64.26
C VAL D 268 -32.83 -8.30 -64.13
N PRO D 269 -32.48 -7.57 -63.06
CA PRO D 269 -33.33 -7.18 -61.94
C PRO D 269 -34.07 -5.85 -62.12
N ALA D 270 -33.95 -5.22 -63.29
CA ALA D 270 -34.57 -3.93 -63.49
C ALA D 270 -36.08 -4.00 -63.30
N HIS D 271 -36.69 -5.07 -63.81
CA HIS D 271 -38.13 -5.26 -63.78
C HIS D 271 -38.48 -6.51 -62.98
N LYS D 272 -39.73 -6.58 -62.57
CA LYS D 272 -40.25 -7.74 -61.86
C LYS D 272 -40.12 -8.98 -62.74
N PRO D 273 -39.81 -10.15 -62.17
CA PRO D 273 -39.69 -11.36 -63.00
C PRO D 273 -41.04 -11.80 -63.54
N GLU D 274 -41.05 -12.25 -64.78
CA GLU D 274 -42.28 -12.78 -65.37
C GLU D 274 -42.30 -14.29 -65.52
N THR D 275 -41.15 -14.95 -65.47
CA THR D 275 -41.09 -16.39 -65.62
C THR D 275 -40.30 -17.02 -64.48
N TYR D 276 -40.49 -18.32 -64.33
CA TYR D 276 -39.75 -19.11 -63.36
C TYR D 276 -38.25 -18.94 -63.55
N HIS D 277 -37.79 -19.02 -64.81
CA HIS D 277 -36.38 -18.79 -65.12
C HIS D 277 -35.93 -17.42 -64.62
N GLN D 278 -36.71 -16.39 -64.90
CA GLN D 278 -36.35 -15.03 -64.50
C GLN D 278 -36.39 -14.87 -62.98
N ALA D 279 -37.35 -15.52 -62.31
CA ALA D 279 -37.43 -15.42 -60.86
C ALA D 279 -36.16 -15.96 -60.21
N ILE D 280 -35.64 -17.07 -60.72
CA ILE D 280 -34.40 -17.62 -60.19
C ILE D 280 -33.22 -16.69 -60.47
N GLN D 281 -33.14 -16.14 -61.69
CA GLN D 281 -32.07 -15.20 -62.01
C GLN D 281 -32.21 -13.91 -61.21
N MET D 282 -33.44 -13.46 -60.97
CA MET D 282 -33.64 -12.30 -60.12
C MET D 282 -33.08 -12.55 -58.72
N TYR D 283 -33.46 -13.67 -58.11
CA TYR D 283 -32.93 -13.97 -56.78
C TYR D 283 -31.41 -13.99 -56.80
N TRP D 284 -30.82 -14.66 -57.79
CA TRP D 284 -29.38 -14.83 -57.76
C TRP D 284 -28.66 -13.50 -57.93
N PHE D 285 -29.20 -12.61 -58.76
CA PHE D 285 -28.64 -11.27 -58.88
C PHE D 285 -28.69 -10.54 -57.55
N VAL D 286 -29.84 -10.62 -56.86
CA VAL D 286 -29.93 -10.01 -55.53
C VAL D 286 -28.91 -10.65 -54.60
N HIS D 287 -28.76 -11.97 -54.66
CA HIS D 287 -27.78 -12.67 -53.84
C HIS D 287 -26.38 -12.13 -54.10
N ILE D 288 -26.00 -12.03 -55.38
CA ILE D 288 -24.69 -11.50 -55.71
C ILE D 288 -24.54 -10.07 -55.18
N GLY D 289 -25.60 -9.28 -55.31
CA GLY D 289 -25.54 -7.90 -54.87
C GLY D 289 -25.32 -7.74 -53.38
N VAL D 290 -26.16 -8.38 -52.56
CA VAL D 290 -26.09 -8.12 -51.13
C VAL D 290 -24.82 -8.70 -50.52
N THR D 291 -24.30 -9.80 -51.08
CA THR D 291 -23.09 -10.42 -50.53
C THR D 291 -21.80 -9.82 -51.06
N THR D 292 -21.86 -8.94 -52.06
CA THR D 292 -20.69 -8.13 -52.42
C THR D 292 -20.79 -6.71 -51.90
N GLU D 293 -22.01 -6.26 -51.56
CA GLU D 293 -22.17 -5.02 -50.82
C GLU D 293 -21.38 -5.06 -49.51
N LEU D 294 -21.52 -6.15 -48.76
CA LEU D 294 -20.84 -6.36 -47.49
C LEU D 294 -20.56 -7.86 -47.34
N ASN D 295 -19.59 -8.20 -46.52
CA ASN D 295 -19.31 -9.61 -46.20
C ASN D 295 -20.24 -10.04 -45.07
N ILE D 296 -21.49 -10.33 -45.44
CA ILE D 296 -22.53 -10.55 -44.46
C ILE D 296 -22.53 -12.01 -43.99
N TRP D 297 -22.77 -12.21 -42.70
CA TRP D 297 -22.91 -13.55 -42.16
C TRP D 297 -23.97 -14.36 -42.92
N ASP D 298 -23.63 -15.61 -43.23
CA ASP D 298 -24.57 -16.55 -43.83
C ASP D 298 -25.03 -16.10 -45.21
N ALA D 299 -24.14 -15.47 -45.97
CA ALA D 299 -24.40 -15.10 -47.36
C ALA D 299 -25.81 -14.54 -47.56
N PHE D 300 -26.60 -15.19 -48.39
CA PHE D 300 -28.01 -14.85 -48.58
C PHE D 300 -28.76 -16.12 -48.90
N THR D 301 -30.08 -16.07 -48.81
CA THR D 301 -30.85 -17.24 -49.12
C THR D 301 -32.24 -16.82 -49.57
N PRO D 302 -32.84 -17.52 -50.53
CA PRO D 302 -34.23 -17.23 -50.89
C PRO D 302 -35.25 -17.62 -49.84
N GLY D 303 -34.85 -18.35 -48.80
CA GLY D 303 -35.76 -18.73 -47.74
C GLY D 303 -36.75 -19.79 -48.17
N ARG D 304 -38.02 -19.41 -48.28
CA ARG D 304 -39.10 -20.34 -48.64
C ARG D 304 -39.20 -20.43 -50.17
N LEU D 305 -38.14 -20.98 -50.77
CA LEU D 305 -38.02 -20.98 -52.22
C LEU D 305 -39.20 -21.63 -52.90
N ASP D 306 -39.68 -22.76 -52.36
CA ASP D 306 -40.78 -23.45 -53.02
C ASP D 306 -42.06 -22.63 -52.99
N GLN D 307 -42.24 -21.77 -51.98
CA GLN D 307 -43.43 -20.92 -51.96
C GLN D 307 -43.35 -19.83 -53.03
N HIS D 308 -42.17 -19.28 -53.27
CA HIS D 308 -42.03 -18.20 -54.24
C HIS D 308 -42.07 -18.72 -55.67
N LEU D 309 -41.45 -19.87 -55.93
CA LEU D 309 -41.35 -20.34 -57.30
C LEU D 309 -42.62 -21.02 -57.78
N ASN D 310 -43.42 -21.58 -56.88
CA ASN D 310 -44.56 -22.38 -57.32
C ASN D 310 -45.52 -21.59 -58.21
N PRO D 311 -45.89 -20.35 -57.90
CA PRO D 311 -46.74 -19.61 -58.84
C PRO D 311 -46.11 -19.46 -60.21
N PHE D 312 -44.81 -19.22 -60.27
CA PHE D 312 -44.14 -19.13 -61.57
C PHE D 312 -44.17 -20.47 -62.28
N TYR D 313 -43.94 -21.55 -61.55
CA TYR D 313 -43.93 -22.90 -62.12
C TYR D 313 -45.27 -23.23 -62.76
N GLU D 314 -46.36 -23.07 -62.00
CA GLU D 314 -47.68 -23.44 -62.49
C GLU D 314 -48.07 -22.64 -63.72
N ARG D 315 -47.86 -21.32 -63.70
CA ARG D 315 -48.22 -20.52 -64.87
C ARG D 315 -47.41 -20.93 -66.08
N ASP D 316 -46.10 -21.13 -65.90
CA ASP D 316 -45.25 -21.42 -67.04
C ASP D 316 -45.54 -22.78 -67.65
N VAL D 317 -45.82 -23.80 -66.83
CA VAL D 317 -46.13 -25.11 -67.41
C VAL D 317 -47.45 -25.05 -68.16
N GLU D 318 -48.44 -24.33 -67.60
CA GLU D 318 -49.70 -24.14 -68.29
C GLU D 318 -49.50 -23.40 -69.60
N ASN D 319 -48.70 -22.33 -69.58
CA ASN D 319 -48.42 -21.62 -70.83
C ASN D 319 -47.46 -22.38 -71.74
N GLY D 320 -47.00 -23.56 -71.34
CA GLY D 320 -46.19 -24.36 -72.23
C GLY D 320 -44.76 -23.95 -72.42
N ILE D 321 -44.19 -23.10 -71.56
CA ILE D 321 -42.79 -22.71 -71.71
C ILE D 321 -41.89 -23.41 -70.71
N LEU D 322 -42.44 -24.29 -69.88
CA LEU D 322 -41.70 -24.95 -68.81
C LEU D 322 -42.25 -26.34 -68.57
N ASP D 323 -41.37 -27.28 -68.22
CA ASP D 323 -41.79 -28.58 -67.72
C ASP D 323 -40.93 -28.96 -66.52
N ARG D 324 -41.28 -30.08 -65.88
CA ARG D 324 -40.60 -30.45 -64.65
C ARG D 324 -39.11 -30.64 -64.87
N ASP D 325 -38.71 -31.23 -66.00
CA ASP D 325 -37.30 -31.44 -66.27
C ASP D 325 -36.56 -30.12 -66.34
N ARG D 326 -37.12 -29.15 -67.05
CA ARG D 326 -36.47 -27.86 -67.18
C ARG D 326 -36.53 -27.10 -65.86
N ALA D 327 -37.65 -27.20 -65.14
CA ALA D 327 -37.70 -26.59 -63.82
C ALA D 327 -36.59 -27.15 -62.92
N GLN D 328 -36.36 -28.47 -62.97
CA GLN D 328 -35.28 -29.09 -62.20
C GLN D 328 -33.91 -28.69 -62.71
N GLU D 329 -33.74 -28.60 -64.04
CA GLU D 329 -32.46 -28.22 -64.60
C GLU D 329 -32.01 -26.83 -64.10
N LEU D 330 -32.93 -25.88 -64.05
CA LEU D 330 -32.59 -24.53 -63.60
C LEU D 330 -32.18 -24.52 -62.13
N LEU D 331 -32.88 -25.30 -61.30
CA LEU D 331 -32.52 -25.34 -59.88
C LEU D 331 -31.17 -26.04 -59.68
N GLU D 332 -30.89 -27.06 -60.49
CA GLU D 332 -29.56 -27.65 -60.44
C GLU D 332 -28.49 -26.63 -60.83
N CYS D 333 -28.81 -25.74 -61.77
CA CYS D 333 -27.89 -24.64 -62.05
C CYS D 333 -27.74 -23.73 -60.83
N LEU D 334 -28.85 -23.36 -60.20
CA LEU D 334 -28.82 -22.54 -58.99
C LEU D 334 -27.95 -23.19 -57.90
N TRP D 335 -28.16 -24.49 -57.67
CA TRP D 335 -27.39 -25.23 -56.67
C TRP D 335 -25.89 -25.07 -56.90
N VAL D 336 -25.46 -25.21 -58.15
CA VAL D 336 -24.03 -25.05 -58.44
C VAL D 336 -23.58 -23.61 -58.18
N LYS D 337 -24.44 -22.64 -58.48
CA LYS D 337 -24.07 -21.24 -58.25
C LYS D 337 -23.78 -20.98 -56.77
N PHE D 338 -24.63 -21.50 -55.87
CA PHE D 338 -24.33 -21.44 -54.45
C PHE D 338 -22.97 -22.05 -54.14
N ASN D 339 -22.71 -23.25 -54.71
CA ASN D 339 -21.50 -23.99 -54.38
C ASN D 339 -20.26 -23.32 -54.93
N ASN D 340 -20.42 -22.39 -55.87
CA ASN D 340 -19.31 -21.60 -56.39
C ASN D 340 -18.92 -20.43 -55.49
N GLN D 341 -19.68 -20.14 -54.42
CA GLN D 341 -19.39 -18.97 -53.60
C GLN D 341 -18.95 -19.39 -52.20
N PRO D 342 -17.65 -19.46 -51.91
CA PRO D 342 -17.22 -19.74 -50.55
C PRO D 342 -17.49 -18.55 -49.64
N ALA D 343 -17.55 -18.84 -48.35
CA ALA D 343 -17.46 -17.78 -47.35
C ALA D 343 -16.07 -17.13 -47.45
N PRO D 344 -15.99 -15.80 -47.54
CA PRO D 344 -14.69 -15.16 -47.69
C PRO D 344 -13.77 -15.56 -46.56
N PRO D 345 -12.46 -15.51 -46.80
CA PRO D 345 -11.52 -16.13 -45.86
C PRO D 345 -11.61 -15.51 -44.47
N LYS D 346 -11.54 -16.38 -43.46
CA LYS D 346 -11.52 -16.01 -42.06
C LYS D 346 -10.15 -16.33 -41.47
N VAL D 347 -9.76 -15.57 -40.45
CA VAL D 347 -8.54 -15.85 -39.70
C VAL D 347 -8.87 -15.76 -38.21
N GLY D 348 -7.92 -16.18 -37.40
CA GLY D 348 -8.04 -16.03 -35.95
C GLY D 348 -9.29 -16.70 -35.39
N ILE D 349 -9.93 -16.01 -34.44
CA ILE D 349 -11.06 -16.62 -33.74
C ILE D 349 -12.22 -16.88 -34.69
N THR D 350 -12.45 -15.96 -35.64
CA THR D 350 -13.54 -16.15 -36.59
C THR D 350 -13.40 -17.48 -37.33
N LEU D 351 -12.18 -17.86 -37.73
CA LEU D 351 -11.99 -19.18 -38.33
C LEU D 351 -12.35 -20.28 -37.33
N LYS D 352 -11.88 -20.16 -36.08
CA LYS D 352 -12.09 -21.20 -35.08
C LYS D 352 -13.57 -21.49 -34.84
N GLU D 353 -14.42 -20.45 -34.85
CA GLU D 353 -15.84 -20.64 -34.58
C GLU D 353 -16.63 -21.03 -35.81
N SER D 354 -16.07 -20.87 -37.01
CA SER D 354 -16.77 -21.16 -38.25
C SER D 354 -15.75 -21.73 -39.25
N SER D 355 -15.23 -22.92 -38.95
CA SER D 355 -14.05 -23.44 -39.67
C SER D 355 -14.51 -24.21 -40.90
N THR D 356 -14.88 -23.46 -41.94
CA THR D 356 -15.50 -24.06 -43.11
C THR D 356 -15.43 -23.11 -44.29
N TYR D 357 -15.45 -23.69 -45.50
CA TYR D 357 -15.68 -22.92 -46.72
C TYR D 357 -17.15 -22.56 -46.91
N THR D 358 -18.06 -23.27 -46.28
CA THR D 358 -19.47 -23.04 -46.54
C THR D 358 -19.93 -21.74 -45.91
N ASP D 359 -20.99 -21.15 -46.47
CA ASP D 359 -21.50 -19.86 -46.00
C ASP D 359 -22.94 -19.92 -45.56
N PHE D 360 -23.46 -21.12 -45.27
CA PHE D 360 -24.69 -21.29 -44.52
C PHE D 360 -25.89 -20.61 -45.19
N ALA D 361 -26.04 -20.84 -46.49
CA ALA D 361 -27.20 -20.35 -47.24
C ALA D 361 -28.31 -21.38 -47.10
N ASN D 362 -29.25 -21.09 -46.21
CA ASN D 362 -30.21 -22.06 -45.71
C ASN D 362 -31.54 -21.91 -46.42
N ILE D 363 -31.94 -22.95 -47.15
CA ILE D 363 -33.22 -22.97 -47.85
C ILE D 363 -34.19 -23.83 -47.05
N ASN D 364 -35.39 -23.32 -46.82
CA ASN D 364 -36.44 -24.02 -46.08
C ASN D 364 -37.49 -24.51 -47.07
N THR D 365 -37.60 -25.82 -47.23
CA THR D 365 -38.57 -26.43 -48.14
C THR D 365 -39.65 -27.19 -47.35
N GLY D 366 -40.90 -27.05 -47.80
CA GLY D 366 -42.03 -27.69 -47.15
C GLY D 366 -42.89 -26.68 -46.42
N GLY D 367 -43.03 -26.86 -45.12
CA GLY D 367 -43.63 -25.87 -44.24
C GLY D 367 -45.05 -25.51 -44.62
N ILE D 368 -45.40 -24.25 -44.36
CA ILE D 368 -46.75 -23.75 -44.62
C ILE D 368 -46.67 -22.59 -45.60
N ASN D 369 -47.80 -22.36 -46.27
CA ASN D 369 -47.92 -21.25 -47.20
C ASN D 369 -48.32 -19.99 -46.44
N PRO D 370 -48.34 -18.85 -47.11
CA PRO D 370 -48.66 -17.59 -46.43
C PRO D 370 -50.01 -17.60 -45.74
N ASP D 371 -50.94 -18.47 -46.14
CA ASP D 371 -52.19 -18.57 -45.40
C ASP D 371 -52.10 -19.49 -44.19
N GLY D 372 -50.97 -20.16 -43.99
CA GLY D 372 -50.81 -21.03 -42.85
C GLY D 372 -51.21 -22.48 -43.06
N GLN D 373 -51.53 -22.88 -44.27
CA GLN D 373 -51.89 -24.26 -44.54
C GLN D 373 -50.71 -25.00 -45.17
N ASP D 374 -50.87 -26.31 -45.32
CA ASP D 374 -49.84 -27.17 -45.88
C ASP D 374 -49.22 -26.57 -47.14
N GLY D 375 -47.90 -26.38 -47.12
CA GLY D 375 -47.18 -25.73 -48.18
C GLY D 375 -46.44 -26.61 -49.16
N VAL D 376 -46.40 -27.92 -48.93
CA VAL D 376 -45.74 -28.81 -49.87
C VAL D 376 -46.44 -28.70 -51.22
N ASN D 377 -45.65 -28.47 -52.27
CA ASN D 377 -46.16 -28.31 -53.63
C ASN D 377 -45.18 -29.00 -54.58
N GLU D 378 -45.41 -28.89 -55.89
CA GLU D 378 -44.57 -29.63 -56.83
C GLU D 378 -43.12 -29.15 -56.79
N VAL D 379 -42.89 -27.85 -56.57
CA VAL D 379 -41.53 -27.36 -56.47
C VAL D 379 -40.83 -27.97 -55.27
N SER D 380 -41.56 -28.16 -54.18
CA SER D 380 -40.95 -28.78 -53.00
C SER D 380 -40.29 -30.09 -53.36
N TYR D 381 -41.00 -30.95 -54.12
CA TYR D 381 -40.45 -32.24 -54.51
C TYR D 381 -39.33 -32.09 -55.52
N ILE D 382 -39.42 -31.10 -56.41
CA ILE D 382 -38.31 -30.85 -57.33
C ILE D 382 -37.05 -30.51 -56.55
N ILE D 383 -37.17 -29.64 -55.54
CA ILE D 383 -36.00 -29.26 -54.75
C ILE D 383 -35.39 -30.48 -54.06
N LEU D 384 -36.24 -31.34 -53.49
CA LEU D 384 -35.72 -32.59 -52.92
C LEU D 384 -34.97 -33.40 -53.96
N ASP D 385 -35.51 -33.46 -55.19
CA ASP D 385 -34.83 -34.18 -56.26
C ASP D 385 -33.48 -33.56 -56.59
N VAL D 386 -33.40 -32.22 -56.67
CA VAL D 386 -32.12 -31.64 -57.07
C VAL D 386 -31.10 -31.76 -55.95
N MET D 387 -31.52 -31.58 -54.68
CA MET D 387 -30.52 -31.68 -53.61
C MET D 387 -30.00 -33.10 -53.51
N ASP D 388 -30.88 -34.08 -53.70
CA ASP D 388 -30.47 -35.48 -53.69
C ASP D 388 -29.44 -35.76 -54.78
N GLU D 389 -29.75 -35.36 -56.02
CA GLU D 389 -28.83 -35.60 -57.13
C GLU D 389 -27.51 -34.85 -56.96
N MET D 390 -27.58 -33.55 -56.66
CA MET D 390 -26.38 -32.72 -56.74
C MET D 390 -25.41 -33.04 -55.62
N LYS D 391 -25.92 -33.43 -54.46
CA LYS D 391 -25.10 -33.74 -53.30
C LYS D 391 -24.01 -32.68 -53.11
N LEU D 392 -24.44 -31.43 -52.98
CA LEU D 392 -23.55 -30.30 -52.74
C LEU D 392 -23.76 -29.74 -51.33
N ILE D 393 -22.67 -29.39 -50.64
CA ILE D 393 -22.84 -28.91 -49.28
C ILE D 393 -23.30 -27.45 -49.23
N GLN D 394 -23.29 -26.76 -50.36
CA GLN D 394 -24.01 -25.50 -50.54
C GLN D 394 -24.94 -25.66 -51.74
N PRO D 395 -26.17 -25.16 -51.62
CA PRO D 395 -26.72 -24.55 -50.41
C PRO D 395 -27.00 -25.56 -49.29
N SER D 396 -27.44 -25.06 -48.13
CA SER D 396 -27.86 -25.92 -47.02
C SER D 396 -29.36 -26.14 -47.20
N SER D 397 -29.72 -27.28 -47.82
CA SER D 397 -31.08 -27.54 -48.29
C SER D 397 -31.82 -28.36 -47.24
N ASN D 398 -32.79 -27.74 -46.57
CA ASN D 398 -33.44 -28.35 -45.41
C ASN D 398 -34.94 -28.35 -45.62
N VAL D 399 -35.66 -28.99 -44.70
CA VAL D 399 -37.11 -29.11 -44.79
C VAL D 399 -37.74 -28.61 -43.49
N GLN D 400 -38.88 -27.94 -43.63
CA GLN D 400 -39.78 -27.61 -42.52
C GLN D 400 -40.88 -28.65 -42.46
N ILE D 401 -41.09 -29.25 -41.30
CA ILE D 401 -42.11 -30.27 -41.07
C ILE D 401 -43.18 -29.66 -40.17
N SER D 402 -44.39 -29.63 -40.67
CA SER D 402 -45.56 -29.19 -39.92
C SER D 402 -46.40 -30.41 -39.57
N LYS D 403 -47.26 -30.25 -38.57
CA LYS D 403 -48.32 -31.24 -38.37
C LYS D 403 -49.17 -31.37 -39.61
N LYS D 404 -49.15 -30.37 -40.49
CA LYS D 404 -49.87 -30.37 -41.76
C LYS D 404 -49.09 -31.00 -42.90
N THR D 405 -47.85 -31.39 -42.68
CA THR D 405 -47.02 -31.91 -43.77
C THR D 405 -47.40 -33.34 -44.10
N PRO D 406 -47.58 -33.68 -45.37
CA PRO D 406 -47.87 -35.07 -45.75
C PRO D 406 -46.71 -35.99 -45.41
N GLN D 407 -47.05 -37.19 -44.90
CA GLN D 407 -46.00 -38.13 -44.52
C GLN D 407 -45.09 -38.46 -45.69
N LYS D 408 -45.63 -38.45 -46.91
CA LYS D 408 -44.80 -38.74 -48.07
C LYS D 408 -43.63 -37.77 -48.17
N PHE D 409 -43.85 -36.49 -47.87
CA PHE D 409 -42.76 -35.52 -47.94
C PHE D 409 -41.72 -35.79 -46.86
N LEU D 410 -42.16 -35.99 -45.62
CA LEU D 410 -41.23 -36.29 -44.55
C LEU D 410 -40.39 -37.53 -44.86
N LYS D 411 -41.02 -38.59 -45.38
CA LYS D 411 -40.27 -39.80 -45.64
C LYS D 411 -39.28 -39.61 -46.77
N ARG D 412 -39.66 -38.83 -47.80
CA ARG D 412 -38.71 -38.52 -48.86
C ARG D 412 -37.49 -37.79 -48.30
N ALA D 413 -37.72 -36.83 -47.40
CA ALA D 413 -36.62 -36.12 -46.75
C ALA D 413 -35.77 -37.06 -45.90
N CYS D 414 -36.40 -37.98 -45.17
CA CYS D 414 -35.63 -38.98 -44.42
C CYS D 414 -34.85 -39.88 -45.37
N GLU D 415 -35.43 -40.22 -46.52
CA GLU D 415 -34.68 -41.01 -47.49
C GLU D 415 -33.37 -40.33 -47.85
N ILE D 416 -33.40 -39.02 -48.05
CA ILE D 416 -32.15 -38.33 -48.39
C ILE D 416 -31.23 -38.29 -47.19
N SER D 417 -31.77 -37.96 -46.00
CA SER D 417 -30.95 -37.91 -44.79
C SER D 417 -30.26 -39.23 -44.54
N ARG D 418 -30.94 -40.34 -44.81
CA ARG D 418 -30.37 -41.66 -44.56
C ARG D 418 -29.16 -41.93 -45.42
N LYS D 419 -28.99 -41.23 -46.54
CA LYS D 419 -27.80 -41.44 -47.36
C LYS D 419 -26.52 -40.97 -46.66
N GLY D 420 -26.62 -40.28 -45.54
CA GLY D 420 -25.47 -40.09 -44.67
C GLY D 420 -24.58 -38.90 -44.96
N TRP D 421 -25.00 -37.93 -45.77
CA TRP D 421 -24.22 -36.71 -45.91
C TRP D 421 -24.84 -35.52 -45.18
N GLY D 422 -25.79 -35.78 -44.28
CA GLY D 422 -26.25 -34.77 -43.34
C GLY D 422 -27.50 -34.01 -43.71
N GLN D 423 -27.59 -33.55 -44.96
CA GLN D 423 -28.77 -32.82 -45.42
C GLN D 423 -29.84 -33.84 -45.76
N PRO D 424 -31.11 -33.47 -45.55
CA PRO D 424 -31.59 -32.22 -44.97
C PRO D 424 -31.67 -32.25 -43.44
N ALA D 425 -31.56 -31.09 -42.80
CA ALA D 425 -32.00 -30.99 -41.43
C ALA D 425 -33.51 -30.83 -41.39
N PHE D 426 -34.09 -31.09 -40.23
CA PHE D 426 -35.53 -31.03 -40.02
C PHE D 426 -35.86 -29.92 -39.03
N TYR D 427 -36.83 -29.08 -39.37
CA TYR D 427 -37.28 -27.98 -38.51
C TYR D 427 -38.78 -28.08 -38.26
N ASN D 428 -39.18 -27.77 -37.03
CA ASN D 428 -40.58 -27.85 -36.60
C ASN D 428 -41.29 -26.53 -36.94
N THR D 429 -42.17 -26.57 -37.94
CA THR D 429 -42.91 -25.37 -38.36
C THR D 429 -43.70 -24.77 -37.21
N GLU D 430 -44.39 -25.61 -36.43
CA GLU D 430 -45.20 -25.09 -35.34
C GLU D 430 -44.35 -24.44 -34.26
N ALA D 431 -43.14 -24.96 -34.03
CA ALA D 431 -42.24 -24.31 -33.07
C ALA D 431 -41.78 -22.96 -33.61
N ILE D 432 -41.38 -22.93 -34.88
CA ILE D 432 -40.95 -21.71 -35.53
C ILE D 432 -42.00 -20.61 -35.38
N VAL D 433 -43.25 -20.92 -35.72
CA VAL D 433 -44.31 -19.93 -35.70
C VAL D 433 -44.52 -19.38 -34.29
N GLN D 434 -44.57 -20.27 -33.29
CA GLN D 434 -44.76 -19.82 -31.92
C GLN D 434 -43.55 -19.05 -31.38
N GLU D 435 -42.33 -19.46 -31.74
CA GLU D 435 -41.15 -18.68 -31.36
C GLU D 435 -41.26 -17.25 -31.89
N LEU D 436 -41.65 -17.11 -33.16
CA LEU D 436 -41.81 -15.79 -33.73
C LEU D 436 -42.87 -14.99 -32.99
N MET D 437 -44.02 -15.60 -32.68
CA MET D 437 -45.07 -14.87 -31.99
C MET D 437 -44.66 -14.52 -30.57
N GLU D 438 -43.93 -15.42 -29.90
CA GLU D 438 -43.43 -15.11 -28.57
C GLU D 438 -42.55 -13.86 -28.58
N ALA D 439 -41.82 -13.65 -29.68
CA ALA D 439 -40.94 -12.49 -29.87
C ALA D 439 -41.68 -11.25 -30.39
N GLY D 440 -42.97 -11.34 -30.65
CA GLY D 440 -43.74 -10.17 -31.07
C GLY D 440 -44.14 -10.15 -32.54
N LYS D 441 -43.83 -11.19 -33.31
CA LYS D 441 -44.29 -11.23 -34.69
C LYS D 441 -45.79 -11.49 -34.73
N THR D 442 -46.48 -10.82 -35.63
CA THR D 442 -47.88 -11.16 -35.85
C THR D 442 -47.99 -12.53 -36.51
N ILE D 443 -49.14 -13.16 -36.38
CA ILE D 443 -49.33 -14.48 -37.00
C ILE D 443 -49.18 -14.37 -38.52
N GLU D 444 -49.65 -13.27 -39.08
CA GLU D 444 -49.54 -13.08 -40.52
C GLU D 444 -48.08 -13.04 -40.97
N ASP D 445 -47.22 -12.34 -40.22
CA ASP D 445 -45.81 -12.31 -40.57
C ASP D 445 -45.11 -13.61 -40.21
N ALA D 446 -45.49 -14.24 -39.09
CA ALA D 446 -44.84 -15.46 -38.68
C ALA D 446 -45.03 -16.57 -39.70
N ARG D 447 -46.18 -16.60 -40.38
CA ARG D 447 -46.38 -17.62 -41.39
C ARG D 447 -45.40 -17.50 -42.55
N LEU D 448 -44.69 -16.38 -42.66
CA LEU D 448 -43.70 -16.19 -43.70
C LEU D 448 -42.30 -16.55 -43.25
N GLY D 449 -42.14 -17.01 -42.01
CA GLY D 449 -40.84 -17.19 -41.42
C GLY D 449 -40.27 -18.58 -41.58
N GLY D 450 -39.12 -18.78 -40.95
CA GLY D 450 -38.44 -20.05 -41.02
C GLY D 450 -37.13 -19.94 -40.27
N THR D 451 -36.18 -20.80 -40.61
CA THR D 451 -34.86 -20.76 -40.01
C THR D 451 -33.83 -20.47 -41.08
N SER D 452 -32.74 -19.82 -40.68
CA SER D 452 -31.61 -19.59 -41.57
C SER D 452 -30.31 -19.93 -40.85
N GLY D 453 -29.20 -19.74 -41.53
CA GLY D 453 -27.92 -20.08 -40.96
C GLY D 453 -27.92 -21.54 -40.55
N CYS D 454 -27.72 -21.81 -39.27
CA CYS D 454 -27.79 -23.19 -38.78
C CYS D 454 -29.20 -23.59 -38.36
N VAL D 455 -29.79 -22.87 -37.40
CA VAL D 455 -31.10 -23.21 -36.85
C VAL D 455 -31.88 -21.95 -36.45
N GLU D 456 -31.45 -20.78 -36.92
CA GLU D 456 -31.90 -19.52 -36.31
C GLU D 456 -33.26 -19.08 -36.86
N THR D 457 -34.20 -18.86 -35.96
CA THR D 457 -35.55 -18.49 -36.36
C THR D 457 -35.63 -16.99 -36.73
N GLY D 458 -36.30 -16.70 -37.83
CA GLY D 458 -36.46 -15.32 -38.27
C GLY D 458 -37.68 -15.12 -39.16
N CYS D 459 -38.10 -13.87 -39.23
CA CYS D 459 -39.24 -13.50 -40.07
C CYS D 459 -38.65 -12.95 -41.36
N PHE D 460 -38.61 -13.83 -42.37
CA PHE D 460 -37.89 -13.59 -43.61
C PHE D 460 -38.36 -12.33 -44.32
N GLY D 461 -37.42 -11.48 -44.70
CA GLY D 461 -37.74 -10.27 -45.42
C GLY D 461 -38.31 -9.17 -44.57
N LYS D 462 -38.44 -9.37 -43.26
CA LYS D 462 -39.02 -8.37 -42.39
C LYS D 462 -38.22 -8.19 -41.10
N GLU D 463 -37.06 -8.81 -40.97
CA GLU D 463 -36.40 -8.81 -39.68
C GLU D 463 -34.89 -8.69 -39.82
N ALA D 464 -34.31 -7.90 -38.93
CA ALA D 464 -32.89 -7.97 -38.63
C ALA D 464 -32.73 -8.78 -37.36
N TYR D 465 -32.20 -9.98 -37.48
CA TYR D 465 -31.98 -10.87 -36.33
C TYR D 465 -30.52 -11.28 -36.36
N VAL D 466 -29.73 -10.56 -35.56
CA VAL D 466 -28.28 -10.53 -35.65
C VAL D 466 -27.71 -11.43 -34.56
N LEU D 467 -26.81 -12.32 -34.94
CA LEU D 467 -26.03 -13.08 -33.99
C LEU D 467 -24.80 -12.28 -33.61
N THR D 468 -24.51 -12.19 -32.31
CA THR D 468 -23.37 -11.39 -31.84
C THR D 468 -22.18 -12.23 -31.38
N GLY D 469 -22.35 -13.52 -31.15
CA GLY D 469 -21.21 -14.35 -30.81
C GLY D 469 -21.59 -15.47 -29.86
N TYR D 470 -20.72 -16.48 -29.79
CA TYR D 470 -20.95 -17.61 -28.90
C TYR D 470 -20.51 -17.27 -27.47
N MET D 471 -21.18 -17.90 -26.51
CA MET D 471 -20.90 -17.72 -25.09
C MET D 471 -20.47 -19.06 -24.48
N ASN D 472 -19.32 -19.06 -23.81
CA ASN D 472 -18.74 -20.30 -23.28
C ASN D 472 -19.31 -20.58 -21.90
N ILE D 473 -20.52 -21.15 -21.89
CA ILE D 473 -21.22 -21.38 -20.61
C ILE D 473 -20.44 -22.30 -19.70
N PRO D 474 -19.86 -23.42 -20.16
CA PRO D 474 -19.06 -24.25 -19.23
C PRO D 474 -17.90 -23.48 -18.61
N LYS D 475 -17.22 -22.64 -19.39
CA LYS D 475 -16.09 -21.91 -18.82
C LYS D 475 -16.55 -20.87 -17.80
N ILE D 476 -17.82 -20.44 -17.86
CA ILE D 476 -18.35 -19.59 -16.82
C ILE D 476 -18.41 -20.34 -15.49
N LEU D 477 -18.78 -21.63 -15.53
CA LEU D 477 -18.69 -22.46 -14.33
C LEU D 477 -17.25 -22.61 -13.88
N GLU D 478 -16.32 -22.78 -14.82
CA GLU D 478 -14.91 -22.85 -14.43
C GLU D 478 -14.47 -21.59 -13.69
N LEU D 479 -14.89 -20.41 -14.14
CA LEU D 479 -14.60 -19.17 -13.40
C LEU D 479 -15.23 -19.21 -12.01
N THR D 480 -16.48 -19.68 -11.93
CA THR D 480 -17.15 -19.79 -10.64
C THR D 480 -16.34 -20.65 -9.68
N LEU D 481 -15.89 -21.81 -10.15
CA LEU D 481 -15.15 -22.71 -9.30
C LEU D 481 -13.76 -22.20 -8.95
N ASN D 482 -13.29 -21.14 -9.59
CA ASN D 482 -11.97 -20.60 -9.30
C ASN D 482 -12.04 -19.17 -8.78
N ASN D 483 -13.19 -18.75 -8.26
CA ASN D 483 -13.35 -17.42 -7.67
C ASN D 483 -12.99 -16.33 -8.67
N GLY D 484 -13.43 -16.50 -9.93
CA GLY D 484 -13.20 -15.53 -10.97
C GLY D 484 -11.90 -15.70 -11.71
N TYR D 485 -11.02 -16.57 -11.23
CA TYR D 485 -9.73 -16.81 -11.85
C TYR D 485 -9.83 -17.85 -12.96
N ASP D 486 -9.15 -17.58 -14.08
CA ASP D 486 -9.10 -18.50 -15.20
C ASP D 486 -7.83 -19.34 -15.14
N PRO D 487 -7.91 -20.64 -14.89
CA PRO D 487 -6.68 -21.45 -14.78
C PRO D 487 -5.91 -21.58 -16.08
N ILE D 488 -6.52 -21.31 -17.23
CA ILE D 488 -5.85 -21.49 -18.51
C ILE D 488 -5.08 -20.23 -18.88
N SER D 489 -5.78 -19.08 -18.94
CA SER D 489 -5.08 -17.84 -19.20
C SER D 489 -4.31 -17.34 -17.97
N LYS D 490 -4.57 -17.94 -16.81
CA LYS D 490 -3.88 -17.57 -15.57
C LYS D 490 -4.07 -16.09 -15.30
N LYS D 491 -5.28 -15.63 -15.53
CA LYS D 491 -5.66 -14.24 -15.36
C LYS D 491 -7.00 -14.19 -14.62
N GLN D 492 -7.24 -13.08 -13.94
CA GLN D 492 -8.53 -12.83 -13.32
C GLN D 492 -9.47 -12.33 -14.41
N ILE D 493 -10.35 -13.22 -14.88
CA ILE D 493 -11.26 -12.89 -15.97
C ILE D 493 -12.66 -12.56 -15.46
N GLY D 494 -13.11 -13.25 -14.41
CA GLY D 494 -14.40 -13.00 -13.82
C GLY D 494 -14.31 -12.18 -12.56
N ILE D 495 -15.35 -12.30 -11.73
CA ILE D 495 -15.42 -11.57 -10.47
C ILE D 495 -15.25 -12.55 -9.31
N GLU D 496 -15.03 -12.01 -8.11
CA GLU D 496 -14.83 -12.84 -6.91
C GLU D 496 -16.19 -13.18 -6.32
N THR D 497 -16.71 -14.36 -6.65
CA THR D 497 -17.98 -14.83 -6.10
C THR D 497 -17.81 -15.69 -4.86
N GLY D 498 -16.57 -15.98 -4.46
CA GLY D 498 -16.32 -16.69 -3.24
C GLY D 498 -15.49 -17.95 -3.42
N ASP D 499 -14.84 -18.36 -2.37
CA ASP D 499 -14.18 -19.64 -2.35
C ASP D 499 -15.25 -20.72 -2.35
N PRO D 500 -15.32 -21.58 -3.38
CA PRO D 500 -16.41 -22.57 -3.41
C PRO D 500 -16.38 -23.52 -2.23
N ARG D 501 -15.20 -23.72 -1.59
CA ARG D 501 -15.12 -24.58 -0.42
C ARG D 501 -15.98 -24.07 0.73
N ASN D 502 -16.34 -22.79 0.73
CA ASN D 502 -17.20 -22.27 1.79
C ASN D 502 -18.68 -22.33 1.48
N PHE D 503 -19.08 -22.75 0.28
CA PHE D 503 -20.51 -22.84 -0.03
C PHE D 503 -21.11 -24.00 0.76
N GLN D 504 -22.24 -23.74 1.43
CA GLN D 504 -22.88 -24.71 2.30
C GLN D 504 -24.04 -25.44 1.63
N SER D 505 -24.36 -25.12 0.38
CA SER D 505 -25.48 -25.76 -0.28
C SER D 505 -25.30 -25.63 -1.78
N TYR D 506 -25.94 -26.52 -2.52
CA TYR D 506 -25.91 -26.40 -3.97
C TYR D 506 -26.51 -25.08 -4.41
N GLU D 507 -27.54 -24.61 -3.70
CA GLU D 507 -28.16 -23.34 -4.04
C GLU D 507 -27.16 -22.19 -3.98
N GLU D 508 -26.29 -22.19 -2.97
CA GLU D 508 -25.26 -21.16 -2.88
C GLU D 508 -24.31 -21.21 -4.07
N LEU D 509 -23.91 -22.41 -4.48
CA LEU D 509 -23.05 -22.55 -5.64
C LEU D 509 -23.74 -22.05 -6.91
N PHE D 510 -25.01 -22.42 -7.11
CA PHE D 510 -25.68 -22.02 -8.33
C PHE D 510 -25.87 -20.50 -8.40
N GLU D 511 -26.10 -19.86 -7.25
CA GLU D 511 -26.14 -18.39 -7.21
C GLU D 511 -24.80 -17.80 -7.64
N ALA D 512 -23.70 -18.31 -7.09
CA ALA D 512 -22.39 -17.84 -7.52
C ALA D 512 -22.21 -17.99 -9.03
N PHE D 513 -22.65 -19.11 -9.60
CA PHE D 513 -22.60 -19.28 -11.04
C PHE D 513 -23.43 -18.22 -11.76
N LYS D 514 -24.65 -17.96 -11.28
CA LYS D 514 -25.48 -16.95 -11.90
C LYS D 514 -24.86 -15.56 -11.83
N LYS D 515 -24.13 -15.26 -10.76
CA LYS D 515 -23.46 -13.97 -10.69
C LYS D 515 -22.33 -13.89 -11.69
N GLN D 516 -21.57 -14.98 -11.89
CA GLN D 516 -20.54 -14.97 -12.92
C GLN D 516 -21.16 -14.79 -14.30
N LEU D 517 -22.28 -15.48 -14.55
CA LEU D 517 -23.00 -15.33 -15.81
C LEU D 517 -23.42 -13.89 -16.04
N HIS D 518 -24.01 -13.26 -15.02
CA HIS D 518 -24.43 -11.86 -15.15
C HIS D 518 -23.25 -10.97 -15.51
N TYR D 519 -22.11 -11.15 -14.85
CA TYR D 519 -20.96 -10.32 -15.16
C TYR D 519 -20.51 -10.53 -16.60
N MET D 520 -20.40 -11.78 -17.02
CA MET D 520 -19.88 -12.04 -18.36
C MET D 520 -20.85 -11.57 -19.43
N ILE D 521 -22.16 -11.73 -19.22
CA ILE D 521 -23.11 -11.21 -20.19
C ILE D 521 -23.04 -9.68 -20.23
N ASP D 522 -22.92 -9.06 -19.05
CA ASP D 522 -22.76 -7.60 -19.04
C ASP D 522 -21.56 -7.18 -19.87
N ILE D 523 -20.41 -7.86 -19.71
CA ILE D 523 -19.23 -7.51 -20.51
C ILE D 523 -19.54 -7.65 -22.00
N LYS D 524 -20.12 -8.78 -22.39
CA LYS D 524 -20.41 -9.03 -23.80
C LYS D 524 -21.39 -8.00 -24.35
N ILE D 525 -22.46 -7.72 -23.61
CA ILE D 525 -23.50 -6.80 -24.07
C ILE D 525 -22.96 -5.38 -24.20
N GLU D 526 -22.11 -4.94 -23.27
CA GLU D 526 -21.54 -3.61 -23.41
C GLU D 526 -20.72 -3.50 -24.69
N GLY D 527 -19.91 -4.53 -24.98
CA GLY D 527 -19.20 -4.55 -26.25
C GLY D 527 -20.14 -4.56 -27.44
N ASN D 528 -21.19 -5.38 -27.36
CA ASN D 528 -22.18 -5.44 -28.43
C ASN D 528 -22.77 -4.07 -28.72
N ALA D 529 -23.06 -3.28 -27.68
CA ALA D 529 -23.71 -1.98 -27.89
C ALA D 529 -22.81 -1.06 -28.71
N VAL D 530 -21.53 -0.98 -28.34
CA VAL D 530 -20.55 -0.23 -29.11
C VAL D 530 -20.53 -0.70 -30.55
N ILE D 531 -20.45 -2.01 -30.75
CA ILE D 531 -20.32 -2.58 -32.10
C ILE D 531 -21.58 -2.30 -32.92
N GLU D 532 -22.75 -2.36 -32.28
CA GLU D 532 -23.99 -2.07 -33.01
C GLU D 532 -23.96 -0.64 -33.57
N ASN D 533 -23.46 0.32 -32.79
CA ASN D 533 -23.32 1.69 -33.30
C ASN D 533 -22.35 1.74 -34.48
N ILE D 534 -21.19 1.10 -34.33
CA ILE D 534 -20.18 1.13 -35.37
C ILE D 534 -20.72 0.56 -36.68
N CYS D 535 -21.46 -0.56 -36.61
CA CYS D 535 -22.03 -1.13 -37.82
C CYS D 535 -23.12 -0.24 -38.39
N ALA D 536 -24.00 0.31 -37.55
CA ALA D 536 -25.05 1.18 -38.07
C ALA D 536 -24.44 2.40 -38.76
N LYS D 537 -23.34 2.92 -38.22
CA LYS D 537 -22.76 4.14 -38.76
C LYS D 537 -21.84 3.89 -39.94
N HIS D 538 -21.05 2.82 -39.90
CA HIS D 538 -20.01 2.61 -40.89
C HIS D 538 -20.28 1.45 -41.83
N MET D 539 -21.26 0.62 -41.55
CA MET D 539 -21.63 -0.45 -42.46
C MET D 539 -23.09 -0.33 -42.89
N PRO D 540 -23.61 0.85 -43.19
CA PRO D 540 -24.98 0.91 -43.70
C PRO D 540 -25.05 0.11 -44.98
N CYS D 541 -26.21 -0.50 -45.23
CA CYS D 541 -26.38 -1.42 -46.37
C CYS D 541 -27.60 -0.99 -47.19
N PRO D 542 -27.44 0.03 -48.03
CA PRO D 542 -28.60 0.52 -48.80
C PRO D 542 -29.22 -0.52 -49.72
N LEU D 543 -28.45 -1.43 -50.31
CA LEU D 543 -29.08 -2.41 -51.20
C LEU D 543 -30.00 -3.34 -50.41
N MET D 544 -29.50 -3.94 -49.33
CA MET D 544 -30.35 -4.79 -48.51
C MET D 544 -31.56 -4.03 -48.01
N SER D 545 -31.40 -2.74 -47.68
CA SER D 545 -32.52 -1.96 -47.20
C SER D 545 -33.65 -1.90 -48.21
N THR D 546 -33.34 -1.92 -49.51
CA THR D 546 -34.40 -1.78 -50.51
C THR D 546 -35.38 -2.95 -50.51
N ILE D 547 -34.99 -4.12 -49.99
CA ILE D 547 -35.82 -5.31 -50.11
C ILE D 547 -36.30 -5.83 -48.76
N VAL D 548 -36.06 -5.11 -47.69
CA VAL D 548 -36.50 -5.52 -46.39
C VAL D 548 -37.53 -4.58 -45.83
N ASP D 549 -38.64 -5.18 -45.47
CA ASP D 549 -39.71 -4.48 -44.87
C ASP D 549 -39.47 -3.63 -43.68
N ASP D 550 -39.99 -2.48 -44.03
CA ASP D 550 -40.15 -1.22 -43.52
C ASP D 550 -39.01 -0.28 -43.79
N CYS D 551 -37.91 -0.71 -44.44
CA CYS D 551 -36.84 0.28 -44.52
C CYS D 551 -37.26 1.48 -45.37
N ILE D 552 -37.88 1.25 -46.53
CA ILE D 552 -38.29 2.37 -47.38
C ILE D 552 -39.33 3.21 -46.67
N GLU D 553 -40.35 2.55 -46.12
CA GLU D 553 -41.42 3.29 -45.46
C GLU D 553 -40.89 4.12 -44.29
N LYS D 554 -39.96 3.57 -43.50
CA LYS D 554 -39.39 4.29 -42.37
C LYS D 554 -38.35 5.33 -42.78
N GLY D 555 -37.83 5.27 -43.99
CA GLY D 555 -36.65 6.06 -44.33
C GLY D 555 -35.48 5.75 -43.42
N LYS D 556 -35.21 4.47 -43.22
CA LYS D 556 -34.23 4.04 -42.23
C LYS D 556 -33.50 2.79 -42.72
N ASP D 557 -32.17 2.86 -42.74
CA ASP D 557 -31.35 1.78 -43.24
C ASP D 557 -31.54 0.52 -42.40
N TYR D 558 -31.40 -0.63 -43.07
CA TYR D 558 -31.53 -1.93 -42.41
C TYR D 558 -30.55 -2.06 -41.26
N GLN D 559 -29.35 -1.52 -41.41
CA GLN D 559 -28.30 -1.66 -40.41
C GLN D 559 -28.55 -0.82 -39.15
N ARG D 560 -29.59 -0.01 -39.10
CA ARG D 560 -29.86 0.77 -37.90
C ARG D 560 -31.32 0.72 -37.50
N GLY D 561 -32.03 -0.34 -37.86
CA GLY D 561 -33.37 -0.56 -37.36
C GLY D 561 -34.50 -0.37 -38.34
N GLY D 562 -34.22 -0.25 -39.64
CA GLY D 562 -35.30 -0.11 -40.60
C GLY D 562 -36.21 -1.32 -40.69
N ALA D 563 -35.71 -2.51 -40.32
CA ALA D 563 -36.53 -3.71 -40.37
C ALA D 563 -37.74 -3.59 -39.46
N ARG D 564 -38.82 -4.27 -39.85
CA ARG D 564 -40.03 -4.26 -39.03
C ARG D 564 -39.76 -4.84 -37.65
N TYR D 565 -38.96 -5.90 -37.58
CA TYR D 565 -38.61 -6.58 -36.34
C TYR D 565 -37.10 -6.53 -36.18
N ASN D 566 -36.66 -6.36 -34.93
CA ASN D 566 -35.24 -6.26 -34.63
C ASN D 566 -34.94 -7.04 -33.36
N THR D 567 -34.10 -8.05 -33.51
CA THR D 567 -33.65 -8.87 -32.41
C THR D 567 -32.15 -9.09 -32.55
N ARG D 568 -31.53 -9.38 -31.43
CA ARG D 568 -30.11 -9.69 -31.35
C ARG D 568 -29.94 -10.90 -30.44
N TYR D 569 -28.94 -11.74 -30.73
CA TYR D 569 -28.76 -13.01 -30.04
C TYR D 569 -27.35 -13.17 -29.50
N ILE D 570 -27.24 -13.89 -28.39
CA ILE D 570 -25.99 -14.48 -27.95
C ILE D 570 -26.19 -16.00 -27.94
N GLN D 571 -25.31 -16.71 -28.63
CA GLN D 571 -25.50 -18.15 -28.83
C GLN D 571 -24.88 -18.95 -27.70
N GLY D 572 -25.73 -19.69 -26.98
CA GLY D 572 -25.25 -20.48 -25.86
C GLY D 572 -24.63 -21.78 -26.34
N VAL D 573 -23.43 -22.06 -25.87
CA VAL D 573 -22.68 -23.25 -26.24
C VAL D 573 -22.44 -24.09 -24.99
N GLY D 574 -22.65 -25.41 -25.13
CA GLY D 574 -22.21 -26.35 -24.12
C GLY D 574 -23.20 -26.69 -23.04
N ILE D 575 -24.51 -26.62 -23.31
CA ILE D 575 -25.49 -26.85 -22.25
C ILE D 575 -25.32 -28.24 -21.65
N GLY D 576 -25.02 -29.24 -22.49
CA GLY D 576 -24.82 -30.59 -21.97
C GLY D 576 -23.65 -30.66 -21.00
N THR D 577 -22.51 -30.12 -21.41
CA THR D 577 -21.33 -30.14 -20.55
C THR D 577 -21.62 -29.48 -19.21
N ILE D 578 -22.23 -28.29 -19.20
CA ILE D 578 -22.41 -27.63 -17.91
C ILE D 578 -23.52 -28.30 -17.10
N THR D 579 -24.59 -28.79 -17.76
CA THR D 579 -25.63 -29.53 -17.06
C THR D 579 -25.04 -30.72 -16.29
N ASP D 580 -24.26 -31.55 -16.98
CA ASP D 580 -23.66 -32.70 -16.32
C ASP D 580 -22.66 -32.27 -15.27
N SER D 581 -21.98 -31.14 -15.47
CA SER D 581 -21.02 -30.67 -14.47
C SER D 581 -21.73 -30.24 -13.18
N LEU D 582 -22.73 -29.36 -13.31
CA LEU D 582 -23.47 -28.95 -12.12
C LEU D 582 -24.21 -30.13 -11.51
N THR D 583 -24.71 -31.05 -12.34
CA THR D 583 -25.33 -32.26 -11.78
C THR D 583 -24.32 -33.05 -10.94
N ALA D 584 -23.08 -33.21 -11.45
CA ALA D 584 -22.06 -33.93 -10.70
C ALA D 584 -21.77 -33.26 -9.36
N ILE D 585 -21.77 -31.93 -9.34
CA ILE D 585 -21.52 -31.21 -8.09
C ILE D 585 -22.67 -31.41 -7.13
N LYS D 586 -23.91 -31.20 -7.60
CA LYS D 586 -25.07 -31.38 -6.73
C LYS D 586 -25.14 -32.79 -6.18
N TYR D 587 -24.94 -33.78 -7.05
CA TYR D 587 -25.11 -35.18 -6.65
C TYR D 587 -24.00 -35.60 -5.69
N ASN D 588 -22.75 -35.29 -6.03
CA ASN D 588 -21.64 -35.84 -5.27
C ASN D 588 -21.23 -35.00 -4.06
N VAL D 589 -21.24 -33.68 -4.18
CA VAL D 589 -20.78 -32.85 -3.09
C VAL D 589 -21.90 -32.56 -2.09
N PHE D 590 -23.07 -32.12 -2.57
CA PHE D 590 -24.09 -31.59 -1.65
C PHE D 590 -25.21 -32.55 -1.33
N ASP D 591 -25.64 -33.38 -2.28
CA ASP D 591 -26.79 -34.25 -2.03
C ASP D 591 -26.34 -35.57 -1.42
N LYS D 592 -25.61 -36.40 -2.19
CA LYS D 592 -25.19 -37.71 -1.70
C LYS D 592 -23.95 -37.64 -0.81
N LYS D 593 -23.18 -36.55 -0.90
CA LYS D 593 -22.02 -36.35 -0.05
C LYS D 593 -20.97 -37.45 -0.18
N LYS D 594 -20.53 -37.71 -1.41
CA LYS D 594 -19.47 -38.68 -1.63
C LYS D 594 -18.06 -38.11 -1.53
N PHE D 595 -17.89 -36.82 -1.80
CA PHE D 595 -16.60 -36.15 -1.62
C PHE D 595 -16.89 -34.67 -1.48
N ASP D 596 -15.90 -33.91 -1.03
CA ASP D 596 -16.15 -32.49 -0.79
C ASP D 596 -15.61 -31.62 -1.91
N MET D 597 -15.94 -30.33 -1.82
CA MET D 597 -15.57 -29.40 -2.87
C MET D 597 -14.05 -29.30 -3.02
N ASP D 598 -13.33 -29.29 -1.91
CA ASP D 598 -11.88 -29.19 -1.99
C ASP D 598 -11.28 -30.35 -2.78
N THR D 599 -11.80 -31.57 -2.57
CA THR D 599 -11.31 -32.71 -3.33
C THR D 599 -11.62 -32.56 -4.81
N LEU D 600 -12.83 -32.12 -5.14
CA LEU D 600 -13.18 -31.93 -6.53
C LEU D 600 -12.26 -30.92 -7.20
N LEU D 601 -11.97 -29.80 -6.53
CA LEU D 601 -11.13 -28.78 -7.14
C LEU D 601 -9.72 -29.28 -7.37
N LYS D 602 -9.17 -30.03 -6.40
CA LYS D 602 -7.87 -30.66 -6.61
C LYS D 602 -7.91 -31.61 -7.79
N ALA D 603 -8.97 -32.42 -7.90
CA ALA D 603 -9.08 -33.35 -9.02
C ALA D 603 -9.07 -32.61 -10.35
N LEU D 604 -9.86 -31.54 -10.46
CA LEU D 604 -9.91 -30.74 -11.69
C LEU D 604 -8.56 -30.13 -12.00
N ASP D 605 -7.91 -29.54 -11.00
CA ASP D 605 -6.61 -28.94 -11.25
C ASP D 605 -5.58 -29.96 -11.71
N ALA D 606 -5.73 -31.22 -11.27
CA ALA D 606 -4.79 -32.26 -11.66
C ALA D 606 -5.21 -32.96 -12.94
N ASN D 607 -6.23 -32.47 -13.64
CA ASN D 607 -6.79 -33.15 -14.80
C ASN D 607 -7.15 -34.60 -14.47
N PHE D 608 -7.55 -34.83 -13.22
CA PHE D 608 -7.92 -36.11 -12.64
C PHE D 608 -6.77 -37.09 -12.47
N GLU D 609 -5.54 -36.71 -12.81
CA GLU D 609 -4.38 -37.57 -12.53
C GLU D 609 -4.21 -37.76 -11.03
N GLY D 610 -4.24 -39.01 -10.58
CA GLY D 610 -4.22 -39.28 -9.17
C GLY D 610 -5.56 -39.17 -8.51
N TYR D 611 -6.62 -38.91 -9.27
CA TYR D 611 -7.99 -38.89 -8.77
C TYR D 611 -8.88 -39.76 -9.63
N GLU D 612 -8.40 -40.95 -9.99
CA GLU D 612 -9.19 -41.84 -10.83
C GLU D 612 -10.54 -42.18 -10.22
N ALA D 613 -10.61 -42.29 -8.90
CA ALA D 613 -11.87 -42.64 -8.26
C ALA D 613 -12.91 -41.54 -8.42
N ILE D 614 -12.51 -40.28 -8.24
CA ILE D 614 -13.41 -39.16 -8.47
C ILE D 614 -13.86 -39.15 -9.93
N LEU D 615 -12.92 -39.31 -10.85
CA LEU D 615 -13.27 -39.36 -12.27
C LEU D 615 -14.29 -40.46 -12.55
N ASN D 616 -14.13 -41.62 -11.90
CA ASN D 616 -15.08 -42.71 -12.09
C ASN D 616 -16.48 -42.33 -11.60
N LEU D 617 -16.54 -41.69 -10.43
CA LEU D 617 -17.84 -41.32 -9.87
C LEU D 617 -18.58 -40.35 -10.78
N VAL D 618 -17.91 -39.29 -11.23
CA VAL D 618 -18.57 -38.26 -12.01
C VAL D 618 -18.87 -38.73 -13.43
N SER D 619 -18.04 -39.64 -13.98
CA SER D 619 -18.28 -40.11 -15.34
C SER D 619 -19.30 -41.23 -15.39
N ASN D 620 -19.28 -42.14 -14.43
CA ASN D 620 -20.01 -43.40 -14.57
C ASN D 620 -21.08 -43.63 -13.50
N LYS D 621 -21.06 -42.90 -12.39
CA LYS D 621 -21.98 -43.18 -11.29
C LYS D 621 -22.81 -41.97 -10.89
N THR D 622 -23.07 -41.07 -11.84
CA THR D 622 -23.75 -39.80 -11.63
C THR D 622 -24.80 -39.61 -12.72
N PRO D 623 -25.98 -39.08 -12.40
CA PRO D 623 -26.98 -38.86 -13.44
C PRO D 623 -26.45 -37.94 -14.53
N LYS D 624 -26.98 -38.15 -15.75
CA LYS D 624 -26.50 -37.48 -16.96
C LYS D 624 -27.68 -36.96 -17.78
N TYR D 625 -27.49 -35.79 -18.38
CA TYR D 625 -28.44 -35.23 -19.33
C TYR D 625 -28.57 -36.11 -20.58
N GLY D 626 -29.77 -36.19 -21.12
CA GLY D 626 -30.05 -36.97 -22.30
C GLY D 626 -30.58 -38.37 -22.04
N ASN D 627 -31.02 -38.66 -20.82
CA ASN D 627 -31.55 -39.97 -20.46
C ASN D 627 -32.98 -39.91 -19.94
N ASP D 628 -33.67 -38.80 -20.17
CA ASP D 628 -35.00 -38.59 -19.59
C ASP D 628 -34.96 -38.78 -18.07
N ASP D 629 -33.85 -38.39 -17.45
CA ASP D 629 -33.63 -38.49 -16.00
C ASP D 629 -33.79 -37.10 -15.40
N ASP D 630 -34.88 -36.91 -14.65
CA ASP D 630 -35.22 -35.57 -14.17
C ASP D 630 -34.17 -35.00 -13.21
N TYR D 631 -33.37 -35.83 -12.57
CA TYR D 631 -32.35 -35.29 -11.67
C TYR D 631 -31.41 -34.37 -12.44
N ALA D 632 -30.97 -34.82 -13.61
CA ALA D 632 -30.10 -33.99 -14.45
C ALA D 632 -30.91 -32.99 -15.26
N ASP D 633 -32.07 -33.40 -15.79
CA ASP D 633 -32.80 -32.54 -16.71
C ASP D 633 -33.39 -31.33 -16.01
N GLU D 634 -33.70 -31.43 -14.71
CA GLU D 634 -34.15 -30.25 -13.97
C GLU D 634 -33.01 -29.26 -13.81
N ILE D 635 -31.78 -29.76 -13.69
CA ILE D 635 -30.63 -28.87 -13.64
C ILE D 635 -30.41 -28.21 -14.99
N MET D 636 -30.54 -28.97 -16.08
CA MET D 636 -30.54 -28.36 -17.39
C MET D 636 -31.55 -27.22 -17.46
N GLN D 637 -32.77 -27.46 -16.98
CA GLN D 637 -33.80 -26.44 -17.06
C GLN D 637 -33.40 -25.20 -16.25
N GLU D 638 -32.82 -25.40 -15.07
CA GLU D 638 -32.39 -24.25 -14.27
C GLU D 638 -31.30 -23.46 -14.99
N ILE D 639 -30.34 -24.16 -15.59
CA ILE D 639 -29.29 -23.48 -16.33
C ILE D 639 -29.89 -22.74 -17.52
N PHE D 640 -30.74 -23.42 -18.28
CA PHE D 640 -31.39 -22.78 -19.42
C PHE D 640 -32.19 -21.55 -19.00
N ASN D 641 -32.98 -21.68 -17.92
CA ASN D 641 -33.74 -20.54 -17.46
C ASN D 641 -32.83 -19.40 -17.01
N ALA D 642 -31.72 -19.71 -16.36
CA ALA D 642 -30.80 -18.66 -15.95
C ALA D 642 -30.23 -17.94 -17.16
N TYR D 643 -29.84 -18.68 -18.19
CA TYR D 643 -29.32 -18.05 -19.40
C TYR D 643 -30.40 -17.21 -20.07
N TYR D 644 -31.60 -17.79 -20.23
CA TYR D 644 -32.71 -17.08 -20.82
C TYR D 644 -33.01 -15.79 -20.07
N ASN D 645 -33.09 -15.87 -18.74
CA ASN D 645 -33.44 -14.73 -17.92
C ASN D 645 -32.36 -13.65 -17.95
N GLU D 646 -31.09 -14.06 -18.04
CA GLU D 646 -30.00 -13.10 -18.02
C GLU D 646 -29.91 -12.29 -19.31
N VAL D 647 -30.29 -12.87 -20.44
CA VAL D 647 -30.10 -12.24 -21.75
C VAL D 647 -31.37 -11.58 -22.26
N THR D 648 -32.50 -12.28 -22.17
CA THR D 648 -33.68 -11.90 -22.92
C THR D 648 -34.31 -10.60 -22.41
N GLY D 649 -34.67 -9.72 -23.33
CA GLY D 649 -35.34 -8.49 -22.99
C GLY D 649 -34.43 -7.29 -22.78
N ARG D 650 -33.11 -7.48 -22.72
CA ARG D 650 -32.19 -6.36 -22.72
C ARG D 650 -32.34 -5.57 -24.03
N PRO D 651 -32.31 -4.23 -23.99
CA PRO D 651 -32.53 -3.46 -25.22
C PRO D 651 -31.32 -3.51 -26.14
N THR D 652 -31.59 -3.42 -27.44
CA THR D 652 -30.56 -3.17 -28.43
C THR D 652 -30.53 -1.68 -28.77
N VAL D 653 -29.43 -1.23 -29.36
CA VAL D 653 -29.26 0.20 -29.61
C VAL D 653 -30.32 0.71 -30.59
N CYS D 654 -30.68 -0.10 -31.58
CA CYS D 654 -31.57 0.37 -32.63
C CYS D 654 -33.02 -0.02 -32.42
N GLY D 655 -33.44 -0.25 -31.18
CA GLY D 655 -34.84 -0.34 -30.85
C GLY D 655 -35.44 -1.74 -30.78
N GLY D 656 -34.63 -2.79 -30.75
CA GLY D 656 -35.10 -4.12 -30.55
C GLY D 656 -34.76 -4.65 -29.18
N GLU D 657 -34.70 -5.98 -29.06
CA GLU D 657 -34.31 -6.62 -27.80
C GLU D 657 -33.42 -7.84 -28.06
N TYR D 658 -32.73 -8.25 -27.00
CA TYR D 658 -31.93 -9.46 -27.01
C TYR D 658 -32.77 -10.68 -26.72
N ARG D 659 -32.40 -11.78 -27.37
CA ARG D 659 -32.99 -13.08 -27.14
C ARG D 659 -31.88 -14.11 -27.21
N VAL D 660 -32.26 -15.36 -27.06
CA VAL D 660 -31.33 -16.44 -26.79
C VAL D 660 -31.57 -17.56 -27.81
N ASP D 661 -30.48 -18.19 -28.26
CA ASP D 661 -30.53 -19.42 -29.05
C ASP D 661 -29.35 -20.30 -28.62
N MET D 662 -29.32 -21.54 -29.13
CA MET D 662 -28.36 -22.57 -28.68
C MET D 662 -27.78 -23.28 -29.90
N LEU D 663 -26.60 -22.87 -30.36
CA LEU D 663 -25.93 -23.52 -31.47
C LEU D 663 -24.44 -23.25 -31.37
N PRO D 664 -23.60 -24.10 -31.96
CA PRO D 664 -22.15 -23.96 -31.76
C PRO D 664 -21.30 -23.76 -32.99
N THR D 665 -21.80 -24.14 -34.16
CA THR D 665 -20.98 -24.35 -35.35
C THR D 665 -19.73 -25.14 -34.96
N THR D 666 -18.53 -24.59 -35.12
CA THR D 666 -17.33 -25.29 -34.67
C THR D 666 -16.77 -24.71 -33.38
N CYS D 667 -17.50 -23.80 -32.73
CA CYS D 667 -16.99 -23.11 -31.55
C CYS D 667 -16.97 -24.01 -30.32
N HIS D 668 -17.70 -25.13 -30.32
CA HIS D 668 -17.61 -26.05 -29.18
C HIS D 668 -16.23 -26.71 -29.11
N ILE D 669 -15.54 -26.82 -30.25
CA ILE D 669 -14.17 -27.28 -30.23
C ILE D 669 -13.27 -26.25 -29.55
N TYR D 670 -13.33 -25.02 -30.04
CA TYR D 670 -12.52 -23.95 -29.48
C TYR D 670 -12.81 -23.76 -27.99
N PHE D 671 -14.09 -23.68 -27.63
CA PHE D 671 -14.42 -23.40 -26.24
C PHE D 671 -13.92 -24.49 -25.30
N GLY D 672 -13.89 -25.74 -25.75
CA GLY D 672 -13.30 -26.79 -24.93
C GLY D 672 -11.79 -26.77 -24.93
N GLU D 673 -11.17 -26.39 -26.05
CA GLU D 673 -9.72 -26.36 -26.14
C GLU D 673 -9.10 -25.39 -25.15
N ILE D 674 -9.76 -24.28 -24.83
CA ILE D 674 -9.18 -23.31 -23.91
C ILE D 674 -9.78 -23.43 -22.51
N MET D 675 -10.29 -24.60 -22.18
CA MET D 675 -10.88 -24.86 -20.88
C MET D 675 -10.18 -26.05 -20.22
N GLY D 676 -10.08 -26.01 -18.90
CA GLY D 676 -9.55 -27.13 -18.13
C GLY D 676 -10.58 -28.24 -18.01
N ALA D 677 -10.26 -29.22 -17.15
CA ALA D 677 -11.20 -30.29 -16.86
C ALA D 677 -12.48 -29.74 -16.22
N SER D 678 -13.59 -30.43 -16.43
CA SER D 678 -14.85 -30.01 -15.84
C SER D 678 -15.42 -31.09 -14.92
N PRO D 679 -16.31 -30.71 -14.00
CA PRO D 679 -16.75 -31.66 -12.97
C PRO D 679 -17.45 -32.89 -13.49
N ASN D 680 -17.95 -32.86 -14.72
CA ASN D 680 -18.65 -34.03 -15.25
C ASN D 680 -17.70 -35.14 -15.68
N GLY D 681 -16.40 -34.92 -15.66
CA GLY D 681 -15.44 -35.91 -16.10
C GLY D 681 -14.79 -35.63 -17.45
N ARG D 682 -15.22 -34.60 -18.15
CA ARG D 682 -14.55 -34.16 -19.37
C ARG D 682 -13.16 -33.66 -19.04
N LEU D 683 -12.15 -34.08 -19.80
CA LEU D 683 -10.77 -33.77 -19.49
C LEU D 683 -10.35 -32.43 -20.11
N CYS D 684 -9.22 -31.93 -19.65
CA CYS D 684 -8.69 -30.63 -20.06
C CYS D 684 -8.51 -30.57 -21.58
N ALA D 685 -8.93 -29.45 -22.16
CA ALA D 685 -8.78 -29.12 -23.57
C ALA D 685 -9.63 -29.97 -24.52
N LYS D 686 -10.50 -30.85 -23.99
CA LYS D 686 -11.44 -31.58 -24.84
C LYS D 686 -12.58 -30.67 -25.28
N PRO D 687 -13.20 -30.95 -26.43
CA PRO D 687 -14.37 -30.16 -26.83
C PRO D 687 -15.45 -30.17 -25.75
N VAL D 688 -16.27 -29.13 -25.74
CA VAL D 688 -17.50 -29.17 -24.97
C VAL D 688 -18.59 -29.76 -25.85
N SER D 689 -19.77 -30.03 -25.27
CA SER D 689 -20.85 -30.65 -26.03
C SER D 689 -21.36 -29.69 -27.11
N GLU D 690 -21.93 -30.28 -28.16
CA GLU D 690 -22.42 -29.57 -29.35
C GLU D 690 -23.94 -29.38 -29.29
N GLY D 691 -24.39 -28.18 -29.69
CA GLY D 691 -25.81 -27.86 -29.63
C GLY D 691 -26.43 -28.10 -28.26
N ILE D 692 -27.64 -28.65 -28.25
CA ILE D 692 -28.25 -29.15 -27.03
C ILE D 692 -28.12 -30.67 -26.91
N SER D 693 -27.19 -31.27 -27.65
CA SER D 693 -26.99 -32.71 -27.63
C SER D 693 -26.38 -33.13 -26.29
N PRO D 694 -26.47 -34.41 -25.97
CA PRO D 694 -25.82 -34.92 -24.74
C PRO D 694 -24.30 -34.81 -24.83
N GLU D 695 -23.67 -34.83 -23.66
CA GLU D 695 -22.22 -34.94 -23.57
C GLU D 695 -21.74 -36.29 -24.11
N LYS D 696 -20.44 -36.37 -24.38
CA LYS D 696 -19.86 -37.60 -24.88
C LYS D 696 -20.06 -38.72 -23.86
N GLY D 697 -20.65 -39.83 -24.32
CA GLY D 697 -20.99 -40.96 -23.49
C GLY D 697 -22.13 -40.72 -22.52
N GLY D 698 -22.81 -39.57 -22.60
CA GLY D 698 -23.80 -39.22 -21.61
C GLY D 698 -25.13 -39.93 -21.76
N ASP D 699 -25.59 -40.10 -22.98
CA ASP D 699 -26.88 -40.70 -23.26
C ASP D 699 -26.68 -42.21 -23.47
N THR D 700 -27.19 -43.02 -22.55
CA THR D 700 -27.03 -44.46 -22.64
C THR D 700 -28.38 -45.17 -22.70
N ASN D 701 -29.46 -44.45 -23.00
CA ASN D 701 -30.81 -45.00 -23.00
C ASN D 701 -31.52 -44.85 -24.33
N GLY D 702 -30.80 -44.57 -25.42
CA GLY D 702 -31.40 -44.56 -26.72
C GLY D 702 -31.92 -43.21 -27.14
N PRO D 703 -32.36 -43.11 -28.41
CA PRO D 703 -32.73 -41.79 -28.96
C PRO D 703 -34.07 -41.27 -28.46
N THR D 704 -35.02 -42.12 -28.11
CA THR D 704 -36.28 -41.59 -27.56
C THR D 704 -36.03 -40.88 -26.24
N ALA D 705 -35.11 -41.41 -25.42
CA ALA D 705 -34.79 -40.77 -24.15
C ALA D 705 -34.15 -39.40 -24.35
N VAL D 706 -33.31 -39.24 -25.38
CA VAL D 706 -32.68 -37.94 -25.56
C VAL D 706 -33.67 -36.91 -26.07
N ILE D 707 -34.58 -37.30 -26.98
CA ILE D 707 -35.51 -36.27 -27.44
C ILE D 707 -36.45 -35.88 -26.31
N LYS D 708 -36.72 -36.80 -25.38
CA LYS D 708 -37.51 -36.46 -24.20
C LYS D 708 -36.76 -35.49 -23.29
N SER D 709 -35.46 -35.70 -23.10
CA SER D 709 -34.67 -34.73 -22.33
C SER D 709 -34.65 -33.38 -23.03
N CYS D 710 -34.38 -33.40 -24.34
CA CYS D 710 -34.26 -32.16 -25.10
C CYS D 710 -35.56 -31.37 -25.11
N ALA D 711 -36.70 -32.06 -25.10
CA ALA D 711 -38.00 -31.41 -25.10
C ALA D 711 -38.31 -30.69 -23.80
N LYS D 712 -37.58 -30.98 -22.74
CA LYS D 712 -37.79 -30.29 -21.48
C LYS D 712 -37.23 -28.87 -21.49
N MET D 713 -36.39 -28.54 -22.47
CA MET D 713 -35.98 -27.16 -22.72
C MET D 713 -37.09 -26.46 -23.47
N ASP D 714 -37.37 -25.20 -23.10
CA ASP D 714 -38.50 -24.48 -23.71
C ASP D 714 -38.04 -23.79 -24.98
N HIS D 715 -38.16 -24.52 -26.10
CA HIS D 715 -37.75 -24.02 -27.40
C HIS D 715 -38.53 -22.78 -27.81
N ILE D 716 -39.79 -22.67 -27.36
CA ILE D 716 -40.61 -21.54 -27.80
C ILE D 716 -39.99 -20.22 -27.33
N LYS D 717 -39.26 -20.24 -26.23
CA LYS D 717 -38.64 -19.03 -25.69
C LYS D 717 -37.29 -18.71 -26.34
N THR D 718 -36.89 -19.43 -27.37
CA THR D 718 -35.62 -19.18 -28.03
C THR D 718 -35.84 -18.73 -29.46
N GLY D 719 -34.73 -18.36 -30.09
CA GLY D 719 -34.68 -18.23 -31.52
C GLY D 719 -34.06 -19.46 -32.18
N GLY D 720 -34.18 -20.62 -31.54
CA GLY D 720 -33.68 -21.86 -32.13
C GLY D 720 -32.67 -22.64 -31.29
N THR D 721 -32.74 -23.96 -31.39
CA THR D 721 -31.81 -24.87 -30.73
C THR D 721 -31.38 -25.92 -31.74
N LEU D 722 -30.18 -26.49 -31.54
CA LEU D 722 -29.60 -27.43 -32.50
C LEU D 722 -29.36 -28.78 -31.83
N LEU D 723 -29.95 -29.84 -32.40
CA LEU D 723 -29.78 -31.20 -31.88
C LEU D 723 -29.24 -32.10 -32.98
N ASN D 724 -28.04 -32.65 -32.74
CA ASN D 724 -27.46 -33.70 -33.57
C ASN D 724 -27.82 -35.06 -32.99
N GLN D 725 -28.23 -35.99 -33.86
CA GLN D 725 -28.36 -37.39 -33.51
C GLN D 725 -27.72 -38.23 -34.61
N ARG D 726 -27.23 -39.41 -34.23
CA ARG D 726 -26.47 -40.29 -35.10
C ARG D 726 -27.01 -41.71 -34.99
N PHE D 727 -27.17 -42.37 -36.14
CA PHE D 727 -27.74 -43.73 -36.18
C PHE D 727 -26.75 -44.69 -36.80
N ALA D 728 -26.76 -45.92 -36.27
CA ALA D 728 -26.08 -47.00 -36.93
C ALA D 728 -26.68 -47.21 -38.32
N PRO D 729 -25.87 -47.37 -39.35
CA PRO D 729 -26.43 -47.55 -40.70
C PRO D 729 -27.39 -48.71 -40.81
N SER D 730 -27.20 -49.77 -40.01
CA SER D 730 -28.02 -50.97 -40.14
C SER D 730 -29.44 -50.77 -39.63
N VAL D 731 -29.68 -49.82 -38.73
CA VAL D 731 -31.00 -49.69 -38.13
C VAL D 731 -31.91 -48.73 -38.88
N VAL D 732 -31.41 -48.06 -39.92
CA VAL D 732 -32.23 -47.18 -40.72
C VAL D 732 -32.47 -47.72 -42.13
N GLN D 733 -32.04 -48.95 -42.41
CA GLN D 733 -32.27 -49.55 -43.73
C GLN D 733 -33.75 -49.86 -43.94
N GLY D 734 -34.14 -49.93 -45.21
CA GLY D 734 -35.46 -50.38 -45.57
C GLY D 734 -36.56 -49.39 -45.20
N GLU D 735 -37.78 -49.77 -45.57
CA GLU D 735 -38.95 -48.97 -45.26
C GLU D 735 -39.19 -48.87 -43.76
N LYS D 736 -38.88 -49.92 -43.01
CA LYS D 736 -38.96 -49.86 -41.55
C LYS D 736 -38.01 -48.82 -40.99
N GLY D 737 -36.81 -48.72 -41.57
CA GLY D 737 -35.87 -47.70 -41.13
C GLY D 737 -36.37 -46.29 -41.40
N LEU D 738 -36.90 -46.05 -42.60
CA LEU D 738 -37.44 -44.73 -42.91
C LEU D 738 -38.53 -44.36 -41.90
N ASP D 739 -39.41 -45.30 -41.58
CA ASP D 739 -40.49 -45.01 -40.65
C ASP D 739 -39.95 -44.68 -39.27
N ASN D 740 -38.91 -45.39 -38.82
CA ASN D 740 -38.34 -45.10 -37.51
C ASN D 740 -37.73 -43.70 -37.47
N MET D 741 -37.04 -43.30 -38.54
CA MET D 741 -36.55 -41.94 -38.63
C MET D 741 -37.70 -40.94 -38.61
N ALA D 742 -38.67 -41.14 -39.49
CA ALA D 742 -39.82 -40.24 -39.57
C ALA D 742 -40.55 -40.18 -38.23
N ASN D 743 -40.71 -41.32 -37.57
CA ASN D 743 -41.43 -41.33 -36.29
C ASN D 743 -40.65 -40.58 -35.21
N LEU D 744 -39.32 -40.66 -35.22
CA LEU D 744 -38.54 -39.91 -34.23
C LEU D 744 -38.68 -38.40 -34.45
N VAL D 745 -38.66 -37.96 -35.71
CA VAL D 745 -38.86 -36.55 -36.01
C VAL D 745 -40.21 -36.07 -35.51
N ARG D 746 -41.27 -36.79 -35.88
CA ARG D 746 -42.63 -36.45 -35.47
C ARG D 746 -42.79 -36.46 -33.96
N ALA D 747 -42.20 -37.45 -33.28
CA ALA D 747 -42.33 -37.51 -31.83
C ALA D 747 -41.70 -36.28 -31.18
N TYR D 748 -40.49 -35.93 -31.57
CA TYR D 748 -39.83 -34.75 -31.01
C TYR D 748 -40.63 -33.49 -31.29
N PHE D 749 -41.11 -33.33 -32.54
CA PHE D 749 -41.80 -32.10 -32.90
C PHE D 749 -43.16 -32.01 -32.24
N ASN D 750 -43.79 -33.14 -31.95
CA ASN D 750 -45.05 -33.11 -31.21
C ASN D 750 -44.84 -32.64 -29.77
N MET D 751 -43.62 -32.72 -29.25
CA MET D 751 -43.28 -32.14 -27.96
C MET D 751 -42.71 -30.71 -28.08
N ASP D 752 -42.80 -30.09 -29.25
CA ASP D 752 -42.34 -28.73 -29.51
C ASP D 752 -40.82 -28.61 -29.59
N GLY D 753 -40.12 -29.69 -29.91
CA GLY D 753 -38.72 -29.58 -30.25
C GLY D 753 -38.52 -28.75 -31.49
N HIS D 754 -37.38 -28.06 -31.55
CA HIS D 754 -37.16 -27.08 -32.62
C HIS D 754 -36.57 -27.69 -33.89
N HIS D 755 -35.60 -28.59 -33.75
CA HIS D 755 -34.73 -29.00 -34.84
C HIS D 755 -34.10 -30.34 -34.53
N ILE D 756 -33.89 -31.14 -35.56
CA ILE D 756 -33.08 -32.35 -35.43
C ILE D 756 -32.48 -32.66 -36.79
N GLN D 757 -31.27 -33.23 -36.76
CA GLN D 757 -30.56 -33.60 -37.98
C GLN D 757 -29.71 -34.83 -37.68
N PHE D 758 -29.39 -35.60 -38.73
CA PHE D 758 -28.85 -36.95 -38.55
C PHE D 758 -27.51 -37.15 -39.28
N ASN D 759 -26.58 -37.82 -38.60
CA ASN D 759 -25.46 -38.51 -39.21
C ASN D 759 -25.80 -39.99 -39.34
N VAL D 760 -25.43 -40.59 -40.46
CA VAL D 760 -25.56 -42.05 -40.63
C VAL D 760 -24.29 -42.53 -41.30
N PHE D 761 -23.29 -42.91 -40.52
CA PHE D 761 -22.03 -43.30 -41.13
C PHE D 761 -21.47 -44.57 -40.49
N ASP D 762 -20.60 -45.22 -41.24
CA ASP D 762 -19.78 -46.32 -40.75
C ASP D 762 -18.55 -45.77 -40.02
N LYS D 763 -18.47 -46.03 -38.72
CA LYS D 763 -17.34 -45.55 -37.95
C LYS D 763 -16.02 -45.90 -38.63
N ASN D 764 -15.92 -47.12 -39.17
CA ASN D 764 -14.65 -47.57 -39.73
C ASN D 764 -14.28 -46.80 -40.99
N VAL D 765 -15.26 -46.34 -41.77
CA VAL D 765 -14.96 -45.50 -42.93
C VAL D 765 -14.27 -44.21 -42.48
N LEU D 766 -14.79 -43.59 -41.42
CA LEU D 766 -14.20 -42.34 -40.94
C LEU D 766 -12.78 -42.58 -40.43
N LEU D 767 -12.60 -43.68 -39.69
CA LEU D 767 -11.26 -44.03 -39.19
C LEU D 767 -10.31 -44.28 -40.36
N GLU D 768 -10.80 -44.91 -41.43
CA GLU D 768 -9.98 -45.07 -42.61
C GLU D 768 -9.62 -43.73 -43.23
N ALA D 769 -10.57 -42.80 -43.25
CA ALA D 769 -10.29 -41.49 -43.84
C ALA D 769 -9.20 -40.76 -43.07
N GLN D 770 -9.11 -40.96 -41.77
CA GLN D 770 -8.05 -40.34 -40.99
C GLN D 770 -6.67 -40.88 -41.36
N LYS D 771 -6.57 -42.18 -41.68
CA LYS D 771 -5.27 -42.74 -42.05
C LYS D 771 -4.90 -42.38 -43.47
N ASN D 772 -5.87 -42.32 -44.37
CA ASN D 772 -5.62 -42.13 -45.81
C ASN D 772 -6.60 -41.13 -46.39
N PRO D 773 -6.39 -39.83 -46.13
CA PRO D 773 -7.36 -38.83 -46.59
C PRO D 773 -7.60 -38.84 -48.09
N GLN D 774 -6.61 -39.24 -48.89
CA GLN D 774 -6.73 -39.08 -50.33
C GLN D 774 -7.76 -40.02 -50.94
N ASP D 775 -8.06 -41.14 -50.28
CA ASP D 775 -9.05 -42.09 -50.79
C ASP D 775 -10.46 -41.73 -50.41
N TYR D 776 -10.66 -40.69 -49.61
CA TYR D 776 -11.98 -40.36 -49.08
C TYR D 776 -12.27 -38.89 -49.27
N LYS D 777 -11.85 -38.35 -50.40
CA LYS D 777 -12.07 -36.94 -50.71
C LYS D 777 -13.55 -36.62 -50.87
N ASP D 778 -14.38 -37.63 -51.10
CA ASP D 778 -15.81 -37.43 -51.28
C ASP D 778 -16.60 -37.58 -49.98
N LEU D 779 -15.96 -37.96 -48.88
CA LEU D 779 -16.68 -38.27 -47.65
C LEU D 779 -17.22 -36.99 -47.03
N ILE D 780 -18.54 -36.94 -46.86
CA ILE D 780 -19.23 -35.80 -46.29
C ILE D 780 -19.99 -36.26 -45.06
N VAL D 781 -19.91 -35.49 -43.98
CA VAL D 781 -20.59 -35.77 -42.72
C VAL D 781 -21.30 -34.50 -42.26
N ARG D 782 -22.22 -34.68 -41.32
CA ARG D 782 -22.92 -33.56 -40.68
C ARG D 782 -22.09 -33.05 -39.50
N VAL D 783 -21.85 -31.74 -39.47
CA VAL D 783 -21.09 -31.14 -38.39
C VAL D 783 -22.06 -30.60 -37.33
N ALA D 784 -22.53 -29.38 -37.51
CA ALA D 784 -23.51 -28.81 -36.58
C ALA D 784 -24.30 -27.72 -37.30
N GLY D 785 -25.46 -28.08 -37.85
CA GLY D 785 -26.21 -27.15 -38.64
C GLY D 785 -25.72 -27.01 -40.06
N TYR D 786 -24.75 -27.82 -40.47
CA TYR D 786 -24.25 -27.81 -41.84
C TYR D 786 -23.47 -29.10 -42.08
N SER D 787 -23.28 -29.42 -43.36
CA SER D 787 -22.50 -30.56 -43.77
C SER D 787 -21.18 -30.09 -44.36
N ASP D 788 -20.14 -30.91 -44.22
CA ASP D 788 -18.83 -30.55 -44.73
C ASP D 788 -18.06 -31.80 -45.09
N HIS D 789 -17.03 -31.63 -45.92
CA HIS D 789 -16.10 -32.72 -46.20
C HIS D 789 -15.34 -33.09 -44.94
N PHE D 790 -15.32 -34.39 -44.63
CA PHE D 790 -14.59 -34.89 -43.46
C PHE D 790 -13.14 -34.43 -43.47
N ASN D 791 -12.52 -34.35 -44.64
CA ASN D 791 -11.13 -33.92 -44.76
C ASN D 791 -10.93 -32.43 -44.43
N ASN D 792 -12.01 -31.63 -44.40
CA ASN D 792 -11.89 -30.22 -44.05
C ASN D 792 -11.88 -29.99 -42.55
N LEU D 793 -12.04 -31.05 -41.76
CA LEU D 793 -12.19 -30.91 -40.32
C LEU D 793 -10.88 -31.25 -39.62
N SER D 794 -10.60 -30.52 -38.55
CA SER D 794 -9.44 -30.81 -37.73
C SER D 794 -9.59 -32.18 -37.09
N ARG D 795 -8.45 -32.75 -36.67
CA ARG D 795 -8.47 -34.05 -36.01
C ARG D 795 -9.38 -34.04 -34.78
N THR D 796 -9.32 -32.96 -34.00
CA THR D 796 -10.15 -32.89 -32.80
C THR D 796 -11.63 -32.91 -33.17
N LEU D 797 -12.01 -32.18 -34.23
CA LEU D 797 -13.41 -32.15 -34.64
C LEU D 797 -13.84 -33.48 -35.23
N GLN D 798 -13.00 -34.10 -36.06
CA GLN D 798 -13.31 -35.45 -36.55
C GLN D 798 -13.59 -36.38 -35.38
N ASP D 799 -12.70 -36.38 -34.39
CA ASP D 799 -12.86 -37.26 -33.25
C ASP D 799 -14.10 -36.90 -32.44
N GLU D 800 -14.51 -35.64 -32.44
CA GLU D 800 -15.76 -35.26 -31.80
C GLU D 800 -16.94 -35.93 -32.48
N ILE D 801 -16.98 -35.86 -33.81
CA ILE D 801 -18.09 -36.46 -34.56
C ILE D 801 -18.10 -37.97 -34.37
N ILE D 802 -16.94 -38.61 -34.46
CA ILE D 802 -16.88 -40.06 -34.29
C ILE D 802 -17.31 -40.48 -32.89
N GLY D 803 -17.07 -39.64 -31.89
CA GLY D 803 -17.43 -39.92 -30.52
C GLY D 803 -18.88 -39.73 -30.18
N ARG D 804 -19.68 -39.20 -31.10
CA ARG D 804 -21.10 -39.05 -30.88
C ARG D 804 -21.77 -40.40 -30.79
N THR D 805 -22.82 -40.48 -29.96
CA THR D 805 -23.43 -41.76 -29.65
C THR D 805 -24.08 -42.36 -30.90
N GLU D 806 -23.72 -43.60 -31.21
CA GLU D 806 -24.35 -44.32 -32.31
C GLU D 806 -25.64 -44.95 -31.80
N GLN D 807 -26.76 -44.36 -32.17
CA GLN D 807 -28.06 -44.77 -31.65
C GLN D 807 -28.62 -45.96 -32.44
N THR D 808 -29.44 -46.76 -31.77
CA THR D 808 -30.26 -47.77 -32.41
C THR D 808 -31.71 -47.55 -32.02
N PHE D 809 -32.62 -48.02 -32.87
CA PHE D 809 -34.03 -48.05 -32.54
C PHE D 809 -34.38 -49.34 -31.79
N MET E 21 22.14 -35.60 -36.62
CA MET E 21 22.23 -36.76 -35.74
C MET E 21 23.24 -36.64 -34.59
N ALA E 22 24.39 -36.06 -34.86
CA ALA E 22 25.41 -35.96 -33.86
C ALA E 22 25.23 -34.71 -33.06
N ARG E 23 25.48 -34.80 -31.77
CA ARG E 23 25.34 -33.69 -30.84
C ARG E 23 26.34 -32.61 -31.11
N GLY E 24 25.92 -31.39 -30.92
CA GLY E 24 26.76 -30.23 -31.21
C GLY E 24 26.02 -29.41 -32.25
N THR E 25 25.94 -28.10 -31.98
CA THR E 25 25.17 -27.21 -32.85
C THR E 25 25.91 -26.85 -34.13
N PHE E 26 27.23 -26.94 -34.13
CA PHE E 26 28.05 -26.57 -35.26
C PHE E 26 28.95 -27.76 -35.63
N GLU E 27 29.37 -27.82 -36.90
CA GLU E 27 30.24 -28.91 -37.32
C GLU E 27 31.51 -28.95 -36.49
N ARG E 28 32.04 -27.78 -36.14
CA ARG E 28 33.20 -27.72 -35.26
C ARG E 28 32.94 -28.47 -33.96
N THR E 29 31.83 -28.18 -33.29
CA THR E 29 31.62 -28.74 -31.97
C THR E 29 31.13 -30.18 -32.03
N LYS E 30 30.49 -30.58 -33.13
CA LYS E 30 30.21 -32.00 -33.31
C LYS E 30 31.50 -32.81 -33.34
N LYS E 31 32.50 -32.31 -34.06
CA LYS E 31 33.80 -32.99 -34.15
C LYS E 31 34.52 -32.98 -32.81
N LEU E 32 34.56 -31.82 -32.14
CA LEU E 32 35.23 -31.76 -30.85
C LEU E 32 34.57 -32.69 -29.83
N ARG E 33 33.25 -32.77 -29.83
CA ARG E 33 32.55 -33.63 -28.90
C ARG E 33 32.84 -35.11 -29.19
N GLU E 34 32.90 -35.48 -30.46
CA GLU E 34 33.16 -36.87 -30.80
C GLU E 34 34.57 -37.27 -30.37
N GLU E 35 35.54 -36.38 -30.53
CA GLU E 35 36.86 -36.65 -29.97
C GLU E 35 36.78 -36.89 -28.47
N SER E 36 36.01 -36.05 -27.76
CA SER E 36 35.96 -36.13 -26.30
C SER E 36 35.40 -37.45 -25.82
N ILE E 37 34.25 -37.87 -26.37
CA ILE E 37 33.64 -39.09 -25.85
C ILE E 37 34.36 -40.36 -26.31
N ASN E 38 35.21 -40.29 -27.32
CA ASN E 38 35.97 -41.44 -27.76
C ASN E 38 37.37 -41.52 -27.14
N ALA E 39 37.78 -40.50 -26.39
CA ALA E 39 39.09 -40.52 -25.76
C ALA E 39 39.13 -41.56 -24.65
N GLU E 40 40.25 -42.37 -24.61
CA GLU E 40 40.32 -43.39 -23.57
C GLU E 40 41.03 -42.82 -22.34
N PRO E 41 40.50 -43.11 -21.16
CA PRO E 41 41.12 -42.59 -19.93
C PRO E 41 42.48 -43.22 -19.71
N HIS E 42 43.47 -42.39 -19.42
CA HIS E 42 44.84 -42.85 -19.25
C HIS E 42 45.58 -41.88 -18.36
N ILE E 43 46.77 -42.31 -17.88
CA ILE E 43 47.58 -41.44 -17.03
C ILE E 43 48.68 -40.85 -17.89
N SER E 44 49.02 -39.60 -17.58
CA SER E 44 50.07 -38.83 -18.21
C SER E 44 51.17 -38.60 -17.19
N ILE E 45 52.37 -39.13 -17.44
CA ILE E 45 53.44 -39.09 -16.45
C ILE E 45 54.29 -37.82 -16.54
N GLU E 46 54.05 -36.96 -17.54
CA GLU E 46 54.95 -35.83 -17.75
C GLU E 46 55.00 -34.89 -16.54
N ARG E 47 53.83 -34.59 -15.95
CA ARG E 47 53.82 -33.68 -14.80
C ARG E 47 54.72 -34.18 -13.68
N ALA E 48 54.59 -35.46 -13.32
CA ALA E 48 55.39 -36.01 -12.22
C ALA E 48 56.88 -35.91 -12.50
N VAL E 49 57.28 -36.15 -13.74
CA VAL E 49 58.69 -36.01 -14.12
C VAL E 49 59.17 -34.57 -13.91
N LEU E 50 58.39 -33.60 -14.40
CA LEU E 50 58.83 -32.22 -14.32
C LEU E 50 58.86 -31.74 -12.86
N MET E 51 57.90 -32.17 -12.05
CA MET E 51 57.96 -31.80 -10.65
C MET E 51 59.18 -32.41 -9.99
N THR E 52 59.51 -33.65 -10.34
CA THR E 52 60.71 -34.28 -9.81
C THR E 52 61.95 -33.46 -10.16
N GLU E 53 62.07 -33.04 -11.42
CA GLU E 53 63.18 -32.19 -11.83
C GLU E 53 63.25 -30.92 -10.98
N ALA E 54 62.10 -30.28 -10.75
CA ALA E 54 62.09 -29.03 -10.02
C ALA E 54 62.49 -29.23 -8.57
N TYR E 55 61.97 -30.28 -7.91
CA TYR E 55 62.37 -30.51 -6.52
C TYR E 55 63.86 -30.83 -6.44
N LYS E 56 64.36 -31.68 -7.32
CA LYS E 56 65.80 -31.95 -7.31
C LYS E 56 66.62 -30.68 -7.50
N LYS E 57 66.09 -29.70 -8.23
CA LYS E 57 66.82 -28.46 -8.42
C LYS E 57 66.72 -27.55 -7.19
N TYR E 58 65.53 -27.43 -6.61
CA TYR E 58 65.27 -26.34 -5.68
C TYR E 58 65.06 -26.75 -4.23
N GLU E 59 64.66 -27.99 -3.95
CA GLU E 59 64.30 -28.36 -2.60
C GLU E 59 65.49 -28.15 -1.66
N GLY E 60 65.22 -27.51 -0.52
CA GLY E 60 66.26 -27.20 0.45
C GLY E 60 66.89 -25.84 0.29
N SER E 61 66.63 -25.13 -0.82
CA SER E 61 67.19 -23.81 -1.05
C SER E 61 66.18 -22.67 -0.90
N VAL E 62 64.89 -22.97 -0.82
CA VAL E 62 63.85 -21.96 -0.72
C VAL E 62 62.79 -22.47 0.25
N GLU E 63 61.96 -21.56 0.75
CA GLU E 63 60.82 -21.96 1.57
C GLU E 63 59.78 -22.69 0.71
N ILE E 64 58.94 -23.50 1.37
CA ILE E 64 58.07 -24.41 0.62
C ILE E 64 57.12 -23.68 -0.32
N PRO E 65 56.50 -22.55 0.05
CA PRO E 65 55.65 -21.85 -0.94
C PRO E 65 56.42 -21.50 -2.20
N VAL E 66 57.64 -21.01 -2.04
CA VAL E 66 58.47 -20.70 -3.21
C VAL E 66 58.84 -21.97 -3.97
N LEU E 67 59.14 -23.06 -3.25
CA LEU E 67 59.42 -24.32 -3.93
C LEU E 67 58.26 -24.72 -4.84
N ARG E 68 57.02 -24.67 -4.30
CA ARG E 68 55.86 -25.06 -5.10
C ARG E 68 55.70 -24.16 -6.31
N ALA E 69 55.87 -22.85 -6.12
CA ALA E 69 55.70 -21.92 -7.22
C ALA E 69 56.76 -22.15 -8.30
N LEU E 70 58.02 -22.34 -7.89
CA LEU E 70 59.08 -22.59 -8.86
C LEU E 70 58.84 -23.90 -9.60
N SER E 71 58.35 -24.93 -8.88
CA SER E 71 58.08 -26.21 -9.54
C SER E 71 56.94 -26.07 -10.53
N PHE E 72 55.88 -25.36 -10.15
CA PHE E 72 54.79 -25.11 -11.08
C PHE E 72 55.29 -24.38 -12.31
N LYS E 73 56.12 -23.35 -12.12
CA LYS E 73 56.66 -22.59 -13.24
C LYS E 73 57.51 -23.49 -14.15
N HIS E 74 58.36 -24.32 -13.57
CA HIS E 74 59.15 -25.25 -14.35
C HIS E 74 58.26 -26.16 -15.17
N TYR E 75 57.18 -26.65 -14.57
CA TYR E 75 56.24 -27.50 -15.28
C TYR E 75 55.59 -26.75 -16.45
N ILE E 76 55.11 -25.53 -16.20
CA ILE E 76 54.46 -24.74 -17.25
C ILE E 76 55.45 -24.42 -18.38
N GLU E 77 56.70 -24.09 -18.03
CA GLU E 77 57.70 -23.74 -19.03
C GLU E 77 58.04 -24.90 -19.96
N ASN E 78 57.99 -26.13 -19.46
CA ASN E 78 58.56 -27.26 -20.18
C ASN E 78 57.57 -28.33 -20.59
N ARG E 79 56.31 -28.27 -20.14
CA ARG E 79 55.36 -29.30 -20.51
C ARG E 79 55.03 -29.23 -21.99
N THR E 80 54.64 -30.38 -22.55
CA THR E 80 54.19 -30.40 -23.93
C THR E 80 52.78 -29.82 -24.01
N LEU E 81 52.56 -28.98 -25.01
CA LEU E 81 51.27 -28.34 -25.24
C LEU E 81 50.61 -28.95 -26.48
N SER E 82 49.28 -28.98 -26.48
CA SER E 82 48.55 -29.53 -27.62
C SER E 82 47.34 -28.67 -27.93
N ILE E 83 47.03 -28.58 -29.21
CA ILE E 83 45.83 -27.92 -29.72
C ILE E 83 45.08 -28.94 -30.56
N ASN E 84 43.86 -29.23 -30.18
CA ASN E 84 43.08 -30.25 -30.87
C ASN E 84 42.39 -29.69 -32.10
N ASP E 85 42.10 -30.58 -33.03
CA ASP E 85 41.54 -30.22 -34.32
C ASP E 85 40.21 -29.49 -34.15
N GLY E 86 40.17 -28.23 -34.57
CA GLY E 86 38.96 -27.43 -34.52
C GLY E 86 38.78 -26.56 -33.28
N GLU E 87 39.70 -26.61 -32.32
CA GLU E 87 39.50 -25.87 -31.08
C GLU E 87 39.48 -24.37 -31.31
N LEU E 88 38.67 -23.68 -30.50
CA LEU E 88 38.76 -22.23 -30.31
C LEU E 88 39.33 -21.87 -28.95
N ILE E 89 39.11 -22.72 -27.96
CA ILE E 89 39.65 -22.60 -26.61
C ILE E 89 40.66 -23.72 -26.42
N VAL E 90 41.85 -23.37 -25.92
CA VAL E 90 42.95 -24.31 -25.88
C VAL E 90 43.39 -24.53 -24.43
N GLY E 91 43.95 -25.71 -24.17
CA GLY E 91 44.44 -26.10 -22.87
C GLY E 91 43.97 -27.47 -22.42
N GLU E 92 44.91 -28.34 -22.07
CA GLU E 92 44.65 -29.68 -21.56
C GLU E 92 45.46 -29.89 -20.29
N LYS E 93 44.89 -30.61 -19.32
CA LYS E 93 45.66 -30.95 -18.13
C LYS E 93 46.79 -31.92 -18.47
N GLY E 94 46.47 -32.97 -19.22
CA GLY E 94 47.42 -34.01 -19.55
C GLY E 94 47.98 -33.84 -20.95
N ASP E 95 48.46 -34.96 -21.50
CA ASP E 95 49.07 -34.94 -22.83
C ASP E 95 48.04 -34.87 -23.94
N SER E 96 46.86 -35.39 -23.68
CA SER E 96 45.78 -35.44 -24.66
C SER E 96 44.47 -35.56 -23.89
N PRO E 97 43.34 -35.43 -24.58
CA PRO E 97 42.05 -35.54 -23.89
C PRO E 97 41.94 -36.81 -23.07
N ASN E 98 41.33 -36.71 -21.89
CA ASN E 98 41.16 -37.83 -20.96
C ASN E 98 42.49 -38.38 -20.46
N GLY E 99 43.57 -37.60 -20.56
CA GLY E 99 44.84 -37.99 -19.97
C GLY E 99 45.03 -37.27 -18.65
N ALA E 100 45.02 -38.00 -17.57
CA ALA E 100 45.10 -37.39 -16.25
C ALA E 100 46.56 -37.32 -15.79
N PRO E 101 47.05 -36.16 -15.35
CA PRO E 101 48.37 -36.11 -14.71
C PRO E 101 48.34 -36.87 -13.38
N THR E 102 49.53 -37.11 -12.85
CA THR E 102 49.67 -37.70 -11.53
C THR E 102 50.31 -36.69 -10.57
N TYR E 103 50.12 -36.93 -9.28
CA TYR E 103 50.48 -35.98 -8.23
C TYR E 103 51.20 -36.69 -7.10
N PRO E 104 52.45 -37.15 -7.34
CA PRO E 104 53.14 -37.94 -6.31
C PRO E 104 53.54 -37.14 -5.07
N GLU E 105 53.48 -35.81 -5.09
CA GLU E 105 53.67 -35.03 -3.87
C GLU E 105 52.56 -35.26 -2.87
N ILE E 106 51.40 -35.73 -3.34
CA ILE E 106 50.25 -36.04 -2.51
C ILE E 106 50.11 -37.55 -2.29
N CYS E 107 50.04 -38.29 -3.39
CA CYS E 107 49.95 -39.75 -3.34
C CYS E 107 50.86 -40.31 -4.41
N CYS E 108 51.94 -40.95 -3.99
CA CYS E 108 52.85 -41.62 -4.89
C CYS E 108 52.40 -43.08 -5.00
N HIS E 109 51.80 -43.43 -6.14
CA HIS E 109 51.18 -44.74 -6.25
C HIS E 109 52.22 -45.85 -6.14
N THR E 110 51.80 -46.96 -5.58
CA THR E 110 52.59 -48.18 -5.66
C THR E 110 52.41 -48.80 -7.05
N MET E 111 53.35 -49.68 -7.40
CA MET E 111 53.18 -50.38 -8.67
C MET E 111 51.91 -51.21 -8.67
N GLU E 112 51.49 -51.71 -7.51
CA GLU E 112 50.21 -52.39 -7.45
C GLU E 112 49.05 -51.45 -7.76
N ASP E 113 49.10 -50.22 -7.24
CA ASP E 113 48.09 -49.21 -7.58
C ASP E 113 47.95 -49.07 -9.09
N LEU E 114 49.08 -48.97 -9.81
CA LEU E 114 49.01 -48.81 -11.25
C LEU E 114 48.35 -50.01 -11.92
N GLU E 115 48.70 -51.21 -11.47
CA GLU E 115 48.09 -52.41 -12.03
C GLU E 115 46.59 -52.43 -11.78
N VAL E 116 46.18 -52.10 -10.55
CA VAL E 116 44.76 -52.13 -10.19
C VAL E 116 43.95 -51.14 -11.02
N MET E 117 44.46 -49.91 -11.18
CA MET E 117 43.69 -48.92 -11.93
C MET E 117 43.66 -49.27 -13.41
N HIS E 118 44.68 -49.95 -13.92
CA HIS E 118 44.68 -50.34 -15.32
C HIS E 118 43.65 -51.44 -15.60
N ASN E 119 43.50 -52.38 -14.65
CA ASN E 119 42.73 -53.59 -14.89
C ASN E 119 41.37 -53.64 -14.19
N ARG E 120 41.05 -52.69 -13.32
CA ARG E 120 39.78 -52.74 -12.60
C ARG E 120 38.59 -52.62 -13.56
N ASP E 121 37.43 -53.09 -13.11
CA ASP E 121 36.28 -53.21 -13.99
C ASP E 121 35.65 -51.85 -14.31
N ILE E 122 35.57 -50.96 -13.33
CA ILE E 122 34.98 -49.65 -13.55
C ILE E 122 35.96 -48.57 -13.13
N ILE E 123 35.85 -47.41 -13.78
CA ILE E 123 36.71 -46.25 -13.53
C ILE E 123 38.17 -46.64 -13.71
N ASN E 124 38.46 -47.38 -14.77
CA ASN E 124 39.84 -47.75 -15.08
C ASN E 124 40.56 -46.63 -15.80
N PHE E 125 41.87 -46.58 -15.59
CA PHE E 125 42.78 -45.70 -16.30
C PHE E 125 43.88 -46.56 -16.89
N SER E 126 44.15 -46.39 -18.18
CA SER E 126 45.23 -47.12 -18.81
C SER E 126 46.58 -46.53 -18.42
N VAL E 127 47.53 -47.40 -18.09
CA VAL E 127 48.89 -47.02 -17.75
C VAL E 127 49.79 -47.62 -18.81
N SER E 128 50.36 -46.79 -19.67
CA SER E 128 51.24 -47.30 -20.71
C SER E 128 52.48 -47.94 -20.09
N GLU E 129 53.17 -48.74 -20.89
CA GLU E 129 54.40 -49.35 -20.41
C GLU E 129 55.47 -48.30 -20.15
N GLU E 130 55.51 -47.25 -20.97
CA GLU E 130 56.46 -46.15 -20.74
C GLU E 130 56.16 -45.43 -19.43
N ALA E 131 54.89 -45.16 -19.16
CA ALA E 131 54.51 -44.52 -17.90
C ALA E 131 54.82 -45.40 -16.71
N ARG E 132 54.54 -46.70 -16.83
CA ARG E 132 54.87 -47.66 -15.78
C ARG E 132 56.36 -47.62 -15.43
N LYS E 133 57.21 -47.68 -16.46
CA LYS E 133 58.65 -47.71 -16.24
C LYS E 133 59.14 -46.43 -15.58
N ILE E 134 58.74 -45.27 -16.11
CA ILE E 134 59.15 -44.00 -15.56
C ILE E 134 58.68 -43.86 -14.12
N HIS E 135 57.42 -44.22 -13.85
CA HIS E 135 56.96 -44.14 -12.48
C HIS E 135 57.81 -45.00 -11.56
N LYS E 136 58.12 -46.23 -11.99
CA LYS E 136 58.87 -47.15 -11.13
C LYS E 136 60.30 -46.67 -10.90
N GLU E 137 60.96 -46.15 -11.93
CA GLU E 137 62.38 -45.87 -11.87
C GLU E 137 62.70 -44.43 -11.48
N GLU E 138 61.84 -43.48 -11.80
CA GLU E 138 62.06 -42.06 -11.51
C GLU E 138 61.19 -41.52 -10.39
N ILE E 139 59.92 -41.90 -10.33
CA ILE E 139 58.99 -41.20 -9.44
C ILE E 139 59.06 -41.81 -8.05
N ILE E 140 58.80 -43.10 -7.95
CA ILE E 140 58.74 -43.75 -6.63
C ILE E 140 60.03 -43.53 -5.83
N PRO E 141 61.23 -43.73 -6.39
CA PRO E 141 62.43 -43.54 -5.57
C PRO E 141 62.53 -42.18 -4.95
N PHE E 142 62.03 -41.14 -5.62
CA PHE E 142 62.10 -39.79 -5.07
C PHE E 142 60.90 -39.44 -4.19
N TRP E 143 59.69 -39.83 -4.56
CA TRP E 143 58.48 -39.30 -3.92
C TRP E 143 57.88 -40.19 -2.84
N LYS E 144 58.27 -41.46 -2.76
CA LYS E 144 57.63 -42.35 -1.79
C LYS E 144 57.80 -41.83 -0.36
N LYS E 145 58.98 -41.31 -0.03
CA LYS E 145 59.18 -40.79 1.31
C LYS E 145 58.69 -39.36 1.49
N ARG E 146 58.34 -38.67 0.39
CA ARG E 146 57.92 -37.27 0.43
C ARG E 146 56.41 -37.05 0.37
N GLN E 147 55.65 -37.99 -0.17
CA GLN E 147 54.21 -37.82 -0.40
C GLN E 147 53.48 -37.47 0.89
N THR E 148 52.49 -36.58 0.79
CA THR E 148 51.77 -36.19 2.00
C THR E 148 50.95 -37.33 2.59
N ARG E 149 50.56 -38.32 1.78
CA ARG E 149 49.70 -39.38 2.32
C ARG E 149 50.40 -40.12 3.45
N ASP E 150 51.70 -40.37 3.31
CA ASP E 150 52.41 -41.05 4.39
C ASP E 150 52.57 -40.14 5.59
N LYS E 151 52.83 -38.84 5.37
CA LYS E 151 52.86 -37.91 6.50
C LYS E 151 51.56 -37.98 7.29
N ILE E 152 50.44 -38.06 6.59
CA ILE E 152 49.13 -38.13 7.25
C ILE E 152 48.97 -39.46 7.97
N ILE E 153 49.12 -40.57 7.24
CA ILE E 153 48.83 -41.86 7.84
C ILE E 153 49.71 -42.11 9.05
N ASN E 154 51.01 -41.82 8.94
CA ASN E 154 51.93 -42.07 10.06
C ASN E 154 51.65 -41.19 11.26
N ALA E 155 50.91 -40.08 11.10
CA ALA E 155 50.61 -39.18 12.20
C ALA E 155 49.26 -39.44 12.87
N MET E 156 48.46 -40.37 12.36
CA MET E 156 47.12 -40.64 12.90
C MET E 156 47.19 -41.58 14.11
N THR E 157 46.24 -41.41 15.05
CA THR E 157 46.21 -42.26 16.24
C THR E 157 45.70 -43.66 15.89
N PRO E 158 45.97 -44.65 16.75
CA PRO E 158 45.39 -45.99 16.51
C PRO E 158 43.88 -45.99 16.54
N GLU E 159 43.25 -45.11 17.34
CA GLU E 159 41.81 -44.98 17.33
C GLU E 159 41.30 -44.45 15.98
N TRP E 160 41.96 -43.44 15.44
CA TRP E 160 41.61 -42.96 14.10
C TRP E 160 41.79 -44.07 13.07
N LEU E 161 42.94 -44.75 13.10
CA LEU E 161 43.19 -45.77 12.10
C LEU E 161 42.17 -46.89 12.18
N ALA E 162 41.78 -47.29 13.39
CA ALA E 162 40.78 -48.34 13.53
C ALA E 162 39.42 -47.90 12.99
N ALA E 163 39.01 -46.66 13.31
CA ALA E 163 37.73 -46.16 12.84
C ALA E 163 37.71 -46.00 11.33
N TYR E 164 38.79 -45.45 10.77
CA TYR E 164 38.92 -45.32 9.32
C TYR E 164 38.82 -46.68 8.63
N GLU E 165 39.56 -47.67 9.14
CA GLU E 165 39.54 -48.99 8.51
C GLU E 165 38.19 -49.67 8.64
N ALA E 166 37.45 -49.40 9.71
CA ALA E 166 36.13 -49.99 9.88
C ALA E 166 35.04 -49.25 9.11
N GLY E 167 35.36 -48.14 8.46
CA GLY E 167 34.34 -47.44 7.72
C GLY E 167 33.47 -46.52 8.54
N MET E 168 33.97 -46.04 9.69
CA MET E 168 33.22 -45.04 10.44
C MET E 168 33.20 -43.71 9.71
N PHE E 169 34.26 -43.40 8.97
CA PHE E 169 34.35 -42.14 8.25
C PHE E 169 35.42 -42.28 7.18
N THR E 170 35.50 -41.29 6.31
CA THR E 170 36.54 -41.22 5.28
C THR E 170 37.46 -40.03 5.53
N GLU E 171 38.49 -39.89 4.72
CA GLU E 171 39.48 -38.82 4.84
C GLU E 171 39.72 -38.21 3.46
N PHE E 172 39.26 -36.98 3.27
CA PHE E 172 39.34 -36.39 1.95
C PHE E 172 40.76 -36.07 1.51
N MET E 173 41.69 -35.86 2.44
CA MET E 173 43.01 -35.39 2.05
C MET E 173 44.05 -36.50 1.93
N GLU E 174 43.64 -37.77 1.86
CA GLU E 174 44.63 -38.83 1.72
C GLU E 174 45.22 -38.89 0.31
N GLN E 175 44.43 -38.59 -0.73
CA GLN E 175 44.88 -38.69 -2.12
C GLN E 175 44.66 -37.44 -2.94
N ARG E 176 44.10 -36.38 -2.36
CA ARG E 176 43.85 -35.15 -3.09
C ARG E 176 44.10 -33.97 -2.16
N ALA E 177 44.30 -32.79 -2.76
CA ALA E 177 44.46 -31.54 -2.02
C ALA E 177 43.09 -30.95 -1.67
N PRO E 178 43.03 -30.12 -0.64
CA PRO E 178 41.70 -29.65 -0.15
C PRO E 178 40.78 -29.11 -1.23
N GLY E 179 41.26 -28.15 -2.04
CA GLY E 179 40.48 -27.66 -3.18
C GLY E 179 39.09 -27.21 -2.81
N HIS E 180 38.10 -27.72 -3.53
CA HIS E 180 36.70 -27.47 -3.25
C HIS E 180 36.39 -25.98 -3.30
N THR E 181 36.76 -25.35 -4.41
CA THR E 181 36.64 -23.91 -4.47
C THR E 181 36.23 -23.46 -5.86
N VAL E 182 35.88 -22.18 -5.96
CA VAL E 182 35.19 -21.63 -7.11
C VAL E 182 35.78 -20.27 -7.45
N CYS E 183 35.90 -20.00 -8.73
CA CYS E 183 36.46 -18.75 -9.21
C CYS E 183 35.50 -17.58 -8.96
N GLY E 184 36.05 -16.45 -8.54
CA GLY E 184 35.33 -15.20 -8.45
C GLY E 184 35.44 -14.41 -9.74
N ASP E 185 35.45 -13.08 -9.62
CA ASP E 185 35.48 -12.22 -10.78
C ASP E 185 36.83 -11.54 -11.00
N THR E 186 37.83 -11.83 -10.15
CA THR E 186 39.12 -11.18 -10.27
C THR E 186 39.73 -11.35 -11.65
N ILE E 187 39.67 -12.58 -12.21
CA ILE E 187 40.32 -12.85 -13.49
C ILE E 187 39.65 -12.17 -14.68
N TYR E 188 38.45 -11.60 -14.52
CA TYR E 188 37.84 -10.82 -15.59
C TYR E 188 38.15 -9.34 -15.48
N LYS E 189 38.73 -8.90 -14.35
CA LYS E 189 39.09 -7.51 -14.14
C LYS E 189 40.59 -7.24 -14.15
N LYS E 190 41.41 -8.27 -13.97
CA LYS E 190 42.86 -8.14 -13.89
C LYS E 190 43.47 -9.31 -14.63
N GLY E 191 44.61 -9.06 -15.28
CA GLY E 191 45.48 -10.13 -15.74
C GLY E 191 46.52 -10.44 -14.69
N PHE E 192 47.35 -11.46 -14.97
CA PHE E 192 48.32 -11.84 -13.97
C PHE E 192 49.49 -10.87 -13.88
N LEU E 193 49.72 -10.04 -14.91
CA LEU E 193 50.68 -8.94 -14.78
C LEU E 193 50.18 -7.89 -13.80
N ASP E 194 48.87 -7.62 -13.82
CA ASP E 194 48.27 -6.73 -12.83
C ASP E 194 48.40 -7.30 -11.43
N LEU E 195 48.08 -8.58 -11.25
CA LEU E 195 48.14 -9.18 -9.93
C LEU E 195 49.57 -9.19 -9.39
N LYS E 196 50.54 -9.44 -10.25
CA LYS E 196 51.94 -9.38 -9.84
C LYS E 196 52.34 -7.98 -9.35
N LYS E 197 51.86 -6.94 -10.02
CA LYS E 197 52.11 -5.58 -9.55
C LYS E 197 51.48 -5.36 -8.17
N ASP E 198 50.27 -5.86 -7.97
CA ASP E 198 49.67 -5.81 -6.63
C ASP E 198 50.56 -6.50 -5.61
N ILE E 199 51.09 -7.67 -5.98
CA ILE E 199 51.93 -8.43 -5.05
C ILE E 199 53.21 -7.67 -4.76
N GLU E 200 53.81 -7.09 -5.79
CA GLU E 200 55.03 -6.32 -5.59
C GLU E 200 54.76 -5.10 -4.72
N ALA E 201 53.60 -4.49 -4.86
CA ALA E 201 53.24 -3.38 -3.99
C ALA E 201 53.13 -3.84 -2.54
N ARG E 202 52.54 -5.01 -2.31
CA ARG E 202 52.48 -5.56 -0.95
C ARG E 202 53.87 -5.86 -0.41
N LEU E 203 54.74 -6.46 -1.22
CA LEU E 203 56.09 -6.77 -0.77
C LEU E 203 56.82 -5.52 -0.32
N LYS E 204 56.63 -4.41 -1.02
CA LYS E 204 57.32 -3.18 -0.69
C LYS E 204 56.83 -2.56 0.62
N GLU E 205 55.63 -2.89 1.08
CA GLU E 205 55.13 -2.25 2.29
C GLU E 205 55.19 -3.15 3.52
N LEU E 206 55.77 -4.34 3.44
CA LEU E 206 55.94 -5.17 4.62
C LEU E 206 56.81 -4.46 5.64
N ASP E 207 56.41 -4.53 6.91
CA ASP E 207 57.08 -3.83 8.01
C ASP E 207 57.82 -4.84 8.88
N PHE E 208 59.10 -5.05 8.57
CA PHE E 208 59.89 -6.03 9.32
C PHE E 208 60.32 -5.50 10.69
N LEU E 209 60.02 -4.26 11.02
CA LEU E 209 60.30 -3.77 12.36
C LEU E 209 59.17 -4.13 13.32
N ASN E 210 57.91 -3.93 12.90
CA ASN E 210 56.77 -4.06 13.81
C ASN E 210 55.81 -5.20 13.48
N ASP E 211 55.82 -5.71 12.26
CA ASP E 211 54.95 -6.83 11.88
C ASP E 211 55.75 -8.12 12.05
N LEU E 212 55.51 -8.83 13.15
CA LEU E 212 56.32 -10.01 13.45
C LEU E 212 56.02 -11.16 12.52
N ASP E 213 54.95 -11.08 11.72
CA ASP E 213 54.59 -12.07 10.72
C ASP E 213 55.12 -11.70 9.34
N ALA E 214 55.94 -10.64 9.25
CA ALA E 214 56.35 -10.13 7.95
C ALA E 214 57.11 -11.17 7.12
N TYR E 215 57.91 -12.01 7.76
CA TYR E 215 58.69 -12.99 7.01
C TYR E 215 57.78 -14.02 6.34
N ASN E 216 56.77 -14.50 7.06
CA ASN E 216 55.82 -15.45 6.48
C ASN E 216 55.03 -14.81 5.34
N LYS E 217 54.65 -13.55 5.47
CA LYS E 217 53.98 -12.88 4.37
C LYS E 217 54.89 -12.78 3.15
N LYS E 218 56.16 -12.44 3.37
CA LYS E 218 57.09 -12.31 2.27
C LYS E 218 57.24 -13.62 1.52
N ALA E 219 57.36 -14.74 2.24
CA ALA E 219 57.50 -16.04 1.59
C ALA E 219 56.28 -16.36 0.72
N ASP E 220 55.07 -16.12 1.23
CA ASP E 220 53.88 -16.42 0.44
C ASP E 220 53.75 -15.47 -0.76
N LEU E 221 54.07 -14.19 -0.56
CA LEU E 221 53.94 -13.22 -1.65
C LEU E 221 54.94 -13.49 -2.75
N GLU E 222 56.19 -13.82 -2.38
CA GLU E 222 57.16 -14.17 -3.40
C GLU E 222 56.69 -15.35 -4.22
N ALA E 223 56.11 -16.36 -3.56
CA ALA E 223 55.59 -17.52 -4.29
C ALA E 223 54.46 -17.10 -5.22
N MET E 224 53.57 -16.22 -4.76
CA MET E 224 52.47 -15.75 -5.62
C MET E 224 52.99 -15.02 -6.85
N ALA E 225 54.03 -14.20 -6.69
CA ALA E 225 54.59 -13.48 -7.83
C ALA E 225 55.18 -14.44 -8.86
N ILE E 226 55.82 -15.51 -8.40
CA ILE E 226 56.36 -16.51 -9.33
C ILE E 226 55.23 -17.21 -10.06
N ALA E 227 54.13 -17.48 -9.36
CA ALA E 227 52.96 -18.09 -10.02
C ALA E 227 52.41 -17.18 -11.10
N CYS E 228 52.40 -15.87 -10.86
CA CYS E 228 51.99 -14.92 -11.88
C CYS E 228 52.87 -15.05 -13.12
N ASP E 229 54.18 -15.13 -12.91
CA ASP E 229 55.09 -15.35 -14.04
C ASP E 229 54.75 -16.62 -14.80
N ALA E 230 54.40 -17.69 -14.09
CA ALA E 230 54.07 -18.96 -14.76
C ALA E 230 52.88 -18.79 -15.69
N MET E 231 51.83 -18.11 -15.22
CA MET E 231 50.65 -17.91 -16.05
C MET E 231 50.97 -17.07 -17.29
N VAL E 232 51.84 -16.06 -17.15
CA VAL E 232 52.27 -15.29 -18.31
C VAL E 232 52.97 -16.19 -19.32
N ILE E 233 53.80 -17.12 -18.83
CA ILE E 233 54.50 -18.05 -19.71
C ILE E 233 53.52 -18.97 -20.41
N LEU E 234 52.46 -19.39 -19.71
CA LEU E 234 51.48 -20.28 -20.32
C LEU E 234 50.86 -19.66 -21.57
N GLY E 235 50.43 -18.39 -21.47
CA GLY E 235 49.84 -17.74 -22.63
C GLY E 235 50.84 -17.53 -23.74
N LYS E 236 52.05 -17.14 -23.38
CA LYS E 236 53.10 -16.87 -24.37
C LYS E 236 53.41 -18.12 -25.17
N ARG E 237 53.52 -19.28 -24.49
CA ARG E 237 53.84 -20.52 -25.17
C ARG E 237 52.68 -20.98 -26.06
N TYR E 238 51.44 -20.81 -25.61
CA TYR E 238 50.32 -21.21 -26.46
C TYR E 238 50.21 -20.31 -27.68
N ALA E 239 50.44 -19.01 -27.53
CA ALA E 239 50.42 -18.11 -28.68
C ALA E 239 51.48 -18.50 -29.71
N GLU E 240 52.69 -18.83 -29.26
CA GLU E 240 53.75 -19.25 -30.17
C GLU E 240 53.37 -20.55 -30.84
N LYS E 241 52.86 -21.50 -30.07
CA LYS E 241 52.40 -22.78 -30.61
C LYS E 241 51.35 -22.57 -31.70
N ALA E 242 50.35 -21.73 -31.43
CA ALA E 242 49.30 -21.52 -32.44
C ALA E 242 49.87 -20.89 -33.71
N ARG E 243 50.79 -19.92 -33.57
CA ARG E 243 51.34 -19.28 -34.78
C ARG E 243 52.16 -20.26 -35.59
N GLN E 244 52.89 -21.18 -34.94
CA GLN E 244 53.67 -22.14 -35.70
C GLN E 244 52.76 -23.13 -36.41
N MET E 245 51.71 -23.60 -35.74
CA MET E 245 50.76 -24.48 -36.41
C MET E 245 50.05 -23.75 -37.54
N ALA E 246 49.78 -22.45 -37.35
CA ALA E 246 49.10 -21.69 -38.39
C ALA E 246 49.94 -21.65 -39.66
N GLU E 247 51.25 -21.43 -39.51
CA GLU E 247 52.13 -21.38 -40.66
C GLU E 247 52.21 -22.71 -41.39
N GLU E 248 51.97 -23.81 -40.68
CA GLU E 248 52.02 -25.13 -41.27
C GLU E 248 50.65 -25.58 -41.76
N GLU E 249 49.59 -24.85 -41.41
CA GLU E 249 48.23 -25.27 -41.70
C GLU E 249 47.80 -24.85 -43.09
N THR E 250 47.26 -25.82 -43.81
CA THR E 250 46.83 -25.63 -45.19
C THR E 250 45.38 -25.21 -45.32
N ASP E 251 44.52 -25.68 -44.42
CA ASP E 251 43.10 -25.34 -44.46
C ASP E 251 42.87 -23.87 -44.13
N GLU E 252 42.18 -23.20 -45.05
CA GLU E 252 41.86 -21.79 -44.91
C GLU E 252 41.18 -21.48 -43.58
N ALA E 253 40.21 -22.31 -43.19
CA ALA E 253 39.43 -22.03 -42.00
C ALA E 253 40.22 -22.30 -40.73
N LYS E 254 41.00 -23.39 -40.71
CA LYS E 254 41.79 -23.71 -39.54
C LYS E 254 42.90 -22.69 -39.31
N LYS E 255 43.53 -22.20 -40.37
CA LYS E 255 44.54 -21.17 -40.19
C LYS E 255 43.97 -19.94 -39.51
N LYS E 256 42.73 -19.55 -39.86
CA LYS E 256 42.09 -18.41 -39.21
C LYS E 256 41.85 -18.68 -37.73
N ASP E 257 41.43 -19.90 -37.41
CA ASP E 257 41.18 -20.26 -36.01
C ASP E 257 42.48 -20.20 -35.20
N LEU E 258 43.56 -20.76 -35.75
CA LEU E 258 44.85 -20.75 -35.06
C LEU E 258 45.35 -19.34 -34.83
N LEU E 259 45.20 -18.46 -35.82
CA LEU E 259 45.62 -17.08 -35.65
C LEU E 259 44.75 -16.36 -34.62
N LEU E 260 43.46 -16.70 -34.55
CA LEU E 260 42.60 -16.15 -33.52
C LEU E 260 43.01 -16.65 -32.14
N ILE E 261 43.36 -17.93 -32.04
CA ILE E 261 43.87 -18.46 -30.77
C ILE E 261 45.13 -17.70 -30.34
N ALA E 262 46.06 -17.47 -31.27
CA ALA E 262 47.28 -16.72 -30.95
C ALA E 262 46.97 -15.30 -30.52
N GLU E 263 46.05 -14.63 -31.22
CA GLU E 263 45.65 -13.28 -30.81
C GLU E 263 45.05 -13.30 -29.41
N THR E 264 44.26 -14.32 -29.09
CA THR E 264 43.64 -14.42 -27.77
C THR E 264 44.69 -14.62 -26.68
N CYS E 265 45.66 -15.50 -26.92
CA CYS E 265 46.70 -15.81 -25.92
C CYS E 265 47.72 -14.70 -25.78
N ASP E 266 47.84 -13.81 -26.77
CA ASP E 266 48.58 -12.57 -26.64
C ASP E 266 47.98 -11.67 -25.56
N VAL E 267 46.69 -11.81 -25.28
CA VAL E 267 46.04 -10.98 -24.27
C VAL E 267 46.00 -11.73 -22.94
N VAL E 268 45.40 -12.92 -22.93
CA VAL E 268 45.24 -13.66 -21.68
C VAL E 268 46.16 -14.89 -21.61
N PRO E 269 46.59 -15.26 -20.39
CA PRO E 269 46.18 -14.66 -19.11
C PRO E 269 47.06 -13.50 -18.59
N ALA E 270 48.04 -13.04 -19.38
CA ALA E 270 48.92 -11.95 -18.92
C ALA E 270 48.15 -10.67 -18.62
N HIS E 271 47.15 -10.35 -19.44
CA HIS E 271 46.34 -9.15 -19.37
C HIS E 271 44.89 -9.52 -19.11
N LYS E 272 44.11 -8.55 -18.64
CA LYS E 272 42.71 -8.81 -18.41
C LYS E 272 42.01 -9.05 -19.75
N PRO E 273 41.02 -9.93 -19.78
CA PRO E 273 40.29 -10.16 -21.03
C PRO E 273 39.53 -8.92 -21.46
N GLU E 274 39.51 -8.68 -22.78
CA GLU E 274 38.79 -7.56 -23.37
C GLU E 274 37.50 -7.98 -24.06
N THR E 275 37.35 -9.25 -24.39
CA THR E 275 36.22 -9.77 -25.13
C THR E 275 35.68 -11.02 -24.44
N TYR E 276 34.47 -11.40 -24.86
CA TYR E 276 33.82 -12.62 -24.41
C TYR E 276 34.69 -13.84 -24.67
N HIS E 277 35.26 -13.94 -25.87
CA HIS E 277 36.17 -15.03 -26.22
C HIS E 277 37.37 -15.07 -25.29
N GLN E 278 38.00 -13.92 -25.07
CA GLN E 278 39.16 -13.88 -24.20
C GLN E 278 38.79 -14.22 -22.75
N ALA E 279 37.58 -13.85 -22.32
CA ALA E 279 37.15 -14.15 -20.96
C ALA E 279 37.05 -15.65 -20.74
N ILE E 280 36.52 -16.38 -21.72
CA ILE E 280 36.42 -17.83 -21.61
C ILE E 280 37.82 -18.47 -21.65
N GLN E 281 38.69 -17.98 -22.54
CA GLN E 281 40.04 -18.54 -22.59
C GLN E 281 40.81 -18.22 -21.32
N MET E 282 40.61 -17.01 -20.76
CA MET E 282 41.22 -16.67 -19.48
C MET E 282 40.78 -17.62 -18.39
N TYR E 283 39.47 -17.83 -18.25
CA TYR E 283 39.01 -18.78 -17.25
C TYR E 283 39.66 -20.14 -17.46
N TRP E 284 39.67 -20.63 -18.71
CA TRP E 284 40.12 -22.00 -18.91
C TRP E 284 41.61 -22.15 -18.59
N PHE E 285 42.42 -21.14 -18.92
CA PHE E 285 43.83 -21.19 -18.53
C PHE E 285 43.97 -21.27 -17.01
N VAL E 286 43.18 -20.46 -16.30
CA VAL E 286 43.20 -20.52 -14.83
C VAL E 286 42.80 -21.90 -14.34
N HIS E 287 41.76 -22.47 -14.97
CA HIS E 287 41.34 -23.82 -14.61
C HIS E 287 42.47 -24.82 -14.78
N ILE E 288 43.14 -24.78 -15.94
CA ILE E 288 44.27 -25.66 -16.18
C ILE E 288 45.36 -25.45 -15.13
N GLY E 289 45.66 -24.18 -14.83
CA GLY E 289 46.70 -23.88 -13.86
C GLY E 289 46.41 -24.45 -12.48
N VAL E 290 45.26 -24.11 -11.90
CA VAL E 290 45.03 -24.51 -10.52
C VAL E 290 44.83 -26.02 -10.40
N THR E 291 44.34 -26.70 -11.46
CA THR E 291 44.15 -28.14 -11.34
C THR E 291 45.40 -28.95 -11.69
N THR E 292 46.43 -28.31 -12.24
CA THR E 292 47.74 -28.95 -12.33
C THR E 292 48.71 -28.47 -11.24
N GLU E 293 48.45 -27.32 -10.60
CA GLU E 293 49.17 -26.96 -9.38
C GLU E 293 49.04 -28.05 -8.31
N LEU E 294 47.81 -28.50 -8.07
CA LEU E 294 47.52 -29.56 -7.13
C LEU E 294 46.34 -30.36 -7.64
N ASN E 295 46.19 -31.59 -7.14
CA ASN E 295 45.03 -32.41 -7.47
C ASN E 295 43.86 -32.05 -6.54
N ILE E 296 43.21 -30.93 -6.83
CA ILE E 296 42.24 -30.36 -5.90
C ILE E 296 40.88 -31.01 -6.06
N TRP E 297 40.20 -31.26 -4.94
CA TRP E 297 38.83 -31.74 -4.99
C TRP E 297 37.98 -30.82 -5.84
N ASP E 298 37.16 -31.42 -6.69
CA ASP E 298 36.14 -30.75 -7.52
C ASP E 298 36.76 -29.79 -8.53
N ALA E 299 37.95 -30.14 -9.03
CA ALA E 299 38.63 -29.39 -10.09
C ALA E 299 38.56 -27.88 -9.87
N PHE E 300 37.96 -27.15 -10.81
CA PHE E 300 37.69 -25.72 -10.68
C PHE E 300 36.40 -25.43 -11.45
N THR E 301 35.85 -24.25 -11.22
CA THR E 301 34.64 -23.88 -11.93
C THR E 301 34.52 -22.38 -12.01
N PRO E 302 33.97 -21.82 -13.09
CA PRO E 302 33.76 -20.38 -13.15
C PRO E 302 32.64 -19.91 -12.22
N GLY E 303 31.89 -20.81 -11.61
CA GLY E 303 30.84 -20.39 -10.69
C GLY E 303 29.65 -19.73 -11.37
N ARG E 304 29.49 -18.42 -11.16
CA ARG E 304 28.35 -17.67 -11.71
C ARG E 304 28.71 -17.21 -13.12
N LEU E 305 28.88 -18.21 -13.98
CA LEU E 305 29.40 -17.97 -15.32
C LEU E 305 28.55 -16.95 -16.10
N ASP E 306 27.22 -17.05 -16.01
CA ASP E 306 26.39 -16.14 -16.79
C ASP E 306 26.54 -14.69 -16.31
N GLN E 307 26.84 -14.48 -15.03
CA GLN E 307 27.08 -13.14 -14.53
C GLN E 307 28.40 -12.58 -15.05
N HIS E 308 29.43 -13.42 -15.13
CA HIS E 308 30.73 -12.93 -15.56
C HIS E 308 30.76 -12.66 -17.06
N LEU E 309 30.08 -13.49 -17.86
CA LEU E 309 30.17 -13.36 -19.31
C LEU E 309 29.23 -12.30 -19.89
N ASN E 310 28.11 -12.02 -19.24
CA ASN E 310 27.11 -11.14 -19.86
C ASN E 310 27.62 -9.75 -20.20
N PRO E 311 28.40 -9.05 -19.35
CA PRO E 311 28.93 -7.74 -19.78
C PRO E 311 29.76 -7.84 -21.06
N PHE E 312 30.58 -8.89 -21.18
CA PHE E 312 31.34 -9.10 -22.41
C PHE E 312 30.42 -9.37 -23.58
N TYR E 313 29.40 -10.22 -23.36
CA TYR E 313 28.47 -10.56 -24.44
C TYR E 313 27.78 -9.32 -24.98
N GLU E 314 27.18 -8.52 -24.10
CA GLU E 314 26.46 -7.33 -24.53
C GLU E 314 27.38 -6.34 -25.22
N ARG E 315 28.56 -6.11 -24.65
CA ARG E 315 29.52 -5.20 -25.25
C ARG E 315 29.96 -5.71 -26.63
N ASP E 316 30.24 -7.01 -26.74
CA ASP E 316 30.77 -7.54 -27.99
C ASP E 316 29.71 -7.57 -29.10
N VAL E 317 28.47 -7.95 -28.78
CA VAL E 317 27.44 -7.93 -29.83
C VAL E 317 27.17 -6.48 -30.26
N GLU E 318 27.16 -5.56 -29.31
CA GLU E 318 26.98 -4.16 -29.64
C GLU E 318 28.06 -3.67 -30.59
N ASN E 319 29.30 -4.10 -30.38
CA ASN E 319 30.41 -3.74 -31.23
C ASN E 319 30.50 -4.59 -32.49
N GLY E 320 29.60 -5.55 -32.67
CA GLY E 320 29.56 -6.31 -33.90
C GLY E 320 30.62 -7.36 -34.07
N ILE E 321 31.28 -7.80 -32.99
CA ILE E 321 32.27 -8.86 -33.10
C ILE E 321 31.76 -10.21 -32.61
N LEU E 322 30.51 -10.27 -32.17
CA LEU E 322 29.93 -11.47 -31.60
C LEU E 322 28.45 -11.47 -31.94
N ASP E 323 27.90 -12.66 -32.11
CA ASP E 323 26.46 -12.86 -32.16
C ASP E 323 26.13 -14.05 -31.28
N ARG E 324 24.84 -14.34 -31.12
CA ARG E 324 24.43 -15.40 -30.22
C ARG E 324 25.00 -16.76 -30.64
N ASP E 325 25.00 -17.03 -31.96
CA ASP E 325 25.51 -18.32 -32.42
C ASP E 325 26.98 -18.50 -32.06
N ARG E 326 27.79 -17.46 -32.25
CA ARG E 326 29.21 -17.60 -31.93
C ARG E 326 29.41 -17.66 -30.43
N ALA E 327 28.60 -16.91 -29.66
CA ALA E 327 28.64 -17.02 -28.20
C ALA E 327 28.35 -18.46 -27.75
N GLN E 328 27.35 -19.11 -28.37
CA GLN E 328 27.01 -20.49 -28.04
C GLN E 328 28.09 -21.47 -28.51
N GLU E 329 28.65 -21.23 -29.70
CA GLU E 329 29.71 -22.09 -30.20
C GLU E 329 30.90 -22.10 -29.24
N LEU E 330 31.28 -20.93 -28.72
CA LEU E 330 32.41 -20.84 -27.79
C LEU E 330 32.13 -21.61 -26.50
N LEU E 331 30.90 -21.54 -25.99
CA LEU E 331 30.56 -22.28 -24.78
C LEU E 331 30.46 -23.77 -25.06
N GLU E 332 30.02 -24.18 -26.25
CA GLU E 332 30.07 -25.60 -26.58
C GLU E 332 31.51 -26.09 -26.60
N CYS E 333 32.45 -25.26 -27.06
CA CYS E 333 33.86 -25.60 -26.95
C CYS E 333 34.29 -25.73 -25.50
N LEU E 334 33.92 -24.77 -24.64
CA LEU E 334 34.23 -24.86 -23.21
C LEU E 334 33.70 -26.15 -22.59
N TRP E 335 32.43 -26.48 -22.86
CA TRP E 335 31.83 -27.70 -22.33
C TRP E 335 32.68 -28.92 -22.67
N VAL E 336 33.17 -28.99 -23.91
CA VAL E 336 34.03 -30.11 -24.31
C VAL E 336 35.33 -30.08 -23.50
N LYS E 337 35.90 -28.90 -23.24
CA LYS E 337 37.15 -28.86 -22.49
C LYS E 337 36.98 -29.49 -21.11
N PHE E 338 35.88 -29.16 -20.40
CA PHE E 338 35.59 -29.81 -19.13
C PHE E 338 35.54 -31.33 -19.28
N ASN E 339 34.85 -31.82 -20.31
CA ASN E 339 34.67 -33.24 -20.47
C ASN E 339 35.96 -33.95 -20.85
N ASN E 340 36.96 -33.22 -21.31
CA ASN E 340 38.27 -33.82 -21.58
C ASN E 340 39.13 -34.00 -20.34
N GLN E 341 38.71 -33.51 -19.16
CA GLN E 341 39.56 -33.58 -17.96
C GLN E 341 38.93 -34.49 -16.91
N PRO E 342 39.32 -35.75 -16.80
CA PRO E 342 38.81 -36.60 -15.72
C PRO E 342 39.37 -36.23 -14.36
N ALA E 343 38.68 -36.63 -13.31
CA ALA E 343 39.31 -36.62 -11.99
C ALA E 343 40.49 -37.60 -12.02
N PRO E 344 41.67 -37.18 -11.56
CA PRO E 344 42.82 -38.10 -11.60
C PRO E 344 42.52 -39.36 -10.85
N PRO E 345 43.19 -40.46 -11.19
CA PRO E 345 42.78 -41.77 -10.67
C PRO E 345 42.81 -41.83 -9.14
N LYS E 346 41.80 -42.49 -8.60
CA LYS E 346 41.65 -42.75 -7.18
C LYS E 346 41.79 -44.25 -6.92
N VAL E 347 42.25 -44.59 -5.73
CA VAL E 347 42.34 -45.98 -5.30
C VAL E 347 41.81 -46.06 -3.88
N GLY E 348 41.64 -47.30 -3.41
CA GLY E 348 41.23 -47.50 -2.03
C GLY E 348 39.93 -46.80 -1.68
N ILE E 349 39.89 -46.24 -0.46
CA ILE E 349 38.64 -45.64 0.03
C ILE E 349 38.26 -44.41 -0.79
N THR E 350 39.24 -43.64 -1.27
CA THR E 350 38.90 -42.48 -2.08
C THR E 350 38.04 -42.86 -3.29
N LEU E 351 38.36 -43.98 -3.95
CA LEU E 351 37.51 -44.44 -5.05
C LEU E 351 36.12 -44.82 -4.55
N LYS E 352 36.03 -45.56 -3.45
CA LYS E 352 34.73 -46.03 -2.97
C LYS E 352 33.79 -44.86 -2.70
N GLU E 353 34.32 -43.74 -2.20
CA GLU E 353 33.47 -42.62 -1.82
C GLU E 353 33.19 -41.67 -2.99
N SER E 354 33.96 -41.76 -4.06
CA SER E 354 33.82 -40.88 -5.21
C SER E 354 34.12 -41.69 -6.48
N SER E 355 33.26 -42.67 -6.78
CA SER E 355 33.58 -43.68 -7.79
C SER E 355 33.11 -43.19 -9.15
N THR E 356 33.89 -42.29 -9.74
CA THR E 356 33.49 -41.66 -10.99
C THR E 356 34.72 -41.05 -11.64
N TYR E 357 34.65 -40.90 -12.96
CA TYR E 357 35.62 -40.10 -13.72
C TYR E 357 35.35 -38.61 -13.62
N THR E 358 34.13 -38.19 -13.29
CA THR E 358 33.82 -36.78 -13.28
C THR E 358 34.49 -36.09 -12.09
N ASP E 359 34.72 -34.78 -12.25
CA ASP E 359 35.44 -34.00 -11.24
C ASP E 359 34.61 -32.84 -10.69
N PHE E 360 33.28 -32.89 -10.86
CA PHE E 360 32.33 -32.07 -10.09
C PHE E 360 32.59 -30.58 -10.26
N ALA E 361 32.78 -30.16 -11.51
CA ALA E 361 32.93 -28.74 -11.84
C ALA E 361 31.53 -28.18 -12.00
N ASN E 362 31.03 -27.54 -10.94
CA ASN E 362 29.62 -27.18 -10.79
C ASN E 362 29.42 -25.74 -11.23
N ILE E 363 28.59 -25.56 -12.25
CA ILE E 363 28.26 -24.23 -12.77
C ILE E 363 26.85 -23.88 -12.31
N ASN E 364 26.71 -22.67 -11.76
CA ASN E 364 25.43 -22.15 -11.27
C ASN E 364 24.91 -21.11 -12.26
N THR E 365 23.81 -21.41 -12.93
CA THR E 365 23.18 -20.47 -13.88
C THR E 365 21.85 -19.97 -13.34
N GLY E 366 21.57 -18.68 -13.54
CA GLY E 366 20.34 -18.09 -13.03
C GLY E 366 20.59 -17.18 -11.84
N GLY E 367 19.98 -17.50 -10.70
CA GLY E 367 20.32 -16.83 -9.45
C GLY E 367 20.11 -15.32 -9.51
N ILE E 368 20.96 -14.61 -8.77
CA ILE E 368 20.89 -13.16 -8.66
C ILE E 368 22.24 -12.56 -9.05
N ASN E 369 22.17 -11.31 -9.48
CA ASN E 369 23.38 -10.57 -9.84
C ASN E 369 24.03 -10.00 -8.58
N PRO E 370 25.19 -9.37 -8.72
CA PRO E 370 25.89 -8.84 -7.53
C PRO E 370 25.09 -7.84 -6.73
N ASP E 371 24.08 -7.20 -7.32
CA ASP E 371 23.18 -6.30 -6.61
C ASP E 371 22.03 -7.00 -5.92
N GLY E 372 21.92 -8.32 -6.06
CA GLY E 372 20.85 -9.04 -5.43
C GLY E 372 19.57 -9.13 -6.23
N GLN E 373 19.54 -8.63 -7.46
CA GLN E 373 18.34 -8.67 -8.27
C GLN E 373 18.42 -9.83 -9.27
N ASP E 374 17.29 -10.11 -9.93
CA ASP E 374 17.19 -11.22 -10.88
C ASP E 374 18.41 -11.26 -11.80
N GLY E 375 19.11 -12.39 -11.80
CA GLY E 375 20.32 -12.51 -12.59
C GLY E 375 20.16 -13.20 -13.93
N VAL E 376 18.97 -13.71 -14.25
CA VAL E 376 18.79 -14.37 -15.53
C VAL E 376 19.05 -13.39 -16.67
N ASN E 377 19.91 -13.77 -17.60
CA ASN E 377 20.23 -12.86 -18.69
C ASN E 377 20.37 -13.69 -19.96
N GLU E 378 20.77 -13.03 -21.04
CA GLU E 378 20.83 -13.74 -22.32
C GLU E 378 21.86 -14.87 -22.26
N VAL E 379 22.97 -14.67 -21.55
CA VAL E 379 23.93 -15.77 -21.46
C VAL E 379 23.36 -16.95 -20.70
N SER E 380 22.50 -16.70 -19.71
CA SER E 380 21.88 -17.80 -18.98
C SER E 380 21.17 -18.77 -19.92
N TYR E 381 20.39 -18.23 -20.86
CA TYR E 381 19.65 -19.09 -21.78
C TYR E 381 20.59 -19.78 -22.77
N ILE E 382 21.66 -19.11 -23.18
CA ILE E 382 22.65 -19.77 -24.03
C ILE E 382 23.23 -20.96 -23.29
N ILE E 383 23.57 -20.80 -22.00
CA ILE E 383 24.12 -21.93 -21.26
C ILE E 383 23.10 -23.07 -21.21
N LEU E 384 21.83 -22.76 -20.97
CA LEU E 384 20.83 -23.83 -20.99
C LEU E 384 20.80 -24.51 -22.35
N ASP E 385 20.88 -23.73 -23.44
CA ASP E 385 20.92 -24.32 -24.77
C ASP E 385 22.15 -25.22 -24.97
N VAL E 386 23.33 -24.79 -24.51
CA VAL E 386 24.50 -25.63 -24.78
C VAL E 386 24.49 -26.90 -23.95
N MET E 387 24.05 -26.83 -22.68
CA MET E 387 24.03 -28.05 -21.88
C MET E 387 23.04 -29.05 -22.43
N ASP E 388 21.90 -28.56 -22.94
CA ASP E 388 20.90 -29.41 -23.57
C ASP E 388 21.47 -30.12 -24.79
N GLU E 389 22.04 -29.37 -25.72
CA GLU E 389 22.59 -29.97 -26.93
C GLU E 389 23.73 -30.91 -26.62
N MET E 390 24.71 -30.47 -25.80
CA MET E 390 25.94 -31.24 -25.65
C MET E 390 25.73 -32.52 -24.85
N LYS E 391 24.81 -32.52 -23.89
CA LYS E 391 24.53 -33.67 -23.05
C LYS E 391 25.83 -34.36 -22.57
N LEU E 392 26.68 -33.57 -21.90
CA LEU E 392 27.94 -34.06 -21.34
C LEU E 392 27.85 -34.07 -19.82
N ILE E 393 28.37 -35.12 -19.19
CA ILE E 393 28.27 -35.19 -17.73
C ILE E 393 29.30 -34.31 -17.04
N GLN E 394 30.23 -33.72 -17.78
CA GLN E 394 31.06 -32.60 -17.31
C GLN E 394 30.92 -31.46 -18.30
N PRO E 395 30.77 -30.22 -17.82
CA PRO E 395 30.68 -29.82 -16.42
C PRO E 395 29.35 -30.23 -15.84
N SER E 396 29.20 -29.99 -14.55
CA SER E 396 27.94 -30.22 -13.86
C SER E 396 27.17 -28.90 -13.96
N SER E 397 26.25 -28.81 -14.92
CA SER E 397 25.61 -27.55 -15.27
C SER E 397 24.25 -27.45 -14.57
N ASN E 398 24.14 -26.54 -13.61
CA ASN E 398 22.98 -26.48 -12.72
C ASN E 398 22.34 -25.09 -12.73
N VAL E 399 21.19 -24.97 -12.06
CA VAL E 399 20.50 -23.69 -12.00
C VAL E 399 20.23 -23.29 -10.55
N GLN E 400 20.42 -22.01 -10.27
CA GLN E 400 19.95 -21.36 -9.06
C GLN E 400 18.59 -20.72 -9.36
N ILE E 401 17.61 -21.05 -8.54
CA ILE E 401 16.24 -20.53 -8.67
C ILE E 401 15.96 -19.61 -7.49
N SER E 402 15.60 -18.37 -7.79
CA SER E 402 15.23 -17.35 -6.81
C SER E 402 13.74 -17.02 -6.88
N LYS E 403 13.21 -16.46 -5.79
CA LYS E 403 11.89 -15.84 -5.84
C LYS E 403 11.83 -14.78 -6.93
N LYS E 404 12.97 -14.24 -7.33
CA LYS E 404 13.05 -13.27 -8.40
C LYS E 404 13.21 -13.91 -9.78
N THR E 405 13.29 -15.23 -9.87
CA THR E 405 13.56 -15.87 -11.16
C THR E 405 12.30 -15.93 -12.03
N PRO E 406 12.37 -15.51 -13.30
CA PRO E 406 11.19 -15.65 -14.17
C PRO E 406 10.83 -17.11 -14.37
N GLN E 407 9.53 -17.39 -14.35
CA GLN E 407 9.04 -18.75 -14.51
C GLN E 407 9.50 -19.37 -15.83
N LYS E 408 9.70 -18.53 -16.85
CA LYS E 408 10.18 -19.05 -18.14
C LYS E 408 11.54 -19.73 -18.01
N PHE E 409 12.44 -19.16 -17.21
CA PHE E 409 13.74 -19.77 -17.02
C PHE E 409 13.61 -21.10 -16.26
N LEU E 410 12.85 -21.11 -15.17
CA LEU E 410 12.67 -22.35 -14.43
C LEU E 410 12.11 -23.44 -15.32
N LYS E 411 11.12 -23.12 -16.14
CA LYS E 411 10.49 -24.14 -16.97
C LYS E 411 11.46 -24.64 -18.04
N ARG E 412 12.29 -23.76 -18.59
CA ARG E 412 13.32 -24.22 -19.53
C ARG E 412 14.26 -25.22 -18.87
N ALA E 413 14.66 -24.95 -17.62
CA ALA E 413 15.47 -25.91 -16.87
C ALA E 413 14.73 -27.22 -16.65
N CYS E 414 13.45 -27.15 -16.32
CA CYS E 414 12.65 -28.37 -16.15
C CYS E 414 12.53 -29.15 -17.46
N GLU E 415 12.47 -28.45 -18.60
CA GLU E 415 12.48 -29.12 -19.90
C GLU E 415 13.68 -30.03 -20.04
N ILE E 416 14.85 -29.56 -19.62
CA ILE E 416 16.06 -30.36 -19.74
C ILE E 416 16.06 -31.51 -18.75
N SER E 417 15.70 -31.21 -17.49
CA SER E 417 15.73 -32.22 -16.44
C SER E 417 14.85 -33.41 -16.77
N ARG E 418 13.67 -33.15 -17.34
CA ARG E 418 12.76 -34.26 -17.62
C ARG E 418 13.26 -35.17 -18.72
N LYS E 419 14.26 -34.76 -19.52
CA LYS E 419 14.85 -35.66 -20.49
C LYS E 419 15.61 -36.81 -19.87
N GLY E 420 15.80 -36.80 -18.55
CA GLY E 420 16.19 -38.00 -17.85
C GLY E 420 17.67 -38.26 -17.72
N TRP E 421 18.54 -37.29 -18.00
CA TRP E 421 19.95 -37.52 -17.73
C TRP E 421 20.47 -36.72 -16.53
N GLY E 422 19.58 -36.22 -15.68
CA GLY E 422 19.99 -35.73 -14.37
C GLY E 422 20.23 -34.23 -14.25
N GLN E 423 20.94 -33.65 -15.21
CA GLN E 423 21.19 -32.21 -15.21
C GLN E 423 19.97 -31.47 -15.79
N PRO E 424 19.69 -30.24 -15.32
CA PRO E 424 20.34 -29.54 -14.20
C PRO E 424 19.74 -29.88 -12.84
N ALA E 425 20.54 -29.79 -11.79
CA ALA E 425 19.97 -29.75 -10.45
C ALA E 425 19.44 -28.36 -10.18
N PHE E 426 18.61 -28.25 -9.15
CA PHE E 426 17.99 -26.99 -8.78
C PHE E 426 18.45 -26.58 -7.38
N TYR E 427 18.86 -25.33 -7.22
CA TYR E 427 19.29 -24.78 -5.94
C TYR E 427 18.48 -23.55 -5.57
N ASN E 428 18.18 -23.42 -4.28
CA ASN E 428 17.37 -22.32 -3.76
C ASN E 428 18.28 -21.14 -3.41
N THR E 429 18.26 -20.10 -4.25
CA THR E 429 19.08 -18.91 -4.03
C THR E 429 18.83 -18.30 -2.66
N GLU E 430 17.57 -18.24 -2.22
CA GLU E 430 17.31 -17.60 -0.94
C GLU E 430 17.93 -18.39 0.20
N ALA E 431 17.89 -19.72 0.11
CA ALA E 431 18.52 -20.55 1.13
C ALA E 431 20.05 -20.39 1.10
N ILE E 432 20.63 -20.41 -0.09
CA ILE E 432 22.06 -20.17 -0.24
C ILE E 432 22.47 -18.86 0.43
N VAL E 433 21.76 -17.77 0.14
CA VAL E 433 22.14 -16.48 0.70
C VAL E 433 22.03 -16.49 2.22
N GLN E 434 20.95 -17.07 2.76
CA GLN E 434 20.81 -17.11 4.21
C GLN E 434 21.84 -18.05 4.85
N GLU E 435 22.13 -19.19 4.19
CA GLU E 435 23.18 -20.08 4.69
C GLU E 435 24.51 -19.35 4.83
N LEU E 436 24.89 -18.60 3.80
CA LEU E 436 26.13 -17.84 3.81
C LEU E 436 26.13 -16.81 4.93
N MET E 437 25.03 -16.05 5.07
CA MET E 437 24.96 -15.05 6.12
C MET E 437 24.93 -15.69 7.52
N GLU E 438 24.26 -16.82 7.68
CA GLU E 438 24.31 -17.50 8.97
C GLU E 438 25.76 -17.85 9.35
N ALA E 439 26.59 -18.18 8.36
CA ALA E 439 27.99 -18.53 8.59
C ALA E 439 28.91 -17.31 8.71
N GLY E 440 28.40 -16.09 8.56
CA GLY E 440 29.17 -14.89 8.75
C GLY E 440 29.50 -14.09 7.49
N LYS E 441 29.03 -14.50 6.32
CA LYS E 441 29.25 -13.70 5.11
C LYS E 441 28.40 -12.44 5.16
N THR E 442 28.96 -11.34 4.68
CA THR E 442 28.16 -10.14 4.48
C THR E 442 27.18 -10.36 3.32
N ILE E 443 26.11 -9.57 3.30
CA ILE E 443 25.14 -9.72 2.21
C ILE E 443 25.80 -9.45 0.87
N GLU E 444 26.71 -8.47 0.82
CA GLU E 444 27.39 -8.17 -0.43
C GLU E 444 28.16 -9.38 -0.95
N ASP E 445 28.86 -10.07 -0.06
CA ASP E 445 29.60 -11.25 -0.49
C ASP E 445 28.67 -12.41 -0.76
N ALA E 446 27.60 -12.52 0.03
CA ALA E 446 26.68 -13.65 -0.15
C ALA E 446 26.01 -13.59 -1.52
N ARG E 447 25.76 -12.39 -2.05
CA ARG E 447 25.15 -12.25 -3.36
C ARG E 447 26.04 -12.76 -4.50
N LEU E 448 27.31 -12.99 -4.23
CA LEU E 448 28.26 -13.54 -5.19
C LEU E 448 28.42 -15.05 -5.06
N GLY E 449 27.70 -15.68 -4.13
CA GLY E 449 27.90 -17.08 -3.80
C GLY E 449 26.98 -18.06 -4.51
N GLY E 450 27.11 -19.33 -4.14
CA GLY E 450 26.31 -20.36 -4.76
C GLY E 450 26.72 -21.71 -4.22
N THR E 451 26.43 -22.76 -5.00
CA THR E 451 26.80 -24.11 -4.65
C THR E 451 27.88 -24.60 -5.61
N SER E 452 28.76 -25.47 -5.11
CA SER E 452 29.77 -26.11 -5.94
C SER E 452 29.81 -27.58 -5.56
N GLY E 453 30.71 -28.33 -6.18
CA GLY E 453 30.77 -29.75 -5.91
C GLY E 453 29.42 -30.39 -6.18
N CYS E 454 28.85 -31.03 -5.16
CA CYS E 454 27.51 -31.59 -5.28
C CYS E 454 26.44 -30.57 -4.90
N VAL E 455 26.48 -30.07 -3.67
CA VAL E 455 25.45 -29.16 -3.18
C VAL E 455 26.03 -28.13 -2.22
N GLU E 456 27.34 -27.97 -2.21
CA GLU E 456 28.03 -27.28 -1.12
C GLU E 456 28.03 -25.77 -1.30
N THR E 457 27.50 -25.06 -0.31
CA THR E 457 27.37 -23.61 -0.36
C THR E 457 28.68 -22.93 -0.04
N GLY E 458 29.05 -21.94 -0.82
CA GLY E 458 30.27 -21.21 -0.55
C GLY E 458 30.22 -19.83 -1.16
N CYS E 459 31.12 -18.97 -0.69
CA CYS E 459 31.23 -17.61 -1.19
C CYS E 459 32.32 -17.58 -2.26
N PHE E 460 31.92 -17.68 -3.52
CA PHE E 460 32.82 -17.93 -4.63
C PHE E 460 33.93 -16.87 -4.69
N GLY E 461 35.18 -17.33 -4.77
CA GLY E 461 36.32 -16.46 -4.88
C GLY E 461 36.76 -15.80 -3.58
N LYS E 462 36.12 -16.10 -2.46
CA LYS E 462 36.44 -15.44 -1.20
C LYS E 462 36.49 -16.40 -0.02
N GLU E 463 36.43 -17.70 -0.27
CA GLU E 463 36.28 -18.66 0.81
C GLU E 463 37.08 -19.93 0.53
N ALA E 464 37.72 -20.44 1.58
CA ALA E 464 38.15 -21.83 1.61
C ALA E 464 37.10 -22.57 2.42
N TYR E 465 36.35 -23.45 1.77
CA TYR E 465 35.32 -24.24 2.44
C TYR E 465 35.62 -25.69 2.10
N VAL E 466 36.29 -26.36 3.02
CA VAL E 466 36.96 -27.63 2.77
C VAL E 466 36.13 -28.77 3.34
N LEU E 467 35.86 -29.77 2.50
CA LEU E 467 35.25 -31.01 2.95
C LEU E 467 36.34 -31.94 3.48
N THR E 468 36.12 -32.55 4.64
CA THR E 468 37.14 -33.40 5.25
C THR E 468 36.78 -34.88 5.22
N GLY E 469 35.55 -35.25 4.94
CA GLY E 469 35.19 -36.66 4.83
C GLY E 469 33.76 -36.93 5.27
N TYR E 470 33.25 -38.06 4.83
CA TYR E 470 31.89 -38.49 5.18
C TYR E 470 31.88 -39.14 6.57
N MET E 471 30.75 -39.01 7.26
CA MET E 471 30.56 -39.59 8.59
C MET E 471 29.42 -40.62 8.51
N ASN E 472 29.70 -41.85 8.94
CA ASN E 472 28.75 -42.97 8.81
C ASN E 472 27.82 -42.97 10.02
N ILE E 473 26.81 -42.10 9.97
CA ILE E 473 25.92 -41.92 11.13
C ILE E 473 25.17 -43.19 11.49
N PRO E 474 24.62 -43.96 10.53
CA PRO E 474 23.95 -45.22 10.92
C PRO E 474 24.89 -46.19 11.64
N LYS E 475 26.15 -46.28 11.23
CA LYS E 475 27.06 -47.19 11.92
C LYS E 475 27.39 -46.69 13.32
N ILE E 476 27.29 -45.38 13.56
CA ILE E 476 27.45 -44.91 14.93
C ILE E 476 26.34 -45.44 15.82
N LEU E 477 25.11 -45.53 15.28
CA LEU E 477 24.05 -46.20 16.01
C LEU E 477 24.37 -47.69 16.19
N GLU E 478 24.93 -48.33 15.17
CA GLU E 478 25.32 -49.72 15.28
C GLU E 478 26.31 -49.94 16.42
N LEU E 479 27.30 -49.06 16.56
CA LEU E 479 28.20 -49.13 17.71
C LEU E 479 27.44 -48.95 19.01
N THR E 480 26.51 -47.99 19.06
CA THR E 480 25.73 -47.79 20.27
C THR E 480 25.04 -49.08 20.70
N LEU E 481 24.39 -49.75 19.75
CA LEU E 481 23.67 -50.98 20.06
C LEU E 481 24.60 -52.14 20.42
N ASN E 482 25.90 -51.99 20.19
CA ASN E 482 26.85 -53.06 20.51
C ASN E 482 27.88 -52.60 21.53
N ASN E 483 27.58 -51.54 22.29
CA ASN E 483 28.43 -51.09 23.37
C ASN E 483 29.85 -50.79 22.88
N GLY E 484 29.93 -50.14 21.72
CA GLY E 484 31.21 -49.74 21.16
C GLY E 484 31.87 -50.78 20.28
N TYR E 485 31.36 -52.01 20.28
CA TYR E 485 31.91 -53.08 19.47
C TYR E 485 31.32 -53.05 18.06
N ASP E 486 32.17 -53.25 17.07
CA ASP E 486 31.75 -53.28 15.68
C ASP E 486 31.56 -54.73 15.24
N PRO E 487 30.33 -55.18 15.00
CA PRO E 487 30.13 -56.59 14.62
C PRO E 487 30.73 -56.97 13.28
N ILE E 488 31.05 -56.00 12.44
CA ILE E 488 31.60 -56.31 11.12
C ILE E 488 33.11 -56.50 11.19
N SER E 489 33.83 -55.47 11.66
CA SER E 489 35.27 -55.60 11.82
C SER E 489 35.63 -56.45 13.03
N LYS E 490 34.69 -56.67 13.94
CA LYS E 490 34.91 -57.44 15.16
C LYS E 490 36.07 -56.86 15.98
N LYS E 491 36.04 -55.55 16.15
CA LYS E 491 36.99 -54.83 16.99
C LYS E 491 36.23 -53.80 17.79
N GLN E 492 36.80 -53.40 18.91
CA GLN E 492 36.23 -52.33 19.73
C GLN E 492 36.58 -51.00 19.07
N ILE E 493 35.59 -50.39 18.42
CA ILE E 493 35.82 -49.16 17.67
C ILE E 493 35.35 -47.93 18.44
N GLY E 494 34.22 -48.03 19.15
CA GLY E 494 33.67 -46.95 19.92
C GLY E 494 33.97 -47.06 21.41
N ILE E 495 33.15 -46.38 22.20
CA ILE E 495 33.30 -46.37 23.64
C ILE E 495 32.22 -47.24 24.26
N GLU E 496 32.38 -47.53 25.55
CA GLU E 496 31.40 -48.36 26.28
C GLU E 496 30.30 -47.46 26.81
N THR E 497 29.21 -47.35 26.05
CA THR E 497 28.07 -46.57 26.51
C THR E 497 27.02 -47.41 27.24
N GLY E 498 27.21 -48.72 27.32
CA GLY E 498 26.32 -49.55 28.11
C GLY E 498 25.66 -50.65 27.32
N ASP E 499 25.24 -51.71 28.00
CA ASP E 499 24.44 -52.75 27.36
C ASP E 499 23.08 -52.17 27.03
N PRO E 500 22.67 -52.11 25.77
CA PRO E 500 21.38 -51.48 25.44
C PRO E 500 20.20 -52.18 26.09
N ARG E 501 20.32 -53.46 26.42
CA ARG E 501 19.23 -54.17 27.07
C ARG E 501 18.88 -53.57 28.42
N ASN E 502 19.79 -52.80 29.04
CA ASN E 502 19.50 -52.16 30.31
C ASN E 502 18.92 -50.76 30.17
N PHE E 503 18.83 -50.22 28.96
CA PHE E 503 18.25 -48.89 28.78
C PHE E 503 16.76 -48.96 29.03
N GLN E 504 16.28 -48.17 29.99
CA GLN E 504 14.89 -48.20 30.41
C GLN E 504 14.00 -47.24 29.63
N SER E 505 14.57 -46.43 28.74
CA SER E 505 13.78 -45.46 27.99
C SER E 505 14.48 -45.17 26.68
N TYR E 506 13.71 -44.67 25.73
CA TYR E 506 14.29 -44.21 24.48
C TYR E 506 15.31 -43.10 24.71
N GLU E 507 14.99 -42.15 25.60
CA GLU E 507 15.90 -41.04 25.90
C GLU E 507 17.25 -41.55 26.36
N GLU E 508 17.28 -42.64 27.13
CA GLU E 508 18.54 -43.22 27.55
C GLU E 508 19.34 -43.75 26.37
N LEU E 509 18.67 -44.43 25.44
CA LEU E 509 19.34 -44.92 24.24
C LEU E 509 19.88 -43.77 23.41
N PHE E 510 19.08 -42.72 23.22
CA PHE E 510 19.53 -41.61 22.38
C PHE E 510 20.71 -40.90 23.03
N GLU E 511 20.71 -40.80 24.36
CA GLU E 511 21.87 -40.24 25.06
C GLU E 511 23.12 -41.08 24.80
N ALA E 512 22.99 -42.40 24.85
CA ALA E 512 24.11 -43.28 24.52
C ALA E 512 24.58 -43.04 23.09
N PHE E 513 23.64 -42.84 22.17
CA PHE E 513 24.00 -42.55 20.78
C PHE E 513 24.77 -41.24 20.68
N LYS E 514 24.31 -40.19 21.37
CA LYS E 514 25.00 -38.92 21.33
C LYS E 514 26.40 -39.01 21.92
N LYS E 515 26.60 -39.87 22.92
CA LYS E 515 27.95 -40.06 23.45
C LYS E 515 28.86 -40.75 22.44
N GLN E 516 28.35 -41.76 21.72
CA GLN E 516 29.14 -42.38 20.66
C GLN E 516 29.44 -41.39 19.55
N LEU E 517 28.46 -40.55 19.21
CA LEU E 517 28.68 -39.50 18.23
C LEU E 517 29.80 -38.54 18.67
N HIS E 518 29.74 -38.08 19.93
CA HIS E 518 30.77 -37.17 20.42
C HIS E 518 32.15 -37.80 20.28
N TYR E 519 32.29 -39.07 20.64
CA TYR E 519 33.59 -39.72 20.56
C TYR E 519 34.09 -39.80 19.12
N MET E 520 33.20 -40.19 18.21
CA MET E 520 33.63 -40.39 16.83
C MET E 520 33.97 -39.06 16.16
N ILE E 521 33.20 -38.00 16.46
CA ILE E 521 33.55 -36.68 15.93
C ILE E 521 34.89 -36.22 16.51
N ASP E 522 35.12 -36.45 17.80
CA ASP E 522 36.39 -36.08 18.40
C ASP E 522 37.56 -36.74 17.68
N ILE E 523 37.45 -38.04 17.38
CA ILE E 523 38.52 -38.75 16.67
C ILE E 523 38.77 -38.14 15.30
N LYS E 524 37.71 -37.91 14.54
CA LYS E 524 37.84 -37.33 13.20
C LYS E 524 38.46 -35.93 13.26
N ILE E 525 37.98 -35.08 14.16
CA ILE E 525 38.45 -33.70 14.23
C ILE E 525 39.91 -33.67 14.63
N GLU E 526 40.32 -34.55 15.55
CA GLU E 526 41.72 -34.61 15.94
C GLU E 526 42.59 -34.95 14.75
N GLY E 527 42.19 -35.94 13.96
CA GLY E 527 42.90 -36.24 12.73
C GLY E 527 42.89 -35.07 11.76
N ASN E 528 41.72 -34.43 11.60
CA ASN E 528 41.59 -33.28 10.70
C ASN E 528 42.59 -32.18 11.05
N ALA E 529 42.75 -31.91 12.35
CA ALA E 529 43.64 -30.82 12.76
C ALA E 529 45.08 -31.08 12.31
N VAL E 530 45.57 -32.30 12.52
CA VAL E 530 46.88 -32.70 12.02
C VAL E 530 46.96 -32.49 10.50
N ILE E 531 45.93 -32.97 9.78
CA ILE E 531 45.91 -32.91 8.32
C ILE E 531 45.86 -31.45 7.84
N GLU E 532 45.13 -30.59 8.55
CA GLU E 532 45.07 -29.18 8.18
C GLU E 532 46.47 -28.55 8.25
N ASN E 533 47.23 -28.88 9.29
CA ASN E 533 48.61 -28.42 9.38
C ASN E 533 49.45 -28.96 8.22
N ILE E 534 49.36 -30.27 7.95
CA ILE E 534 50.18 -30.86 6.92
C ILE E 534 49.91 -30.21 5.56
N CYS E 535 48.62 -30.00 5.23
CA CYS E 535 48.30 -29.36 3.96
C CYS E 535 48.75 -27.90 3.92
N ALA E 536 48.63 -27.18 5.03
CA ALA E 536 49.07 -25.79 5.06
C ALA E 536 50.58 -25.69 4.83
N LYS E 537 51.35 -26.61 5.41
CA LYS E 537 52.80 -26.53 5.35
C LYS E 537 53.35 -27.14 4.08
N HIS E 538 52.79 -28.25 3.60
CA HIS E 538 53.38 -28.99 2.50
C HIS E 538 52.60 -28.89 1.20
N MET E 539 51.39 -28.37 1.22
CA MET E 539 50.60 -28.15 0.01
C MET E 539 50.20 -26.68 -0.18
N PRO E 540 51.09 -25.70 0.07
CA PRO E 540 50.71 -24.32 -0.25
C PRO E 540 50.42 -24.18 -1.74
N CYS E 541 49.48 -23.30 -2.06
CA CYS E 541 48.99 -23.16 -3.44
C CYS E 541 49.10 -21.69 -3.86
N PRO E 542 50.31 -21.24 -4.20
CA PRO E 542 50.45 -19.81 -4.50
C PRO E 542 49.62 -19.35 -5.69
N LEU E 543 49.41 -20.19 -6.71
CA LEU E 543 48.59 -19.75 -7.86
C LEU E 543 47.16 -19.47 -7.44
N MET E 544 46.53 -20.44 -6.76
CA MET E 544 45.16 -20.23 -6.27
C MET E 544 45.07 -19.00 -5.39
N SER E 545 46.10 -18.75 -4.58
CA SER E 545 46.10 -17.60 -3.70
C SER E 545 46.01 -16.28 -4.48
N THR E 546 46.57 -16.21 -5.69
CA THR E 546 46.55 -14.95 -6.42
C THR E 546 45.15 -14.50 -6.80
N ILE E 547 44.17 -15.40 -6.84
CA ILE E 547 42.85 -15.06 -7.34
C ILE E 547 41.76 -15.20 -6.28
N VAL E 548 42.16 -15.42 -5.05
CA VAL E 548 41.21 -15.56 -4.01
C VAL E 548 41.29 -14.44 -2.98
N ASP E 549 40.15 -13.79 -2.82
CA ASP E 549 40.04 -12.69 -1.86
C ASP E 549 40.44 -13.11 -0.45
N ASP E 550 41.32 -12.21 -0.05
CA ASP E 550 42.20 -11.67 0.99
C ASP E 550 43.65 -12.16 0.90
N CYS E 551 43.94 -13.15 0.08
CA CYS E 551 45.30 -13.75 0.08
C CYS E 551 46.41 -12.71 -0.13
N ILE E 552 46.33 -11.94 -1.21
CA ILE E 552 47.37 -10.95 -1.48
C ILE E 552 47.39 -9.89 -0.39
N GLU E 553 46.23 -9.35 -0.07
CA GLU E 553 46.16 -8.30 0.93
C GLU E 553 46.67 -8.78 2.29
N LYS E 554 46.31 -10.01 2.68
CA LYS E 554 46.79 -10.57 3.94
C LYS E 554 48.24 -11.05 3.89
N GLY E 555 48.82 -11.21 2.70
CA GLY E 555 50.09 -11.90 2.56
C GLY E 555 50.02 -13.30 3.14
N LYS E 556 48.98 -14.06 2.77
CA LYS E 556 48.75 -15.36 3.39
C LYS E 556 48.18 -16.33 2.36
N ASP E 557 48.84 -17.48 2.25
CA ASP E 557 48.44 -18.47 1.26
C ASP E 557 47.02 -18.99 1.53
N TYR E 558 46.33 -19.31 0.44
CA TYR E 558 44.98 -19.86 0.52
C TYR E 558 44.92 -21.11 1.40
N GLN E 559 45.96 -21.95 1.36
CA GLN E 559 45.96 -23.20 2.11
C GLN E 559 46.20 -23.01 3.60
N ARG E 560 46.44 -21.78 4.10
CA ARG E 560 46.62 -21.61 5.53
C ARG E 560 45.79 -20.44 6.06
N GLY E 561 44.68 -20.11 5.40
CA GLY E 561 43.72 -19.16 5.92
C GLY E 561 43.69 -17.81 5.25
N GLY E 562 44.35 -17.65 4.10
CA GLY E 562 44.35 -16.38 3.40
C GLY E 562 42.99 -15.94 2.87
N ALA E 563 42.08 -16.88 2.66
CA ALA E 563 40.75 -16.53 2.18
C ALA E 563 40.02 -15.67 3.20
N ARG E 564 39.10 -14.83 2.69
CA ARG E 564 38.32 -13.98 3.57
C ARG E 564 37.50 -14.81 4.55
N TYR E 565 36.91 -15.90 4.09
CA TYR E 565 36.11 -16.80 4.89
C TYR E 565 36.76 -18.17 4.89
N ASN E 566 36.68 -18.86 6.02
CA ASN E 566 37.29 -20.17 6.17
C ASN E 566 36.36 -21.07 6.97
N THR E 567 35.92 -22.15 6.35
CA THR E 567 35.07 -23.12 7.01
C THR E 567 35.57 -24.50 6.64
N ARG E 568 35.21 -25.47 7.47
CA ARG E 568 35.51 -26.87 7.24
C ARG E 568 34.27 -27.69 7.55
N TYR E 569 34.10 -28.78 6.82
CA TYR E 569 32.89 -29.56 6.91
C TYR E 569 33.18 -31.03 7.18
N ILE E 570 32.27 -31.66 7.90
CA ILE E 570 32.13 -33.11 7.92
C ILE E 570 30.76 -33.43 7.31
N GLN E 571 30.75 -34.27 6.30
CA GLN E 571 29.53 -34.49 5.53
C GLN E 571 28.76 -35.69 6.11
N GLY E 572 27.54 -35.45 6.58
CA GLY E 572 26.75 -36.49 7.21
C GLY E 572 26.04 -37.41 6.22
N VAL E 573 26.15 -38.72 6.42
CA VAL E 573 25.56 -39.72 5.53
C VAL E 573 24.55 -40.57 6.29
N GLY E 574 23.42 -40.83 5.65
CA GLY E 574 22.46 -41.81 6.13
C GLY E 574 21.35 -41.32 7.05
N ILE E 575 20.96 -40.04 6.97
CA ILE E 575 20.00 -39.52 7.94
C ILE E 575 18.69 -40.30 7.87
N GLY E 576 18.24 -40.68 6.68
CA GLY E 576 17.02 -41.45 6.57
C GLY E 576 17.13 -42.81 7.22
N THR E 577 18.21 -43.53 6.92
CA THR E 577 18.41 -44.85 7.50
C THR E 577 18.41 -44.80 9.02
N ILE E 578 19.14 -43.84 9.62
CA ILE E 578 19.20 -43.85 11.07
C ILE E 578 17.89 -43.33 11.68
N THR E 579 17.25 -42.35 11.04
CA THR E 579 15.95 -41.90 11.51
C THR E 579 14.98 -43.06 11.60
N ASP E 580 14.86 -43.83 10.52
CA ASP E 580 13.94 -44.97 10.53
C ASP E 580 14.37 -46.02 11.54
N SER E 581 15.68 -46.15 11.76
CA SER E 581 16.16 -47.13 12.75
C SER E 581 15.77 -46.72 14.16
N LEU E 582 16.06 -45.48 14.54
CA LEU E 582 15.69 -45.02 15.87
C LEU E 582 14.18 -44.95 16.01
N THR E 583 13.47 -44.57 14.95
CA THR E 583 12.02 -44.59 14.99
C THR E 583 11.50 -46.01 15.26
N ALA E 584 12.10 -47.00 14.60
CA ALA E 584 11.66 -48.38 14.81
C ALA E 584 11.87 -48.82 16.26
N ILE E 585 12.99 -48.42 16.86
CA ILE E 585 13.26 -48.82 18.24
C ILE E 585 12.28 -48.15 19.18
N LYS E 586 12.09 -46.85 19.04
CA LYS E 586 11.17 -46.15 19.91
C LYS E 586 9.75 -46.70 19.79
N TYR E 587 9.29 -46.93 18.55
CA TYR E 587 7.92 -47.37 18.34
C TYR E 587 7.70 -48.79 18.84
N ASN E 588 8.59 -49.71 18.48
CA ASN E 588 8.38 -51.11 18.75
C ASN E 588 8.90 -51.55 20.11
N VAL E 589 10.02 -51.02 20.57
CA VAL E 589 10.61 -51.45 21.85
C VAL E 589 10.02 -50.67 23.01
N PHE E 590 9.96 -49.36 22.92
CA PHE E 590 9.63 -48.54 24.08
C PHE E 590 8.18 -48.06 24.11
N ASP E 591 7.57 -47.76 22.97
CA ASP E 591 6.19 -47.24 22.98
C ASP E 591 5.15 -48.36 22.92
N LYS E 592 5.09 -49.08 21.81
CA LYS E 592 4.10 -50.16 21.70
C LYS E 592 4.54 -51.43 22.40
N LYS E 593 5.83 -51.56 22.74
CA LYS E 593 6.33 -52.70 23.51
C LYS E 593 6.00 -54.02 22.80
N LYS E 594 6.27 -54.08 21.50
CA LYS E 594 6.02 -55.30 20.75
C LYS E 594 7.14 -56.32 20.88
N PHE E 595 8.36 -55.88 21.18
CA PHE E 595 9.45 -56.79 21.49
C PHE E 595 10.49 -55.99 22.27
N ASP E 596 11.43 -56.70 22.89
CA ASP E 596 12.42 -56.03 23.71
C ASP E 596 13.76 -55.90 22.99
N MET E 597 14.69 -55.18 23.63
CA MET E 597 15.96 -54.89 22.97
C MET E 597 16.74 -56.17 22.67
N ASP E 598 16.73 -57.13 23.58
CA ASP E 598 17.46 -58.37 23.36
C ASP E 598 16.96 -59.09 22.10
N THR E 599 15.65 -59.12 21.90
CA THR E 599 15.11 -59.78 20.71
C THR E 599 15.54 -59.05 19.45
N LEU E 600 15.47 -57.72 19.46
CA LEU E 600 15.87 -56.93 18.30
C LEU E 600 17.32 -57.23 17.93
N LEU E 601 18.21 -57.26 18.93
CA LEU E 601 19.62 -57.50 18.66
C LEU E 601 19.84 -58.91 18.10
N LYS E 602 19.11 -59.90 18.61
CA LYS E 602 19.15 -61.22 18.02
C LYS E 602 18.69 -61.19 16.57
N ALA E 603 17.61 -60.46 16.28
CA ALA E 603 17.16 -60.36 14.90
C ALA E 603 18.24 -59.74 14.01
N LEU E 604 18.84 -58.63 14.46
CA LEU E 604 19.88 -57.98 13.66
C LEU E 604 21.07 -58.92 13.44
N ASP E 605 21.52 -59.60 14.50
CA ASP E 605 22.68 -60.47 14.34
C ASP E 605 22.40 -61.59 13.34
N ALA E 606 21.15 -62.00 13.20
CA ALA E 606 20.78 -63.06 12.28
C ALA E 606 20.41 -62.54 10.89
N ASN E 607 20.63 -61.26 10.61
CA ASN E 607 20.17 -60.64 9.37
C ASN E 607 18.68 -60.90 9.17
N PHE E 608 17.94 -60.97 10.28
CA PHE E 608 16.51 -61.22 10.33
C PHE E 608 16.14 -62.64 9.89
N GLU E 609 17.10 -63.50 9.56
CA GLU E 609 16.78 -64.90 9.24
C GLU E 609 16.19 -65.57 10.47
N GLY E 610 14.97 -66.08 10.33
CA GLY E 610 14.25 -66.61 11.46
C GLY E 610 13.53 -65.57 12.29
N TYR E 611 13.61 -64.30 11.92
CA TYR E 611 12.88 -63.24 12.60
C TYR E 611 12.04 -62.47 11.61
N GLU E 612 11.45 -63.18 10.65
CA GLU E 612 10.61 -62.55 9.64
C GLU E 612 9.45 -61.77 10.25
N ALA E 613 8.99 -62.11 11.45
CA ALA E 613 7.91 -61.35 12.05
C ALA E 613 8.37 -59.98 12.50
N ILE E 614 9.54 -59.91 13.14
CA ILE E 614 10.12 -58.63 13.51
C ILE E 614 10.37 -57.80 12.26
N LEU E 615 10.98 -58.42 11.25
CA LEU E 615 11.28 -57.70 10.02
C LEU E 615 10.03 -57.05 9.45
N ASN E 616 8.91 -57.77 9.50
CA ASN E 616 7.66 -57.23 9.00
C ASN E 616 7.22 -56.01 9.81
N LEU E 617 7.35 -56.08 11.13
CA LEU E 617 6.93 -54.97 11.97
C LEU E 617 7.74 -53.71 11.67
N VAL E 618 9.06 -53.83 11.63
CA VAL E 618 9.89 -52.64 11.46
C VAL E 618 9.82 -52.14 10.03
N SER E 619 9.58 -53.03 9.06
CA SER E 619 9.53 -52.59 7.67
C SER E 619 8.17 -52.03 7.28
N ASN E 620 7.08 -52.65 7.74
CA ASN E 620 5.76 -52.35 7.18
C ASN E 620 4.75 -51.82 8.19
N LYS E 621 5.00 -51.93 9.48
CA LYS E 621 4.05 -51.47 10.49
C LYS E 621 4.67 -50.42 11.43
N THR E 622 5.63 -49.64 10.92
CA THR E 622 6.35 -48.65 11.69
C THR E 622 6.43 -47.33 10.93
N PRO E 623 6.28 -46.20 11.62
CA PRO E 623 6.39 -44.91 10.93
C PRO E 623 7.74 -44.76 10.25
N LYS E 624 7.75 -44.00 9.16
CA LYS E 624 8.92 -43.86 8.30
C LYS E 624 9.13 -42.40 7.94
N TYR E 625 10.40 -42.00 7.88
CA TYR E 625 10.77 -40.68 7.40
C TYR E 625 10.36 -40.52 5.94
N GLY E 626 9.94 -39.31 5.56
CA GLY E 626 9.55 -39.01 4.20
C GLY E 626 8.06 -39.11 3.90
N ASN E 627 7.21 -39.16 4.93
CA ASN E 627 5.76 -39.26 4.77
C ASN E 627 5.02 -38.13 5.46
N ASP E 628 5.72 -37.05 5.82
CA ASP E 628 5.17 -35.96 6.62
C ASP E 628 4.56 -36.50 7.92
N ASP E 629 5.20 -37.53 8.47
CA ASP E 629 4.76 -38.18 9.69
C ASP E 629 5.62 -37.67 10.83
N ASP E 630 5.03 -36.87 11.72
CA ASP E 630 5.80 -36.22 12.76
C ASP E 630 6.43 -37.20 13.76
N TYR E 631 5.87 -38.40 13.90
CA TYR E 631 6.49 -39.37 14.79
C TYR E 631 7.90 -39.69 14.32
N ALA E 632 8.08 -39.93 13.02
CA ALA E 632 9.41 -40.18 12.50
C ALA E 632 10.18 -38.89 12.27
N ASP E 633 9.51 -37.83 11.81
CA ASP E 633 10.24 -36.64 11.41
C ASP E 633 10.82 -35.89 12.61
N GLU E 634 10.19 -36.01 13.78
CA GLU E 634 10.77 -35.41 14.98
C GLU E 634 12.04 -36.11 15.40
N ILE E 635 12.11 -37.42 15.16
CA ILE E 635 13.33 -38.16 15.43
C ILE E 635 14.42 -37.73 14.48
N MET E 636 14.06 -37.55 13.20
CA MET E 636 14.99 -36.96 12.24
C MET E 636 15.55 -35.64 12.77
N GLN E 637 14.66 -34.76 13.24
CA GLN E 637 15.11 -33.44 13.70
C GLN E 637 16.08 -33.57 14.87
N GLU E 638 15.80 -34.45 15.82
CA GLU E 638 16.70 -34.64 16.95
C GLU E 638 18.06 -35.15 16.49
N ILE E 639 18.08 -36.12 15.57
CA ILE E 639 19.35 -36.61 15.03
C ILE E 639 20.09 -35.49 14.31
N PHE E 640 19.39 -34.79 13.43
CA PHE E 640 20.04 -33.71 12.69
C PHE E 640 20.60 -32.68 13.65
N ASN E 641 19.82 -32.29 14.66
CA ASN E 641 20.26 -31.29 15.62
C ASN E 641 21.46 -31.76 16.42
N ALA E 642 21.48 -33.05 16.80
CA ALA E 642 22.62 -33.58 17.53
C ALA E 642 23.89 -33.53 16.70
N TYR E 643 23.79 -33.89 15.42
CA TYR E 643 24.93 -33.81 14.52
C TYR E 643 25.39 -32.36 14.35
N TYR E 644 24.45 -31.46 14.07
CA TYR E 644 24.78 -30.04 13.95
C TYR E 644 25.48 -29.54 15.19
N ASN E 645 24.94 -29.87 16.37
CA ASN E 645 25.46 -29.37 17.64
C ASN E 645 26.85 -29.93 17.93
N GLU E 646 27.08 -31.19 17.56
CA GLU E 646 28.36 -31.83 17.88
C GLU E 646 29.51 -31.24 17.06
N VAL E 647 29.22 -30.81 15.84
CA VAL E 647 30.26 -30.40 14.90
C VAL E 647 30.43 -28.89 14.86
N THR E 648 29.33 -28.14 14.80
CA THR E 648 29.39 -26.74 14.43
C THR E 648 30.03 -25.88 15.53
N GLY E 649 30.89 -24.97 15.14
CA GLY E 649 31.54 -24.05 16.04
C GLY E 649 32.89 -24.50 16.55
N ARG E 650 33.28 -25.76 16.32
CA ARG E 650 34.63 -26.18 16.64
C ARG E 650 35.62 -25.37 15.79
N PRO E 651 36.74 -24.95 16.35
CA PRO E 651 37.70 -24.15 15.59
C PRO E 651 38.49 -25.01 14.61
N THR E 652 38.87 -24.40 13.51
CA THR E 652 39.86 -24.95 12.60
C THR E 652 41.22 -24.35 12.94
N VAL E 653 42.28 -25.01 12.48
CA VAL E 653 43.64 -24.58 12.80
C VAL E 653 43.92 -23.20 12.22
N CYS E 654 43.39 -22.90 11.03
CA CYS E 654 43.75 -21.66 10.37
C CYS E 654 42.74 -20.54 10.56
N GLY E 655 41.95 -20.57 11.62
CA GLY E 655 41.15 -19.43 12.02
C GLY E 655 39.70 -19.41 11.59
N GLY E 656 39.17 -20.53 11.10
CA GLY E 656 37.76 -20.65 10.79
C GLY E 656 37.04 -21.52 11.80
N GLU E 657 35.92 -22.09 11.37
CA GLU E 657 35.15 -22.99 12.23
C GLU E 657 34.56 -24.12 11.39
N TYR E 658 34.20 -25.22 12.08
CA TYR E 658 33.56 -26.35 11.46
C TYR E 658 32.06 -26.12 11.33
N ARG E 659 31.51 -26.62 10.23
CA ARG E 659 30.08 -26.61 9.98
C ARG E 659 29.72 -27.95 9.36
N VAL E 660 28.46 -28.12 9.02
CA VAL E 660 27.88 -29.42 8.73
C VAL E 660 27.19 -29.36 7.36
N ASP E 661 27.27 -30.44 6.59
CA ASP E 661 26.45 -30.58 5.39
C ASP E 661 26.04 -32.04 5.25
N MET E 662 25.14 -32.33 4.30
CA MET E 662 24.53 -33.65 4.18
C MET E 662 24.50 -34.07 2.71
N LEU E 663 25.49 -34.85 2.29
CA LEU E 663 25.56 -35.39 0.94
C LEU E 663 26.44 -36.63 0.97
N PRO E 664 26.24 -37.58 0.01
CA PRO E 664 26.97 -38.86 0.08
C PRO E 664 27.95 -39.14 -1.06
N THR E 665 27.76 -38.50 -2.21
CA THR E 665 28.36 -38.96 -3.47
C THR E 665 28.12 -40.46 -3.62
N THR E 666 29.15 -41.32 -3.67
CA THR E 666 28.91 -42.76 -3.70
C THR E 666 29.20 -43.42 -2.36
N CYS E 667 29.44 -42.61 -1.32
CA CYS E 667 29.84 -43.15 -0.02
C CYS E 667 28.70 -43.84 0.71
N HIS E 668 27.44 -43.57 0.34
CA HIS E 668 26.34 -44.29 0.98
C HIS E 668 26.36 -45.77 0.63
N ILE E 669 26.93 -46.11 -0.53
CA ILE E 669 27.14 -47.52 -0.89
C ILE E 669 28.18 -48.14 0.05
N TYR E 670 29.35 -47.51 0.12
CA TYR E 670 30.43 -48.02 0.97
C TYR E 670 29.99 -48.13 2.42
N PHE E 671 29.36 -47.07 2.96
CA PHE E 671 28.96 -47.07 4.37
C PHE E 671 27.96 -48.17 4.69
N GLY E 672 27.09 -48.53 3.73
CA GLY E 672 26.19 -49.64 3.96
C GLY E 672 26.84 -51.00 3.82
N GLU E 673 27.82 -51.11 2.92
CA GLU E 673 28.50 -52.37 2.69
C GLU E 673 29.23 -52.86 3.93
N ILE E 674 29.80 -51.95 4.74
CA ILE E 674 30.57 -52.41 5.89
C ILE E 674 29.75 -52.27 7.16
N MET E 675 28.44 -52.31 7.04
CA MET E 675 27.52 -52.25 8.16
C MET E 675 26.62 -53.47 8.15
N GLY E 676 26.26 -53.95 9.34
CA GLY E 676 25.31 -55.03 9.47
C GLY E 676 23.89 -54.55 9.26
N ALA E 677 22.94 -55.44 9.55
CA ALA E 677 21.54 -55.07 9.48
C ALA E 677 21.24 -53.96 10.49
N SER E 678 20.27 -53.12 10.16
CA SER E 678 19.85 -52.02 11.03
C SER E 678 18.40 -52.16 11.44
N PRO E 679 18.01 -51.52 12.55
CA PRO E 679 16.67 -51.77 13.13
C PRO E 679 15.52 -51.43 12.21
N ASN E 680 15.71 -50.61 11.18
CA ASN E 680 14.58 -50.26 10.31
C ASN E 680 14.20 -51.38 9.36
N GLY E 681 15.01 -52.44 9.29
CA GLY E 681 14.77 -53.53 8.36
C GLY E 681 15.73 -53.56 7.21
N ARG E 682 16.59 -52.57 7.07
CA ARG E 682 17.64 -52.64 6.06
C ARG E 682 18.53 -53.82 6.39
N LEU E 683 18.85 -54.63 5.37
CA LEU E 683 19.58 -55.85 5.61
C LEU E 683 21.09 -55.62 5.57
N CYS E 684 21.81 -56.62 6.06
CA CYS E 684 23.26 -56.53 6.17
C CYS E 684 23.87 -56.24 4.80
N ALA E 685 24.84 -55.33 4.79
CA ALA E 685 25.63 -54.93 3.62
C ALA E 685 24.83 -54.18 2.56
N LYS E 686 23.60 -53.85 2.81
CA LYS E 686 22.86 -53.00 1.88
C LYS E 686 23.28 -51.54 2.03
N PRO E 687 23.14 -50.75 0.96
CA PRO E 687 23.42 -49.31 1.06
C PRO E 687 22.60 -48.64 2.17
N VAL E 688 23.15 -47.55 2.71
CA VAL E 688 22.37 -46.66 3.55
C VAL E 688 21.71 -45.64 2.62
N SER E 689 20.79 -44.84 3.14
CA SER E 689 20.08 -43.87 2.32
C SER E 689 21.02 -42.76 1.83
N GLU E 690 20.66 -42.19 0.68
CA GLU E 690 21.44 -41.14 0.05
C GLU E 690 20.91 -39.74 0.35
N GLY E 691 21.84 -38.81 0.59
CA GLY E 691 21.48 -37.44 0.93
C GLY E 691 20.53 -37.38 2.09
N ILE E 692 19.54 -36.52 1.98
CA ILE E 692 18.44 -36.48 2.93
C ILE E 692 17.18 -37.16 2.36
N SER E 693 17.36 -38.01 1.35
CA SER E 693 16.24 -38.71 0.74
C SER E 693 15.66 -39.77 1.69
N PRO E 694 14.43 -40.19 1.47
CA PRO E 694 13.88 -41.28 2.29
C PRO E 694 14.61 -42.60 2.05
N GLU E 695 14.49 -43.50 3.02
CA GLU E 695 14.99 -44.85 2.88
C GLU E 695 14.24 -45.62 1.78
N LYS E 696 14.82 -46.73 1.38
CA LYS E 696 14.22 -47.57 0.34
C LYS E 696 12.84 -48.06 0.78
N GLY E 697 11.82 -47.78 -0.04
CA GLY E 697 10.46 -48.13 0.31
C GLY E 697 9.86 -47.35 1.46
N GLY E 698 10.56 -46.33 1.96
CA GLY E 698 10.09 -45.61 3.13
C GLY E 698 8.97 -44.62 2.86
N ASP E 699 9.03 -43.92 1.73
CA ASP E 699 8.06 -42.88 1.40
C ASP E 699 6.95 -43.50 0.56
N THR E 700 5.73 -43.54 1.10
CA THR E 700 4.60 -44.14 0.43
C THR E 700 3.46 -43.17 0.22
N ASN E 701 3.71 -41.86 0.35
CA ASN E 701 2.64 -40.88 0.28
C ASN E 701 2.89 -39.81 -0.77
N GLY E 702 3.82 -40.03 -1.70
CA GLY E 702 4.02 -39.11 -2.79
C GLY E 702 5.08 -38.05 -2.52
N PRO E 703 5.40 -37.27 -3.56
CA PRO E 703 6.55 -36.36 -3.46
C PRO E 703 6.31 -35.14 -2.61
N THR E 704 5.08 -34.65 -2.52
CA THR E 704 4.82 -33.50 -1.66
C THR E 704 5.06 -33.85 -0.21
N ALA E 705 4.71 -35.08 0.20
CA ALA E 705 4.97 -35.48 1.58
C ALA E 705 6.47 -35.56 1.89
N VAL E 706 7.29 -35.97 0.92
CA VAL E 706 8.71 -36.07 1.23
C VAL E 706 9.34 -34.68 1.35
N ILE E 707 8.95 -33.73 0.48
CA ILE E 707 9.55 -32.41 0.61
C ILE E 707 9.09 -31.72 1.88
N LYS E 708 7.89 -32.05 2.37
CA LYS E 708 7.47 -31.55 3.67
C LYS E 708 8.30 -32.15 4.79
N SER E 709 8.62 -33.44 4.70
CA SER E 709 9.53 -34.05 5.66
C SER E 709 10.90 -33.39 5.59
N CYS E 710 11.43 -33.20 4.38
CA CYS E 710 12.77 -32.65 4.22
C CYS E 710 12.86 -31.21 4.75
N ALA E 711 11.76 -30.46 4.61
CA ALA E 711 11.71 -29.08 5.06
C ALA E 711 11.70 -28.96 6.57
N LYS E 712 11.47 -30.05 7.32
CA LYS E 712 11.49 -29.96 8.76
C LYS E 712 12.90 -29.85 9.34
N MET E 713 13.91 -30.15 8.52
CA MET E 713 15.31 -29.87 8.81
C MET E 713 15.62 -28.40 8.54
N ASP E 714 16.41 -27.77 9.40
CA ASP E 714 16.76 -26.37 9.19
C ASP E 714 17.97 -26.30 8.26
N HIS E 715 17.69 -26.24 6.96
CA HIS E 715 18.76 -26.19 5.96
C HIS E 715 19.67 -24.97 6.14
N ILE E 716 19.15 -23.87 6.70
CA ILE E 716 19.94 -22.65 6.82
C ILE E 716 21.15 -22.85 7.73
N LYS E 717 21.07 -23.81 8.66
CA LYS E 717 22.18 -24.10 9.56
C LYS E 717 23.22 -25.02 8.94
N THR E 718 23.10 -25.38 7.66
CA THR E 718 24.03 -26.27 6.98
C THR E 718 24.76 -25.53 5.87
N GLY E 719 25.76 -26.18 5.32
CA GLY E 719 26.33 -25.71 4.08
C GLY E 719 25.81 -26.51 2.92
N GLY E 720 24.57 -27.02 3.04
CA GLY E 720 23.92 -27.74 1.97
C GLY E 720 23.43 -29.14 2.28
N THR E 721 22.30 -29.50 1.67
CA THR E 721 21.69 -30.83 1.77
C THR E 721 21.31 -31.30 0.37
N LEU E 722 21.29 -32.61 0.17
CA LEU E 722 21.08 -33.19 -1.16
C LEU E 722 19.81 -34.02 -1.13
N LEU E 723 18.86 -33.69 -2.01
CA LEU E 723 17.61 -34.42 -2.13
C LEU E 723 17.47 -34.94 -3.56
N ASN E 724 17.42 -36.26 -3.70
CA ASN E 724 17.06 -36.96 -4.93
C ASN E 724 15.57 -37.27 -4.94
N GLN E 725 14.92 -36.99 -6.07
CA GLN E 725 13.56 -37.48 -6.31
C GLN E 725 13.50 -38.06 -7.73
N ARG E 726 12.58 -39.00 -7.92
CA ARG E 726 12.46 -39.74 -9.17
C ARG E 726 10.99 -39.77 -9.59
N PHE E 727 10.72 -39.53 -10.87
CA PHE E 727 9.37 -39.49 -11.43
C PHE E 727 9.20 -40.51 -12.54
N ALA E 728 8.00 -41.08 -12.60
CA ALA E 728 7.59 -41.89 -13.74
C ALA E 728 7.66 -41.05 -15.02
N PRO E 729 8.20 -41.59 -16.10
CA PRO E 729 8.27 -40.80 -17.34
C PRO E 729 6.92 -40.28 -17.81
N SER E 730 5.82 -40.98 -17.53
CA SER E 730 4.54 -40.55 -18.09
C SER E 730 3.99 -39.30 -17.41
N VAL E 731 4.37 -39.04 -16.16
CA VAL E 731 3.76 -37.92 -15.43
C VAL E 731 4.50 -36.61 -15.61
N VAL E 732 5.59 -36.58 -16.37
CA VAL E 732 6.30 -35.34 -16.64
C VAL E 732 6.10 -34.83 -18.05
N GLN E 733 5.28 -35.51 -18.85
CA GLN E 733 5.07 -35.14 -20.24
C GLN E 733 4.19 -33.91 -20.35
N GLY E 734 4.33 -33.23 -21.48
CA GLY E 734 3.44 -32.15 -21.85
C GLY E 734 3.67 -30.89 -21.02
N GLU E 735 2.85 -29.90 -21.32
CA GLU E 735 2.90 -28.65 -20.57
C GLU E 735 2.57 -28.87 -19.11
N LYS E 736 1.60 -29.75 -18.82
CA LYS E 736 1.21 -29.93 -17.43
C LYS E 736 2.32 -30.62 -16.64
N GLY E 737 3.09 -31.50 -17.30
CA GLY E 737 4.25 -32.08 -16.64
C GLY E 737 5.29 -31.04 -16.27
N LEU E 738 5.58 -30.12 -17.19
CA LEU E 738 6.49 -29.02 -16.88
C LEU E 738 5.98 -28.20 -15.70
N ASP E 739 4.69 -27.88 -15.69
CA ASP E 739 4.15 -27.07 -14.60
C ASP E 739 4.23 -27.82 -13.28
N ASN E 740 3.99 -29.13 -13.30
CA ASN E 740 4.05 -29.91 -12.07
C ASN E 740 5.47 -29.96 -11.52
N MET E 741 6.47 -30.12 -12.40
CA MET E 741 7.87 -30.07 -11.97
C MET E 741 8.22 -28.70 -11.41
N ALA E 742 7.94 -27.64 -12.20
CA ALA E 742 8.24 -26.29 -11.74
C ALA E 742 7.54 -26.00 -10.41
N ASN E 743 6.27 -26.43 -10.28
CA ASN E 743 5.53 -26.18 -9.04
C ASN E 743 6.14 -26.93 -7.87
N LEU E 744 6.62 -28.16 -8.09
CA LEU E 744 7.25 -28.90 -7.00
C LEU E 744 8.53 -28.20 -6.54
N VAL E 745 9.35 -27.73 -7.49
CA VAL E 745 10.56 -27.00 -7.13
C VAL E 745 10.21 -25.76 -6.32
N ARG E 746 9.26 -24.95 -6.82
CA ARG E 746 8.87 -23.73 -6.12
C ARG E 746 8.32 -24.03 -4.73
N ALA E 747 7.54 -25.10 -4.61
CA ALA E 747 6.95 -25.44 -3.31
C ALA E 747 8.03 -25.78 -2.28
N TYR E 748 8.99 -26.62 -2.67
CA TYR E 748 10.08 -26.97 -1.77
C TYR E 748 10.89 -25.75 -1.39
N PHE E 749 11.22 -24.90 -2.36
CA PHE E 749 12.03 -23.73 -2.06
C PHE E 749 11.26 -22.71 -1.25
N ASN E 750 9.92 -22.67 -1.37
CA ASN E 750 9.11 -21.84 -0.50
C ASN E 750 9.11 -22.32 0.95
N MET E 751 9.41 -23.59 1.19
CA MET E 751 9.64 -24.09 2.53
C MET E 751 11.12 -24.01 2.93
N ASP E 752 11.94 -23.33 2.12
CA ASP E 752 13.36 -23.06 2.37
C ASP E 752 14.22 -24.31 2.21
N GLY E 753 13.75 -25.28 1.42
CA GLY E 753 14.61 -26.38 1.03
C GLY E 753 15.81 -25.88 0.23
N HIS E 754 16.90 -26.63 0.31
CA HIS E 754 18.15 -26.20 -0.28
C HIS E 754 18.28 -26.63 -1.74
N HIS E 755 17.90 -27.88 -2.04
CA HIS E 755 18.29 -28.48 -3.32
C HIS E 755 17.33 -29.60 -3.67
N ILE E 756 17.10 -29.76 -4.96
CA ILE E 756 16.40 -30.94 -5.45
C ILE E 756 16.89 -31.23 -6.87
N GLN E 757 16.90 -32.52 -7.23
CA GLN E 757 17.29 -32.97 -8.55
C GLN E 757 16.52 -34.25 -8.90
N PHE E 758 16.34 -34.50 -10.20
CA PHE E 758 15.40 -35.52 -10.66
C PHE E 758 16.05 -36.57 -11.54
N ASN E 759 15.68 -37.84 -11.30
CA ASN E 759 15.77 -38.89 -12.29
C ASN E 759 14.41 -39.05 -12.95
N VAL E 760 14.41 -39.29 -14.26
CA VAL E 760 13.20 -39.63 -15.01
C VAL E 760 13.58 -40.74 -15.99
N PHE E 761 13.41 -42.00 -15.60
CA PHE E 761 13.80 -43.11 -16.45
C PHE E 761 12.75 -44.22 -16.43
N ASP E 762 12.80 -45.06 -17.47
CA ASP E 762 12.03 -46.29 -17.55
C ASP E 762 12.78 -47.41 -16.85
N LYS E 763 12.19 -47.95 -15.78
CA LYS E 763 12.85 -49.01 -15.04
C LYS E 763 13.35 -50.13 -15.97
N ASN E 764 12.54 -50.49 -16.98
CA ASN E 764 12.92 -51.59 -17.86
C ASN E 764 14.13 -51.25 -18.71
N VAL E 765 14.33 -49.97 -19.04
CA VAL E 765 15.54 -49.60 -19.76
C VAL E 765 16.77 -49.89 -18.90
N LEU E 766 16.71 -49.54 -17.62
CA LEU E 766 17.84 -49.77 -16.73
C LEU E 766 18.07 -51.27 -16.53
N LEU E 767 16.99 -52.05 -16.35
CA LEU E 767 17.14 -53.49 -16.21
C LEU E 767 17.73 -54.13 -17.47
N GLU E 768 17.30 -53.65 -18.65
CA GLU E 768 17.87 -54.13 -19.91
C GLU E 768 19.35 -53.79 -19.99
N ALA E 769 19.71 -52.56 -19.59
CA ALA E 769 21.12 -52.17 -19.66
C ALA E 769 21.99 -53.03 -18.76
N GLN E 770 21.45 -53.51 -17.63
CA GLN E 770 22.24 -54.41 -16.80
C GLN E 770 22.54 -55.71 -17.52
N LYS E 771 21.59 -56.20 -18.31
CA LYS E 771 21.78 -57.44 -19.05
C LYS E 771 22.66 -57.27 -20.28
N ASN E 772 22.57 -56.13 -20.96
CA ASN E 772 23.30 -55.90 -22.21
C ASN E 772 23.95 -54.53 -22.18
N PRO E 773 25.00 -54.35 -21.37
CA PRO E 773 25.61 -53.02 -21.26
C PRO E 773 26.12 -52.49 -22.58
N GLN E 774 26.57 -53.38 -23.47
CA GLN E 774 27.10 -52.96 -24.76
C GLN E 774 26.07 -52.19 -25.59
N ASP E 775 24.79 -52.37 -25.32
CA ASP E 775 23.75 -51.64 -26.05
C ASP E 775 23.35 -50.33 -25.39
N TYR E 776 23.89 -50.01 -24.22
CA TYR E 776 23.43 -48.85 -23.47
C TYR E 776 24.62 -48.00 -23.01
N LYS E 777 25.63 -47.90 -23.86
CA LYS E 777 26.81 -47.11 -23.52
C LYS E 777 26.49 -45.64 -23.36
N ASP E 778 25.38 -45.16 -23.91
CA ASP E 778 25.00 -43.76 -23.86
C ASP E 778 24.08 -43.45 -22.68
N LEU E 779 23.68 -44.46 -21.91
CA LEU E 779 22.69 -44.27 -20.85
C LEU E 779 23.32 -43.55 -19.65
N ILE E 780 22.74 -42.40 -19.29
CA ILE E 780 23.20 -41.56 -18.19
C ILE E 780 22.06 -41.41 -17.19
N VAL E 781 22.37 -41.52 -15.91
CA VAL E 781 21.39 -41.33 -14.85
C VAL E 781 21.94 -40.36 -13.81
N ARG E 782 21.06 -39.87 -12.93
CA ARG E 782 21.47 -39.03 -11.81
C ARG E 782 21.86 -39.93 -10.64
N VAL E 783 23.05 -39.70 -10.08
CA VAL E 783 23.49 -40.48 -8.93
C VAL E 783 23.20 -39.70 -7.64
N ALA E 784 24.10 -38.80 -7.24
CA ALA E 784 23.87 -37.98 -6.04
C ALA E 784 24.72 -36.72 -6.16
N GLY E 785 24.12 -35.63 -6.61
CA GLY E 785 24.83 -34.41 -6.87
C GLY E 785 25.57 -34.36 -8.20
N TYR E 786 25.40 -35.37 -9.06
CA TYR E 786 26.04 -35.43 -10.37
C TYR E 786 25.37 -36.54 -11.18
N SER E 787 25.60 -36.49 -12.50
CA SER E 787 25.15 -37.50 -13.44
C SER E 787 26.32 -38.35 -13.91
N ASP E 788 26.05 -39.61 -14.26
CA ASP E 788 27.09 -40.49 -14.74
C ASP E 788 26.49 -41.53 -15.67
N HIS E 789 27.37 -42.17 -16.45
CA HIS E 789 26.96 -43.31 -17.24
C HIS E 789 26.56 -44.46 -16.34
N PHE E 790 25.37 -45.00 -16.57
CA PHE E 790 24.90 -46.17 -15.84
C PHE E 790 25.92 -47.30 -15.85
N ASN E 791 26.62 -47.50 -16.97
CA ASN E 791 27.60 -48.57 -17.07
C ASN E 791 28.85 -48.33 -16.22
N ASN E 792 29.09 -47.10 -15.75
CA ASN E 792 30.23 -46.84 -14.88
C ASN E 792 29.94 -47.17 -13.43
N LEU E 793 28.73 -47.59 -13.10
CA LEU E 793 28.30 -47.78 -11.73
C LEU E 793 28.32 -49.26 -11.37
N SER E 794 28.68 -49.55 -10.13
CA SER E 794 28.63 -50.91 -9.65
C SER E 794 27.20 -51.43 -9.67
N ARG E 795 27.08 -52.76 -9.67
CA ARG E 795 25.76 -53.37 -9.63
C ARG E 795 24.97 -52.90 -8.41
N THR E 796 25.63 -52.79 -7.25
CA THR E 796 24.95 -52.33 -6.05
C THR E 796 24.41 -50.91 -6.20
N LEU E 797 25.22 -50.01 -6.77
CA LEU E 797 24.77 -48.63 -6.94
C LEU E 797 23.65 -48.55 -7.99
N GLN E 798 23.77 -49.29 -9.08
CA GLN E 798 22.68 -49.40 -10.05
C GLN E 798 21.36 -49.80 -9.38
N ASP E 799 21.41 -50.84 -8.54
CA ASP E 799 20.22 -51.31 -7.86
C ASP E 799 19.70 -50.30 -6.85
N GLU E 800 20.61 -49.53 -6.23
CA GLU E 800 20.16 -48.46 -5.35
C GLU E 800 19.32 -47.46 -6.12
N ILE E 801 19.82 -47.03 -7.29
CA ILE E 801 19.08 -46.07 -8.10
C ILE E 801 17.76 -46.66 -8.58
N ILE E 802 17.78 -47.91 -9.03
CA ILE E 802 16.55 -48.53 -9.52
C ILE E 802 15.52 -48.65 -8.41
N GLY E 803 15.96 -48.87 -7.17
CA GLY E 803 15.09 -48.99 -6.03
C GLY E 803 14.55 -47.68 -5.45
N ARG E 804 14.99 -46.53 -5.96
CA ARG E 804 14.44 -45.27 -5.47
C ARG E 804 12.97 -45.16 -5.86
N THR E 805 12.18 -44.48 -5.03
CA THR E 805 10.74 -44.46 -5.24
C THR E 805 10.39 -43.74 -6.53
N GLU E 806 9.62 -44.41 -7.39
CA GLU E 806 9.14 -43.79 -8.62
C GLU E 806 7.88 -43.00 -8.29
N GLN E 807 8.02 -41.67 -8.24
CA GLN E 807 6.94 -40.78 -7.82
C GLN E 807 5.98 -40.48 -8.96
N THR E 808 4.74 -40.20 -8.60
CA THR E 808 3.76 -39.60 -9.49
C THR E 808 3.23 -38.34 -8.81
N PHE E 809 2.71 -37.43 -9.61
CA PHE E 809 2.05 -36.25 -9.06
C PHE E 809 0.60 -36.58 -8.67
N MET F 21 108.75 -27.54 36.77
CA MET F 21 108.70 -26.72 35.58
C MET F 21 107.48 -26.88 34.59
N ALA F 22 106.82 -28.01 34.53
CA ALA F 22 105.65 -28.14 33.67
C ALA F 22 104.34 -27.79 34.40
N ARG F 23 103.45 -27.12 33.73
CA ARG F 23 102.19 -26.75 34.35
C ARG F 23 101.24 -27.96 34.51
N GLY F 24 100.52 -27.98 35.60
CA GLY F 24 99.68 -29.13 35.95
C GLY F 24 100.11 -29.59 37.34
N THR F 25 99.13 -29.81 38.20
CA THR F 25 99.41 -30.18 39.57
C THR F 25 99.87 -31.64 39.69
N PHE F 26 99.41 -32.50 38.80
CA PHE F 26 99.72 -33.92 38.89
C PHE F 26 100.34 -34.39 37.58
N GLU F 27 101.06 -35.51 37.65
CA GLU F 27 101.70 -36.02 36.44
C GLU F 27 100.69 -36.23 35.32
N ARG F 28 99.49 -36.72 35.67
CA ARG F 28 98.46 -36.89 34.67
C ARG F 28 98.14 -35.58 33.97
N THR F 29 97.88 -34.52 34.73
CA THR F 29 97.44 -33.30 34.09
C THR F 29 98.57 -32.55 33.43
N LYS F 30 99.82 -32.73 33.90
CA LYS F 30 100.97 -32.21 33.16
C LYS F 30 101.03 -32.83 31.76
N LYS F 31 100.82 -34.14 31.67
CA LYS F 31 100.84 -34.81 30.37
C LYS F 31 99.67 -34.35 29.49
N LEU F 32 98.47 -34.30 30.06
CA LEU F 32 97.31 -33.88 29.29
C LEU F 32 97.49 -32.47 28.75
N ARG F 33 98.07 -31.57 29.57
CA ARG F 33 98.26 -30.18 29.13
C ARG F 33 99.27 -30.10 28.01
N GLU F 34 100.36 -30.86 28.09
CA GLU F 34 101.36 -30.78 27.05
C GLU F 34 100.79 -31.24 25.72
N GLU F 35 99.98 -32.29 25.72
CA GLU F 35 99.28 -32.69 24.51
C GLU F 35 98.39 -31.56 23.98
N SER F 36 97.66 -30.88 24.87
CA SER F 36 96.74 -29.84 24.43
C SER F 36 97.47 -28.68 23.75
N ILE F 37 98.55 -28.18 24.37
CA ILE F 37 99.20 -26.99 23.82
C ILE F 37 100.03 -27.28 22.59
N ASN F 38 100.34 -28.54 22.31
CA ASN F 38 101.05 -28.91 21.11
C ASN F 38 100.12 -29.35 19.98
N ALA F 39 98.82 -29.44 20.23
CA ALA F 39 97.91 -29.86 19.16
C ALA F 39 97.83 -28.79 18.08
N GLU F 40 97.96 -29.20 16.85
CA GLU F 40 97.92 -28.29 15.71
C GLU F 40 96.47 -28.01 15.31
N PRO F 41 96.08 -26.74 15.09
CA PRO F 41 94.70 -26.45 14.68
C PRO F 41 94.43 -26.95 13.27
N HIS F 42 93.33 -27.68 13.09
CA HIS F 42 93.00 -28.27 11.79
C HIS F 42 91.50 -28.50 11.69
N ILE F 43 91.02 -28.80 10.49
CA ILE F 43 89.60 -29.07 10.36
C ILE F 43 89.39 -30.58 10.28
N SER F 44 88.27 -31.00 10.85
CA SER F 44 87.82 -32.40 10.85
C SER F 44 86.56 -32.46 9.99
N ILE F 45 86.63 -33.21 8.88
CA ILE F 45 85.54 -33.22 7.89
C ILE F 45 84.47 -34.26 8.18
N GLU F 46 84.66 -35.12 9.19
CA GLU F 46 83.73 -36.23 9.40
C GLU F 46 82.31 -35.77 9.71
N ARG F 47 82.15 -34.72 10.52
CA ARG F 47 80.81 -34.27 10.87
C ARG F 47 80.01 -33.92 9.61
N ALA F 48 80.60 -33.17 8.70
CA ALA F 48 79.89 -32.77 7.50
C ALA F 48 79.47 -33.98 6.68
N VAL F 49 80.33 -34.99 6.57
CA VAL F 49 79.99 -36.19 5.83
C VAL F 49 78.77 -36.87 6.43
N LEU F 50 78.77 -37.03 7.76
CA LEU F 50 77.67 -37.73 8.41
C LEU F 50 76.37 -36.93 8.32
N MET F 51 76.45 -35.60 8.42
CA MET F 51 75.26 -34.79 8.28
C MET F 51 74.71 -34.87 6.86
N THR F 52 75.60 -34.91 5.86
CA THR F 52 75.18 -35.09 4.48
C THR F 52 74.46 -36.42 4.30
N GLU F 53 75.01 -37.49 4.88
CA GLU F 53 74.33 -38.79 4.82
C GLU F 53 72.93 -38.72 5.43
N ALA F 54 72.79 -38.04 6.56
CA ALA F 54 71.49 -38.00 7.23
C ALA F 54 70.47 -37.22 6.42
N TYR F 55 70.85 -36.07 5.87
CA TYR F 55 69.89 -35.31 5.07
C TYR F 55 69.47 -36.08 3.83
N LYS F 56 70.43 -36.71 3.15
CA LYS F 56 70.10 -37.52 1.98
C LYS F 56 69.12 -38.63 2.32
N LYS F 57 69.20 -39.16 3.55
CA LYS F 57 68.22 -40.17 3.95
C LYS F 57 66.85 -39.54 4.24
N TYR F 58 66.83 -38.41 4.95
CA TYR F 58 65.63 -37.96 5.63
C TYR F 58 65.03 -36.66 5.12
N GLU F 59 65.80 -35.81 4.44
CA GLU F 59 65.25 -34.52 4.03
C GLU F 59 64.03 -34.73 3.13
N GLY F 60 62.95 -33.99 3.43
CA GLY F 60 61.71 -34.11 2.68
C GLY F 60 60.71 -35.10 3.22
N SER F 61 61.12 -35.94 4.18
CA SER F 61 60.27 -36.94 4.78
C SER F 61 59.80 -36.60 6.19
N VAL F 62 60.38 -35.59 6.84
CA VAL F 62 60.04 -35.21 8.20
C VAL F 62 60.11 -33.69 8.30
N GLU F 63 59.50 -33.14 9.36
CA GLU F 63 59.62 -31.73 9.65
C GLU F 63 61.06 -31.39 10.07
N ILE F 64 61.44 -30.12 9.87
CA ILE F 64 62.84 -29.75 10.04
C ILE F 64 63.38 -30.03 11.43
N PRO F 65 62.66 -29.79 12.52
CA PRO F 65 63.23 -30.12 13.84
C PRO F 65 63.57 -31.61 13.97
N VAL F 66 62.69 -32.49 13.50
CA VAL F 66 62.95 -33.92 13.52
C VAL F 66 64.12 -34.26 12.60
N LEU F 67 64.21 -33.59 11.44
CA LEU F 67 65.36 -33.77 10.56
C LEU F 67 66.67 -33.45 11.29
N ARG F 68 66.71 -32.31 12.00
CA ARG F 68 67.93 -31.97 12.73
C ARG F 68 68.24 -33.01 13.81
N ALA F 69 67.23 -33.44 14.57
CA ALA F 69 67.47 -34.44 15.62
C ALA F 69 67.95 -35.76 15.02
N LEU F 70 67.31 -36.20 13.94
CA LEU F 70 67.73 -37.44 13.30
C LEU F 70 69.16 -37.34 12.77
N SER F 71 69.53 -36.19 12.23
CA SER F 71 70.88 -36.00 11.73
C SER F 71 71.90 -36.00 12.87
N PHE F 72 71.56 -35.33 13.98
CA PHE F 72 72.42 -35.36 15.15
C PHE F 72 72.60 -36.78 15.64
N LYS F 73 71.51 -37.53 15.74
CA LYS F 73 71.59 -38.92 16.19
C LYS F 73 72.45 -39.77 15.24
N HIS F 74 72.25 -39.60 13.93
CA HIS F 74 73.07 -40.31 12.96
C HIS F 74 74.54 -39.99 13.15
N TYR F 75 74.86 -38.71 13.36
CA TYR F 75 76.25 -38.32 13.59
C TYR F 75 76.80 -38.98 14.86
N ILE F 76 76.04 -38.92 15.96
CA ILE F 76 76.50 -39.50 17.22
C ILE F 76 76.66 -41.02 17.09
N GLU F 77 75.76 -41.68 16.36
CA GLU F 77 75.84 -43.14 16.19
C GLU F 77 77.10 -43.57 15.44
N ASN F 78 77.57 -42.75 14.51
CA ASN F 78 78.58 -43.19 13.55
C ASN F 78 79.91 -42.45 13.59
N ARG F 79 80.04 -41.38 14.39
CA ARG F 79 81.30 -40.66 14.43
C ARG F 79 82.39 -41.48 15.11
N THR F 80 83.62 -41.19 14.76
CA THR F 80 84.73 -41.84 15.45
C THR F 80 84.96 -41.18 16.80
N LEU F 81 85.17 -42.01 17.80
CA LEU F 81 85.38 -41.61 19.18
C LEU F 81 86.84 -41.84 19.54
N SER F 82 87.36 -41.01 20.44
CA SER F 82 88.74 -41.16 20.87
C SER F 82 88.86 -40.91 22.37
N ILE F 83 89.80 -41.61 22.98
CA ILE F 83 90.18 -41.40 24.38
C ILE F 83 91.67 -41.11 24.38
N ASN F 84 92.04 -39.94 24.86
CA ASN F 84 93.44 -39.54 24.86
C ASN F 84 94.15 -40.13 26.06
N ASP F 85 95.46 -40.30 25.93
CA ASP F 85 96.26 -40.96 26.95
C ASP F 85 96.23 -40.19 28.27
N GLY F 86 95.78 -40.86 29.33
CA GLY F 86 95.74 -40.27 30.65
C GLY F 86 94.43 -39.61 31.01
N GLU F 87 93.47 -39.55 30.08
CA GLU F 87 92.25 -38.84 30.35
C GLU F 87 91.44 -39.49 31.46
N LEU F 88 90.76 -38.65 32.23
CA LEU F 88 89.69 -39.05 33.12
C LEU F 88 88.31 -38.60 32.65
N ILE F 89 88.24 -37.49 31.93
CA ILE F 89 87.02 -37.00 31.28
C ILE F 89 87.21 -37.17 29.79
N VAL F 90 86.20 -37.70 29.11
CA VAL F 90 86.37 -38.05 27.70
C VAL F 90 85.38 -37.27 26.85
N GLY F 91 85.77 -37.08 25.59
CA GLY F 91 84.95 -36.38 24.62
C GLY F 91 85.71 -35.29 23.89
N GLU F 92 85.68 -35.34 22.57
CA GLU F 92 86.26 -34.34 21.66
C GLU F 92 85.22 -33.97 20.63
N LYS F 93 85.18 -32.70 20.23
CA LYS F 93 84.28 -32.29 19.15
C LYS F 93 84.72 -32.88 17.81
N GLY F 94 86.01 -32.81 17.51
CA GLY F 94 86.54 -33.30 16.27
C GLY F 94 87.21 -34.65 16.41
N ASP F 95 88.08 -34.95 15.44
CA ASP F 95 88.76 -36.24 15.40
C ASP F 95 89.89 -36.33 16.43
N SER F 96 90.47 -35.18 16.80
CA SER F 96 91.59 -35.15 17.72
C SER F 96 91.65 -33.76 18.35
N PRO F 97 92.47 -33.56 19.36
CA PRO F 97 92.54 -32.23 20.00
C PRO F 97 92.82 -31.15 18.97
N ASN F 98 92.16 -30.01 19.15
CA ASN F 98 92.30 -28.86 18.26
C ASN F 98 91.82 -29.13 16.84
N GLY F 99 91.02 -30.18 16.65
CA GLY F 99 90.39 -30.41 15.36
C GLY F 99 88.96 -29.90 15.34
N ALA F 100 88.69 -28.92 14.55
CA ALA F 100 87.37 -28.30 14.51
C ALA F 100 86.49 -28.97 13.45
N PRO F 101 85.28 -29.38 13.81
CA PRO F 101 84.31 -29.80 12.80
C PRO F 101 83.95 -28.63 11.91
N THR F 102 83.26 -28.94 10.81
CA THR F 102 82.66 -27.94 9.94
C THR F 102 81.13 -28.07 9.95
N TYR F 103 80.47 -26.99 9.55
CA TYR F 103 79.02 -26.85 9.69
C TYR F 103 78.45 -26.31 8.38
N PRO F 104 78.43 -27.13 7.33
CA PRO F 104 78.00 -26.63 6.03
C PRO F 104 76.52 -26.31 5.97
N GLU F 105 75.71 -26.75 6.97
CA GLU F 105 74.33 -26.29 7.02
C GLU F 105 74.22 -24.79 7.33
N ILE F 106 75.26 -24.19 7.91
CA ILE F 106 75.29 -22.77 8.22
C ILE F 106 76.15 -22.03 7.19
N CYS F 107 77.41 -22.45 7.06
CA CYS F 107 78.34 -21.86 6.11
C CYS F 107 79.10 -22.97 5.39
N CYS F 108 78.82 -23.13 4.10
CA CYS F 108 79.49 -24.13 3.28
C CYS F 108 80.66 -23.42 2.61
N HIS F 109 81.87 -23.69 3.08
CA HIS F 109 83.03 -22.93 2.63
C HIS F 109 83.31 -23.16 1.15
N THR F 110 83.81 -22.12 0.50
CA THR F 110 84.34 -22.28 -0.83
C THR F 110 85.72 -22.90 -0.75
N MET F 111 86.19 -23.42 -1.89
CA MET F 111 87.56 -23.92 -1.91
C MET F 111 88.56 -22.79 -1.63
N GLU F 112 88.23 -21.55 -2.03
CA GLU F 112 89.09 -20.42 -1.66
C GLU F 112 89.11 -20.20 -0.14
N ASP F 113 87.95 -20.32 0.51
CA ASP F 113 87.92 -20.25 1.97
C ASP F 113 88.93 -21.23 2.58
N LEU F 114 88.93 -22.48 2.08
CA LEU F 114 89.83 -23.49 2.65
C LEU F 114 91.29 -23.13 2.45
N GLU F 115 91.64 -22.62 1.27
CA GLU F 115 93.00 -22.18 1.02
C GLU F 115 93.41 -21.05 1.95
N VAL F 116 92.52 -20.07 2.11
CA VAL F 116 92.83 -18.90 2.93
C VAL F 116 93.02 -19.29 4.39
N MET F 117 92.16 -20.15 4.94
CA MET F 117 92.32 -20.51 6.35
C MET F 117 93.57 -21.35 6.56
N HIS F 118 93.98 -22.13 5.57
CA HIS F 118 95.19 -22.93 5.67
C HIS F 118 96.45 -22.07 5.63
N ASN F 119 96.45 -21.04 4.80
CA ASN F 119 97.66 -20.27 4.49
C ASN F 119 97.71 -18.93 5.21
N ARG F 120 96.64 -18.61 5.92
CA ARG F 120 96.48 -17.37 6.66
C ARG F 120 97.63 -17.18 7.66
N ASP F 121 98.01 -15.92 7.92
CA ASP F 121 99.14 -15.69 8.82
C ASP F 121 98.75 -15.90 10.28
N ILE F 122 97.55 -15.49 10.69
CA ILE F 122 97.11 -15.71 12.06
C ILE F 122 95.75 -16.43 12.05
N ILE F 123 95.54 -17.20 13.11
CA ILE F 123 94.34 -18.00 13.28
C ILE F 123 94.15 -18.91 12.07
N ASN F 124 95.24 -19.54 11.63
CA ASN F 124 95.17 -20.49 10.53
C ASN F 124 94.65 -21.84 11.02
N PHE F 125 93.99 -22.55 10.12
CA PHE F 125 93.58 -23.94 10.35
C PHE F 125 94.12 -24.78 9.21
N SER F 126 94.77 -25.89 9.55
CA SER F 126 95.29 -26.79 8.53
C SER F 126 94.15 -27.60 7.93
N VAL F 127 94.14 -27.69 6.60
CA VAL F 127 93.17 -28.48 5.86
C VAL F 127 93.94 -29.57 5.12
N SER F 128 93.81 -30.80 5.57
CA SER F 128 94.48 -31.90 4.89
C SER F 128 93.94 -32.04 3.47
N GLU F 129 94.72 -32.70 2.62
CA GLU F 129 94.27 -32.87 1.25
C GLU F 129 93.06 -33.79 1.18
N GLU F 130 92.95 -34.72 2.12
CA GLU F 130 91.78 -35.58 2.20
C GLU F 130 90.53 -34.77 2.57
N ALA F 131 90.69 -33.79 3.47
CA ALA F 131 89.56 -32.96 3.84
C ALA F 131 89.15 -32.05 2.68
N ARG F 132 90.14 -31.56 1.92
CA ARG F 132 89.82 -30.70 0.77
C ARG F 132 89.05 -31.48 -0.28
N LYS F 133 89.49 -32.69 -0.59
CA LYS F 133 88.81 -33.51 -1.60
C LYS F 133 87.39 -33.82 -1.19
N ILE F 134 87.19 -34.28 0.04
CA ILE F 134 85.86 -34.63 0.52
C ILE F 134 84.95 -33.40 0.49
N HIS F 135 85.45 -32.26 0.97
CA HIS F 135 84.65 -31.04 0.92
C HIS F 135 84.29 -30.66 -0.51
N LYS F 136 85.26 -30.75 -1.42
CA LYS F 136 84.99 -30.37 -2.80
C LYS F 136 84.00 -31.32 -3.46
N GLU F 137 84.12 -32.62 -3.21
CA GLU F 137 83.36 -33.62 -3.97
C GLU F 137 82.06 -34.04 -3.32
N GLU F 138 81.99 -34.06 -1.99
CA GLU F 138 80.82 -34.51 -1.25
C GLU F 138 80.03 -33.39 -0.62
N ILE F 139 80.71 -32.37 -0.06
CA ILE F 139 80.04 -31.36 0.75
C ILE F 139 79.50 -30.23 -0.12
N ILE F 140 80.35 -29.58 -0.89
CA ILE F 140 79.89 -28.42 -1.68
C ILE F 140 78.71 -28.79 -2.57
N PRO F 141 78.75 -29.89 -3.34
CA PRO F 141 77.61 -30.17 -4.22
C PRO F 141 76.29 -30.26 -3.47
N PHE F 142 76.28 -30.74 -2.23
CA PHE F 142 75.03 -30.86 -1.51
C PHE F 142 74.65 -29.60 -0.74
N TRP F 143 75.62 -28.94 -0.07
CA TRP F 143 75.31 -27.92 0.90
C TRP F 143 75.38 -26.49 0.37
N LYS F 144 76.00 -26.26 -0.79
CA LYS F 144 76.14 -24.89 -1.28
C LYS F 144 74.79 -24.19 -1.40
N LYS F 145 73.78 -24.87 -1.91
CA LYS F 145 72.47 -24.24 -2.06
C LYS F 145 71.62 -24.32 -0.80
N ARG F 146 72.02 -25.11 0.18
CA ARG F 146 71.23 -25.28 1.39
C ARG F 146 71.71 -24.43 2.55
N GLN F 147 72.97 -23.98 2.54
CA GLN F 147 73.55 -23.29 3.67
C GLN F 147 72.71 -22.07 4.07
N THR F 148 72.58 -21.84 5.39
CA THR F 148 71.78 -20.70 5.84
C THR F 148 72.42 -19.38 5.47
N ARG F 149 73.74 -19.32 5.26
CA ARG F 149 74.36 -18.02 4.97
C ARG F 149 73.81 -17.42 3.69
N ASP F 150 73.57 -18.25 2.66
CA ASP F 150 73.00 -17.72 1.42
C ASP F 150 71.54 -17.35 1.59
N LYS F 151 70.80 -18.11 2.41
CA LYS F 151 69.44 -17.68 2.73
C LYS F 151 69.44 -16.29 3.34
N ILE F 152 70.41 -16.01 4.21
CA ILE F 152 70.46 -14.70 4.85
C ILE F 152 70.84 -13.62 3.84
N ILE F 153 71.97 -13.81 3.16
CA ILE F 153 72.49 -12.77 2.28
C ILE F 153 71.50 -12.45 1.17
N ASN F 154 70.92 -13.47 0.54
CA ASN F 154 69.99 -13.23 -0.56
C ASN F 154 68.71 -12.55 -0.12
N ALA F 155 68.39 -12.54 1.18
CA ALA F 155 67.18 -11.90 1.68
C ALA F 155 67.39 -10.47 2.19
N MET F 156 68.62 -9.98 2.25
CA MET F 156 68.91 -8.66 2.81
C MET F 156 68.64 -7.57 1.79
N THR F 157 68.24 -6.40 2.27
CA THR F 157 67.99 -5.28 1.37
C THR F 157 69.31 -4.70 0.86
N PRO F 158 69.26 -3.95 -0.24
CA PRO F 158 70.48 -3.27 -0.70
C PRO F 158 71.03 -2.24 0.30
N GLU F 159 70.18 -1.58 1.09
CA GLU F 159 70.68 -0.69 2.12
C GLU F 159 71.47 -1.44 3.19
N TRP F 160 70.95 -2.61 3.60
CA TRP F 160 71.66 -3.48 4.55
C TRP F 160 73.00 -3.93 4.00
N LEU F 161 73.02 -4.41 2.74
CA LEU F 161 74.26 -4.90 2.15
C LEU F 161 75.30 -3.81 2.04
N ALA F 162 74.89 -2.60 1.64
CA ALA F 162 75.83 -1.49 1.53
C ALA F 162 76.39 -1.12 2.90
N ALA F 163 75.53 -1.04 3.92
CA ALA F 163 75.99 -0.69 5.26
C ALA F 163 76.90 -1.78 5.82
N TYR F 164 76.52 -3.05 5.65
CA TYR F 164 77.36 -4.15 6.07
C TYR F 164 78.72 -4.11 5.39
N GLU F 165 78.73 -3.94 4.08
CA GLU F 165 79.99 -3.91 3.33
C GLU F 165 80.88 -2.73 3.71
N ALA F 166 80.30 -1.60 4.10
CA ALA F 166 81.07 -0.42 4.48
C ALA F 166 81.56 -0.45 5.93
N GLY F 167 81.20 -1.48 6.71
CA GLY F 167 81.61 -1.57 8.10
C GLY F 167 80.77 -0.80 9.08
N MET F 168 79.50 -0.50 8.75
CA MET F 168 78.63 0.13 9.72
C MET F 168 78.25 -0.81 10.84
N PHE F 169 78.17 -2.11 10.56
CA PHE F 169 77.81 -3.09 11.57
C PHE F 169 78.25 -4.47 11.08
N THR F 170 78.17 -5.45 11.97
CA THR F 170 78.45 -6.83 11.59
C THR F 170 77.19 -7.67 11.76
N GLU F 171 77.28 -8.93 11.36
CA GLU F 171 76.15 -9.86 11.39
C GLU F 171 76.61 -11.17 12.02
N PHE F 172 76.13 -11.46 13.23
CA PHE F 172 76.63 -12.60 13.98
C PHE F 172 76.21 -13.94 13.39
N MET F 173 75.09 -13.99 12.67
CA MET F 173 74.54 -15.26 12.22
C MET F 173 74.91 -15.62 10.78
N GLU F 174 75.90 -14.96 10.20
CA GLU F 174 76.26 -15.32 8.83
C GLU F 174 77.05 -16.62 8.75
N GLN F 175 77.86 -16.93 9.77
CA GLN F 175 78.70 -18.12 9.78
C GLN F 175 78.55 -18.98 11.03
N ARG F 176 77.68 -18.62 11.97
CA ARG F 176 77.48 -19.35 13.20
C ARG F 176 76.02 -19.26 13.61
N ALA F 177 75.60 -20.20 14.44
CA ALA F 177 74.25 -20.19 15.00
C ALA F 177 74.18 -19.29 16.23
N PRO F 178 72.98 -18.83 16.61
CA PRO F 178 72.85 -17.84 17.68
C PRO F 178 73.58 -18.21 18.95
N GLY F 179 73.30 -19.40 19.48
CA GLY F 179 74.04 -19.88 20.65
C GLY F 179 74.06 -18.86 21.77
N HIS F 180 75.25 -18.61 22.29
CA HIS F 180 75.45 -17.60 23.32
C HIS F 180 74.64 -17.92 24.58
N THR F 181 74.78 -19.14 25.06
CA THR F 181 73.96 -19.58 26.18
C THR F 181 74.79 -20.40 27.16
N VAL F 182 74.20 -20.66 28.32
CA VAL F 182 74.90 -21.20 29.48
C VAL F 182 74.03 -22.30 30.09
N CYS F 183 74.69 -23.34 30.56
CA CYS F 183 74.01 -24.47 31.17
C CYS F 183 73.44 -24.08 32.54
N GLY F 184 72.23 -24.52 32.82
CA GLY F 184 71.63 -24.43 34.14
C GLY F 184 71.94 -25.64 34.99
N ASP F 185 71.00 -26.01 35.86
CA ASP F 185 71.21 -27.12 36.79
C ASP F 185 70.45 -28.39 36.40
N THR F 186 69.73 -28.38 35.29
CA THR F 186 68.90 -29.54 34.93
C THR F 186 69.75 -30.81 34.79
N ILE F 187 70.90 -30.72 34.14
CA ILE F 187 71.70 -31.92 33.87
C ILE F 187 72.32 -32.56 35.11
N TYR F 188 72.27 -31.88 36.26
CA TYR F 188 72.72 -32.49 37.52
C TYR F 188 71.57 -33.12 38.28
N LYS F 189 70.33 -32.85 37.88
CA LYS F 189 69.15 -33.40 38.52
C LYS F 189 68.43 -34.46 37.71
N LYS F 190 68.69 -34.56 36.41
CA LYS F 190 68.05 -35.50 35.51
C LYS F 190 69.03 -35.98 34.48
N GLY F 191 68.92 -37.24 34.08
CA GLY F 191 69.55 -37.73 32.88
C GLY F 191 68.62 -37.61 31.67
N PHE F 192 69.15 -37.94 30.50
CA PHE F 192 68.35 -37.78 29.30
C PHE F 192 67.25 -38.82 29.17
N LEU F 193 67.37 -39.94 29.90
CA LEU F 193 66.23 -40.83 30.01
C LEU F 193 65.11 -40.17 30.81
N ASP F 194 65.46 -39.44 31.88
CA ASP F 194 64.45 -38.71 32.62
C ASP F 194 63.79 -37.66 31.74
N LEU F 195 64.59 -36.88 31.02
CA LEU F 195 64.03 -35.84 30.16
C LEU F 195 63.15 -36.45 29.08
N LYS F 196 63.55 -37.58 28.52
CA LYS F 196 62.72 -38.24 27.51
C LYS F 196 61.34 -38.59 28.07
N LYS F 197 61.30 -39.08 29.30
CA LYS F 197 60.02 -39.38 29.93
C LYS F 197 59.17 -38.12 30.11
N ASP F 198 59.81 -37.01 30.53
CA ASP F 198 59.09 -35.74 30.60
C ASP F 198 58.48 -35.39 29.24
N ILE F 199 59.27 -35.56 28.18
CA ILE F 199 58.84 -35.19 26.83
C ILE F 199 57.70 -36.11 26.38
N GLU F 200 57.81 -37.41 26.67
CA GLU F 200 56.74 -38.32 26.31
C GLU F 200 55.45 -37.98 27.06
N ALA F 201 55.55 -37.56 28.32
CA ALA F 201 54.37 -37.11 29.04
C ALA F 201 53.74 -35.87 28.40
N ARG F 202 54.56 -34.91 27.98
CA ARG F 202 54.02 -33.75 27.28
C ARG F 202 53.32 -34.16 25.99
N LEU F 203 53.94 -35.05 25.22
CA LEU F 203 53.32 -35.52 23.98
C LEU F 203 51.95 -36.10 24.24
N LYS F 204 51.79 -36.85 25.33
CA LYS F 204 50.53 -37.53 25.58
C LYS F 204 49.41 -36.58 25.95
N GLU F 205 49.72 -35.38 26.40
CA GLU F 205 48.67 -34.46 26.82
C GLU F 205 48.37 -33.36 25.80
N LEU F 206 49.01 -33.36 24.63
CA LEU F 206 48.68 -32.36 23.61
C LEU F 206 47.21 -32.43 23.22
N ASP F 207 46.58 -31.27 23.11
CA ASP F 207 45.14 -31.19 22.81
C ASP F 207 44.96 -30.67 21.38
N PHE F 208 44.82 -31.60 20.45
CA PHE F 208 44.61 -31.25 19.06
C PHE F 208 43.18 -30.79 18.77
N LEU F 209 42.28 -30.85 19.75
CA LEU F 209 40.95 -30.29 19.53
C LEU F 209 40.92 -28.79 19.79
N ASN F 210 41.54 -28.33 20.88
CA ASN F 210 41.43 -26.94 21.30
C ASN F 210 42.74 -26.15 21.29
N ASP F 211 43.90 -26.80 21.26
CA ASP F 211 45.17 -26.09 21.14
C ASP F 211 45.57 -26.08 19.67
N LEU F 212 45.36 -24.94 19.01
CA LEU F 212 45.63 -24.85 17.58
C LEU F 212 47.12 -24.89 17.26
N ASP F 213 47.97 -24.78 18.28
CA ASP F 213 49.41 -24.90 18.11
C ASP F 213 49.92 -26.31 18.38
N ALA F 214 49.03 -27.28 18.62
CA ALA F 214 49.46 -28.59 19.05
C ALA F 214 50.40 -29.26 18.05
N TYR F 215 50.18 -29.04 16.75
CA TYR F 215 51.04 -29.68 15.75
C TYR F 215 52.48 -29.20 15.85
N ASN F 216 52.69 -27.90 16.02
CA ASN F 216 54.06 -27.39 16.15
C ASN F 216 54.71 -27.91 17.41
N LYS F 217 53.95 -28.00 18.50
CA LYS F 217 54.48 -28.56 19.73
C LYS F 217 54.91 -30.00 19.51
N LYS F 218 54.08 -30.78 18.83
CA LYS F 218 54.39 -32.18 18.59
C LYS F 218 55.69 -32.32 17.79
N ALA F 219 55.84 -31.51 16.73
CA ALA F 219 57.07 -31.60 15.95
C ALA F 219 58.30 -31.29 16.80
N ASP F 220 58.23 -30.23 17.60
CA ASP F 220 59.38 -29.88 18.42
C ASP F 220 59.66 -30.93 19.49
N LEU F 221 58.61 -31.46 20.13
CA LEU F 221 58.80 -32.44 21.20
C LEU F 221 59.34 -33.76 20.67
N GLU F 222 58.85 -34.22 19.52
CA GLU F 222 59.38 -35.43 18.92
C GLU F 222 60.86 -35.28 18.66
N ALA F 223 61.28 -34.12 18.14
CA ALA F 223 62.69 -33.86 17.89
C ALA F 223 63.48 -33.93 19.18
N MET F 224 62.96 -33.34 20.25
CA MET F 224 63.63 -33.36 21.54
C MET F 224 63.80 -34.80 22.06
N ALA F 225 62.79 -35.65 21.88
CA ALA F 225 62.90 -37.05 22.30
C ALA F 225 64.02 -37.77 21.54
N ILE F 226 64.14 -37.52 20.25
CA ILE F 226 65.22 -38.12 19.46
C ILE F 226 66.59 -37.64 19.96
N ALA F 227 66.70 -36.36 20.28
CA ALA F 227 67.97 -35.86 20.82
C ALA F 227 68.32 -36.57 22.13
N CYS F 228 67.32 -36.86 22.97
CA CYS F 228 67.59 -37.62 24.19
C CYS F 228 68.18 -38.98 23.84
N ASP F 229 67.60 -39.69 22.86
CA ASP F 229 68.14 -40.98 22.44
C ASP F 229 69.59 -40.87 21.99
N ALA F 230 69.92 -39.80 21.26
CA ALA F 230 71.30 -39.60 20.81
C ALA F 230 72.26 -39.49 21.99
N MET F 231 71.88 -38.74 23.02
CA MET F 231 72.75 -38.63 24.19
C MET F 231 72.90 -39.96 24.91
N VAL F 232 71.84 -40.77 24.97
CA VAL F 232 71.96 -42.10 25.54
C VAL F 232 72.99 -42.92 24.75
N ILE F 233 72.94 -42.81 23.43
CA ILE F 233 73.88 -43.55 22.59
C ILE F 233 75.30 -43.04 22.82
N LEU F 234 75.48 -41.73 22.97
CA LEU F 234 76.82 -41.18 23.21
C LEU F 234 77.47 -41.85 24.41
N GLY F 235 76.74 -41.95 25.52
CA GLY F 235 77.30 -42.59 26.69
C GLY F 235 77.58 -44.06 26.46
N LYS F 236 76.65 -44.75 25.82
CA LYS F 236 76.82 -46.18 25.58
C LYS F 236 78.06 -46.46 24.73
N ARG F 237 78.29 -45.65 23.69
CA ARG F 237 79.42 -45.89 22.81
C ARG F 237 80.75 -45.61 23.51
N TYR F 238 80.81 -44.55 24.34
CA TYR F 238 82.07 -44.27 25.04
C TYR F 238 82.36 -45.36 26.07
N ALA F 239 81.33 -45.84 26.76
CA ALA F 239 81.53 -46.93 27.70
C ALA F 239 82.08 -48.17 26.98
N GLU F 240 81.49 -48.51 25.82
CA GLU F 240 81.99 -49.65 25.04
C GLU F 240 83.42 -49.42 24.60
N LYS F 241 83.71 -48.21 24.08
CA LYS F 241 85.07 -47.88 23.66
C LYS F 241 86.06 -48.07 24.82
N ALA F 242 85.69 -47.58 26.01
CA ALA F 242 86.58 -47.67 27.17
C ALA F 242 86.87 -49.12 27.55
N ARG F 243 85.84 -49.98 27.55
CA ARG F 243 86.03 -51.38 27.91
C ARG F 243 86.84 -52.12 26.87
N GLN F 244 86.61 -51.82 25.60
CA GLN F 244 87.43 -52.37 24.53
C GLN F 244 88.89 -51.93 24.65
N MET F 245 89.13 -50.65 24.92
CA MET F 245 90.51 -50.22 25.13
C MET F 245 91.12 -50.87 26.37
N ALA F 246 90.32 -51.10 27.42
CA ALA F 246 90.84 -51.70 28.64
C ALA F 246 91.34 -53.12 28.39
N GLU F 247 90.59 -53.92 27.63
CA GLU F 247 90.97 -55.30 27.36
C GLU F 247 92.28 -55.40 26.60
N GLU F 248 92.66 -54.35 25.86
CA GLU F 248 93.90 -54.32 25.09
C GLU F 248 95.06 -53.65 25.81
N GLU F 249 94.81 -52.96 26.92
CA GLU F 249 95.84 -52.19 27.60
C GLU F 249 96.59 -53.08 28.58
N THR F 250 97.93 -53.01 28.54
CA THR F 250 98.75 -53.83 29.42
C THR F 250 99.04 -53.15 30.75
N ASP F 251 99.17 -51.81 30.73
CA ASP F 251 99.42 -51.05 31.95
C ASP F 251 98.23 -51.14 32.89
N GLU F 252 98.47 -51.69 34.09
CA GLU F 252 97.40 -51.83 35.07
C GLU F 252 96.81 -50.48 35.46
N ALA F 253 97.64 -49.44 35.57
CA ALA F 253 97.09 -48.14 35.96
C ALA F 253 96.14 -47.59 34.90
N LYS F 254 96.54 -47.70 33.62
CA LYS F 254 95.70 -47.23 32.54
C LYS F 254 94.42 -48.05 32.43
N LYS F 255 94.53 -49.37 32.60
CA LYS F 255 93.35 -50.22 32.55
C LYS F 255 92.34 -49.81 33.60
N LYS F 256 92.80 -49.50 34.81
CA LYS F 256 91.89 -49.07 35.86
C LYS F 256 91.24 -47.74 35.52
N ASP F 257 91.98 -46.81 34.91
CA ASP F 257 91.39 -45.55 34.48
C ASP F 257 90.34 -45.78 33.41
N LEU F 258 90.63 -46.64 32.44
CA LEU F 258 89.66 -46.94 31.41
C LEU F 258 88.40 -47.57 32.00
N LEU F 259 88.55 -48.42 33.01
CA LEU F 259 87.39 -49.03 33.64
C LEU F 259 86.58 -48.02 34.43
N LEU F 260 87.24 -47.04 35.04
CA LEU F 260 86.50 -45.95 35.68
C LEU F 260 85.75 -45.12 34.65
N ILE F 261 86.36 -44.87 33.50
CA ILE F 261 85.66 -44.15 32.44
C ILE F 261 84.39 -44.88 32.06
N ALA F 262 84.49 -46.20 31.85
CA ALA F 262 83.34 -46.99 31.43
C ALA F 262 82.24 -46.95 32.49
N GLU F 263 82.62 -47.10 33.75
CA GLU F 263 81.65 -47.00 34.85
C GLU F 263 80.97 -45.64 34.86
N THR F 264 81.72 -44.57 34.58
CA THR F 264 81.13 -43.24 34.56
C THR F 264 80.13 -43.10 33.42
N CYS F 265 80.49 -43.59 32.23
CA CYS F 265 79.63 -43.51 31.06
C CYS F 265 78.46 -44.49 31.12
N ASP F 266 78.54 -45.53 31.95
CA ASP F 266 77.36 -46.34 32.25
C ASP F 266 76.28 -45.52 32.93
N VAL F 267 76.67 -44.45 33.61
CA VAL F 267 75.69 -43.62 34.33
C VAL F 267 75.25 -42.45 33.46
N VAL F 268 76.20 -41.62 33.04
CA VAL F 268 75.89 -40.40 32.28
C VAL F 268 76.25 -40.58 30.80
N PRO F 269 75.52 -39.91 29.90
CA PRO F 269 74.43 -38.97 30.21
C PRO F 269 73.01 -39.59 30.31
N ALA F 270 72.88 -40.91 30.17
CA ALA F 270 71.56 -41.53 30.21
C ALA F 270 70.86 -41.29 31.55
N HIS F 271 71.60 -41.34 32.66
CA HIS F 271 71.06 -41.17 34.01
C HIS F 271 71.68 -39.94 34.67
N LYS F 272 71.02 -39.43 35.69
CA LYS F 272 71.55 -38.28 36.39
C LYS F 272 72.86 -38.62 37.10
N PRO F 273 73.80 -37.66 37.17
CA PRO F 273 75.09 -37.95 37.82
C PRO F 273 74.87 -38.21 39.30
N GLU F 274 75.63 -39.18 39.83
CA GLU F 274 75.58 -39.50 41.25
C GLU F 274 76.81 -38.99 42.01
N THR F 275 77.91 -38.70 41.32
CA THR F 275 79.18 -38.29 41.93
C THR F 275 79.70 -37.02 41.25
N TYR F 276 80.65 -36.38 41.93
CA TYR F 276 81.35 -35.22 41.41
C TYR F 276 81.99 -35.54 40.06
N HIS F 277 82.67 -36.68 39.97
CA HIS F 277 83.24 -37.13 38.71
C HIS F 277 82.16 -37.25 37.63
N GLN F 278 81.03 -37.89 37.96
CA GLN F 278 79.96 -38.05 36.97
C GLN F 278 79.34 -36.71 36.61
N ALA F 279 79.27 -35.79 37.55
CA ALA F 279 78.73 -34.47 37.24
C ALA F 279 79.54 -33.79 36.16
N ILE F 280 80.88 -33.84 36.28
CA ILE F 280 81.76 -33.19 35.31
C ILE F 280 81.69 -33.88 33.97
N GLN F 281 81.69 -35.22 33.95
CA GLN F 281 81.55 -35.93 32.68
C GLN F 281 80.19 -35.69 32.06
N MET F 282 79.14 -35.59 32.87
CA MET F 282 77.82 -35.24 32.32
C MET F 282 77.87 -33.88 31.62
N TYR F 283 78.43 -32.87 32.30
CA TYR F 283 78.53 -31.56 31.66
C TYR F 283 79.29 -31.66 30.34
N TRP F 284 80.44 -32.35 30.36
CA TRP F 284 81.29 -32.35 29.18
C TRP F 284 80.61 -33.04 28.00
N PHE F 285 79.90 -34.14 28.26
CA PHE F 285 79.13 -34.76 27.19
C PHE F 285 78.09 -33.78 26.63
N VAL F 286 77.39 -33.08 27.52
CA VAL F 286 76.41 -32.08 27.07
C VAL F 286 77.09 -30.99 26.23
N HIS F 287 78.26 -30.53 26.68
CA HIS F 287 79.03 -29.53 25.95
C HIS F 287 79.38 -30.03 24.54
N ILE F 288 79.91 -31.25 24.43
CA ILE F 288 80.21 -31.83 23.12
C ILE F 288 78.94 -31.91 22.27
N GLY F 289 77.84 -32.34 22.87
CA GLY F 289 76.59 -32.47 22.15
C GLY F 289 76.08 -31.17 21.57
N VAL F 290 75.93 -30.13 22.39
CA VAL F 290 75.31 -28.91 21.89
C VAL F 290 76.24 -28.17 20.92
N THR F 291 77.56 -28.30 21.07
CA THR F 291 78.49 -27.61 20.18
C THR F 291 78.78 -28.37 18.89
N THR F 292 78.36 -29.62 18.77
CA THR F 292 78.36 -30.30 17.48
C THR F 292 76.96 -30.35 16.86
N GLU F 293 75.92 -30.15 17.66
CA GLU F 293 74.59 -29.93 17.09
C GLU F 293 74.62 -28.74 16.13
N LEU F 294 75.22 -27.64 16.57
CA LEU F 294 75.33 -26.43 15.76
C LEU F 294 76.61 -25.71 16.18
N ASN F 295 77.13 -24.87 15.28
CA ASN F 295 78.29 -24.05 15.59
C ASN F 295 77.81 -22.80 16.33
N ILE F 296 77.52 -22.97 17.62
CA ILE F 296 76.88 -21.89 18.39
C ILE F 296 77.95 -20.91 18.92
N TRP F 297 77.65 -19.62 18.87
CA TRP F 297 78.52 -18.60 19.47
C TRP F 297 78.82 -18.94 20.93
N ASP F 298 80.09 -18.78 21.31
CA ASP F 298 80.57 -18.94 22.68
C ASP F 298 80.42 -20.38 23.19
N ALA F 299 80.55 -21.34 22.29
CA ALA F 299 80.58 -22.75 22.67
C ALA F 299 79.52 -23.11 23.72
N PHE F 300 79.95 -23.59 24.87
CA PHE F 300 79.03 -23.83 25.98
C PHE F 300 79.81 -23.65 27.27
N THR F 301 79.08 -23.53 28.38
CA THR F 301 79.77 -23.38 29.63
C THR F 301 78.87 -23.88 30.75
N PRO F 302 79.44 -24.48 31.79
CA PRO F 302 78.63 -24.83 32.97
C PRO F 302 78.15 -23.61 33.76
N GLY F 303 78.62 -22.40 33.46
CA GLY F 303 78.15 -21.24 34.18
C GLY F 303 78.61 -21.19 35.63
N ARG F 304 77.70 -21.36 36.59
CA ARG F 304 78.01 -21.29 38.02
C ARG F 304 78.54 -22.65 38.50
N LEU F 305 79.71 -23.02 37.97
CA LEU F 305 80.24 -24.36 38.17
C LEU F 305 80.45 -24.68 39.65
N ASP F 306 80.97 -23.72 40.43
CA ASP F 306 81.21 -24.01 41.84
C ASP F 306 79.92 -24.26 42.60
N GLN F 307 78.81 -23.64 42.18
CA GLN F 307 77.53 -23.93 42.83
C GLN F 307 77.03 -25.33 42.49
N HIS F 308 77.23 -25.77 41.23
CA HIS F 308 76.72 -27.08 40.83
C HIS F 308 77.55 -28.21 41.39
N LEU F 309 78.86 -28.04 41.47
CA LEU F 309 79.72 -29.13 41.92
C LEU F 309 79.78 -29.25 43.45
N ASN F 310 79.58 -28.17 44.19
CA ASN F 310 79.81 -28.24 45.64
C ASN F 310 78.94 -29.27 46.35
N PRO F 311 77.66 -29.43 46.06
CA PRO F 311 76.91 -30.52 46.72
C PRO F 311 77.52 -31.90 46.46
N PHE F 312 77.96 -32.15 45.23
CA PHE F 312 78.63 -33.43 44.93
C PHE F 312 79.95 -33.55 45.70
N TYR F 313 80.72 -32.45 45.75
CA TYR F 313 82.01 -32.46 46.43
C TYR F 313 81.83 -32.82 47.90
N GLU F 314 80.95 -32.12 48.60
CA GLU F 314 80.74 -32.36 50.02
C GLU F 314 80.28 -33.78 50.28
N ARG F 315 79.32 -34.24 49.49
CA ARG F 315 78.80 -35.60 49.64
C ARG F 315 79.90 -36.63 49.41
N ASP F 316 80.69 -36.45 48.34
CA ASP F 316 81.69 -37.46 47.97
C ASP F 316 82.86 -37.50 48.95
N VAL F 317 83.32 -36.35 49.44
CA VAL F 317 84.41 -36.41 50.43
C VAL F 317 83.89 -37.04 51.72
N GLU F 318 82.68 -36.66 52.14
CA GLU F 318 82.09 -37.24 53.33
C GLU F 318 81.97 -38.76 53.20
N ASN F 319 81.64 -39.25 52.01
CA ASN F 319 81.56 -40.69 51.76
C ASN F 319 82.93 -41.32 51.49
N GLY F 320 84.01 -40.55 51.48
CA GLY F 320 85.35 -41.08 51.35
C GLY F 320 85.76 -41.51 49.96
N ILE F 321 85.06 -41.08 48.92
CA ILE F 321 85.39 -41.46 47.55
C ILE F 321 86.08 -40.35 46.78
N LEU F 322 86.31 -39.20 47.40
CA LEU F 322 86.89 -38.04 46.77
C LEU F 322 87.68 -37.27 47.82
N ASP F 323 88.74 -36.60 47.40
CA ASP F 323 89.39 -35.61 48.26
C ASP F 323 89.69 -34.39 47.41
N ARG F 324 90.24 -33.34 48.06
CA ARG F 324 90.50 -32.10 47.34
C ARG F 324 91.41 -32.31 46.15
N ASP F 325 92.45 -33.13 46.32
CA ASP F 325 93.38 -33.37 45.22
C ASP F 325 92.67 -33.98 44.01
N ARG F 326 91.84 -34.97 44.24
CA ARG F 326 91.18 -35.60 43.11
C ARG F 326 90.16 -34.65 42.49
N ALA F 327 89.47 -33.86 43.32
CA ALA F 327 88.55 -32.84 42.79
C ALA F 327 89.29 -31.85 41.90
N GLN F 328 90.48 -31.40 42.32
CA GLN F 328 91.29 -30.50 41.50
C GLN F 328 91.82 -31.20 40.26
N GLU F 329 92.24 -32.46 40.40
CA GLU F 329 92.74 -33.18 39.24
C GLU F 329 91.68 -33.29 38.14
N LEU F 330 90.43 -33.60 38.52
CA LEU F 330 89.36 -33.71 37.54
C LEU F 330 89.08 -32.36 36.87
N LEU F 331 89.15 -31.27 37.63
CA LEU F 331 88.95 -29.95 37.04
C LEU F 331 90.12 -29.54 36.13
N GLU F 332 91.36 -29.93 36.48
CA GLU F 332 92.46 -29.68 35.56
C GLU F 332 92.24 -30.46 34.27
N CYS F 333 91.71 -31.68 34.37
CA CYS F 333 91.31 -32.41 33.17
C CYS F 333 90.24 -31.65 32.39
N LEU F 334 89.20 -31.16 33.09
CA LEU F 334 88.15 -30.38 32.41
C LEU F 334 88.74 -29.18 31.68
N TRP F 335 89.63 -28.44 32.33
CA TRP F 335 90.24 -27.26 31.72
C TRP F 335 90.92 -27.62 30.40
N VAL F 336 91.68 -28.71 30.40
CA VAL F 336 92.35 -29.14 29.18
C VAL F 336 91.31 -29.47 28.11
N LYS F 337 90.20 -30.09 28.50
CA LYS F 337 89.16 -30.41 27.51
C LYS F 337 88.66 -29.15 26.82
N PHE F 338 88.38 -28.09 27.59
CA PHE F 338 88.03 -26.82 26.96
C PHE F 338 89.09 -26.38 25.96
N ASN F 339 90.36 -26.46 26.38
CA ASN F 339 91.46 -25.95 25.58
C ASN F 339 91.69 -26.78 24.31
N ASN F 340 91.16 -27.99 24.26
CA ASN F 340 91.25 -28.82 23.07
C ASN F 340 90.20 -28.47 22.01
N GLN F 341 89.26 -27.55 22.30
CA GLN F 341 88.17 -27.25 21.36
C GLN F 341 88.28 -25.82 20.85
N PRO F 342 88.88 -25.59 19.68
CA PRO F 342 88.86 -24.25 19.12
C PRO F 342 87.47 -23.84 18.65
N ALA F 343 87.27 -22.53 18.54
CA ALA F 343 86.12 -22.05 17.77
C ALA F 343 86.34 -22.46 16.31
N PRO F 344 85.35 -23.07 15.66
CA PRO F 344 85.55 -23.50 14.27
C PRO F 344 85.94 -22.33 13.40
N PRO F 345 86.63 -22.59 12.27
CA PRO F 345 87.27 -21.51 11.52
C PRO F 345 86.29 -20.47 11.00
N LYS F 346 86.69 -19.21 11.11
CA LYS F 346 85.94 -18.08 10.62
C LYS F 346 86.67 -17.45 9.44
N VAL F 347 85.92 -16.83 8.54
CA VAL F 347 86.50 -16.09 7.43
C VAL F 347 85.78 -14.76 7.30
N GLY F 348 86.34 -13.91 6.44
CA GLY F 348 85.67 -12.65 6.16
C GLY F 348 85.44 -11.82 7.42
N ILE F 349 84.25 -11.22 7.50
CA ILE F 349 83.98 -10.29 8.59
C ILE F 349 83.93 -11.00 9.93
N THR F 350 83.40 -12.22 9.97
CA THR F 350 83.33 -12.96 11.22
C THR F 350 84.72 -13.09 11.86
N LEU F 351 85.73 -13.36 11.05
CA LEU F 351 87.09 -13.41 11.57
C LEU F 351 87.55 -12.06 12.12
N LYS F 352 87.28 -10.98 11.37
CA LYS F 352 87.74 -9.66 11.80
C LYS F 352 87.15 -9.27 13.15
N GLU F 353 85.88 -9.64 13.41
CA GLU F 353 85.21 -9.25 14.63
C GLU F 353 85.50 -10.22 15.78
N SER F 354 86.03 -11.40 15.49
CA SER F 354 86.32 -12.41 16.51
C SER F 354 87.60 -13.15 16.12
N SER F 355 88.74 -12.44 16.16
CA SER F 355 89.97 -12.97 15.54
C SER F 355 90.76 -13.77 16.57
N THR F 356 90.29 -14.99 16.81
CA THR F 356 90.84 -15.80 17.88
C THR F 356 90.50 -17.26 17.64
N TYR F 357 91.34 -18.14 18.17
CA TYR F 357 90.98 -19.55 18.30
C TYR F 357 90.04 -19.81 19.47
N THR F 358 89.99 -18.92 20.46
CA THR F 358 89.18 -19.23 21.64
C THR F 358 87.69 -19.11 21.32
N ASP F 359 86.86 -19.81 22.11
CA ASP F 359 85.42 -19.88 21.88
C ASP F 359 84.63 -19.37 23.09
N PHE F 360 85.26 -18.59 23.95
CA PHE F 360 84.55 -17.75 24.92
C PHE F 360 83.63 -18.53 25.84
N ALA F 361 84.13 -19.65 26.37
CA ALA F 361 83.41 -20.43 27.38
C ALA F 361 83.71 -19.83 28.74
N ASN F 362 82.76 -19.07 29.26
CA ASN F 362 82.97 -18.20 30.41
C ASN F 362 82.43 -18.87 31.67
N ILE F 363 83.32 -19.11 32.62
CA ILE F 363 82.95 -19.71 33.90
C ILE F 363 82.92 -18.60 34.95
N ASN F 364 81.83 -18.56 35.73
CA ASN F 364 81.61 -17.59 36.79
C ASN F 364 81.82 -18.28 38.14
N THR F 365 82.88 -17.92 38.85
CA THR F 365 83.18 -18.48 40.16
C THR F 365 82.98 -17.44 41.25
N GLY F 366 82.39 -17.84 42.37
CA GLY F 366 82.15 -16.93 43.47
C GLY F 366 80.69 -16.56 43.60
N GLY F 367 80.38 -15.27 43.49
CA GLY F 367 78.98 -14.83 43.39
C GLY F 367 78.13 -15.27 44.59
N ILE F 368 76.86 -15.56 44.30
CA ILE F 368 75.89 -15.96 45.31
C ILE F 368 75.28 -17.32 44.94
N ASN F 369 74.80 -18.01 45.97
CA ASN F 369 74.11 -19.28 45.78
C ASN F 369 72.65 -19.05 45.41
N PRO F 370 71.90 -20.13 45.12
CA PRO F 370 70.51 -19.95 44.68
C PRO F 370 69.63 -19.23 45.69
N ASP F 371 70.01 -19.20 46.97
CA ASP F 371 69.28 -18.46 47.99
C ASP F 371 69.71 -16.99 48.07
N GLY F 372 70.69 -16.57 47.30
CA GLY F 372 71.13 -15.19 47.34
C GLY F 372 72.20 -14.87 48.36
N GLN F 373 72.74 -15.85 49.07
CA GLN F 373 73.78 -15.58 50.04
C GLN F 373 75.15 -15.89 49.44
N ASP F 374 76.20 -15.50 50.14
CA ASP F 374 77.58 -15.69 49.70
C ASP F 374 77.79 -17.09 49.13
N GLY F 375 78.23 -17.16 47.88
CA GLY F 375 78.37 -18.44 47.21
C GLY F 375 79.75 -19.06 47.22
N VAL F 376 80.75 -18.34 47.74
CA VAL F 376 82.10 -18.87 47.81
C VAL F 376 82.13 -20.13 48.67
N ASN F 377 82.65 -21.21 48.11
CA ASN F 377 82.72 -22.50 48.78
C ASN F 377 84.07 -23.14 48.44
N GLU F 378 84.28 -24.37 48.91
CA GLU F 378 85.58 -25.00 48.69
C GLU F 378 85.86 -25.20 47.21
N VAL F 379 84.82 -25.48 46.41
CA VAL F 379 85.07 -25.66 44.99
C VAL F 379 85.49 -24.33 44.36
N SER F 380 84.99 -23.20 44.84
CA SER F 380 85.42 -21.91 44.33
C SER F 380 86.94 -21.77 44.43
N TYR F 381 87.50 -22.13 45.57
CA TYR F 381 88.94 -22.00 45.75
C TYR F 381 89.71 -23.03 44.93
N ILE F 382 89.16 -24.23 44.76
CA ILE F 382 89.80 -25.20 43.88
C ILE F 382 89.89 -24.66 42.46
N ILE F 383 88.81 -24.06 41.96
CA ILE F 383 88.81 -23.49 40.60
C ILE F 383 89.86 -22.40 40.47
N LEU F 384 89.99 -21.53 41.47
CA LEU F 384 91.07 -20.54 41.39
C LEU F 384 92.44 -21.24 41.30
N ASP F 385 92.65 -22.30 42.10
CA ASP F 385 93.92 -23.03 42.02
C ASP F 385 94.12 -23.64 40.64
N VAL F 386 93.08 -24.23 40.03
CA VAL F 386 93.33 -24.87 38.75
C VAL F 386 93.56 -23.83 37.65
N MET F 387 92.83 -22.72 37.66
CA MET F 387 93.08 -21.74 36.59
C MET F 387 94.46 -21.11 36.76
N ASP F 388 94.88 -20.86 38.00
CA ASP F 388 96.22 -20.34 38.26
C ASP F 388 97.29 -21.32 37.74
N GLU F 389 97.17 -22.59 38.12
CA GLU F 389 98.18 -23.58 37.72
C GLU F 389 98.21 -23.79 36.20
N MET F 390 97.03 -24.01 35.61
CA MET F 390 96.97 -24.44 34.21
C MET F 390 97.34 -23.33 33.23
N LYS F 391 97.03 -22.08 33.55
CA LYS F 391 97.29 -20.94 32.68
C LYS F 391 96.91 -21.23 31.22
N LEU F 392 95.65 -21.61 31.04
CA LEU F 392 95.10 -21.87 29.71
C LEU F 392 94.07 -20.81 29.35
N ILE F 393 94.10 -20.33 28.10
CA ILE F 393 93.20 -19.24 27.71
C ILE F 393 91.77 -19.71 27.42
N GLN F 394 91.55 -21.03 27.39
CA GLN F 394 90.21 -21.63 27.47
C GLN F 394 90.24 -22.63 28.64
N PRO F 395 89.21 -22.66 29.48
CA PRO F 395 88.02 -21.81 29.47
C PRO F 395 88.40 -20.38 29.90
N SER F 396 87.45 -19.47 29.82
CA SER F 396 87.62 -18.09 30.29
C SER F 396 87.16 -18.07 31.74
N SER F 397 88.10 -18.20 32.68
CA SER F 397 87.78 -18.44 34.08
C SER F 397 87.76 -17.11 34.84
N ASN F 398 86.57 -16.70 35.26
CA ASN F 398 86.34 -15.37 35.82
C ASN F 398 85.68 -15.47 37.19
N VAL F 399 85.55 -14.33 37.85
CA VAL F 399 84.97 -14.28 39.20
C VAL F 399 83.83 -13.28 39.23
N GLN F 400 82.78 -13.64 39.96
CA GLN F 400 81.72 -12.72 40.37
C GLN F 400 82.05 -12.26 41.78
N ILE F 401 82.08 -10.95 41.97
CA ILE F 401 82.34 -10.35 43.27
C ILE F 401 81.05 -9.70 43.75
N SER F 402 80.60 -10.10 44.93
CA SER F 402 79.43 -9.54 45.60
C SER F 402 79.86 -8.72 46.81
N LYS F 403 78.98 -7.83 47.26
CA LYS F 403 79.15 -7.25 48.58
C LYS F 403 79.26 -8.33 49.66
N LYS F 404 78.75 -9.53 49.40
CA LYS F 404 78.80 -10.64 50.34
C LYS F 404 80.06 -11.50 50.20
N THR F 405 80.93 -11.20 49.25
CA THR F 405 82.11 -12.02 48.96
C THR F 405 83.19 -11.77 50.00
N PRO F 406 83.78 -12.82 50.59
CA PRO F 406 84.91 -12.60 51.53
C PRO F 406 86.09 -11.95 50.84
N GLN F 407 86.73 -11.01 51.52
CA GLN F 407 87.87 -10.32 50.93
C GLN F 407 88.98 -11.29 50.54
N LYS F 408 89.12 -12.39 51.28
CA LYS F 408 90.14 -13.37 50.94
C LYS F 408 89.96 -13.88 49.52
N PHE F 409 88.72 -14.11 49.11
CA PHE F 409 88.47 -14.58 47.76
C PHE F 409 88.84 -13.53 46.74
N LEU F 410 88.38 -12.30 46.94
CA LEU F 410 88.71 -11.24 46.00
C LEU F 410 90.22 -11.10 45.86
N LYS F 411 90.93 -11.13 46.99
CA LYS F 411 92.38 -10.94 46.92
C LYS F 411 93.07 -12.09 46.21
N ARG F 412 92.60 -13.31 46.42
CA ARG F 412 93.16 -14.43 45.67
C ARG F 412 92.97 -14.24 44.17
N ALA F 413 91.80 -13.78 43.75
CA ALA F 413 91.58 -13.50 42.34
C ALA F 413 92.52 -12.42 41.85
N CYS F 414 92.73 -11.37 42.65
CA CYS F 414 93.67 -10.33 42.27
C CYS F 414 95.10 -10.87 42.16
N GLU F 415 95.47 -11.82 43.04
CA GLU F 415 96.79 -12.45 42.94
C GLU F 415 97.00 -13.04 41.55
N ILE F 416 95.97 -13.71 41.02
CA ILE F 416 96.12 -14.33 39.72
C ILE F 416 96.16 -13.29 38.63
N SER F 417 95.26 -12.30 38.70
CA SER F 417 95.21 -11.23 37.71
C SER F 417 96.54 -10.48 37.62
N ARG F 418 97.18 -10.26 38.76
CA ARG F 418 98.44 -9.52 38.77
C ARG F 418 99.56 -10.28 38.06
N LYS F 419 99.43 -11.59 37.87
CA LYS F 419 100.45 -12.33 37.12
C LYS F 419 100.48 -11.96 35.65
N GLY F 420 99.52 -11.20 35.16
CA GLY F 420 99.64 -10.52 33.88
C GLY F 420 99.18 -11.29 32.66
N TRP F 421 98.45 -12.39 32.81
CA TRP F 421 97.90 -13.03 31.63
C TRP F 421 96.41 -12.80 31.47
N GLY F 422 95.87 -11.81 32.16
CA GLY F 422 94.52 -11.35 31.86
C GLY F 422 93.41 -11.94 32.71
N GLN F 423 93.38 -13.25 32.90
CA GLN F 423 92.36 -13.89 33.72
C GLN F 423 92.73 -13.77 35.21
N PRO F 424 91.75 -13.67 36.09
CA PRO F 424 90.30 -13.58 35.82
C PRO F 424 89.81 -12.16 35.57
N ALA F 425 88.73 -12.01 34.81
CA ALA F 425 87.98 -10.77 34.85
C ALA F 425 87.09 -10.75 36.08
N PHE F 426 86.64 -9.57 36.45
CA PHE F 426 85.82 -9.34 37.64
C PHE F 426 84.44 -8.82 37.21
N TYR F 427 83.39 -9.43 37.74
CA TYR F 427 82.01 -9.03 37.47
C TYR F 427 81.27 -8.73 38.77
N ASN F 428 80.43 -7.69 38.73
CA ASN F 428 79.69 -7.20 39.89
C ASN F 428 78.37 -7.97 40.03
N THR F 429 78.30 -8.85 41.01
CA THR F 429 77.10 -9.65 41.23
C THR F 429 75.86 -8.79 41.44
N GLU F 430 75.98 -7.71 42.21
CA GLU F 430 74.79 -6.90 42.47
C GLU F 430 74.30 -6.22 41.19
N ALA F 431 75.21 -5.81 40.32
CA ALA F 431 74.80 -5.25 39.03
C ALA F 431 74.15 -6.30 38.14
N ILE F 432 74.72 -7.51 38.10
CA ILE F 432 74.14 -8.60 37.32
C ILE F 432 72.70 -8.83 37.73
N VAL F 433 72.46 -8.95 39.04
CA VAL F 433 71.12 -9.28 39.51
C VAL F 433 70.14 -8.17 39.15
N GLN F 434 70.54 -6.90 39.34
CA GLN F 434 69.64 -5.80 39.01
C GLN F 434 69.43 -5.68 37.50
N GLU F 435 70.48 -5.91 36.71
CA GLU F 435 70.34 -5.92 35.25
C GLU F 435 69.30 -6.94 34.81
N LEU F 436 69.39 -8.16 35.37
CA LEU F 436 68.45 -9.22 35.03
C LEU F 436 67.03 -8.83 35.43
N MET F 437 66.86 -8.33 36.66
CA MET F 437 65.54 -7.96 37.11
C MET F 437 65.00 -6.78 36.31
N GLU F 438 65.87 -5.84 35.91
CA GLU F 438 65.41 -4.76 35.04
C GLU F 438 64.84 -5.31 33.74
N ALA F 439 65.40 -6.40 33.23
CA ALA F 439 64.92 -6.99 32.00
C ALA F 439 63.73 -7.91 32.20
N GLY F 440 63.28 -8.11 33.44
CA GLY F 440 62.08 -8.88 33.73
C GLY F 440 62.28 -10.23 34.39
N LYS F 441 63.51 -10.63 34.72
CA LYS F 441 63.72 -11.87 35.46
C LYS F 441 63.23 -11.72 36.90
N THR F 442 62.64 -12.78 37.45
CA THR F 442 62.34 -12.80 38.88
C THR F 442 63.62 -12.87 39.70
N ILE F 443 63.55 -12.46 40.98
CA ILE F 443 64.73 -12.55 41.83
C ILE F 443 65.19 -13.99 41.96
N GLU F 444 64.25 -14.93 42.01
CA GLU F 444 64.65 -16.33 42.10
C GLU F 444 65.48 -16.78 40.89
N ASP F 445 65.08 -16.37 39.70
CA ASP F 445 65.83 -16.74 38.50
C ASP F 445 67.11 -15.92 38.38
N ALA F 446 67.06 -14.64 38.76
CA ALA F 446 68.24 -13.77 38.67
C ALA F 446 69.38 -14.25 39.56
N ARG F 447 69.07 -14.85 40.70
CA ARG F 447 70.10 -15.39 41.56
C ARG F 447 70.87 -16.52 40.90
N LEU F 448 70.34 -17.09 39.82
CA LEU F 448 71.01 -18.17 39.09
C LEU F 448 71.83 -17.66 37.92
N GLY F 449 71.88 -16.35 37.73
CA GLY F 449 72.46 -15.76 36.54
C GLY F 449 73.93 -15.39 36.73
N GLY F 450 74.45 -14.76 35.69
CA GLY F 450 75.84 -14.35 35.65
C GLY F 450 76.13 -13.79 34.28
N THR F 451 77.41 -13.79 33.92
CA THR F 451 77.81 -13.33 32.61
C THR F 451 78.37 -14.49 31.81
N SER F 452 78.22 -14.40 30.49
CA SER F 452 78.84 -15.37 29.60
C SER F 452 79.50 -14.61 28.45
N GLY F 453 80.10 -15.35 27.54
CA GLY F 453 80.85 -14.73 26.45
C GLY F 453 81.93 -13.83 27.04
N CYS F 454 81.91 -12.56 26.66
CA CYS F 454 82.85 -11.58 27.20
C CYS F 454 82.33 -10.96 28.49
N VAL F 455 81.17 -10.31 28.45
CA VAL F 455 80.65 -9.62 29.62
C VAL F 455 79.13 -9.70 29.69
N GLU F 456 78.51 -10.59 28.89
CA GLU F 456 77.08 -10.50 28.60
C GLU F 456 76.23 -11.15 29.69
N THR F 457 75.29 -10.39 30.24
CA THR F 457 74.45 -10.85 31.33
C THR F 457 73.31 -11.75 30.86
N GLY F 458 73.10 -12.87 31.55
CA GLY F 458 72.01 -13.77 31.18
C GLY F 458 71.54 -14.59 32.35
N CYS F 459 70.33 -15.14 32.21
CA CYS F 459 69.76 -16.03 33.23
C CYS F 459 70.03 -17.48 32.81
N PHE F 460 71.08 -18.05 33.39
CA PHE F 460 71.65 -19.32 32.95
C PHE F 460 70.62 -20.44 32.94
N GLY F 461 70.51 -21.13 31.80
CA GLY F 461 69.61 -22.25 31.66
C GLY F 461 68.14 -21.91 31.48
N LYS F 462 67.79 -20.64 31.39
CA LYS F 462 66.40 -20.22 31.28
C LYS F 462 66.21 -19.12 30.24
N GLU F 463 67.23 -18.81 29.45
CA GLU F 463 67.18 -17.64 28.60
C GLU F 463 67.87 -17.87 27.27
N ALA F 464 67.26 -17.35 26.20
CA ALA F 464 67.97 -17.10 24.95
C ALA F 464 68.32 -15.62 24.90
N TYR F 465 69.60 -15.30 24.98
CA TYR F 465 70.02 -13.91 24.93
C TYR F 465 71.06 -13.82 23.82
N VAL F 466 70.59 -13.41 22.65
CA VAL F 466 71.30 -13.58 21.39
C VAL F 466 71.93 -12.25 21.01
N LEU F 467 73.24 -12.28 20.75
CA LEU F 467 73.93 -11.12 20.19
C LEU F 467 73.79 -11.12 18.67
N THR F 468 73.46 -9.98 18.07
CA THR F 468 73.23 -9.96 16.63
C THR F 468 74.31 -9.26 15.81
N GLY F 469 75.21 -8.52 16.44
CA GLY F 469 76.30 -7.85 15.76
C GLY F 469 76.71 -6.55 16.43
N TYR F 470 77.92 -6.11 16.09
CA TYR F 470 78.47 -4.86 16.61
C TYR F 470 77.97 -3.68 15.77
N MET F 471 77.84 -2.52 16.41
CA MET F 471 77.39 -1.28 15.77
C MET F 471 78.49 -0.24 15.85
N ASN F 472 78.86 0.31 14.70
CA ASN F 472 79.99 1.23 14.58
C ASN F 472 79.52 2.66 14.88
N ILE F 473 79.37 2.96 16.18
CA ILE F 473 78.81 4.25 16.58
C ILE F 473 79.66 5.41 16.08
N PRO F 474 80.99 5.40 16.21
CA PRO F 474 81.78 6.51 15.67
C PRO F 474 81.58 6.70 14.17
N LYS F 475 81.44 5.62 13.39
CA LYS F 475 81.23 5.80 11.96
C LYS F 475 79.85 6.37 11.65
N ILE F 476 78.90 6.20 12.56
CA ILE F 476 77.62 6.87 12.40
C ILE F 476 77.81 8.38 12.53
N LEU F 477 78.69 8.83 13.42
CA LEU F 477 79.01 10.25 13.46
C LEU F 477 79.70 10.69 12.17
N GLU F 478 80.60 9.85 11.63
CA GLU F 478 81.25 10.19 10.37
C GLU F 478 80.23 10.40 9.26
N LEU F 479 79.23 9.51 9.16
CA LEU F 479 78.17 9.74 8.19
C LEU F 479 77.48 11.06 8.42
N THR F 480 77.18 11.38 9.69
CA THR F 480 76.54 12.65 10.02
C THR F 480 77.36 13.82 9.48
N LEU F 481 78.67 13.81 9.71
CA LEU F 481 79.50 14.93 9.27
C LEU F 481 79.64 15.01 7.76
N ASN F 482 79.23 13.96 7.04
CA ASN F 482 79.32 13.93 5.59
C ASN F 482 77.94 13.82 4.94
N ASN F 483 76.90 14.16 5.68
CA ASN F 483 75.55 14.20 5.12
C ASN F 483 75.16 12.84 4.53
N GLY F 484 75.52 11.75 5.22
CA GLY F 484 75.16 10.41 4.78
C GLY F 484 76.16 9.75 3.85
N TYR F 485 77.14 10.50 3.37
CA TYR F 485 78.12 9.94 2.47
C TYR F 485 79.24 9.29 3.29
N ASP F 486 79.66 8.12 2.87
CA ASP F 486 80.76 7.42 3.53
C ASP F 486 82.02 7.77 2.76
N PRO F 487 82.94 8.54 3.34
CA PRO F 487 84.15 8.93 2.60
C PRO F 487 85.07 7.77 2.28
N ILE F 488 84.95 6.63 2.96
CA ILE F 488 85.85 5.50 2.75
C ILE F 488 85.35 4.65 1.60
N SER F 489 84.12 4.15 1.70
CA SER F 489 83.54 3.39 0.60
C SER F 489 83.13 4.28 -0.57
N LYS F 490 83.07 5.59 -0.36
CA LYS F 490 82.66 6.54 -1.41
C LYS F 490 81.26 6.23 -1.92
N LYS F 491 80.35 5.93 -0.99
CA LYS F 491 78.96 5.66 -1.34
C LYS F 491 78.06 6.38 -0.36
N GLN F 492 76.82 6.62 -0.79
CA GLN F 492 75.80 7.15 0.11
C GLN F 492 75.32 5.96 0.96
N ILE F 493 75.74 5.92 2.21
CA ILE F 493 75.40 4.83 3.12
C ILE F 493 74.30 5.22 4.10
N GLY F 494 74.32 6.47 4.56
CA GLY F 494 73.30 6.98 5.45
C GLY F 494 72.26 7.81 4.74
N ILE F 495 71.58 8.65 5.52
CA ILE F 495 70.54 9.54 5.02
C ILE F 495 71.08 10.97 4.99
N GLU F 496 70.36 11.85 4.30
CA GLU F 496 70.74 13.26 4.19
C GLU F 496 70.20 14.00 5.40
N THR F 497 71.03 14.18 6.41
CA THR F 497 70.61 14.94 7.58
C THR F 497 71.03 16.41 7.50
N GLY F 498 71.78 16.79 6.48
CA GLY F 498 72.13 18.19 6.27
C GLY F 498 73.63 18.43 6.20
N ASP F 499 74.01 19.53 5.53
CA ASP F 499 75.40 19.95 5.51
C ASP F 499 75.76 20.42 6.91
N PRO F 500 76.74 19.79 7.57
CA PRO F 500 77.05 20.16 8.94
C PRO F 500 77.51 21.61 9.09
N ARG F 501 78.06 22.22 8.04
CA ARG F 501 78.48 23.61 8.11
C ARG F 501 77.33 24.55 8.40
N ASN F 502 76.09 24.12 8.15
CA ASN F 502 74.91 24.93 8.39
C ASN F 502 74.31 24.74 9.77
N PHE F 503 74.84 23.82 10.57
CA PHE F 503 74.34 23.61 11.92
C PHE F 503 74.75 24.79 12.81
N GLN F 504 73.76 25.41 13.44
CA GLN F 504 74.00 26.61 14.23
C GLN F 504 74.26 26.35 15.70
N SER F 505 74.11 25.10 16.16
CA SER F 505 74.33 24.78 17.56
C SER F 505 74.72 23.31 17.68
N TYR F 506 75.34 22.98 18.81
CA TYR F 506 75.67 21.58 19.09
C TYR F 506 74.42 20.71 19.08
N GLU F 507 73.33 21.21 19.67
CA GLU F 507 72.10 20.43 19.74
C GLU F 507 71.62 20.03 18.34
N GLU F 508 71.76 20.94 17.38
CA GLU F 508 71.45 20.62 16.00
C GLU F 508 72.32 19.50 15.46
N LEU F 509 73.62 19.57 15.75
CA LEU F 509 74.51 18.49 15.33
C LEU F 509 74.10 17.17 15.98
N PHE F 510 73.81 17.21 17.28
CA PHE F 510 73.47 15.97 17.97
C PHE F 510 72.18 15.36 17.48
N GLU F 511 71.20 16.20 17.10
CA GLU F 511 69.97 15.66 16.54
C GLU F 511 70.22 14.99 15.20
N ALA F 512 71.04 15.62 14.34
CA ALA F 512 71.44 14.97 13.11
C ALA F 512 72.07 13.61 13.37
N PHE F 513 72.94 13.52 14.38
CA PHE F 513 73.52 12.23 14.72
C PHE F 513 72.45 11.24 15.14
N LYS F 514 71.51 11.67 15.98
CA LYS F 514 70.46 10.75 16.41
C LYS F 514 69.61 10.27 15.24
N LYS F 515 69.42 11.13 14.22
CA LYS F 515 68.69 10.70 13.04
C LYS F 515 69.47 9.65 12.25
N GLN F 516 70.79 9.83 12.10
CA GLN F 516 71.59 8.82 11.44
C GLN F 516 71.59 7.51 12.24
N LEU F 517 71.64 7.61 13.57
CA LEU F 517 71.56 6.43 14.41
C LEU F 517 70.26 5.69 14.18
N HIS F 518 69.14 6.42 14.20
CA HIS F 518 67.83 5.81 13.99
C HIS F 518 67.79 5.05 12.67
N TYR F 519 68.33 5.65 11.62
CA TYR F 519 68.31 5.01 10.31
C TYR F 519 69.12 3.71 10.30
N MET F 520 70.31 3.74 10.89
CA MET F 520 71.19 2.57 10.86
C MET F 520 70.64 1.43 11.72
N ILE F 521 70.04 1.76 12.87
CA ILE F 521 69.43 0.72 13.70
C ILE F 521 68.24 0.09 12.98
N ASP F 522 67.42 0.90 12.33
CA ASP F 522 66.29 0.35 11.58
C ASP F 522 66.78 -0.64 10.54
N ILE F 523 67.85 -0.29 9.81
CA ILE F 523 68.40 -1.22 8.82
C ILE F 523 68.85 -2.51 9.50
N LYS F 524 69.61 -2.39 10.58
CA LYS F 524 70.13 -3.57 11.26
C LYS F 524 69.00 -4.45 11.80
N ILE F 525 68.00 -3.83 12.44
CA ILE F 525 66.91 -4.58 13.04
C ILE F 525 66.06 -5.28 11.98
N GLU F 526 65.81 -4.60 10.86
CA GLU F 526 65.06 -5.21 9.78
C GLU F 526 65.75 -6.48 9.28
N GLY F 527 67.07 -6.41 9.06
CA GLY F 527 67.81 -7.61 8.74
C GLY F 527 67.74 -8.66 9.85
N ASN F 528 67.89 -8.21 11.11
CA ASN F 528 67.82 -9.16 12.24
C ASN F 528 66.53 -9.95 12.23
N ALA F 529 65.40 -9.29 11.94
CA ALA F 529 64.12 -9.96 11.98
C ALA F 529 64.05 -11.09 10.95
N VAL F 530 64.47 -10.81 9.72
CA VAL F 530 64.58 -11.86 8.71
C VAL F 530 65.45 -13.00 9.21
N ILE F 531 66.61 -12.66 9.77
CA ILE F 531 67.56 -13.67 10.20
C ILE F 531 66.99 -14.49 11.36
N GLU F 532 66.25 -13.84 12.28
CA GLU F 532 65.63 -14.57 13.38
C GLU F 532 64.67 -15.63 12.85
N ASN F 533 63.90 -15.29 11.81
CA ASN F 533 63.03 -16.29 11.19
C ASN F 533 63.84 -17.44 10.60
N ILE F 534 64.89 -17.11 9.83
CA ILE F 534 65.66 -18.15 9.17
C ILE F 534 66.27 -19.11 10.19
N CYS F 535 66.83 -18.58 11.27
CA CYS F 535 67.38 -19.46 12.30
C CYS F 535 66.29 -20.27 13.00
N ALA F 536 65.12 -19.68 13.26
CA ALA F 536 64.06 -20.43 13.93
C ALA F 536 63.61 -21.61 13.08
N LYS F 537 63.50 -21.39 11.76
CA LYS F 537 62.94 -22.40 10.87
C LYS F 537 64.01 -23.40 10.43
N HIS F 538 65.24 -22.95 10.21
CA HIS F 538 66.24 -23.83 9.62
C HIS F 538 67.36 -24.24 10.56
N MET F 539 67.47 -23.64 11.72
CA MET F 539 68.46 -24.05 12.71
C MET F 539 67.82 -24.47 14.04
N PRO F 540 66.70 -25.20 14.05
CA PRO F 540 66.16 -25.65 15.33
C PRO F 540 67.19 -26.51 16.04
N CYS F 541 67.21 -26.44 17.36
CA CYS F 541 68.22 -27.11 18.18
C CYS F 541 67.53 -27.97 19.23
N PRO F 542 67.05 -29.15 18.85
CA PRO F 542 66.31 -30.00 19.79
C PRO F 542 67.12 -30.42 21.02
N LEU F 543 68.42 -30.67 20.87
CA LEU F 543 69.21 -31.04 22.04
C LEU F 543 69.26 -29.90 23.05
N MET F 544 69.66 -28.71 22.60
CA MET F 544 69.70 -27.59 23.53
C MET F 544 68.35 -27.38 24.20
N SER F 545 67.26 -27.61 23.45
CA SER F 545 65.93 -27.40 23.98
C SER F 545 65.64 -28.30 25.18
N THR F 546 66.18 -29.51 25.20
CA THR F 546 65.89 -30.42 26.30
C THR F 546 66.41 -29.90 27.64
N ILE F 547 67.37 -28.97 27.65
CA ILE F 547 68.01 -28.55 28.89
C ILE F 547 67.79 -27.08 29.23
N VAL F 548 66.92 -26.42 28.51
CA VAL F 548 66.67 -25.07 28.82
C VAL F 548 65.24 -24.80 29.25
N ASP F 549 65.13 -24.25 30.43
CA ASP F 549 63.78 -23.88 30.88
C ASP F 549 63.06 -22.93 29.98
N ASP F 550 61.95 -23.60 29.76
CA ASP F 550 60.56 -23.72 29.36
C ASP F 550 60.34 -24.52 28.08
N CYS F 551 61.40 -24.96 27.42
CA CYS F 551 61.22 -25.62 26.11
C CYS F 551 60.25 -26.81 26.14
N ILE F 552 60.49 -27.76 27.04
CA ILE F 552 59.61 -28.93 27.13
C ILE F 552 58.21 -28.54 27.58
N GLU F 553 58.10 -27.74 28.65
CA GLU F 553 56.78 -27.36 29.15
C GLU F 553 55.98 -26.62 28.08
N LYS F 554 56.63 -25.74 27.33
CA LYS F 554 55.97 -25.01 26.26
C LYS F 554 55.76 -25.84 24.99
N GLY F 555 56.47 -26.95 24.82
CA GLY F 555 56.55 -27.63 23.54
C GLY F 555 57.08 -26.72 22.44
N LYS F 556 58.18 -26.02 22.71
CA LYS F 556 58.67 -25.00 21.81
C LYS F 556 60.20 -25.00 21.78
N ASP F 557 60.76 -25.12 20.59
CA ASP F 557 62.21 -25.20 20.44
C ASP F 557 62.89 -23.92 20.93
N TYR F 558 64.08 -24.11 21.49
CA TYR F 558 64.87 -23.00 22.00
C TYR F 558 65.13 -21.93 20.95
N GLN F 559 65.31 -22.32 19.68
CA GLN F 559 65.62 -21.38 18.60
C GLN F 559 64.41 -20.55 18.17
N ARG F 560 63.21 -20.78 18.70
CA ARG F 560 62.06 -19.99 18.31
C ARG F 560 61.24 -19.51 19.52
N GLY F 561 61.86 -19.38 20.69
CA GLY F 561 61.22 -18.76 21.82
C GLY F 561 60.83 -19.67 22.97
N GLY F 562 61.29 -20.92 22.98
CA GLY F 562 60.98 -21.84 24.06
C GLY F 562 61.55 -21.45 25.41
N ALA F 563 62.64 -20.66 25.42
CA ALA F 563 63.23 -20.25 26.69
C ALA F 563 62.24 -19.41 27.51
N ARG F 564 62.40 -19.47 28.83
CA ARG F 564 61.54 -18.68 29.69
C ARG F 564 61.68 -17.19 29.39
N TYR F 565 62.91 -16.74 29.13
CA TYR F 565 63.25 -15.36 28.83
C TYR F 565 63.88 -15.30 27.45
N ASN F 566 63.61 -14.21 26.72
CA ASN F 566 64.11 -14.07 25.37
C ASN F 566 64.53 -12.62 25.16
N THR F 567 65.81 -12.40 24.89
CA THR F 567 66.33 -11.08 24.62
C THR F 567 67.26 -11.14 23.41
N ARG F 568 67.42 -9.99 22.76
CA ARG F 568 68.34 -9.82 21.64
C ARG F 568 69.12 -8.54 21.84
N TYR F 569 70.37 -8.54 21.39
CA TYR F 569 71.28 -7.42 21.63
C TYR F 569 71.93 -6.92 20.35
N ILE F 570 72.20 -5.63 20.33
CA ILE F 570 73.17 -5.04 19.40
C ILE F 570 74.30 -4.46 20.25
N GLN F 571 75.55 -4.84 19.93
CA GLN F 571 76.70 -4.47 20.75
C GLN F 571 77.30 -3.15 20.29
N GLY F 572 77.26 -2.15 21.17
CA GLY F 572 77.77 -0.82 20.83
C GLY F 572 79.28 -0.73 20.97
N VAL F 573 79.94 -0.26 19.92
CA VAL F 573 81.39 -0.14 19.88
C VAL F 573 81.80 1.34 19.73
N GLY F 574 82.80 1.73 20.51
CA GLY F 574 83.44 3.02 20.32
C GLY F 574 82.89 4.18 21.14
N ILE F 575 82.30 3.92 22.30
CA ILE F 575 81.70 5.02 23.05
C ILE F 575 82.75 6.08 23.40
N GLY F 576 83.98 5.66 23.75
CA GLY F 576 85.02 6.63 24.04
C GLY F 576 85.38 7.48 22.83
N THR F 577 85.60 6.84 21.69
CA THR F 577 85.96 7.57 20.47
C THR F 577 84.89 8.61 20.11
N ILE F 578 83.62 8.21 20.09
CA ILE F 578 82.60 9.16 19.65
C ILE F 578 82.35 10.23 20.71
N THR F 579 82.43 9.85 21.99
CA THR F 579 82.30 10.84 23.06
C THR F 579 83.35 11.93 22.91
N ASP F 580 84.62 11.55 22.76
CA ASP F 580 85.66 12.56 22.62
C ASP F 580 85.49 13.36 21.33
N SER F 581 84.97 12.73 20.27
CA SER F 581 84.78 13.46 19.03
C SER F 581 83.71 14.54 19.17
N LEU F 582 82.54 14.18 19.68
CA LEU F 582 81.49 15.17 19.89
C LEU F 582 81.91 16.19 20.93
N THR F 583 82.68 15.76 21.94
CA THR F 583 83.22 16.74 22.89
C THR F 583 84.13 17.73 22.19
N ALA F 584 84.99 17.24 21.28
CA ALA F 584 85.90 18.13 20.57
C ALA F 584 85.12 19.15 19.75
N ILE F 585 84.03 18.73 19.11
CA ILE F 585 83.23 19.64 18.29
C ILE F 585 82.53 20.66 19.15
N LYS F 586 81.87 20.22 20.23
CA LYS F 586 81.18 21.17 21.08
C LYS F 586 82.16 22.19 21.67
N TYR F 587 83.29 21.72 22.15
CA TYR F 587 84.26 22.59 22.82
C TYR F 587 84.94 23.53 21.83
N ASN F 588 85.43 23.00 20.70
CA ASN F 588 86.23 23.82 19.81
C ASN F 588 85.40 24.63 18.82
N VAL F 589 84.29 24.07 18.32
CA VAL F 589 83.51 24.75 17.30
C VAL F 589 82.46 25.66 17.91
N PHE F 590 81.69 25.16 18.87
CA PHE F 590 80.53 25.92 19.32
C PHE F 590 80.76 26.69 20.61
N ASP F 591 81.56 26.17 21.55
CA ASP F 591 81.73 26.86 22.84
C ASP F 591 82.87 27.87 22.79
N LYS F 592 84.11 27.40 22.62
CA LYS F 592 85.24 28.31 22.58
C LYS F 592 85.44 28.93 21.20
N LYS F 593 84.85 28.34 20.15
CA LYS F 593 84.89 28.90 18.80
C LYS F 593 86.33 29.11 18.32
N LYS F 594 87.15 28.07 18.46
CA LYS F 594 88.53 28.14 18.00
C LYS F 594 88.67 27.86 16.51
N PHE F 595 87.73 27.12 15.92
CA PHE F 595 87.70 26.93 14.48
C PHE F 595 86.28 26.54 14.09
N ASP F 596 85.98 26.63 12.79
CA ASP F 596 84.62 26.36 12.35
C ASP F 596 84.49 24.96 11.78
N MET F 597 83.25 24.57 11.49
CA MET F 597 82.99 23.21 11.02
C MET F 597 83.71 22.95 9.70
N ASP F 598 83.70 23.93 8.80
CA ASP F 598 84.35 23.73 7.51
C ASP F 598 85.84 23.46 7.67
N THR F 599 86.51 24.18 8.56
CA THR F 599 87.93 23.91 8.78
C THR F 599 88.14 22.53 9.39
N LEU F 600 87.32 22.15 10.37
CA LEU F 600 87.45 20.82 10.96
C LEU F 600 87.30 19.72 9.91
N LEU F 601 86.30 19.85 9.04
CA LEU F 601 86.08 18.83 8.02
C LEU F 601 87.23 18.75 7.04
N LYS F 602 87.80 19.91 6.67
CA LYS F 602 89.01 19.90 5.84
C LYS F 602 90.15 19.19 6.54
N ALA F 603 90.31 19.42 7.85
CA ALA F 603 91.37 18.75 8.60
C ALA F 603 91.17 17.23 8.58
N LEU F 604 89.94 16.77 8.83
CA LEU F 604 89.67 15.34 8.82
C LEU F 604 89.96 14.76 7.44
N ASP F 605 89.51 15.44 6.39
CA ASP F 605 89.72 14.93 5.04
C ASP F 605 91.20 14.83 4.71
N ALA F 606 92.03 15.67 5.30
CA ALA F 606 93.47 15.63 5.07
C ALA F 606 94.20 14.73 6.08
N ASN F 607 93.47 13.99 6.91
CA ASN F 607 94.09 13.21 7.98
C ASN F 607 94.99 14.09 8.86
N PHE F 608 94.57 15.35 9.05
CA PHE F 608 95.25 16.40 9.81
C PHE F 608 96.57 16.88 9.21
N GLU F 609 96.98 16.34 8.06
CA GLU F 609 98.17 16.83 7.39
C GLU F 609 98.02 18.29 6.95
N GLY F 610 98.93 19.13 7.42
CA GLY F 610 98.80 20.55 7.19
C GLY F 610 97.87 21.24 8.16
N TYR F 611 97.28 20.51 9.10
CA TYR F 611 96.43 21.11 10.12
C TYR F 611 96.93 20.72 11.50
N GLU F 612 98.25 20.81 11.71
CA GLU F 612 98.83 20.30 12.94
C GLU F 612 98.33 21.06 14.17
N ALA F 613 97.97 22.33 14.02
CA ALA F 613 97.48 23.10 15.15
C ALA F 613 96.10 22.62 15.59
N ILE F 614 95.22 22.33 14.63
CA ILE F 614 93.93 21.74 14.97
C ILE F 614 94.11 20.38 15.63
N LEU F 615 94.99 19.54 15.08
CA LEU F 615 95.25 18.25 15.70
C LEU F 615 95.72 18.41 17.15
N ASN F 616 96.59 19.39 17.39
CA ASN F 616 97.08 19.62 18.75
C ASN F 616 95.93 20.03 19.66
N LEU F 617 95.06 20.90 19.17
CA LEU F 617 93.96 21.38 20.00
C LEU F 617 93.04 20.23 20.39
N VAL F 618 92.59 19.44 19.42
CA VAL F 618 91.58 18.43 19.75
C VAL F 618 92.19 17.30 20.56
N SER F 619 93.48 17.02 20.36
CA SER F 619 94.11 15.92 21.10
C SER F 619 94.56 16.36 22.49
N ASN F 620 95.06 17.59 22.64
CA ASN F 620 95.78 17.98 23.85
C ASN F 620 95.18 19.16 24.63
N LYS F 621 94.25 19.93 24.06
CA LYS F 621 93.65 21.06 24.77
C LYS F 621 92.13 20.98 24.84
N THR F 622 91.57 19.76 24.85
CA THR F 622 90.14 19.56 24.82
C THR F 622 89.76 18.54 25.88
N PRO F 623 88.63 18.74 26.57
CA PRO F 623 88.22 17.75 27.56
C PRO F 623 88.10 16.36 26.94
N LYS F 624 88.33 15.33 27.77
CA LYS F 624 88.39 13.93 27.35
C LYS F 624 87.60 13.06 28.31
N TYR F 625 86.92 12.06 27.76
CA TYR F 625 86.25 11.04 28.56
C TYR F 625 87.26 10.24 29.38
N GLY F 626 86.88 9.87 30.59
CA GLY F 626 87.76 9.09 31.45
C GLY F 626 88.58 9.88 32.45
N ASN F 627 88.25 11.14 32.71
CA ASN F 627 88.96 11.97 33.68
C ASN F 627 88.03 12.51 34.76
N ASP F 628 86.85 11.90 34.94
CA ASP F 628 85.84 12.41 35.87
C ASP F 628 85.51 13.87 35.57
N ASP F 629 85.56 14.22 34.28
CA ASP F 629 85.29 15.57 33.79
C ASP F 629 83.89 15.58 33.19
N ASP F 630 82.95 16.26 33.85
CA ASP F 630 81.56 16.23 33.43
C ASP F 630 81.33 16.87 32.07
N TYR F 631 82.19 17.79 31.65
CA TYR F 631 82.02 18.34 30.32
C TYR F 631 82.04 17.22 29.27
N ALA F 632 82.98 16.29 29.39
CA ALA F 632 83.00 15.15 28.48
C ALA F 632 82.02 14.06 28.92
N ASP F 633 81.92 13.80 30.22
CA ASP F 633 81.14 12.64 30.64
C ASP F 633 79.65 12.86 30.41
N GLU F 634 79.19 14.11 30.45
CA GLU F 634 77.78 14.36 30.14
C GLU F 634 77.47 14.06 28.67
N ILE F 635 78.42 14.29 27.78
CA ILE F 635 78.22 13.93 26.38
C ILE F 635 78.21 12.41 26.21
N MET F 636 79.10 11.72 26.93
CA MET F 636 79.04 10.25 26.97
C MET F 636 77.65 9.79 27.38
N GLN F 637 77.10 10.36 28.44
CA GLN F 637 75.78 9.96 28.92
C GLN F 637 74.73 10.18 27.84
N GLU F 638 74.80 11.31 27.13
CA GLU F 638 73.83 11.59 26.07
C GLU F 638 73.94 10.59 24.93
N ILE F 639 75.17 10.25 24.52
CA ILE F 639 75.35 9.26 23.47
C ILE F 639 74.82 7.91 23.93
N PHE F 640 75.21 7.49 25.13
CA PHE F 640 74.76 6.21 25.65
C PHE F 640 73.25 6.15 25.75
N ASN F 641 72.62 7.19 26.30
CA ASN F 641 71.18 7.22 26.43
C ASN F 641 70.49 7.15 25.06
N ALA F 642 71.04 7.85 24.07
CA ALA F 642 70.46 7.82 22.74
C ALA F 642 70.53 6.42 22.14
N TYR F 643 71.67 5.74 22.30
CA TYR F 643 71.81 4.36 21.83
C TYR F 643 70.86 3.43 22.58
N TYR F 644 70.84 3.54 23.92
CA TYR F 644 69.91 2.77 24.73
C TYR F 644 68.46 3.01 24.29
N ASN F 645 68.09 4.28 24.09
CA ASN F 645 66.70 4.61 23.72
C ASN F 645 66.35 4.14 22.32
N GLU F 646 67.32 4.16 21.40
CA GLU F 646 67.04 3.77 20.02
C GLU F 646 66.80 2.26 19.89
N VAL F 647 67.44 1.46 20.73
CA VAL F 647 67.43 0.00 20.57
C VAL F 647 66.44 -0.68 21.52
N THR F 648 66.43 -0.27 22.79
CA THR F 648 65.78 -1.07 23.83
C THR F 648 64.26 -1.06 23.67
N GLY F 649 63.66 -2.23 23.83
CA GLY F 649 62.22 -2.35 23.79
C GLY F 649 61.66 -2.66 22.41
N ARG F 650 62.47 -2.64 21.37
CA ARG F 650 61.99 -3.10 20.08
C ARG F 650 61.64 -4.59 20.17
N PRO F 651 60.53 -5.03 19.57
CA PRO F 651 60.13 -6.44 19.70
C PRO F 651 61.02 -7.37 18.88
N THR F 652 61.22 -8.57 19.39
CA THR F 652 61.83 -9.63 18.61
C THR F 652 60.74 -10.51 18.00
N VAL F 653 61.12 -11.27 16.98
CA VAL F 653 60.14 -12.05 16.25
C VAL F 653 59.52 -13.11 17.16
N CYS F 654 60.31 -13.71 18.04
CA CYS F 654 59.82 -14.84 18.82
C CYS F 654 59.37 -14.46 20.23
N GLY F 655 58.99 -13.21 20.45
CA GLY F 655 58.30 -12.81 21.67
C GLY F 655 59.13 -12.17 22.77
N GLY F 656 60.36 -11.75 22.51
CA GLY F 656 61.16 -11.00 23.46
C GLY F 656 61.34 -9.56 23.04
N GLU F 657 62.42 -8.94 23.54
CA GLU F 657 62.73 -7.57 23.18
C GLU F 657 64.23 -7.38 23.00
N TYR F 658 64.57 -6.29 22.31
CA TYR F 658 65.95 -5.89 22.13
C TYR F 658 66.43 -5.12 23.36
N ARG F 659 67.71 -5.31 23.66
CA ARG F 659 68.39 -4.56 24.69
C ARG F 659 69.80 -4.27 24.18
N VAL F 660 70.60 -3.63 25.01
CA VAL F 660 71.83 -3.02 24.59
C VAL F 660 72.96 -3.55 25.47
N ASP F 661 74.15 -3.74 24.88
CA ASP F 661 75.38 -4.00 25.65
C ASP F 661 76.54 -3.30 24.97
N MET F 662 77.72 -3.32 25.62
CA MET F 662 78.85 -2.54 25.14
C MET F 662 80.13 -3.37 25.23
N LEU F 663 80.52 -3.98 24.12
CA LEU F 663 81.78 -4.73 24.07
C LEU F 663 82.21 -4.84 22.62
N PRO F 664 83.51 -5.06 22.37
CA PRO F 664 84.03 -5.05 21.00
C PRO F 664 84.63 -6.36 20.49
N THR F 665 85.05 -7.25 21.38
CA THR F 665 85.97 -8.34 21.01
C THR F 665 87.10 -7.75 20.16
N THR F 666 87.27 -8.14 18.91
CA THR F 666 88.29 -7.51 18.08
C THR F 666 87.69 -6.54 17.06
N CYS F 667 86.39 -6.26 17.17
CA CYS F 667 85.72 -5.45 16.16
C CYS F 667 86.11 -3.98 16.24
N HIS F 668 86.66 -3.51 17.36
CA HIS F 668 87.09 -2.12 17.41
C HIS F 668 88.26 -1.88 16.47
N ILE F 669 89.04 -2.92 16.16
CA ILE F 669 90.12 -2.79 15.18
C ILE F 669 89.53 -2.56 13.80
N TYR F 670 88.67 -3.48 13.37
CA TYR F 670 87.99 -3.42 12.07
C TYR F 670 87.19 -2.13 11.88
N PHE F 671 86.40 -1.74 12.89
CA PHE F 671 85.57 -0.53 12.77
C PHE F 671 86.44 0.71 12.60
N GLY F 672 87.63 0.74 13.21
CA GLY F 672 88.52 1.86 13.01
C GLY F 672 89.25 1.80 11.68
N GLU F 673 89.55 0.58 11.21
CA GLU F 673 90.27 0.41 9.96
C GLU F 673 89.50 0.99 8.78
N ILE F 674 88.16 0.91 8.78
CA ILE F 674 87.39 1.38 7.64
C ILE F 674 86.74 2.72 7.93
N MET F 675 87.32 3.48 8.84
CA MET F 675 86.84 4.82 9.16
C MET F 675 87.97 5.80 8.94
N GLY F 676 87.65 7.01 8.48
CA GLY F 676 88.63 8.05 8.34
C GLY F 676 88.98 8.67 9.67
N ALA F 677 89.75 9.76 9.62
CA ALA F 677 90.09 10.48 10.83
C ALA F 677 88.83 11.02 11.49
N SER F 678 88.85 11.12 12.82
CA SER F 678 87.70 11.62 13.57
C SER F 678 88.04 12.90 14.36
N PRO F 679 87.03 13.65 14.76
CA PRO F 679 87.29 14.98 15.35
C PRO F 679 88.11 14.97 16.63
N ASN F 680 88.20 13.84 17.34
CA ASN F 680 88.95 13.81 18.59
C ASN F 680 90.45 13.77 18.39
N GLY F 681 90.93 13.62 17.16
CA GLY F 681 92.34 13.53 16.88
C GLY F 681 92.82 12.15 16.50
N ARG F 682 91.97 11.13 16.58
CA ARG F 682 92.30 9.81 16.06
C ARG F 682 92.46 9.89 14.55
N LEU F 683 93.53 9.27 14.03
CA LEU F 683 93.86 9.37 12.62
C LEU F 683 93.16 8.29 11.81
N CYS F 684 93.20 8.47 10.49
CA CYS F 684 92.54 7.57 9.55
C CYS F 684 93.02 6.14 9.72
N ALA F 685 92.06 5.21 9.70
CA ALA F 685 92.28 3.76 9.78
C ALA F 685 92.83 3.28 11.13
N LYS F 686 92.94 4.16 12.15
CA LYS F 686 93.32 3.69 13.48
C LYS F 686 92.12 3.04 14.17
N PRO F 687 92.36 2.11 15.09
CA PRO F 687 91.25 1.51 15.85
C PRO F 687 90.42 2.56 16.57
N VAL F 688 89.15 2.22 16.82
CA VAL F 688 88.34 2.99 17.77
C VAL F 688 88.56 2.40 19.16
N SER F 689 88.01 3.06 20.17
CA SER F 689 88.24 2.65 21.55
C SER F 689 87.57 1.30 21.85
N GLU F 690 88.11 0.58 22.81
CA GLU F 690 87.60 -0.75 23.17
C GLU F 690 86.66 -0.68 24.37
N GLY F 691 85.57 -1.45 24.31
CA GLY F 691 84.58 -1.44 25.39
C GLY F 691 84.11 -0.05 25.73
N ILE F 692 83.98 0.21 27.02
CA ILE F 692 83.71 1.56 27.51
C ILE F 692 84.98 2.24 28.01
N SER F 693 86.14 1.76 27.58
CA SER F 693 87.42 2.32 28.00
C SER F 693 87.67 3.69 27.38
N PRO F 694 88.53 4.50 27.97
CA PRO F 694 88.88 5.78 27.36
C PRO F 694 89.62 5.58 26.04
N GLU F 695 89.62 6.64 25.23
CA GLU F 695 90.43 6.69 24.02
C GLU F 695 91.92 6.66 24.36
N LYS F 696 92.72 6.40 23.33
CA LYS F 696 94.17 6.39 23.47
C LYS F 696 94.67 7.76 23.91
N GLY F 697 95.42 7.78 25.00
CA GLY F 697 95.88 9.04 25.56
C GLY F 697 94.81 9.89 26.21
N GLY F 698 93.58 9.38 26.31
CA GLY F 698 92.49 10.19 26.80
C GLY F 698 92.44 10.40 28.29
N ASP F 699 92.72 9.36 29.06
CA ASP F 699 92.63 9.41 30.52
C ASP F 699 94.00 9.77 31.06
N THR F 700 94.12 10.95 31.67
CA THR F 700 95.39 11.43 32.20
C THR F 700 95.32 11.73 33.70
N ASN F 701 94.27 11.27 34.40
CA ASN F 701 94.11 11.58 35.80
C ASN F 701 94.04 10.34 36.68
N GLY F 702 94.48 9.20 36.17
CA GLY F 702 94.58 7.98 36.95
C GLY F 702 93.36 7.08 36.86
N PRO F 703 93.46 5.88 37.45
CA PRO F 703 92.38 4.89 37.29
C PRO F 703 91.14 5.20 38.13
N THR F 704 91.28 5.92 39.25
CA THR F 704 90.08 6.27 40.00
C THR F 704 89.20 7.21 39.19
N ALA F 705 89.82 8.16 38.49
CA ALA F 705 89.04 9.05 37.64
C ALA F 705 88.35 8.26 36.52
N VAL F 706 88.99 7.20 36.02
CA VAL F 706 88.37 6.42 34.92
C VAL F 706 87.14 5.68 35.42
N ILE F 707 87.22 5.05 36.59
CA ILE F 707 86.05 4.32 37.05
C ILE F 707 84.93 5.27 37.45
N LYS F 708 85.28 6.48 37.88
CA LYS F 708 84.26 7.49 38.15
C LYS F 708 83.53 7.91 36.88
N SER F 709 84.27 8.09 35.78
CA SER F 709 83.63 8.37 34.49
C SER F 709 82.76 7.20 34.03
N CYS F 710 83.29 5.98 34.12
CA CYS F 710 82.54 4.80 33.67
C CYS F 710 81.27 4.58 34.48
N ALA F 711 81.26 4.96 35.74
CA ALA F 711 80.09 4.78 36.59
C ALA F 711 78.94 5.72 36.26
N LYS F 712 79.17 6.76 35.43
CA LYS F 712 78.12 7.70 35.04
C LYS F 712 77.22 7.13 33.97
N MET F 713 77.64 6.05 33.34
CA MET F 713 76.81 5.22 32.48
C MET F 713 75.94 4.33 33.36
N ASP F 714 74.67 4.18 32.99
CA ASP F 714 73.76 3.34 33.80
C ASP F 714 73.88 1.89 33.35
N HIS F 715 74.80 1.15 33.98
CA HIS F 715 75.03 -0.25 33.64
C HIS F 715 73.79 -1.11 33.85
N ILE F 716 72.94 -0.75 34.80
CA ILE F 716 71.81 -1.61 35.12
C ILE F 716 70.86 -1.72 33.93
N LYS F 717 70.81 -0.71 33.06
CA LYS F 717 69.95 -0.72 31.88
C LYS F 717 70.55 -1.47 30.70
N THR F 718 71.72 -2.08 30.86
CA THR F 718 72.37 -2.83 29.80
C THR F 718 72.42 -4.31 30.14
N GLY F 719 72.87 -5.09 29.18
CA GLY F 719 73.23 -6.46 29.43
C GLY F 719 74.72 -6.62 29.59
N GLY F 720 75.40 -5.58 30.05
CA GLY F 720 76.82 -5.67 30.30
C GLY F 720 77.64 -4.66 29.53
N THR F 721 78.73 -4.21 30.17
CA THR F 721 79.69 -3.28 29.61
C THR F 721 81.08 -3.82 29.88
N LEU F 722 82.04 -3.48 29.01
CA LEU F 722 83.40 -4.03 29.12
C LEU F 722 84.40 -2.92 29.39
N LEU F 723 85.15 -3.03 30.49
CA LEU F 723 86.17 -2.03 30.82
C LEU F 723 87.52 -2.72 30.95
N ASN F 724 88.48 -2.33 30.12
CA ASN F 724 89.89 -2.71 30.26
C ASN F 724 90.65 -1.65 31.07
N GLN F 725 91.47 -2.09 32.02
CA GLN F 725 92.44 -1.22 32.68
C GLN F 725 93.79 -1.93 32.74
N ARG F 726 94.85 -1.13 32.77
CA ARG F 726 96.22 -1.62 32.69
C ARG F 726 97.07 -0.93 33.75
N PHE F 727 97.91 -1.70 34.44
CA PHE F 727 98.75 -1.17 35.50
C PHE F 727 100.21 -1.40 35.19
N ALA F 728 101.05 -0.44 35.58
CA ALA F 728 102.48 -0.67 35.60
C ALA F 728 102.76 -1.86 36.52
N PRO F 729 103.64 -2.79 36.13
CA PRO F 729 103.93 -3.89 37.06
C PRO F 729 104.46 -3.41 38.40
N SER F 730 105.16 -2.27 38.45
CA SER F 730 105.76 -1.86 39.71
C SER F 730 104.74 -1.38 40.72
N VAL F 731 103.55 -0.94 40.28
CA VAL F 731 102.59 -0.36 41.22
C VAL F 731 101.63 -1.39 41.80
N VAL F 732 101.70 -2.64 41.38
CA VAL F 732 100.89 -3.70 41.97
C VAL F 732 101.74 -4.69 42.76
N GLN F 733 102.94 -4.28 43.18
CA GLN F 733 103.83 -5.18 43.90
C GLN F 733 103.47 -5.24 45.38
N GLY F 734 103.69 -6.42 45.96
CA GLY F 734 103.54 -6.59 47.39
C GLY F 734 102.09 -6.64 47.86
N GLU F 735 101.95 -6.70 49.18
CA GLU F 735 100.63 -6.71 49.78
C GLU F 735 99.84 -5.45 49.41
N LYS F 736 100.50 -4.30 49.41
CA LYS F 736 99.76 -3.07 49.13
C LYS F 736 99.27 -3.04 47.69
N GLY F 737 100.04 -3.63 46.76
CA GLY F 737 99.60 -3.71 45.39
C GLY F 737 98.33 -4.53 45.22
N LEU F 738 98.26 -5.68 45.90
CA LEU F 738 97.03 -6.47 45.92
C LEU F 738 95.87 -5.69 46.52
N ASP F 739 96.12 -4.97 47.63
CA ASP F 739 95.03 -4.21 48.25
C ASP F 739 94.54 -3.10 47.32
N ASN F 740 95.46 -2.47 46.59
CA ASN F 740 95.05 -1.42 45.67
C ASN F 740 94.20 -1.98 44.53
N MET F 741 94.57 -3.15 44.00
CA MET F 741 93.74 -3.78 42.97
C MET F 741 92.37 -4.13 43.53
N ALA F 742 92.33 -4.83 44.66
CA ALA F 742 91.06 -5.19 45.29
C ALA F 742 90.22 -3.96 45.59
N ASN F 743 90.85 -2.91 46.11
CA ASN F 743 90.10 -1.71 46.46
C ASN F 743 89.53 -1.04 45.20
N LEU F 744 90.26 -1.08 44.09
CA LEU F 744 89.74 -0.48 42.86
C LEU F 744 88.51 -1.24 42.37
N VAL F 745 88.53 -2.58 42.43
CA VAL F 745 87.37 -3.38 42.05
C VAL F 745 86.17 -3.03 42.93
N ARG F 746 86.37 -3.06 44.25
CA ARG F 746 85.29 -2.75 45.18
C ARG F 746 84.74 -1.34 44.96
N ALA F 747 85.63 -0.36 44.75
CA ALA F 747 85.17 1.00 44.56
C ALA F 747 84.29 1.11 43.32
N TYR F 748 84.75 0.54 42.21
CA TYR F 748 83.97 0.57 40.97
C TYR F 748 82.64 -0.15 41.16
N PHE F 749 82.65 -1.33 41.81
CA PHE F 749 81.41 -2.08 41.94
C PHE F 749 80.47 -1.42 42.93
N ASN F 750 81.02 -0.72 43.93
CA ASN F 750 80.17 0.03 44.86
C ASN F 750 79.47 1.18 44.15
N MET F 751 79.98 1.63 43.00
CA MET F 751 79.27 2.57 42.16
C MET F 751 78.39 1.89 41.10
N ASP F 752 78.19 0.58 41.21
CA ASP F 752 77.37 -0.24 40.32
C ASP F 752 77.98 -0.41 38.92
N GLY F 753 79.31 -0.30 38.80
CA GLY F 753 79.97 -0.74 37.58
C GLY F 753 79.80 -2.23 37.35
N HIS F 754 79.81 -2.63 36.08
CA HIS F 754 79.48 -4.01 35.71
C HIS F 754 80.70 -4.92 35.75
N HIS F 755 81.83 -4.46 35.23
CA HIS F 755 82.93 -5.36 34.90
C HIS F 755 84.23 -4.59 34.85
N ILE F 756 85.33 -5.25 35.25
CA ILE F 756 86.66 -4.70 35.04
C ILE F 756 87.63 -5.86 34.90
N GLN F 757 88.67 -5.65 34.08
CA GLN F 757 89.72 -6.65 33.88
C GLN F 757 91.03 -5.93 33.60
N PHE F 758 92.14 -6.59 33.93
CA PHE F 758 93.43 -5.91 34.00
C PHE F 758 94.50 -6.55 33.10
N ASN F 759 95.26 -5.70 32.43
CA ASN F 759 96.58 -6.07 31.93
C ASN F 759 97.64 -5.59 32.91
N VAL F 760 98.65 -6.42 33.12
CA VAL F 760 99.82 -6.02 33.89
C VAL F 760 101.05 -6.56 33.16
N PHE F 761 101.62 -5.78 32.27
CA PHE F 761 102.76 -6.24 31.49
C PHE F 761 103.83 -5.17 31.44
N ASP F 762 105.05 -5.62 31.20
CA ASP F 762 106.17 -4.73 30.92
C ASP F 762 106.16 -4.36 29.45
N LYS F 763 106.08 -3.07 29.16
CA LYS F 763 106.06 -2.57 27.79
C LYS F 763 107.19 -3.15 26.94
N ASN F 764 108.40 -3.22 27.49
CA ASN F 764 109.53 -3.65 26.67
C ASN F 764 109.41 -5.11 26.25
N VAL F 765 108.78 -5.95 27.08
CA VAL F 765 108.58 -7.34 26.71
C VAL F 765 107.71 -7.46 25.48
N LEU F 766 106.60 -6.71 25.44
CA LEU F 766 105.72 -6.77 24.28
C LEU F 766 106.45 -6.29 23.04
N LEU F 767 107.20 -5.19 23.18
CA LEU F 767 107.99 -4.65 22.08
C LEU F 767 109.04 -5.65 21.62
N GLU F 768 109.69 -6.33 22.56
CA GLU F 768 110.64 -7.35 22.17
C GLU F 768 109.93 -8.48 21.43
N ALA F 769 108.73 -8.82 21.88
CA ALA F 769 107.96 -9.88 21.23
C ALA F 769 107.62 -9.53 19.79
N GLN F 770 107.41 -8.25 19.50
CA GLN F 770 107.16 -7.82 18.13
C GLN F 770 108.40 -8.00 17.27
N LYS F 771 109.59 -7.80 17.83
CA LYS F 771 110.81 -7.96 17.05
C LYS F 771 111.14 -9.43 16.81
N ASN F 772 110.88 -10.28 17.80
CA ASN F 772 111.24 -11.70 17.73
C ASN F 772 110.11 -12.55 18.31
N PRO F 773 109.02 -12.70 17.56
CA PRO F 773 107.88 -13.46 18.11
C PRO F 773 108.25 -14.88 18.52
N GLN F 774 109.22 -15.50 17.84
CA GLN F 774 109.59 -16.88 18.14
C GLN F 774 110.17 -17.04 19.54
N ASP F 775 110.65 -15.95 20.15
CA ASP F 775 111.15 -15.98 21.52
C ASP F 775 110.06 -15.77 22.58
N TYR F 776 108.82 -15.48 22.16
CA TYR F 776 107.77 -15.12 23.11
C TYR F 776 106.48 -15.86 22.79
N LYS F 777 106.61 -17.13 22.40
CA LYS F 777 105.45 -17.93 22.03
C LYS F 777 104.49 -18.14 23.19
N ASP F 778 104.96 -18.00 24.42
CA ASP F 778 104.16 -18.20 25.62
C ASP F 778 103.50 -16.93 26.12
N LEU F 779 103.75 -15.78 25.50
CA LEU F 779 103.29 -14.50 26.03
C LEU F 779 101.78 -14.36 25.81
N ILE F 780 101.04 -14.15 26.89
CA ILE F 780 99.58 -14.03 26.87
C ILE F 780 99.21 -12.66 27.42
N VAL F 781 98.26 -11.97 26.77
CA VAL F 781 97.80 -10.67 27.26
C VAL F 781 96.27 -10.66 27.24
N ARG F 782 95.70 -9.65 27.91
CA ARG F 782 94.26 -9.45 27.90
C ARG F 782 93.87 -8.64 26.68
N VAL F 783 92.91 -9.12 25.92
CA VAL F 783 92.44 -8.40 24.74
C VAL F 783 91.19 -7.60 25.10
N ALA F 784 90.00 -8.21 24.99
CA ALA F 784 88.77 -7.53 25.40
C ALA F 784 87.73 -8.59 25.75
N GLY F 785 87.59 -8.89 27.04
CA GLY F 785 86.73 -9.95 27.49
C GLY F 785 87.33 -11.33 27.40
N TYR F 786 88.59 -11.45 27.03
CA TYR F 786 89.28 -12.73 26.93
C TYR F 786 90.78 -12.46 26.84
N SER F 787 91.55 -13.51 27.10
CA SER F 787 93.01 -13.47 26.97
C SER F 787 93.43 -14.25 25.73
N ASP F 788 94.54 -13.85 25.13
CA ASP F 788 95.04 -14.56 23.94
C ASP F 788 96.56 -14.43 23.86
N HIS F 789 97.16 -15.32 23.07
CA HIS F 789 98.58 -15.19 22.77
C HIS F 789 98.84 -13.93 21.97
N PHE F 790 99.80 -13.13 22.45
CA PHE F 790 100.22 -11.91 21.77
C PHE F 790 100.58 -12.20 20.32
N ASN F 791 101.20 -13.35 20.05
CA ASN F 791 101.57 -13.70 18.69
C ASN F 791 100.37 -14.02 17.81
N ASN F 792 99.18 -14.24 18.39
CA ASN F 792 97.98 -14.48 17.58
C ASN F 792 97.32 -13.18 17.14
N LEU F 793 97.84 -12.04 17.56
CA LEU F 793 97.23 -10.74 17.30
C LEU F 793 97.91 -10.03 16.15
N SER F 794 97.13 -9.31 15.36
CA SER F 794 97.70 -8.48 14.31
C SER F 794 98.55 -7.36 14.89
N ARG F 795 99.45 -6.83 14.06
CA ARG F 795 100.28 -5.72 14.49
C ARG F 795 99.42 -4.55 14.98
N THR F 796 98.33 -4.26 14.28
CA THR F 796 97.45 -3.18 14.70
C THR F 796 96.83 -3.45 16.06
N LEU F 797 96.41 -4.69 16.31
CA LEU F 797 95.80 -4.99 17.61
C LEU F 797 96.84 -4.97 18.72
N GLN F 798 98.03 -5.52 18.45
CA GLN F 798 99.14 -5.42 19.41
C GLN F 798 99.41 -3.98 19.81
N ASP F 799 99.49 -3.08 18.82
CA ASP F 799 99.76 -1.68 19.10
C ASP F 799 98.62 -1.02 19.87
N GLU F 800 97.38 -1.45 19.64
CA GLU F 800 96.26 -0.94 20.42
C GLU F 800 96.46 -1.26 21.90
N ILE F 801 96.78 -2.52 22.19
CA ILE F 801 97.00 -2.95 23.56
C ILE F 801 98.17 -2.22 24.18
N ILE F 802 99.27 -2.09 23.44
CA ILE F 802 100.45 -1.40 23.95
C ILE F 802 100.14 0.07 24.22
N GLY F 803 99.23 0.66 23.46
CA GLY F 803 98.84 2.05 23.61
C GLY F 803 97.88 2.35 24.74
N ARG F 804 97.35 1.32 25.40
CA ARG F 804 96.45 1.56 26.52
C ARG F 804 97.20 2.23 27.68
N THR F 805 96.48 3.02 28.45
CA THR F 805 97.12 3.83 29.48
C THR F 805 97.69 2.96 30.59
N GLU F 806 98.97 3.17 30.87
CA GLU F 806 99.66 2.46 31.95
C GLU F 806 99.38 3.22 33.23
N GLN F 807 98.47 2.69 34.04
CA GLN F 807 98.01 3.37 35.23
C GLN F 807 98.97 3.15 36.39
N THR F 808 99.02 4.12 37.29
CA THR F 808 99.66 3.96 38.59
C THR F 808 98.63 4.30 39.66
N PHE F 809 98.81 3.73 40.83
CA PHE F 809 98.00 4.13 41.97
C PHE F 809 98.65 5.34 42.65
N MET G 21 -23.89 2.01 15.06
CA MET G 21 -23.35 3.33 14.72
C MET G 21 -21.99 3.73 15.38
N ALA G 22 -21.84 3.60 16.66
CA ALA G 22 -20.61 3.89 17.31
C ALA G 22 -19.59 2.76 17.09
N ARG G 23 -18.31 3.07 17.00
CA ARG G 23 -17.30 2.04 16.78
C ARG G 23 -17.08 1.17 18.01
N GLY G 24 -16.80 -0.09 17.78
CA GLY G 24 -16.70 -1.07 18.84
C GLY G 24 -17.70 -2.17 18.51
N THR G 25 -17.23 -3.41 18.57
CA THR G 25 -18.06 -4.56 18.21
C THR G 25 -19.04 -4.93 19.31
N PHE G 26 -18.73 -4.60 20.55
CA PHE G 26 -19.57 -4.94 21.68
C PHE G 26 -19.91 -3.66 22.44
N GLU G 27 -21.03 -3.67 23.16
CA GLU G 27 -21.40 -2.46 23.90
C GLU G 27 -20.30 -2.07 24.87
N ARG G 28 -19.64 -3.05 25.48
CA ARG G 28 -18.51 -2.78 26.36
C ARG G 28 -17.45 -1.95 25.65
N THR G 29 -17.03 -2.38 24.47
CA THR G 29 -15.92 -1.70 23.80
C THR G 29 -16.37 -0.40 23.13
N LYS G 30 -17.64 -0.29 22.73
CA LYS G 30 -18.14 1.00 22.27
C LYS G 30 -18.04 2.03 23.37
N LYS G 31 -18.41 1.64 24.60
CA LYS G 31 -18.32 2.53 25.76
C LYS G 31 -16.87 2.85 26.09
N LEU G 32 -16.00 1.85 26.09
CA LEU G 32 -14.59 2.10 26.38
C LEU G 32 -13.97 3.02 25.33
N ARG G 33 -14.33 2.84 24.06
CA ARG G 33 -13.75 3.68 23.03
C ARG G 33 -14.18 5.13 23.19
N GLU G 34 -15.46 5.35 23.49
CA GLU G 34 -15.95 6.72 23.60
C GLU G 34 -15.28 7.43 24.77
N GLU G 35 -15.08 6.74 25.88
CA GLU G 35 -14.30 7.32 26.98
C GLU G 35 -12.92 7.73 26.49
N SER G 36 -12.26 6.84 25.75
CA SER G 36 -10.89 7.09 25.29
C SER G 36 -10.81 8.31 24.38
N ILE G 37 -11.67 8.39 23.36
CA ILE G 37 -11.51 9.47 22.40
C ILE G 37 -11.98 10.81 22.94
N ASN G 38 -12.75 10.82 24.02
CA ASN G 38 -13.17 12.05 24.66
C ASN G 38 -12.25 12.49 25.79
N ALA G 39 -11.29 11.66 26.20
CA ALA G 39 -10.41 12.04 27.30
C ALA G 39 -9.52 13.21 26.90
N GLU G 40 -9.38 14.14 27.80
CA GLU G 40 -8.61 15.34 27.55
C GLU G 40 -7.14 15.10 27.88
N PRO G 41 -6.21 15.44 26.99
CA PRO G 41 -4.79 15.26 27.31
C PRO G 41 -4.35 16.21 28.43
N HIS G 42 -3.69 15.65 29.43
CA HIS G 42 -3.30 16.43 30.59
C HIS G 42 -2.11 15.75 31.24
N ILE G 43 -1.43 16.45 32.14
CA ILE G 43 -0.31 15.85 32.85
C ILE G 43 -0.79 15.38 34.22
N SER G 44 -0.21 14.27 34.67
CA SER G 44 -0.46 13.66 35.96
C SER G 44 0.82 13.77 36.79
N ILE G 45 0.74 14.52 37.91
CA ILE G 45 1.94 14.87 38.67
C ILE G 45 2.29 13.82 39.74
N GLU G 46 1.47 12.78 39.91
CA GLU G 46 1.69 11.85 41.01
C GLU G 46 3.03 11.11 40.87
N ARG G 47 3.37 10.65 39.66
CA ARG G 47 4.62 9.90 39.48
C ARG G 47 5.82 10.70 39.97
N ALA G 48 5.93 11.97 39.55
CA ALA G 48 7.07 12.78 39.95
C ALA G 48 7.14 12.95 41.47
N VAL G 49 5.98 13.12 42.11
CA VAL G 49 5.95 13.24 43.57
C VAL G 49 6.51 12.00 44.23
N LEU G 50 6.05 10.83 43.79
CA LEU G 50 6.48 9.59 44.43
C LEU G 50 7.95 9.32 44.18
N MET G 51 8.44 9.61 42.97
CA MET G 51 9.87 9.46 42.70
C MET G 51 10.69 10.43 43.55
N THR G 52 10.17 11.63 43.79
CA THR G 52 10.86 12.56 44.69
C THR G 52 10.97 11.96 46.08
N GLU G 53 9.87 11.43 46.60
CA GLU G 53 9.89 10.76 47.90
C GLU G 53 10.95 9.67 47.93
N ALA G 54 11.02 8.86 46.86
CA ALA G 54 11.93 7.74 46.86
C ALA G 54 13.40 8.19 46.89
N TYR G 55 13.76 9.20 46.09
CA TYR G 55 15.13 9.67 46.08
C TYR G 55 15.51 10.28 47.42
N LYS G 56 14.62 11.06 48.02
CA LYS G 56 14.89 11.62 49.34
C LYS G 56 15.15 10.52 50.35
N LYS G 57 14.50 9.38 50.17
CA LYS G 57 14.68 8.26 51.09
C LYS G 57 15.97 7.48 50.81
N TYR G 58 16.31 7.26 49.54
CA TYR G 58 17.34 6.28 49.22
C TYR G 58 18.59 6.82 48.54
N GLU G 59 18.53 7.98 47.90
CA GLU G 59 19.68 8.47 47.16
C GLU G 59 20.88 8.64 48.09
N GLY G 60 22.04 8.15 47.65
CA GLY G 60 23.25 8.21 48.44
C GLY G 60 23.48 7.00 49.32
N SER G 61 22.49 6.12 49.47
CA SER G 61 22.64 4.93 50.28
C SER G 61 22.77 3.64 49.47
N VAL G 62 22.54 3.69 48.15
CA VAL G 62 22.59 2.52 47.28
C VAL G 62 23.21 2.92 45.94
N GLU G 63 23.64 1.91 45.19
CA GLU G 63 24.09 2.15 43.82
C GLU G 63 22.88 2.53 42.95
N ILE G 64 23.15 3.25 41.86
CA ILE G 64 22.07 3.84 41.07
C ILE G 64 21.10 2.81 40.50
N PRO G 65 21.52 1.66 39.98
CA PRO G 65 20.49 0.69 39.52
C PRO G 65 19.53 0.30 40.63
N VAL G 66 20.03 0.07 41.85
CA VAL G 66 19.15 -0.25 42.97
C VAL G 66 18.29 0.95 43.34
N LEU G 67 18.84 2.16 43.27
CA LEU G 67 18.03 3.34 43.52
C LEU G 67 16.85 3.40 42.57
N ARG G 68 17.10 3.18 41.27
CA ARG G 68 16.01 3.22 40.28
C ARG G 68 14.97 2.15 40.55
N ALA G 69 15.42 0.93 40.87
CA ALA G 69 14.48 -0.15 41.15
C ALA G 69 13.65 0.16 42.39
N LEU G 70 14.29 0.65 43.45
CA LEU G 70 13.59 1.00 44.68
C LEU G 70 12.60 2.14 44.45
N SER G 71 12.96 3.11 43.62
CA SER G 71 12.05 4.20 43.33
C SER G 71 10.84 3.68 42.56
N PHE G 72 11.09 2.82 41.57
CA PHE G 72 10.00 2.21 40.84
C PHE G 72 9.08 1.43 41.77
N LYS G 73 9.67 0.61 42.66
CA LYS G 73 8.86 -0.14 43.62
C LYS G 73 8.06 0.79 44.52
N HIS G 74 8.72 1.84 45.04
CA HIS G 74 8.00 2.82 45.84
C HIS G 74 6.82 3.41 45.07
N TYR G 75 7.03 3.75 43.80
CA TYR G 75 5.98 4.30 42.97
C TYR G 75 4.84 3.31 42.81
N ILE G 76 5.17 2.05 42.50
CA ILE G 76 4.14 1.02 42.33
C ILE G 76 3.35 0.81 43.61
N GLU G 77 4.03 0.78 44.77
CA GLU G 77 3.38 0.53 46.04
C GLU G 77 2.37 1.61 46.41
N ASN G 78 2.60 2.85 46.01
CA ASN G 78 1.86 3.99 46.52
C ASN G 78 1.06 4.78 45.49
N ARG G 79 1.19 4.48 44.20
CA ARG G 79 0.46 5.24 43.20
C ARG G 79 -1.04 4.93 43.29
N THR G 80 -1.86 5.87 42.86
CA THR G 80 -3.29 5.60 42.80
C THR G 80 -3.59 4.73 41.59
N LEU G 81 -4.44 3.74 41.79
CA LEU G 81 -4.88 2.81 40.77
C LEU G 81 -6.30 3.13 40.37
N SER G 82 -6.64 2.83 39.12
CA SER G 82 -7.98 3.07 38.61
C SER G 82 -8.44 1.91 37.73
N ILE G 83 -9.75 1.64 37.76
CA ILE G 83 -10.41 0.69 36.89
C ILE G 83 -11.59 1.39 36.22
N ASN G 84 -11.55 1.48 34.90
CA ASN G 84 -12.54 2.23 34.16
C ASN G 84 -13.78 1.38 33.93
N ASP G 85 -14.90 2.07 33.76
CA ASP G 85 -16.19 1.39 33.65
C ASP G 85 -16.21 0.48 32.43
N GLY G 86 -16.39 -0.82 32.68
CA GLY G 86 -16.48 -1.83 31.63
C GLY G 86 -15.19 -2.52 31.26
N GLU G 87 -14.07 -2.14 31.87
CA GLU G 87 -12.80 -2.71 31.48
C GLU G 87 -12.75 -4.21 31.74
N LEU G 88 -12.04 -4.92 30.87
CA LEU G 88 -11.58 -6.27 31.14
C LEU G 88 -10.08 -6.34 31.38
N ILE G 89 -9.32 -5.43 30.76
CA ILE G 89 -7.88 -5.28 30.96
C ILE G 89 -7.64 -3.97 31.71
N VAL G 90 -6.84 -4.01 32.77
CA VAL G 90 -6.71 -2.83 33.63
C VAL G 90 -5.27 -2.35 33.64
N GLY G 91 -5.12 -1.05 33.92
CA GLY G 91 -3.83 -0.38 34.00
C GLY G 91 -3.76 0.89 33.20
N GLU G 92 -3.39 1.98 33.87
CA GLU G 92 -3.18 3.28 33.27
C GLU G 92 -1.83 3.80 33.72
N LYS G 93 -1.11 4.48 32.82
CA LYS G 93 0.16 5.10 33.19
C LYS G 93 -0.06 6.23 34.19
N GLY G 94 -1.04 7.09 33.91
CA GLY G 94 -1.36 8.25 34.71
C GLY G 94 -2.59 8.06 35.58
N ASP G 95 -3.20 9.19 35.97
CA ASP G 95 -4.34 9.21 36.88
C ASP G 95 -5.64 8.79 36.20
N SER G 96 -5.74 9.02 34.91
CA SER G 96 -6.96 8.77 34.15
C SER G 96 -6.56 8.65 32.68
N PRO G 97 -7.48 8.23 31.82
CA PRO G 97 -7.14 8.15 30.39
C PRO G 97 -6.62 9.47 29.86
N ASN G 98 -5.59 9.38 29.02
CA ASN G 98 -4.93 10.51 28.40
C ASN G 98 -4.22 11.41 29.42
N GLY G 99 -3.93 10.91 30.61
CA GLY G 99 -3.12 11.65 31.57
C GLY G 99 -1.68 11.18 31.57
N ALA G 100 -0.76 12.04 31.15
CA ALA G 100 0.63 11.63 31.01
C ALA G 100 1.41 11.88 32.30
N PRO G 101 2.14 10.89 32.82
CA PRO G 101 3.07 11.18 33.93
C PRO G 101 4.19 12.08 33.43
N THR G 102 4.94 12.62 34.39
CA THR G 102 6.14 13.38 34.06
C THR G 102 7.37 12.65 34.60
N TYR G 103 8.51 12.98 34.02
CA TYR G 103 9.75 12.24 34.25
C TYR G 103 10.85 13.26 34.55
N PRO G 104 10.80 13.87 35.73
CA PRO G 104 11.75 14.96 36.03
C PRO G 104 13.18 14.47 36.22
N GLU G 105 13.41 13.16 36.37
CA GLU G 105 14.77 12.61 36.33
C GLU G 105 15.40 12.73 34.95
N ILE G 106 14.59 12.87 33.90
CA ILE G 106 15.07 13.03 32.53
C ILE G 106 14.98 14.49 32.12
N CYS G 107 13.79 15.06 32.19
CA CYS G 107 13.56 16.45 31.84
C CYS G 107 12.63 17.06 32.89
N CYS G 108 13.17 17.97 33.68
CA CYS G 108 12.42 18.70 34.68
C CYS G 108 11.98 20.02 34.06
N HIS G 109 10.71 20.10 33.69
CA HIS G 109 10.22 21.24 32.94
C HIS G 109 10.30 22.52 33.75
N THR G 110 10.53 23.62 33.04
CA THR G 110 10.38 24.95 33.61
C THR G 110 8.91 25.32 33.71
N MET G 111 8.63 26.32 34.53
CA MET G 111 7.25 26.83 34.57
C MET G 111 6.83 27.37 33.21
N GLU G 112 7.77 27.92 32.44
CA GLU G 112 7.42 28.35 31.09
C GLU G 112 7.06 27.14 30.22
N ASP G 113 7.78 26.03 30.35
CA ASP G 113 7.41 24.81 29.63
C ASP G 113 5.96 24.46 29.88
N LEU G 114 5.55 24.44 31.15
CA LEU G 114 4.18 24.06 31.47
C LEU G 114 3.17 25.01 30.84
N GLU G 115 3.47 26.31 30.86
CA GLU G 115 2.61 27.28 30.22
C GLU G 115 2.50 27.02 28.72
N VAL G 116 3.64 26.81 28.07
CA VAL G 116 3.66 26.63 26.62
C VAL G 116 2.84 25.39 26.23
N MET G 117 3.06 24.26 26.92
CA MET G 117 2.35 23.04 26.53
C MET G 117 0.86 23.16 26.80
N HIS G 118 0.48 23.94 27.81
CA HIS G 118 -0.94 24.14 28.09
C HIS G 118 -1.62 24.97 27.01
N ASN G 119 -0.93 25.99 26.48
CA ASN G 119 -1.58 26.96 25.62
C ASN G 119 -1.26 26.85 24.14
N ARG G 120 -0.32 25.99 23.75
CA ARG G 120 0.04 25.89 22.34
C ARG G 120 -1.14 25.36 21.51
N ASP G 121 -1.10 25.64 20.21
CA ASP G 121 -2.23 25.37 19.32
C ASP G 121 -2.39 23.88 19.04
N ILE G 122 -1.29 23.15 18.89
CA ILE G 122 -1.38 21.72 18.62
C ILE G 122 -0.53 20.93 19.61
N ILE G 123 -0.97 19.70 19.86
CA ILE G 123 -0.33 18.78 20.78
C ILE G 123 -0.20 19.43 22.16
N ASN G 124 -1.27 20.09 22.60
CA ASN G 124 -1.32 20.69 23.92
C ASN G 124 -1.68 19.65 24.98
N PHE G 125 -1.16 19.87 26.19
CA PHE G 125 -1.51 19.10 27.37
C PHE G 125 -1.95 20.07 28.44
N SER G 126 -3.11 19.83 29.03
CA SER G 126 -3.60 20.68 30.10
C SER G 126 -2.81 20.43 31.36
N VAL G 127 -2.44 21.51 32.04
CA VAL G 127 -1.72 21.46 33.31
C VAL G 127 -2.61 22.09 34.37
N SER G 128 -3.14 21.28 35.29
CA SER G 128 -3.99 21.82 36.34
C SER G 128 -3.19 22.77 37.23
N GLU G 129 -3.90 23.63 37.95
CA GLU G 129 -3.20 24.56 38.82
C GLU G 129 -2.52 23.83 39.97
N GLU G 130 -3.14 22.78 40.49
CA GLU G 130 -2.48 22.04 41.55
C GLU G 130 -1.29 21.23 41.02
N ALA G 131 -1.32 20.83 39.74
CA ALA G 131 -0.13 20.23 39.15
C ALA G 131 0.98 21.26 38.99
N ARG G 132 0.63 22.48 38.56
CA ARG G 132 1.60 23.55 38.49
C ARG G 132 2.22 23.83 39.84
N LYS G 133 1.39 23.96 40.88
CA LYS G 133 1.87 24.29 42.22
C LYS G 133 2.83 23.23 42.72
N ILE G 134 2.45 21.95 42.62
CA ILE G 134 3.32 20.87 43.09
C ILE G 134 4.62 20.86 42.31
N HIS G 135 4.54 20.99 41.00
CA HIS G 135 5.76 21.00 40.19
C HIS G 135 6.66 22.16 40.62
N LYS G 136 6.08 23.34 40.81
CA LYS G 136 6.89 24.50 41.18
C LYS G 136 7.49 24.35 42.56
N GLU G 137 6.71 23.83 43.50
CA GLU G 137 7.14 23.84 44.89
C GLU G 137 7.87 22.58 45.32
N GLU G 138 7.52 21.43 44.76
CA GLU G 138 8.15 20.17 45.16
C GLU G 138 9.11 19.60 44.14
N ILE G 139 8.83 19.71 42.85
CA ILE G 139 9.58 18.97 41.84
C ILE G 139 10.81 19.74 41.40
N ILE G 140 10.61 20.97 40.97
CA ILE G 140 11.73 21.78 40.48
C ILE G 140 12.84 21.94 41.51
N PRO G 141 12.56 22.27 42.78
CA PRO G 141 13.66 22.46 43.74
C PRO G 141 14.54 21.24 43.88
N PHE G 142 13.98 20.04 43.71
CA PHE G 142 14.76 18.82 43.86
C PHE G 142 15.39 18.36 42.55
N TRP G 143 14.67 18.44 41.43
CA TRP G 143 15.12 17.77 40.22
C TRP G 143 15.85 18.66 39.24
N LYS G 144 15.73 19.97 39.35
CA LYS G 144 16.34 20.84 38.35
C LYS G 144 17.84 20.57 38.23
N LYS G 145 18.52 20.34 39.35
CA LYS G 145 19.95 20.06 39.26
C LYS G 145 20.25 18.61 38.96
N ARG G 146 19.26 17.72 39.07
CA ARG G 146 19.47 16.30 38.88
C ARG G 146 19.11 15.79 37.48
N GLN G 147 18.24 16.49 36.74
CA GLN G 147 17.74 15.99 35.47
C GLN G 147 18.88 15.68 34.49
N THR G 148 18.74 14.59 33.74
CA THR G 148 19.80 14.22 32.80
C THR G 148 19.93 15.21 31.64
N ARG G 149 18.88 15.95 31.30
CA ARG G 149 19.00 16.87 30.17
C ARG G 149 20.09 17.90 30.39
N ASP G 150 20.20 18.41 31.62
CA ASP G 150 21.26 19.38 31.90
C ASP G 150 22.63 18.70 31.93
N LYS G 151 22.70 17.47 32.44
CA LYS G 151 23.95 16.73 32.31
C LYS G 151 24.38 16.62 30.87
N ILE G 152 23.42 16.36 29.97
CA ILE G 152 23.74 16.20 28.56
C ILE G 152 24.20 17.53 27.97
N ILE G 153 23.35 18.56 28.05
CA ILE G 153 23.63 19.83 27.38
C ILE G 153 24.94 20.43 27.90
N ASN G 154 25.15 20.40 29.21
CA ASN G 154 26.35 20.99 29.79
C ASN G 154 27.63 20.27 29.38
N ALA G 155 27.53 19.03 28.88
CA ALA G 155 28.70 18.27 28.47
C ALA G 155 29.01 18.38 26.97
N MET G 156 28.17 19.02 26.18
CA MET G 156 28.35 19.07 24.74
C MET G 156 29.36 20.15 24.35
N THR G 157 30.08 19.91 23.25
CA THR G 157 31.05 20.87 22.77
C THR G 157 30.34 22.05 22.12
N PRO G 158 31.02 23.19 21.98
CA PRO G 158 30.41 24.32 21.26
C PRO G 158 30.09 23.99 19.81
N GLU G 159 30.90 23.14 19.17
CA GLU G 159 30.61 22.73 17.80
C GLU G 159 29.31 21.93 17.73
N TRP G 160 29.10 21.03 18.67
CA TRP G 160 27.83 20.31 18.77
C TRP G 160 26.67 21.27 19.02
N LEU G 161 26.84 22.20 19.97
CA LEU G 161 25.77 23.11 20.31
C LEU G 161 25.42 24.01 19.13
N ALA G 162 26.42 24.48 18.37
CA ALA G 162 26.14 25.30 17.19
C ALA G 162 25.38 24.49 16.13
N ALA G 163 25.80 23.26 15.89
CA ALA G 163 25.16 22.42 14.88
C ALA G 163 23.73 22.06 15.27
N TYR G 164 23.52 21.64 16.52
CA TYR G 164 22.18 21.35 17.02
C TYR G 164 21.28 22.58 16.90
N GLU G 165 21.79 23.75 17.31
CA GLU G 165 20.99 24.97 17.23
C GLU G 165 20.68 25.35 15.80
N ALA G 166 21.58 25.08 14.87
CA ALA G 166 21.34 25.41 13.47
C ALA G 166 20.47 24.39 12.73
N GLY G 167 20.11 23.28 13.36
CA GLY G 167 19.29 22.28 12.69
C GLY G 167 20.03 21.29 11.81
N MET G 168 21.32 21.06 12.06
CA MET G 168 22.06 20.02 11.36
C MET G 168 21.62 18.62 11.78
N PHE G 169 21.20 18.44 13.02
CA PHE G 169 20.77 17.14 13.52
C PHE G 169 19.95 17.39 14.78
N THR G 170 19.32 16.33 15.28
CA THR G 170 18.58 16.36 16.54
C THR G 170 19.21 15.38 17.53
N GLU G 171 18.68 15.38 18.76
CA GLU G 171 19.21 14.57 19.85
C GLU G 171 18.06 13.85 20.56
N PHE G 172 18.00 12.53 20.41
CA PHE G 172 16.84 11.80 20.92
C PHE G 172 16.80 11.72 22.44
N MET G 173 17.93 11.83 23.13
CA MET G 173 17.93 11.58 24.56
C MET G 173 17.87 12.85 25.40
N GLU G 174 17.54 13.99 24.79
CA GLU G 174 17.46 15.22 25.59
C GLU G 174 16.21 15.26 26.47
N GLN G 175 15.10 14.66 26.03
CA GLN G 175 13.87 14.69 26.82
C GLN G 175 13.25 13.32 27.07
N ARG G 176 13.87 12.25 26.57
CA ARG G 176 13.34 10.90 26.72
C ARG G 176 14.50 9.92 26.88
N ALA G 177 14.19 8.76 27.43
CA ALA G 177 15.16 7.69 27.57
C ALA G 177 15.29 6.89 26.28
N PRO G 178 16.42 6.19 26.07
CA PRO G 178 16.66 5.50 24.79
C PRO G 178 15.51 4.66 24.30
N GLY G 179 15.03 3.74 25.13
CA GLY G 179 13.84 2.96 24.79
C GLY G 179 13.93 2.30 23.42
N HIS G 180 12.89 2.50 22.62
CA HIS G 180 12.84 2.00 21.26
C HIS G 180 13.00 0.48 21.23
N THR G 181 12.16 -0.22 21.99
CA THR G 181 12.31 -1.67 22.13
C THR G 181 10.95 -2.37 22.12
N VAL G 182 11.02 -3.69 22.01
CA VAL G 182 9.84 -4.51 21.73
C VAL G 182 9.91 -5.74 22.62
N CYS G 183 8.76 -6.17 23.14
CA CYS G 183 8.68 -7.34 24.00
C CYS G 183 8.93 -8.63 23.23
N GLY G 184 9.64 -9.56 23.87
CA GLY G 184 9.81 -10.92 23.37
C GLY G 184 8.74 -11.87 23.86
N ASP G 185 9.11 -13.13 24.04
CA ASP G 185 8.15 -14.13 24.48
C ASP G 185 8.35 -14.54 25.93
N THR G 186 9.31 -13.93 26.65
CA THR G 186 9.61 -14.36 28.00
C THR G 186 8.38 -14.25 28.92
N ILE G 187 7.62 -13.16 28.80
CA ILE G 187 6.51 -12.95 29.73
C ILE G 187 5.35 -13.92 29.52
N TYR G 188 5.32 -14.68 28.43
CA TYR G 188 4.28 -15.70 28.25
C TYR G 188 4.71 -17.06 28.75
N LYS G 189 6.00 -17.23 29.05
CA LYS G 189 6.56 -18.48 29.54
C LYS G 189 6.97 -18.43 31.01
N LYS G 190 7.12 -17.23 31.58
CA LYS G 190 7.52 -17.03 32.97
C LYS G 190 6.74 -15.87 33.57
N GLY G 191 6.45 -15.98 34.85
CA GLY G 191 6.02 -14.83 35.63
C GLY G 191 7.21 -14.15 36.30
N PHE G 192 6.94 -13.04 36.99
CA PHE G 192 8.06 -12.34 37.61
C PHE G 192 8.59 -13.04 38.86
N LEU G 193 7.81 -13.93 39.48
CA LEU G 193 8.39 -14.77 40.52
C LEU G 193 9.42 -15.73 39.94
N ASP G 194 9.15 -16.28 38.76
CA ASP G 194 10.12 -17.13 38.08
C ASP G 194 11.40 -16.35 37.75
N LEU G 195 11.24 -15.15 37.19
CA LEU G 195 12.42 -14.37 36.83
C LEU G 195 13.23 -14.01 38.06
N LYS G 196 12.55 -13.72 39.18
CA LYS G 196 13.28 -13.44 40.42
C LYS G 196 14.09 -14.65 40.86
N LYS G 197 13.52 -15.85 40.71
CA LYS G 197 14.28 -17.06 41.04
C LYS G 197 15.50 -17.21 40.14
N ASP G 198 15.36 -16.90 38.85
CA ASP G 198 16.54 -16.90 37.97
C ASP G 198 17.60 -15.91 38.44
N ILE G 199 17.17 -14.71 38.83
CA ILE G 199 18.12 -13.71 39.27
C ILE G 199 18.79 -14.12 40.57
N GLU G 200 18.02 -14.69 41.50
CA GLU G 200 18.61 -15.15 42.75
C GLU G 200 19.65 -16.25 42.50
N ALA G 201 19.37 -17.12 41.52
CA ALA G 201 20.36 -18.13 41.14
C ALA G 201 21.63 -17.50 40.59
N ARG G 202 21.50 -16.46 39.77
CA ARG G 202 22.68 -15.77 39.25
C ARG G 202 23.48 -15.13 40.36
N LEU G 203 22.81 -14.49 41.32
CA LEU G 203 23.49 -13.84 42.44
C LEU G 203 24.35 -14.82 43.23
N LYS G 204 23.88 -16.06 43.41
CA LYS G 204 24.63 -17.04 44.19
C LYS G 204 25.88 -17.54 43.48
N GLU G 205 25.99 -17.40 42.17
CA GLU G 205 27.14 -17.93 41.46
C GLU G 205 28.18 -16.88 41.07
N LEU G 206 28.02 -15.64 41.47
CA LEU G 206 29.05 -14.64 41.22
C LEU G 206 30.35 -15.03 41.93
N ASP G 207 31.48 -14.89 41.22
CA ASP G 207 32.80 -15.28 41.75
C ASP G 207 33.62 -14.02 42.00
N PHE G 208 33.60 -13.54 43.24
CA PHE G 208 34.34 -12.31 43.53
C PHE G 208 35.85 -12.50 43.61
N LEU G 209 36.34 -13.74 43.51
CA LEU G 209 37.79 -13.98 43.49
C LEU G 209 38.35 -13.85 42.07
N ASN G 210 37.65 -14.38 41.09
CA ASN G 210 38.21 -14.46 39.74
C ASN G 210 37.51 -13.57 38.73
N ASP G 211 36.26 -13.20 38.97
CA ASP G 211 35.54 -12.29 38.08
C ASP G 211 35.67 -10.89 38.63
N LEU G 212 36.57 -10.09 38.03
CA LEU G 212 36.79 -8.75 38.54
C LEU G 212 35.62 -7.82 38.27
N ASP G 213 34.66 -8.27 37.45
CA ASP G 213 33.45 -7.52 37.15
C ASP G 213 32.28 -7.92 38.06
N ALA G 214 32.52 -8.78 39.05
CA ALA G 214 31.42 -9.34 39.82
C ALA G 214 30.64 -8.26 40.57
N TYR G 215 31.30 -7.20 41.04
CA TYR G 215 30.58 -6.17 41.80
C TYR G 215 29.52 -5.50 40.92
N ASN G 216 29.87 -5.15 39.68
CA ASN G 216 28.91 -4.52 38.79
C ASN G 216 27.73 -5.44 38.47
N LYS G 217 28.01 -6.73 38.28
CA LYS G 217 26.93 -7.70 38.06
C LYS G 217 25.99 -7.75 39.26
N LYS G 218 26.55 -7.74 40.47
CA LYS G 218 25.74 -7.80 41.68
C LYS G 218 24.80 -6.60 41.78
N ALA G 219 25.30 -5.40 41.49
CA ALA G 219 24.42 -4.23 41.56
C ALA G 219 23.28 -4.33 40.55
N ASP G 220 23.58 -4.75 39.31
CA ASP G 220 22.53 -4.83 38.30
C ASP G 220 21.52 -5.93 38.63
N LEU G 221 22.00 -7.09 39.11
CA LEU G 221 21.11 -8.19 39.42
C LEU G 221 20.23 -7.87 40.63
N GLU G 222 20.80 -7.24 41.66
CA GLU G 222 20.00 -6.83 42.80
C GLU G 222 18.88 -5.87 42.37
N ALA G 223 19.19 -4.94 41.46
CA ALA G 223 18.14 -4.03 40.97
C ALA G 223 17.06 -4.80 40.23
N MET G 224 17.47 -5.78 39.39
CA MET G 224 16.48 -6.57 38.66
C MET G 224 15.56 -7.32 39.61
N ALA G 225 16.12 -7.90 40.68
CA ALA G 225 15.30 -8.64 41.64
C ALA G 225 14.25 -7.74 42.30
N ILE G 226 14.64 -6.51 42.64
CA ILE G 226 13.70 -5.55 43.22
C ILE G 226 12.59 -5.22 42.22
N ALA G 227 12.95 -5.06 40.94
CA ALA G 227 11.93 -4.78 39.94
C ALA G 227 10.93 -5.92 39.84
N CYS G 228 11.39 -7.17 39.95
CA CYS G 228 10.46 -8.30 39.95
C CYS G 228 9.45 -8.18 41.09
N ASP G 229 9.92 -7.90 42.31
CA ASP G 229 9.01 -7.69 43.43
C ASP G 229 8.00 -6.59 43.14
N ALA G 230 8.42 -5.53 42.45
CA ALA G 230 7.49 -4.45 42.11
C ALA G 230 6.36 -4.97 41.22
N MET G 231 6.70 -5.80 40.24
CA MET G 231 5.65 -6.32 39.36
C MET G 231 4.69 -7.23 40.13
N VAL G 232 5.21 -8.06 41.03
CA VAL G 232 4.34 -8.89 41.87
C VAL G 232 3.37 -8.01 42.66
N ILE G 233 3.88 -6.92 43.22
CA ILE G 233 3.04 -6.01 44.01
C ILE G 233 1.98 -5.35 43.14
N LEU G 234 2.32 -5.02 41.89
CA LEU G 234 1.36 -4.41 41.00
C LEU G 234 0.15 -5.31 40.81
N GLY G 235 0.38 -6.60 40.56
CA GLY G 235 -0.72 -7.52 40.42
C GLY G 235 -1.50 -7.66 41.71
N LYS G 236 -0.80 -7.79 42.84
CA LYS G 236 -1.47 -7.92 44.13
C LYS G 236 -2.36 -6.72 44.44
N ARG G 237 -1.90 -5.52 44.12
CA ARG G 237 -2.68 -4.33 44.38
C ARG G 237 -3.91 -4.24 43.48
N TYR G 238 -3.77 -4.61 42.20
CA TYR G 238 -4.93 -4.53 41.31
C TYR G 238 -5.97 -5.58 41.66
N ALA G 239 -5.55 -6.79 42.05
CA ALA G 239 -6.50 -7.79 42.50
C ALA G 239 -7.27 -7.29 43.73
N GLU G 240 -6.58 -6.61 44.65
CA GLU G 240 -7.26 -6.03 45.81
C GLU G 240 -8.24 -4.96 45.39
N LYS G 241 -7.81 -4.02 44.56
CA LYS G 241 -8.68 -2.94 44.10
C LYS G 241 -9.95 -3.51 43.47
N ALA G 242 -9.81 -4.52 42.62
CA ALA G 242 -10.96 -5.10 41.95
C ALA G 242 -11.94 -5.69 42.95
N ARG G 243 -11.42 -6.41 43.95
CA ARG G 243 -12.30 -7.00 44.95
C ARG G 243 -12.94 -5.94 45.84
N GLN G 244 -12.20 -4.87 46.16
CA GLN G 244 -12.81 -3.77 46.89
C GLN G 244 -13.96 -3.16 46.10
N MET G 245 -13.73 -2.89 44.81
CA MET G 245 -14.79 -2.35 43.98
C MET G 245 -15.94 -3.33 43.84
N ALA G 246 -15.64 -4.63 43.81
CA ALA G 246 -16.67 -5.64 43.67
C ALA G 246 -17.62 -5.61 44.86
N GLU G 247 -17.08 -5.46 46.06
CA GLU G 247 -17.91 -5.41 47.26
C GLU G 247 -18.91 -4.27 47.22
N GLU G 248 -18.57 -3.18 46.53
CA GLU G 248 -19.41 -1.98 46.50
C GLU G 248 -20.30 -1.89 45.27
N GLU G 249 -20.08 -2.71 44.25
CA GLU G 249 -20.83 -2.59 43.03
C GLU G 249 -22.15 -3.33 43.15
N THR G 250 -23.24 -2.67 42.78
CA THR G 250 -24.56 -3.28 42.89
C THR G 250 -24.95 -4.03 41.62
N ASP G 251 -24.49 -3.57 40.46
CA ASP G 251 -24.77 -4.25 39.20
C ASP G 251 -24.05 -5.61 39.16
N GLU G 252 -24.82 -6.68 38.95
CA GLU G 252 -24.25 -8.02 38.97
C GLU G 252 -23.30 -8.26 37.81
N ALA G 253 -23.61 -7.69 36.64
CA ALA G 253 -22.72 -7.87 35.51
C ALA G 253 -21.35 -7.24 35.77
N LYS G 254 -21.33 -6.02 36.33
CA LYS G 254 -20.06 -5.38 36.64
C LYS G 254 -19.32 -6.10 37.75
N LYS G 255 -20.05 -6.57 38.76
CA LYS G 255 -19.41 -7.33 39.83
C LYS G 255 -18.68 -8.55 39.28
N LYS G 256 -19.29 -9.27 38.34
CA LYS G 256 -18.63 -10.43 37.78
C LYS G 256 -17.38 -10.04 37.01
N ASP G 257 -17.43 -8.94 36.26
CA ASP G 257 -16.24 -8.49 35.55
C ASP G 257 -15.12 -8.14 36.54
N LEU G 258 -15.46 -7.44 37.62
CA LEU G 258 -14.46 -7.12 38.63
C LEU G 258 -13.86 -8.37 39.26
N LEU G 259 -14.68 -9.40 39.50
CA LEU G 259 -14.15 -10.64 40.04
C LEU G 259 -13.27 -11.36 39.03
N LEU G 260 -13.58 -11.27 37.74
CA LEU G 260 -12.71 -11.83 36.73
C LEU G 260 -11.38 -11.08 36.67
N ILE G 261 -11.41 -9.76 36.77
CA ILE G 261 -10.18 -8.98 36.83
C ILE G 261 -9.33 -9.44 38.01
N ALA G 262 -9.95 -9.61 39.18
CA ALA G 262 -9.22 -10.04 40.38
C ALA G 262 -8.61 -11.41 40.19
N GLU G 263 -9.38 -12.35 39.63
CA GLU G 263 -8.84 -13.68 39.36
C GLU G 263 -7.66 -13.62 38.40
N THR G 264 -7.74 -12.76 37.39
CA THR G 264 -6.64 -12.63 36.42
C THR G 264 -5.40 -12.06 37.09
N CYS G 265 -5.57 -11.01 37.89
CA CYS G 265 -4.43 -10.40 38.58
C CYS G 265 -3.91 -11.29 39.70
N ASP G 266 -4.70 -12.26 40.16
CA ASP G 266 -4.16 -13.28 41.03
C ASP G 266 -3.07 -14.09 40.32
N VAL G 267 -3.10 -14.16 39.00
CA VAL G 267 -2.11 -14.94 38.27
C VAL G 267 -0.96 -14.07 37.77
N VAL G 268 -1.29 -13.06 36.96
CA VAL G 268 -0.25 -12.25 36.32
C VAL G 268 -0.18 -10.90 37.02
N PRO G 269 1.01 -10.31 37.07
CA PRO G 269 2.26 -10.77 36.46
C PRO G 269 3.11 -11.67 37.36
N ALA G 270 2.63 -12.02 38.56
CA ALA G 270 3.45 -12.81 39.46
C ALA G 270 3.80 -14.16 38.83
N HIS G 271 2.82 -14.78 38.18
CA HIS G 271 2.95 -16.09 37.56
C HIS G 271 2.75 -15.97 36.05
N LYS G 272 3.24 -16.98 35.33
CA LYS G 272 3.09 -16.97 33.90
C LYS G 272 1.60 -17.08 33.54
N PRO G 273 1.18 -16.44 32.45
CA PRO G 273 -0.23 -16.51 32.08
C PRO G 273 -0.61 -17.92 31.69
N GLU G 274 -1.82 -18.31 32.07
CA GLU G 274 -2.35 -19.62 31.71
C GLU G 274 -3.40 -19.54 30.62
N THR G 275 -3.99 -18.38 30.38
CA THR G 275 -5.07 -18.21 29.42
C THR G 275 -4.79 -17.04 28.49
N TYR G 276 -5.56 -16.98 27.41
CA TYR G 276 -5.49 -15.86 26.46
C TYR G 276 -5.73 -14.53 27.17
N HIS G 277 -6.76 -14.48 28.01
CA HIS G 277 -7.04 -13.28 28.80
C HIS G 277 -5.84 -12.88 29.66
N GLN G 278 -5.25 -13.86 30.36
CA GLN G 278 -4.13 -13.56 31.24
C GLN G 278 -2.89 -13.11 30.46
N ALA G 279 -2.67 -13.66 29.27
CA ALA G 279 -1.55 -13.24 28.43
C ALA G 279 -1.66 -11.76 28.07
N ILE G 280 -2.86 -11.30 27.72
CA ILE G 280 -3.05 -9.90 27.38
C ILE G 280 -2.83 -9.01 28.61
N GLN G 281 -3.39 -9.41 29.75
CA GLN G 281 -3.19 -8.61 30.95
C GLN G 281 -1.73 -8.63 31.39
N MET G 282 -1.05 -9.76 31.21
CA MET G 282 0.37 -9.80 31.51
C MET G 282 1.11 -8.80 30.65
N TYR G 283 0.86 -8.82 29.33
CA TYR G 283 1.53 -7.85 28.47
C TYR G 283 1.23 -6.42 28.93
N TRP G 284 -0.04 -6.10 29.21
CA TRP G 284 -0.36 -4.72 29.50
C TRP G 284 0.29 -4.24 30.79
N PHE G 285 0.34 -5.10 31.83
CA PHE G 285 1.04 -4.74 33.05
C PHE G 285 2.52 -4.45 32.78
N VAL G 286 3.16 -5.30 31.99
CA VAL G 286 4.55 -5.04 31.62
C VAL G 286 4.68 -3.71 30.89
N HIS G 287 3.76 -3.43 29.96
CA HIS G 287 3.74 -2.16 29.24
C HIS G 287 3.65 -0.98 30.20
N ILE G 288 2.70 -1.04 31.14
CA ILE G 288 2.60 0.03 32.14
C ILE G 288 3.91 0.15 32.92
N GLY G 289 4.49 -0.98 33.32
CA GLY G 289 5.72 -0.97 34.09
C GLY G 289 6.87 -0.28 33.37
N VAL G 290 7.18 -0.71 32.15
CA VAL G 290 8.39 -0.20 31.52
C VAL G 290 8.25 1.26 31.09
N THR G 291 7.03 1.70 30.73
CA THR G 291 6.80 3.09 30.30
C THR G 291 6.57 4.06 31.45
N THR G 292 6.37 3.56 32.67
CA THR G 292 6.46 4.41 33.86
C THR G 292 7.81 4.27 34.56
N GLU G 293 8.56 3.19 34.31
CA GLU G 293 9.95 3.11 34.77
C GLU G 293 10.76 4.28 34.24
N LEU G 294 10.65 4.53 32.93
CA LEU G 294 11.32 5.62 32.23
C LEU G 294 10.43 6.07 31.09
N ASN G 295 10.64 7.30 30.63
CA ASN G 295 9.92 7.81 29.45
C ASN G 295 10.64 7.36 28.19
N ILE G 296 10.42 6.10 27.81
CA ILE G 296 11.18 5.51 26.73
C ILE G 296 10.55 5.82 25.39
N TRP G 297 11.38 6.12 24.40
CA TRP G 297 10.92 6.31 23.03
C TRP G 297 10.08 5.12 22.58
N ASP G 298 8.96 5.42 21.90
CA ASP G 298 8.09 4.43 21.28
C ASP G 298 7.45 3.49 22.31
N ALA G 299 7.14 4.01 23.50
CA ALA G 299 6.39 3.27 24.51
C ALA G 299 6.86 1.82 24.65
N PHE G 300 5.97 0.88 24.38
CA PHE G 300 6.30 -0.54 24.33
C PHE G 300 5.32 -1.19 23.37
N THR G 301 5.63 -2.41 22.96
CA THR G 301 4.73 -3.14 22.08
C THR G 301 4.96 -4.63 22.27
N PRO G 302 3.91 -5.43 22.18
CA PRO G 302 4.09 -6.88 22.25
C PRO G 302 4.76 -7.45 21.01
N GLY G 303 4.99 -6.64 19.97
CA GLY G 303 5.69 -7.11 18.79
C GLY G 303 4.88 -8.06 17.95
N ARG G 304 5.28 -9.34 17.94
CA ARG G 304 4.61 -10.38 17.13
C ARG G 304 3.43 -10.97 17.90
N LEU G 305 2.43 -10.11 18.13
CA LEU G 305 1.31 -10.43 19.02
C LEU G 305 0.55 -11.66 18.55
N ASP G 306 0.31 -11.80 17.23
CA ASP G 306 -0.44 -12.97 16.78
C ASP G 306 0.31 -14.26 17.02
N GLN G 307 1.65 -14.22 17.02
CA GLN G 307 2.44 -15.41 17.34
C GLN G 307 2.35 -15.75 18.82
N HIS G 308 2.37 -14.75 19.70
CA HIS G 308 2.32 -15.05 21.14
C HIS G 308 0.93 -15.49 21.58
N LEU G 309 -0.13 -14.88 21.07
CA LEU G 309 -1.45 -15.22 21.58
C LEU G 309 -2.04 -16.50 20.98
N ASN G 310 -1.62 -16.90 19.79
CA ASN G 310 -2.28 -18.01 19.11
C ASN G 310 -2.27 -19.31 19.91
N PRO G 311 -1.18 -19.73 20.56
CA PRO G 311 -1.26 -20.95 21.38
C PRO G 311 -2.31 -20.86 22.48
N PHE G 312 -2.42 -19.69 23.13
CA PHE G 312 -3.44 -19.49 24.15
C PHE G 312 -4.83 -19.56 23.54
N TYR G 313 -5.01 -18.94 22.37
CA TYR G 313 -6.29 -18.93 21.71
C TYR G 313 -6.77 -20.35 21.42
N GLU G 314 -5.92 -21.15 20.76
CA GLU G 314 -6.33 -22.51 20.40
C GLU G 314 -6.63 -23.35 21.64
N ARG G 315 -5.77 -23.28 22.65
CA ARG G 315 -6.01 -24.04 23.87
C ARG G 315 -7.32 -23.61 24.53
N ASP G 316 -7.55 -22.31 24.60
CA ASP G 316 -8.72 -21.82 25.32
C ASP G 316 -10.00 -22.16 24.58
N VAL G 317 -9.99 -22.06 23.24
CA VAL G 317 -11.19 -22.43 22.49
C VAL G 317 -11.43 -23.93 22.63
N GLU G 318 -10.35 -24.71 22.58
CA GLU G 318 -10.46 -26.16 22.72
C GLU G 318 -11.08 -26.55 24.05
N ASN G 319 -10.82 -25.76 25.09
CA ASN G 319 -11.28 -26.06 26.44
C ASN G 319 -12.62 -25.40 26.76
N GLY G 320 -13.21 -24.68 25.81
CA GLY G 320 -14.52 -24.11 26.00
C GLY G 320 -14.58 -22.87 26.86
N ILE G 321 -13.46 -22.19 27.10
CA ILE G 321 -13.47 -20.96 27.89
C ILE G 321 -13.30 -19.71 27.03
N LEU G 322 -13.18 -19.87 25.72
CA LEU G 322 -12.95 -18.73 24.84
C LEU G 322 -13.62 -19.05 23.51
N ASP G 323 -14.13 -18.02 22.83
CA ASP G 323 -14.55 -18.15 21.45
C ASP G 323 -14.02 -16.93 20.69
N ARG G 324 -14.21 -16.91 19.38
CA ARG G 324 -13.64 -15.82 18.58
C ARG G 324 -14.17 -14.47 19.03
N ASP G 325 -15.46 -14.37 19.36
CA ASP G 325 -16.01 -13.07 19.76
C ASP G 325 -15.33 -12.54 21.02
N ARG G 326 -15.13 -13.40 22.02
CA ARG G 326 -14.50 -12.93 23.26
C ARG G 326 -13.03 -12.59 23.03
N ALA G 327 -12.34 -13.37 22.19
CA ALA G 327 -10.97 -13.04 21.83
C ALA G 327 -10.87 -11.66 21.17
N GLN G 328 -11.82 -11.33 20.28
CA GLN G 328 -11.82 -10.00 19.67
C GLN G 328 -12.20 -8.93 20.69
N GLU G 329 -13.15 -9.24 21.57
CA GLU G 329 -13.54 -8.28 22.58
C GLU G 329 -12.35 -7.90 23.46
N LEU G 330 -11.54 -8.90 23.84
CA LEU G 330 -10.38 -8.61 24.68
C LEU G 330 -9.36 -7.74 23.95
N LEU G 331 -9.13 -8.01 22.66
CA LEU G 331 -8.18 -7.20 21.89
C LEU G 331 -8.71 -5.80 21.64
N GLU G 332 -10.03 -5.64 21.45
CA GLU G 332 -10.58 -4.30 21.35
C GLU G 332 -10.36 -3.52 22.64
N CYS G 333 -10.48 -4.18 23.79
CA CYS G 333 -10.11 -3.54 25.05
C CYS G 333 -8.64 -3.13 25.06
N LEU G 334 -7.74 -4.04 24.66
CA LEU G 334 -6.33 -3.71 24.56
C LEU G 334 -6.10 -2.49 23.68
N TRP G 335 -6.76 -2.46 22.51
CA TRP G 335 -6.61 -1.32 21.60
C TRP G 335 -6.93 -0.01 22.32
N VAL G 336 -8.03 0.04 23.06
CA VAL G 336 -8.35 1.27 23.79
C VAL G 336 -7.26 1.58 24.81
N LYS G 337 -6.69 0.57 25.46
CA LYS G 337 -5.66 0.84 26.46
C LYS G 337 -4.48 1.58 25.84
N PHE G 338 -4.02 1.13 24.67
CA PHE G 338 -2.99 1.86 23.94
C PHE G 338 -3.40 3.30 23.70
N ASN G 339 -4.63 3.50 23.23
CA ASN G 339 -5.09 4.82 22.85
C ASN G 339 -5.28 5.74 24.04
N ASN G 340 -5.36 5.18 25.26
CA ASN G 340 -5.40 5.98 26.48
C ASN G 340 -4.04 6.50 26.95
N GLN G 341 -2.93 6.10 26.33
CA GLN G 341 -1.60 6.50 26.78
C GLN G 341 -0.91 7.39 25.77
N PRO G 342 -0.95 8.71 25.93
CA PRO G 342 -0.17 9.58 25.04
C PRO G 342 1.33 9.44 25.32
N ALA G 343 2.12 9.81 24.32
CA ALA G 343 3.53 10.09 24.58
C ALA G 343 3.62 11.29 25.51
N PRO G 344 4.40 11.23 26.59
CA PRO G 344 4.46 12.37 27.53
C PRO G 344 4.86 13.65 26.82
N PRO G 345 4.46 14.80 27.36
CA PRO G 345 4.62 16.05 26.61
C PRO G 345 6.06 16.32 26.23
N LYS G 346 6.24 16.81 25.00
CA LYS G 346 7.53 17.21 24.48
C LYS G 346 7.55 18.72 24.31
N VAL G 347 8.75 19.30 24.36
CA VAL G 347 8.93 20.72 24.06
C VAL G 347 10.13 20.89 23.14
N GLY G 348 10.27 22.10 22.63
CA GLY G 348 11.43 22.46 21.84
C GLY G 348 11.62 21.56 20.62
N ILE G 349 12.87 21.19 20.37
CA ILE G 349 13.22 20.44 19.18
C ILE G 349 12.54 19.06 19.21
N THR G 350 12.44 18.46 20.39
CA THR G 350 11.82 17.14 20.51
C THR G 350 10.39 17.16 19.95
N LEU G 351 9.63 18.20 20.25
CA LEU G 351 8.29 18.35 19.67
C LEU G 351 8.38 18.47 18.15
N LYS G 352 9.29 19.32 17.65
CA LYS G 352 9.38 19.57 16.22
C LYS G 352 9.63 18.28 15.45
N GLU G 353 10.43 17.37 16.00
CA GLU G 353 10.80 16.16 15.29
C GLU G 353 9.81 15.02 15.51
N SER G 354 8.93 15.12 16.51
CA SER G 354 7.95 14.10 16.84
C SER G 354 6.67 14.80 17.31
N SER G 355 6.01 15.50 16.38
CA SER G 355 4.94 16.44 16.74
C SER G 355 3.60 15.70 16.75
N THR G 356 3.39 14.93 17.81
CA THR G 356 2.23 14.05 17.88
C THR G 356 1.97 13.62 19.31
N TYR G 357 0.71 13.29 19.59
CA TYR G 357 0.34 12.62 20.83
C TYR G 357 0.63 11.11 20.82
N THR G 358 0.78 10.50 19.65
CA THR G 358 0.98 9.06 19.60
C THR G 358 2.40 8.68 20.06
N ASP G 359 2.55 7.44 20.51
CA ASP G 359 3.83 6.96 21.05
C ASP G 359 4.35 5.74 20.29
N PHE G 360 3.88 5.53 19.06
CA PHE G 360 4.55 4.65 18.10
C PHE G 360 4.72 3.22 18.63
N ALA G 361 3.64 2.67 19.17
CA ALA G 361 3.61 1.29 19.64
C ALA G 361 3.23 0.43 18.44
N ASN G 362 4.23 -0.20 17.84
CA ASN G 362 4.09 -0.83 16.53
C ASN G 362 3.85 -2.32 16.70
N ILE G 363 2.71 -2.79 16.22
CA ILE G 363 2.38 -4.21 16.27
C ILE G 363 2.58 -4.81 14.88
N ASN G 364 3.28 -5.93 14.80
CA ASN G 364 3.57 -6.63 13.55
C ASN G 364 2.68 -7.88 13.46
N THR G 365 1.75 -7.90 12.51
CA THR G 365 0.86 -9.04 12.33
C THR G 365 1.14 -9.76 11.01
N GLY G 366 1.09 -11.09 11.03
CA GLY G 366 1.37 -11.85 9.81
C GLY G 366 2.75 -12.51 9.85
N GLY G 367 3.61 -12.16 8.91
CA GLY G 367 5.01 -12.55 8.96
C GLY G 367 5.20 -14.05 9.02
N ILE G 368 6.22 -14.46 9.77
CA ILE G 368 6.58 -15.87 9.91
C ILE G 368 6.57 -16.24 11.39
N ASN G 369 6.38 -17.53 11.65
CA ASN G 369 6.47 -18.09 13.00
C ASN G 369 7.94 -18.35 13.34
N PRO G 370 8.24 -18.78 14.56
CA PRO G 370 9.66 -18.97 14.96
C PRO G 370 10.41 -19.99 14.11
N ASP G 371 9.73 -20.89 13.41
CA ASP G 371 10.38 -21.82 12.50
C ASP G 371 10.60 -21.22 11.12
N GLY G 372 10.16 -20.00 10.87
CA GLY G 372 10.38 -19.39 9.58
C GLY G 372 9.31 -19.67 8.55
N GLN G 373 8.23 -20.33 8.93
CA GLN G 373 7.16 -20.60 7.99
C GLN G 373 6.03 -19.60 8.19
N ASP G 374 5.09 -19.59 7.25
CA ASP G 374 3.96 -18.67 7.27
C ASP G 374 3.33 -18.57 8.66
N GLY G 375 3.26 -17.34 9.18
CA GLY G 375 2.78 -17.11 10.52
C GLY G 375 1.33 -16.67 10.63
N VAL G 376 0.66 -16.44 9.49
CA VAL G 376 -0.75 -16.03 9.52
C VAL G 376 -1.57 -17.09 10.21
N ASN G 377 -2.33 -16.69 11.22
CA ASN G 377 -3.15 -17.63 11.98
C ASN G 377 -4.48 -16.94 12.30
N GLU G 378 -5.33 -17.60 13.08
CA GLU G 378 -6.65 -17.04 13.33
C GLU G 378 -6.54 -15.73 14.09
N VAL G 379 -5.56 -15.61 15.00
CA VAL G 379 -5.43 -14.35 15.72
C VAL G 379 -5.04 -13.22 14.78
N SER G 380 -4.23 -13.50 13.74
CA SER G 380 -3.90 -12.46 12.79
C SER G 380 -5.15 -11.81 12.22
N TYR G 381 -6.13 -12.64 11.80
CA TYR G 381 -7.36 -12.11 11.21
C TYR G 381 -8.23 -11.41 12.24
N ILE G 382 -8.23 -11.89 13.48
CA ILE G 382 -8.92 -11.15 14.54
C ILE G 382 -8.32 -9.76 14.70
N ILE G 383 -6.98 -9.66 14.71
CA ILE G 383 -6.34 -8.35 14.88
C ILE G 383 -6.70 -7.41 13.73
N LEU G 384 -6.71 -7.93 12.49
CA LEU G 384 -7.15 -7.10 11.38
C LEU G 384 -8.57 -6.62 11.60
N ASP G 385 -9.45 -7.49 12.12
CA ASP G 385 -10.82 -7.09 12.41
C ASP G 385 -10.86 -5.99 13.48
N VAL G 386 -10.07 -6.11 14.55
CA VAL G 386 -10.21 -5.10 15.61
C VAL G 386 -9.65 -3.76 15.16
N MET G 387 -8.52 -3.76 14.44
CA MET G 387 -7.99 -2.48 13.99
C MET G 387 -8.92 -1.81 12.99
N ASP G 388 -9.56 -2.61 12.13
CA ASP G 388 -10.55 -2.10 11.18
C ASP G 388 -11.72 -1.46 11.92
N GLU G 389 -12.32 -2.19 12.87
CA GLU G 389 -13.46 -1.68 13.61
C GLU G 389 -13.09 -0.47 14.47
N MET G 390 -12.00 -0.58 15.23
CA MET G 390 -11.73 0.42 16.25
C MET G 390 -11.29 1.75 15.66
N LYS G 391 -10.59 1.73 14.54
CA LYS G 391 -10.05 2.92 13.88
C LYS G 391 -9.41 3.89 14.89
N LEU G 392 -8.44 3.38 15.64
CA LEU G 392 -7.66 4.14 16.62
C LEU G 392 -6.23 4.32 16.13
N ILE G 393 -5.66 5.53 16.32
CA ILE G 393 -4.32 5.77 15.80
C ILE G 393 -3.24 5.19 16.72
N GLN G 394 -3.60 4.75 17.91
CA GLN G 394 -2.75 3.88 18.74
C GLN G 394 -3.56 2.63 19.07
N PRO G 395 -2.95 1.45 19.01
CA PRO G 395 -1.56 1.22 18.61
C PRO G 395 -1.36 1.42 17.11
N SER G 396 -0.11 1.35 16.66
CA SER G 396 0.24 1.39 15.25
C SER G 396 0.18 -0.05 14.72
N SER G 397 -0.96 -0.44 14.13
CA SER G 397 -1.21 -1.84 13.79
C SER G 397 -0.84 -2.09 12.33
N ASN G 398 0.23 -2.84 12.11
CA ASN G 398 0.81 -3.01 10.78
C ASN G 398 0.92 -4.49 10.45
N VAL G 399 1.33 -4.79 9.21
CA VAL G 399 1.43 -6.17 8.76
C VAL G 399 2.82 -6.44 8.20
N GLN G 400 3.33 -7.63 8.49
CA GLN G 400 4.50 -8.18 7.83
C GLN G 400 4.04 -9.08 6.71
N ILE G 401 4.52 -8.82 5.50
CA ILE G 401 4.18 -9.61 4.32
C ILE G 401 5.41 -10.41 3.92
N SER G 402 5.23 -11.71 3.82
CA SER G 402 6.29 -12.60 3.36
C SER G 402 5.94 -13.14 1.97
N LYS G 403 6.95 -13.61 1.24
CA LYS G 403 6.65 -14.42 0.06
C LYS G 403 5.81 -15.65 0.42
N LYS G 404 5.83 -16.06 1.69
CA LYS G 404 5.03 -17.18 2.20
C LYS G 404 3.64 -16.77 2.66
N THR G 405 3.30 -15.47 2.63
CA THR G 405 2.03 -15.00 3.18
C THR G 405 0.89 -15.29 2.20
N PRO G 406 -0.24 -15.81 2.68
CA PRO G 406 -1.39 -16.03 1.80
C PRO G 406 -1.91 -14.73 1.23
N GLN G 407 -2.28 -14.76 -0.06
CA GLN G 407 -2.78 -13.56 -0.71
C GLN G 407 -4.03 -13.02 -0.02
N LYS G 408 -4.84 -13.89 0.57
CA LYS G 408 -6.04 -13.45 1.27
C LYS G 408 -5.70 -12.49 2.41
N PHE G 409 -4.60 -12.75 3.14
CA PHE G 409 -4.19 -11.86 4.22
C PHE G 409 -3.74 -10.51 3.67
N LEU G 410 -2.89 -10.52 2.66
CA LEU G 410 -2.44 -9.26 2.07
C LEU G 410 -3.62 -8.42 1.58
N LYS G 411 -4.59 -9.05 0.92
CA LYS G 411 -5.72 -8.29 0.40
C LYS G 411 -6.60 -7.74 1.51
N ARG G 412 -6.81 -8.51 2.58
CA ARG G 412 -7.54 -7.99 3.72
C ARG G 412 -6.85 -6.75 4.31
N ALA G 413 -5.51 -6.78 4.40
CA ALA G 413 -4.78 -5.61 4.85
C ALA G 413 -4.94 -4.44 3.88
N CYS G 414 -4.90 -4.70 2.58
CA CYS G 414 -5.10 -3.65 1.60
C CYS G 414 -6.50 -3.07 1.70
N GLU G 415 -7.49 -3.91 2.03
CA GLU G 415 -8.86 -3.45 2.23
C GLU G 415 -8.93 -2.36 3.28
N ILE G 416 -8.17 -2.54 4.37
CA ILE G 416 -8.16 -1.55 5.45
C ILE G 416 -7.39 -0.32 5.01
N SER G 417 -6.23 -0.52 4.39
CA SER G 417 -5.42 0.59 3.92
C SER G 417 -6.20 1.50 2.98
N ARG G 418 -7.01 0.90 2.10
CA ARG G 418 -7.77 1.63 1.10
C ARG G 418 -8.81 2.56 1.71
N LYS G 419 -9.20 2.33 2.97
CA LYS G 419 -10.13 3.22 3.65
C LYS G 419 -9.53 4.58 3.99
N GLY G 420 -8.23 4.76 3.84
CA GLY G 420 -7.66 6.09 3.82
C GLY G 420 -7.28 6.70 5.16
N TRP G 421 -7.23 5.92 6.25
CA TRP G 421 -6.69 6.47 7.48
C TRP G 421 -5.27 5.96 7.75
N GLY G 422 -4.61 5.41 6.75
CA GLY G 422 -3.18 5.16 6.79
C GLY G 422 -2.71 3.79 7.24
N GLN G 423 -3.31 3.26 8.29
CA GLN G 423 -2.98 1.91 8.78
C GLN G 423 -3.70 0.89 7.92
N PRO G 424 -3.07 -0.29 7.71
CA PRO G 424 -1.73 -0.67 8.17
C PRO G 424 -0.60 -0.27 7.24
N ALA G 425 0.61 -0.10 7.79
CA ALA G 425 1.79 -0.13 6.95
C ALA G 425 2.12 -1.58 6.60
N PHE G 426 2.92 -1.75 5.55
CA PHE G 426 3.35 -3.04 5.05
C PHE G 426 4.86 -3.16 5.18
N TYR G 427 5.34 -4.27 5.75
CA TYR G 427 6.77 -4.54 5.92
C TYR G 427 7.13 -5.86 5.26
N ASN G 428 8.31 -5.90 4.66
CA ASN G 428 8.80 -7.05 3.92
C ASN G 428 9.57 -7.98 4.85
N THR G 429 8.97 -9.14 5.17
CA THR G 429 9.60 -10.09 6.10
C THR G 429 10.98 -10.55 5.62
N GLU G 430 11.10 -10.83 4.32
CA GLU G 430 12.40 -11.32 3.83
C GLU G 430 13.46 -10.25 3.96
N ALA G 431 13.10 -8.99 3.75
CA ALA G 431 14.07 -7.91 3.95
C ALA G 431 14.46 -7.80 5.42
N ILE G 432 13.46 -7.87 6.30
CA ILE G 432 13.71 -7.81 7.74
C ILE G 432 14.72 -8.88 8.16
N VAL G 433 14.48 -10.12 7.75
CA VAL G 433 15.35 -11.21 8.19
C VAL G 433 16.78 -10.97 7.70
N GLN G 434 16.94 -10.59 6.43
CA GLN G 434 18.27 -10.36 5.91
C GLN G 434 18.94 -9.13 6.54
N GLU G 435 18.17 -8.08 6.82
CA GLU G 435 18.72 -6.93 7.55
C GLU G 435 19.26 -7.36 8.91
N LEU G 436 18.48 -8.15 9.64
CA LEU G 436 18.92 -8.62 10.94
C LEU G 436 20.18 -9.46 10.81
N MET G 437 20.19 -10.40 9.85
CA MET G 437 21.36 -11.25 9.67
C MET G 437 22.57 -10.45 9.20
N GLU G 438 22.35 -9.45 8.35
CA GLU G 438 23.47 -8.60 7.95
C GLU G 438 24.10 -7.89 9.16
N ALA G 439 23.29 -7.54 10.15
CA ALA G 439 23.79 -6.87 11.36
C ALA G 439 24.35 -7.84 12.40
N GLY G 440 24.31 -9.14 12.15
CA GLY G 440 24.92 -10.16 12.98
C GLY G 440 23.97 -11.07 13.73
N LYS G 441 22.66 -10.92 13.57
CA LYS G 441 21.72 -11.82 14.22
C LYS G 441 21.76 -13.22 13.59
N THR G 442 21.65 -14.25 14.43
CA THR G 442 21.50 -15.60 13.90
C THR G 442 20.13 -15.75 13.23
N ILE G 443 20.01 -16.73 12.33
CA ILE G 443 18.71 -16.94 11.68
C ILE G 443 17.65 -17.27 12.71
N GLU G 444 18.01 -18.03 13.75
CA GLU G 444 17.05 -18.35 14.79
C GLU G 444 16.49 -17.09 15.45
N ASP G 445 17.36 -16.14 15.77
CA ASP G 445 16.90 -14.90 16.38
C ASP G 445 16.20 -14.00 15.37
N ALA G 446 16.70 -13.96 14.13
CA ALA G 446 16.09 -13.10 13.11
C ALA G 446 14.66 -13.51 12.81
N ARG G 447 14.34 -14.81 12.89
CA ARG G 447 12.98 -15.26 12.67
C ARG G 447 12.01 -14.71 13.71
N LEU G 448 12.50 -14.21 14.83
CA LEU G 448 11.65 -13.63 15.86
C LEU G 448 11.50 -12.13 15.74
N GLY G 449 12.09 -11.51 14.72
CA GLY G 449 12.18 -10.07 14.64
C GLY G 449 11.06 -9.44 13.81
N GLY G 450 11.18 -8.13 13.66
CA GLY G 450 10.20 -7.35 12.95
C GLY G 450 10.58 -5.88 12.97
N THR G 451 9.60 -5.00 12.77
CA THR G 451 9.86 -3.56 12.84
C THR G 451 9.11 -2.95 14.01
N SER G 452 9.66 -1.86 14.54
CA SER G 452 8.98 -1.10 15.59
C SER G 452 9.10 0.39 15.29
N GLY G 453 8.50 1.20 16.14
CA GLY G 453 8.48 2.62 15.90
C GLY G 453 7.85 2.91 14.55
N CYS G 454 8.59 3.56 13.67
CA CYS G 454 8.06 3.83 12.33
C CYS G 454 8.35 2.67 11.38
N VAL G 455 9.62 2.33 11.17
CA VAL G 455 9.99 1.28 10.22
C VAL G 455 11.23 0.51 10.71
N GLU G 456 11.58 0.67 11.98
CA GLU G 456 12.92 0.30 12.44
C GLU G 456 13.02 -1.18 12.76
N THR G 457 13.96 -1.84 12.13
CA THR G 457 14.17 -3.29 12.27
C THR G 457 14.90 -3.63 13.56
N GLY G 458 14.41 -4.64 14.26
CA GLY G 458 15.06 -5.07 15.50
C GLY G 458 14.75 -6.52 15.79
N CYS G 459 15.57 -7.11 16.66
CA CYS G 459 15.37 -8.50 17.11
C CYS G 459 14.65 -8.48 18.45
N PHE G 460 13.32 -8.63 18.38
CA PHE G 460 12.43 -8.38 19.49
C PHE G 460 12.81 -9.20 20.72
N GLY G 461 12.95 -8.53 21.86
CA GLY G 461 13.27 -9.17 23.12
C GLY G 461 14.72 -9.54 23.31
N LYS G 462 15.59 -9.22 22.35
CA LYS G 462 17.00 -9.60 22.45
C LYS G 462 17.93 -8.46 22.04
N GLU G 463 17.42 -7.25 21.84
CA GLU G 463 18.24 -6.19 21.27
C GLU G 463 17.92 -4.84 21.88
N ALA G 464 18.98 -4.06 22.13
CA ALA G 464 18.88 -2.62 22.30
C ALA G 464 19.27 -2.00 20.96
N TYR G 465 18.32 -1.38 20.29
CA TYR G 465 18.59 -0.73 19.00
C TYR G 465 18.07 0.69 19.13
N VAL G 466 18.98 1.60 19.43
CA VAL G 466 18.66 2.92 19.92
C VAL G 466 18.79 3.92 18.77
N LEU G 467 17.74 4.71 18.56
CA LEU G 467 17.85 5.85 17.65
C LEU G 467 18.41 7.05 18.41
N THR G 468 19.38 7.75 17.80
CA THR G 468 20.02 8.87 18.47
C THR G 468 19.64 10.23 17.91
N GLY G 469 19.04 10.29 16.74
CA GLY G 469 18.57 11.57 16.19
C GLY G 469 18.64 11.61 14.67
N TYR G 470 17.88 12.55 14.10
CA TYR G 470 17.85 12.75 12.66
C TYR G 470 19.05 13.56 12.19
N MET G 471 19.47 13.28 10.95
CA MET G 471 20.60 13.94 10.32
C MET G 471 20.13 14.68 9.08
N ASN G 472 20.42 15.98 9.02
CA ASN G 472 19.89 16.84 7.95
C ASN G 472 20.84 16.79 6.75
N ILE G 473 20.71 15.73 5.94
CA ILE G 473 21.65 15.53 4.83
C ILE G 473 21.60 16.67 3.83
N PRO G 474 20.43 17.19 3.42
CA PRO G 474 20.43 18.33 2.49
C PRO G 474 21.15 19.56 3.04
N LYS G 475 21.01 19.86 4.32
CA LYS G 475 21.74 21.01 4.87
C LYS G 475 23.23 20.75 4.93
N ILE G 476 23.65 19.49 4.98
CA ILE G 476 25.08 19.21 4.85
C ILE G 476 25.58 19.61 3.46
N LEU G 477 24.76 19.39 2.41
CA LEU G 477 25.12 19.93 1.10
C LEU G 477 25.12 21.46 1.09
N GLU G 478 24.15 22.07 1.77
CA GLU G 478 24.13 23.53 1.85
C GLU G 478 25.43 24.07 2.47
N LEU G 479 25.92 23.42 3.54
CA LEU G 479 27.21 23.80 4.11
C LEU G 479 28.33 23.62 3.10
N THR G 480 28.32 22.50 2.38
CA THR G 480 29.31 22.23 1.34
C THR G 480 29.36 23.36 0.32
N LEU G 481 28.19 23.78 -0.17
CA LEU G 481 28.13 24.84 -1.18
C LEU G 481 28.51 26.20 -0.63
N ASN G 482 28.61 26.35 0.69
CA ASN G 482 28.93 27.63 1.31
C ASN G 482 30.23 27.55 2.10
N ASN G 483 31.07 26.57 1.81
CA ASN G 483 32.38 26.46 2.43
C ASN G 483 32.28 26.42 3.95
N GLY G 484 31.30 25.68 4.46
CA GLY G 484 31.10 25.52 5.88
C GLY G 484 30.21 26.55 6.53
N TYR G 485 29.87 27.62 5.83
CA TYR G 485 29.01 28.66 6.36
C TYR G 485 27.54 28.28 6.23
N ASP G 486 26.78 28.54 7.29
CA ASP G 486 25.33 28.33 7.29
C ASP G 486 24.66 29.64 6.92
N PRO G 487 24.05 29.75 5.73
CA PRO G 487 23.40 31.01 5.34
C PRO G 487 22.20 31.38 6.19
N ILE G 488 21.64 30.44 6.96
CA ILE G 488 20.47 30.75 7.75
C ILE G 488 20.89 31.30 9.12
N SER G 489 21.69 30.54 9.86
CA SER G 489 22.19 31.04 11.14
C SER G 489 23.31 32.06 10.97
N LYS G 490 23.91 32.15 9.79
CA LYS G 490 25.00 33.09 9.52
C LYS G 490 26.21 32.85 10.40
N LYS G 491 26.48 31.59 10.70
CA LYS G 491 27.63 31.17 11.48
C LYS G 491 28.37 30.11 10.68
N GLN G 492 29.66 29.95 10.97
CA GLN G 492 30.45 28.84 10.45
C GLN G 492 30.08 27.59 11.23
N ILE G 493 29.31 26.69 10.61
CA ILE G 493 28.83 25.49 11.27
C ILE G 493 29.64 24.26 10.86
N GLY G 494 30.06 24.19 9.60
CA GLY G 494 30.86 23.08 9.10
C GLY G 494 32.32 23.44 8.98
N ILE G 495 33.02 22.69 8.13
CA ILE G 495 34.42 22.91 7.88
C ILE G 495 34.57 23.58 6.52
N GLU G 496 35.77 24.11 6.25
CA GLU G 496 36.05 24.80 5.00
C GLU G 496 36.55 23.80 3.97
N THR G 497 35.65 23.27 3.16
CA THR G 497 36.05 22.32 2.13
C THR G 497 36.37 23.02 0.82
N GLY G 498 36.22 24.33 0.77
CA GLY G 498 36.64 25.06 -0.39
C GLY G 498 35.50 25.86 -1.00
N ASP G 499 35.85 26.91 -1.73
CA ASP G 499 34.90 27.65 -2.53
C ASP G 499 34.44 26.75 -3.67
N PRO G 500 33.15 26.42 -3.78
CA PRO G 500 32.70 25.51 -4.85
C PRO G 500 32.96 26.05 -6.25
N ARG G 501 33.09 27.37 -6.41
CA ARG G 501 33.36 27.94 -7.72
C ARG G 501 34.67 27.44 -8.30
N ASN G 502 35.58 26.94 -7.46
CA ASN G 502 36.84 26.41 -7.91
C ASN G 502 36.80 24.92 -8.19
N PHE G 503 35.69 24.25 -7.93
CA PHE G 503 35.63 22.82 -8.20
C PHE G 503 35.59 22.60 -9.70
N GLN G 504 36.50 21.77 -10.18
CA GLN G 504 36.68 21.55 -11.60
C GLN G 504 35.86 20.38 -12.12
N SER G 505 35.30 19.56 -11.23
CA SER G 505 34.53 18.40 -11.64
C SER G 505 33.47 18.11 -10.58
N TYR G 506 32.43 17.38 -11.01
CA TYR G 506 31.42 16.93 -10.05
C TYR G 506 32.04 16.08 -8.96
N GLU G 507 32.96 15.19 -9.34
CA GLU G 507 33.67 14.36 -8.37
C GLU G 507 34.32 15.21 -7.28
N GLU G 508 34.93 16.33 -7.67
CA GLU G 508 35.52 17.23 -6.68
C GLU G 508 34.45 17.76 -5.73
N LEU G 509 33.29 18.13 -6.28
CA LEU G 509 32.19 18.59 -5.43
C LEU G 509 31.73 17.49 -4.48
N PHE G 510 31.57 16.27 -4.99
CA PHE G 510 31.06 15.21 -4.14
C PHE G 510 32.05 14.83 -3.05
N GLU G 511 33.35 14.88 -3.34
CA GLU G 511 34.34 14.67 -2.28
C GLU G 511 34.21 15.73 -1.19
N ALA G 512 33.99 16.98 -1.58
CA ALA G 512 33.80 18.04 -0.59
C ALA G 512 32.58 17.78 0.29
N PHE G 513 31.47 17.35 -0.32
CA PHE G 513 30.29 16.95 0.45
C PHE G 513 30.64 15.81 1.41
N LYS G 514 31.37 14.81 0.94
CA LYS G 514 31.72 13.69 1.83
C LYS G 514 32.56 14.15 3.02
N LYS G 515 33.43 15.16 2.83
CA LYS G 515 34.20 15.69 3.96
C LYS G 515 33.31 16.41 4.96
N GLN G 516 32.33 17.19 4.48
CA GLN G 516 31.38 17.82 5.40
C GLN G 516 30.55 16.77 6.12
N LEU G 517 30.13 15.72 5.40
CA LEU G 517 29.40 14.63 6.03
C LEU G 517 30.22 13.99 7.13
N HIS G 518 31.49 13.68 6.85
CA HIS G 518 32.37 13.09 7.84
C HIS G 518 32.48 13.97 9.08
N TYR G 519 32.66 15.28 8.90
CA TYR G 519 32.78 16.18 10.03
C TYR G 519 31.49 16.20 10.85
N MET G 520 30.35 16.32 10.19
CA MET G 520 29.10 16.41 10.94
C MET G 520 28.77 15.11 11.66
N ILE G 521 29.06 13.96 11.04
CA ILE G 521 28.84 12.71 11.75
C ILE G 521 29.76 12.59 12.96
N ASP G 522 31.03 13.01 12.81
CA ASP G 522 31.94 12.98 13.95
C ASP G 522 31.39 13.79 15.13
N ILE G 523 30.89 15.00 14.84
CA ILE G 523 30.35 15.84 15.91
C ILE G 523 29.19 15.14 16.60
N LYS G 524 28.27 14.59 15.81
CA LYS G 524 27.12 13.89 16.36
C LYS G 524 27.54 12.67 17.20
N ILE G 525 28.44 11.85 16.65
CA ILE G 525 28.86 10.61 17.33
C ILE G 525 29.57 10.92 18.64
N GLU G 526 30.43 11.95 18.64
CA GLU G 526 31.11 12.35 19.87
C GLU G 526 30.10 12.74 20.94
N GLY G 527 29.11 13.56 20.58
CA GLY G 527 28.04 13.85 21.51
C GLY G 527 27.29 12.60 21.95
N ASN G 528 26.98 11.72 20.98
CA ASN G 528 26.30 10.47 21.29
C ASN G 528 27.03 9.65 22.34
N ALA G 529 28.35 9.57 22.26
CA ALA G 529 29.09 8.72 23.19
C ALA G 529 28.93 9.23 24.61
N VAL G 530 29.09 10.54 24.81
CA VAL G 530 28.84 11.14 26.12
C VAL G 530 27.45 10.76 26.60
N ILE G 531 26.45 10.92 25.73
CA ILE G 531 25.06 10.67 26.09
C ILE G 531 24.85 9.20 26.41
N GLU G 532 25.49 8.31 25.65
CA GLU G 532 25.35 6.87 25.96
C GLU G 532 25.83 6.57 27.38
N ASN G 533 26.95 7.17 27.79
CA ASN G 533 27.44 7.02 29.16
C ASN G 533 26.43 7.55 30.17
N ILE G 534 25.91 8.75 29.92
CA ILE G 534 24.98 9.34 30.88
C ILE G 534 23.76 8.44 31.07
N CYS G 535 23.20 7.91 29.99
CA CYS G 535 22.02 7.05 30.10
C CYS G 535 22.37 5.75 30.81
N ALA G 536 23.53 5.15 30.48
CA ALA G 536 23.92 3.90 31.13
C ALA G 536 24.11 4.09 32.63
N LYS G 537 24.68 5.23 33.04
CA LYS G 537 24.99 5.43 34.45
C LYS G 537 23.78 5.97 35.23
N HIS G 538 23.00 6.87 34.64
CA HIS G 538 21.94 7.54 35.39
C HIS G 538 20.54 7.12 35.00
N MET G 539 20.39 6.36 33.91
CA MET G 539 19.08 5.84 33.51
C MET G 539 19.06 4.32 33.40
N PRO G 540 19.67 3.57 34.32
CA PRO G 540 19.53 2.11 34.24
C PRO G 540 18.06 1.75 34.34
N CYS G 541 17.68 0.67 33.66
CA CYS G 541 16.28 0.24 33.58
C CYS G 541 16.22 -1.22 34.02
N PRO G 542 16.30 -1.48 35.32
CA PRO G 542 16.28 -2.87 35.80
C PRO G 542 15.04 -3.65 35.44
N LEU G 543 13.86 -3.03 35.37
CA LEU G 543 12.67 -3.78 34.97
C LEU G 543 12.82 -4.29 33.53
N MET G 544 13.12 -3.39 32.59
CA MET G 544 13.31 -3.80 31.21
C MET G 544 14.37 -4.89 31.09
N SER G 545 15.43 -4.80 31.92
CA SER G 545 16.48 -5.81 31.86
C SER G 545 15.96 -7.21 32.17
N THR G 546 14.97 -7.32 33.07
CA THR G 546 14.50 -8.64 33.46
C THR G 546 13.85 -9.39 32.31
N ILE G 547 13.41 -8.70 31.25
CA ILE G 547 12.66 -9.38 30.20
C ILE G 547 13.39 -9.37 28.85
N VAL G 548 14.61 -8.93 28.85
CA VAL G 548 15.37 -8.89 27.65
C VAL G 548 16.60 -9.80 27.65
N ASP G 549 16.61 -10.69 26.69
CA ASP G 549 17.73 -11.55 26.52
C ASP G 549 19.01 -10.85 26.32
N ASP G 550 19.72 -11.48 27.22
CA ASP G 550 20.93 -11.68 27.91
C ASP G 550 21.16 -10.90 29.20
N CYS G 551 20.20 -10.09 29.67
CA CYS G 551 20.59 -9.23 30.79
C CYS G 551 20.82 -10.04 32.07
N ILE G 552 19.91 -10.95 32.40
CA ILE G 552 20.05 -11.74 33.61
C ILE G 552 21.30 -12.62 33.53
N GLU G 553 21.47 -13.32 32.41
CA GLU G 553 22.60 -14.21 32.25
C GLU G 553 23.92 -13.46 32.33
N LYS G 554 24.01 -12.27 31.71
CA LYS G 554 25.22 -11.46 31.74
C LYS G 554 25.41 -10.73 33.06
N GLY G 555 24.38 -10.61 33.87
CA GLY G 555 24.38 -9.72 35.01
C GLY G 555 24.67 -8.30 34.57
N LYS G 556 23.97 -7.84 33.54
CA LYS G 556 24.25 -6.54 32.93
C LYS G 556 22.97 -5.86 32.50
N ASP G 557 22.80 -4.63 32.95
CA ASP G 557 21.59 -3.88 32.68
C ASP G 557 21.43 -3.60 31.19
N TYR G 558 20.17 -3.58 30.76
CA TYR G 558 19.83 -3.30 29.37
C TYR G 558 20.39 -1.96 28.92
N GLN G 559 20.43 -0.96 29.81
CA GLN G 559 20.92 0.35 29.40
C GLN G 559 22.44 0.40 29.25
N ARG G 560 23.18 -0.65 29.56
CA ARG G 560 24.61 -0.57 29.34
C ARG G 560 25.14 -1.79 28.60
N GLY G 561 24.29 -2.46 27.82
CA GLY G 561 24.75 -3.51 26.91
C GLY G 561 24.38 -4.94 27.27
N GLY G 562 23.48 -5.16 28.24
CA GLY G 562 23.08 -6.50 28.58
C GLY G 562 22.34 -7.24 27.47
N ALA G 563 21.72 -6.53 26.54
CA ALA G 563 21.01 -7.20 25.45
C ALA G 563 21.98 -8.04 24.62
N ARG G 564 21.44 -9.10 24.02
CA ARG G 564 22.24 -9.98 23.18
C ARG G 564 22.84 -9.22 22.02
N TYR G 565 22.08 -8.32 21.43
CA TYR G 565 22.51 -7.50 20.31
C TYR G 565 22.40 -6.04 20.69
N ASN G 566 23.33 -5.23 20.18
CA ASN G 566 23.37 -3.81 20.52
C ASN G 566 23.71 -3.01 19.27
N THR G 567 22.78 -2.16 18.86
CA THR G 567 22.99 -1.31 17.70
C THR G 567 22.53 0.11 18.04
N ARG G 568 23.06 1.07 17.31
CA ARG G 568 22.68 2.46 17.44
C ARG G 568 22.55 3.06 16.04
N TYR G 569 21.59 3.97 15.89
CA TYR G 569 21.23 4.50 14.60
C TYR G 569 21.29 6.02 14.59
N ILE G 570 21.63 6.56 13.42
CA ILE G 570 21.36 7.94 13.06
C ILE G 570 20.45 7.90 11.83
N GLN G 571 19.32 8.59 11.91
CA GLN G 571 18.30 8.51 10.88
C GLN G 571 18.53 9.57 9.81
N GLY G 572 18.77 9.13 8.58
CA GLY G 572 19.02 10.07 7.48
C GLY G 572 17.71 10.63 6.95
N VAL G 573 17.66 11.95 6.82
CA VAL G 573 16.46 12.63 6.33
C VAL G 573 16.81 13.36 5.05
N GLY G 574 15.91 13.29 4.06
CA GLY G 574 16.01 14.11 2.87
C GLY G 574 16.74 13.52 1.68
N ILE G 575 16.77 12.20 1.54
CA ILE G 575 17.56 11.59 0.47
C ILE G 575 17.09 12.09 -0.88
N GLY G 576 15.77 12.24 -1.06
CA GLY G 576 15.25 12.74 -2.33
C GLY G 576 15.68 14.16 -2.62
N THR G 577 15.54 15.05 -1.64
CA THR G 577 15.95 16.45 -1.83
C THR G 577 17.42 16.56 -2.24
N ILE G 578 18.30 15.88 -1.50
CA ILE G 578 19.73 16.03 -1.82
C ILE G 578 20.07 15.30 -3.11
N THR G 579 19.43 14.16 -3.38
CA THR G 579 19.64 13.49 -4.66
C THR G 579 19.32 14.42 -5.83
N ASP G 580 18.14 15.03 -5.81
CA ASP G 580 17.77 15.94 -6.90
C ASP G 580 18.68 17.16 -6.96
N SER G 581 19.17 17.61 -5.81
CA SER G 581 20.06 18.79 -5.79
C SER G 581 21.39 18.48 -6.44
N LEU G 582 22.04 17.38 -6.04
CA LEU G 582 23.31 17.01 -6.64
C LEU G 582 23.13 16.61 -8.10
N THR G 583 22.01 15.96 -8.42
CA THR G 583 21.71 15.65 -9.82
C THR G 583 21.61 16.92 -10.66
N ALA G 584 20.95 17.96 -10.13
CA ALA G 584 20.82 19.21 -10.87
C ALA G 584 22.18 19.87 -11.08
N ILE G 585 23.07 19.80 -10.07
CA ILE G 585 24.39 20.40 -10.22
C ILE G 585 25.21 19.65 -11.26
N LYS G 586 25.24 18.32 -11.18
CA LYS G 586 26.01 17.55 -12.15
C LYS G 586 25.49 17.79 -13.57
N TYR G 587 24.16 17.78 -13.74
CA TYR G 587 23.59 17.90 -15.08
C TYR G 587 23.80 19.30 -15.65
N ASN G 588 23.48 20.33 -14.87
CA ASN G 588 23.45 21.68 -15.39
C ASN G 588 24.80 22.38 -15.34
N VAL G 589 25.59 22.14 -14.29
CA VAL G 589 26.89 22.81 -14.16
C VAL G 589 27.99 22.02 -14.87
N PHE G 590 28.09 20.72 -14.64
CA PHE G 590 29.26 20.00 -15.11
C PHE G 590 29.04 19.24 -16.42
N ASP G 591 27.86 18.70 -16.67
CA ASP G 591 27.63 17.89 -17.88
C ASP G 591 27.18 18.77 -19.04
N LYS G 592 25.99 19.36 -18.94
CA LYS G 592 25.48 20.19 -20.01
C LYS G 592 26.02 21.61 -19.97
N LYS G 593 26.58 22.04 -18.85
CA LYS G 593 27.22 23.34 -18.73
C LYS G 593 26.26 24.45 -19.12
N LYS G 594 25.06 24.42 -18.56
CA LYS G 594 24.10 25.48 -18.86
C LYS G 594 24.33 26.73 -18.00
N PHE G 595 24.95 26.58 -16.83
CA PHE G 595 25.34 27.74 -16.02
C PHE G 595 26.46 27.30 -15.08
N ASP G 596 27.12 28.28 -14.46
CA ASP G 596 28.25 27.96 -13.61
C ASP G 596 27.83 27.98 -12.13
N MET G 597 28.77 27.56 -11.28
CA MET G 597 28.50 27.45 -9.85
C MET G 597 28.17 28.80 -9.23
N ASP G 598 28.90 29.84 -9.62
CA ASP G 598 28.68 31.18 -9.07
C ASP G 598 27.26 31.67 -9.34
N THR G 599 26.76 31.44 -10.55
CA THR G 599 25.39 31.84 -10.87
C THR G 599 24.39 31.04 -10.05
N LEU G 600 24.63 29.73 -9.90
CA LEU G 600 23.74 28.91 -9.10
C LEU G 600 23.65 29.43 -7.68
N LEU G 601 24.80 29.76 -7.09
CA LEU G 601 24.83 30.25 -5.71
C LEU G 601 24.12 31.58 -5.59
N LYS G 602 24.28 32.48 -6.57
CA LYS G 602 23.49 33.70 -6.56
C LYS G 602 22.00 33.38 -6.61
N ALA G 603 21.60 32.43 -7.45
CA ALA G 603 20.18 32.05 -7.54
C ALA G 603 19.66 31.54 -6.20
N LEU G 604 20.40 30.66 -5.54
CA LEU G 604 19.96 30.15 -4.24
C LEU G 604 19.86 31.28 -3.21
N ASP G 605 20.85 32.17 -3.17
CA ASP G 605 20.83 33.27 -2.20
C ASP G 605 19.64 34.18 -2.43
N ALA G 606 19.19 34.33 -3.66
CA ALA G 606 18.04 35.18 -3.94
C ALA G 606 16.73 34.41 -3.87
N ASN G 607 16.75 33.17 -3.38
CA ASN G 607 15.55 32.32 -3.39
C ASN G 607 14.97 32.22 -4.80
N PHE G 608 15.85 32.21 -5.82
CA PHE G 608 15.54 32.14 -7.24
C PHE G 608 14.83 33.40 -7.77
N GLU G 609 14.59 34.40 -6.94
CA GLU G 609 14.02 35.66 -7.41
C GLU G 609 14.94 36.33 -8.42
N GLY G 610 14.42 36.55 -9.61
CA GLY G 610 15.23 37.08 -10.68
C GLY G 610 16.09 36.05 -11.37
N TYR G 611 16.04 34.80 -10.94
CA TYR G 611 16.76 33.70 -11.57
C TYR G 611 15.77 32.63 -12.00
N GLU G 612 14.61 33.08 -12.47
CA GLU G 612 13.56 32.18 -12.91
C GLU G 612 14.05 31.23 -14.01
N ALA G 613 15.01 31.65 -14.84
CA ALA G 613 15.49 30.74 -15.87
C ALA G 613 16.23 29.54 -15.26
N ILE G 614 17.07 29.79 -14.25
CA ILE G 614 17.72 28.68 -13.55
C ILE G 614 16.66 27.79 -12.91
N LEU G 615 15.70 28.40 -12.23
CA LEU G 615 14.65 27.65 -11.56
C LEU G 615 13.93 26.72 -12.53
N ASN G 616 13.65 27.20 -13.75
CA ASN G 616 13.03 26.35 -14.76
C ASN G 616 13.94 25.19 -15.12
N LEU G 617 15.24 25.44 -15.28
CA LEU G 617 16.13 24.37 -15.68
C LEU G 617 16.18 23.27 -14.64
N VAL G 618 16.39 23.64 -13.36
CA VAL G 618 16.58 22.63 -12.33
C VAL G 618 15.25 21.94 -11.98
N SER G 619 14.12 22.64 -12.13
CA SER G 619 12.83 22.06 -11.76
C SER G 619 12.22 21.20 -12.87
N ASN G 620 12.33 21.64 -14.13
CA ASN G 620 11.56 21.05 -15.21
C ASN G 620 12.41 20.44 -16.33
N LYS G 621 13.70 20.71 -16.39
CA LYS G 621 14.53 20.21 -17.48
C LYS G 621 15.69 19.38 -16.98
N THR G 622 15.55 18.76 -15.81
CA THR G 622 16.62 18.03 -15.15
C THR G 622 16.12 16.68 -14.64
N PRO G 623 16.93 15.62 -14.76
CA PRO G 623 16.51 14.31 -14.22
C PRO G 623 16.18 14.37 -12.74
N LYS G 624 15.26 13.49 -12.33
CA LYS G 624 14.70 13.47 -10.99
C LYS G 624 14.64 12.07 -10.43
N TYR G 625 14.94 11.94 -9.15
CA TYR G 625 14.79 10.66 -8.44
C TYR G 625 13.33 10.26 -8.42
N GLY G 626 13.08 8.96 -8.53
CA GLY G 626 11.73 8.42 -8.52
C GLY G 626 11.10 8.20 -9.88
N ASN G 627 11.89 8.20 -10.94
CA ASN G 627 11.36 7.96 -12.28
C ASN G 627 12.03 6.76 -12.93
N ASP G 628 12.69 5.91 -12.14
CA ASP G 628 13.48 4.82 -12.69
C ASP G 628 14.49 5.37 -13.70
N ASP G 629 15.01 6.57 -13.44
CA ASP G 629 15.99 7.24 -14.30
C ASP G 629 17.38 7.10 -13.66
N ASP G 630 18.24 6.28 -14.27
CA ASP G 630 19.53 5.96 -13.65
C ASP G 630 20.45 7.16 -13.51
N TYR G 631 20.26 8.21 -14.30
CA TYR G 631 21.10 9.40 -14.13
C TYR G 631 20.96 9.97 -12.73
N ALA G 632 19.72 10.07 -12.25
CA ALA G 632 19.45 10.55 -10.89
C ALA G 632 19.63 9.43 -9.87
N ASP G 633 19.21 8.22 -10.22
CA ASP G 633 19.19 7.15 -9.23
C ASP G 633 20.60 6.69 -8.85
N GLU G 634 21.54 6.78 -9.79
CA GLU G 634 22.92 6.44 -9.43
C GLU G 634 23.50 7.45 -8.45
N ILE G 635 23.07 8.71 -8.54
CA ILE G 635 23.49 9.71 -7.57
C ILE G 635 22.87 9.43 -6.21
N MET G 636 21.58 9.05 -6.19
CA MET G 636 20.97 8.58 -4.96
C MET G 636 21.82 7.49 -4.33
N GLN G 637 22.23 6.50 -5.13
CA GLN G 637 23.00 5.38 -4.61
C GLN G 637 24.32 5.86 -4.02
N GLU G 638 24.99 6.80 -4.70
CA GLU G 638 26.26 7.32 -4.19
C GLU G 638 26.09 8.04 -2.88
N ILE G 639 25.04 8.86 -2.76
CA ILE G 639 24.75 9.54 -1.50
C ILE G 639 24.43 8.54 -0.41
N PHE G 640 23.54 7.58 -0.71
CA PHE G 640 23.20 6.57 0.28
C PHE G 640 24.44 5.79 0.70
N ASN G 641 25.28 5.38 -0.25
CA ASN G 641 26.50 4.65 0.09
C ASN G 641 27.43 5.51 0.96
N ALA G 642 27.55 6.80 0.66
CA ALA G 642 28.41 7.66 1.46
C ALA G 642 27.91 7.76 2.89
N TYR G 643 26.60 7.90 3.06
CA TYR G 643 26.00 7.94 4.40
C TYR G 643 26.21 6.63 5.12
N TYR G 644 25.90 5.51 4.43
CA TYR G 644 26.12 4.19 5.01
C TYR G 644 27.57 3.98 5.43
N ASN G 645 28.51 4.32 4.56
CA ASN G 645 29.93 4.10 4.84
C ASN G 645 30.44 5.00 5.96
N GLU G 646 29.91 6.22 6.07
CA GLU G 646 30.40 7.14 7.09
C GLU G 646 29.94 6.73 8.50
N VAL G 647 28.77 6.13 8.63
CA VAL G 647 28.18 5.81 9.92
C VAL G 647 28.44 4.37 10.33
N THR G 648 28.26 3.41 9.43
CA THR G 648 28.15 2.01 9.82
C THR G 648 29.49 1.44 10.29
N GLY G 649 29.44 0.70 11.39
CA GLY G 649 30.61 0.06 11.96
C GLY G 649 31.35 0.87 13.00
N ARG G 650 31.02 2.14 13.18
CA ARG G 650 31.59 2.88 14.31
C ARG G 650 31.17 2.23 15.63
N PRO G 651 32.07 2.13 16.61
CA PRO G 651 31.72 1.44 17.86
C PRO G 651 30.80 2.28 18.74
N THR G 652 29.95 1.60 19.48
CA THR G 652 29.23 2.23 20.57
C THR G 652 29.98 1.99 21.87
N VAL G 653 29.64 2.79 22.88
CA VAL G 653 30.35 2.71 24.16
C VAL G 653 30.12 1.35 24.82
N CYS G 654 28.92 0.80 24.71
CA CYS G 654 28.60 -0.41 25.45
C CYS G 654 28.74 -1.69 24.62
N GLY G 655 29.56 -1.67 23.58
CA GLY G 655 29.97 -2.89 22.91
C GLY G 655 29.23 -3.28 21.64
N GLY G 656 28.43 -2.38 21.05
CA GLY G 656 27.78 -2.62 19.79
C GLY G 656 28.39 -1.79 18.69
N GLU G 657 27.59 -1.53 17.65
CA GLU G 657 28.05 -0.69 16.55
C GLU G 657 26.92 0.18 16.00
N TYR G 658 27.32 1.25 15.33
CA TYR G 658 26.40 2.13 14.65
C TYR G 658 25.99 1.56 13.29
N ARG G 659 24.73 1.81 12.94
CA ARG G 659 24.14 1.48 11.66
C ARG G 659 23.21 2.62 11.25
N VAL G 660 22.56 2.46 10.11
CA VAL G 660 21.93 3.57 9.42
C VAL G 660 20.48 3.19 9.12
N ASP G 661 19.57 4.19 9.20
CA ASP G 661 18.20 4.02 8.70
C ASP G 661 17.73 5.34 8.10
N MET G 662 16.55 5.31 7.48
CA MET G 662 16.06 6.45 6.70
C MET G 662 14.58 6.65 7.01
N LEU G 663 14.30 7.59 7.91
CA LEU G 663 12.93 7.95 8.24
C LEU G 663 12.94 9.35 8.85
N PRO G 664 11.82 10.08 8.75
CA PRO G 664 11.80 11.48 9.20
C PRO G 664 10.88 11.82 10.37
N THR G 665 9.84 11.00 10.60
CA THR G 665 8.70 11.41 11.42
C THR G 665 8.25 12.82 10.99
N THR G 666 8.32 13.83 11.84
CA THR G 666 7.99 15.20 11.40
C THR G 666 9.22 16.08 11.22
N CYS G 667 10.41 15.49 11.31
CA CYS G 667 11.65 16.26 11.26
C CYS G 667 11.97 16.77 9.86
N HIS G 668 11.36 16.21 8.82
CA HIS G 668 11.61 16.77 7.50
C HIS G 668 11.01 18.16 7.35
N ILE G 669 10.00 18.48 8.16
CA ILE G 669 9.44 19.83 8.18
C ILE G 669 10.46 20.79 8.80
N TYR G 670 10.91 20.48 10.01
CA TYR G 670 11.90 21.30 10.70
C TYR G 670 13.18 21.45 9.89
N PHE G 671 13.70 20.35 9.35
CA PHE G 671 14.95 20.40 8.60
C PHE G 671 14.84 21.29 7.37
N GLY G 672 13.67 21.32 6.72
CA GLY G 672 13.48 22.25 5.62
C GLY G 672 13.24 23.68 6.06
N GLU G 673 12.56 23.87 7.19
CA GLU G 673 12.27 25.22 7.67
C GLU G 673 13.54 26.01 7.93
N ILE G 674 14.60 25.37 8.42
CA ILE G 674 15.82 26.09 8.77
C ILE G 674 16.87 25.92 7.68
N MET G 675 16.42 25.66 6.47
CA MET G 675 17.31 25.55 5.32
C MET G 675 16.90 26.55 4.24
N GLY G 676 17.89 27.07 3.52
CA GLY G 676 17.64 27.94 2.39
C GLY G 676 17.21 27.16 1.16
N ALA G 677 17.12 27.88 0.04
CA ALA G 677 16.78 27.23 -1.21
C ALA G 677 17.83 26.19 -1.59
N SER G 678 17.41 25.13 -2.27
CA SER G 678 18.34 24.08 -2.67
C SER G 678 18.40 23.94 -4.19
N PRO G 679 19.49 23.36 -4.70
CA PRO G 679 19.72 23.37 -6.15
C PRO G 679 18.67 22.65 -6.99
N ASN G 680 17.87 21.76 -6.41
CA ASN G 680 16.85 21.07 -7.19
C ASN G 680 15.67 21.98 -7.53
N GLY G 681 15.65 23.18 -6.97
CA GLY G 681 14.54 24.10 -7.17
C GLY G 681 13.63 24.26 -5.97
N ARG G 682 13.82 23.49 -4.91
CA ARG G 682 13.09 23.72 -3.67
C ARG G 682 13.43 25.08 -3.07
N LEU G 683 12.42 25.82 -2.65
CA LEU G 683 12.61 27.19 -2.19
C LEU G 683 12.97 27.23 -0.70
N CYS G 684 13.41 28.41 -0.26
CA CYS G 684 13.85 28.61 1.11
C CYS G 684 12.74 28.26 2.11
N ALA G 685 13.13 27.53 3.17
CA ALA G 685 12.28 27.14 4.30
C ALA G 685 11.18 26.13 3.95
N LYS G 686 11.16 25.60 2.74
CA LYS G 686 10.22 24.51 2.48
C LYS G 686 10.70 23.20 3.10
N PRO G 687 9.78 22.29 3.44
CA PRO G 687 10.20 20.97 3.93
C PRO G 687 11.17 20.29 2.96
N VAL G 688 12.02 19.42 3.50
CA VAL G 688 12.78 18.52 2.64
C VAL G 688 11.92 17.28 2.44
N SER G 689 12.34 16.37 1.55
CA SER G 689 11.54 15.20 1.25
C SER G 689 11.45 14.26 2.45
N GLU G 690 10.36 13.48 2.50
CA GLU G 690 10.06 12.54 3.57
C GLU G 690 10.43 11.10 3.22
N GLY G 691 11.00 10.40 4.20
CA GLY G 691 11.48 9.05 4.01
C GLY G 691 12.42 8.95 2.84
N ILE G 692 12.26 7.88 2.06
CA ILE G 692 12.96 7.75 0.79
C ILE G 692 12.03 8.08 -0.39
N SER G 693 10.95 8.82 -0.11
CA SER G 693 10.00 9.19 -1.13
C SER G 693 10.59 10.23 -2.07
N PRO G 694 10.02 10.38 -3.27
CA PRO G 694 10.48 11.43 -4.17
C PRO G 694 10.24 12.83 -3.61
N GLU G 695 11.01 13.78 -4.14
CA GLU G 695 10.77 15.19 -3.86
C GLU G 695 9.41 15.60 -4.39
N LYS G 696 8.93 16.75 -3.92
CA LYS G 696 7.66 17.28 -4.38
C LYS G 696 7.70 17.55 -5.88
N GLY G 697 6.73 16.97 -6.60
CA GLY G 697 6.68 17.05 -8.05
C GLY G 697 7.76 16.29 -8.79
N GLY G 698 8.58 15.51 -8.09
CA GLY G 698 9.71 14.87 -8.73
C GLY G 698 9.38 13.64 -9.56
N ASP G 699 8.46 12.81 -9.08
CA ASP G 699 8.11 11.55 -9.73
C ASP G 699 6.93 11.79 -10.66
N THR G 700 7.16 11.66 -11.97
CA THR G 700 6.12 11.94 -12.95
C THR G 700 5.83 10.75 -13.84
N ASN G 701 6.24 9.55 -13.46
CA ASN G 701 6.10 8.38 -14.30
C ASN G 701 5.32 7.25 -13.61
N GLY G 702 4.60 7.55 -12.54
CA GLY G 702 3.76 6.57 -11.91
C GLY G 702 4.44 5.81 -10.78
N PRO G 703 3.64 5.00 -10.08
CA PRO G 703 4.14 4.33 -8.87
C PRO G 703 5.07 3.17 -9.12
N THR G 704 4.95 2.48 -10.26
CA THR G 704 5.91 1.43 -10.55
C THR G 704 7.30 2.02 -10.74
N ALA G 705 7.39 3.18 -11.38
CA ALA G 705 8.67 3.81 -11.56
C ALA G 705 9.28 4.20 -10.20
N VAL G 706 8.46 4.63 -9.25
CA VAL G 706 9.06 5.04 -7.97
C VAL G 706 9.50 3.82 -7.17
N ILE G 707 8.73 2.72 -7.20
CA ILE G 707 9.25 1.58 -6.44
C ILE G 707 10.51 1.02 -7.10
N LYS G 708 10.63 1.14 -8.42
CA LYS G 708 11.88 0.73 -9.07
C LYS G 708 13.05 1.61 -8.65
N SER G 709 12.85 2.92 -8.53
CA SER G 709 13.90 3.80 -8.03
C SER G 709 14.27 3.45 -6.59
N CYS G 710 13.27 3.29 -5.73
CA CYS G 710 13.54 3.01 -4.33
C CYS G 710 14.27 1.69 -4.14
N ALA G 711 14.00 0.71 -5.01
CA ALA G 711 14.63 -0.59 -4.91
C ALA G 711 16.11 -0.56 -5.24
N LYS G 712 16.62 0.52 -5.83
CA LYS G 712 18.03 0.65 -6.12
C LYS G 712 18.83 1.01 -4.88
N MET G 713 18.16 1.43 -3.81
CA MET G 713 18.80 1.57 -2.50
C MET G 713 18.93 0.20 -1.88
N ASP G 714 20.07 -0.07 -1.25
CA ASP G 714 20.27 -1.41 -0.66
C ASP G 714 19.65 -1.43 0.73
N HIS G 715 18.35 -1.78 0.77
CA HIS G 715 17.64 -1.79 2.05
C HIS G 715 18.28 -2.77 3.02
N ILE G 716 18.89 -3.85 2.52
CA ILE G 716 19.43 -4.87 3.43
C ILE G 716 20.53 -4.27 4.32
N LYS G 717 21.22 -3.23 3.86
CA LYS G 717 22.30 -2.62 4.64
C LYS G 717 21.82 -1.60 5.67
N THR G 718 20.52 -1.42 5.83
CA THR G 718 19.95 -0.49 6.79
C THR G 718 19.19 -1.25 7.89
N GLY G 719 18.74 -0.49 8.88
CA GLY G 719 17.76 -0.98 9.83
C GLY G 719 16.37 -0.48 9.50
N GLY G 720 16.12 -0.23 8.22
CA GLY G 720 14.80 0.17 7.77
C GLY G 720 14.74 1.50 7.02
N THR G 721 13.85 1.56 6.04
CA THR G 721 13.61 2.75 5.24
C THR G 721 12.10 2.94 5.10
N LEU G 722 11.67 4.20 4.92
CA LEU G 722 10.26 4.57 4.93
C LEU G 722 9.82 5.15 3.58
N LEU G 723 8.82 4.54 2.95
CA LEU G 723 8.28 5.03 1.68
C LEU G 723 6.78 5.33 1.84
N ASN G 724 6.42 6.59 1.64
CA ASN G 724 5.02 6.99 1.50
C ASN G 724 4.62 6.98 0.03
N GLN G 725 3.45 6.41 -0.26
CA GLN G 725 2.82 6.57 -1.56
C GLN G 725 1.35 6.93 -1.36
N ARG G 726 0.80 7.62 -2.35
CA ARG G 726 -0.55 8.15 -2.27
C ARG G 726 -1.29 7.85 -3.57
N PHE G 727 -2.54 7.41 -3.46
CA PHE G 727 -3.35 7.04 -4.63
C PHE G 727 -4.62 7.85 -4.71
N ALA G 728 -5.02 8.16 -5.93
CA ALA G 728 -6.34 8.72 -6.16
C ALA G 728 -7.41 7.75 -5.64
N PRO G 729 -8.41 8.22 -4.89
CA PRO G 729 -9.42 7.30 -4.38
C PRO G 729 -10.13 6.52 -5.49
N SER G 730 -10.23 7.08 -6.69
CA SER G 730 -10.98 6.39 -7.73
C SER G 730 -10.26 5.16 -8.26
N VAL G 731 -8.92 5.11 -8.17
CA VAL G 731 -8.18 4.02 -8.80
C VAL G 731 -7.96 2.83 -7.86
N VAL G 732 -8.38 2.91 -6.60
CA VAL G 732 -8.27 1.77 -5.69
C VAL G 732 -9.62 1.13 -5.38
N GLN G 733 -10.68 1.54 -6.07
CA GLN G 733 -12.01 1.00 -5.82
C GLN G 733 -12.18 -0.37 -6.47
N GLY G 734 -13.03 -1.19 -5.86
CA GLY G 734 -13.41 -2.49 -6.43
C GLY G 734 -12.33 -3.55 -6.31
N GLU G 735 -12.62 -4.73 -6.89
CA GLU G 735 -11.65 -5.82 -6.83
C GLU G 735 -10.38 -5.48 -7.59
N LYS G 736 -10.53 -4.89 -8.78
CA LYS G 736 -9.36 -4.48 -9.54
C LYS G 736 -8.48 -3.51 -8.76
N GLY G 737 -9.09 -2.61 -8.01
CA GLY G 737 -8.31 -1.68 -7.19
C GLY G 737 -7.52 -2.37 -6.10
N LEU G 738 -8.16 -3.30 -5.37
CA LEU G 738 -7.43 -4.07 -4.38
C LEU G 738 -6.26 -4.83 -5.01
N ASP G 739 -6.51 -5.47 -6.14
CA ASP G 739 -5.45 -6.25 -6.76
C ASP G 739 -4.29 -5.33 -7.13
N ASN G 740 -4.59 -4.13 -7.62
CA ASN G 740 -3.50 -3.24 -7.98
C ASN G 740 -2.68 -2.84 -6.77
N MET G 741 -3.34 -2.57 -5.64
CA MET G 741 -2.59 -2.29 -4.41
C MET G 741 -1.76 -3.48 -3.98
N ALA G 742 -2.38 -4.65 -3.88
CA ALA G 742 -1.66 -5.86 -3.48
C ALA G 742 -0.49 -6.14 -4.40
N ASN G 743 -0.70 -5.96 -5.72
CA ASN G 743 0.36 -6.21 -6.68
C ASN G 743 1.52 -5.23 -6.52
N LEU G 744 1.25 -3.97 -6.22
CA LEU G 744 2.34 -3.01 -6.03
C LEU G 744 3.18 -3.39 -4.81
N VAL G 745 2.53 -3.78 -3.72
CA VAL G 745 3.27 -4.23 -2.55
C VAL G 745 4.15 -5.42 -2.89
N ARG G 746 3.56 -6.43 -3.53
CA ARG G 746 4.32 -7.63 -3.90
C ARG G 746 5.47 -7.30 -4.83
N ALA G 747 5.25 -6.39 -5.78
CA ALA G 747 6.30 -6.02 -6.72
C ALA G 747 7.48 -5.37 -5.99
N TYR G 748 7.19 -4.40 -5.13
CA TYR G 748 8.26 -3.73 -4.39
C TYR G 748 9.00 -4.73 -3.50
N PHE G 749 8.26 -5.59 -2.79
CA PHE G 749 8.90 -6.52 -1.87
C PHE G 749 9.69 -7.58 -2.62
N ASN G 750 9.24 -7.96 -3.82
CA ASN G 750 10.04 -8.88 -4.60
C ASN G 750 11.36 -8.27 -5.05
N MET G 751 11.48 -6.95 -5.03
CA MET G 751 12.76 -6.29 -5.25
C MET G 751 13.52 -5.98 -3.97
N ASP G 752 13.07 -6.56 -2.84
CA ASP G 752 13.69 -6.39 -1.52
C ASP G 752 13.50 -4.99 -0.96
N GLY G 753 12.47 -4.28 -1.39
CA GLY G 753 12.06 -3.08 -0.69
C GLY G 753 11.61 -3.38 0.72
N HIS G 754 11.85 -2.43 1.62
CA HIS G 754 11.64 -2.69 3.04
C HIS G 754 10.20 -2.46 3.50
N HIS G 755 9.58 -1.39 3.05
CA HIS G 755 8.36 -0.86 3.66
C HIS G 755 7.61 -0.02 2.64
N ILE G 756 6.28 -0.05 2.70
CA ILE G 756 5.45 0.90 1.96
C ILE G 756 4.17 1.11 2.77
N GLN G 757 3.63 2.32 2.69
CA GLN G 757 2.38 2.68 3.33
C GLN G 757 1.68 3.72 2.46
N PHE G 758 0.35 3.77 2.56
CA PHE G 758 -0.49 4.47 1.60
C PHE G 758 -1.39 5.51 2.25
N ASN G 759 -1.48 6.68 1.59
CA ASN G 759 -2.58 7.62 1.75
C ASN G 759 -3.57 7.41 0.60
N VAL G 760 -4.86 7.50 0.92
CA VAL G 760 -5.92 7.51 -0.08
C VAL G 760 -6.95 8.54 0.35
N PHE G 761 -6.81 9.77 -0.14
CA PHE G 761 -7.74 10.81 0.30
C PHE G 761 -8.17 11.67 -0.88
N ASP G 762 -9.30 12.32 -0.69
CA ASP G 762 -9.79 13.38 -1.56
C ASP G 762 -9.09 14.67 -1.17
N LYS G 763 -8.28 15.20 -2.09
CA LYS G 763 -7.57 16.46 -1.86
C LYS G 763 -8.51 17.56 -1.37
N ASN G 764 -9.71 17.63 -1.95
CA ASN G 764 -10.65 18.69 -1.58
C ASN G 764 -11.14 18.54 -0.16
N VAL G 765 -11.23 17.32 0.36
CA VAL G 765 -11.57 17.15 1.76
C VAL G 765 -10.53 17.80 2.65
N LEU G 766 -9.24 17.56 2.36
CA LEU G 766 -8.19 18.14 3.18
C LEU G 766 -8.17 19.67 3.06
N LEU G 767 -8.34 20.18 1.85
CA LEU G 767 -8.37 21.64 1.68
C LEU G 767 -9.54 22.25 2.45
N GLU G 768 -10.70 21.59 2.41
CA GLU G 768 -11.83 22.11 3.20
C GLU G 768 -11.55 22.04 4.69
N ALA G 769 -10.88 20.97 5.14
CA ALA G 769 -10.55 20.84 6.54
C ALA G 769 -9.62 21.97 7.00
N GLN G 770 -8.74 22.46 6.13
CA GLN G 770 -7.91 23.59 6.51
C GLN G 770 -8.74 24.85 6.72
N LYS G 771 -9.79 25.01 5.91
CA LYS G 771 -10.65 26.19 6.04
C LYS G 771 -11.61 26.09 7.21
N ASN G 772 -12.07 24.90 7.55
CA ASN G 772 -13.08 24.72 8.60
C ASN G 772 -12.75 23.51 9.45
N PRO G 773 -11.69 23.60 10.27
CA PRO G 773 -11.24 22.44 11.05
C PRO G 773 -12.28 21.86 11.98
N GLN G 774 -13.17 22.69 12.52
CA GLN G 774 -14.16 22.21 13.48
C GLN G 774 -15.05 21.11 12.88
N ASP G 775 -15.25 21.09 11.56
CA ASP G 775 -16.11 20.09 10.94
C ASP G 775 -15.35 18.85 10.48
N TYR G 776 -14.03 18.78 10.70
CA TYR G 776 -13.20 17.68 10.22
C TYR G 776 -12.33 17.11 11.33
N LYS G 777 -12.88 17.08 12.55
CA LYS G 777 -12.15 16.55 13.70
C LYS G 777 -11.87 15.07 13.58
N ASP G 778 -12.61 14.35 12.74
CA ASP G 778 -12.44 12.91 12.58
C ASP G 778 -11.47 12.55 11.46
N LEU G 779 -10.96 13.53 10.72
CA LEU G 779 -10.15 13.26 9.55
C LEU G 779 -8.75 12.79 9.97
N ILE G 780 -8.39 11.59 9.54
CA ILE G 780 -7.10 10.95 9.85
C ILE G 780 -6.36 10.69 8.55
N VAL G 781 -5.06 10.99 8.52
CA VAL G 781 -4.24 10.78 7.33
C VAL G 781 -2.94 10.09 7.76
N ARG G 782 -2.19 9.61 6.77
CA ARG G 782 -0.88 9.02 7.01
C ARG G 782 0.18 10.11 6.97
N VAL G 783 1.04 10.17 7.98
CA VAL G 783 2.11 11.15 8.04
C VAL G 783 3.41 10.51 7.56
N ALA G 784 4.14 9.88 8.48
CA ALA G 784 5.37 9.17 8.08
C ALA G 784 5.66 8.10 9.13
N GLY G 785 5.23 6.88 8.86
CA GLY G 785 5.36 5.78 9.79
C GLY G 785 4.30 5.73 10.86
N TYR G 786 3.29 6.59 10.78
CA TYR G 786 2.19 6.62 11.73
C TYR G 786 1.06 7.43 11.12
N SER G 787 -0.12 7.29 11.71
CA SER G 787 -1.31 8.04 11.33
C SER G 787 -1.67 9.05 12.42
N ASP G 788 -2.28 10.16 11.99
CA ASP G 788 -2.66 11.20 12.95
C ASP G 788 -3.85 11.98 12.43
N HIS G 789 -4.53 12.66 13.34
CA HIS G 789 -5.59 13.58 12.96
C HIS G 789 -4.99 14.72 12.17
N PHE G 790 -5.60 15.01 11.03
CA PHE G 790 -5.20 16.12 10.18
C PHE G 790 -5.14 17.43 10.96
N ASN G 791 -6.09 17.63 11.88
CA ASN G 791 -6.12 18.86 12.67
C ASN G 791 -4.97 18.96 13.66
N ASN G 792 -4.27 17.86 13.95
CA ASN G 792 -3.12 17.91 14.84
C ASN G 792 -1.85 18.37 14.14
N LEU G 793 -1.92 18.62 12.83
CA LEU G 793 -0.74 18.93 12.04
C LEU G 793 -0.66 20.42 11.75
N SER G 794 0.56 20.95 11.78
CA SER G 794 0.79 22.33 11.38
C SER G 794 0.40 22.53 9.92
N ARG G 795 0.18 23.78 9.55
CA ARG G 795 -0.16 24.11 8.17
C ARG G 795 0.92 23.63 7.19
N THR G 796 2.19 23.80 7.55
CA THR G 796 3.27 23.37 6.68
C THR G 796 3.24 21.86 6.47
N LEU G 797 2.98 21.11 7.53
CA LEU G 797 2.93 19.65 7.41
C LEU G 797 1.69 19.21 6.63
N GLN G 798 0.54 19.84 6.90
CA GLN G 798 -0.65 19.59 6.10
C GLN G 798 -0.36 19.79 4.62
N ASP G 799 0.29 20.91 4.27
CA ASP G 799 0.60 21.21 2.88
C ASP G 799 1.61 20.22 2.30
N GLU G 800 2.51 19.70 3.14
CA GLU G 800 3.44 18.68 2.68
C GLU G 800 2.70 17.45 2.21
N ILE G 801 1.75 16.99 3.03
CA ILE G 801 0.97 15.80 2.70
C ILE G 801 0.11 16.02 1.46
N ILE G 802 -0.55 17.17 1.37
CA ILE G 802 -1.38 17.48 0.20
C ILE G 802 -0.55 17.52 -1.07
N GLY G 803 0.71 17.94 -0.97
CA GLY G 803 1.58 18.02 -2.11
C GLY G 803 2.19 16.73 -2.58
N ARG G 804 2.03 15.63 -1.84
CA ARG G 804 2.56 14.36 -2.30
C ARG G 804 1.84 13.92 -3.57
N THR G 805 2.58 13.24 -4.43
CA THR G 805 2.07 12.91 -5.76
C THR G 805 0.87 11.98 -5.68
N GLU G 806 -0.22 12.35 -6.35
CA GLU G 806 -1.41 11.51 -6.38
C GLU G 806 -1.25 10.50 -7.52
N GLN G 807 -0.95 9.25 -7.17
CA GLN G 807 -0.62 8.26 -8.18
C GLN G 807 -1.88 7.63 -8.77
N THR G 808 -1.77 7.20 -10.01
CA THR G 808 -2.75 6.33 -10.64
C THR G 808 -2.04 5.07 -11.10
N PHE G 809 -2.82 4.01 -11.23
CA PHE G 809 -2.35 2.78 -11.85
C PHE G 809 -2.54 2.84 -13.37
N MET H 21 67.13 24.62 78.81
CA MET H 21 66.92 23.21 78.90
C MET H 21 65.63 22.67 78.23
N ALA H 22 64.81 23.50 77.66
CA ALA H 22 63.64 23.00 76.95
C ALA H 22 64.10 22.61 75.54
N ARG H 23 63.43 21.63 74.98
CA ARG H 23 63.74 21.11 73.65
C ARG H 23 63.35 22.09 72.55
N GLY H 24 64.21 22.20 71.55
CA GLY H 24 64.09 23.18 70.49
C GLY H 24 65.37 24.01 70.43
N THR H 25 65.91 24.13 69.23
CA THR H 25 67.17 24.84 69.10
C THR H 25 67.01 26.35 69.17
N PHE H 26 65.83 26.85 68.82
CA PHE H 26 65.60 28.29 68.78
C PHE H 26 64.44 28.63 69.69
N GLU H 27 64.40 29.89 70.15
CA GLU H 27 63.32 30.28 71.06
C GLU H 27 61.97 30.08 70.39
N ARG H 28 61.90 30.36 69.08
CA ARG H 28 60.68 30.10 68.33
C ARG H 28 60.25 28.64 68.45
N THR H 29 61.18 27.71 68.20
CA THR H 29 60.79 26.31 68.15
C THR H 29 60.64 25.70 69.53
N LYS H 30 61.31 26.25 70.55
CA LYS H 30 60.99 25.85 71.92
C LYS H 30 59.53 26.19 72.26
N LYS H 31 59.07 27.38 71.87
CA LYS H 31 57.70 27.78 72.13
C LYS H 31 56.69 26.92 71.37
N LEU H 32 56.95 26.69 70.07
CA LEU H 32 56.04 25.88 69.27
C LEU H 32 55.95 24.45 69.80
N ARG H 33 57.08 23.88 70.23
CA ARG H 33 57.07 22.52 70.75
C ARG H 33 56.27 22.42 72.04
N GLU H 34 56.42 23.40 72.92
CA GLU H 34 55.68 23.36 74.18
C GLU H 34 54.19 23.48 73.92
N GLU H 35 53.78 24.33 72.98
CA GLU H 35 52.38 24.33 72.58
C GLU H 35 51.93 22.96 72.09
N SER H 36 52.75 22.31 71.26
CA SER H 36 52.36 21.04 70.65
C SER H 36 52.16 19.96 71.70
N ILE H 37 53.10 19.79 72.62
CA ILE H 37 53.01 18.68 73.56
C ILE H 37 51.95 18.90 74.63
N ASN H 38 51.49 20.13 74.83
CA ASN H 38 50.45 20.42 75.81
C ASN H 38 49.04 20.46 75.21
N ALA H 39 48.91 20.37 73.89
CA ALA H 39 47.59 20.42 73.25
C ALA H 39 46.78 19.17 73.58
N GLU H 40 45.56 19.38 73.96
CA GLU H 40 44.77 18.22 74.33
C GLU H 40 44.06 17.63 73.11
N PRO H 41 44.03 16.30 73.00
CA PRO H 41 43.37 15.67 71.84
C PRO H 41 41.86 15.85 71.91
N HIS H 42 41.29 16.29 70.79
CA HIS H 42 39.87 16.55 70.73
C HIS H 42 39.41 16.43 69.27
N ILE H 43 38.10 16.34 69.08
CA ILE H 43 37.58 16.28 67.72
C ILE H 43 37.10 17.65 67.31
N SER H 44 37.25 17.93 66.03
CA SER H 44 36.83 19.18 65.39
C SER H 44 35.70 18.85 64.42
N ILE H 45 34.51 19.43 64.66
CA ILE H 45 33.32 19.06 63.89
C ILE H 45 33.15 19.89 62.61
N GLU H 46 33.99 20.90 62.38
CA GLU H 46 33.75 21.83 61.28
C GLU H 46 33.81 21.14 59.92
N ARG H 47 34.78 20.25 59.72
CA ARG H 47 34.89 19.59 58.43
C ARG H 47 33.60 18.85 58.10
N ALA H 48 33.07 18.11 59.07
CA ALA H 48 31.84 17.35 58.83
C ALA H 48 30.69 18.27 58.46
N VAL H 49 30.59 19.43 59.10
CA VAL H 49 29.51 20.37 58.76
C VAL H 49 29.66 20.86 57.33
N LEU H 50 30.88 21.23 56.95
CA LEU H 50 31.10 21.77 55.61
C LEU H 50 30.89 20.72 54.52
N MET H 51 31.28 19.46 54.76
CA MET H 51 31.03 18.41 53.79
C MET H 51 29.55 18.14 53.64
N THR H 52 28.80 18.21 54.74
CA THR H 52 27.35 18.08 54.69
C THR H 52 26.74 19.16 53.82
N GLU H 53 27.15 20.42 54.03
CA GLU H 53 26.66 21.50 53.19
C GLU H 53 26.95 21.24 51.71
N ALA H 54 28.16 20.75 51.40
CA ALA H 54 28.54 20.54 50.01
C ALA H 54 27.71 19.44 49.36
N TYR H 55 27.50 18.33 50.07
CA TYR H 55 26.68 17.26 49.50
C TYR H 55 25.24 17.72 49.30
N LYS H 56 24.67 18.42 50.29
CA LYS H 56 23.31 18.92 50.12
C LYS H 56 23.20 19.84 48.90
N LYS H 57 24.26 20.56 48.60
CA LYS H 57 24.27 21.45 47.44
C LYS H 57 24.47 20.68 46.14
N TYR H 58 25.35 19.67 46.12
CA TYR H 58 25.84 19.11 44.86
C TYR H 58 25.47 17.67 44.59
N GLU H 59 25.15 16.88 45.62
CA GLU H 59 24.91 15.47 45.41
C GLU H 59 23.76 15.26 44.43
N GLY H 60 23.97 14.38 43.45
CA GLY H 60 22.96 14.09 42.45
C GLY H 60 23.04 14.93 41.20
N SER H 61 23.88 15.97 41.18
CA SER H 61 24.03 16.82 40.01
C SER H 61 25.34 16.60 39.27
N VAL H 62 26.28 15.85 39.83
CA VAL H 62 27.59 15.63 39.22
C VAL H 62 27.97 14.19 39.51
N GLU H 63 28.95 13.69 38.75
CA GLU H 63 29.51 12.38 39.04
C GLU H 63 30.31 12.44 40.36
N ILE H 64 30.49 11.28 40.98
CA ILE H 64 31.07 11.24 42.33
C ILE H 64 32.45 11.87 42.40
N PRO H 65 33.37 11.64 41.45
CA PRO H 65 34.68 12.32 41.57
C PRO H 65 34.56 13.83 41.62
N VAL H 66 33.72 14.42 40.77
CA VAL H 66 33.50 15.86 40.80
C VAL H 66 32.84 16.27 42.11
N LEU H 67 31.89 15.46 42.61
CA LEU H 67 31.27 15.76 43.91
C LEU H 67 32.31 15.87 45.02
N ARG H 68 33.25 14.91 45.07
CA ARG H 68 34.28 14.96 46.10
C ARG H 68 35.16 16.19 45.95
N ALA H 69 35.55 16.51 44.71
CA ALA H 69 36.41 17.66 44.48
C ALA H 69 35.70 18.97 44.85
N LEU H 70 34.43 19.11 44.48
CA LEU H 70 33.65 20.31 44.84
C LEU H 70 33.48 20.41 46.35
N SER H 71 33.28 19.27 47.03
CA SER H 71 33.11 19.27 48.48
C SER H 71 34.41 19.67 49.17
N PHE H 72 35.53 19.13 48.71
CA PHE H 72 36.83 19.56 49.21
C PHE H 72 37.01 21.05 48.99
N LYS H 73 36.68 21.53 47.79
CA LYS H 73 36.83 22.94 47.51
C LYS H 73 35.95 23.78 48.42
N HIS H 74 34.69 23.37 48.61
CA HIS H 74 33.81 24.08 49.51
C HIS H 74 34.40 24.14 50.92
N TYR H 75 34.95 23.02 51.37
CA TYR H 75 35.59 22.94 52.68
C TYR H 75 36.79 23.89 52.77
N ILE H 76 37.66 23.87 51.77
CA ILE H 76 38.83 24.74 51.80
C ILE H 76 38.42 26.20 51.78
N GLU H 77 37.39 26.54 50.99
CA GLU H 77 36.91 27.92 50.88
C GLU H 77 36.37 28.45 52.20
N ASN H 78 35.73 27.61 53.00
CA ASN H 78 34.93 28.11 54.11
C ASN H 78 35.41 27.69 55.49
N ARG H 79 36.42 26.83 55.59
CA ARG H 79 36.88 26.40 56.90
C ARG H 79 37.59 27.55 57.62
N THR H 80 37.56 27.50 58.93
CA THR H 80 38.31 28.47 59.72
C THR H 80 39.80 28.10 59.73
N LEU H 81 40.63 29.11 59.57
CA LEU H 81 42.08 28.97 59.51
C LEU H 81 42.72 29.55 60.77
N SER H 82 43.88 29.01 61.15
CA SER H 82 44.60 29.51 62.32
C SER H 82 46.10 29.52 62.05
N ILE H 83 46.76 30.49 62.66
CA ILE H 83 48.22 30.63 62.66
C ILE H 83 48.65 30.66 64.11
N ASN H 84 49.51 29.73 64.50
CA ASN H 84 49.94 29.64 65.88
C ASN H 84 51.10 30.60 66.12
N ASP H 85 51.25 31.01 67.37
CA ASP H 85 52.24 32.01 67.73
C ASP H 85 53.66 31.51 67.46
N GLY H 86 54.38 32.22 66.59
CA GLY H 86 55.75 31.90 66.27
C GLY H 86 55.96 31.02 65.06
N GLU H 87 54.89 30.59 64.40
CA GLU H 87 55.01 29.70 63.26
C GLU H 87 55.73 30.37 62.09
N LEU H 88 56.49 29.55 61.37
CA LEU H 88 56.98 29.87 60.03
C LEU H 88 56.31 29.05 58.95
N ILE H 89 55.88 27.83 59.29
CA ILE H 89 55.11 26.97 58.41
C ILE H 89 53.69 26.92 58.98
N VAL H 90 52.70 27.10 58.13
CA VAL H 90 51.31 27.22 58.59
C VAL H 90 50.44 26.12 57.99
N GLY H 91 49.36 25.81 58.71
CA GLY H 91 48.39 24.80 58.30
C GLY H 91 48.08 23.82 59.41
N GLU H 92 46.81 23.66 59.75
CA GLU H 92 46.33 22.70 60.73
C GLU H 92 45.18 21.91 60.11
N LYS H 93 45.10 20.60 60.40
CA LYS H 93 43.96 19.83 59.89
C LYS H 93 42.67 20.28 60.56
N GLY H 94 42.69 20.44 61.88
CA GLY H 94 41.52 20.82 62.62
C GLY H 94 41.53 22.28 63.00
N ASP H 95 40.76 22.60 64.03
CA ASP H 95 40.58 23.98 64.48
C ASP H 95 41.82 24.50 65.22
N SER H 96 42.57 23.61 65.85
CA SER H 96 43.73 23.96 66.67
C SER H 96 44.60 22.73 66.76
N PRO H 97 45.80 22.85 67.33
CA PRO H 97 46.69 21.68 67.48
C PRO H 97 46.00 20.54 68.22
N ASN H 98 46.26 19.32 67.76
CA ASN H 98 45.71 18.08 68.32
C ASN H 98 44.19 18.02 68.20
N GLY H 99 43.60 18.81 67.30
CA GLY H 99 42.18 18.69 66.99
C GLY H 99 41.95 17.93 65.69
N ALA H 100 41.33 16.77 65.80
CA ALA H 100 41.09 15.83 64.70
C ALA H 100 39.75 16.12 64.01
N PRO H 101 39.74 16.31 62.71
CA PRO H 101 38.48 16.34 61.98
C PRO H 101 37.82 14.98 62.03
N THR H 102 36.57 14.96 61.64
CA THR H 102 35.83 13.72 61.47
C THR H 102 35.47 13.55 60.00
N TYR H 103 35.18 12.30 59.64
CA TYR H 103 35.03 11.89 58.25
C TYR H 103 33.78 11.03 58.12
N PRO H 104 32.59 11.63 58.27
CA PRO H 104 31.37 10.82 58.29
C PRO H 104 31.04 10.18 56.95
N GLU H 105 31.68 10.60 55.85
CA GLU H 105 31.50 9.86 54.60
C GLU H 105 32.11 8.46 54.68
N ILE H 106 33.05 8.22 55.59
CA ILE H 106 33.68 6.92 55.76
C ILE H 106 33.07 6.21 56.96
N CYS H 107 33.10 6.87 58.11
CA CYS H 107 32.53 6.33 59.35
C CYS H 107 31.76 7.44 60.05
N CYS H 108 30.45 7.34 60.05
CA CYS H 108 29.59 8.26 60.77
C CYS H 108 29.38 7.67 62.17
N HIS H 109 30.05 8.25 63.16
CA HIS H 109 30.06 7.67 64.50
C HIS H 109 28.67 7.69 65.13
N THR H 110 28.40 6.70 65.96
CA THR H 110 27.24 6.71 66.83
C THR H 110 27.50 7.62 68.03
N MET H 111 26.43 8.04 68.68
CA MET H 111 26.61 8.81 69.91
C MET H 111 27.35 7.98 70.96
N GLU H 112 27.16 6.66 70.96
CA GLU H 112 27.93 5.81 71.86
C GLU H 112 29.41 5.85 71.51
N ASP H 113 29.76 5.84 70.22
CA ASP H 113 31.15 6.01 69.82
C ASP H 113 31.74 7.27 70.44
N LEU H 114 31.01 8.39 70.33
CA LEU H 114 31.52 9.64 70.88
C LEU H 114 31.74 9.53 72.38
N GLU H 115 30.82 8.87 73.08
CA GLU H 115 31.01 8.67 74.52
C GLU H 115 32.25 7.83 74.80
N VAL H 116 32.42 6.73 74.05
CA VAL H 116 33.55 5.85 74.31
C VAL H 116 34.87 6.58 74.09
N MET H 117 34.98 7.31 72.99
CA MET H 117 36.27 7.95 72.73
C MET H 117 36.55 9.06 73.74
N HIS H 118 35.52 9.71 74.27
CA HIS H 118 35.73 10.77 75.25
C HIS H 118 36.18 10.21 76.59
N ASN H 119 35.64 9.07 77.00
CA ASN H 119 35.85 8.55 78.35
C ASN H 119 36.81 7.37 78.45
N ARG H 120 37.28 6.81 77.33
CA ARG H 120 38.20 5.68 77.36
C ARG H 120 39.50 6.03 78.07
N ASP H 121 40.17 4.98 78.58
CA ASP H 121 41.37 5.17 79.39
C ASP H 121 42.59 5.61 78.56
N ILE H 122 42.76 5.05 77.35
CA ILE H 122 43.90 5.44 76.54
C ILE H 122 43.42 5.85 75.15
N ILE H 123 44.19 6.74 74.54
CA ILE H 123 43.92 7.29 73.21
C ILE H 123 42.52 7.92 73.20
N ASN H 124 42.20 8.65 74.26
CA ASN H 124 40.92 9.34 74.34
C ASN H 124 40.95 10.64 73.55
N PHE H 125 39.78 11.04 73.04
CA PHE H 125 39.57 12.32 72.38
C PHE H 125 38.40 13.02 73.06
N SER H 126 38.61 14.28 73.43
CA SER H 126 37.54 15.05 74.06
C SER H 126 36.53 15.46 73.00
N VAL H 127 35.25 15.30 73.32
CA VAL H 127 34.14 15.71 72.44
C VAL H 127 33.37 16.80 73.19
N SER H 128 33.49 18.04 72.72
CA SER H 128 32.79 19.14 73.36
C SER H 128 31.28 18.98 73.23
N GLU H 129 30.55 19.65 74.13
CA GLU H 129 29.09 19.66 74.03
C GLU H 129 28.64 20.17 72.68
N GLU H 130 29.29 21.22 72.17
CA GLU H 130 28.94 21.74 70.86
C GLU H 130 29.14 20.70 69.78
N ALA H 131 30.24 19.93 69.87
CA ALA H 131 30.50 18.91 68.86
C ALA H 131 29.48 17.80 68.92
N ARG H 132 29.13 17.32 70.12
CA ARG H 132 28.14 16.25 70.22
C ARG H 132 26.81 16.70 69.66
N LYS H 133 26.39 17.92 69.99
CA LYS H 133 25.08 18.40 69.54
C LYS H 133 25.04 18.45 68.02
N ILE H 134 26.07 19.04 67.41
CA ILE H 134 26.12 19.16 65.95
C ILE H 134 26.17 17.79 65.29
N HIS H 135 27.00 16.88 65.83
CA HIS H 135 27.04 15.55 65.25
C HIS H 135 25.68 14.87 65.31
N LYS H 136 25.01 15.00 66.45
CA LYS H 136 23.74 14.33 66.65
C LYS H 136 22.66 14.90 65.75
N GLU H 137 22.63 16.22 65.59
CA GLU H 137 21.51 16.86 64.90
C GLU H 137 21.76 17.11 63.43
N GLU H 138 23.00 17.32 63.03
CA GLU H 138 23.35 17.62 61.65
C GLU H 138 24.04 16.48 60.92
N ILE H 139 24.92 15.75 61.60
CA ILE H 139 25.79 14.82 60.89
C ILE H 139 25.09 13.48 60.72
N ILE H 140 24.68 12.89 61.84
CA ILE H 140 24.07 11.57 61.80
C ILE H 140 22.85 11.53 60.88
N PRO H 141 21.91 12.48 60.95
CA PRO H 141 20.72 12.37 60.08
C PRO H 141 21.07 12.28 58.61
N PHE H 142 22.14 12.93 58.17
CA PHE H 142 22.52 12.93 56.77
C PHE H 142 23.46 11.78 56.39
N TRP H 143 24.43 11.46 57.25
CA TRP H 143 25.51 10.57 56.85
C TRP H 143 25.32 9.12 57.25
N LYS H 144 24.40 8.82 58.15
CA LYS H 144 24.29 7.45 58.65
C LYS H 144 24.00 6.46 57.51
N LYS H 145 23.10 6.82 56.58
CA LYS H 145 22.80 5.93 55.47
C LYS H 145 23.81 6.05 54.33
N ARG H 146 24.68 7.06 54.36
CA ARG H 146 25.65 7.27 53.29
C ARG H 146 27.05 6.72 53.59
N GLN H 147 27.42 6.54 54.86
CA GLN H 147 28.79 6.18 55.22
C GLN H 147 29.22 4.88 54.53
N THR H 148 30.48 4.85 54.06
CA THR H 148 30.97 3.63 53.41
C THR H 148 31.07 2.44 54.36
N ARG H 149 31.18 2.68 55.68
CA ARG H 149 31.38 1.54 56.57
C ARG H 149 30.20 0.58 56.51
N ASP H 150 28.97 1.11 56.44
CA ASP H 150 27.80 0.25 56.36
C ASP H 150 27.69 -0.41 55.00
N LYS H 151 28.05 0.31 53.93
CA LYS H 151 28.09 -0.32 52.62
C LYS H 151 29.00 -1.54 52.64
N ILE H 152 30.13 -1.44 53.33
CA ILE H 152 31.08 -2.55 53.41
C ILE H 152 30.48 -3.70 54.22
N ILE H 153 30.08 -3.40 55.47
CA ILE H 153 29.61 -4.46 56.36
C ILE H 153 28.40 -5.16 55.77
N ASN H 154 27.46 -4.39 55.21
CA ASN H 154 26.27 -5.00 54.62
C ASN H 154 26.59 -5.86 53.41
N ALA H 155 27.74 -5.68 52.78
CA ALA H 155 28.06 -6.49 51.61
C ALA H 155 28.91 -7.71 51.93
N MET H 156 29.37 -7.88 53.17
CA MET H 156 30.24 -9.00 53.51
C MET H 156 29.41 -10.27 53.72
N THR H 157 30.00 -11.42 53.41
CA THR H 157 29.32 -12.68 53.60
C THR H 157 29.26 -13.04 55.09
N PRO H 158 28.37 -13.97 55.44
CA PRO H 158 28.35 -14.47 56.82
C PRO H 158 29.63 -15.18 57.22
N GLU H 159 30.33 -15.83 56.27
CA GLU H 159 31.63 -16.41 56.58
C GLU H 159 32.66 -15.34 56.91
N TRP H 160 32.69 -14.26 56.12
CA TRP H 160 33.57 -13.13 56.43
C TRP H 160 33.23 -12.54 57.80
N LEU H 161 31.94 -12.28 58.04
CA LEU H 161 31.53 -11.63 59.29
C LEU H 161 31.90 -12.47 60.50
N ALA H 162 31.73 -13.80 60.40
CA ALA H 162 32.10 -14.67 61.50
C ALA H 162 33.61 -14.67 61.75
N ALA H 163 34.41 -14.77 60.69
CA ALA H 163 35.85 -14.78 60.87
C ALA H 163 36.36 -13.45 61.43
N TYR H 164 35.84 -12.33 60.89
CA TYR H 164 36.19 -11.00 61.40
C TYR H 164 35.83 -10.86 62.88
N GLU H 165 34.63 -11.28 63.25
CA GLU H 165 34.22 -11.19 64.65
C GLU H 165 35.06 -12.08 65.56
N ALA H 166 35.55 -13.22 65.05
CA ALA H 166 36.37 -14.12 65.84
C ALA H 166 37.84 -13.72 65.91
N GLY H 167 38.25 -12.67 65.20
CA GLY H 167 39.63 -12.25 65.22
C GLY H 167 40.58 -12.99 64.29
N MET H 168 40.08 -13.60 63.21
CA MET H 168 40.94 -14.24 62.23
C MET H 168 41.73 -13.20 61.42
N PHE H 169 41.14 -12.02 61.20
CA PHE H 169 41.78 -10.96 60.45
C PHE H 169 41.10 -9.65 60.79
N THR H 170 41.67 -8.56 60.31
CA THR H 170 41.08 -7.23 60.45
C THR H 170 40.77 -6.66 59.08
N GLU H 171 40.16 -5.47 59.06
CA GLU H 171 39.73 -4.81 57.84
C GLU H 171 40.14 -3.35 57.88
N PHE H 172 41.10 -2.97 57.05
CA PHE H 172 41.65 -1.62 57.10
C PHE H 172 40.67 -0.56 56.61
N MET H 173 39.70 -0.91 55.76
CA MET H 173 38.87 0.12 55.17
C MET H 173 37.53 0.28 55.89
N GLU H 174 37.36 -0.25 57.10
CA GLU H 174 36.10 -0.01 57.80
C GLU H 174 35.98 1.41 58.35
N GLN H 175 37.07 2.03 58.79
CA GLN H 175 36.99 3.36 59.36
C GLN H 175 37.93 4.39 58.75
N ARG H 176 38.70 4.01 57.74
CA ARG H 176 39.65 4.90 57.10
C ARG H 176 39.71 4.56 55.61
N ALA H 177 40.19 5.50 54.84
CA ALA H 177 40.40 5.29 53.41
C ALA H 177 41.75 4.62 53.17
N PRO H 178 41.89 3.98 52.00
CA PRO H 178 43.12 3.19 51.72
C PRO H 178 44.41 3.91 52.06
N GLY H 179 44.62 5.11 51.53
CA GLY H 179 45.79 5.90 51.84
C GLY H 179 47.09 5.14 51.65
N HIS H 180 47.94 5.21 52.66
CA HIS H 180 49.19 4.46 52.70
C HIS H 180 50.10 4.82 51.53
N THR H 181 50.34 6.11 51.34
CA THR H 181 51.10 6.55 50.18
C THR H 181 52.01 7.73 50.55
N VAL H 182 52.90 8.06 49.63
CA VAL H 182 54.05 8.92 49.91
C VAL H 182 54.22 9.91 48.76
N CYS H 183 54.60 11.15 49.10
CA CYS H 183 54.78 12.18 48.09
C CYS H 183 56.02 11.90 47.23
N GLY H 184 55.88 12.15 45.94
CA GLY H 184 57.01 12.13 45.01
C GLY H 184 57.64 13.50 44.89
N ASP H 185 58.15 13.82 43.71
CA ASP H 185 58.84 15.08 43.49
C ASP H 185 58.03 16.07 42.67
N THR H 186 56.80 15.72 42.30
CA THR H 186 56.02 16.58 41.42
C THR H 186 55.80 17.96 42.04
N ILE H 187 55.48 18.02 43.33
CA ILE H 187 55.16 19.29 43.96
C ILE H 187 56.36 20.23 44.09
N TYR H 188 57.58 19.75 43.87
CA TYR H 188 58.73 20.64 43.88
C TYR H 188 59.06 21.17 42.49
N LYS H 189 58.45 20.62 41.45
CA LYS H 189 58.66 21.03 40.08
C LYS H 189 57.47 21.75 39.48
N LYS H 190 56.30 21.63 40.07
CA LYS H 190 55.08 22.22 39.55
C LYS H 190 54.24 22.71 40.71
N GLY H 191 53.53 23.81 40.47
CA GLY H 191 52.44 24.22 41.32
C GLY H 191 51.12 23.66 40.80
N PHE H 192 50.07 23.91 41.56
CA PHE H 192 48.78 23.35 41.15
C PHE H 192 48.16 24.09 39.96
N LEU H 193 48.61 25.32 39.67
CA LEU H 193 48.21 25.93 38.39
C LEU H 193 48.87 25.22 37.21
N ASP H 194 50.14 24.80 37.36
CA ASP H 194 50.79 24.03 36.31
C ASP H 194 50.07 22.72 36.09
N LEU H 195 49.76 22.02 37.18
CA LEU H 195 49.06 20.75 37.06
C LEU H 195 47.69 20.95 36.42
N LYS H 196 47.01 22.05 36.76
CA LYS H 196 45.73 22.31 36.13
C LYS H 196 45.89 22.48 34.62
N LYS H 197 46.95 23.15 34.19
CA LYS H 197 47.22 23.30 32.76
C LYS H 197 47.45 21.94 32.11
N ASP H 198 48.20 21.05 32.79
CA ASP H 198 48.38 19.69 32.30
C ASP H 198 47.05 18.98 32.15
N ILE H 199 46.17 19.11 33.16
CA ILE H 199 44.89 18.43 33.12
C ILE H 199 44.03 18.97 31.99
N GLU H 200 44.03 20.30 31.79
CA GLU H 200 43.26 20.89 30.71
C GLU H 200 43.79 20.42 29.35
N ALA H 201 45.10 20.29 29.22
CA ALA H 201 45.65 19.73 27.99
C ALA H 201 45.16 18.29 27.76
N ARG H 202 45.10 17.49 28.83
CA ARG H 202 44.57 16.12 28.68
C ARG H 202 43.11 16.13 28.27
N LEU H 203 42.30 16.98 28.89
CA LEU H 203 40.88 17.07 28.56
C LEU H 203 40.68 17.38 27.08
N LYS H 204 41.51 18.27 26.53
CA LYS H 204 41.32 18.66 25.14
C LYS H 204 41.62 17.53 24.17
N GLU H 205 42.40 16.53 24.57
CA GLU H 205 42.77 15.48 23.65
C GLU H 205 42.01 14.17 23.87
N LEU H 206 41.02 14.13 24.75
CA LEU H 206 40.20 12.93 24.88
C LEU H 206 39.52 12.63 23.56
N ASP H 207 39.48 11.36 23.18
CA ASP H 207 38.94 10.90 21.90
C ASP H 207 37.62 10.17 22.13
N PHE H 208 36.52 10.91 22.07
CA PHE H 208 35.23 10.29 22.32
C PHE H 208 34.73 9.44 21.15
N LEU H 209 35.44 9.42 20.02
CA LEU H 209 35.02 8.54 18.94
C LEU H 209 35.54 7.12 19.14
N ASN H 210 36.82 6.97 19.49
CA ASN H 210 37.46 5.67 19.50
C ASN H 210 37.88 5.19 20.89
N ASP H 211 38.04 6.10 21.84
CA ASP H 211 38.37 5.72 23.22
C ASP H 211 37.04 5.61 23.98
N LEU H 212 36.57 4.38 24.15
CA LEU H 212 35.28 4.15 24.80
C LEU H 212 35.32 4.41 26.31
N ASP H 213 36.50 4.61 26.88
CA ASP H 213 36.66 4.97 28.28
C ASP H 213 36.76 6.48 28.47
N ALA H 214 36.59 7.25 27.40
CA ALA H 214 36.86 8.68 27.45
C ALA H 214 35.97 9.38 28.47
N TYR H 215 34.72 8.94 28.62
CA TYR H 215 33.82 9.60 29.57
C TYR H 215 34.34 9.46 31.01
N ASN H 216 34.78 8.26 31.38
CA ASN H 216 35.32 8.06 32.73
C ASN H 216 36.58 8.90 32.95
N LYS H 217 37.40 9.05 31.90
CA LYS H 217 38.58 9.90 32.02
C LYS H 217 38.18 11.35 32.23
N LYS H 218 37.19 11.82 31.48
CA LYS H 218 36.75 13.20 31.60
C LYS H 218 36.26 13.48 33.01
N ALA H 219 35.49 12.57 33.59
CA ALA H 219 34.99 12.80 34.95
C ALA H 219 36.15 12.91 35.95
N ASP H 220 37.13 12.01 35.86
CA ASP H 220 38.26 12.08 36.82
C ASP H 220 39.10 13.32 36.60
N LEU H 221 39.33 13.71 35.34
CA LEU H 221 40.16 14.88 35.07
C LEU H 221 39.47 16.17 35.52
N GLU H 222 38.16 16.31 35.27
CA GLU H 222 37.45 17.50 35.75
C GLU H 222 37.55 17.63 37.26
N ALA H 223 37.42 16.51 37.96
CA ALA H 223 37.55 16.51 39.41
C ALA H 223 38.94 16.96 39.84
N MET H 224 39.97 16.47 39.14
CA MET H 224 41.33 16.87 39.44
C MET H 224 41.52 18.36 39.22
N ALA H 225 40.94 18.91 38.15
CA ALA H 225 41.05 20.35 37.90
C ALA H 225 40.44 21.14 39.05
N ILE H 226 39.29 20.69 39.54
CA ILE H 226 38.66 21.38 40.66
C ILE H 226 39.55 21.30 41.91
N ALA H 227 40.19 20.15 42.13
CA ALA H 227 41.09 20.03 43.27
C ALA H 227 42.23 21.02 43.19
N CYS H 228 42.74 21.24 41.98
CA CYS H 228 43.78 22.24 41.77
C CYS H 228 43.31 23.62 42.21
N ASP H 229 42.09 24.00 41.80
CA ASP H 229 41.54 25.28 42.23
C ASP H 229 41.47 25.37 43.75
N ALA H 230 41.09 24.28 44.41
CA ALA H 230 41.00 24.32 45.86
C ALA H 230 42.36 24.63 46.49
N MET H 231 43.43 24.02 45.97
CA MET H 231 44.77 24.29 46.50
C MET H 231 45.18 25.74 46.29
N VAL H 232 44.79 26.31 45.16
CA VAL H 232 45.05 27.73 44.92
C VAL H 232 44.38 28.57 46.00
N ILE H 233 43.13 28.23 46.33
CA ILE H 233 42.39 28.96 47.35
C ILE H 233 43.04 28.77 48.71
N LEU H 234 43.56 27.57 49.00
CA LEU H 234 44.20 27.34 50.28
C LEU H 234 45.34 28.33 50.49
N GLY H 235 46.19 28.52 49.48
CA GLY H 235 47.27 29.48 49.61
C GLY H 235 46.80 30.92 49.70
N LYS H 236 45.83 31.29 48.87
CA LYS H 236 45.31 32.66 48.89
C LYS H 236 44.75 33.01 50.27
N ARG H 237 44.00 32.08 50.89
CA ARG H 237 43.35 32.38 52.15
C ARG H 237 44.35 32.51 53.29
N TYR H 238 45.38 31.65 53.30
CA TYR H 238 46.38 31.75 54.36
C TYR H 238 47.20 33.03 54.21
N ALA H 239 47.52 33.42 52.98
CA ALA H 239 48.19 34.69 52.74
C ALA H 239 47.39 35.86 53.29
N GLU H 240 46.07 35.88 53.03
CA GLU H 240 45.22 36.97 53.52
C GLU H 240 45.08 36.91 55.04
N LYS H 241 44.91 35.71 55.59
CA LYS H 241 44.86 35.56 57.04
C LYS H 241 46.11 36.10 57.70
N ALA H 242 47.28 35.76 57.16
CA ALA H 242 48.53 36.23 57.74
C ALA H 242 48.64 37.76 57.67
N ARG H 243 48.22 38.36 56.54
CA ARG H 243 48.30 39.81 56.40
C ARG H 243 47.30 40.50 57.32
N GLN H 244 46.13 39.91 57.51
CA GLN H 244 45.17 40.49 58.46
C GLN H 244 45.76 40.48 59.86
N MET H 245 46.33 39.35 60.27
CA MET H 245 46.99 39.26 61.56
C MET H 245 48.15 40.25 61.66
N ALA H 246 48.87 40.46 60.56
CA ALA H 246 50.01 41.37 60.58
C ALA H 246 49.56 42.81 60.86
N GLU H 247 48.47 43.24 60.21
CA GLU H 247 47.99 44.60 60.42
C GLU H 247 47.57 44.80 61.87
N GLU H 248 47.24 43.73 62.57
CA GLU H 248 46.84 43.80 63.97
C GLU H 248 48.00 43.59 64.95
N GLU H 249 49.14 43.12 64.49
CA GLU H 249 50.23 42.78 65.40
C GLU H 249 51.11 43.98 65.67
N THR H 250 51.37 44.24 66.94
CA THR H 250 52.21 45.38 67.32
C THR H 250 53.68 45.01 67.44
N ASP H 251 53.98 43.75 67.79
CA ASP H 251 55.37 43.29 67.84
C ASP H 251 55.95 43.21 66.44
N GLU H 252 56.99 43.99 66.18
CA GLU H 252 57.48 44.10 64.82
C GLU H 252 58.16 42.82 64.32
N ALA H 253 58.67 41.98 65.23
CA ALA H 253 59.26 40.71 64.80
C ALA H 253 58.18 39.75 64.31
N LYS H 254 57.07 39.67 65.04
CA LYS H 254 55.97 38.82 64.62
C LYS H 254 55.33 39.36 63.35
N LYS H 255 55.20 40.68 63.25
CA LYS H 255 54.65 41.28 62.04
C LYS H 255 55.45 40.84 60.81
N LYS H 256 56.79 40.88 60.90
CA LYS H 256 57.63 40.47 59.79
C LYS H 256 57.53 38.99 59.50
N ASP H 257 57.40 38.14 60.52
CA ASP H 257 57.20 36.72 60.26
C ASP H 257 55.88 36.48 59.53
N LEU H 258 54.82 37.15 59.96
CA LEU H 258 53.52 37.00 59.31
C LEU H 258 53.58 37.45 57.85
N LEU H 259 54.32 38.53 57.56
CA LEU H 259 54.45 39.02 56.19
C LEU H 259 55.27 38.06 55.34
N LEU H 260 56.26 37.39 55.96
CA LEU H 260 56.99 36.33 55.27
C LEU H 260 56.08 35.13 54.99
N ILE H 261 55.24 34.75 55.96
CA ILE H 261 54.29 33.69 55.72
C ILE H 261 53.41 34.03 54.52
N ALA H 262 52.90 35.27 54.49
CA ALA H 262 52.04 35.70 53.39
C ALA H 262 52.78 35.69 52.07
N GLU H 263 54.02 36.15 52.08
CA GLU H 263 54.82 36.14 50.86
C GLU H 263 55.03 34.72 50.36
N THR H 264 55.24 33.78 51.29
CA THR H 264 55.42 32.38 50.93
C THR H 264 54.14 31.80 50.33
N CYS H 265 52.99 32.07 50.95
CA CYS H 265 51.71 31.56 50.49
C CYS H 265 51.23 32.25 49.21
N ASP H 266 51.76 33.42 48.87
CA ASP H 266 51.54 33.97 47.53
C ASP H 266 52.13 33.06 46.45
N VAL H 267 53.15 32.27 46.81
CA VAL H 267 53.80 31.42 45.81
C VAL H 267 53.18 30.03 45.84
N VAL H 268 53.22 29.37 46.99
CA VAL H 268 52.74 28.00 47.09
C VAL H 268 51.42 27.96 47.83
N PRO H 269 50.54 27.03 47.46
CA PRO H 269 50.80 25.97 46.47
C PRO H 269 50.43 26.28 45.00
N ALA H 270 49.98 27.50 44.68
CA ALA H 270 49.54 27.79 43.33
C ALA H 270 50.68 27.62 42.33
N HIS H 271 51.88 28.03 42.72
CA HIS H 271 53.05 28.00 41.87
C HIS H 271 54.10 27.06 42.45
N LYS H 272 55.03 26.63 41.62
CA LYS H 272 56.06 25.75 42.11
C LYS H 272 56.94 26.49 43.12
N PRO H 273 57.42 25.80 44.14
CA PRO H 273 58.26 26.47 45.14
C PRO H 273 59.58 26.90 44.52
N GLU H 274 60.04 28.09 44.92
CA GLU H 274 61.30 28.63 44.45
C GLU H 274 62.41 28.61 45.49
N THR H 275 62.08 28.44 46.77
CA THR H 275 63.04 28.44 47.85
C THR H 275 62.82 27.22 48.75
N TYR H 276 63.83 26.91 49.55
CA TYR H 276 63.74 25.86 50.56
C TYR H 276 62.53 26.08 51.46
N HIS H 277 62.35 27.30 51.96
CA HIS H 277 61.19 27.67 52.77
C HIS H 277 59.89 27.37 52.03
N GLN H 278 59.79 27.77 50.77
CA GLN H 278 58.57 27.52 50.01
C GLN H 278 58.37 26.02 49.76
N ALA H 279 59.46 25.27 49.56
CA ALA H 279 59.33 23.83 49.35
C ALA H 279 58.69 23.13 50.56
N ILE H 280 59.10 23.51 51.76
CA ILE H 280 58.53 22.93 52.98
C ILE H 280 57.08 23.35 53.15
N GLN H 281 56.77 24.61 52.89
CA GLN H 281 55.37 25.06 53.00
C GLN H 281 54.50 24.41 51.94
N MET H 282 55.06 24.21 50.75
CA MET H 282 54.34 23.48 49.70
C MET H 282 54.02 22.06 50.16
N TYR H 283 55.03 21.33 50.66
CA TYR H 283 54.75 19.98 51.15
C TYR H 283 53.67 20.02 52.23
N TRP H 284 53.78 20.95 53.19
CA TRP H 284 52.84 20.90 54.30
C TRP H 284 51.40 21.20 53.86
N PHE H 285 51.21 22.14 52.92
CA PHE H 285 49.86 22.38 52.38
C PHE H 285 49.30 21.14 51.70
N VAL H 286 50.12 20.49 50.87
CA VAL H 286 49.68 19.25 50.24
C VAL H 286 49.30 18.22 51.30
N HIS H 287 50.09 18.12 52.38
CA HIS H 287 49.81 17.20 53.48
C HIS H 287 48.45 17.51 54.11
N ILE H 288 48.20 18.78 54.43
CA ILE H 288 46.89 19.19 54.97
C ILE H 288 45.78 18.83 53.99
N GLY H 289 46.01 19.09 52.70
CA GLY H 289 45.03 18.81 51.68
C GLY H 289 44.63 17.34 51.60
N VAL H 290 45.59 16.45 51.40
CA VAL H 290 45.24 15.05 51.17
C VAL H 290 44.71 14.40 52.43
N THR H 291 45.15 14.85 53.61
CA THR H 291 44.64 14.24 54.84
C THR H 291 43.32 14.84 55.30
N THR H 292 42.88 15.96 54.72
CA THR H 292 41.51 16.38 54.96
C THR H 292 40.56 16.03 53.81
N GLU H 293 41.10 15.72 52.63
CA GLU H 293 40.28 15.12 51.57
C GLU H 293 39.64 13.81 52.05
N LEU H 294 40.44 12.96 52.67
CA LEU H 294 39.98 11.68 53.20
C LEU H 294 40.79 11.33 54.44
N ASN H 295 40.26 10.44 55.28
CA ASN H 295 40.99 9.94 56.45
C ASN H 295 41.90 8.79 56.02
N ILE H 296 43.02 9.13 55.39
CA ILE H 296 43.87 8.11 54.77
C ILE H 296 44.81 7.50 55.79
N TRP H 297 44.99 6.19 55.70
CA TRP H 297 45.96 5.50 56.52
C TRP H 297 47.34 6.14 56.38
N ASP H 298 48.00 6.29 57.52
CA ASP H 298 49.38 6.78 57.56
C ASP H 298 49.51 8.19 57.02
N ALA H 299 48.49 9.02 57.22
CA ALA H 299 48.55 10.44 56.90
C ALA H 299 49.22 10.73 55.55
N PHE H 300 50.32 11.47 55.55
CA PHE H 300 51.11 11.70 54.34
C PHE H 300 52.55 11.88 54.77
N THR H 301 53.48 11.80 53.83
CA THR H 301 54.87 12.03 54.16
C THR H 301 55.61 12.54 52.94
N PRO H 302 56.60 13.43 53.13
CA PRO H 302 57.44 13.84 52.00
C PRO H 302 58.35 12.75 51.49
N GLY H 303 58.43 11.61 52.16
CA GLY H 303 59.27 10.52 51.69
C GLY H 303 60.76 10.81 51.79
N ARG H 304 61.41 10.97 50.65
CA ARG H 304 62.85 11.22 50.61
C ARG H 304 63.13 12.71 50.78
N LEU H 305 62.77 13.21 51.96
CA LEU H 305 62.79 14.66 52.21
C LEU H 305 64.16 15.26 51.92
N ASP H 306 65.26 14.60 52.34
CA ASP H 306 66.58 15.19 52.12
C ASP H 306 66.94 15.27 50.63
N GLN H 307 66.43 14.34 49.81
CA GLN H 307 66.69 14.42 48.37
C GLN H 307 65.94 15.59 47.73
N HIS H 308 64.71 15.86 48.18
CA HIS H 308 63.90 16.93 47.61
C HIS H 308 64.38 18.32 48.06
N LEU H 309 64.80 18.47 49.31
CA LEU H 309 65.19 19.78 49.81
C LEU H 309 66.62 20.18 49.46
N ASN H 310 67.51 19.22 49.25
CA ASN H 310 68.92 19.58 49.07
C ASN H 310 69.16 20.52 47.88
N PRO H 311 68.52 20.36 46.73
CA PRO H 311 68.71 21.36 45.66
C PRO H 311 68.34 22.76 46.09
N PHE H 312 67.21 22.91 46.81
CA PHE H 312 66.80 24.21 47.34
C PHE H 312 67.79 24.70 48.39
N TYR H 313 68.26 23.81 49.25
CA TYR H 313 69.21 24.20 50.28
C TYR H 313 70.46 24.79 49.67
N GLU H 314 71.09 24.04 48.75
CA GLU H 314 72.34 24.49 48.16
C GLU H 314 72.16 25.80 47.40
N ARG H 315 71.07 25.92 46.64
CA ARG H 315 70.79 27.13 45.90
C ARG H 315 70.60 28.33 46.84
N ASP H 316 69.82 28.15 47.91
CA ASP H 316 69.48 29.28 48.79
C ASP H 316 70.70 29.76 49.58
N VAL H 317 71.54 28.85 50.08
CA VAL H 317 72.72 29.32 50.81
C VAL H 317 73.67 30.03 49.87
N GLU H 318 73.82 29.51 48.65
CA GLU H 318 74.64 30.21 47.66
C GLU H 318 74.14 31.63 47.43
N ASN H 319 72.82 31.81 47.34
CA ASN H 319 72.26 33.13 47.14
C ASN H 319 72.23 33.97 48.41
N GLY H 320 72.65 33.43 49.55
CA GLY H 320 72.68 34.21 50.76
C GLY H 320 71.33 34.44 51.43
N ILE H 321 70.30 33.65 51.10
CA ILE H 321 69.01 33.80 51.74
C ILE H 321 68.76 32.72 52.80
N LEU H 322 69.71 31.83 53.01
CA LEU H 322 69.54 30.72 53.92
C LEU H 322 70.90 30.37 54.50
N ASP H 323 70.91 29.88 55.74
CA ASP H 323 72.09 29.24 56.29
C ASP H 323 71.65 27.99 57.02
N ARG H 324 72.61 27.21 57.52
CA ARG H 324 72.26 25.93 58.13
C ARG H 324 71.32 26.11 59.31
N ASP H 325 71.55 27.13 60.14
CA ASP H 325 70.69 27.35 61.30
C ASP H 325 69.24 27.60 60.90
N ARG H 326 69.01 28.43 59.88
CA ARG H 326 67.64 28.71 59.45
C ARG H 326 67.01 27.49 58.79
N ALA H 327 67.80 26.73 58.01
CA ALA H 327 67.30 25.48 57.45
C ALA H 327 66.86 24.52 58.55
N GLN H 328 67.63 24.44 59.63
CA GLN H 328 67.25 23.60 60.76
C GLN H 328 66.03 24.16 61.48
N GLU H 329 65.97 25.48 61.64
CA GLU H 329 64.82 26.09 62.31
C GLU H 329 63.53 25.76 61.57
N LEU H 330 63.55 25.85 60.24
CA LEU H 330 62.36 25.57 59.45
C LEU H 330 61.93 24.12 59.58
N LEU H 331 62.88 23.18 59.60
CA LEU H 331 62.49 21.78 59.77
C LEU H 331 62.01 21.48 61.18
N GLU H 332 62.55 22.15 62.20
CA GLU H 332 62.00 21.98 63.54
C GLU H 332 60.55 22.46 63.57
N CYS H 333 60.24 23.53 62.84
CA CYS H 333 58.85 23.96 62.69
C CYS H 333 58.02 22.87 62.02
N LEU H 334 58.53 22.31 60.92
CA LEU H 334 57.84 21.20 60.25
C LEU H 334 57.57 20.05 61.21
N TRP H 335 58.58 19.64 61.99
CA TRP H 335 58.41 18.54 62.93
C TRP H 335 57.24 18.79 63.87
N VAL H 336 57.17 20.01 64.42
CA VAL H 336 56.06 20.35 65.30
C VAL H 336 54.73 20.25 64.54
N LYS H 337 54.70 20.67 63.28
CA LYS H 337 53.45 20.57 62.52
C LYS H 337 52.95 19.13 62.45
N PHE H 338 53.84 18.17 62.16
CA PHE H 338 53.46 16.76 62.19
C PHE H 338 52.85 16.38 63.52
N ASN H 339 53.50 16.77 64.62
CA ASN H 339 53.08 16.37 65.96
C ASN H 339 51.78 17.02 66.40
N ASN H 340 51.33 18.08 65.71
CA ASN H 340 50.03 18.68 65.98
C ASN H 340 48.87 17.93 65.30
N GLN H 341 49.13 16.93 64.47
CA GLN H 341 48.08 16.20 63.74
C GLN H 341 47.98 14.76 64.20
N PRO H 342 47.07 14.42 65.12
CA PRO H 342 46.87 13.02 65.49
C PRO H 342 46.15 12.27 64.38
N ALA H 343 46.25 10.95 64.43
CA ALA H 343 45.36 10.12 63.63
C ALA H 343 43.92 10.32 64.10
N PRO H 344 42.98 10.58 63.20
CA PRO H 344 41.60 10.80 63.63
C PRO H 344 41.11 9.62 64.48
N PRO H 345 40.14 9.87 65.33
CA PRO H 345 39.78 8.85 66.34
C PRO H 345 39.31 7.54 65.71
N LYS H 346 39.78 6.44 66.28
CA LYS H 346 39.41 5.10 65.91
C LYS H 346 38.59 4.46 67.02
N VAL H 347 37.71 3.52 66.65
CA VAL H 347 36.96 2.73 67.61
C VAL H 347 37.00 1.27 67.19
N GLY H 348 36.49 0.41 68.07
CA GLY H 348 36.37 -1.01 67.76
C GLY H 348 37.70 -1.64 67.39
N ILE H 349 37.66 -2.50 66.37
CA ILE H 349 38.84 -3.26 65.99
C ILE H 349 39.92 -2.33 65.47
N THR H 350 39.53 -1.28 64.75
CA THR H 350 40.51 -0.34 64.22
C THR H 350 41.39 0.22 65.34
N LEU H 351 40.79 0.55 66.49
CA LEU H 351 41.61 1.00 67.62
C LEU H 351 42.53 -0.13 68.10
N LYS H 352 42.00 -1.34 68.22
CA LYS H 352 42.80 -2.45 68.75
C LYS H 352 44.04 -2.70 67.89
N GLU H 353 43.91 -2.58 66.56
CA GLU H 353 45.03 -2.88 65.69
C GLU H 353 45.97 -1.71 65.48
N SER H 354 45.54 -0.48 65.83
CA SER H 354 46.37 0.71 65.69
C SER H 354 46.10 1.65 66.87
N SER H 355 46.48 1.20 68.06
CA SER H 355 46.09 1.86 69.31
C SER H 355 47.09 2.96 69.65
N THR H 356 46.97 4.10 68.97
CA THR H 356 47.92 5.19 69.11
C THR H 356 47.31 6.47 68.56
N TYR H 357 47.82 7.60 69.07
CA TYR H 357 47.54 8.90 68.46
C TYR H 357 48.37 9.15 67.21
N THR H 358 49.50 8.49 67.03
CA THR H 358 50.35 8.82 65.90
C THR H 358 49.76 8.32 64.58
N ASP H 359 50.17 8.95 63.49
CA ASP H 359 49.63 8.64 62.17
C ASP H 359 50.70 8.18 61.19
N PHE H 360 51.86 7.73 61.68
CA PHE H 360 52.79 6.92 60.88
C PHE H 360 53.25 7.64 59.62
N ALA H 361 53.65 8.90 59.78
CA ALA H 361 54.23 9.69 58.70
C ALA H 361 55.73 9.41 58.68
N ASN H 362 56.15 8.53 57.79
CA ASN H 362 57.47 7.93 57.82
C ASN H 362 58.39 8.70 56.88
N ILE H 363 59.45 9.29 57.42
CA ILE H 363 60.43 9.99 56.63
C ILE H 363 61.67 9.10 56.49
N ASN H 364 62.17 8.95 55.27
CA ASN H 364 63.33 8.13 54.95
C ASN H 364 64.50 9.09 54.65
N THR H 365 65.52 9.10 55.52
CA THR H 365 66.68 9.96 55.32
C THR H 365 67.92 9.10 55.03
N GLY H 366 68.74 9.57 54.08
CA GLY H 366 69.95 8.85 53.70
C GLY H 366 69.82 8.20 52.33
N GLY H 367 69.93 6.87 52.28
CA GLY H 367 69.61 6.13 51.06
C GLY H 367 70.42 6.58 49.85
N ILE H 368 69.80 6.52 48.68
CA ILE H 368 70.45 6.86 47.42
C ILE H 368 69.67 7.96 46.72
N ASN H 369 70.36 8.70 45.87
CA ASN H 369 69.74 9.76 45.08
C ASN H 369 69.08 9.14 43.83
N PRO H 370 68.40 9.96 43.02
CA PRO H 370 67.70 9.40 41.84
C PRO H 370 68.61 8.69 40.86
N ASP H 371 69.90 8.96 40.87
CA ASP H 371 70.85 8.26 40.01
C ASP H 371 71.33 6.95 40.60
N GLY H 372 70.92 6.60 41.80
CA GLY H 372 71.36 5.38 42.41
C GLY H 372 72.64 5.49 43.21
N GLN H 373 73.19 6.68 43.38
CA GLN H 373 74.42 6.84 44.15
C GLN H 373 74.09 7.34 45.57
N ASP H 374 75.12 7.32 46.43
CA ASP H 374 75.00 7.73 47.83
C ASP H 374 74.20 9.02 47.97
N GLY H 375 73.10 8.96 48.72
CA GLY H 375 72.22 10.10 48.83
C GLY H 375 72.45 10.99 50.04
N VAL H 376 73.35 10.58 50.94
CA VAL H 376 73.61 11.39 52.13
C VAL H 376 74.10 12.76 51.69
N ASN H 377 73.44 13.80 52.20
CA ASN H 377 73.81 15.16 51.87
C ASN H 377 73.66 16.02 53.12
N GLU H 378 73.89 17.33 52.98
CA GLU H 378 73.90 18.17 54.15
C GLU H 378 72.52 18.20 54.81
N VAL H 379 71.45 18.19 54.01
CA VAL H 379 70.11 18.20 54.60
C VAL H 379 69.87 16.93 55.42
N SER H 380 70.43 15.80 54.98
CA SER H 380 70.32 14.55 55.74
C SER H 380 70.79 14.76 57.17
N TYR H 381 71.96 15.41 57.33
CA TYR H 381 72.50 15.65 58.66
C TYR H 381 71.68 16.66 59.43
N ILE H 382 71.11 17.67 58.75
CA ILE H 382 70.20 18.59 59.43
C ILE H 382 69.01 17.83 60.00
N ILE H 383 68.43 16.94 59.20
CA ILE H 383 67.28 16.18 59.66
C ILE H 383 67.62 15.34 60.89
N LEU H 384 68.77 14.68 60.89
CA LEU H 384 69.17 13.94 62.08
C LEU H 384 69.27 14.88 63.29
N ASP H 385 69.80 16.09 63.08
CA ASP H 385 69.86 17.04 64.18
C ASP H 385 68.48 17.43 64.68
N VAL H 386 67.51 17.67 63.77
CA VAL H 386 66.23 18.14 64.28
C VAL H 386 65.50 17.01 65.00
N MET H 387 65.55 15.78 64.48
CA MET H 387 64.86 14.70 65.18
C MET H 387 65.50 14.44 66.53
N ASP H 388 66.82 14.55 66.61
CA ASP H 388 67.53 14.40 67.87
C ASP H 388 67.07 15.45 68.88
N GLU H 389 67.11 16.73 68.47
CA GLU H 389 66.73 17.81 69.38
C GLU H 389 65.25 17.74 69.75
N MET H 390 64.37 17.55 68.77
CA MET H 390 62.93 17.70 69.02
C MET H 390 62.34 16.55 69.81
N LYS H 391 62.83 15.32 69.61
CA LYS H 391 62.34 14.14 70.31
C LYS H 391 60.80 14.07 70.31
N LEU H 392 60.22 14.09 69.12
CA LEU H 392 58.78 13.98 68.93
C LEU H 392 58.43 12.65 68.26
N ILE H 393 57.37 12.01 68.73
CA ILE H 393 57.04 10.71 68.13
C ILE H 393 56.38 10.85 66.77
N GLN H 394 56.00 12.05 66.35
CA GLN H 394 55.66 12.39 64.98
C GLN H 394 56.55 13.55 64.54
N PRO H 395 57.09 13.51 63.31
CA PRO H 395 56.96 12.41 62.35
C PRO H 395 57.79 11.19 62.76
N SER H 396 57.67 10.10 62.00
CA SER H 396 58.44 8.89 62.23
C SER H 396 59.72 9.03 61.40
N SER H 397 60.78 9.48 62.04
CA SER H 397 61.99 9.92 61.35
C SER H 397 63.00 8.76 61.33
N ASN H 398 63.23 8.20 60.14
CA ASN H 398 64.01 6.97 59.99
C ASN H 398 65.12 7.16 58.96
N VAL H 399 66.00 6.16 58.84
CA VAL H 399 67.11 6.24 57.91
C VAL H 399 67.12 5.01 57.00
N GLN H 400 67.46 5.27 55.75
CA GLN H 400 67.81 4.23 54.80
C GLN H 400 69.32 4.10 54.80
N ILE H 401 69.80 2.87 55.00
CA ILE H 401 71.24 2.57 55.00
C ILE H 401 71.54 1.75 53.76
N SER H 402 72.46 2.23 52.94
CA SER H 402 72.93 1.55 51.74
C SER H 402 74.35 1.03 51.96
N LYS H 403 74.75 0.09 51.11
CA LYS H 403 76.17 -0.23 51.01
C LYS H 403 76.99 1.00 50.62
N LYS H 404 76.35 2.00 50.01
CA LYS H 404 77.00 3.24 49.61
C LYS H 404 77.02 4.30 50.70
N THR H 405 76.40 4.03 51.83
CA THR H 405 76.24 5.03 52.88
C THR H 405 77.54 5.19 53.67
N PRO H 406 78.03 6.41 53.90
CA PRO H 406 79.21 6.60 54.75
C PRO H 406 78.96 6.13 56.18
N GLN H 407 79.98 5.49 56.76
CA GLN H 407 79.84 4.99 58.13
C GLN H 407 79.52 6.11 59.11
N LYS H 408 80.00 7.32 58.84
CA LYS H 408 79.71 8.43 59.73
C LYS H 408 78.21 8.66 59.89
N PHE H 409 77.46 8.54 58.78
CA PHE H 409 76.01 8.75 58.84
C PHE H 409 75.33 7.66 59.65
N LEU H 410 75.69 6.40 59.39
CA LEU H 410 75.12 5.30 60.13
C LEU H 410 75.38 5.45 61.62
N LYS H 411 76.61 5.82 61.99
CA LYS H 411 76.95 5.91 63.41
C LYS H 411 76.20 7.06 64.08
N ARG H 412 76.02 8.17 63.37
CA ARG H 412 75.21 9.25 63.90
C ARG H 412 73.78 8.80 64.16
N ALA H 413 73.19 8.01 63.25
CA ALA H 413 71.87 7.45 63.48
C ALA H 413 71.86 6.53 64.70
N CYS H 414 72.90 5.71 64.86
CA CYS H 414 73.01 4.86 66.04
C CYS H 414 73.12 5.69 67.33
N GLU H 415 73.79 6.84 67.28
CA GLU H 415 73.85 7.72 68.45
C GLU H 415 72.45 8.10 68.94
N ILE H 416 71.56 8.43 68.00
CA ILE H 416 70.21 8.82 68.38
C ILE H 416 69.43 7.60 68.86
N SER H 417 69.55 6.48 68.14
CA SER H 417 68.85 5.25 68.51
C SER H 417 69.20 4.81 69.94
N ARG H 418 70.47 4.91 70.32
CA ARG H 418 70.85 4.43 71.64
C ARG H 418 70.31 5.31 72.77
N LYS H 419 69.85 6.53 72.47
CA LYS H 419 69.22 7.31 73.52
C LYS H 419 67.90 6.71 73.99
N GLY H 420 67.40 5.70 73.29
CA GLY H 420 66.34 4.85 73.84
C GLY H 420 64.90 5.29 73.62
N TRP H 421 64.64 6.21 72.69
CA TRP H 421 63.24 6.50 72.37
C TRP H 421 62.82 5.91 71.02
N GLY H 422 63.59 4.97 70.48
CA GLY H 422 63.14 4.14 69.36
C GLY H 422 63.55 4.62 67.97
N GLN H 423 63.38 5.91 67.71
CA GLN H 423 63.79 6.51 66.44
C GLN H 423 65.30 6.75 66.43
N PRO H 424 65.92 6.61 65.25
CA PRO H 424 65.36 6.14 63.98
C PRO H 424 65.37 4.61 63.85
N ALA H 425 64.43 4.09 63.08
CA ALA H 425 64.55 2.74 62.57
C ALA H 425 65.53 2.75 61.39
N PHE H 426 66.02 1.56 61.05
CA PHE H 426 67.00 1.37 59.99
C PHE H 426 66.38 0.52 58.87
N TYR H 427 66.52 0.97 57.62
CA TYR H 427 66.01 0.24 56.46
C TYR H 427 67.13 -0.01 55.46
N ASN H 428 67.11 -1.20 54.87
CA ASN H 428 68.16 -1.63 53.94
C ASN H 428 67.81 -1.15 52.53
N THR H 429 68.55 -0.15 52.04
CA THR H 429 68.28 0.40 50.71
C THR H 429 68.34 -0.68 49.64
N GLU H 430 69.34 -1.58 49.69
CA GLU H 430 69.47 -2.57 48.64
C GLU H 430 68.31 -3.57 48.65
N ALA H 431 67.79 -3.92 49.82
CA ALA H 431 66.61 -4.77 49.87
C ALA H 431 65.38 -4.05 49.31
N ILE H 432 65.20 -2.78 49.68
CA ILE H 432 64.10 -1.97 49.15
C ILE H 432 64.12 -1.97 47.62
N VAL H 433 65.28 -1.67 47.05
CA VAL H 433 65.37 -1.60 45.59
C VAL H 433 65.01 -2.95 44.98
N GLN H 434 65.53 -4.04 45.54
CA GLN H 434 65.22 -5.35 44.95
C GLN H 434 63.76 -5.75 45.18
N GLU H 435 63.20 -5.45 46.35
CA GLU H 435 61.77 -5.71 46.57
C GLU H 435 60.93 -5.00 45.52
N LEU H 436 61.21 -3.73 45.28
CA LEU H 436 60.45 -3.00 44.27
C LEU H 436 60.62 -3.63 42.89
N MET H 437 61.85 -3.98 42.52
CA MET H 437 62.05 -4.56 41.19
C MET H 437 61.40 -5.92 41.06
N GLU H 438 61.43 -6.73 42.12
CA GLU H 438 60.73 -8.01 42.10
C GLU H 438 59.24 -7.83 41.85
N ALA H 439 58.65 -6.75 42.37
CA ALA H 439 57.24 -6.46 42.14
C ALA H 439 56.98 -5.77 40.80
N GLY H 440 58.00 -5.50 39.99
CA GLY H 440 57.80 -4.98 38.65
C GLY H 440 58.19 -3.52 38.45
N LYS H 441 58.72 -2.85 39.46
CA LYS H 441 59.18 -1.48 39.28
C LYS H 441 60.46 -1.47 38.43
N THR H 442 60.59 -0.48 37.55
CA THR H 442 61.85 -0.27 36.85
C THR H 442 62.93 0.20 37.83
N ILE H 443 64.20 0.03 37.45
CA ILE H 443 65.28 0.47 38.33
C ILE H 443 65.21 1.98 38.51
N GLU H 444 64.84 2.70 37.45
CA GLU H 444 64.70 4.14 37.54
C GLU H 444 63.67 4.53 38.60
N ASP H 445 62.53 3.83 38.62
CA ASP H 445 61.51 4.15 39.61
C ASP H 445 61.88 3.61 40.99
N ALA H 446 62.49 2.43 41.07
CA ALA H 446 62.87 1.88 42.37
C ALA H 446 63.87 2.78 43.09
N ARG H 447 64.75 3.47 42.35
CA ARG H 447 65.71 4.36 42.98
C ARG H 447 65.02 5.53 43.69
N LEU H 448 63.75 5.77 43.42
CA LEU H 448 62.96 6.80 44.07
C LEU H 448 62.19 6.26 45.26
N GLY H 449 62.37 4.99 45.60
CA GLY H 449 61.52 4.33 46.56
C GLY H 449 62.06 4.36 47.98
N GLY H 450 61.31 3.70 48.85
CA GLY H 450 61.66 3.64 50.26
C GLY H 450 60.57 2.92 51.01
N THR H 451 60.52 3.13 52.33
CA THR H 451 59.48 2.56 53.16
C THR H 451 58.60 3.64 53.76
N SER H 452 57.32 3.31 53.98
CA SER H 452 56.41 4.22 54.65
C SER H 452 55.63 3.46 55.72
N GLY H 453 54.76 4.16 56.41
CA GLY H 453 54.05 3.52 57.50
C GLY H 453 55.03 2.95 58.50
N CYS H 454 54.95 1.65 58.76
CA CYS H 454 55.88 0.99 59.68
C CYS H 454 57.14 0.51 58.97
N VAL H 455 56.98 -0.34 57.95
CA VAL H 455 58.10 -0.94 57.22
C VAL H 455 57.77 -1.16 55.75
N GLU H 456 56.69 -0.57 55.26
CA GLU H 456 56.09 -1.01 54.01
C GLU H 456 56.79 -0.37 52.82
N THR H 457 57.26 -1.21 51.91
CA THR H 457 58.01 -0.75 50.74
C THR H 457 57.07 -0.22 49.67
N GLY H 458 57.42 0.93 49.10
CA GLY H 458 56.61 1.50 48.03
C GLY H 458 57.43 2.41 47.14
N CYS H 459 56.91 2.62 45.93
CA CYS H 459 57.56 3.50 44.95
C CYS H 459 56.93 4.89 45.09
N PHE H 460 57.61 5.75 45.84
CA PHE H 460 57.04 7.01 46.27
C PHE H 460 56.56 7.87 45.11
N GLY H 461 55.30 8.32 45.19
CA GLY H 461 54.75 9.19 44.17
C GLY H 461 54.31 8.51 42.88
N LYS H 462 54.40 7.18 42.79
CA LYS H 462 54.06 6.44 41.58
C LYS H 462 53.27 5.17 41.87
N GLU H 463 52.84 4.94 43.11
CA GLU H 463 52.27 3.66 43.47
C GLU H 463 51.11 3.82 44.44
N ALA H 464 50.09 3.01 44.22
CA ALA H 464 49.09 2.71 45.23
C ALA H 464 49.46 1.33 45.79
N TYR H 465 49.87 1.29 47.04
CA TYR H 465 50.20 0.03 47.69
C TYR H 465 49.40 0.00 48.99
N VAL H 466 48.27 -0.68 48.95
CA VAL H 466 47.22 -0.58 49.95
C VAL H 466 47.30 -1.77 50.89
N LEU H 467 47.34 -1.50 52.20
CA LEU H 467 47.20 -2.54 53.21
C LEU H 467 45.72 -2.81 53.45
N THR H 468 45.33 -4.10 53.52
CA THR H 468 43.91 -4.44 53.69
C THR H 468 43.58 -5.05 55.05
N GLY H 469 44.57 -5.45 55.84
CA GLY H 469 44.30 -5.97 57.16
C GLY H 469 45.32 -7.01 57.59
N TYR H 470 45.38 -7.24 58.90
CA TYR H 470 46.26 -8.24 59.49
C TYR H 470 45.61 -9.62 59.40
N MET H 471 46.45 -10.65 59.30
CA MET H 471 46.03 -12.04 59.25
C MET H 471 46.58 -12.78 60.45
N ASN H 472 45.70 -13.46 61.18
CA ASN H 472 46.06 -14.10 62.45
C ASN H 472 46.58 -15.51 62.15
N ILE H 473 47.85 -15.58 61.74
CA ILE H 473 48.40 -16.86 61.30
C ILE H 473 48.38 -17.90 62.42
N PRO H 474 48.77 -17.58 63.66
CA PRO H 474 48.68 -18.59 64.73
C PRO H 474 47.27 -19.11 64.95
N LYS H 475 46.25 -18.26 64.86
CA LYS H 475 44.89 -18.74 65.05
C LYS H 475 44.43 -19.61 63.88
N ILE H 476 45.04 -19.48 62.71
CA ILE H 476 44.74 -20.43 61.64
C ILE H 476 45.21 -21.83 62.02
N LEU H 477 46.36 -21.92 62.69
CA LEU H 477 46.78 -23.21 63.24
C LEU H 477 45.80 -23.68 64.31
N GLU H 478 45.33 -22.78 65.17
CA GLU H 478 44.34 -23.16 66.16
C GLU H 478 43.11 -23.76 65.50
N LEU H 479 42.64 -23.15 64.41
CA LEU H 479 41.52 -23.75 63.69
C LEU H 479 41.88 -25.15 63.18
N THR H 480 43.09 -25.30 62.63
CA THR H 480 43.54 -26.60 62.13
C THR H 480 43.50 -27.65 63.22
N LEU H 481 44.07 -27.33 64.39
CA LEU H 481 44.10 -28.29 65.49
C LEU H 481 42.72 -28.61 66.03
N ASN H 482 41.69 -27.86 65.62
CA ASN H 482 40.33 -28.08 66.08
C ASN H 482 39.35 -28.38 64.96
N ASN H 483 39.85 -28.82 63.79
CA ASN H 483 39.00 -29.22 62.68
C ASN H 483 38.05 -28.10 62.26
N GLY H 484 38.57 -26.86 62.24
CA GLY H 484 37.81 -25.72 61.80
C GLY H 484 37.02 -25.02 62.88
N TYR H 485 36.91 -25.63 64.05
CA TYR H 485 36.17 -25.06 65.15
C TYR H 485 37.05 -24.07 65.90
N ASP H 486 36.49 -22.91 66.24
CA ASP H 486 37.22 -21.91 67.02
C ASP H 486 36.88 -22.11 68.48
N PRO H 487 37.82 -22.56 69.33
CA PRO H 487 37.49 -22.81 70.73
C PRO H 487 37.13 -21.56 71.51
N ILE H 488 37.49 -20.37 71.03
CA ILE H 488 37.20 -19.14 71.78
C ILE H 488 35.80 -18.66 71.45
N SER H 489 35.49 -18.43 70.18
CA SER H 489 34.13 -18.02 69.81
C SER H 489 33.13 -19.15 69.89
N LYS H 490 33.60 -20.40 70.01
CA LYS H 490 32.70 -21.56 70.00
C LYS H 490 31.85 -21.61 68.74
N LYS H 491 32.44 -21.23 67.61
CA LYS H 491 31.76 -21.34 66.33
C LYS H 491 32.67 -22.06 65.34
N GLN H 492 32.06 -22.65 64.33
CA GLN H 492 32.80 -23.24 63.22
C GLN H 492 33.22 -22.12 62.27
N ILE H 493 34.48 -21.71 62.35
CA ILE H 493 34.98 -20.58 61.57
C ILE H 493 35.72 -21.03 60.33
N GLY H 494 36.47 -22.14 60.43
CA GLY H 494 37.23 -22.68 59.33
C GLY H 494 36.51 -23.85 58.67
N ILE H 495 37.29 -24.69 57.99
CA ILE H 495 36.74 -25.85 57.30
C ILE H 495 37.14 -27.11 58.06
N GLU H 496 36.51 -28.22 57.70
CA GLU H 496 36.80 -29.53 58.29
C GLU H 496 37.98 -30.15 57.56
N THR H 497 39.17 -29.95 58.10
CA THR H 497 40.37 -30.56 57.55
C THR H 497 40.74 -31.87 58.22
N GLY H 498 40.00 -32.28 59.24
CA GLY H 498 40.22 -33.57 59.85
C GLY H 498 40.58 -33.50 61.31
N ASP H 499 40.31 -34.58 62.01
CA ASP H 499 40.73 -34.71 63.40
C ASP H 499 42.25 -34.84 63.45
N PRO H 500 42.97 -33.93 64.09
CA PRO H 500 44.44 -34.04 64.10
C PRO H 500 44.96 -35.31 64.75
N ARG H 501 44.18 -35.95 65.63
CA ARG H 501 44.61 -37.21 66.24
C ARG H 501 44.82 -38.30 65.20
N ASN H 502 44.19 -38.19 64.03
CA ASN H 502 44.35 -39.18 62.98
C ASN H 502 45.50 -38.85 62.04
N PHE H 503 46.15 -37.71 62.19
CA PHE H 503 47.26 -37.37 61.30
C PHE H 503 48.46 -38.26 61.59
N GLN H 504 49.00 -38.88 60.55
CA GLN H 504 50.07 -39.85 60.69
C GLN H 504 51.46 -39.25 60.56
N SER H 505 51.57 -38.01 60.08
CA SER H 505 52.88 -37.40 59.90
C SER H 505 52.75 -35.90 60.05
N TYR H 506 53.90 -35.25 60.31
CA TYR H 506 53.92 -33.78 60.34
C TYR H 506 53.46 -33.22 59.02
N GLU H 507 53.79 -33.89 57.91
CA GLU H 507 53.41 -33.41 56.60
C GLU H 507 51.90 -33.39 56.44
N GLU H 508 51.21 -34.39 57.00
CA GLU H 508 49.76 -34.41 56.95
C GLU H 508 49.17 -33.22 57.70
N LEU H 509 49.73 -32.92 58.88
CA LEU H 509 49.30 -31.75 59.65
C LEU H 509 49.55 -30.46 58.89
N PHE H 510 50.74 -30.30 58.30
CA PHE H 510 51.04 -29.04 57.62
C PHE H 510 50.17 -28.86 56.39
N GLU H 511 49.79 -29.96 55.74
CA GLU H 511 48.88 -29.87 54.61
C GLU H 511 47.49 -29.42 55.06
N ALA H 512 47.03 -29.89 56.23
CA ALA H 512 45.77 -29.40 56.77
C ALA H 512 45.86 -27.91 57.09
N PHE H 513 46.99 -27.46 57.65
CA PHE H 513 47.17 -26.04 57.93
C PHE H 513 47.08 -25.23 56.64
N LYS H 514 47.73 -25.70 55.59
CA LYS H 514 47.68 -24.97 54.33
C LYS H 514 46.26 -24.90 53.78
N LYS H 515 45.45 -25.94 54.02
CA LYS H 515 44.06 -25.89 53.55
C LYS H 515 43.25 -24.88 54.36
N GLN H 516 43.45 -24.81 55.68
CA GLN H 516 42.78 -23.78 56.46
C GLN H 516 43.26 -22.39 56.02
N LEU H 517 44.55 -22.23 55.76
CA LEU H 517 45.09 -20.96 55.27
C LEU H 517 44.45 -20.53 53.96
N HIS H 518 44.33 -21.47 53.01
CA HIS H 518 43.69 -21.18 51.74
C HIS H 518 42.25 -20.69 51.92
N TYR H 519 41.48 -21.37 52.78
CA TYR H 519 40.10 -20.98 52.99
C TYR H 519 40.01 -19.57 53.57
N MET H 520 40.82 -19.28 54.59
CA MET H 520 40.75 -17.99 55.25
C MET H 520 41.21 -16.86 54.34
N ILE H 521 42.23 -17.11 53.51
CA ILE H 521 42.65 -16.09 52.55
C ILE H 521 41.54 -15.85 51.53
N ASP H 522 40.89 -16.92 51.04
CA ASP H 522 39.78 -16.74 50.09
C ASP H 522 38.70 -15.85 50.67
N ILE H 523 38.34 -16.07 51.94
CA ILE H 523 37.32 -15.24 52.58
C ILE H 523 37.76 -13.78 52.61
N LYS H 524 39.00 -13.55 53.04
CA LYS H 524 39.50 -12.19 53.15
C LYS H 524 39.53 -11.51 51.78
N ILE H 525 40.05 -12.22 50.78
CA ILE H 525 40.20 -11.64 49.45
C ILE H 525 38.85 -11.34 48.84
N GLU H 526 37.87 -12.23 49.06
CA GLU H 526 36.53 -11.97 48.54
C GLU H 526 35.96 -10.69 49.12
N GLY H 527 36.08 -10.51 50.44
CA GLY H 527 35.67 -9.25 51.05
C GLY H 527 36.47 -8.06 50.51
N ASN H 528 37.79 -8.24 50.37
CA ASN H 528 38.66 -7.19 49.83
C ASN H 528 38.19 -6.70 48.47
N ALA H 529 37.79 -7.63 47.59
CA ALA H 529 37.40 -7.23 46.24
C ALA H 529 36.18 -6.33 46.25
N VAL H 530 35.17 -6.70 47.04
CA VAL H 530 34.00 -5.82 47.21
C VAL H 530 34.45 -4.45 47.71
N ILE H 531 35.31 -4.45 48.73
CA ILE H 531 35.74 -3.22 49.39
C ILE H 531 36.52 -2.34 48.41
N GLU H 532 37.33 -2.97 47.56
CA GLU H 532 38.08 -2.20 46.56
C GLU H 532 37.13 -1.46 45.61
N ASN H 533 36.05 -2.13 45.19
CA ASN H 533 35.04 -1.48 44.36
C ASN H 533 34.39 -0.31 45.08
N ILE H 534 34.00 -0.53 46.33
CA ILE H 534 33.33 0.51 47.11
C ILE H 534 34.25 1.73 47.26
N CYS H 535 35.53 1.52 47.56
CA CYS H 535 36.45 2.65 47.70
C CYS H 535 36.66 3.35 46.36
N ALA H 536 36.78 2.58 45.27
CA ALA H 536 36.98 3.22 43.97
C ALA H 536 35.79 4.08 43.59
N LYS H 537 34.57 3.62 43.88
CA LYS H 537 33.39 4.31 43.41
C LYS H 537 32.97 5.45 44.34
N HIS H 538 33.11 5.26 45.65
CA HIS H 538 32.59 6.20 46.62
C HIS H 538 33.68 6.97 47.35
N MET H 539 34.96 6.59 47.19
CA MET H 539 36.05 7.34 47.79
C MET H 539 37.07 7.82 46.76
N PRO H 540 36.66 8.31 45.60
CA PRO H 540 37.67 8.86 44.69
C PRO H 540 38.39 10.01 45.37
N CYS H 541 39.68 10.15 45.06
CA CYS H 541 40.53 11.14 45.72
C CYS H 541 41.17 12.01 44.63
N PRO H 542 40.41 12.94 44.05
CA PRO H 542 40.97 13.76 42.98
C PRO H 542 42.22 14.55 43.37
N LEU H 543 42.33 15.01 44.62
CA LEU H 543 43.52 15.77 45.00
C LEU H 543 44.78 14.89 44.98
N MET H 544 44.73 13.74 45.65
CA MET H 544 45.86 12.83 45.61
C MET H 544 46.22 12.44 44.18
N SER H 545 45.20 12.27 43.34
CA SER H 545 45.44 11.88 41.96
C SER H 545 46.30 12.90 41.22
N THR H 546 46.17 14.20 41.55
CA THR H 546 46.93 15.22 40.82
C THR H 546 48.44 15.10 41.03
N ILE H 547 48.90 14.47 42.11
CA ILE H 547 50.33 14.45 42.40
C ILE H 547 50.94 13.06 42.32
N VAL H 548 50.21 12.10 41.80
CA VAL H 548 50.69 10.77 41.68
C VAL H 548 50.80 10.31 40.22
N ASP H 549 51.98 9.87 39.88
CA ASP H 549 52.27 9.38 38.59
C ASP H 549 51.43 8.26 38.18
N ASP H 550 51.00 8.70 37.03
CA ASP H 550 50.20 8.43 35.94
C ASP H 550 48.75 8.80 36.02
N CYS H 551 48.26 9.38 37.14
CA CYS H 551 46.81 9.58 37.15
C CYS H 551 46.36 10.56 36.06
N ILE H 552 47.03 11.69 35.94
CA ILE H 552 46.62 12.68 34.93
C ILE H 552 46.77 12.11 33.53
N GLU H 553 47.92 11.50 33.26
CA GLU H 553 48.17 10.94 31.95
C GLU H 553 47.17 9.84 31.60
N LYS H 554 46.83 8.98 32.57
CA LYS H 554 45.84 7.95 32.28
C LYS H 554 44.41 8.49 32.25
N GLY H 555 44.18 9.69 32.78
CA GLY H 555 42.84 10.15 33.07
C GLY H 555 42.12 9.20 34.01
N LYS H 556 42.79 8.81 35.10
CA LYS H 556 42.27 7.77 35.99
C LYS H 556 42.59 8.08 37.44
N ASP H 557 41.56 8.08 38.28
CA ASP H 557 41.72 8.44 39.69
C ASP H 557 42.64 7.47 40.41
N TYR H 558 43.39 7.99 41.38
CA TYR H 558 44.27 7.17 42.19
C TYR H 558 43.51 6.05 42.89
N GLN H 559 42.27 6.30 43.32
CA GLN H 559 41.53 5.26 44.03
C GLN H 559 41.04 4.13 43.10
N ARG H 560 41.25 4.20 41.79
CA ARG H 560 40.81 3.11 40.91
C ARG H 560 41.89 2.68 39.92
N GLY H 561 43.16 2.89 40.24
CA GLY H 561 44.24 2.33 39.44
C GLY H 561 45.03 3.32 38.62
N GLY H 562 44.83 4.62 38.81
CA GLY H 562 45.59 5.61 38.08
C GLY H 562 47.08 5.58 38.36
N ALA H 563 47.51 5.08 39.52
CA ALA H 563 48.94 5.03 39.84
C ALA H 563 49.69 4.15 38.83
N ARG H 564 50.97 4.48 38.60
CA ARG H 564 51.78 3.67 37.69
C ARG H 564 51.86 2.22 38.16
N TYR H 565 51.99 2.02 39.47
CA TYR H 565 52.07 0.69 40.08
C TYR H 565 50.93 0.53 41.05
N ASN H 566 50.40 -0.70 41.13
CA ASN H 566 49.27 -1.01 41.99
C ASN H 566 49.47 -2.36 42.66
N THR H 567 49.55 -2.34 43.99
CA THR H 567 49.69 -3.55 44.78
C THR H 567 48.76 -3.46 45.97
N ARG H 568 48.40 -4.62 46.51
CA ARG H 568 47.58 -4.75 47.70
C ARG H 568 48.19 -5.79 48.61
N TYR H 569 48.07 -5.58 49.92
CA TYR H 569 48.74 -6.41 50.89
C TYR H 569 47.79 -6.98 51.93
N ILE H 570 48.14 -8.17 52.40
CA ILE H 570 47.66 -8.72 53.66
C ILE H 570 48.87 -8.89 54.57
N GLN H 571 48.79 -8.34 55.78
CA GLN H 571 49.92 -8.33 56.70
C GLN H 571 49.90 -9.55 57.62
N GLY H 572 50.94 -10.38 57.54
CA GLY H 572 51.02 -11.58 58.35
C GLY H 572 51.52 -11.29 59.77
N VAL H 573 50.80 -11.78 60.76
CA VAL H 573 51.12 -11.56 62.16
C VAL H 573 51.40 -12.91 62.81
N GLY H 574 52.45 -12.96 63.61
CA GLY H 574 52.69 -14.10 64.47
C GLY H 574 53.61 -15.18 63.93
N ILE H 575 54.54 -14.86 63.04
CA ILE H 575 55.35 -15.90 62.43
C ILE H 575 56.16 -16.64 63.48
N GLY H 576 56.71 -15.91 64.45
CA GLY H 576 57.46 -16.55 65.53
C GLY H 576 56.60 -17.50 66.33
N THR H 577 55.41 -17.06 66.73
CA THR H 577 54.51 -17.90 67.51
C THR H 577 54.15 -19.19 66.77
N ILE H 578 53.74 -19.08 65.51
CA ILE H 578 53.32 -20.30 64.81
C ILE H 578 54.53 -21.18 64.46
N THR H 579 55.68 -20.57 64.15
CA THR H 579 56.87 -21.37 63.90
C THR H 579 57.20 -22.25 65.10
N ASP H 580 57.27 -21.65 66.29
CA ASP H 580 57.57 -22.44 67.49
C ASP H 580 56.46 -23.44 67.79
N SER H 581 55.21 -23.12 67.49
CA SER H 581 54.13 -24.06 67.76
C SER H 581 54.25 -25.30 66.87
N LEU H 582 54.41 -25.10 65.57
CA LEU H 582 54.58 -26.24 64.67
C LEU H 582 55.89 -26.96 64.95
N THR H 583 56.94 -26.22 65.29
CA THR H 583 58.19 -26.86 65.68
C THR H 583 57.96 -27.75 66.90
N ALA H 584 57.20 -27.26 67.88
CA ALA H 584 56.92 -28.05 69.06
C ALA H 584 56.16 -29.31 68.71
N ILE H 585 55.21 -29.23 67.77
CA ILE H 585 54.44 -30.41 67.38
C ILE H 585 55.32 -31.41 66.66
N LYS H 586 56.11 -30.94 65.70
CA LYS H 586 56.96 -31.86 64.94
C LYS H 586 57.96 -32.57 65.86
N TYR H 587 58.59 -31.81 66.76
CA TYR H 587 59.64 -32.35 67.61
C TYR H 587 59.08 -33.31 68.66
N ASN H 588 58.01 -32.91 69.34
CA ASN H 588 57.50 -33.65 70.48
C ASN H 588 56.49 -34.73 70.08
N VAL H 589 55.65 -34.48 69.09
CA VAL H 589 54.64 -35.46 68.73
C VAL H 589 55.19 -36.47 67.72
N PHE H 590 55.86 -36.00 66.66
CA PHE H 590 56.19 -36.86 65.53
C PHE H 590 57.63 -37.37 65.53
N ASP H 591 58.61 -36.58 65.97
CA ASP H 591 60.01 -36.99 65.88
C ASP H 591 60.44 -37.76 67.14
N LYS H 592 60.50 -37.07 68.27
CA LYS H 592 60.91 -37.72 69.51
C LYS H 592 59.76 -38.48 70.15
N LYS H 593 58.52 -38.17 69.79
CA LYS H 593 57.34 -38.90 70.27
C LYS H 593 57.24 -38.92 71.81
N LYS H 594 57.37 -37.73 72.41
CA LYS H 594 57.27 -37.60 73.86
C LYS H 594 55.83 -37.58 74.35
N PHE H 595 54.88 -37.20 73.51
CA PHE H 595 53.46 -37.31 73.81
C PHE H 595 52.71 -37.33 72.49
N ASP H 596 51.44 -37.68 72.53
CA ASP H 596 50.66 -37.79 71.31
C ASP H 596 49.80 -36.53 71.10
N MET H 597 49.13 -36.47 69.95
CA MET H 597 48.33 -35.30 69.61
C MET H 597 47.18 -35.11 70.59
N ASP H 598 46.52 -36.20 70.98
CA ASP H 598 45.39 -36.09 71.89
C ASP H 598 45.82 -35.46 73.22
N THR H 599 46.99 -35.86 73.73
CA THR H 599 47.49 -35.29 74.97
C THR H 599 47.82 -33.81 74.81
N LEU H 600 48.44 -33.43 73.70
CA LEU H 600 48.71 -32.02 73.45
C LEU H 600 47.42 -31.20 73.43
N LEU H 601 46.38 -31.71 72.77
CA LEU H 601 45.13 -30.96 72.70
C LEU H 601 44.47 -30.82 74.06
N LYS H 602 44.46 -31.88 74.86
CA LYS H 602 43.95 -31.75 76.22
C LYS H 602 44.72 -30.69 77.00
N ALA H 603 46.06 -30.68 76.85
CA ALA H 603 46.86 -29.67 77.54
C ALA H 603 46.48 -28.26 77.08
N LEU H 604 46.36 -28.05 75.77
CA LEU H 604 45.95 -26.73 75.29
C LEU H 604 44.60 -26.34 75.87
N ASP H 605 43.66 -27.29 75.88
CA ASP H 605 42.32 -27.01 76.39
C ASP H 605 42.34 -26.59 77.86
N ALA H 606 43.30 -27.10 78.62
CA ALA H 606 43.40 -26.79 80.05
C ALA H 606 44.31 -25.60 80.33
N ASN H 607 44.73 -24.87 79.29
CA ASN H 607 45.73 -23.81 79.46
C ASN H 607 46.96 -24.34 80.19
N PHE H 608 47.28 -25.61 79.95
CA PHE H 608 48.40 -26.34 80.56
C PHE H 608 48.22 -26.59 82.05
N GLU H 609 47.08 -26.25 82.62
CA GLU H 609 46.81 -26.58 84.02
C GLU H 609 46.81 -28.09 84.20
N GLY H 610 47.69 -28.61 85.06
CA GLY H 610 47.80 -30.03 85.21
C GLY H 610 48.64 -30.73 84.17
N TYR H 611 49.22 -29.99 83.24
CA TYR H 611 50.11 -30.57 82.24
C TYR H 611 51.43 -29.86 82.29
N GLU H 612 51.93 -29.64 83.51
CA GLU H 612 53.16 -28.87 83.70
C GLU H 612 54.35 -29.50 83.01
N ALA H 613 54.38 -30.84 82.92
CA ALA H 613 55.51 -31.49 82.26
C ALA H 613 55.48 -31.21 80.76
N ILE H 614 54.29 -31.24 80.15
CA ILE H 614 54.16 -30.87 78.74
C ILE H 614 54.62 -29.44 78.54
N LEU H 615 54.15 -28.52 79.38
CA LEU H 615 54.54 -27.13 79.27
C LEU H 615 56.05 -26.97 79.34
N ASN H 616 56.70 -27.73 80.23
CA ASN H 616 58.14 -27.66 80.36
C ASN H 616 58.83 -28.11 79.08
N LEU H 617 58.33 -29.18 78.47
CA LEU H 617 58.95 -29.71 77.26
C LEU H 617 58.88 -28.71 76.11
N VAL H 618 57.68 -28.17 75.85
CA VAL H 618 57.52 -27.30 74.68
C VAL H 618 58.15 -25.94 74.92
N SER H 619 58.21 -25.47 76.18
CA SER H 619 58.78 -24.15 76.45
C SER H 619 60.30 -24.17 76.54
N ASN H 620 60.88 -25.21 77.15
CA ASN H 620 62.28 -25.21 77.51
C ASN H 620 63.12 -26.32 76.89
N LYS H 621 62.50 -27.36 76.34
CA LYS H 621 63.24 -28.51 75.83
C LYS H 621 62.95 -28.77 74.35
N THR H 622 62.65 -27.70 73.60
CA THR H 622 62.23 -27.78 72.21
C THR H 622 62.94 -26.68 71.42
N PRO H 623 63.35 -26.96 70.18
CA PRO H 623 64.01 -25.91 69.38
C PRO H 623 63.10 -24.70 69.21
N LYS H 624 63.72 -23.52 69.09
CA LYS H 624 63.00 -22.25 69.02
C LYS H 624 63.56 -21.38 67.91
N TYR H 625 62.66 -20.66 67.24
CA TYR H 625 63.05 -19.68 66.23
C TYR H 625 63.87 -18.56 66.86
N GLY H 626 64.83 -18.06 66.09
CA GLY H 626 65.67 -16.95 66.53
C GLY H 626 66.98 -17.33 67.16
N ASN H 627 67.43 -18.57 66.99
CA ASN H 627 68.69 -19.07 67.52
C ASN H 627 69.60 -19.61 66.43
N ASP H 628 69.34 -19.25 65.18
CA ASP H 628 70.08 -19.81 64.04
C ASP H 628 70.03 -21.33 64.04
N ASP H 629 68.91 -21.87 64.49
CA ASP H 629 68.67 -23.32 64.58
C ASP H 629 67.81 -23.75 63.40
N ASP H 630 68.40 -24.49 62.47
CA ASP H 630 67.70 -24.84 61.24
C ASP H 630 66.49 -25.73 61.48
N TYR H 631 66.45 -26.47 62.59
CA TYR H 631 65.26 -27.28 62.84
C TYR H 631 64.02 -26.42 62.91
N ALA H 632 64.12 -25.30 63.64
CA ALA H 632 63.01 -24.37 63.73
C ALA H 632 62.97 -23.42 62.54
N ASP H 633 64.13 -22.97 62.05
CA ASP H 633 64.13 -21.94 61.02
C ASP H 633 63.65 -22.48 59.67
N GLU H 634 63.87 -23.76 59.39
CA GLU H 634 63.30 -24.34 58.18
C GLU H 634 61.78 -24.41 58.26
N ILE H 635 61.23 -24.62 59.44
CA ILE H 635 59.78 -24.60 59.58
C ILE H 635 59.26 -23.17 59.39
N MET H 636 59.98 -22.17 59.92
CA MET H 636 59.65 -20.79 59.64
C MET H 636 59.55 -20.55 58.14
N GLN H 637 60.54 -21.02 57.40
CA GLN H 637 60.57 -20.85 55.95
C GLN H 637 59.36 -21.51 55.29
N GLU H 638 58.97 -22.69 55.75
CA GLU H 638 57.83 -23.37 55.15
C GLU H 638 56.53 -22.59 55.39
N ILE H 639 56.35 -22.08 56.61
CA ILE H 639 55.18 -21.26 56.89
C ILE H 639 55.21 -20.00 56.05
N PHE H 640 56.34 -19.30 56.06
CA PHE H 640 56.45 -18.07 55.29
C PHE H 640 56.17 -18.31 53.82
N ASN H 641 56.74 -19.38 53.25
CA ASN H 641 56.51 -19.71 51.85
C ASN H 641 55.04 -20.05 51.59
N ALA H 642 54.40 -20.78 52.51
CA ALA H 642 53.00 -21.09 52.29
C ALA H 642 52.17 -19.80 52.26
N TYR H 643 52.47 -18.87 53.17
CA TYR H 643 51.79 -17.58 53.20
C TYR H 643 52.06 -16.79 51.92
N TYR H 644 53.34 -16.68 51.54
CA TYR H 644 53.70 -16.00 50.30
C TYR H 644 52.97 -16.59 49.11
N ASN H 645 52.95 -17.91 48.99
CA ASN H 645 52.35 -18.60 47.85
C ASN H 645 50.83 -18.48 47.83
N GLU H 646 50.21 -18.48 49.01
CA GLU H 646 48.75 -18.42 49.04
C GLU H 646 48.22 -17.06 48.63
N VAL H 647 48.97 -15.99 48.90
CA VAL H 647 48.51 -14.61 48.69
C VAL H 647 49.04 -14.02 47.38
N THR H 648 50.34 -14.18 47.13
CA THR H 648 51.01 -13.38 46.10
C THR H 648 50.52 -13.74 44.71
N GLY H 649 50.26 -12.73 43.90
CA GLY H 649 49.85 -12.90 42.52
C GLY H 649 48.35 -12.93 42.28
N ARG H 650 47.53 -12.99 43.33
CA ARG H 650 46.09 -12.85 43.12
C ARG H 650 45.79 -11.47 42.53
N PRO H 651 44.88 -11.37 41.56
CA PRO H 651 44.60 -10.06 40.97
C PRO H 651 43.81 -9.18 41.90
N THR H 652 44.04 -7.88 41.79
CA THR H 652 43.18 -6.88 42.40
C THR H 652 42.18 -6.41 41.35
N VAL H 653 41.10 -5.77 41.82
CA VAL H 653 40.04 -5.34 40.91
C VAL H 653 40.57 -4.28 39.94
N CYS H 654 41.44 -3.39 40.41
CA CYS H 654 41.87 -2.26 39.60
C CYS H 654 43.19 -2.46 38.88
N GLY H 655 43.57 -3.71 38.61
CA GLY H 655 44.66 -4.02 37.72
C GLY H 655 46.03 -4.28 38.34
N GLY H 656 46.11 -4.45 39.65
CA GLY H 656 47.34 -4.81 40.30
C GLY H 656 47.35 -6.24 40.79
N GLU H 657 48.19 -6.53 41.77
CA GLU H 657 48.23 -7.86 42.33
C GLU H 657 48.46 -7.79 43.82
N TYR H 658 48.12 -8.88 44.49
CA TYR H 658 48.36 -9.01 45.91
C TYR H 658 49.82 -9.42 46.17
N ARG H 659 50.34 -8.90 47.27
CA ARG H 659 51.66 -9.26 47.78
C ARG H 659 51.56 -9.34 49.28
N VAL H 660 52.69 -9.61 49.92
CA VAL H 660 52.72 -10.02 51.31
C VAL H 660 53.73 -9.17 52.07
N ASP H 661 53.41 -8.83 53.32
CA ASP H 661 54.39 -8.23 54.22
C ASP H 661 54.15 -8.76 55.64
N MET H 662 55.02 -8.37 56.58
CA MET H 662 55.00 -8.95 57.93
C MET H 662 55.20 -7.84 58.96
N LEU H 663 54.11 -7.35 59.53
CA LEU H 663 54.15 -6.34 60.57
C LEU H 663 52.86 -6.38 61.37
N PRO H 664 52.89 -5.95 62.65
CA PRO H 664 51.71 -6.11 63.52
C PRO H 664 51.06 -4.82 63.98
N THR H 665 51.79 -3.71 63.99
CA THR H 665 51.41 -2.54 64.78
C THR H 665 51.02 -2.96 66.19
N THR H 666 49.77 -2.80 66.65
CA THR H 666 49.36 -3.33 67.96
C THR H 666 48.46 -4.54 67.85
N CYS H 667 48.30 -5.09 66.65
CA CYS H 667 47.36 -6.18 66.43
C CYS H 667 47.84 -7.50 66.99
N HIS H 668 49.14 -7.65 67.28
CA HIS H 668 49.61 -8.88 67.89
C HIS H 668 49.07 -9.04 69.30
N ILE H 669 48.75 -7.92 69.95
CA ILE H 669 48.08 -7.95 71.24
C ILE H 669 46.67 -8.50 71.08
N TYR H 670 45.89 -7.88 70.20
CA TYR H 670 44.52 -8.31 69.94
C TYR H 670 44.47 -9.78 69.47
N PHE H 671 45.32 -10.15 68.52
CA PHE H 671 45.24 -11.51 67.96
C PHE H 671 45.53 -12.58 69.00
N GLY H 672 46.41 -12.30 69.96
CA GLY H 672 46.64 -13.24 71.04
C GLY H 672 45.53 -13.24 72.08
N GLU H 673 44.91 -12.08 72.30
CA GLU H 673 43.86 -11.97 73.31
C GLU H 673 42.69 -12.89 73.00
N ILE H 674 42.38 -13.08 71.71
CA ILE H 674 41.25 -13.93 71.32
C ILE H 674 41.72 -15.31 70.84
N MET H 675 42.89 -15.75 71.27
CA MET H 675 43.40 -17.06 70.94
C MET H 675 43.67 -17.83 72.23
N GLY H 676 43.44 -19.15 72.20
CA GLY H 676 43.75 -19.99 73.33
C GLY H 676 45.24 -20.24 73.45
N ALA H 677 45.59 -21.16 74.35
CA ALA H 677 46.97 -21.60 74.45
C ALA H 677 47.43 -22.22 73.14
N SER H 678 48.70 -22.08 72.84
CA SER H 678 49.25 -22.66 71.62
C SER H 678 50.36 -23.65 71.96
N PRO H 679 50.65 -24.57 71.04
CA PRO H 679 51.58 -25.68 71.36
C PRO H 679 52.98 -25.25 71.77
N ASN H 680 53.41 -24.02 71.46
CA ASN H 680 54.77 -23.63 71.82
C ASN H 680 54.94 -23.32 73.29
N GLY H 681 53.86 -23.28 74.07
CA GLY H 681 53.91 -22.93 75.48
C GLY H 681 53.30 -21.58 75.81
N ARG H 682 52.93 -20.79 74.80
CA ARG H 682 52.22 -19.54 75.04
C ARG H 682 50.84 -19.81 75.63
N LEU H 683 50.49 -19.10 76.69
CA LEU H 683 49.24 -19.37 77.37
C LEU H 683 48.08 -18.62 76.73
N CYS H 684 46.88 -19.00 77.14
CA CYS H 684 45.66 -18.43 76.62
C CYS H 684 45.66 -16.91 76.81
N ALA H 685 45.23 -16.20 75.77
CA ALA H 685 45.03 -14.75 75.75
C ALA H 685 46.32 -13.95 75.81
N LYS H 686 47.49 -14.59 75.80
CA LYS H 686 48.74 -13.84 75.72
C LYS H 686 48.97 -13.34 74.29
N PRO H 687 49.68 -12.23 74.14
CA PRO H 687 50.01 -11.72 72.80
C PRO H 687 50.72 -12.78 71.97
N VAL H 688 50.58 -12.68 70.64
CA VAL H 688 51.43 -13.46 69.76
C VAL H 688 52.69 -12.64 69.50
N SER H 689 53.68 -13.23 68.84
CA SER H 689 54.93 -12.51 68.61
C SER H 689 54.74 -11.32 67.67
N GLU H 690 55.64 -10.35 67.81
CA GLU H 690 55.60 -9.10 67.07
C GLU H 690 56.53 -9.14 65.86
N GLY H 691 56.05 -8.62 64.74
CA GLY H 691 56.83 -8.63 63.51
C GLY H 691 57.33 -10.01 63.17
N ILE H 692 58.59 -10.07 62.72
CA ILE H 692 59.27 -11.36 62.53
C ILE H 692 60.20 -11.65 63.72
N SER H 693 59.99 -10.99 64.85
CA SER H 693 60.82 -11.19 66.03
C SER H 693 60.57 -12.56 66.65
N PRO H 694 61.51 -13.05 67.46
CA PRO H 694 61.29 -14.32 68.16
C PRO H 694 60.16 -14.24 69.18
N GLU H 695 59.66 -15.42 69.55
CA GLU H 695 58.68 -15.52 70.63
C GLU H 695 59.30 -15.10 71.97
N LYS H 696 58.43 -14.85 72.94
CA LYS H 696 58.90 -14.50 74.27
C LYS H 696 59.77 -15.62 74.84
N GLY H 697 60.99 -15.27 75.25
CA GLY H 697 61.93 -16.26 75.73
C GLY H 697 62.47 -17.22 74.68
N GLY H 698 62.18 -16.99 73.40
CA GLY H 698 62.60 -17.95 72.39
C GLY H 698 64.06 -17.89 72.03
N ASP H 699 64.62 -16.69 71.94
CA ASP H 699 65.98 -16.47 71.50
C ASP H 699 66.90 -16.40 72.70
N THR H 700 67.80 -17.39 72.83
CA THR H 700 68.71 -17.46 73.97
C THR H 700 70.16 -17.44 73.56
N ASN H 701 70.47 -17.05 72.32
CA ASN H 701 71.83 -17.10 71.79
C ASN H 701 72.33 -15.76 71.30
N GLY H 702 71.69 -14.66 71.68
CA GLY H 702 72.22 -13.36 71.35
C GLY H 702 71.66 -12.79 70.06
N PRO H 703 71.99 -11.53 69.79
CA PRO H 703 71.36 -10.85 68.64
C PRO H 703 71.89 -11.30 67.28
N THR H 704 73.15 -11.76 67.21
CA THR H 704 73.64 -12.26 65.92
C THR H 704 72.89 -13.49 65.47
N ALA H 705 72.55 -14.39 66.40
CA ALA H 705 71.79 -15.56 66.00
C ALA H 705 70.40 -15.18 65.50
N VAL H 706 69.77 -14.17 66.11
CA VAL H 706 68.42 -13.86 65.63
C VAL H 706 68.47 -13.20 64.26
N ILE H 707 69.45 -12.33 64.01
CA ILE H 707 69.48 -11.76 62.66
C ILE H 707 69.83 -12.83 61.63
N LYS H 708 70.57 -13.87 62.04
CA LYS H 708 70.82 -14.98 61.12
C LYS H 708 69.54 -15.76 60.86
N SER H 709 68.73 -15.99 61.89
CA SER H 709 67.42 -16.61 61.67
C SER H 709 66.56 -15.73 60.77
N CYS H 710 66.49 -14.42 61.07
CA CYS H 710 65.63 -13.55 60.30
C CYS H 710 66.06 -13.46 58.83
N ALA H 711 67.36 -13.58 58.56
CA ALA H 711 67.83 -13.51 57.18
C ALA H 711 67.43 -14.74 56.37
N LYS H 712 66.96 -15.81 57.01
CA LYS H 712 66.53 -16.99 56.27
C LYS H 712 65.17 -16.82 55.62
N MET H 713 64.42 -15.79 56.01
CA MET H 713 63.21 -15.36 55.30
C MET H 713 63.61 -14.55 54.06
N ASP H 714 62.94 -14.80 52.94
CA ASP H 714 63.31 -14.07 51.72
C ASP H 714 62.60 -12.72 51.70
N HIS H 715 63.26 -11.72 52.30
CA HIS H 715 62.67 -10.38 52.39
C HIS H 715 62.38 -9.79 51.03
N ILE H 716 63.16 -10.16 50.01
CA ILE H 716 62.98 -9.55 48.70
C ILE H 716 61.60 -9.88 48.13
N LYS H 717 61.00 -11.00 48.54
CA LYS H 717 59.68 -11.41 48.05
C LYS H 717 58.52 -10.77 48.80
N THR H 718 58.80 -9.86 49.71
CA THR H 718 57.80 -9.18 50.51
C THR H 718 57.78 -7.69 50.16
N GLY H 719 56.79 -7.00 50.71
CA GLY H 719 56.80 -5.56 50.74
C GLY H 719 57.24 -5.02 52.08
N GLY H 720 58.11 -5.76 52.76
CA GLY H 720 58.67 -5.34 54.03
C GLY H 720 58.40 -6.29 55.19
N THR H 721 59.36 -6.38 56.11
CA THR H 721 59.25 -7.18 57.34
C THR H 721 59.75 -6.33 58.50
N LEU H 722 59.23 -6.60 59.71
CA LEU H 722 59.52 -5.78 60.89
C LEU H 722 60.23 -6.61 61.95
N LEU H 723 61.43 -6.17 62.35
CA LEU H 723 62.23 -6.82 63.38
C LEU H 723 62.52 -5.85 64.52
N ASN H 724 62.07 -6.18 65.73
CA ASN H 724 62.43 -5.48 66.96
C ASN H 724 63.61 -6.18 67.65
N GLN H 725 64.59 -5.40 68.08
CA GLN H 725 65.63 -5.89 68.98
C GLN H 725 65.82 -4.88 70.10
N ARG H 726 66.27 -5.38 71.25
CA ARG H 726 66.38 -4.63 72.49
C ARG H 726 67.75 -4.91 73.10
N PHE H 727 68.43 -3.87 73.55
CA PHE H 727 69.77 -3.96 74.12
C PHE H 727 69.81 -3.44 75.55
N ALA H 728 70.61 -4.11 76.38
CA ALA H 728 70.94 -3.59 77.70
C ALA H 728 71.59 -2.22 77.57
N PRO H 729 71.16 -1.23 78.34
CA PRO H 729 71.76 0.11 78.20
C PRO H 729 73.27 0.13 78.39
N SER H 730 73.82 -0.77 79.18
CA SER H 730 75.26 -0.73 79.42
C SER H 730 76.07 -1.20 78.23
N VAL H 731 75.51 -2.01 77.33
CA VAL H 731 76.30 -2.61 76.25
C VAL H 731 76.34 -1.78 74.98
N VAL H 732 75.63 -0.65 74.92
CA VAL H 732 75.68 0.24 73.76
C VAL H 732 76.41 1.53 74.09
N GLN H 733 77.12 1.58 75.21
CA GLN H 733 77.79 2.78 75.65
C GLN H 733 79.13 2.95 74.95
N GLY H 734 79.59 4.19 74.88
CA GLY H 734 80.89 4.50 74.31
C GLY H 734 80.96 4.32 72.81
N GLU H 735 82.18 4.48 72.28
CA GLU H 735 82.40 4.24 70.86
C GLU H 735 82.34 2.76 70.53
N LYS H 736 82.69 1.89 71.47
CA LYS H 736 82.54 0.46 71.22
C LYS H 736 81.08 0.11 71.06
N GLY H 737 80.21 0.73 71.85
CA GLY H 737 78.78 0.49 71.72
C GLY H 737 78.25 0.95 70.38
N LEU H 738 78.64 2.15 69.96
CA LEU H 738 78.25 2.64 68.64
C LEU H 738 78.71 1.69 67.54
N ASP H 739 79.97 1.23 67.62
CA ASP H 739 80.49 0.33 66.59
C ASP H 739 79.73 -0.99 66.60
N ASN H 740 79.37 -1.49 67.77
CA ASN H 740 78.62 -2.74 67.83
C ASN H 740 77.22 -2.60 67.26
N MET H 741 76.54 -1.48 67.53
CA MET H 741 75.23 -1.26 66.90
C MET H 741 75.35 -1.17 65.39
N ALA H 742 76.25 -0.32 64.90
CA ALA H 742 76.45 -0.17 63.47
C ALA H 742 76.80 -1.51 62.82
N ASN H 743 77.68 -2.30 63.45
CA ASN H 743 78.08 -3.56 62.86
C ASN H 743 76.91 -4.53 62.77
N LEU H 744 76.04 -4.54 63.77
CA LEU H 744 74.89 -5.43 63.70
C LEU H 744 73.97 -5.04 62.55
N VAL H 745 73.74 -3.74 62.38
CA VAL H 745 72.91 -3.26 61.26
C VAL H 745 73.55 -3.67 59.93
N ARG H 746 74.85 -3.40 59.75
CA ARG H 746 75.54 -3.77 58.51
C ARG H 746 75.49 -5.28 58.27
N ALA H 747 75.70 -6.07 59.31
CA ALA H 747 75.70 -7.52 59.16
C ALA H 747 74.33 -8.01 58.70
N TYR H 748 73.27 -7.55 59.35
CA TYR H 748 71.93 -7.95 58.96
C TYR H 748 71.64 -7.52 57.51
N PHE H 749 71.98 -6.30 57.15
CA PHE H 749 71.67 -5.79 55.82
C PHE H 749 72.53 -6.45 54.76
N ASN H 750 73.74 -6.87 55.10
CA ASN H 750 74.56 -7.61 54.15
C ASN H 750 73.96 -8.97 53.83
N MET H 751 73.11 -9.51 54.70
CA MET H 751 72.36 -10.72 54.41
C MET H 751 70.98 -10.42 53.82
N ASP H 752 70.75 -9.17 53.42
CA ASP H 752 69.51 -8.74 52.77
C ASP H 752 68.31 -8.67 53.73
N GLY H 753 68.56 -8.52 55.02
CA GLY H 753 67.47 -8.19 55.92
C GLY H 753 66.88 -6.83 55.58
N HIS H 754 65.58 -6.68 55.84
CA HIS H 754 64.85 -5.50 55.41
C HIS H 754 64.95 -4.32 56.38
N HIS H 755 64.82 -4.57 57.68
CA HIS H 755 64.56 -3.51 58.66
C HIS H 755 65.01 -3.98 60.04
N ILE H 756 65.50 -3.04 60.85
CA ILE H 756 65.75 -3.31 62.26
C ILE H 756 65.57 -2.01 63.03
N GLN H 757 65.10 -2.13 64.27
CA GLN H 757 64.93 -0.96 65.13
C GLN H 757 65.15 -1.41 66.57
N PHE H 758 65.57 -0.47 67.43
CA PHE H 758 66.08 -0.81 68.75
C PHE H 758 65.34 -0.12 69.88
N ASN H 759 65.07 -0.89 70.93
CA ASN H 759 64.79 -0.38 72.26
C ASN H 759 66.08 -0.42 73.08
N VAL H 760 66.30 0.62 73.87
CA VAL H 760 67.39 0.62 74.84
C VAL H 760 66.86 1.27 76.11
N PHE H 761 66.33 0.46 77.03
CA PHE H 761 65.75 1.02 78.24
C PHE H 761 66.16 0.22 79.47
N ASP H 762 66.09 0.90 80.62
CA ASP H 762 66.22 0.29 81.93
C ASP H 762 64.87 -0.27 82.37
N LYS H 763 64.80 -1.59 82.52
CA LYS H 763 63.57 -2.25 82.92
C LYS H 763 62.95 -1.59 84.16
N ASN H 764 63.79 -1.18 85.11
CA ASN H 764 63.27 -0.61 86.34
C ASN H 764 62.58 0.73 86.09
N VAL H 765 63.03 1.49 85.11
CA VAL H 765 62.31 2.72 84.76
C VAL H 765 60.91 2.39 84.26
N LEU H 766 60.79 1.38 83.39
CA LEU H 766 59.48 1.00 82.87
C LEU H 766 58.58 0.47 83.99
N LEU H 767 59.13 -0.37 84.86
CA LEU H 767 58.35 -0.92 85.97
C LEU H 767 57.85 0.18 86.88
N GLU H 768 58.70 1.17 87.17
CA GLU H 768 58.27 2.32 87.98
C GLU H 768 57.18 3.12 87.30
N ALA H 769 57.30 3.32 85.99
CA ALA H 769 56.30 4.09 85.26
C ALA H 769 54.93 3.43 85.35
N GLN H 770 54.89 2.11 85.45
CA GLN H 770 53.62 1.45 85.66
C GLN H 770 53.03 1.78 87.02
N LYS H 771 53.89 1.89 88.05
CA LYS H 771 53.38 2.20 89.38
C LYS H 771 52.98 3.65 89.51
N ASN H 772 53.73 4.55 88.89
CA ASN H 772 53.50 5.99 89.03
C ASN H 772 53.65 6.66 87.67
N PRO H 773 52.68 6.46 86.77
CA PRO H 773 52.81 7.05 85.43
C PRO H 773 52.91 8.56 85.46
N GLN H 774 52.38 9.21 86.50
CA GLN H 774 52.45 10.65 86.61
C GLN H 774 53.89 11.16 86.60
N ASP H 775 54.83 10.34 87.05
CA ASP H 775 56.23 10.72 87.11
C ASP H 775 56.98 10.43 85.82
N TYR H 776 56.35 9.80 84.83
CA TYR H 776 57.04 9.31 83.63
C TYR H 776 56.26 9.66 82.36
N LYS H 777 55.63 10.83 82.36
CA LYS H 777 54.88 11.28 81.19
C LYS H 777 55.77 11.52 79.98
N ASP H 778 57.08 11.68 80.18
CA ASP H 778 58.00 11.89 79.07
C ASP H 778 58.55 10.58 78.52
N LEU H 779 58.21 9.44 79.12
CA LEU H 779 58.82 8.17 78.77
C LEU H 779 58.30 7.65 77.43
N ILE H 780 59.21 7.48 76.47
CA ILE H 780 58.90 7.03 75.13
C ILE H 780 59.65 5.73 74.87
N VAL H 781 58.98 4.75 74.27
CA VAL H 781 59.59 3.48 73.90
C VAL H 781 59.21 3.12 72.48
N ARG H 782 59.93 2.16 71.91
CA ARG H 782 59.62 1.63 70.60
C ARG H 782 58.59 0.51 70.71
N VAL H 783 57.52 0.61 69.92
CA VAL H 783 56.47 -0.40 69.91
C VAL H 783 56.70 -1.37 68.75
N ALA H 784 56.18 -1.04 67.56
CA ALA H 784 56.42 -1.89 66.39
C ALA H 784 56.26 -1.03 65.13
N GLY H 785 57.38 -0.54 64.62
CA GLY H 785 57.37 0.36 63.49
C GLY H 785 57.12 1.81 63.85
N TYR H 786 57.05 2.14 65.13
CA TYR H 786 56.83 3.50 65.61
C TYR H 786 57.19 3.57 67.09
N SER H 787 57.35 4.80 67.57
CA SER H 787 57.59 5.07 68.98
C SER H 787 56.36 5.70 69.59
N ASP H 788 56.14 5.47 70.89
CA ASP H 788 54.98 6.03 71.56
C ASP H 788 55.30 6.23 73.03
N HIS H 789 54.51 7.08 73.68
CA HIS H 789 54.60 7.23 75.13
C HIS H 789 54.17 5.94 75.80
N PHE H 790 55.02 5.43 76.70
CA PHE H 790 54.70 4.23 77.47
C PHE H 790 53.34 4.33 78.14
N ASN H 791 52.97 5.51 78.60
CA ASN H 791 51.68 5.71 79.24
C ASN H 791 50.51 5.59 78.28
N ASN H 792 50.73 5.61 76.96
CA ASN H 792 49.62 5.41 76.03
C ASN H 792 49.31 3.95 75.78
N LEU H 793 50.07 3.03 76.35
CA LEU H 793 49.96 1.61 76.03
C LEU H 793 49.19 0.87 77.12
N SER H 794 48.40 -0.11 76.71
CA SER H 794 47.71 -0.96 77.66
C SER H 794 48.72 -1.73 78.50
N ARG H 795 48.24 -2.24 79.63
CA ARG H 795 49.10 -3.04 80.50
C ARG H 795 49.71 -4.22 79.77
N THR H 796 48.90 -4.91 78.96
CA THR H 796 49.38 -6.08 78.23
C THR H 796 50.49 -5.71 77.25
N LEU H 797 50.32 -4.59 76.52
CA LEU H 797 51.34 -4.16 75.56
C LEU H 797 52.61 -3.71 76.28
N GLN H 798 52.47 -2.96 77.38
CA GLN H 798 53.63 -2.62 78.20
C GLN H 798 54.39 -3.89 78.60
N ASP H 799 53.68 -4.89 79.12
CA ASP H 799 54.34 -6.12 79.55
C ASP H 799 54.93 -6.87 78.37
N GLU H 800 54.33 -6.75 77.18
CA GLU H 800 54.92 -7.38 76.00
C GLU H 800 56.29 -6.78 75.71
N ILE H 801 56.39 -5.45 75.70
CA ILE H 801 57.65 -4.79 75.44
C ILE H 801 58.68 -5.14 76.50
N ILE H 802 58.29 -5.09 77.78
CA ILE H 802 59.18 -5.44 78.87
C ILE H 802 59.65 -6.88 78.74
N GLY H 803 58.81 -7.76 78.19
CA GLY H 803 59.17 -9.15 78.01
C GLY H 803 60.09 -9.45 76.83
N ARG H 804 60.38 -8.47 75.98
CA ARG H 804 61.29 -8.69 74.87
C ARG H 804 62.71 -8.94 75.38
N THR H 805 63.46 -9.77 74.65
CA THR H 805 64.76 -10.22 75.12
C THR H 805 65.74 -9.06 75.19
N GLU H 806 66.36 -8.88 76.36
CA GLU H 806 67.38 -7.84 76.54
C GLU H 806 68.70 -8.40 76.06
N GLN H 807 69.15 -7.97 74.88
CA GLN H 807 70.34 -8.51 74.26
C GLN H 807 71.60 -7.86 74.78
N THR H 808 72.68 -8.63 74.76
CA THR H 808 74.02 -8.12 74.98
C THR H 808 74.88 -8.51 73.78
N PHE H 809 75.93 -7.73 73.55
CA PHE H 809 76.94 -8.11 72.57
C PHE H 809 77.97 -9.03 73.21
#